data_6Z6O
#
_entry.id   6Z6O
#
_cell.length_a   1.00
_cell.length_b   1.00
_cell.length_c   1.00
_cell.angle_alpha   90.00
_cell.angle_beta   90.00
_cell.angle_gamma   90.00
#
_symmetry.space_group_name_H-M   'P 1'
#
loop_
_entity.id
_entity.type
_entity.pdbx_description
1 polymer 'Histone deacetylase HDA1'
2 polymer 'Histone deacetylase HDA1'
3 polymer 'HDA1 complex subunit 2'
4 polymer 'HDA1 complex subunit 3,HDA1 complex subunit 3'
5 non-polymer 'ZINC ION'
#
loop_
_entity_poly.entity_id
_entity_poly.type
_entity_poly.pdbx_seq_one_letter_code
_entity_poly.pdbx_strand_id
1 'polypeptide(L)'
;RQVIVPVCMPKIHYSPLKTGLCYDVRMRYHAKIFTSYFEYIDPHPEDPRRIYRIYKILAENGLINDPTLSGVDDLGDLML
KIPVRAATSEEILEVHTKEHLEFIESTEKMSREELLKETEKGDSVYFNNDSYASARLPCGGAIEACKAVVEGRVKNSLAV
VRPPGHHAEPQAAGGFCLFSNVAVAAKNILKNYPESVRRIMILDWDIHHGNGTQKSFYQDDQVLYVSLHRFEMGKYYPGT
IQGQYDQTGEGKGEGFNCNITWPVGGVGDAEYMWAFEQVVMPMGREFKPDLVIISSGFDAADGDTIGQCHVTPSCYGHMT
HMLKSLARGNLCVVLEGGYNLDAIARSALSVAKVLIGEPPDELPDPLSDPKPEVIEMIDKVIRLQSKYWNCFRRRHANSG
CNFNEPLNDSIISKNFPLQKAIRQQQQHYLSDEFNFVTLPLVSMDLPDNTVLCTPNISESNTIIIVVHDTSDIWAKRNVI
SGTIDLSSSVIIDNSLDFIKWGLDRKYGIIDVNIPLTLFEPDNYSGMITSQEVLIYLWDNYIKYFPSVAKIAFIGIGDSY
SGIVHLLGHRDTRAVTKTVINFLGDKQLKPLVPLVDETLSEWYFKNSLIFSNNSHQCWKENESRKPRKKFGRVLRCDTDG
LNNIIEERFEEATDFILDSFE
;
A,E,I,M
2 'polypeptide(L)'
;ENSLSTTSKSKRQVIVPVCMPKIHYSPLKTGLCYDVRMRYHAKIFTSYFEYIDPHPEDPRRIYRIYKILAENGLINDPTL
SGVDDLGDLMLKIPVRAATSEEILEVHTKEHLEFIESTEKMSREELLKETEKGDSVYFNNDSYASARLPCGGAIEACKAV
VEGRVKNSLAVVRPPGHHAEPQAAGGFCLFSNVAVAAKNILKNYPESVRRIMILDWDIHHGNGTQKSFYQDDQVLYVSLH
RFEMGKYYPGTIQGQYDQTGEGKGEGFNCNITWPVGGVGDAEYMWAFEQVVMPMGREFKPDLVIISSGFDAADGDTIGQC
HVTPSCYGHMTHMLKSLARGNLCVVLEGGYNLDAIARSALSVAKVLIGEPPDELPDPLSDPKPEVIEMIDKVIRLQSKYW
NCFRRRHANSGCNFNEPINDSIISKNFPLQKAIRQQQQHYLSDEFNFVTLPLVSMDLPDNTVLCTPNISESNTIIIVVHD
TSDIWAKRNVISGTIDLSSSVIIDNSLDFIKWGLDRKYGIIDVNIPLTLFEPDNYSGMITSQEVLIYLWDNYIKYFPSVA
KIAFIGIGDSYSGIVHLLGHRDTRAVTKTVINFLGDKQLKPLVPLVDETLSEWYFKNSLIFSNNSHQCWKENESRKPRKK
FGRVLRCDTDGLNNIIEERFEEATDFILDSFE
;
B,F,J,N
3 'polypeptide(L)'
;KVYYLPVTLTQFQKDLSEILISLHAKSFKASIIGEPQADAVNKPSGLPAGPETHPYPTLSQRQLTYIFDSNIRAIANHPS
LLVDHYMPRQLLRMEPTESSIAGSHKFQVLNQLINSICFRDREGSPNEVIKCAIIAHSIKELDLLEGLILGKKFRTKRLS
GTSLYNEKHKFPNLPTVDSTINKDGTPNSVSSTSSNSNSTSYTGYSKDDYDYSVKRNLKKRKINTDDWLFLATTKHLKHD
QYLLANYDIDMIISFDPMLEVELPALQVLRNNANKDIPIIKLLVQNSPDHYLLDSEIKNSSVKSSHLSNNGHVDDSQEYE
EIKSSLLYFLQARNAPVNNCEIDYIKLVKCCLEGKDCNNILPVLDLITLDEASKDSSDSGFWQPQLTKLQYSSTELPLWD
GPLDIKTYQTELMHRAVIRLRDIQDEYAKGTVPLYEKRLNETQRQNQLDEIKNSVGLTFKKKQEVEKSINDSEKRLKHAM
TESTKLQNKINHLLKNRQELENFNKLPSNTISSENHLEEGSALADKLKEYIDKNATLFNKLKELQQANAEKSKLNDELRS
KYQIESSKAAESAQTLKILQESMKSLENEVNGPLTKFSTESLKKELERLQNDFQSLKARNKFLKNYITL
;
C,G,K,O
4 'polypeptide(L)'
;SGDYWLPTTMSLYQKELTDQIVSLHYSDILRYFETSHYKEDVILESMKTMCLNGSLVATHPYLLIDHYMPKSLITRDVPA
HLAENSGKFSVLRDLINLVQEYETETAIVCRPGRTMDLLEALLLGNKVHIKRYDGHSIKSKQKANDFSCTVHLFSSEGIN
FTKYPIKSKARFDMLICLDTTVDTSQKDIQYLLQYKRERKGLERYAPIVRLVAINSIDHCRLFFGKKFDKNSREYLENVT
AAMVILRDRLGTLPPDLRPIYSQKLHYLVEWLENPTVPWPLPDIYPLKQYTSMDVERSLLTEVHFKNSSNVNYHLSSGII
THKLIQSMGEVYMDICVQKQELDDYSCLDDLQNDHLKFFSNEDEKIIKEYETVLRTNNENLNRSHELEVENNLKFSQIET
LEKDIETLKGSLMAQGETLSKLKDAFVKTDNVQDEIEKEERVSVSRDTEKKYMEQEIKRAVDAIRENEEETHKLNEKQNG
LESELKLKFEKSEISTKELNEKIGFLKKELKLENDLNEELVGQLSKTMDNLENLTIPRVRTQ
;
D,H,L,P
#
loop_
_chem_comp.id
_chem_comp.type
_chem_comp.name
_chem_comp.formula
ZN non-polymer 'ZINC ION' 'Zn 2'
#
# COMPACT_ATOMS: atom_id res chain seq x y z
N ARG A 1 -86.10 36.43 -47.21
CA ARG A 1 -87.09 35.88 -46.31
C ARG A 1 -87.72 34.62 -46.89
N GLN A 2 -87.58 34.47 -48.20
CA GLN A 2 -88.23 33.39 -48.92
C GLN A 2 -87.53 32.06 -48.63
N VAL A 3 -88.29 31.08 -48.15
CA VAL A 3 -87.73 29.76 -47.93
C VAL A 3 -87.51 29.08 -49.29
N ILE A 4 -86.46 28.27 -49.36
CA ILE A 4 -86.15 27.47 -50.54
C ILE A 4 -86.04 25.99 -50.20
N VAL A 5 -85.44 25.65 -49.06
CA VAL A 5 -85.42 24.27 -48.58
C VAL A 5 -86.08 24.25 -47.20
N PRO A 6 -86.94 23.28 -46.92
CA PRO A 6 -87.55 23.20 -45.59
C PRO A 6 -86.65 22.49 -44.60
N VAL A 7 -87.06 22.55 -43.33
CA VAL A 7 -86.39 21.82 -42.26
C VAL A 7 -87.12 20.49 -42.05
N CYS A 8 -86.37 19.48 -41.64
CA CYS A 8 -86.86 18.11 -41.52
C CYS A 8 -85.87 17.33 -40.66
N MET A 9 -86.00 16.04 -40.65
CA MET A 9 -85.13 15.18 -39.87
C MET A 9 -83.93 14.73 -40.71
N PRO A 10 -82.78 14.47 -40.07
CA PRO A 10 -81.65 13.89 -40.81
C PRO A 10 -81.98 12.47 -41.25
N LYS A 11 -81.96 12.26 -42.56
CA LYS A 11 -82.37 10.97 -43.15
C LYS A 11 -81.23 9.97 -43.14
N ILE A 12 -80.75 9.69 -41.94
CA ILE A 12 -79.67 8.74 -41.74
C ILE A 12 -80.20 7.55 -40.95
N HIS A 13 -79.38 6.52 -40.84
CA HIS A 13 -79.75 5.38 -40.01
C HIS A 13 -78.63 5.03 -39.03
N TYR A 14 -77.38 5.26 -39.43
CA TYR A 14 -76.26 4.92 -38.57
C TYR A 14 -75.87 6.13 -37.74
N SER A 15 -75.62 5.88 -36.44
CA SER A 15 -75.26 6.80 -35.36
C SER A 15 -76.26 7.91 -34.99
N PRO A 16 -77.58 7.65 -34.93
CA PRO A 16 -78.33 8.17 -33.79
C PRO A 16 -78.51 7.07 -32.77
N LEU A 17 -78.14 5.85 -33.16
CA LEU A 17 -78.35 4.67 -32.34
C LEU A 17 -77.15 4.47 -31.43
N LYS A 18 -77.14 3.38 -30.69
CA LYS A 18 -76.08 3.06 -29.75
C LYS A 18 -75.50 1.69 -30.09
N THR A 19 -74.63 1.22 -29.22
CA THR A 19 -74.03 -0.10 -29.37
C THR A 19 -74.76 -1.05 -28.44
N GLY A 20 -75.34 -2.11 -29.00
CA GLY A 20 -76.01 -3.10 -28.19
C GLY A 20 -75.02 -3.90 -27.38
N LEU A 21 -75.41 -4.23 -26.15
CA LEU A 21 -74.52 -4.92 -25.23
C LEU A 21 -75.26 -6.05 -24.55
N CYS A 22 -74.63 -7.22 -24.50
CA CYS A 22 -75.18 -8.39 -23.84
C CYS A 22 -74.26 -8.77 -22.70
N TYR A 23 -74.77 -8.69 -21.47
CA TYR A 23 -73.97 -9.06 -20.32
C TYR A 23 -74.90 -9.47 -19.18
N ASP A 24 -74.48 -10.47 -18.42
CA ASP A 24 -75.27 -10.93 -17.29
C ASP A 24 -74.33 -11.56 -16.27
N VAL A 25 -74.76 -11.58 -15.02
CA VAL A 25 -73.98 -12.14 -13.92
C VAL A 25 -74.34 -13.62 -13.78
N ARG A 26 -75.11 -14.14 -14.71
CA ARG A 26 -75.54 -15.52 -14.63
C ARG A 26 -74.64 -16.47 -15.40
N MET A 27 -73.57 -15.97 -16.01
CA MET A 27 -72.67 -16.82 -16.78
C MET A 27 -71.33 -16.97 -16.08
N ARG A 28 -71.36 -17.05 -14.76
CA ARG A 28 -70.13 -17.15 -13.98
C ARG A 28 -70.26 -18.19 -12.87
N TYR A 29 -71.02 -19.24 -13.12
CA TYR A 29 -71.25 -20.27 -12.12
C TYR A 29 -70.73 -21.64 -12.55
N HIS A 30 -70.75 -21.93 -13.85
CA HIS A 30 -70.20 -23.17 -14.38
C HIS A 30 -68.70 -23.21 -14.18
N ALA A 31 -68.22 -24.14 -13.37
CA ALA A 31 -66.85 -24.13 -12.92
C ALA A 31 -66.29 -25.55 -12.83
N LYS A 32 -64.97 -25.61 -12.82
CA LYS A 32 -64.25 -26.87 -12.69
C LYS A 32 -64.36 -27.41 -11.27
N ILE A 33 -64.10 -28.70 -11.13
CA ILE A 33 -64.04 -29.38 -9.85
C ILE A 33 -62.59 -29.77 -9.60
N PHE A 34 -62.12 -29.52 -8.38
CA PHE A 34 -60.70 -29.59 -8.09
C PHE A 34 -60.18 -31.02 -8.16
N THR A 35 -59.07 -31.23 -8.87
CA THR A 35 -58.43 -32.53 -8.95
C THR A 35 -57.03 -32.53 -8.36
N SER A 36 -56.12 -31.68 -8.86
CA SER A 36 -54.74 -31.72 -8.44
C SER A 36 -54.23 -30.31 -8.25
N TYR A 37 -53.10 -30.19 -7.55
CA TYR A 37 -52.56 -28.87 -7.25
C TYR A 37 -51.93 -28.19 -8.45
N PHE A 38 -51.75 -28.92 -9.57
CA PHE A 38 -51.21 -28.31 -10.78
C PHE A 38 -52.09 -27.19 -11.30
N GLU A 39 -53.40 -27.28 -11.08
CA GLU A 39 -54.33 -26.22 -11.44
C GLU A 39 -54.10 -24.93 -10.67
N TYR A 40 -53.31 -24.95 -9.60
CA TYR A 40 -52.94 -23.71 -8.95
C TYR A 40 -51.83 -22.98 -9.72
N ILE A 41 -50.98 -23.69 -10.44
CA ILE A 41 -49.93 -23.04 -11.22
C ILE A 41 -50.20 -23.34 -12.69
N ASP A 42 -51.49 -23.43 -13.03
CA ASP A 42 -51.85 -23.63 -14.42
C ASP A 42 -52.65 -22.43 -14.92
N PRO A 43 -52.63 -22.15 -16.23
CA PRO A 43 -53.35 -20.97 -16.74
C PRO A 43 -54.86 -21.08 -16.73
N HIS A 44 -55.44 -22.20 -16.23
CA HIS A 44 -56.88 -22.41 -16.07
C HIS A 44 -57.64 -22.20 -17.38
N PRO A 45 -57.61 -23.18 -18.28
CA PRO A 45 -57.87 -22.94 -19.72
C PRO A 45 -59.23 -22.34 -20.06
N GLU A 46 -60.18 -22.27 -19.13
CA GLU A 46 -61.31 -21.37 -19.27
C GLU A 46 -61.73 -20.97 -17.87
N ASP A 47 -61.47 -19.74 -17.50
CA ASP A 47 -61.97 -19.37 -16.19
C ASP A 47 -63.18 -18.45 -16.33
N PRO A 48 -64.08 -18.46 -15.35
CA PRO A 48 -65.17 -17.49 -15.33
C PRO A 48 -64.78 -16.10 -14.87
N ARG A 49 -63.51 -15.86 -14.56
CA ARG A 49 -63.05 -14.56 -14.13
C ARG A 49 -62.65 -13.67 -15.30
N ARG A 50 -63.18 -13.93 -16.49
CA ARG A 50 -62.88 -13.09 -17.64
C ARG A 50 -63.89 -11.96 -17.79
N ILE A 51 -65.17 -12.30 -17.88
CA ILE A 51 -66.17 -11.38 -18.40
C ILE A 51 -66.42 -10.22 -17.46
N TYR A 52 -66.24 -10.43 -16.16
CA TYR A 52 -66.40 -9.32 -15.23
C TYR A 52 -65.25 -8.34 -15.33
N ARG A 53 -64.06 -8.80 -15.73
CA ARG A 53 -62.96 -7.87 -15.95
C ARG A 53 -63.23 -6.96 -17.14
N ILE A 54 -63.80 -7.54 -18.21
CA ILE A 54 -64.14 -6.76 -19.39
C ILE A 54 -65.25 -5.76 -19.06
N TYR A 55 -66.25 -6.20 -18.31
CA TYR A 55 -67.34 -5.31 -17.92
C TYR A 55 -66.84 -4.20 -17.00
N LYS A 56 -65.90 -4.52 -16.11
CA LYS A 56 -65.34 -3.53 -15.22
C LYS A 56 -64.52 -2.50 -15.98
N ILE A 57 -63.65 -2.95 -16.89
CA ILE A 57 -62.84 -2.01 -17.63
C ILE A 57 -63.67 -1.22 -18.63
N LEU A 58 -64.83 -1.73 -19.05
CA LEU A 58 -65.73 -0.93 -19.85
C LEU A 58 -66.41 0.13 -19.00
N ALA A 59 -66.70 -0.18 -17.75
CA ALA A 59 -67.17 0.85 -16.85
C ALA A 59 -66.09 1.86 -16.52
N GLU A 60 -64.82 1.46 -16.62
CA GLU A 60 -63.74 2.30 -16.14
C GLU A 60 -63.45 3.49 -17.04
N ASN A 61 -63.91 3.48 -18.28
CA ASN A 61 -63.63 4.57 -19.19
C ASN A 61 -64.89 5.28 -19.63
N GLY A 62 -65.89 5.33 -18.76
CA GLY A 62 -67.09 6.12 -18.99
C GLY A 62 -67.98 5.62 -20.11
N LEU A 63 -67.74 4.43 -20.61
CA LEU A 63 -68.58 3.88 -21.65
C LEU A 63 -69.79 3.16 -21.08
N ILE A 64 -69.81 2.94 -19.78
CA ILE A 64 -70.89 2.24 -19.11
C ILE A 64 -71.25 3.01 -17.85
N ASN A 65 -72.52 3.35 -17.69
CA ASN A 65 -72.98 4.04 -16.49
C ASN A 65 -73.46 3.01 -15.47
N ASP A 66 -72.50 2.43 -14.75
CA ASP A 66 -72.86 1.56 -13.64
C ASP A 66 -71.76 1.61 -12.58
N PRO A 67 -72.01 2.27 -11.45
CA PRO A 67 -70.97 2.42 -10.43
C PRO A 67 -70.80 1.19 -9.56
N THR A 68 -71.63 0.18 -9.73
CA THR A 68 -71.63 -0.96 -8.83
C THR A 68 -71.44 -2.29 -9.51
N LEU A 69 -71.27 -2.30 -10.84
CA LEU A 69 -70.96 -3.50 -11.64
C LEU A 69 -72.02 -4.59 -11.47
N SER A 70 -73.23 -4.28 -11.92
CA SER A 70 -74.31 -5.25 -11.91
C SER A 70 -75.16 -5.04 -13.14
N GLY A 71 -75.91 -6.07 -13.52
CA GLY A 71 -76.75 -6.01 -14.70
C GLY A 71 -77.89 -5.05 -14.50
N VAL A 72 -77.78 -3.88 -15.12
CA VAL A 72 -78.73 -2.79 -14.92
C VAL A 72 -79.31 -2.40 -16.27
N ASP A 73 -80.18 -1.40 -16.27
CA ASP A 73 -80.75 -0.88 -17.50
C ASP A 73 -80.15 0.46 -17.90
N ASP A 74 -79.85 1.31 -16.94
CA ASP A 74 -79.36 2.65 -17.21
C ASP A 74 -77.91 2.60 -17.67
N LEU A 75 -77.69 2.11 -18.89
CA LEU A 75 -76.34 1.86 -19.37
C LEU A 75 -75.64 3.15 -19.76
N GLY A 76 -76.41 4.16 -20.13
CA GLY A 76 -75.86 5.45 -20.47
C GLY A 76 -76.37 5.98 -21.79
N ASP A 77 -75.56 6.81 -22.44
CA ASP A 77 -75.97 7.46 -23.68
C ASP A 77 -75.31 6.85 -24.90
N LEU A 78 -74.29 6.01 -24.73
CA LEU A 78 -73.56 5.48 -25.86
C LEU A 78 -73.82 4.00 -26.11
N MET A 79 -74.39 3.28 -25.14
CA MET A 79 -74.60 1.85 -25.28
C MET A 79 -75.98 1.51 -24.77
N LEU A 80 -76.57 0.46 -25.34
CA LEU A 80 -77.91 0.01 -24.97
C LEU A 80 -77.83 -1.42 -24.47
N LYS A 81 -78.43 -1.66 -23.31
CA LYS A 81 -78.44 -2.99 -22.74
C LYS A 81 -79.44 -3.87 -23.49
N ILE A 82 -78.97 -5.01 -23.95
CA ILE A 82 -79.81 -6.01 -24.60
C ILE A 82 -80.22 -7.02 -23.54
N PRO A 83 -81.51 -7.31 -23.39
CA PRO A 83 -81.90 -8.35 -22.44
C PRO A 83 -81.49 -9.73 -22.92
N VAL A 84 -81.12 -10.58 -21.98
CA VAL A 84 -80.59 -11.89 -22.28
C VAL A 84 -81.65 -12.95 -21.97
N ARG A 85 -81.79 -13.93 -22.86
CA ARG A 85 -82.67 -15.06 -22.64
C ARG A 85 -81.94 -16.34 -23.01
N ALA A 86 -82.20 -17.40 -22.26
CA ALA A 86 -81.66 -18.71 -22.61
C ALA A 86 -82.40 -19.25 -23.82
N ALA A 87 -81.68 -20.00 -24.65
CA ALA A 87 -82.26 -20.50 -25.87
C ALA A 87 -83.25 -21.61 -25.57
N THR A 88 -84.18 -21.83 -26.49
CA THR A 88 -84.97 -23.03 -26.36
C THR A 88 -84.19 -24.22 -26.91
N SER A 89 -84.71 -25.42 -26.67
CA SER A 89 -84.05 -26.62 -27.13
C SER A 89 -84.13 -26.77 -28.64
N GLU A 90 -85.14 -26.15 -29.27
CA GLU A 90 -85.35 -26.32 -30.70
C GLU A 90 -84.24 -25.65 -31.50
N GLU A 91 -83.80 -24.49 -31.02
CA GLU A 91 -82.78 -23.73 -31.73
C GLU A 91 -81.44 -24.41 -31.64
N ILE A 92 -81.13 -25.01 -30.50
CA ILE A 92 -79.92 -25.82 -30.38
C ILE A 92 -80.05 -27.06 -31.24
N LEU A 93 -81.25 -27.62 -31.29
CA LEU A 93 -81.55 -28.78 -32.12
C LEU A 93 -81.53 -28.46 -33.60
N GLU A 94 -81.59 -27.17 -33.98
CA GLU A 94 -81.46 -26.81 -35.37
C GLU A 94 -80.08 -27.13 -35.92
N VAL A 95 -79.07 -27.20 -35.07
CA VAL A 95 -77.75 -27.61 -35.50
C VAL A 95 -77.23 -28.84 -34.77
N HIS A 96 -77.69 -29.13 -33.55
CA HIS A 96 -77.14 -30.23 -32.77
C HIS A 96 -78.05 -31.45 -32.81
N THR A 97 -77.44 -32.61 -32.62
CA THR A 97 -78.19 -33.86 -32.55
C THR A 97 -79.00 -33.92 -31.26
N LYS A 98 -80.03 -34.76 -31.27
CA LYS A 98 -80.88 -34.91 -30.10
C LYS A 98 -80.15 -35.63 -28.98
N GLU A 99 -79.30 -36.59 -29.34
CA GLU A 99 -78.59 -37.39 -28.35
C GLU A 99 -77.55 -36.58 -27.60
N HIS A 100 -76.99 -35.54 -28.24
CA HIS A 100 -76.12 -34.60 -27.55
C HIS A 100 -76.89 -33.85 -26.46
N LEU A 101 -78.11 -33.42 -26.79
CA LEU A 101 -78.97 -32.75 -25.82
C LEU A 101 -79.37 -33.70 -24.70
N GLU A 102 -79.63 -34.96 -25.03
CA GLU A 102 -79.91 -35.95 -24.00
C GLU A 102 -78.69 -36.21 -23.13
N PHE A 103 -77.50 -36.11 -23.70
CA PHE A 103 -76.28 -36.29 -22.93
C PHE A 103 -76.10 -35.15 -21.93
N ILE A 104 -76.38 -33.93 -22.36
CA ILE A 104 -76.27 -32.80 -21.43
C ILE A 104 -77.41 -32.83 -20.41
N GLU A 105 -78.60 -33.29 -20.83
CA GLU A 105 -79.71 -33.51 -19.91
C GLU A 105 -79.42 -34.62 -18.92
N SER A 106 -78.53 -35.55 -19.27
CA SER A 106 -78.03 -36.51 -18.29
C SER A 106 -77.05 -35.83 -17.34
N THR A 107 -76.14 -35.04 -17.91
CA THR A 107 -75.07 -34.43 -17.15
C THR A 107 -75.57 -33.38 -16.15
N GLU A 108 -76.77 -32.83 -16.37
CA GLU A 108 -77.31 -31.84 -15.45
C GLU A 108 -77.63 -32.44 -14.08
N LYS A 109 -77.94 -33.74 -14.02
CA LYS A 109 -78.47 -34.38 -12.83
C LYS A 109 -77.64 -35.61 -12.45
N MET A 110 -76.33 -35.56 -12.69
CA MET A 110 -75.49 -36.68 -12.33
C MET A 110 -75.09 -36.59 -10.86
N SER A 111 -74.28 -37.55 -10.43
CA SER A 111 -73.68 -37.49 -9.11
C SER A 111 -72.30 -36.87 -9.21
N ARG A 112 -71.53 -36.94 -8.13
CA ARG A 112 -70.19 -36.37 -8.14
C ARG A 112 -69.21 -37.25 -8.91
N GLU A 113 -69.21 -38.56 -8.62
CA GLU A 113 -68.25 -39.45 -9.26
C GLU A 113 -68.59 -39.68 -10.73
N GLU A 114 -69.87 -39.68 -11.07
CA GLU A 114 -70.26 -39.73 -12.48
C GLU A 114 -69.77 -38.50 -13.21
N LEU A 115 -69.84 -37.34 -12.57
CA LEU A 115 -69.32 -36.12 -13.17
C LEU A 115 -67.80 -36.19 -13.34
N LEU A 116 -67.10 -36.79 -12.37
CA LEU A 116 -65.65 -36.91 -12.48
C LEU A 116 -65.27 -37.86 -13.62
N LYS A 117 -66.00 -38.95 -13.77
CA LYS A 117 -65.77 -39.87 -14.88
C LYS A 117 -66.07 -39.21 -16.20
N GLU A 118 -67.09 -38.35 -16.25
CA GLU A 118 -67.39 -37.66 -17.50
C GLU A 118 -66.36 -36.59 -17.83
N THR A 119 -65.82 -35.92 -16.82
CA THR A 119 -64.76 -34.94 -17.07
C THR A 119 -63.50 -35.60 -17.58
N GLU A 120 -63.16 -36.76 -17.03
CA GLU A 120 -61.99 -37.45 -17.57
C GLU A 120 -62.29 -38.04 -18.94
N LYS A 121 -63.56 -38.38 -19.19
CA LYS A 121 -63.91 -39.19 -20.36
C LYS A 121 -63.84 -38.38 -21.64
N GLY A 122 -64.40 -37.19 -21.65
CA GLY A 122 -64.52 -36.41 -22.87
C GLY A 122 -63.20 -35.87 -23.37
N ASP A 123 -63.27 -35.12 -24.47
CA ASP A 123 -62.09 -34.55 -25.12
C ASP A 123 -61.91 -33.12 -24.64
N SER A 124 -61.07 -32.96 -23.61
CA SER A 124 -60.57 -31.68 -23.11
C SER A 124 -61.71 -30.78 -22.64
N VAL A 125 -62.73 -31.38 -22.05
CA VAL A 125 -63.85 -30.62 -21.52
C VAL A 125 -63.98 -30.92 -20.04
N TYR A 126 -64.98 -30.31 -19.40
CA TYR A 126 -65.31 -30.63 -18.02
C TYR A 126 -66.79 -30.32 -17.84
N PHE A 127 -67.31 -30.67 -16.67
CA PHE A 127 -68.74 -30.52 -16.42
C PHE A 127 -68.96 -30.08 -14.98
N ASN A 128 -70.24 -29.81 -14.68
CA ASN A 128 -70.71 -29.47 -13.35
C ASN A 128 -72.20 -29.71 -13.33
N ASN A 129 -72.79 -29.69 -12.13
CA ASN A 129 -74.25 -29.76 -12.05
C ASN A 129 -74.90 -28.49 -12.56
N ASP A 130 -74.24 -27.35 -12.40
CA ASP A 130 -74.74 -26.09 -12.93
C ASP A 130 -74.13 -25.81 -14.31
N SER A 131 -74.32 -26.77 -15.22
CA SER A 131 -73.80 -26.65 -16.57
C SER A 131 -74.89 -26.54 -17.62
N TYR A 132 -76.11 -26.98 -17.33
CA TYR A 132 -77.15 -27.02 -18.36
C TYR A 132 -77.63 -25.62 -18.72
N ALA A 133 -78.22 -24.93 -17.74
CA ALA A 133 -78.75 -23.59 -17.99
C ALA A 133 -77.65 -22.60 -18.33
N SER A 134 -76.46 -22.78 -17.75
CA SER A 134 -75.33 -21.94 -18.12
C SER A 134 -74.80 -22.24 -19.51
N ALA A 135 -75.18 -23.37 -20.11
CA ALA A 135 -74.96 -23.56 -21.53
C ALA A 135 -76.15 -23.11 -22.36
N ARG A 136 -77.30 -22.96 -21.74
CA ARG A 136 -78.51 -22.58 -22.45
C ARG A 136 -78.58 -21.07 -22.67
N LEU A 137 -77.98 -20.31 -21.77
CA LEU A 137 -77.88 -18.86 -21.78
C LEU A 137 -77.02 -18.18 -22.85
N PRO A 138 -75.82 -18.70 -23.28
CA PRO A 138 -75.03 -17.94 -24.24
C PRO A 138 -75.63 -17.70 -25.60
N CYS A 139 -75.93 -18.79 -26.32
CA CYS A 139 -76.23 -18.70 -27.74
C CYS A 139 -77.55 -17.98 -27.99
N GLY A 140 -78.56 -18.29 -27.17
CA GLY A 140 -79.81 -17.54 -27.22
C GLY A 140 -79.62 -16.07 -26.93
N GLY A 141 -78.74 -15.76 -25.96
CA GLY A 141 -78.33 -14.38 -25.76
C GLY A 141 -77.65 -13.82 -26.99
N ALA A 142 -76.79 -14.62 -27.61
CA ALA A 142 -76.22 -14.24 -28.91
C ALA A 142 -77.30 -14.11 -29.95
N ILE A 143 -78.33 -14.96 -29.88
CA ILE A 143 -79.46 -14.87 -30.79
C ILE A 143 -80.21 -13.57 -30.56
N GLU A 144 -80.20 -13.07 -29.32
CA GLU A 144 -80.74 -11.74 -29.05
C GLU A 144 -79.94 -10.66 -29.76
N ALA A 145 -78.61 -10.80 -29.75
CA ALA A 145 -77.71 -9.71 -30.12
C ALA A 145 -77.85 -9.36 -31.60
N CYS A 146 -77.71 -10.35 -32.47
CA CYS A 146 -77.96 -10.16 -33.89
C CYS A 146 -79.40 -9.78 -34.17
N LYS A 147 -80.33 -10.15 -33.29
CA LYS A 147 -81.71 -9.72 -33.45
C LYS A 147 -81.85 -8.22 -33.24
N ALA A 148 -80.99 -7.64 -32.40
CA ALA A 148 -80.96 -6.19 -32.32
C ALA A 148 -80.21 -5.57 -33.49
N VAL A 149 -79.45 -6.37 -34.23
CA VAL A 149 -78.62 -5.85 -35.31
C VAL A 149 -79.39 -5.80 -36.61
N VAL A 150 -80.03 -6.91 -36.99
CA VAL A 150 -80.73 -6.96 -38.27
C VAL A 150 -81.97 -6.10 -38.24
N GLU A 151 -82.65 -6.05 -37.09
CA GLU A 151 -83.81 -5.21 -36.94
C GLU A 151 -83.47 -3.75 -36.68
N GLY A 152 -82.18 -3.42 -36.60
CA GLY A 152 -81.76 -2.04 -36.64
C GLY A 152 -82.03 -1.23 -35.40
N ARG A 153 -82.21 -1.88 -34.26
CA ARG A 153 -82.40 -1.13 -33.03
C ARG A 153 -81.12 -0.51 -32.51
N VAL A 154 -79.96 -1.09 -32.88
CA VAL A 154 -78.67 -0.56 -32.48
C VAL A 154 -77.78 -0.46 -33.71
N LYS A 155 -76.65 0.21 -33.54
CA LYS A 155 -75.65 0.24 -34.61
C LYS A 155 -74.98 -1.12 -34.76
N ASN A 156 -74.31 -1.56 -33.71
CA ASN A 156 -73.57 -2.80 -33.70
C ASN A 156 -73.72 -3.42 -32.33
N SER A 157 -73.39 -4.70 -32.22
CA SER A 157 -73.57 -5.38 -30.94
C SER A 157 -72.29 -6.07 -30.51
N LEU A 158 -72.02 -5.99 -29.21
CA LEU A 158 -70.96 -6.73 -28.55
C LEU A 158 -71.58 -7.57 -27.45
N ALA A 159 -71.36 -8.88 -27.49
CA ALA A 159 -71.94 -9.81 -26.54
C ALA A 159 -70.82 -10.49 -25.78
N VAL A 160 -70.37 -9.87 -24.69
CA VAL A 160 -69.31 -10.46 -23.89
C VAL A 160 -69.88 -11.63 -23.09
N VAL A 161 -69.67 -12.83 -23.62
CA VAL A 161 -70.45 -14.01 -23.28
C VAL A 161 -69.52 -15.21 -23.19
N ARG A 162 -69.60 -15.96 -22.09
CA ARG A 162 -68.88 -17.21 -21.91
C ARG A 162 -69.91 -18.31 -21.59
N PRO A 163 -69.57 -19.59 -21.78
CA PRO A 163 -68.40 -20.30 -22.32
C PRO A 163 -68.32 -20.14 -23.84
N PRO A 164 -67.14 -20.38 -24.41
CA PRO A 164 -67.01 -20.31 -25.87
C PRO A 164 -67.80 -21.41 -26.56
N GLY A 165 -68.01 -21.20 -27.87
CA GLY A 165 -68.84 -22.10 -28.64
C GLY A 165 -68.35 -22.35 -30.06
N HIS A 166 -67.04 -22.34 -30.29
CA HIS A 166 -66.53 -22.55 -31.63
C HIS A 166 -65.75 -23.85 -31.78
N HIS A 167 -65.74 -24.71 -30.77
CA HIS A 167 -65.10 -26.01 -30.91
C HIS A 167 -66.06 -27.19 -30.91
N ALA A 168 -67.29 -26.99 -30.45
CA ALA A 168 -68.22 -28.11 -30.33
C ALA A 168 -68.76 -28.52 -31.70
N GLU A 169 -68.86 -29.82 -31.90
CA GLU A 169 -69.42 -30.43 -33.10
C GLU A 169 -70.91 -30.66 -32.92
N PRO A 170 -71.67 -30.82 -34.00
CA PRO A 170 -73.08 -31.22 -33.86
C PRO A 170 -73.24 -32.58 -33.24
N GLN A 171 -72.28 -33.47 -33.46
CA GLN A 171 -72.31 -34.80 -32.86
C GLN A 171 -71.93 -34.74 -31.38
N ALA A 172 -70.71 -34.29 -31.10
CA ALA A 172 -70.18 -34.34 -29.75
C ALA A 172 -69.56 -33.01 -29.37
N ALA A 173 -69.19 -32.89 -28.11
CA ALA A 173 -68.56 -31.69 -27.59
C ALA A 173 -67.04 -31.85 -27.56
N GLY A 174 -66.35 -30.73 -27.38
CA GLY A 174 -64.91 -30.74 -27.36
C GLY A 174 -64.29 -29.40 -27.07
N GLY A 175 -63.13 -29.40 -26.40
CA GLY A 175 -62.34 -28.20 -26.18
C GLY A 175 -63.02 -27.14 -25.34
N PHE A 176 -63.56 -27.56 -24.18
CA PHE A 176 -64.30 -26.72 -23.25
C PHE A 176 -65.49 -26.02 -23.90
N CYS A 177 -66.06 -26.63 -24.93
CA CYS A 177 -67.24 -26.09 -25.58
C CYS A 177 -68.40 -27.04 -25.33
N LEU A 178 -69.57 -26.47 -25.03
CA LEU A 178 -70.76 -27.26 -24.73
C LEU A 178 -71.71 -27.30 -25.91
N PHE A 179 -72.10 -26.13 -26.40
CA PHE A 179 -72.87 -26.00 -27.61
C PHE A 179 -72.05 -25.23 -28.63
N SER A 180 -72.65 -24.99 -29.79
CA SER A 180 -72.17 -23.93 -30.65
C SER A 180 -72.62 -22.58 -30.12
N ASN A 181 -71.95 -21.54 -30.59
CA ASN A 181 -72.41 -20.20 -30.31
C ASN A 181 -72.75 -19.45 -31.58
N VAL A 182 -71.83 -19.40 -32.54
CA VAL A 182 -72.09 -18.56 -33.69
C VAL A 182 -72.85 -19.31 -34.78
N ALA A 183 -72.69 -20.64 -34.86
CA ALA A 183 -73.33 -21.39 -35.92
C ALA A 183 -74.83 -21.49 -35.68
N VAL A 184 -75.21 -21.68 -34.42
CA VAL A 184 -76.61 -21.78 -34.06
C VAL A 184 -77.31 -20.43 -34.25
N ALA A 185 -76.60 -19.33 -33.95
CA ALA A 185 -77.19 -18.02 -34.12
C ALA A 185 -77.33 -17.67 -35.60
N ALA A 186 -76.32 -18.05 -36.39
CA ALA A 186 -76.39 -17.85 -37.83
C ALA A 186 -77.54 -18.63 -38.46
N LYS A 187 -77.69 -19.89 -38.04
CA LYS A 187 -78.82 -20.70 -38.48
C LYS A 187 -80.15 -20.08 -38.07
N ASN A 188 -80.19 -19.49 -36.88
CA ASN A 188 -81.43 -18.90 -36.40
C ASN A 188 -81.80 -17.66 -37.17
N ILE A 189 -80.82 -16.85 -37.55
CA ILE A 189 -81.16 -15.67 -38.33
C ILE A 189 -81.47 -16.03 -39.77
N LEU A 190 -80.80 -17.05 -40.32
CA LEU A 190 -81.11 -17.48 -41.68
C LEU A 190 -82.50 -18.08 -41.75
N LYS A 191 -82.88 -18.86 -40.76
CA LYS A 191 -84.22 -19.44 -40.74
C LYS A 191 -85.27 -18.38 -40.43
N ASN A 192 -84.94 -17.45 -39.54
CA ASN A 192 -85.94 -16.49 -39.09
C ASN A 192 -86.11 -15.34 -40.06
N TYR A 193 -85.05 -14.95 -40.76
CA TYR A 193 -85.10 -13.85 -41.73
C TYR A 193 -84.48 -14.26 -43.04
N PRO A 194 -85.19 -15.02 -43.88
CA PRO A 194 -84.73 -15.18 -45.26
C PRO A 194 -85.24 -14.07 -46.18
N GLU A 195 -85.22 -12.85 -45.69
CA GLU A 195 -85.65 -11.67 -46.45
C GLU A 195 -84.64 -10.54 -46.41
N SER A 196 -84.02 -10.31 -45.27
CA SER A 196 -83.05 -9.24 -45.10
C SER A 196 -81.62 -9.72 -45.06
N VAL A 197 -81.41 -10.99 -44.72
CA VAL A 197 -80.08 -11.57 -44.63
C VAL A 197 -80.00 -12.71 -45.62
N ARG A 198 -79.05 -12.64 -46.54
CA ARG A 198 -78.88 -13.66 -47.55
C ARG A 198 -77.49 -14.26 -47.59
N ARG A 199 -76.49 -13.56 -47.05
CA ARG A 199 -75.12 -14.05 -47.02
C ARG A 199 -74.49 -13.59 -45.73
N ILE A 200 -73.85 -14.50 -45.01
CA ILE A 200 -73.18 -14.18 -43.76
C ILE A 200 -71.73 -14.61 -43.85
N MET A 201 -70.83 -13.67 -43.59
CA MET A 201 -69.42 -13.97 -43.51
C MET A 201 -69.02 -14.03 -42.04
N ILE A 202 -68.27 -15.06 -41.68
CA ILE A 202 -67.85 -15.28 -40.30
C ILE A 202 -66.33 -15.36 -40.28
N LEU A 203 -65.74 -14.64 -39.33
CA LEU A 203 -64.29 -14.62 -39.19
C LEU A 203 -63.92 -15.16 -37.82
N ASP A 204 -62.74 -15.77 -37.75
CA ASP A 204 -62.20 -16.32 -36.51
C ASP A 204 -60.76 -15.88 -36.37
N TRP A 205 -60.46 -15.17 -35.29
CA TRP A 205 -59.06 -14.92 -34.91
C TRP A 205 -58.68 -15.58 -33.60
N ASP A 206 -59.46 -16.55 -33.13
CA ASP A 206 -58.94 -17.40 -32.07
C ASP A 206 -57.79 -18.20 -32.64
N ILE A 207 -56.72 -18.32 -31.86
CA ILE A 207 -55.51 -18.98 -32.33
C ILE A 207 -55.67 -20.48 -32.47
N HIS A 208 -56.77 -21.04 -31.96
CA HIS A 208 -57.13 -22.42 -32.24
C HIS A 208 -58.14 -22.45 -33.37
N HIS A 209 -58.08 -23.52 -34.15
CA HIS A 209 -58.92 -23.63 -35.33
C HIS A 209 -60.37 -23.87 -34.93
N GLY A 210 -61.27 -23.08 -35.49
CA GLY A 210 -62.68 -23.24 -35.20
C GLY A 210 -63.30 -24.37 -35.98
N ASN A 211 -63.01 -25.60 -35.53
CA ASN A 211 -63.40 -26.79 -36.26
C ASN A 211 -64.91 -27.00 -36.28
N GLY A 212 -65.59 -26.63 -35.19
CA GLY A 212 -66.99 -27.02 -35.05
C GLY A 212 -67.90 -26.28 -36.00
N THR A 213 -67.78 -24.95 -36.03
CA THR A 213 -68.60 -24.17 -36.95
C THR A 213 -68.16 -24.38 -38.39
N GLN A 214 -66.89 -24.75 -38.60
CA GLN A 214 -66.44 -25.15 -39.92
C GLN A 214 -67.18 -26.39 -40.39
N LYS A 215 -67.34 -27.35 -39.50
CA LYS A 215 -68.09 -28.55 -39.84
C LYS A 215 -69.57 -28.25 -40.01
N SER A 216 -70.09 -27.30 -39.24
CA SER A 216 -71.52 -27.01 -39.26
C SER A 216 -71.98 -26.36 -40.56
N PHE A 217 -71.08 -25.75 -41.30
CA PHE A 217 -71.43 -25.16 -42.59
C PHE A 217 -70.47 -25.60 -43.67
N TYR A 218 -69.97 -26.83 -43.59
CA TYR A 218 -68.95 -27.24 -44.55
C TYR A 218 -69.51 -27.49 -45.94
N GLN A 219 -70.82 -27.60 -46.08
CA GLN A 219 -71.42 -27.86 -47.38
C GLN A 219 -72.50 -26.84 -47.74
N ASP A 220 -72.46 -25.65 -47.15
CA ASP A 220 -73.42 -24.60 -47.44
C ASP A 220 -72.74 -23.44 -48.13
N ASP A 221 -73.56 -22.59 -48.75
CA ASP A 221 -73.05 -21.44 -49.48
C ASP A 221 -73.38 -20.10 -48.84
N GLN A 222 -74.44 -20.02 -48.03
CA GLN A 222 -74.83 -18.75 -47.43
C GLN A 222 -73.92 -18.33 -46.28
N VAL A 223 -72.98 -19.19 -45.88
CA VAL A 223 -72.01 -18.88 -44.85
C VAL A 223 -70.63 -18.97 -45.47
N LEU A 224 -69.88 -17.88 -45.38
CA LEU A 224 -68.49 -17.87 -45.79
C LEU A 224 -67.64 -17.87 -44.54
N TYR A 225 -66.87 -18.94 -44.34
CA TYR A 225 -66.07 -19.10 -43.13
C TYR A 225 -64.61 -18.82 -43.42
N VAL A 226 -64.00 -17.98 -42.57
CA VAL A 226 -62.57 -17.72 -42.67
C VAL A 226 -62.00 -17.78 -41.27
N SER A 227 -60.98 -18.61 -41.07
CA SER A 227 -60.32 -18.67 -39.77
C SER A 227 -58.83 -18.45 -39.90
N LEU A 228 -58.22 -18.08 -38.78
CA LEU A 228 -56.78 -17.92 -38.69
C LEU A 228 -56.30 -18.68 -37.46
N HIS A 229 -55.32 -19.57 -37.65
CA HIS A 229 -54.81 -20.35 -36.53
C HIS A 229 -53.44 -20.91 -36.90
N ARG A 230 -52.71 -21.35 -35.90
CA ARG A 230 -51.48 -22.07 -36.14
C ARG A 230 -51.80 -23.51 -36.47
N PHE A 231 -51.03 -24.12 -37.39
CA PHE A 231 -51.37 -25.48 -37.77
C PHE A 231 -50.59 -26.54 -37.01
N GLU A 232 -49.29 -26.66 -37.30
CA GLU A 232 -48.34 -27.58 -36.64
C GLU A 232 -48.89 -29.00 -36.53
N MET A 233 -49.02 -29.65 -37.69
CA MET A 233 -49.99 -30.69 -38.05
C MET A 233 -50.40 -31.65 -36.94
N GLY A 234 -49.45 -32.16 -36.17
CA GLY A 234 -49.81 -33.09 -35.13
C GLY A 234 -49.84 -32.50 -33.72
N LYS A 235 -48.95 -31.55 -33.45
CA LYS A 235 -48.64 -31.17 -32.08
C LYS A 235 -49.70 -30.25 -31.49
N TYR A 236 -49.85 -29.06 -32.05
CA TYR A 236 -50.65 -28.01 -31.44
C TYR A 236 -52.14 -28.33 -31.56
N TYR A 237 -52.91 -27.87 -30.59
CA TYR A 237 -54.33 -28.20 -30.54
C TYR A 237 -55.07 -27.51 -31.68
N PRO A 238 -56.04 -28.19 -32.31
CA PRO A 238 -56.34 -29.62 -32.16
C PRO A 238 -55.50 -30.48 -33.07
N GLY A 239 -54.90 -29.87 -34.09
CA GLY A 239 -54.00 -30.59 -34.98
C GLY A 239 -54.64 -31.68 -35.79
N THR A 240 -55.77 -31.38 -36.42
CA THR A 240 -56.45 -32.32 -37.28
C THR A 240 -56.27 -31.91 -38.73
N ILE A 241 -56.76 -32.74 -39.63
CA ILE A 241 -56.62 -32.42 -41.05
C ILE A 241 -57.63 -31.38 -41.51
N GLN A 242 -58.66 -31.11 -40.72
CA GLN A 242 -59.68 -30.15 -41.11
C GLN A 242 -59.18 -28.71 -41.00
N GLY A 243 -58.11 -28.47 -40.26
CA GLY A 243 -57.51 -27.16 -40.19
C GLY A 243 -56.46 -26.90 -41.24
N GLN A 244 -56.24 -27.82 -42.16
CA GLN A 244 -55.23 -27.62 -43.18
C GLN A 244 -55.69 -26.57 -44.19
N TYR A 245 -54.71 -25.97 -44.87
CA TYR A 245 -54.98 -24.83 -45.73
C TYR A 245 -55.61 -25.21 -47.06
N ASP A 246 -55.70 -26.49 -47.39
CA ASP A 246 -56.31 -26.90 -48.65
C ASP A 246 -57.74 -27.36 -48.49
N GLN A 247 -58.27 -27.37 -47.28
CA GLN A 247 -59.67 -27.74 -47.06
C GLN A 247 -60.54 -26.60 -47.57
N THR A 248 -61.13 -26.79 -48.74
CA THR A 248 -61.81 -25.69 -49.41
C THR A 248 -63.30 -25.94 -49.51
N GLY A 249 -63.92 -26.39 -48.44
CA GLY A 249 -65.33 -26.69 -48.50
C GLY A 249 -65.56 -28.02 -49.18
N GLU A 250 -66.82 -28.29 -49.49
CA GLU A 250 -67.19 -29.55 -50.12
C GLU A 250 -68.56 -29.40 -50.75
N GLY A 251 -68.73 -30.02 -51.92
CA GLY A 251 -70.04 -30.06 -52.55
C GLY A 251 -70.41 -28.70 -53.09
N LYS A 252 -71.59 -28.23 -52.72
CA LYS A 252 -71.97 -26.86 -53.06
C LYS A 252 -71.38 -25.86 -52.08
N GLY A 253 -70.68 -26.32 -51.05
CA GLY A 253 -69.94 -25.44 -50.17
C GLY A 253 -68.52 -25.23 -50.61
N GLU A 254 -68.19 -25.64 -51.84
CA GLU A 254 -66.85 -25.42 -52.37
C GLU A 254 -66.67 -23.95 -52.70
N GLY A 255 -65.51 -23.41 -52.34
CA GLY A 255 -65.29 -21.99 -52.52
C GLY A 255 -66.03 -21.14 -51.51
N PHE A 256 -66.24 -21.66 -50.31
CA PHE A 256 -66.84 -20.87 -49.24
C PHE A 256 -66.14 -21.11 -47.91
N ASN A 257 -64.94 -21.68 -47.94
CA ASN A 257 -64.22 -22.07 -46.74
C ASN A 257 -62.77 -21.65 -46.90
N CYS A 258 -62.20 -21.02 -45.87
CA CYS A 258 -60.83 -20.55 -45.97
C CYS A 258 -60.12 -20.69 -44.63
N ASN A 259 -59.05 -21.46 -44.63
CA ASN A 259 -58.13 -21.53 -43.52
C ASN A 259 -56.93 -20.65 -43.77
N ILE A 260 -56.40 -20.06 -42.71
CA ILE A 260 -55.10 -19.44 -42.73
C ILE A 260 -54.30 -20.05 -41.60
N THR A 261 -53.11 -20.55 -41.91
CA THR A 261 -52.35 -21.32 -40.95
C THR A 261 -50.97 -20.71 -40.77
N TRP A 262 -50.63 -20.42 -39.56
CA TRP A 262 -49.29 -19.94 -39.30
C TRP A 262 -48.35 -21.13 -39.19
N PRO A 263 -47.25 -21.14 -39.92
CA PRO A 263 -46.31 -22.25 -39.81
C PRO A 263 -45.61 -22.30 -38.47
N VAL A 264 -45.15 -21.16 -37.97
CA VAL A 264 -44.39 -21.09 -36.73
C VAL A 264 -45.13 -20.16 -35.78
N GLY A 265 -45.12 -20.50 -34.49
CA GLY A 265 -45.57 -19.56 -33.50
C GLY A 265 -44.66 -18.35 -33.40
N GLY A 266 -45.25 -17.21 -33.05
CA GLY A 266 -44.48 -16.00 -32.86
C GLY A 266 -44.74 -14.91 -33.88
N VAL A 267 -45.92 -14.89 -34.47
CA VAL A 267 -46.26 -13.85 -35.44
C VAL A 267 -46.59 -12.57 -34.68
N GLY A 268 -46.63 -11.46 -35.40
CA GLY A 268 -46.95 -10.18 -34.81
C GLY A 268 -48.14 -9.52 -35.45
N ASP A 269 -48.14 -8.19 -35.50
CA ASP A 269 -49.29 -7.45 -36.01
C ASP A 269 -49.29 -7.40 -37.53
N ALA A 270 -48.14 -7.15 -38.13
CA ALA A 270 -48.09 -6.87 -39.55
C ALA A 270 -48.36 -8.10 -40.38
N GLU A 271 -48.17 -9.29 -39.82
CA GLU A 271 -48.70 -10.49 -40.44
C GLU A 271 -50.20 -10.40 -40.61
N TYR A 272 -50.89 -9.94 -39.56
CA TYR A 272 -52.34 -9.85 -39.63
C TYR A 272 -52.77 -8.74 -40.59
N MET A 273 -52.05 -7.63 -40.56
CA MET A 273 -52.34 -6.52 -41.47
C MET A 273 -52.12 -6.95 -42.92
N TRP A 274 -51.03 -7.68 -43.17
CA TRP A 274 -50.72 -8.15 -44.50
C TRP A 274 -51.73 -9.16 -44.97
N ALA A 275 -52.15 -10.05 -44.09
CA ALA A 275 -53.15 -11.04 -44.46
C ALA A 275 -54.49 -10.40 -44.74
N PHE A 276 -54.83 -9.32 -44.05
CA PHE A 276 -56.13 -8.76 -44.31
C PHE A 276 -56.14 -7.88 -45.55
N GLU A 277 -55.12 -7.03 -45.69
CA GLU A 277 -55.09 -6.16 -46.86
C GLU A 277 -54.76 -6.92 -48.13
N GLN A 278 -54.11 -8.07 -48.03
CA GLN A 278 -53.95 -8.88 -49.22
C GLN A 278 -55.24 -9.60 -49.58
N VAL A 279 -55.82 -10.31 -48.62
CA VAL A 279 -56.71 -11.43 -48.92
C VAL A 279 -58.16 -11.13 -48.59
N VAL A 280 -58.45 -10.83 -47.33
CA VAL A 280 -59.84 -10.95 -46.89
C VAL A 280 -60.72 -9.80 -47.36
N MET A 281 -60.14 -8.66 -47.72
CA MET A 281 -60.98 -7.58 -48.20
C MET A 281 -61.47 -7.81 -49.63
N PRO A 282 -60.64 -8.24 -50.60
CA PRO A 282 -61.23 -8.56 -51.91
C PRO A 282 -62.18 -9.74 -51.86
N MET A 283 -61.91 -10.74 -51.03
CA MET A 283 -62.83 -11.88 -50.97
C MET A 283 -64.13 -11.48 -50.28
N GLY A 284 -64.05 -10.63 -49.27
CA GLY A 284 -65.26 -10.19 -48.60
C GLY A 284 -66.11 -9.29 -49.49
N ARG A 285 -65.46 -8.45 -50.28
CA ARG A 285 -66.22 -7.64 -51.22
C ARG A 285 -66.77 -8.49 -52.36
N GLU A 286 -66.05 -9.55 -52.74
CA GLU A 286 -66.53 -10.40 -53.82
C GLU A 286 -67.69 -11.26 -53.35
N PHE A 287 -67.70 -11.61 -52.08
CA PHE A 287 -68.79 -12.43 -51.55
C PHE A 287 -70.08 -11.63 -51.45
N LYS A 288 -69.97 -10.31 -51.26
CA LYS A 288 -71.06 -9.36 -51.06
C LYS A 288 -72.00 -9.82 -49.96
N PRO A 289 -71.57 -9.83 -48.71
CA PRO A 289 -72.40 -10.38 -47.64
C PRO A 289 -73.48 -9.40 -47.23
N ASP A 290 -74.40 -9.89 -46.40
CA ASP A 290 -75.35 -9.02 -45.74
C ASP A 290 -75.05 -8.83 -44.27
N LEU A 291 -74.24 -9.70 -43.68
CA LEU A 291 -73.90 -9.58 -42.26
C LEU A 291 -72.59 -10.30 -42.02
N VAL A 292 -71.70 -9.63 -41.30
CA VAL A 292 -70.45 -10.23 -40.86
C VAL A 292 -70.56 -10.49 -39.37
N ILE A 293 -69.93 -11.59 -38.93
CA ILE A 293 -69.92 -12.01 -37.54
C ILE A 293 -68.47 -12.33 -37.19
N ILE A 294 -68.08 -11.99 -35.97
CA ILE A 294 -66.73 -12.21 -35.47
C ILE A 294 -66.81 -13.19 -34.32
N SER A 295 -66.05 -14.27 -34.41
CA SER A 295 -65.76 -15.11 -33.26
C SER A 295 -64.38 -14.67 -32.80
N SER A 296 -64.35 -13.81 -31.80
CA SER A 296 -63.09 -13.24 -31.34
C SER A 296 -62.46 -14.10 -30.27
N GLY A 297 -61.14 -14.20 -30.33
CA GLY A 297 -60.38 -14.78 -29.24
C GLY A 297 -59.06 -14.05 -29.11
N PHE A 298 -58.80 -13.48 -27.94
CA PHE A 298 -57.64 -12.65 -27.73
C PHE A 298 -56.44 -13.44 -27.25
N ASP A 299 -56.47 -14.75 -27.42
CA ASP A 299 -55.38 -15.61 -26.97
C ASP A 299 -54.10 -15.35 -27.74
N ALA A 300 -54.18 -14.76 -28.92
CA ALA A 300 -53.01 -14.46 -29.71
C ALA A 300 -52.43 -13.09 -29.41
N ALA A 301 -52.90 -12.42 -28.37
CA ALA A 301 -52.36 -11.11 -28.05
C ALA A 301 -50.98 -11.23 -27.42
N ASP A 302 -50.34 -10.09 -27.26
CA ASP A 302 -49.05 -10.07 -26.59
C ASP A 302 -49.23 -10.30 -25.10
N GLY A 303 -48.20 -10.83 -24.46
CA GLY A 303 -48.27 -11.12 -23.06
C GLY A 303 -49.07 -12.35 -22.72
N ASP A 304 -49.09 -13.35 -23.59
CA ASP A 304 -49.85 -14.56 -23.38
C ASP A 304 -48.94 -15.76 -23.54
N THR A 305 -48.95 -16.64 -22.55
CA THR A 305 -48.05 -17.80 -22.54
C THR A 305 -48.72 -19.06 -23.07
N ILE A 306 -49.69 -18.93 -23.97
CA ILE A 306 -50.26 -20.06 -24.68
C ILE A 306 -49.91 -20.01 -26.16
N GLY A 307 -50.27 -18.93 -26.83
CA GLY A 307 -50.01 -18.82 -28.24
C GLY A 307 -48.68 -18.19 -28.55
N GLN A 308 -48.25 -17.27 -27.66
CA GLN A 308 -46.99 -16.54 -27.75
C GLN A 308 -46.87 -15.78 -29.07
N CYS A 309 -47.76 -14.82 -29.26
CA CYS A 309 -47.68 -13.88 -30.37
C CYS A 309 -47.64 -12.47 -29.81
N HIS A 310 -47.65 -11.49 -30.70
CA HIS A 310 -47.36 -10.11 -30.32
C HIS A 310 -48.35 -9.15 -30.95
N VAL A 311 -49.65 -9.43 -30.78
CA VAL A 311 -50.68 -8.57 -31.34
C VAL A 311 -51.01 -7.50 -30.30
N THR A 312 -50.53 -6.28 -30.53
CA THR A 312 -50.93 -5.14 -29.74
C THR A 312 -52.40 -4.83 -30.02
N PRO A 313 -53.11 -4.20 -29.08
CA PRO A 313 -54.55 -3.96 -29.30
C PRO A 313 -54.85 -2.96 -30.40
N SER A 314 -53.87 -2.14 -30.80
CA SER A 314 -54.04 -1.28 -31.95
C SER A 314 -54.26 -2.09 -33.22
N CYS A 315 -53.61 -3.25 -33.32
CA CYS A 315 -53.83 -4.13 -34.44
C CYS A 315 -55.26 -4.64 -34.47
N TYR A 316 -55.82 -4.95 -33.29
CA TYR A 316 -57.23 -5.31 -33.19
C TYR A 316 -58.12 -4.17 -33.64
N GLY A 317 -57.72 -2.94 -33.33
CA GLY A 317 -58.50 -1.79 -33.77
C GLY A 317 -58.53 -1.66 -35.28
N HIS A 318 -57.38 -1.82 -35.94
CA HIS A 318 -57.35 -1.75 -37.39
C HIS A 318 -58.14 -2.87 -38.02
N MET A 319 -58.09 -4.05 -37.39
CA MET A 319 -58.90 -5.20 -37.77
C MET A 319 -60.37 -4.84 -37.81
N THR A 320 -60.92 -4.42 -36.66
CA THR A 320 -62.35 -4.20 -36.61
C THR A 320 -62.76 -2.96 -37.36
N HIS A 321 -61.84 -2.03 -37.62
CA HIS A 321 -62.19 -0.89 -38.46
C HIS A 321 -62.41 -1.32 -39.89
N MET A 322 -61.50 -2.14 -40.43
CA MET A 322 -61.69 -2.63 -41.78
C MET A 322 -62.89 -3.55 -41.88
N LEU A 323 -63.17 -4.31 -40.81
CA LEU A 323 -64.32 -5.18 -40.86
C LEU A 323 -65.62 -4.40 -40.74
N LYS A 324 -65.59 -3.26 -40.06
CA LYS A 324 -66.74 -2.36 -40.08
C LYS A 324 -66.93 -1.79 -41.47
N SER A 325 -65.82 -1.50 -42.15
CA SER A 325 -65.88 -1.02 -43.52
C SER A 325 -66.43 -2.07 -44.49
N LEU A 326 -66.30 -3.34 -44.14
CA LEU A 326 -66.69 -4.40 -45.07
C LEU A 326 -68.19 -4.43 -45.29
N ALA A 327 -68.97 -4.67 -44.24
CA ALA A 327 -70.40 -4.71 -44.41
C ALA A 327 -70.95 -3.29 -44.49
N ARG A 328 -72.27 -3.18 -44.64
CA ARG A 328 -72.89 -1.87 -44.66
C ARG A 328 -72.98 -1.24 -43.28
N GLY A 329 -72.68 -1.97 -42.22
CA GLY A 329 -72.68 -1.40 -40.90
C GLY A 329 -73.18 -2.35 -39.85
N ASN A 330 -73.89 -3.38 -40.28
CA ASN A 330 -74.39 -4.39 -39.35
C ASN A 330 -73.26 -5.31 -38.90
N LEU A 331 -73.18 -5.54 -37.59
CA LEU A 331 -72.03 -6.24 -37.04
C LEU A 331 -72.33 -6.72 -35.63
N CYS A 332 -71.84 -7.93 -35.30
CA CYS A 332 -71.93 -8.46 -33.96
C CYS A 332 -70.62 -9.17 -33.62
N VAL A 333 -70.17 -8.98 -32.39
CA VAL A 333 -68.89 -9.54 -31.93
C VAL A 333 -69.13 -10.33 -30.65
N VAL A 334 -68.77 -11.62 -30.68
CA VAL A 334 -68.75 -12.46 -29.49
C VAL A 334 -67.31 -12.84 -29.19
N LEU A 335 -67.10 -13.46 -28.03
CA LEU A 335 -65.77 -13.76 -27.52
C LEU A 335 -65.61 -15.26 -27.30
N GLU A 336 -64.48 -15.81 -27.75
CA GLU A 336 -64.18 -17.22 -27.56
C GLU A 336 -62.98 -17.47 -26.64
N GLY A 337 -61.81 -16.94 -26.98
CA GLY A 337 -60.58 -17.32 -26.31
C GLY A 337 -60.21 -16.39 -25.17
N GLY A 338 -59.00 -16.58 -24.66
CA GLY A 338 -58.46 -15.70 -23.64
C GLY A 338 -57.82 -16.40 -22.46
N TYR A 339 -56.60 -16.03 -22.12
CA TYR A 339 -55.91 -16.61 -20.97
C TYR A 339 -55.36 -15.57 -20.01
N ASN A 340 -54.80 -14.48 -20.52
CA ASN A 340 -54.24 -13.44 -19.67
C ASN A 340 -55.20 -12.26 -19.63
N LEU A 341 -55.52 -11.81 -18.42
CA LEU A 341 -56.63 -10.90 -18.25
C LEU A 341 -56.32 -9.47 -18.70
N ASP A 342 -55.07 -9.03 -18.54
CA ASP A 342 -54.75 -7.65 -18.89
C ASP A 342 -54.79 -7.44 -20.40
N ALA A 343 -54.34 -8.44 -21.15
CA ALA A 343 -54.35 -8.35 -22.59
C ALA A 343 -55.76 -8.34 -23.14
N ILE A 344 -56.63 -9.21 -22.61
CA ILE A 344 -58.00 -9.22 -23.09
C ILE A 344 -58.75 -7.99 -22.62
N ALA A 345 -58.32 -7.39 -21.50
CA ALA A 345 -58.91 -6.13 -21.06
C ALA A 345 -58.57 -5.01 -22.03
N ARG A 346 -57.30 -4.88 -22.39
CA ARG A 346 -56.88 -3.82 -23.31
C ARG A 346 -57.46 -4.03 -24.70
N SER A 347 -57.53 -5.29 -25.13
CA SER A 347 -58.12 -5.63 -26.41
C SER A 347 -59.59 -5.27 -26.46
N ALA A 348 -60.33 -5.62 -25.40
CA ALA A 348 -61.74 -5.30 -25.34
C ALA A 348 -61.96 -3.79 -25.31
N LEU A 349 -61.05 -3.07 -24.65
CA LEU A 349 -61.11 -1.62 -24.64
C LEU A 349 -60.99 -1.04 -26.04
N SER A 350 -60.01 -1.53 -26.80
CA SER A 350 -59.80 -0.98 -28.13
C SER A 350 -60.93 -1.34 -29.08
N VAL A 351 -61.44 -2.57 -28.98
CA VAL A 351 -62.50 -2.95 -29.90
C VAL A 351 -63.79 -2.24 -29.54
N ALA A 352 -64.00 -1.91 -28.27
CA ALA A 352 -65.17 -1.14 -27.91
C ALA A 352 -65.06 0.30 -28.38
N LYS A 353 -63.84 0.85 -28.31
CA LYS A 353 -63.60 2.19 -28.81
C LYS A 353 -63.89 2.29 -30.29
N VAL A 354 -63.49 1.28 -31.06
CA VAL A 354 -63.76 1.36 -32.49
C VAL A 354 -65.23 1.08 -32.77
N LEU A 355 -65.84 0.15 -32.02
CA LEU A 355 -67.22 -0.20 -32.28
C LEU A 355 -68.19 0.90 -31.88
N ILE A 356 -67.76 1.83 -31.03
CA ILE A 356 -68.57 3.04 -30.88
C ILE A 356 -68.41 3.92 -32.10
N GLY A 357 -67.20 4.02 -32.64
CA GLY A 357 -67.01 4.80 -33.85
C GLY A 357 -65.70 5.55 -33.93
N GLU A 358 -64.88 5.42 -32.90
CA GLU A 358 -63.63 6.16 -32.85
C GLU A 358 -62.62 5.54 -33.81
N PRO A 359 -61.75 6.38 -34.39
CA PRO A 359 -60.73 5.84 -35.29
C PRO A 359 -59.70 5.06 -34.51
N PRO A 360 -59.15 4.00 -35.09
CA PRO A 360 -58.13 3.23 -34.40
C PRO A 360 -56.84 4.00 -34.32
N ASP A 361 -56.10 3.75 -33.25
CA ASP A 361 -54.85 4.47 -33.05
C ASP A 361 -53.77 3.88 -33.95
N GLU A 362 -52.58 4.47 -33.88
CA GLU A 362 -51.52 4.06 -34.78
C GLU A 362 -50.88 2.78 -34.29
N LEU A 363 -50.14 2.15 -35.18
CA LEU A 363 -49.38 0.97 -34.83
C LEU A 363 -48.21 1.38 -33.94
N PRO A 364 -47.83 0.53 -32.99
CA PRO A 364 -46.64 0.83 -32.18
C PRO A 364 -45.37 0.75 -32.98
N ASP A 365 -45.37 0.01 -34.08
CA ASP A 365 -44.28 0.01 -35.03
C ASP A 365 -44.82 -0.42 -36.39
N PRO A 366 -44.53 0.32 -37.43
CA PRO A 366 -44.92 -0.10 -38.76
C PRO A 366 -43.79 -0.78 -39.52
N LEU A 367 -42.58 -0.73 -39.00
CA LEU A 367 -41.41 -1.30 -39.67
C LEU A 367 -41.12 -2.64 -39.03
N SER A 368 -41.71 -3.68 -39.56
CA SER A 368 -41.46 -4.98 -38.98
C SER A 368 -41.02 -6.01 -40.01
N ASP A 369 -41.57 -5.95 -41.23
CA ASP A 369 -41.26 -6.80 -42.38
C ASP A 369 -41.42 -8.27 -42.02
N PRO A 370 -42.65 -8.78 -42.00
CA PRO A 370 -42.98 -10.04 -41.32
C PRO A 370 -42.26 -11.26 -41.85
N LYS A 371 -42.47 -12.37 -41.15
CA LYS A 371 -41.64 -13.56 -41.33
C LYS A 371 -41.99 -14.27 -42.64
N PRO A 372 -40.98 -14.77 -43.37
CA PRO A 372 -41.20 -15.21 -44.75
C PRO A 372 -42.04 -16.46 -44.88
N GLU A 373 -42.19 -17.24 -43.80
CA GLU A 373 -43.08 -18.38 -43.82
C GLU A 373 -44.52 -17.95 -44.05
N VAL A 374 -44.89 -16.79 -43.52
CA VAL A 374 -46.22 -16.26 -43.75
C VAL A 374 -46.40 -15.86 -45.22
N ILE A 375 -45.33 -15.37 -45.84
CA ILE A 375 -45.39 -14.97 -47.24
C ILE A 375 -45.60 -16.19 -48.13
N GLU A 376 -44.82 -17.23 -47.89
CA GLU A 376 -44.98 -18.44 -48.69
C GLU A 376 -46.29 -19.13 -48.38
N MET A 377 -46.76 -19.00 -47.14
CA MET A 377 -48.08 -19.49 -46.77
C MET A 377 -49.17 -18.79 -47.55
N ILE A 378 -49.04 -17.47 -47.72
CA ILE A 378 -50.12 -16.77 -48.36
C ILE A 378 -50.06 -16.96 -49.87
N ASP A 379 -48.88 -17.25 -50.43
CA ASP A 379 -48.80 -17.66 -51.82
C ASP A 379 -49.52 -18.99 -52.03
N LYS A 380 -49.25 -19.95 -51.15
CA LYS A 380 -49.89 -21.25 -51.27
C LYS A 380 -51.39 -21.17 -51.03
N VAL A 381 -51.84 -20.18 -50.27
CA VAL A 381 -53.27 -19.95 -50.13
C VAL A 381 -53.83 -19.40 -51.44
N ILE A 382 -53.16 -18.38 -51.99
CA ILE A 382 -53.72 -17.64 -53.11
C ILE A 382 -53.73 -18.46 -54.39
N ARG A 383 -52.94 -19.53 -54.45
CA ARG A 383 -53.03 -20.47 -55.57
C ARG A 383 -54.42 -21.12 -55.63
N LEU A 384 -54.81 -21.79 -54.56
CA LEU A 384 -56.10 -22.48 -54.54
C LEU A 384 -57.25 -21.49 -54.54
N GLN A 385 -57.04 -20.32 -53.95
CA GLN A 385 -58.11 -19.34 -53.97
C GLN A 385 -58.29 -18.73 -55.35
N SER A 386 -57.20 -18.62 -56.11
CA SER A 386 -57.32 -18.20 -57.50
C SER A 386 -57.96 -19.28 -58.35
N LYS A 387 -57.85 -20.54 -57.94
CA LYS A 387 -58.69 -21.55 -58.59
C LYS A 387 -60.16 -21.26 -58.33
N TYR A 388 -60.55 -21.09 -57.07
CA TYR A 388 -61.97 -20.96 -56.82
C TYR A 388 -62.49 -19.54 -57.02
N TRP A 389 -61.88 -18.55 -56.36
CA TRP A 389 -62.37 -17.21 -56.54
C TRP A 389 -61.85 -16.63 -57.86
N ASN A 390 -62.30 -15.42 -58.17
CA ASN A 390 -62.00 -14.79 -59.45
C ASN A 390 -61.18 -13.52 -59.34
N CYS A 391 -61.37 -12.73 -58.27
CA CYS A 391 -60.67 -11.47 -58.15
C CYS A 391 -59.17 -11.64 -57.95
N PHE A 392 -58.74 -12.79 -57.44
CA PHE A 392 -57.32 -13.06 -57.31
C PHE A 392 -56.67 -13.40 -58.64
N ARG A 393 -57.46 -13.83 -59.63
CA ARG A 393 -56.92 -14.13 -60.93
C ARG A 393 -56.49 -12.85 -61.62
N ARG A 394 -55.37 -12.92 -62.33
CA ARG A 394 -54.77 -11.90 -63.19
C ARG A 394 -54.24 -10.68 -62.41
N ARG A 395 -54.46 -10.62 -61.10
CA ARG A 395 -53.79 -9.63 -60.29
C ARG A 395 -52.51 -10.19 -59.70
N HIS A 396 -52.57 -11.43 -59.25
CA HIS A 396 -51.36 -12.18 -58.94
C HIS A 396 -50.96 -13.06 -60.09
N ALA A 397 -51.68 -12.98 -61.22
CA ALA A 397 -51.33 -13.62 -62.49
C ALA A 397 -51.25 -15.13 -62.38
N ASN A 398 -52.18 -15.73 -61.64
CA ASN A 398 -52.23 -17.18 -61.59
C ASN A 398 -52.77 -17.76 -62.89
N SER A 399 -53.63 -17.02 -63.59
CA SER A 399 -54.11 -17.32 -64.94
C SER A 399 -54.82 -18.68 -65.01
N GLY A 400 -55.94 -18.76 -64.29
CA GLY A 400 -56.74 -19.97 -64.31
C GLY A 400 -56.20 -21.04 -63.38
N CYS A 401 -56.24 -22.29 -63.82
CA CYS A 401 -55.74 -23.39 -63.00
C CYS A 401 -54.22 -23.38 -62.94
N ASN A 402 -53.57 -23.58 -64.09
CA ASN A 402 -52.13 -23.40 -64.31
C ASN A 402 -51.26 -24.26 -63.39
N PHE A 403 -51.77 -25.40 -62.97
CA PHE A 403 -51.01 -26.31 -62.10
C PHE A 403 -50.04 -27.08 -62.98
N ASN A 404 -48.76 -26.74 -62.89
CA ASN A 404 -47.79 -27.01 -63.95
C ASN A 404 -47.11 -28.36 -63.72
N GLU A 405 -47.46 -29.33 -64.56
CA GLU A 405 -46.79 -30.63 -64.67
C GLU A 405 -45.42 -30.56 -65.35
N PRO A 406 -45.16 -29.64 -66.35
CA PRO A 406 -43.76 -29.40 -66.78
C PRO A 406 -42.85 -28.79 -65.71
N LEU A 407 -41.67 -28.36 -66.18
CA LEU A 407 -40.34 -28.38 -65.55
C LEU A 407 -39.80 -29.80 -65.66
N ASN A 408 -40.11 -30.45 -66.77
CA ASN A 408 -39.50 -31.72 -67.12
C ASN A 408 -38.03 -31.53 -67.44
N ASP A 409 -37.23 -32.54 -67.12
CA ASP A 409 -35.78 -32.53 -67.34
C ASP A 409 -35.41 -33.73 -68.21
N SER A 410 -35.49 -33.54 -69.54
CA SER A 410 -35.06 -34.58 -70.46
C SER A 410 -34.13 -34.05 -71.54
N ILE A 411 -34.26 -32.78 -71.89
CA ILE A 411 -33.40 -32.14 -72.88
C ILE A 411 -32.27 -31.38 -72.19
N ILE A 412 -31.93 -31.79 -70.96
CA ILE A 412 -30.91 -31.13 -70.15
C ILE A 412 -29.51 -31.22 -70.75
N SER A 413 -29.29 -32.14 -71.69
CA SER A 413 -28.03 -32.16 -72.43
C SER A 413 -27.86 -30.92 -73.29
N LYS A 414 -28.95 -30.39 -73.81
CA LYS A 414 -28.92 -29.16 -74.59
C LYS A 414 -29.32 -28.01 -73.67
N ASN A 415 -28.35 -27.19 -73.28
CA ASN A 415 -28.60 -26.13 -72.33
C ASN A 415 -27.60 -25.00 -72.56
N PHE A 416 -28.01 -23.80 -72.20
CA PHE A 416 -27.08 -22.69 -72.21
C PHE A 416 -26.11 -22.84 -71.04
N PRO A 417 -24.83 -22.53 -71.25
CA PRO A 417 -23.84 -22.71 -70.18
C PRO A 417 -24.05 -21.79 -69.00
N LEU A 418 -24.16 -20.47 -69.28
CA LEU A 418 -24.69 -19.44 -68.39
C LEU A 418 -23.76 -19.08 -67.23
N GLN A 419 -22.74 -19.88 -66.97
CA GLN A 419 -21.80 -19.61 -65.92
C GLN A 419 -20.47 -19.12 -66.46
N LYS A 420 -20.02 -19.74 -67.54
CA LYS A 420 -18.92 -19.19 -68.31
C LYS A 420 -19.26 -17.83 -68.86
N ALA A 421 -20.53 -17.59 -69.15
CA ALA A 421 -20.98 -16.27 -69.61
C ALA A 421 -20.78 -15.21 -68.53
N ILE A 422 -21.27 -15.49 -67.32
CA ILE A 422 -21.19 -14.52 -66.24
C ILE A 422 -19.75 -14.29 -65.82
N ARG A 423 -19.00 -15.39 -65.66
CA ARG A 423 -17.61 -15.27 -65.29
C ARG A 423 -16.78 -14.64 -66.40
N GLN A 424 -17.17 -14.83 -67.66
CA GLN A 424 -16.44 -14.26 -68.77
C GLN A 424 -16.65 -12.76 -68.86
N GLN A 425 -17.90 -12.32 -68.70
CA GLN A 425 -18.19 -10.88 -68.64
C GLN A 425 -17.49 -10.24 -67.45
N GLN A 426 -17.49 -10.95 -66.31
CA GLN A 426 -16.84 -10.45 -65.12
C GLN A 426 -15.35 -10.31 -65.33
N GLN A 427 -14.73 -11.31 -65.96
CA GLN A 427 -13.32 -11.25 -66.30
C GLN A 427 -13.04 -10.14 -67.30
N HIS A 428 -13.98 -9.91 -68.22
CA HIS A 428 -13.86 -8.85 -69.21
C HIS A 428 -13.76 -7.49 -68.54
N TYR A 429 -14.77 -7.12 -67.76
CA TYR A 429 -14.70 -5.79 -67.17
C TYR A 429 -13.72 -5.69 -66.02
N LEU A 430 -13.30 -6.81 -65.43
CA LEU A 430 -12.27 -6.70 -64.42
C LEU A 430 -10.91 -6.47 -65.03
N SER A 431 -10.59 -7.19 -66.10
CA SER A 431 -9.33 -6.99 -66.79
C SER A 431 -9.33 -5.69 -67.59
N ASP A 432 -10.50 -5.15 -67.94
CA ASP A 432 -10.55 -3.97 -68.78
C ASP A 432 -10.02 -2.73 -68.05
N GLU A 433 -10.23 -2.65 -66.74
CA GLU A 433 -9.77 -1.51 -65.97
C GLU A 433 -8.78 -1.88 -64.89
N PHE A 434 -8.61 -3.17 -64.60
CA PHE A 434 -7.68 -3.58 -63.57
C PHE A 434 -6.53 -4.40 -64.09
N ASN A 435 -6.66 -5.00 -65.28
CA ASN A 435 -5.61 -5.75 -65.97
C ASN A 435 -5.10 -6.91 -65.13
N PHE A 436 -6.06 -7.68 -64.59
CA PHE A 436 -5.70 -8.80 -63.73
C PHE A 436 -5.12 -9.93 -64.56
N VAL A 437 -4.14 -10.62 -63.99
CA VAL A 437 -3.51 -11.73 -64.68
C VAL A 437 -4.35 -12.97 -64.47
N THR A 438 -4.65 -13.67 -65.55
CA THR A 438 -5.30 -14.97 -65.44
C THR A 438 -4.20 -15.98 -65.18
N LEU A 439 -3.94 -16.25 -63.92
CA LEU A 439 -2.90 -17.19 -63.55
C LEU A 439 -3.35 -18.59 -63.91
N PRO A 440 -2.51 -19.39 -64.55
CA PRO A 440 -2.93 -20.73 -64.96
C PRO A 440 -2.79 -21.72 -63.81
N LEU A 441 -3.28 -22.93 -64.08
CA LEU A 441 -3.21 -24.02 -63.11
C LEU A 441 -3.20 -25.32 -63.90
N VAL A 442 -2.09 -26.05 -63.80
CA VAL A 442 -1.99 -27.29 -64.55
C VAL A 442 -2.55 -28.43 -63.71
N SER A 443 -2.72 -29.58 -64.35
CA SER A 443 -3.10 -30.88 -63.77
C SER A 443 -4.50 -30.90 -63.17
N MET A 444 -5.35 -29.93 -63.51
CA MET A 444 -6.76 -30.02 -63.17
C MET A 444 -7.60 -29.54 -64.34
N ASP A 445 -8.81 -30.10 -64.43
CA ASP A 445 -9.71 -29.86 -65.55
C ASP A 445 -10.68 -28.74 -65.17
N LEU A 446 -10.18 -27.53 -65.22
CA LEU A 446 -10.91 -26.33 -64.83
C LEU A 446 -10.88 -25.33 -65.98
N PRO A 447 -11.85 -24.42 -66.04
CA PRO A 447 -11.78 -23.32 -67.01
C PRO A 447 -10.62 -22.38 -66.70
N ASP A 448 -10.29 -21.57 -67.71
CA ASP A 448 -9.06 -20.78 -67.67
C ASP A 448 -9.16 -19.67 -66.65
N ASN A 449 -10.22 -18.87 -66.70
CA ASN A 449 -10.36 -17.73 -65.81
C ASN A 449 -10.96 -18.14 -64.46
N THR A 450 -10.39 -19.16 -63.84
CA THR A 450 -10.88 -19.61 -62.55
C THR A 450 -10.24 -18.83 -61.43
N VAL A 451 -8.96 -18.49 -61.57
CA VAL A 451 -8.26 -17.62 -60.65
C VAL A 451 -7.71 -16.43 -61.42
N LEU A 452 -7.91 -15.23 -60.87
CA LEU A 452 -7.42 -14.00 -61.46
C LEU A 452 -6.52 -13.29 -60.45
N CYS A 453 -5.43 -12.75 -60.96
CA CYS A 453 -4.29 -12.39 -60.14
C CYS A 453 -3.88 -10.96 -60.40
N THR A 454 -3.51 -10.26 -59.33
CA THR A 454 -3.05 -8.88 -59.45
C THR A 454 -1.70 -8.85 -60.14
N PRO A 455 -1.51 -7.99 -61.14
CA PRO A 455 -0.18 -7.85 -61.77
C PRO A 455 0.85 -7.35 -60.77
N ASN A 456 2.08 -7.85 -60.95
CA ASN A 456 3.17 -7.77 -59.97
C ASN A 456 2.71 -8.27 -58.60
N ILE A 457 2.38 -9.56 -58.55
CA ILE A 457 1.99 -10.16 -57.29
C ILE A 457 3.19 -10.64 -56.48
N SER A 458 4.35 -10.81 -57.12
CA SER A 458 5.52 -11.31 -56.42
C SER A 458 6.12 -10.28 -55.47
N GLU A 459 6.02 -9.00 -55.83
CA GLU A 459 6.52 -7.94 -54.98
C GLU A 459 5.52 -7.51 -53.91
N SER A 460 4.26 -7.90 -54.06
CA SER A 460 3.22 -7.42 -53.16
C SER A 460 3.36 -8.07 -51.78
N ASN A 461 3.28 -7.24 -50.74
CA ASN A 461 3.45 -7.76 -49.38
C ASN A 461 2.14 -8.31 -48.83
N THR A 462 1.13 -7.46 -48.68
CA THR A 462 -0.14 -7.86 -48.07
C THR A 462 -1.10 -8.29 -49.17
N ILE A 463 -1.37 -9.58 -49.23
CA ILE A 463 -2.24 -10.16 -50.25
C ILE A 463 -3.48 -10.70 -49.58
N ILE A 464 -4.64 -10.35 -50.12
CA ILE A 464 -5.93 -10.81 -49.65
C ILE A 464 -6.55 -11.65 -50.75
N ILE A 465 -7.26 -12.69 -50.33
CA ILE A 465 -7.86 -13.65 -51.24
C ILE A 465 -9.36 -13.51 -51.13
N VAL A 466 -10.04 -13.41 -52.26
CA VAL A 466 -11.49 -13.44 -52.31
C VAL A 466 -11.92 -14.71 -53.04
N VAL A 467 -12.82 -15.45 -52.42
CA VAL A 467 -13.36 -16.69 -52.98
C VAL A 467 -14.85 -16.49 -53.17
N HIS A 468 -15.35 -16.85 -54.33
CA HIS A 468 -16.76 -16.61 -54.59
C HIS A 468 -17.27 -17.58 -55.63
N ASP A 469 -18.56 -17.84 -55.56
CA ASP A 469 -19.25 -18.53 -56.62
C ASP A 469 -19.68 -17.53 -57.67
N THR A 470 -20.44 -17.97 -58.67
CA THR A 470 -21.03 -17.05 -59.62
C THR A 470 -22.08 -16.21 -58.92
N SER A 471 -22.02 -14.90 -59.13
CA SER A 471 -22.81 -13.95 -58.36
C SER A 471 -24.29 -14.04 -58.73
N ASP A 472 -25.13 -13.42 -57.90
CA ASP A 472 -26.54 -13.72 -57.93
C ASP A 472 -27.25 -13.03 -59.10
N ILE A 473 -28.43 -13.58 -59.41
CA ILE A 473 -29.25 -13.16 -60.54
C ILE A 473 -30.60 -12.74 -60.00
N TRP A 474 -30.97 -11.48 -60.23
CA TRP A 474 -32.30 -10.99 -59.90
C TRP A 474 -33.09 -10.83 -61.18
N ALA A 475 -34.26 -11.46 -61.22
CA ALA A 475 -35.10 -11.42 -62.41
C ALA A 475 -36.42 -10.73 -62.11
N LYS A 476 -37.22 -10.56 -63.17
CA LYS A 476 -38.51 -9.91 -63.08
C LYS A 476 -39.58 -10.80 -63.70
N ARG A 477 -40.61 -11.09 -62.94
CA ARG A 477 -41.79 -11.77 -63.46
C ARG A 477 -42.62 -10.75 -64.24
N ASN A 478 -43.11 -11.12 -65.42
CA ASN A 478 -44.04 -10.23 -66.09
C ASN A 478 -45.38 -10.29 -65.37
N VAL A 479 -45.96 -9.13 -65.12
CA VAL A 479 -47.02 -9.06 -64.13
C VAL A 479 -48.36 -9.46 -64.71
N ILE A 480 -48.48 -9.50 -66.04
CA ILE A 480 -49.78 -9.79 -66.63
C ILE A 480 -50.12 -11.26 -66.49
N SER A 481 -49.17 -12.15 -66.76
CA SER A 481 -49.43 -13.59 -66.71
C SER A 481 -48.12 -14.33 -66.53
N GLY A 482 -47.98 -15.06 -65.43
CA GLY A 482 -47.07 -16.18 -65.47
C GLY A 482 -45.59 -15.91 -65.34
N THR A 483 -44.91 -15.93 -66.49
CA THR A 483 -43.52 -16.34 -66.61
C THR A 483 -42.54 -15.28 -66.13
N ILE A 484 -41.28 -15.52 -66.43
CA ILE A 484 -40.17 -14.65 -66.07
C ILE A 484 -39.56 -14.07 -67.33
N ASP A 485 -39.31 -12.77 -67.34
CA ASP A 485 -38.50 -12.17 -68.38
C ASP A 485 -37.04 -12.36 -68.03
N LEU A 486 -36.28 -12.99 -68.90
CA LEU A 486 -34.87 -13.14 -68.64
C LEU A 486 -34.07 -11.93 -69.08
N SER A 487 -34.55 -11.19 -70.09
CA SER A 487 -33.77 -10.07 -70.60
C SER A 487 -33.76 -8.91 -69.63
N SER A 488 -34.76 -8.81 -68.78
CA SER A 488 -34.85 -7.72 -67.80
C SER A 488 -34.32 -8.15 -66.45
N SER A 489 -33.27 -8.97 -66.43
CA SER A 489 -32.67 -9.43 -65.20
C SER A 489 -31.30 -8.80 -65.04
N VAL A 490 -30.76 -8.92 -63.83
CA VAL A 490 -29.57 -8.19 -63.44
C VAL A 490 -28.63 -9.08 -62.65
N ILE A 491 -27.35 -8.99 -62.98
CA ILE A 491 -26.28 -9.63 -62.21
C ILE A 491 -25.94 -8.71 -61.05
N ILE A 492 -25.84 -9.28 -59.85
CA ILE A 492 -25.51 -8.52 -58.67
C ILE A 492 -24.11 -8.94 -58.26
N ASP A 493 -23.11 -8.16 -58.64
CA ASP A 493 -21.76 -8.39 -58.15
C ASP A 493 -21.70 -8.15 -56.66
N ASN A 494 -20.89 -8.94 -55.97
CA ASN A 494 -20.84 -8.89 -54.53
C ASN A 494 -19.45 -8.65 -53.99
N SER A 495 -18.42 -9.11 -54.68
CA SER A 495 -17.06 -8.98 -54.18
C SER A 495 -16.42 -7.64 -54.51
N LEU A 496 -16.95 -6.94 -55.52
CA LEU A 496 -16.20 -5.89 -56.20
C LEU A 496 -15.88 -4.71 -55.30
N ASP A 497 -16.73 -4.44 -54.30
CA ASP A 497 -16.44 -3.40 -53.33
C ASP A 497 -15.24 -3.76 -52.47
N PHE A 498 -15.15 -5.02 -52.04
CA PHE A 498 -13.98 -5.49 -51.31
C PHE A 498 -12.75 -5.42 -52.18
N ILE A 499 -12.90 -5.77 -53.47
CA ILE A 499 -11.78 -5.76 -54.40
C ILE A 499 -11.28 -4.34 -54.61
N LYS A 500 -12.20 -3.39 -54.77
CA LYS A 500 -11.81 -2.01 -54.99
C LYS A 500 -11.19 -1.41 -53.74
N TRP A 501 -11.74 -1.75 -52.57
CA TRP A 501 -11.17 -1.24 -51.33
C TRP A 501 -9.79 -1.83 -51.08
N GLY A 502 -9.55 -3.05 -51.53
CA GLY A 502 -8.21 -3.60 -51.45
C GLY A 502 -7.27 -2.98 -52.47
N LEU A 503 -7.80 -2.65 -53.65
CA LEU A 503 -6.94 -2.14 -54.72
C LEU A 503 -6.50 -0.72 -54.44
N ASP A 504 -7.37 0.10 -53.85
CA ASP A 504 -6.98 1.50 -53.64
C ASP A 504 -6.05 1.68 -52.45
N ARG A 505 -5.74 0.62 -51.70
CA ARG A 505 -4.76 0.70 -50.64
C ARG A 505 -3.49 -0.08 -50.98
N LYS A 506 -3.36 -0.50 -52.24
CA LYS A 506 -2.18 -1.17 -52.79
C LYS A 506 -1.88 -2.48 -52.04
N TYR A 507 -2.86 -3.37 -52.04
CA TYR A 507 -2.72 -4.70 -51.50
C TYR A 507 -2.69 -5.70 -52.65
N GLY A 508 -2.07 -6.85 -52.42
CA GLY A 508 -2.18 -7.94 -53.36
C GLY A 508 -3.59 -8.48 -53.32
N ILE A 509 -4.20 -8.67 -54.49
CA ILE A 509 -5.58 -9.09 -54.57
C ILE A 509 -5.67 -10.29 -55.48
N ILE A 510 -6.10 -11.44 -54.95
CA ILE A 510 -6.29 -12.64 -55.75
C ILE A 510 -7.75 -13.08 -55.63
N ASP A 511 -8.36 -13.43 -56.77
CA ASP A 511 -9.74 -13.85 -56.83
C ASP A 511 -9.83 -15.28 -57.34
N VAL A 512 -10.70 -16.08 -56.74
CA VAL A 512 -11.06 -17.38 -57.28
C VAL A 512 -12.57 -17.51 -57.36
N ASN A 513 -13.02 -18.16 -58.42
CA ASN A 513 -14.43 -18.47 -58.63
C ASN A 513 -14.63 -19.98 -58.64
N ILE A 514 -15.73 -20.40 -58.05
CA ILE A 514 -16.08 -21.81 -58.04
C ILE A 514 -17.50 -21.94 -58.56
N PRO A 515 -17.68 -22.51 -59.75
CA PRO A 515 -19.02 -22.71 -60.28
C PRO A 515 -19.78 -23.75 -59.47
N LEU A 516 -21.09 -23.71 -59.60
CA LEU A 516 -21.95 -24.66 -58.93
C LEU A 516 -22.32 -25.77 -59.89
N THR A 517 -22.40 -26.99 -59.37
CA THR A 517 -22.77 -28.12 -60.19
C THR A 517 -24.29 -28.25 -60.28
N LEU A 518 -24.75 -28.71 -61.43
CA LEU A 518 -26.15 -28.68 -61.75
C LEU A 518 -26.90 -29.82 -61.08
N PHE A 519 -28.17 -29.54 -60.74
CA PHE A 519 -29.13 -30.52 -60.21
C PHE A 519 -28.65 -31.18 -58.92
N GLU A 520 -28.00 -30.38 -58.08
CA GLU A 520 -27.51 -30.85 -56.80
C GLU A 520 -28.12 -30.00 -55.69
N PRO A 521 -28.67 -30.61 -54.65
CA PRO A 521 -29.21 -29.79 -53.54
C PRO A 521 -28.13 -29.04 -52.79
N ASP A 522 -27.01 -29.69 -52.50
CA ASP A 522 -25.83 -29.02 -52.00
C ASP A 522 -24.73 -29.16 -53.03
N ASN A 523 -23.80 -28.20 -53.06
CA ASN A 523 -22.71 -28.24 -54.03
C ASN A 523 -21.52 -29.00 -53.44
N TYR A 524 -21.78 -30.26 -53.13
CA TYR A 524 -20.82 -31.11 -52.44
C TYR A 524 -19.57 -31.35 -53.30
N SER A 525 -19.78 -31.74 -54.56
CA SER A 525 -18.67 -31.87 -55.49
C SER A 525 -17.98 -30.53 -55.75
N GLY A 526 -18.74 -29.44 -55.67
CA GLY A 526 -18.12 -28.13 -55.74
C GLY A 526 -17.26 -27.84 -54.54
N MET A 527 -17.68 -28.32 -53.36
CA MET A 527 -16.84 -28.20 -52.16
C MET A 527 -15.56 -29.00 -52.33
N ILE A 528 -15.66 -30.17 -52.95
CA ILE A 528 -14.48 -30.98 -53.26
C ILE A 528 -13.55 -30.23 -54.20
N THR A 529 -14.14 -29.60 -55.23
CA THR A 529 -13.36 -28.85 -56.21
C THR A 529 -12.65 -27.67 -55.57
N SER A 530 -13.33 -27.02 -54.62
CA SER A 530 -12.75 -25.86 -53.96
C SER A 530 -11.61 -26.28 -53.05
N GLN A 531 -11.78 -27.40 -52.32
CA GLN A 531 -10.71 -27.94 -51.50
C GLN A 531 -9.49 -28.27 -52.35
N GLU A 532 -9.73 -28.89 -53.51
CA GLU A 532 -8.65 -29.25 -54.42
C GLU A 532 -7.89 -28.03 -54.88
N VAL A 533 -8.61 -27.03 -55.39
CA VAL A 533 -7.94 -25.88 -55.98
C VAL A 533 -7.28 -25.03 -54.91
N LEU A 534 -7.86 -24.97 -53.70
CA LEU A 534 -7.26 -24.18 -52.63
C LEU A 534 -5.96 -24.79 -52.15
N ILE A 535 -5.95 -26.11 -51.95
CA ILE A 535 -4.72 -26.79 -51.55
C ILE A 535 -3.67 -26.66 -52.63
N TYR A 536 -4.11 -26.72 -53.90
CA TYR A 536 -3.22 -26.56 -55.03
C TYR A 536 -2.56 -25.18 -55.05
N LEU A 537 -3.37 -24.13 -54.93
CA LEU A 537 -2.82 -22.79 -55.05
C LEU A 537 -1.99 -22.42 -53.83
N TRP A 538 -2.29 -22.99 -52.68
CA TRP A 538 -1.45 -22.75 -51.52
C TRP A 538 -0.11 -23.43 -51.68
N ASP A 539 -0.09 -24.63 -52.24
CA ASP A 539 1.17 -25.35 -52.38
C ASP A 539 2.02 -24.77 -53.50
N ASN A 540 1.43 -24.49 -54.67
CA ASN A 540 2.23 -24.16 -55.83
C ASN A 540 2.75 -22.74 -55.81
N TYR A 541 2.03 -21.81 -55.20
CA TYR A 541 2.41 -20.43 -55.39
C TYR A 541 2.74 -19.69 -54.11
N ILE A 542 1.93 -19.88 -53.06
CA ILE A 542 2.03 -19.03 -51.88
C ILE A 542 3.23 -19.40 -51.02
N LYS A 543 3.59 -20.69 -50.98
CA LYS A 543 4.74 -21.12 -50.21
C LYS A 543 6.05 -20.59 -50.78
N TYR A 544 6.08 -20.23 -52.06
CA TYR A 544 7.30 -19.87 -52.73
C TYR A 544 7.51 -18.37 -52.85
N PHE A 545 6.58 -17.56 -52.39
CA PHE A 545 6.70 -16.12 -52.57
C PHE A 545 7.69 -15.53 -51.56
N PRO A 546 8.65 -14.74 -52.02
CA PRO A 546 9.64 -14.15 -51.10
C PRO A 546 9.05 -13.08 -50.19
N SER A 547 8.39 -12.09 -50.78
CA SER A 547 7.82 -10.97 -50.03
C SER A 547 6.35 -11.28 -49.79
N VAL A 548 6.04 -11.84 -48.63
CA VAL A 548 4.67 -12.14 -48.28
C VAL A 548 4.51 -12.05 -46.76
N ALA A 549 3.45 -11.37 -46.32
CA ALA A 549 3.11 -11.25 -44.91
C ALA A 549 1.65 -10.83 -44.83
N LYS A 550 1.02 -11.17 -43.70
CA LYS A 550 -0.30 -10.67 -43.29
C LYS A 550 -1.38 -10.97 -44.34
N ILE A 551 -1.62 -12.24 -44.54
CA ILE A 551 -2.59 -12.69 -45.52
C ILE A 551 -3.96 -12.73 -44.86
N ALA A 552 -5.01 -12.40 -45.63
CA ALA A 552 -6.37 -12.51 -45.16
C ALA A 552 -7.22 -13.14 -46.24
N PHE A 553 -8.35 -13.69 -45.83
CA PHE A 553 -9.24 -14.41 -46.73
C PHE A 553 -10.65 -13.86 -46.62
N ILE A 554 -11.35 -13.81 -47.75
CA ILE A 554 -12.67 -13.19 -47.85
C ILE A 554 -13.63 -14.27 -48.32
N GLY A 555 -14.41 -14.83 -47.40
CA GLY A 555 -15.35 -15.88 -47.76
C GLY A 555 -16.71 -15.32 -48.10
N ILE A 556 -17.30 -15.84 -49.17
CA ILE A 556 -18.60 -15.38 -49.66
C ILE A 556 -19.48 -16.57 -49.98
N GLY A 557 -20.61 -16.68 -49.28
CA GLY A 557 -21.67 -17.60 -49.63
C GLY A 557 -21.39 -19.04 -49.29
N ASP A 558 -21.26 -19.89 -50.30
CA ASP A 558 -20.74 -21.23 -50.13
C ASP A 558 -19.23 -21.16 -50.31
N SER A 559 -18.58 -22.33 -50.46
CA SER A 559 -17.16 -22.47 -50.77
C SER A 559 -16.26 -21.89 -49.70
N TYR A 560 -16.80 -21.68 -48.50
CA TYR A 560 -15.97 -21.41 -47.34
C TYR A 560 -15.25 -22.66 -46.87
N SER A 561 -15.77 -23.83 -47.29
CA SER A 561 -15.14 -25.10 -46.98
C SER A 561 -13.74 -25.20 -47.57
N GLY A 562 -13.48 -24.50 -48.67
CA GLY A 562 -12.14 -24.43 -49.20
C GLY A 562 -11.16 -23.79 -48.24
N ILE A 563 -11.56 -22.68 -47.63
CA ILE A 563 -10.67 -22.03 -46.66
C ILE A 563 -10.60 -22.84 -45.37
N VAL A 564 -11.70 -23.49 -44.98
CA VAL A 564 -11.70 -24.30 -43.77
C VAL A 564 -10.76 -25.49 -43.93
N HIS A 565 -10.82 -26.16 -45.08
CA HIS A 565 -9.93 -27.27 -45.36
C HIS A 565 -8.49 -26.81 -45.54
N LEU A 566 -8.28 -25.59 -46.05
CA LEU A 566 -6.92 -25.06 -46.12
C LEU A 566 -6.37 -24.77 -44.73
N LEU A 567 -7.23 -24.30 -43.82
CA LEU A 567 -6.78 -24.07 -42.46
C LEU A 567 -6.51 -25.39 -41.74
N GLY A 568 -7.31 -26.40 -42.01
CA GLY A 568 -7.17 -27.67 -41.34
C GLY A 568 -6.00 -28.50 -41.81
N HIS A 569 -5.97 -28.84 -43.09
CA HIS A 569 -5.02 -29.84 -43.57
C HIS A 569 -3.61 -29.29 -43.78
N ARG A 570 -3.41 -27.99 -43.58
CA ARG A 570 -2.06 -27.46 -43.51
C ARG A 570 -1.90 -26.67 -42.23
N ASP A 571 -0.79 -25.96 -42.11
CA ASP A 571 -0.62 -24.94 -41.07
C ASP A 571 -0.01 -23.72 -41.74
N THR A 572 -0.68 -22.58 -41.61
CA THR A 572 -0.20 -21.36 -42.25
C THR A 572 -0.42 -20.14 -41.36
N ARG A 573 -0.65 -20.35 -40.05
CA ARG A 573 -0.99 -19.29 -39.13
C ARG A 573 0.15 -18.32 -38.86
N ALA A 574 1.36 -18.64 -39.29
CA ALA A 574 2.47 -17.71 -39.10
C ALA A 574 2.40 -16.53 -40.05
N VAL A 575 1.80 -16.72 -41.23
CA VAL A 575 1.80 -15.68 -42.25
C VAL A 575 0.41 -15.09 -42.50
N THR A 576 -0.67 -15.88 -42.35
CA THR A 576 -2.01 -15.33 -42.47
C THR A 576 -2.55 -14.98 -41.09
N LYS A 577 -3.51 -14.08 -41.07
CA LYS A 577 -3.88 -13.55 -39.77
C LYS A 577 -5.37 -13.58 -39.47
N THR A 578 -6.24 -13.35 -40.46
CA THR A 578 -7.65 -13.18 -40.14
C THR A 578 -8.51 -13.57 -41.34
N VAL A 579 -9.44 -14.48 -41.10
CA VAL A 579 -10.41 -14.87 -42.11
C VAL A 579 -11.72 -14.17 -41.80
N ILE A 580 -12.55 -14.00 -42.82
CA ILE A 580 -13.88 -13.44 -42.69
C ILE A 580 -14.80 -14.23 -43.62
N ASN A 581 -16.05 -14.41 -43.21
CA ASN A 581 -16.99 -15.04 -44.12
C ASN A 581 -18.40 -14.53 -43.89
N PHE A 582 -19.08 -14.25 -44.99
CA PHE A 582 -20.52 -14.01 -44.98
C PHE A 582 -21.14 -15.26 -45.58
N LEU A 583 -21.66 -16.12 -44.71
CA LEU A 583 -22.23 -17.38 -45.18
C LEU A 583 -23.55 -17.15 -45.90
N GLY A 584 -24.46 -16.43 -45.27
CA GLY A 584 -25.80 -16.33 -45.80
C GLY A 584 -26.68 -17.39 -45.20
N ASP A 585 -26.91 -18.48 -45.93
CA ASP A 585 -27.93 -19.43 -45.54
C ASP A 585 -27.55 -20.89 -45.72
N LYS A 586 -26.32 -21.20 -46.13
CA LYS A 586 -25.95 -22.58 -46.36
C LYS A 586 -25.63 -23.27 -45.03
N GLN A 587 -25.25 -24.54 -45.11
CA GLN A 587 -24.83 -25.26 -43.92
C GLN A 587 -23.46 -24.77 -43.45
N LEU A 588 -23.25 -24.84 -42.14
CA LEU A 588 -22.05 -24.29 -41.55
C LEU A 588 -20.84 -25.17 -41.86
N LYS A 589 -19.66 -24.63 -41.55
CA LYS A 589 -18.40 -25.28 -41.89
C LYS A 589 -17.63 -25.63 -40.62
N PRO A 590 -17.72 -26.85 -40.12
CA PRO A 590 -16.87 -27.25 -38.99
C PRO A 590 -15.43 -27.39 -39.45
N LEU A 591 -14.50 -27.00 -38.57
CA LEU A 591 -13.08 -27.09 -38.87
C LEU A 591 -12.49 -28.32 -38.20
N VAL A 592 -11.81 -29.14 -38.98
CA VAL A 592 -11.06 -30.30 -38.45
C VAL A 592 -9.61 -29.88 -38.28
N PRO A 593 -9.07 -29.92 -37.08
CA PRO A 593 -7.64 -29.65 -36.90
C PRO A 593 -6.79 -30.91 -37.02
N LEU A 594 -5.78 -30.88 -37.86
CA LEU A 594 -4.91 -32.03 -38.06
C LEU A 594 -3.48 -31.76 -37.64
N VAL A 595 -2.94 -30.60 -37.99
CA VAL A 595 -1.55 -30.31 -37.68
C VAL A 595 -1.39 -30.02 -36.19
N ASP A 596 -2.40 -29.43 -35.56
CA ASP A 596 -2.26 -29.01 -34.17
C ASP A 596 -3.63 -29.11 -33.50
N GLU A 597 -3.69 -28.66 -32.25
CA GLU A 597 -4.94 -28.48 -31.54
C GLU A 597 -5.14 -27.08 -30.98
N THR A 598 -4.07 -26.30 -30.80
CA THR A 598 -4.23 -24.88 -30.52
C THR A 598 -4.60 -24.09 -31.78
N LEU A 599 -4.49 -24.73 -32.95
CA LEU A 599 -4.99 -24.15 -34.19
C LEU A 599 -6.50 -23.93 -34.13
N SER A 600 -7.23 -24.78 -33.42
CA SER A 600 -8.66 -24.55 -33.21
C SER A 600 -8.93 -23.26 -32.44
N GLU A 601 -8.16 -23.02 -31.38
CA GLU A 601 -8.34 -21.80 -30.63
C GLU A 601 -7.91 -20.58 -31.43
N TRP A 602 -6.85 -20.72 -32.21
CA TRP A 602 -6.42 -19.62 -33.08
C TRP A 602 -7.43 -19.33 -34.17
N TYR A 603 -8.11 -20.35 -34.67
CA TYR A 603 -9.19 -20.13 -35.61
C TYR A 603 -10.38 -19.47 -34.95
N PHE A 604 -10.65 -19.81 -33.69
CA PHE A 604 -11.72 -19.12 -32.99
C PHE A 604 -11.37 -17.66 -32.72
N LYS A 605 -10.08 -17.36 -32.60
CA LYS A 605 -9.68 -16.03 -32.20
C LYS A 605 -9.93 -14.99 -33.28
N ASN A 606 -9.24 -15.11 -34.40
CA ASN A 606 -9.31 -14.07 -35.43
C ASN A 606 -10.19 -14.51 -36.60
N SER A 607 -11.50 -14.51 -36.36
CA SER A 607 -12.44 -14.96 -37.37
C SER A 607 -13.83 -14.48 -37.04
N LEU A 608 -14.60 -14.19 -38.08
CA LEU A 608 -16.00 -13.83 -37.92
C LEU A 608 -16.80 -14.40 -39.08
N ILE A 609 -17.94 -14.98 -38.73
CA ILE A 609 -18.87 -15.58 -39.66
C ILE A 609 -20.16 -14.78 -39.55
N PHE A 610 -20.84 -14.55 -40.66
CA PHE A 610 -22.07 -13.77 -40.66
C PHE A 610 -23.19 -14.54 -41.33
N SER A 611 -24.28 -14.76 -40.61
CA SER A 611 -25.35 -15.59 -41.13
C SER A 611 -26.65 -14.80 -41.21
N ASN A 612 -27.70 -15.49 -41.65
CA ASN A 612 -29.02 -14.89 -41.77
C ASN A 612 -29.67 -14.68 -40.42
N ASN A 613 -30.71 -13.85 -40.41
CA ASN A 613 -31.55 -13.75 -39.24
C ASN A 613 -32.53 -14.89 -39.13
N SER A 614 -32.87 -15.52 -40.25
CA SER A 614 -33.83 -16.61 -40.29
C SER A 614 -33.14 -17.93 -40.63
N HIS A 615 -31.96 -18.13 -40.07
CA HIS A 615 -31.24 -19.37 -40.27
C HIS A 615 -31.91 -20.50 -39.48
N GLN A 616 -31.50 -21.73 -39.78
CA GLN A 616 -32.06 -22.90 -39.15
C GLN A 616 -31.71 -22.99 -37.67
N CYS A 617 -30.63 -22.35 -37.23
CA CYS A 617 -30.29 -22.31 -35.82
C CYS A 617 -31.09 -21.20 -35.14
N TRP A 618 -30.67 -20.83 -33.92
CA TRP A 618 -31.30 -19.80 -33.08
C TRP A 618 -32.76 -20.12 -32.78
N LYS A 619 -33.05 -21.40 -32.56
CA LYS A 619 -34.41 -21.82 -32.24
C LYS A 619 -34.44 -22.66 -30.98
N LYS A 625 -24.54 -20.26 -28.15
CA LYS A 625 -25.29 -21.50 -28.36
C LYS A 625 -24.81 -22.45 -29.49
N PRO A 626 -24.19 -21.98 -30.57
CA PRO A 626 -23.45 -22.91 -31.43
C PRO A 626 -22.18 -23.40 -30.76
N ARG A 627 -21.68 -24.53 -31.25
CA ARG A 627 -20.44 -25.09 -30.74
C ARG A 627 -19.25 -24.33 -31.29
N LYS A 628 -18.20 -24.25 -30.49
CA LYS A 628 -16.99 -23.50 -30.82
C LYS A 628 -16.19 -24.07 -31.97
N LYS A 629 -16.52 -25.27 -32.47
CA LYS A 629 -15.77 -25.79 -33.62
C LYS A 629 -16.11 -25.09 -34.92
N PHE A 630 -17.10 -24.19 -34.90
CA PHE A 630 -17.41 -23.38 -36.05
C PHE A 630 -16.78 -21.99 -36.00
N GLY A 631 -16.43 -21.49 -34.83
CA GLY A 631 -15.63 -20.28 -34.77
C GLY A 631 -16.31 -18.94 -34.92
N ARG A 632 -17.12 -18.55 -33.92
CA ARG A 632 -17.62 -17.19 -33.73
C ARG A 632 -18.51 -16.73 -34.90
N VAL A 633 -19.64 -17.42 -35.00
CA VAL A 633 -20.68 -17.00 -35.93
C VAL A 633 -21.44 -15.82 -35.32
N LEU A 634 -22.10 -15.04 -36.19
CA LEU A 634 -22.85 -13.88 -35.76
C LEU A 634 -24.17 -13.80 -36.51
N ARG A 635 -25.25 -13.65 -35.75
CA ARG A 635 -26.59 -13.58 -36.29
C ARG A 635 -26.87 -12.13 -36.65
N CYS A 636 -26.86 -11.83 -37.94
CA CYS A 636 -27.29 -10.51 -38.37
C CYS A 636 -28.80 -10.44 -38.34
N ASP A 637 -29.33 -9.25 -38.65
CA ASP A 637 -30.75 -8.97 -38.45
C ASP A 637 -31.53 -8.84 -39.75
N THR A 638 -30.89 -9.05 -40.89
CA THR A 638 -31.56 -8.96 -42.17
C THR A 638 -31.41 -10.29 -42.92
N ASP A 639 -31.90 -10.32 -44.15
CA ASP A 639 -31.84 -11.51 -44.99
C ASP A 639 -31.11 -11.18 -46.28
N GLY A 640 -30.68 -12.23 -46.98
CA GLY A 640 -29.97 -12.06 -48.23
C GLY A 640 -28.52 -11.66 -48.05
N LEU A 641 -27.65 -12.17 -48.90
CA LEU A 641 -26.23 -11.90 -48.75
C LEU A 641 -25.90 -10.45 -49.08
N ASN A 642 -26.65 -9.86 -50.02
CA ASN A 642 -26.37 -8.50 -50.45
C ASN A 642 -26.61 -7.51 -49.33
N ASN A 643 -27.68 -7.70 -48.58
CA ASN A 643 -28.04 -6.77 -47.51
C ASN A 643 -27.06 -6.85 -46.36
N ILE A 644 -26.61 -8.04 -46.00
CA ILE A 644 -25.67 -8.13 -44.89
C ILE A 644 -24.29 -7.68 -45.32
N ILE A 645 -23.94 -7.85 -46.59
CA ILE A 645 -22.67 -7.31 -47.09
C ILE A 645 -22.69 -5.79 -47.03
N GLU A 646 -23.72 -5.17 -47.61
CA GLU A 646 -23.80 -3.73 -47.60
C GLU A 646 -24.16 -3.16 -46.23
N GLU A 647 -24.52 -4.02 -45.28
CA GLU A 647 -24.75 -3.59 -43.91
C GLU A 647 -23.48 -3.60 -43.08
N ARG A 648 -22.80 -4.74 -43.02
CA ARG A 648 -21.66 -4.89 -42.15
C ARG A 648 -20.34 -4.80 -42.89
N PHE A 649 -20.34 -4.21 -44.10
CA PHE A 649 -19.10 -4.03 -44.84
C PHE A 649 -18.11 -3.17 -44.09
N GLU A 650 -18.60 -2.12 -43.42
CA GLU A 650 -17.73 -1.25 -42.66
C GLU A 650 -17.12 -1.97 -41.46
N GLU A 651 -17.92 -2.78 -40.77
CA GLU A 651 -17.42 -3.51 -39.61
C GLU A 651 -16.38 -4.55 -40.02
N ALA A 652 -16.64 -5.25 -41.12
CA ALA A 652 -15.68 -6.23 -41.60
C ALA A 652 -14.39 -5.58 -42.08
N THR A 653 -14.50 -4.45 -42.80
CA THR A 653 -13.30 -3.82 -43.31
C THR A 653 -12.52 -3.13 -42.20
N ASP A 654 -13.21 -2.73 -41.12
CA ASP A 654 -12.53 -2.22 -39.95
C ASP A 654 -11.82 -3.34 -39.20
N PHE A 655 -12.41 -4.54 -39.18
CA PHE A 655 -11.75 -5.69 -38.57
C PHE A 655 -10.50 -6.07 -39.33
N ILE A 656 -10.56 -5.99 -40.66
CA ILE A 656 -9.38 -6.28 -41.47
C ILE A 656 -8.29 -5.24 -41.21
N LEU A 657 -8.66 -3.97 -41.11
CA LEU A 657 -7.68 -2.96 -40.78
C LEU A 657 -7.19 -3.07 -39.33
N ASP A 658 -8.00 -3.66 -38.46
CA ASP A 658 -7.57 -3.93 -37.10
C ASP A 658 -6.58 -5.08 -37.04
N SER A 659 -6.66 -6.00 -38.02
CA SER A 659 -5.79 -7.16 -38.03
C SER A 659 -4.33 -6.78 -38.26
N PHE A 660 -4.09 -5.80 -39.11
CA PHE A 660 -2.74 -5.42 -39.49
C PHE A 660 -2.17 -4.44 -38.47
N GLU A 661 -1.06 -3.81 -38.83
CA GLU A 661 -0.42 -2.81 -37.98
C GLU A 661 -1.29 -1.57 -37.82
N GLU B 1 -87.45 -18.57 -13.14
CA GLU B 1 -87.19 -19.55 -14.19
C GLU B 1 -85.91 -20.32 -13.93
N ASN B 2 -84.81 -19.58 -13.77
CA ASN B 2 -83.50 -20.19 -13.66
C ASN B 2 -83.31 -20.83 -12.29
N SER B 3 -82.49 -21.89 -12.27
CA SER B 3 -82.02 -22.50 -11.04
C SER B 3 -80.81 -21.79 -10.48
N LEU B 4 -80.13 -20.96 -11.28
CA LEU B 4 -79.03 -20.14 -10.80
C LEU B 4 -79.53 -19.14 -9.78
N SER B 5 -80.35 -18.17 -10.23
CA SER B 5 -81.28 -17.37 -9.44
C SER B 5 -80.73 -16.79 -8.14
N THR B 6 -79.81 -15.83 -8.24
CA THR B 6 -79.14 -15.27 -7.08
C THR B 6 -80.11 -14.60 -6.11
N THR B 7 -79.86 -14.80 -4.82
CA THR B 7 -80.83 -14.41 -3.80
C THR B 7 -80.07 -13.76 -2.65
N SER B 8 -80.01 -12.42 -2.65
CA SER B 8 -79.39 -11.67 -1.56
C SER B 8 -79.99 -10.27 -1.59
N LYS B 9 -80.82 -9.96 -0.60
CA LYS B 9 -81.41 -8.64 -0.46
C LYS B 9 -80.49 -7.81 0.41
N SER B 10 -79.57 -7.09 -0.24
CA SER B 10 -78.65 -6.19 0.42
C SER B 10 -78.14 -5.21 -0.62
N LYS B 11 -77.88 -3.98 -0.19
CA LYS B 11 -77.36 -2.96 -1.09
C LYS B 11 -75.90 -3.28 -1.40
N ARG B 12 -75.61 -3.46 -2.69
CA ARG B 12 -74.24 -3.70 -3.13
C ARG B 12 -73.39 -2.46 -2.90
N GLN B 13 -72.18 -2.67 -2.38
CA GLN B 13 -71.30 -1.54 -2.12
C GLN B 13 -70.73 -1.01 -3.43
N VAL B 14 -70.51 0.31 -3.47
CA VAL B 14 -70.13 0.97 -4.70
C VAL B 14 -68.67 0.64 -5.03
N ILE B 15 -68.40 0.41 -6.31
CA ILE B 15 -67.07 -0.01 -6.74
C ILE B 15 -66.32 1.14 -7.40
N VAL B 16 -66.88 1.66 -8.50
CA VAL B 16 -66.24 2.73 -9.24
C VAL B 16 -67.10 3.97 -9.14
N PRO B 17 -66.52 5.16 -9.31
CA PRO B 17 -67.32 6.37 -9.48
C PRO B 17 -67.53 6.69 -10.95
N VAL B 18 -68.56 7.49 -11.20
CA VAL B 18 -68.89 7.93 -12.56
C VAL B 18 -68.09 9.19 -12.87
N CYS B 19 -67.34 9.15 -13.97
CA CYS B 19 -66.46 10.23 -14.40
C CYS B 19 -66.80 10.60 -15.84
N MET B 20 -66.08 11.58 -16.37
CA MET B 20 -66.20 11.91 -17.77
C MET B 20 -65.59 10.79 -18.62
N PRO B 21 -66.27 10.38 -19.69
CA PRO B 21 -65.73 9.28 -20.50
C PRO B 21 -64.50 9.69 -21.29
N LYS B 22 -63.49 8.83 -21.28
CA LYS B 22 -62.19 9.15 -21.86
C LYS B 22 -62.15 8.84 -23.35
N ILE B 23 -63.01 9.50 -24.09
CA ILE B 23 -62.98 9.43 -25.54
C ILE B 23 -62.77 10.84 -26.06
N HIS B 24 -62.21 10.93 -27.27
CA HIS B 24 -61.97 12.24 -27.87
C HIS B 24 -62.43 12.31 -29.32
N TYR B 25 -63.22 11.35 -29.78
CA TYR B 25 -63.83 11.44 -31.10
C TYR B 25 -65.31 11.16 -30.99
N SER B 26 -66.10 12.00 -31.65
CA SER B 26 -67.54 11.91 -31.87
C SER B 26 -68.43 11.92 -30.62
N PRO B 27 -68.21 12.82 -29.66
CA PRO B 27 -69.36 13.57 -29.14
C PRO B 27 -69.36 14.93 -29.83
N LEU B 28 -68.33 15.15 -30.63
CA LEU B 28 -68.12 16.42 -31.30
C LEU B 28 -68.77 16.39 -32.68
N LYS B 29 -68.66 17.50 -33.40
CA LYS B 29 -69.32 17.66 -34.69
C LYS B 29 -68.27 17.71 -35.80
N THR B 30 -68.73 17.99 -37.01
CA THR B 30 -67.88 18.10 -38.18
C THR B 30 -67.89 19.54 -38.68
N GLY B 31 -66.72 20.13 -38.86
CA GLY B 31 -66.63 21.52 -39.20
C GLY B 31 -66.94 21.75 -40.67
N LEU B 32 -67.59 22.87 -40.95
CA LEU B 32 -67.92 23.26 -42.31
C LEU B 32 -67.44 24.68 -42.53
N CYS B 33 -66.90 24.94 -43.72
CA CYS B 33 -66.49 26.28 -44.10
C CYS B 33 -67.20 26.68 -45.38
N TYR B 34 -67.81 27.86 -45.36
CA TYR B 34 -68.60 28.38 -46.47
C TYR B 34 -68.78 29.88 -46.29
N ASP B 35 -68.72 30.61 -47.39
CA ASP B 35 -69.15 32.00 -47.41
C ASP B 35 -69.57 32.36 -48.83
N VAL B 36 -70.56 33.26 -48.92
CA VAL B 36 -71.03 33.75 -50.20
C VAL B 36 -70.08 34.73 -50.85
N ARG B 37 -69.08 35.21 -50.12
CA ARG B 37 -68.12 36.17 -50.67
C ARG B 37 -67.17 35.55 -51.68
N MET B 38 -67.18 34.23 -51.82
CA MET B 38 -66.47 33.60 -52.91
C MET B 38 -67.25 33.70 -54.22
N ARG B 39 -68.53 34.00 -54.16
CA ARG B 39 -69.34 34.09 -55.37
C ARG B 39 -69.23 35.45 -56.04
N TYR B 40 -68.34 36.32 -55.55
CA TYR B 40 -68.12 37.62 -56.17
C TYR B 40 -67.42 37.47 -57.51
N HIS B 41 -66.50 36.51 -57.59
CA HIS B 41 -65.58 36.38 -58.70
C HIS B 41 -66.24 35.62 -59.84
N ALA B 42 -66.50 36.30 -60.95
CA ALA B 42 -67.13 35.69 -62.11
C ALA B 42 -66.30 36.02 -63.34
N LYS B 43 -66.78 35.58 -64.50
CA LYS B 43 -66.07 35.74 -65.76
C LYS B 43 -66.68 36.87 -66.59
N ILE B 44 -65.83 37.53 -67.37
CA ILE B 44 -66.27 38.57 -68.29
C ILE B 44 -66.62 37.91 -69.61
N PHE B 45 -67.91 37.91 -69.94
CA PHE B 45 -68.36 37.41 -71.25
C PHE B 45 -67.82 38.30 -72.35
N THR B 46 -66.86 37.81 -73.10
CA THR B 46 -66.10 38.65 -74.01
C THR B 46 -66.27 38.27 -75.47
N SER B 47 -66.23 36.97 -75.78
CA SER B 47 -66.23 36.54 -77.18
C SER B 47 -67.57 36.76 -77.82
N TYR B 48 -68.60 36.08 -77.32
CA TYR B 48 -69.96 36.25 -77.80
C TYR B 48 -70.87 35.82 -76.67
N PHE B 49 -72.15 35.66 -76.98
CA PHE B 49 -73.13 35.12 -76.03
C PHE B 49 -72.85 33.64 -75.89
N GLU B 50 -71.87 33.33 -75.03
CA GLU B 50 -71.46 31.96 -74.74
C GLU B 50 -72.14 31.41 -73.51
N TYR B 51 -73.37 31.85 -73.24
CA TYR B 51 -74.06 31.43 -72.03
C TYR B 51 -74.54 29.99 -72.12
N ILE B 52 -74.69 29.45 -73.34
CA ILE B 52 -75.11 28.05 -73.47
C ILE B 52 -73.97 27.13 -73.07
N ASP B 53 -72.74 27.52 -73.38
CA ASP B 53 -71.55 26.83 -72.93
C ASP B 53 -70.75 27.70 -71.96
N PRO B 54 -71.15 27.75 -70.69
CA PRO B 54 -70.36 28.48 -69.71
C PRO B 54 -69.09 27.74 -69.39
N HIS B 55 -68.08 28.48 -68.93
CA HIS B 55 -66.90 27.80 -68.42
C HIS B 55 -67.31 27.12 -67.13
N PRO B 56 -66.95 25.86 -66.94
CA PRO B 56 -67.45 25.11 -65.78
C PRO B 56 -66.85 25.49 -64.42
N GLU B 57 -66.11 26.59 -64.34
CA GLU B 57 -65.73 27.18 -63.06
C GLU B 57 -66.61 28.40 -62.82
N ASP B 58 -67.71 28.19 -62.11
CA ASP B 58 -68.74 29.19 -61.84
C ASP B 58 -69.12 29.10 -60.37
N PRO B 59 -69.68 30.19 -59.79
CA PRO B 59 -69.97 30.18 -58.35
C PRO B 59 -71.08 29.23 -57.92
N ARG B 60 -71.89 28.68 -58.81
CA ARG B 60 -73.10 28.00 -58.34
C ARG B 60 -72.87 26.57 -57.88
N ARG B 61 -71.66 26.02 -58.05
CA ARG B 61 -71.38 24.65 -57.63
C ARG B 61 -71.45 24.52 -56.12
N ILE B 62 -70.87 25.50 -55.42
CA ILE B 62 -70.95 25.54 -53.97
C ILE B 62 -72.39 25.66 -53.52
N TYR B 63 -73.21 26.36 -54.29
CA TYR B 63 -74.62 26.45 -53.97
C TYR B 63 -75.32 25.11 -54.17
N ARG B 64 -74.89 24.34 -55.17
CA ARG B 64 -75.45 23.00 -55.37
C ARG B 64 -75.10 22.09 -54.20
N ILE B 65 -73.85 22.17 -53.73
CA ILE B 65 -73.40 21.34 -52.62
C ILE B 65 -74.14 21.71 -51.35
N TYR B 66 -74.23 23.01 -51.08
CA TYR B 66 -74.94 23.50 -49.90
C TYR B 66 -76.42 23.18 -49.97
N LYS B 67 -76.96 23.15 -51.18
CA LYS B 67 -78.34 22.75 -51.39
C LYS B 67 -78.54 21.29 -51.04
N ILE B 68 -77.60 20.43 -51.45
CA ILE B 68 -77.77 19.00 -51.23
C ILE B 68 -77.66 18.70 -49.74
N LEU B 69 -76.67 19.32 -49.08
CA LEU B 69 -76.46 19.09 -47.65
C LEU B 69 -77.65 19.58 -46.83
N ALA B 70 -78.25 20.69 -47.24
CA ALA B 70 -79.49 21.06 -46.57
C ALA B 70 -80.63 20.14 -46.96
N GLU B 71 -80.60 19.61 -48.17
CA GLU B 71 -81.67 18.76 -48.68
C GLU B 71 -81.66 17.37 -48.10
N ASN B 72 -80.60 16.96 -47.41
CA ASN B 72 -80.60 15.65 -46.79
C ASN B 72 -80.54 15.72 -45.27
N GLY B 73 -81.16 16.75 -44.70
CA GLY B 73 -81.34 16.80 -43.27
C GLY B 73 -80.10 17.07 -42.46
N LEU B 74 -79.03 17.54 -43.09
CA LEU B 74 -77.82 17.84 -42.34
C LEU B 74 -77.83 19.25 -41.82
N ILE B 75 -78.15 20.21 -42.68
CA ILE B 75 -78.16 21.62 -42.33
C ILE B 75 -79.58 22.02 -42.01
N ASN B 76 -79.76 22.73 -40.89
CA ASN B 76 -81.06 23.29 -40.54
C ASN B 76 -81.16 24.76 -40.92
N ASP B 77 -80.45 25.18 -41.97
CA ASP B 77 -80.53 26.54 -42.46
C ASP B 77 -81.37 26.59 -43.73
N PRO B 78 -82.60 27.10 -43.67
CA PRO B 78 -83.45 27.07 -44.86
C PRO B 78 -83.03 28.08 -45.91
N THR B 79 -82.60 29.26 -45.49
CA THR B 79 -82.39 30.38 -46.41
C THR B 79 -81.14 30.25 -47.26
N LEU B 80 -80.27 29.27 -46.97
CA LEU B 80 -79.05 28.99 -47.72
C LEU B 80 -78.10 30.18 -47.75
N SER B 81 -78.08 30.93 -46.65
CA SER B 81 -77.05 31.90 -46.37
C SER B 81 -76.26 31.45 -45.16
N GLY B 82 -75.04 31.97 -45.04
CA GLY B 82 -74.18 31.56 -43.95
C GLY B 82 -74.66 32.03 -42.60
N VAL B 83 -75.19 31.12 -41.80
CA VAL B 83 -75.59 31.40 -40.43
C VAL B 83 -74.68 30.62 -39.49
N ASP B 84 -74.84 30.81 -38.19
CA ASP B 84 -74.05 30.08 -37.22
C ASP B 84 -74.78 28.88 -36.64
N ASP B 85 -76.08 29.00 -36.43
CA ASP B 85 -76.88 27.89 -35.92
C ASP B 85 -77.11 26.93 -37.06
N LEU B 86 -76.32 25.87 -37.13
CA LEU B 86 -76.54 24.87 -38.16
C LEU B 86 -77.37 23.73 -37.61
N GLY B 87 -77.18 23.37 -36.34
CA GLY B 87 -77.91 22.28 -35.75
C GLY B 87 -77.14 21.45 -34.76
N ASP B 88 -77.07 20.14 -34.99
CA ASP B 88 -76.47 19.22 -34.03
C ASP B 88 -75.38 18.34 -34.61
N LEU B 89 -75.31 18.17 -35.92
CA LEU B 89 -74.30 17.28 -36.50
C LEU B 89 -73.07 18.02 -36.95
N MET B 90 -73.18 19.33 -37.20
CA MET B 90 -72.07 20.09 -37.73
C MET B 90 -71.99 21.42 -37.01
N LEU B 91 -70.88 22.10 -37.20
CA LEU B 91 -70.65 23.44 -36.67
C LEU B 91 -70.12 24.30 -37.80
N LYS B 92 -70.78 25.42 -38.05
CA LYS B 92 -70.29 26.33 -39.06
C LYS B 92 -69.04 27.03 -38.54
N ILE B 93 -67.95 26.90 -39.27
CA ILE B 93 -66.75 27.64 -38.93
C ILE B 93 -66.82 28.97 -39.65
N PRO B 94 -66.52 30.07 -38.98
CA PRO B 94 -66.39 31.35 -39.68
C PRO B 94 -65.16 31.39 -40.58
N VAL B 95 -64.99 32.48 -41.32
CA VAL B 95 -63.90 32.57 -42.27
C VAL B 95 -63.46 34.02 -42.37
N ARG B 96 -62.15 34.25 -42.38
CA ARG B 96 -61.58 35.54 -42.70
C ARG B 96 -60.57 35.34 -43.82
N ALA B 97 -60.26 36.43 -44.51
CA ALA B 97 -59.37 36.30 -45.65
C ALA B 97 -57.92 36.19 -45.20
N ALA B 98 -57.07 35.82 -46.14
CA ALA B 98 -55.65 35.65 -45.86
C ALA B 98 -54.95 36.99 -45.86
N THR B 99 -54.10 37.22 -44.86
CA THR B 99 -53.31 38.43 -44.85
C THR B 99 -52.12 38.29 -45.78
N SER B 100 -51.33 39.35 -45.87
CA SER B 100 -50.15 39.32 -46.73
C SER B 100 -49.07 38.45 -46.12
N GLU B 101 -48.97 38.46 -44.79
CA GLU B 101 -47.84 37.84 -44.09
C GLU B 101 -47.86 36.33 -44.28
N GLU B 102 -49.04 35.73 -44.17
CA GLU B 102 -49.15 34.29 -44.37
C GLU B 102 -49.09 33.92 -45.85
N ILE B 103 -49.47 34.83 -46.74
CA ILE B 103 -49.48 34.51 -48.16
C ILE B 103 -48.14 34.75 -48.83
N LEU B 104 -47.23 35.49 -48.21
CA LEU B 104 -45.89 35.62 -48.74
C LEU B 104 -44.98 34.48 -48.30
N GLU B 105 -45.49 33.56 -47.50
CA GLU B 105 -44.68 32.47 -46.97
C GLU B 105 -44.24 31.52 -48.08
N VAL B 106 -45.14 31.23 -49.02
CA VAL B 106 -44.83 30.37 -50.14
C VAL B 106 -44.82 31.12 -51.46
N HIS B 107 -45.54 32.23 -51.57
CA HIS B 107 -45.60 32.99 -52.80
C HIS B 107 -44.67 34.19 -52.72
N THR B 108 -44.23 34.66 -53.88
CA THR B 108 -43.22 35.70 -53.96
C THR B 108 -43.84 37.10 -53.89
N LYS B 109 -42.95 38.09 -53.78
CA LYS B 109 -43.39 39.48 -53.76
C LYS B 109 -43.98 39.89 -55.10
N GLU B 110 -43.38 39.43 -56.20
CA GLU B 110 -43.74 39.87 -57.53
C GLU B 110 -45.14 39.39 -57.90
N HIS B 111 -45.47 38.16 -57.54
CA HIS B 111 -46.81 37.64 -57.79
C HIS B 111 -47.86 38.39 -56.98
N LEU B 112 -47.51 38.79 -55.75
CA LEU B 112 -48.46 39.52 -54.92
C LEU B 112 -48.67 40.94 -55.45
N GLU B 113 -47.61 41.57 -55.93
CA GLU B 113 -47.77 42.88 -56.57
C GLU B 113 -48.55 42.77 -57.86
N PHE B 114 -48.39 41.68 -58.59
CA PHE B 114 -49.15 41.45 -59.82
C PHE B 114 -50.63 41.32 -59.53
N ILE B 115 -50.99 40.48 -58.56
CA ILE B 115 -52.41 40.29 -58.26
C ILE B 115 -52.99 41.50 -57.56
N GLU B 116 -52.16 42.28 -56.86
CA GLU B 116 -52.65 43.49 -56.23
C GLU B 116 -52.86 44.60 -57.26
N SER B 117 -52.05 44.62 -58.32
CA SER B 117 -52.23 45.61 -59.36
C SER B 117 -53.38 45.26 -60.28
N THR B 118 -53.68 43.98 -60.47
CA THR B 118 -54.74 43.59 -61.39
C THR B 118 -56.14 43.74 -60.82
N GLU B 119 -56.29 44.31 -59.62
CA GLU B 119 -57.63 44.53 -59.07
C GLU B 119 -58.36 45.64 -59.82
N LYS B 120 -57.71 46.80 -59.98
CA LYS B 120 -58.35 48.00 -60.49
C LYS B 120 -57.86 48.36 -61.88
N MET B 121 -57.70 47.37 -62.74
CA MET B 121 -57.27 47.61 -64.11
C MET B 121 -58.45 48.07 -64.97
N SER B 122 -58.22 48.17 -66.27
CA SER B 122 -59.26 48.52 -67.22
C SER B 122 -60.04 47.28 -67.61
N ARG B 123 -60.89 47.40 -68.62
CA ARG B 123 -61.50 46.22 -69.20
C ARG B 123 -60.50 45.51 -70.11
N GLU B 124 -59.88 46.26 -71.02
CA GLU B 124 -59.02 45.67 -72.03
C GLU B 124 -57.71 45.16 -71.44
N GLU B 125 -57.22 45.77 -70.36
CA GLU B 125 -56.02 45.26 -69.71
C GLU B 125 -56.27 43.91 -69.04
N LEU B 126 -57.44 43.75 -68.41
CA LEU B 126 -57.81 42.47 -67.84
C LEU B 126 -58.01 41.42 -68.92
N LEU B 127 -58.56 41.82 -70.07
CA LEU B 127 -58.70 40.87 -71.18
C LEU B 127 -57.34 40.47 -71.75
N LYS B 128 -56.40 41.42 -71.80
CA LYS B 128 -55.07 41.12 -72.31
C LYS B 128 -54.29 40.21 -71.38
N GLU B 129 -54.42 40.41 -70.06
CA GLU B 129 -53.77 39.49 -69.15
C GLU B 129 -54.49 38.15 -69.07
N THR B 130 -55.79 38.11 -69.36
CA THR B 130 -56.49 36.85 -69.46
C THR B 130 -56.00 36.03 -70.65
N GLU B 131 -55.83 36.66 -71.81
CA GLU B 131 -55.26 35.92 -72.93
C GLU B 131 -53.76 35.71 -72.79
N LYS B 132 -53.10 36.43 -71.87
CA LYS B 132 -51.67 36.24 -71.70
C LYS B 132 -51.35 34.94 -70.97
N GLY B 133 -52.13 34.60 -69.94
CA GLY B 133 -51.85 33.45 -69.12
C GLY B 133 -52.48 32.16 -69.63
N ASP B 134 -51.96 31.04 -69.13
CA ASP B 134 -52.34 29.71 -69.59
C ASP B 134 -53.65 29.28 -68.93
N SER B 135 -54.76 29.51 -69.64
CA SER B 135 -56.12 29.12 -69.23
C SER B 135 -56.48 29.71 -67.87
N VAL B 136 -56.49 31.04 -67.83
CA VAL B 136 -56.89 31.79 -66.65
C VAL B 136 -57.86 32.88 -67.08
N TYR B 137 -58.45 33.54 -66.09
CA TYR B 137 -59.23 34.74 -66.35
C TYR B 137 -59.21 35.60 -65.11
N PHE B 138 -59.00 36.88 -65.33
CA PHE B 138 -58.93 37.87 -64.27
C PHE B 138 -60.25 38.61 -64.19
N ASN B 139 -60.38 39.46 -63.17
CA ASN B 139 -61.58 40.27 -63.04
C ASN B 139 -61.27 41.52 -62.22
N ASN B 140 -62.16 42.50 -62.36
CA ASN B 140 -62.19 43.60 -61.40
C ASN B 140 -62.50 43.05 -60.01
N ASP B 141 -63.46 42.13 -59.93
CA ASP B 141 -63.85 41.50 -58.68
C ASP B 141 -63.11 40.17 -58.54
N SER B 142 -61.81 40.25 -58.30
CA SER B 142 -60.99 39.06 -58.21
C SER B 142 -60.04 39.04 -57.03
N TYR B 143 -59.65 40.19 -56.49
CA TYR B 143 -58.54 40.20 -55.53
C TYR B 143 -58.98 39.76 -54.14
N ALA B 144 -60.06 40.34 -53.64
CA ALA B 144 -60.49 40.00 -52.29
C ALA B 144 -61.12 38.62 -52.23
N SER B 145 -61.67 38.12 -53.34
CA SER B 145 -62.18 36.76 -53.36
C SER B 145 -61.09 35.72 -53.59
N ALA B 146 -59.85 36.15 -53.83
CA ALA B 146 -58.70 35.25 -53.89
C ALA B 146 -57.90 35.24 -52.60
N ARG B 147 -58.36 35.95 -51.58
CA ARG B 147 -57.74 35.90 -50.26
C ARG B 147 -58.56 35.12 -49.26
N LEU B 148 -59.81 34.84 -49.56
CA LEU B 148 -60.68 33.96 -48.78
C LEU B 148 -60.41 32.45 -48.85
N PRO B 149 -59.97 31.86 -49.98
CA PRO B 149 -59.65 30.41 -49.94
C PRO B 149 -58.59 29.99 -48.95
N CYS B 150 -57.45 30.70 -48.92
CA CYS B 150 -56.38 30.35 -47.99
C CYS B 150 -56.83 30.55 -46.56
N GLY B 151 -57.63 31.57 -46.31
CA GLY B 151 -58.16 31.78 -44.97
C GLY B 151 -59.14 30.70 -44.56
N GLY B 152 -59.98 30.24 -45.49
CA GLY B 152 -60.92 29.18 -45.15
C GLY B 152 -60.23 27.88 -44.86
N ALA B 153 -59.22 27.54 -45.65
CA ALA B 153 -58.44 26.34 -45.40
C ALA B 153 -57.68 26.43 -44.08
N ILE B 154 -57.12 27.60 -43.79
CA ILE B 154 -56.34 27.79 -42.58
C ILE B 154 -57.23 27.71 -41.35
N GLU B 155 -58.44 28.26 -41.44
CA GLU B 155 -59.33 28.22 -40.28
C GLU B 155 -59.89 26.82 -40.05
N ALA B 156 -60.18 26.09 -41.13
CA ALA B 156 -60.63 24.70 -40.98
C ALA B 156 -59.53 23.84 -40.36
N CYS B 157 -58.30 24.02 -40.83
CA CYS B 157 -57.19 23.22 -40.34
C CYS B 157 -56.85 23.57 -38.89
N LYS B 158 -56.95 24.84 -38.53
CA LYS B 158 -56.65 25.22 -37.15
C LYS B 158 -57.75 24.76 -36.21
N ALA B 159 -59.00 24.73 -36.67
CA ALA B 159 -60.05 24.19 -35.81
C ALA B 159 -59.91 22.70 -35.62
N VAL B 160 -59.38 22.00 -36.63
CA VAL B 160 -59.12 20.58 -36.44
C VAL B 160 -57.94 20.37 -35.50
N VAL B 161 -56.82 21.03 -35.77
CA VAL B 161 -55.56 20.76 -35.09
C VAL B 161 -55.63 21.18 -33.63
N GLU B 162 -56.25 22.32 -33.35
CA GLU B 162 -56.45 22.71 -31.96
C GLU B 162 -57.51 21.86 -31.26
N GLY B 163 -58.18 20.96 -31.97
CA GLY B 163 -59.11 20.06 -31.32
C GLY B 163 -60.44 20.68 -31.02
N ARG B 164 -60.81 21.74 -31.72
CA ARG B 164 -62.17 22.24 -31.58
C ARG B 164 -63.17 21.40 -32.35
N VAL B 165 -62.70 20.53 -33.25
CA VAL B 165 -63.59 19.81 -34.14
C VAL B 165 -62.83 18.59 -34.65
N LYS B 166 -63.56 17.55 -35.03
CA LYS B 166 -62.93 16.31 -35.46
C LYS B 166 -62.35 16.45 -36.86
N ASN B 167 -63.21 16.65 -37.84
CA ASN B 167 -62.79 16.74 -39.23
C ASN B 167 -63.50 17.91 -39.89
N SER B 168 -62.93 18.41 -40.97
CA SER B 168 -63.40 19.64 -41.58
C SER B 168 -63.62 19.48 -43.08
N LEU B 169 -64.75 20.00 -43.55
CA LEU B 169 -65.07 20.09 -44.96
C LEU B 169 -65.19 21.57 -45.33
N ALA B 170 -64.40 22.00 -46.29
CA ALA B 170 -64.34 23.41 -46.68
C ALA B 170 -64.66 23.53 -48.16
N VAL B 171 -65.93 23.71 -48.49
CA VAL B 171 -66.33 23.98 -49.86
C VAL B 171 -65.88 25.39 -50.23
N VAL B 172 -64.93 25.50 -51.15
CA VAL B 172 -64.23 26.74 -51.45
C VAL B 172 -63.89 26.77 -52.93
N ARG B 173 -64.24 27.85 -53.61
CA ARG B 173 -63.67 28.18 -54.91
C ARG B 173 -62.96 29.52 -54.77
N PRO B 174 -62.04 29.86 -55.67
CA PRO B 174 -61.39 29.19 -56.81
C PRO B 174 -60.51 28.05 -56.37
N PRO B 175 -60.19 27.13 -57.29
CA PRO B 175 -59.20 26.10 -56.99
C PRO B 175 -57.83 26.68 -56.72
N GLY B 176 -57.03 25.91 -55.99
CA GLY B 176 -55.71 26.32 -55.57
C GLY B 176 -54.67 25.24 -55.67
N HIS B 177 -54.75 24.40 -56.71
CA HIS B 177 -53.87 23.24 -56.81
C HIS B 177 -53.06 23.20 -58.10
N HIS B 178 -53.07 24.26 -58.91
CA HIS B 178 -52.25 24.31 -60.09
C HIS B 178 -51.22 25.42 -60.09
N ALA B 179 -51.33 26.37 -59.17
CA ALA B 179 -50.56 27.61 -59.25
C ALA B 179 -49.14 27.41 -58.76
N GLU B 180 -48.18 27.79 -59.60
CA GLU B 180 -46.79 27.85 -59.20
C GLU B 180 -46.58 28.97 -58.18
N PRO B 181 -45.49 28.95 -57.41
CA PRO B 181 -45.27 30.02 -56.42
C PRO B 181 -45.03 31.39 -57.01
N GLN B 182 -44.54 31.48 -58.24
CA GLN B 182 -44.21 32.77 -58.84
C GLN B 182 -45.25 33.24 -59.85
N ALA B 183 -46.12 32.37 -60.33
CA ALA B 183 -47.07 32.73 -61.36
C ALA B 183 -48.31 31.86 -61.22
N ALA B 184 -49.46 32.43 -61.58
CA ALA B 184 -50.71 31.73 -61.54
C ALA B 184 -50.88 30.89 -62.80
N GLY B 185 -51.94 30.11 -62.85
CA GLY B 185 -52.15 29.27 -64.00
C GLY B 185 -53.27 28.27 -63.84
N GLY B 186 -54.02 28.03 -64.91
CA GLY B 186 -55.04 27.01 -64.94
C GLY B 186 -56.20 27.25 -64.01
N PHE B 187 -56.72 28.49 -64.01
CA PHE B 187 -57.81 28.94 -63.15
C PHE B 187 -57.48 28.72 -61.67
N CYS B 188 -56.21 28.91 -61.34
CA CYS B 188 -55.72 28.86 -59.97
C CYS B 188 -54.94 30.15 -59.73
N LEU B 189 -55.24 30.81 -58.62
CA LEU B 189 -54.64 32.11 -58.32
C LEU B 189 -53.67 32.06 -57.16
N PHE B 190 -54.02 31.35 -56.09
CA PHE B 190 -53.15 31.15 -54.95
C PHE B 190 -53.21 29.70 -54.52
N SER B 191 -52.04 29.09 -54.33
CA SER B 191 -51.94 27.68 -54.00
C SER B 191 -52.37 27.48 -52.55
N ASN B 192 -53.64 27.11 -52.37
CA ASN B 192 -54.29 27.22 -51.07
C ASN B 192 -53.72 26.24 -50.06
N VAL B 193 -53.59 24.97 -50.45
CA VAL B 193 -53.24 23.94 -49.50
C VAL B 193 -51.80 24.08 -49.06
N ALA B 194 -50.93 24.61 -49.92
CA ALA B 194 -49.55 24.84 -49.54
C ALA B 194 -49.44 25.99 -48.54
N VAL B 195 -50.25 27.04 -48.75
CA VAL B 195 -50.37 28.13 -47.79
C VAL B 195 -50.79 27.60 -46.44
N ALA B 196 -51.83 26.76 -46.42
CA ALA B 196 -52.35 26.25 -45.16
C ALA B 196 -51.34 25.36 -44.46
N ALA B 197 -50.68 24.48 -45.21
CA ALA B 197 -49.72 23.55 -44.63
C ALA B 197 -48.51 24.27 -44.05
N LYS B 198 -47.94 25.22 -44.80
CA LYS B 198 -46.81 25.97 -44.29
C LYS B 198 -47.20 26.84 -43.11
N ASN B 199 -48.44 27.35 -43.12
CA ASN B 199 -48.89 28.17 -42.01
C ASN B 199 -49.08 27.36 -40.73
N ILE B 200 -49.53 26.11 -40.87
CA ILE B 200 -49.56 25.22 -39.73
C ILE B 200 -48.15 24.91 -39.25
N LEU B 201 -47.26 24.61 -40.20
CA LEU B 201 -45.92 24.15 -39.86
C LEU B 201 -45.12 25.23 -39.15
N LYS B 202 -45.33 26.50 -39.51
CA LYS B 202 -44.71 27.54 -38.72
C LYS B 202 -45.49 27.76 -37.42
N ASN B 203 -46.80 27.89 -37.51
CA ASN B 203 -47.58 28.30 -36.36
C ASN B 203 -47.83 27.20 -35.35
N TYR B 204 -47.48 25.95 -35.67
CA TYR B 204 -47.64 24.86 -34.72
C TYR B 204 -46.48 23.89 -34.79
N PRO B 205 -45.27 24.32 -34.41
CA PRO B 205 -44.16 23.37 -34.42
C PRO B 205 -44.04 22.62 -33.10
N GLU B 206 -45.17 22.18 -32.56
CA GLU B 206 -45.16 21.44 -31.30
C GLU B 206 -46.11 20.26 -31.30
N SER B 207 -47.03 20.17 -32.25
CA SER B 207 -47.89 19.02 -32.38
C SER B 207 -47.99 18.52 -33.81
N VAL B 208 -47.44 19.25 -34.78
CA VAL B 208 -47.45 18.85 -36.18
C VAL B 208 -46.04 18.99 -36.70
N ARG B 209 -45.50 17.91 -37.25
CA ARG B 209 -44.24 18.01 -37.97
C ARG B 209 -44.25 17.26 -39.29
N ARG B 210 -45.22 16.40 -39.55
CA ARG B 210 -45.28 15.65 -40.80
C ARG B 210 -46.70 15.69 -41.32
N ILE B 211 -46.87 16.02 -42.59
CA ILE B 211 -48.19 16.19 -43.18
C ILE B 211 -48.25 15.45 -44.51
N MET B 212 -49.24 14.58 -44.65
CA MET B 212 -49.45 13.83 -45.88
C MET B 212 -50.59 14.45 -46.67
N ILE B 213 -50.33 14.80 -47.93
CA ILE B 213 -51.29 15.48 -48.78
C ILE B 213 -51.57 14.61 -50.00
N LEU B 214 -52.83 14.29 -50.19
CA LEU B 214 -53.27 13.48 -51.32
C LEU B 214 -54.04 14.34 -52.31
N ASP B 215 -53.93 13.98 -53.58
CA ASP B 215 -54.70 14.61 -54.65
C ASP B 215 -55.34 13.56 -55.54
N TRP B 216 -56.65 13.39 -55.45
CA TRP B 216 -57.31 12.50 -56.40
C TRP B 216 -57.95 13.25 -57.55
N ASP B 217 -57.57 14.50 -57.78
CA ASP B 217 -58.02 15.19 -58.98
C ASP B 217 -57.30 14.62 -60.20
N ILE B 218 -58.04 14.52 -61.30
CA ILE B 218 -57.51 13.90 -62.52
C ILE B 218 -56.44 14.76 -63.19
N HIS B 219 -56.30 16.01 -62.78
CA HIS B 219 -55.17 16.82 -63.20
C HIS B 219 -54.08 16.76 -62.15
N HIS B 220 -52.84 16.83 -62.61
CA HIS B 220 -51.69 16.72 -61.73
C HIS B 220 -51.47 18.01 -60.98
N GLY B 221 -51.18 17.89 -59.69
CA GLY B 221 -51.02 19.04 -58.82
C GLY B 221 -49.65 19.67 -58.99
N ASN B 222 -49.52 20.47 -60.05
CA ASN B 222 -48.21 20.97 -60.48
C ASN B 222 -47.54 21.83 -59.42
N GLY B 223 -48.18 22.93 -59.06
CA GLY B 223 -47.53 23.91 -58.21
C GLY B 223 -47.34 23.43 -56.79
N THR B 224 -48.29 22.66 -56.28
CA THR B 224 -48.14 22.15 -54.93
C THR B 224 -47.06 21.08 -54.85
N GLN B 225 -46.75 20.42 -55.96
CA GLN B 225 -45.59 19.56 -55.98
C GLN B 225 -44.31 20.38 -56.05
N LYS B 226 -44.32 21.43 -56.88
CA LYS B 226 -43.12 22.24 -57.07
C LYS B 226 -42.76 23.02 -55.82
N SER B 227 -43.74 23.32 -54.98
CA SER B 227 -43.46 24.01 -53.74
C SER B 227 -42.79 23.11 -52.71
N PHE B 228 -42.95 21.79 -52.83
CA PHE B 228 -42.45 20.86 -51.82
C PHE B 228 -41.48 19.85 -52.40
N TYR B 229 -40.87 20.15 -53.55
CA TYR B 229 -39.93 19.21 -54.13
C TYR B 229 -38.59 19.19 -53.42
N GLN B 230 -38.36 20.12 -52.48
CA GLN B 230 -37.15 20.13 -51.68
C GLN B 230 -37.43 20.04 -50.20
N ASP B 231 -38.66 19.74 -49.80
CA ASP B 231 -38.98 19.59 -48.39
C ASP B 231 -39.10 18.13 -48.02
N ASP B 232 -38.75 17.83 -46.78
CA ASP B 232 -38.76 16.47 -46.26
C ASP B 232 -39.84 16.22 -45.22
N GLN B 233 -40.46 17.26 -44.71
CA GLN B 233 -41.48 17.09 -43.67
C GLN B 233 -42.88 17.04 -44.24
N VAL B 234 -43.02 17.04 -45.56
CA VAL B 234 -44.32 16.98 -46.20
C VAL B 234 -44.30 15.91 -47.28
N LEU B 235 -45.31 15.05 -47.26
CA LEU B 235 -45.46 14.02 -48.25
C LEU B 235 -46.56 14.44 -49.21
N TYR B 236 -46.32 14.23 -50.50
CA TYR B 236 -47.31 14.52 -51.52
C TYR B 236 -47.53 13.29 -52.38
N VAL B 237 -48.80 12.97 -52.64
CA VAL B 237 -49.13 11.86 -53.51
C VAL B 237 -50.27 12.32 -54.42
N SER B 238 -50.18 11.94 -55.70
CA SER B 238 -51.19 12.33 -56.66
C SER B 238 -51.60 11.17 -57.53
N LEU B 239 -52.85 11.20 -57.98
CA LEU B 239 -53.37 10.22 -58.92
C LEU B 239 -53.92 10.97 -60.10
N HIS B 240 -53.35 10.77 -61.29
CA HIS B 240 -53.83 11.52 -62.44
C HIS B 240 -53.47 10.77 -63.71
N ARG B 241 -54.09 11.19 -64.80
CA ARG B 241 -53.64 10.78 -66.12
C ARG B 241 -52.48 11.66 -66.53
N PHE B 242 -51.50 11.09 -67.23
CA PHE B 242 -50.32 11.86 -67.58
C PHE B 242 -50.15 12.06 -69.07
N GLU B 243 -49.98 11.00 -69.85
CA GLU B 243 -50.09 10.96 -71.31
C GLU B 243 -49.15 11.88 -72.11
N MET B 244 -48.31 12.67 -71.43
CA MET B 244 -47.27 13.52 -72.00
C MET B 244 -47.81 14.48 -73.07
N GLY B 245 -48.58 15.45 -72.60
CA GLY B 245 -48.97 16.58 -73.41
C GLY B 245 -50.39 16.54 -73.93
N LYS B 246 -51.01 15.37 -73.94
CA LYS B 246 -52.39 15.28 -74.42
C LYS B 246 -53.35 15.89 -73.41
N TYR B 247 -53.24 15.45 -72.16
CA TYR B 247 -54.08 15.98 -71.10
C TYR B 247 -53.38 17.15 -70.41
N TYR B 248 -54.17 17.95 -69.71
CA TYR B 248 -53.63 19.12 -69.03
C TYR B 248 -52.80 18.70 -67.82
N PRO B 249 -51.64 19.34 -67.60
CA PRO B 249 -50.97 20.25 -68.53
C PRO B 249 -50.07 19.50 -69.47
N GLY B 250 -49.66 18.30 -69.06
CA GLY B 250 -48.79 17.49 -69.90
C GLY B 250 -47.38 18.03 -70.00
N THR B 251 -46.66 18.02 -68.88
CA THR B 251 -45.24 18.35 -68.85
C THR B 251 -44.51 17.26 -68.08
N ILE B 252 -43.20 17.43 -67.90
CA ILE B 252 -42.39 16.36 -67.33
C ILE B 252 -42.62 16.18 -65.83
N GLN B 253 -43.12 17.20 -65.14
CA GLN B 253 -43.35 17.06 -63.71
C GLN B 253 -44.61 16.27 -63.38
N GLY B 254 -45.41 15.93 -64.39
CA GLY B 254 -46.48 14.99 -64.14
C GLY B 254 -46.06 13.55 -64.23
N GLN B 255 -44.87 13.27 -64.75
CA GLN B 255 -44.44 11.89 -64.91
C GLN B 255 -44.05 11.30 -63.56
N TYR B 256 -44.18 9.98 -63.46
CA TYR B 256 -44.13 9.30 -62.16
C TYR B 256 -42.72 9.23 -61.62
N ASP B 257 -41.72 9.15 -62.49
CA ASP B 257 -40.33 8.94 -62.09
C ASP B 257 -39.74 10.13 -61.34
N GLN B 258 -40.42 11.27 -61.32
CA GLN B 258 -40.04 12.33 -60.40
C GLN B 258 -40.42 11.93 -58.98
N THR B 259 -39.43 11.83 -58.11
CA THR B 259 -39.63 11.40 -56.74
C THR B 259 -39.32 12.45 -55.70
N GLY B 260 -38.63 13.52 -56.07
CA GLY B 260 -38.13 14.45 -55.09
C GLY B 260 -36.70 14.83 -55.39
N GLU B 261 -36.13 15.74 -54.59
CA GLU B 261 -34.79 16.21 -54.85
C GLU B 261 -34.13 16.54 -53.52
N GLY B 262 -32.85 16.20 -53.41
CA GLY B 262 -32.07 16.61 -52.26
C GLY B 262 -32.49 15.87 -51.00
N LYS B 263 -32.58 16.62 -49.90
CA LYS B 263 -33.00 16.01 -48.65
C LYS B 263 -34.49 15.77 -48.59
N GLY B 264 -35.26 16.27 -49.54
CA GLY B 264 -36.68 15.98 -49.60
C GLY B 264 -36.98 14.83 -50.54
N GLU B 265 -35.97 14.04 -50.85
CA GLU B 265 -36.15 12.91 -51.74
C GLU B 265 -37.00 11.83 -51.09
N GLY B 266 -37.76 11.12 -51.92
CA GLY B 266 -38.60 10.06 -51.41
C GLY B 266 -39.81 10.54 -50.64
N PHE B 267 -40.34 11.71 -51.00
CA PHE B 267 -41.53 12.22 -50.35
C PHE B 267 -42.53 12.71 -51.39
N ASN B 268 -42.58 12.04 -52.53
CA ASN B 268 -43.41 12.48 -53.64
C ASN B 268 -43.76 11.28 -54.51
N CYS B 269 -45.04 10.97 -54.62
CA CYS B 269 -45.47 9.79 -55.34
C CYS B 269 -46.53 10.17 -56.37
N ASN B 270 -46.41 9.58 -57.56
CA ASN B 270 -47.29 9.89 -58.67
C ASN B 270 -47.83 8.60 -59.26
N ILE B 271 -49.13 8.55 -59.50
CA ILE B 271 -49.76 7.38 -60.09
C ILE B 271 -50.43 7.83 -61.38
N THR B 272 -49.91 7.35 -62.50
CA THR B 272 -50.27 7.85 -63.82
C THR B 272 -51.14 6.83 -64.53
N TRP B 273 -52.42 7.09 -64.60
CA TRP B 273 -53.29 6.27 -65.43
C TRP B 273 -52.94 6.52 -66.88
N PRO B 274 -52.53 5.52 -67.64
CA PRO B 274 -52.02 5.76 -68.99
C PRO B 274 -53.13 6.01 -70.00
N VAL B 275 -54.30 5.44 -69.76
CA VAL B 275 -55.46 5.65 -70.59
C VAL B 275 -56.63 6.01 -69.70
N GLY B 276 -57.41 6.99 -70.14
CA GLY B 276 -58.63 7.31 -69.43
C GLY B 276 -59.65 6.20 -69.58
N GLY B 277 -60.56 6.14 -68.60
CA GLY B 277 -61.61 5.16 -68.64
C GLY B 277 -61.55 4.18 -67.49
N VAL B 278 -60.88 4.57 -66.41
CA VAL B 278 -60.80 3.71 -65.23
C VAL B 278 -62.13 3.73 -64.47
N GLY B 279 -62.32 2.73 -63.64
CA GLY B 279 -63.48 2.58 -62.81
C GLY B 279 -63.09 2.45 -61.35
N ASP B 280 -63.91 1.67 -60.61
CA ASP B 280 -63.77 1.61 -59.17
C ASP B 280 -62.54 0.81 -58.76
N ALA B 281 -62.38 -0.37 -59.34
CA ALA B 281 -61.41 -1.34 -58.84
C ALA B 281 -59.99 -0.87 -59.07
N GLU B 282 -59.77 -0.04 -60.08
CA GLU B 282 -58.48 0.60 -60.27
C GLU B 282 -58.13 1.48 -59.09
N TYR B 283 -59.09 2.28 -58.63
CA TYR B 283 -58.85 3.14 -57.48
C TYR B 283 -58.69 2.33 -56.20
N MET B 284 -59.47 1.26 -56.06
CA MET B 284 -59.38 0.43 -54.86
C MET B 284 -58.04 -0.28 -54.79
N TRP B 285 -57.58 -0.83 -55.92
CA TRP B 285 -56.29 -1.50 -55.95
C TRP B 285 -55.16 -0.51 -55.75
N ALA B 286 -55.30 0.69 -56.31
CA ALA B 286 -54.24 1.69 -56.14
C ALA B 286 -54.17 2.16 -54.70
N PHE B 287 -55.30 2.21 -54.01
CA PHE B 287 -55.27 2.58 -52.60
C PHE B 287 -54.69 1.46 -51.76
N GLU B 288 -55.07 0.22 -52.05
CA GLU B 288 -54.68 -0.89 -51.19
C GLU B 288 -53.21 -1.22 -51.34
N GLN B 289 -52.67 -1.12 -52.54
CA GLN B 289 -51.31 -1.57 -52.73
C GLN B 289 -50.28 -0.46 -52.61
N VAL B 290 -50.69 0.80 -52.64
CA VAL B 290 -49.72 1.88 -52.67
C VAL B 290 -49.96 2.87 -51.54
N VAL B 291 -51.19 3.37 -51.45
CA VAL B 291 -51.47 4.54 -50.62
C VAL B 291 -51.38 4.19 -49.14
N MET B 292 -52.21 3.26 -48.70
CA MET B 292 -52.26 2.88 -47.29
C MET B 292 -50.96 2.35 -46.69
N PRO B 293 -50.15 1.50 -47.33
CA PRO B 293 -48.94 1.06 -46.64
C PRO B 293 -47.92 2.16 -46.48
N MET B 294 -47.75 3.01 -47.49
CA MET B 294 -46.85 4.14 -47.34
C MET B 294 -47.39 5.14 -46.35
N GLY B 295 -48.71 5.23 -46.25
CA GLY B 295 -49.30 6.12 -45.25
C GLY B 295 -49.04 5.65 -43.84
N ARG B 296 -49.26 4.36 -43.59
CA ARG B 296 -48.95 3.79 -42.28
C ARG B 296 -47.47 3.82 -42.01
N GLU B 297 -46.66 3.80 -43.06
CA GLU B 297 -45.23 3.97 -42.89
C GLU B 297 -44.89 5.38 -42.43
N PHE B 298 -45.52 6.40 -43.02
CA PHE B 298 -45.02 7.74 -42.82
C PHE B 298 -45.35 8.31 -41.45
N LYS B 299 -46.35 7.76 -40.76
CA LYS B 299 -46.90 8.23 -39.49
C LYS B 299 -47.26 9.71 -39.59
N PRO B 300 -48.34 10.04 -40.28
CA PRO B 300 -48.66 11.45 -40.49
C PRO B 300 -49.28 12.08 -39.25
N ASP B 301 -48.94 13.35 -39.04
CA ASP B 301 -49.61 14.14 -38.01
C ASP B 301 -50.91 14.73 -38.51
N LEU B 302 -51.04 14.87 -39.83
CA LEU B 302 -52.15 15.59 -40.41
C LEU B 302 -52.27 15.19 -41.87
N VAL B 303 -53.51 14.94 -42.30
CA VAL B 303 -53.78 14.48 -43.65
C VAL B 303 -54.63 15.51 -44.36
N ILE B 304 -54.13 15.98 -45.50
CA ILE B 304 -54.81 16.97 -46.32
C ILE B 304 -55.28 16.30 -47.60
N ILE B 305 -56.58 16.11 -47.72
CA ILE B 305 -57.17 15.69 -48.97
C ILE B 305 -57.40 16.95 -49.80
N SER B 306 -56.89 16.96 -51.02
CA SER B 306 -57.19 17.99 -51.99
C SER B 306 -58.09 17.33 -53.03
N SER B 307 -59.38 17.34 -52.76
CA SER B 307 -60.32 16.63 -53.59
C SER B 307 -60.65 17.44 -54.84
N GLY B 308 -60.63 16.77 -55.98
CA GLY B 308 -61.21 17.30 -57.18
C GLY B 308 -62.05 16.22 -57.80
N PHE B 309 -63.35 16.45 -57.91
CA PHE B 309 -64.27 15.43 -58.37
C PHE B 309 -64.39 15.37 -59.87
N ASP B 310 -63.41 15.89 -60.59
CA ASP B 310 -63.49 15.93 -62.04
C ASP B 310 -63.31 14.56 -62.67
N ALA B 311 -62.80 13.58 -61.93
CA ALA B 311 -62.68 12.23 -62.46
C ALA B 311 -63.89 11.37 -62.14
N ALA B 312 -65.02 11.98 -61.79
CA ALA B 312 -66.20 11.20 -61.44
C ALA B 312 -66.89 10.65 -62.68
N ASP B 313 -67.91 9.85 -62.45
CA ASP B 313 -68.71 9.32 -63.53
C ASP B 313 -69.58 10.42 -64.14
N GLY B 314 -69.92 10.25 -65.41
CA GLY B 314 -70.78 11.18 -66.08
C GLY B 314 -70.15 12.49 -66.48
N ASP B 315 -68.84 12.63 -66.39
CA ASP B 315 -68.19 13.86 -66.79
C ASP B 315 -67.80 13.79 -68.26
N THR B 316 -67.14 14.83 -68.74
CA THR B 316 -66.76 14.94 -70.14
C THR B 316 -65.26 15.25 -70.22
N ILE B 317 -64.76 15.98 -69.23
CA ILE B 317 -63.36 16.38 -69.24
C ILE B 317 -62.47 15.19 -68.88
N GLY B 318 -62.90 14.36 -67.95
CA GLY B 318 -62.06 13.27 -67.48
C GLY B 318 -62.42 11.89 -68.01
N GLN B 319 -63.72 11.67 -68.20
CA GLN B 319 -64.28 10.44 -68.78
C GLN B 319 -63.91 9.19 -67.98
N CYS B 320 -64.41 9.14 -66.74
CA CYS B 320 -64.27 7.93 -65.96
C CYS B 320 -65.63 7.46 -65.47
N HIS B 321 -65.64 6.45 -64.61
CA HIS B 321 -66.88 5.86 -64.12
C HIS B 321 -66.82 5.67 -62.62
N VAL B 322 -66.38 6.71 -61.91
CA VAL B 322 -66.18 6.60 -60.47
C VAL B 322 -67.51 6.81 -59.77
N THR B 323 -68.05 5.76 -59.18
CA THR B 323 -69.24 5.88 -58.36
C THR B 323 -68.87 6.54 -57.03
N PRO B 324 -69.83 7.16 -56.35
CA PRO B 324 -69.50 7.80 -55.06
C PRO B 324 -69.14 6.82 -53.96
N SER B 325 -69.54 5.55 -54.07
CA SER B 325 -69.20 4.58 -53.04
C SER B 325 -67.71 4.30 -53.00
N CYS B 326 -67.05 4.38 -54.14
CA CYS B 326 -65.60 4.21 -54.18
C CYS B 326 -64.91 5.37 -53.47
N TYR B 327 -65.46 6.58 -53.62
CA TYR B 327 -65.00 7.71 -52.83
C TYR B 327 -65.22 7.48 -51.34
N GLY B 328 -66.37 6.91 -50.99
CA GLY B 328 -66.64 6.62 -49.59
C GLY B 328 -65.64 5.64 -49.00
N HIS B 329 -65.29 4.60 -49.75
CA HIS B 329 -64.35 3.61 -49.25
C HIS B 329 -62.94 4.19 -49.13
N MET B 330 -62.54 4.99 -50.11
CA MET B 330 -61.20 5.57 -50.04
C MET B 330 -61.09 6.59 -48.90
N THR B 331 -62.18 7.30 -48.62
CA THR B 331 -62.17 8.20 -47.48
C THR B 331 -62.24 7.44 -46.17
N HIS B 332 -62.85 6.26 -46.18
CA HIS B 332 -62.88 5.44 -44.98
C HIS B 332 -61.47 4.99 -44.61
N MET B 333 -60.74 4.51 -45.60
CA MET B 333 -59.35 4.11 -45.36
C MET B 333 -58.50 5.30 -44.95
N LEU B 334 -58.69 6.45 -45.61
CA LEU B 334 -57.90 7.61 -45.27
C LEU B 334 -58.25 8.17 -43.90
N LYS B 335 -59.49 7.98 -43.46
CA LYS B 335 -59.85 8.28 -42.09
C LYS B 335 -59.10 7.36 -41.14
N SER B 336 -58.99 6.08 -41.52
CA SER B 336 -58.27 5.13 -40.69
C SER B 336 -56.77 5.39 -40.64
N LEU B 337 -56.24 6.18 -41.57
CA LEU B 337 -54.79 6.34 -41.67
C LEU B 337 -54.12 6.95 -40.45
N ALA B 338 -54.34 8.22 -40.19
CA ALA B 338 -53.84 8.82 -38.95
C ALA B 338 -54.93 8.71 -37.90
N ARG B 339 -54.82 9.45 -36.81
CA ARG B 339 -55.79 9.29 -35.73
C ARG B 339 -57.14 9.92 -36.05
N GLY B 340 -57.26 10.66 -37.15
CA GLY B 340 -58.53 11.24 -37.51
C GLY B 340 -58.37 12.64 -38.07
N ASN B 341 -57.12 13.09 -38.18
CA ASN B 341 -56.83 14.46 -38.58
C ASN B 341 -57.08 14.61 -40.08
N LEU B 342 -58.26 15.10 -40.43
CA LEU B 342 -58.68 15.23 -41.82
C LEU B 342 -59.22 16.62 -42.09
N CYS B 343 -58.61 17.32 -43.03
CA CYS B 343 -59.23 18.48 -43.66
C CYS B 343 -59.55 18.11 -45.10
N VAL B 344 -60.72 18.49 -45.56
CA VAL B 344 -61.15 18.16 -46.92
C VAL B 344 -61.52 19.44 -47.62
N VAL B 345 -60.79 19.78 -48.67
CA VAL B 345 -61.07 20.96 -49.46
C VAL B 345 -61.47 20.51 -50.86
N LEU B 346 -61.78 21.46 -51.73
CA LEU B 346 -62.32 21.16 -53.05
C LEU B 346 -61.48 21.85 -54.11
N GLU B 347 -61.21 21.16 -55.21
CA GLU B 347 -60.50 21.75 -56.33
C GLU B 347 -61.26 21.70 -57.65
N GLY B 348 -61.78 20.55 -58.03
CA GLY B 348 -62.32 20.35 -59.37
C GLY B 348 -63.83 20.38 -59.42
N GLY B 349 -64.40 19.50 -60.23
CA GLY B 349 -65.84 19.34 -60.31
C GLY B 349 -66.49 20.20 -61.38
N TYR B 350 -67.03 19.55 -62.42
CA TYR B 350 -67.58 20.27 -63.56
C TYR B 350 -68.89 19.67 -64.03
N ASN B 351 -69.64 19.04 -63.13
CA ASN B 351 -70.96 18.51 -63.45
C ASN B 351 -71.73 18.39 -62.15
N LEU B 352 -72.93 18.97 -62.11
CA LEU B 352 -73.53 19.34 -60.83
C LEU B 352 -74.08 18.15 -60.05
N ASP B 353 -74.84 17.27 -60.72
CA ASP B 353 -75.49 16.18 -60.02
C ASP B 353 -74.47 15.16 -59.50
N ALA B 354 -73.40 14.95 -60.27
CA ALA B 354 -72.39 13.98 -59.89
C ALA B 354 -71.59 14.47 -58.69
N ILE B 355 -71.17 15.74 -58.71
CA ILE B 355 -70.43 16.28 -57.60
C ILE B 355 -71.35 16.41 -56.39
N ALA B 356 -72.66 16.55 -56.62
CA ALA B 356 -73.62 16.57 -55.53
C ALA B 356 -73.69 15.24 -54.81
N ARG B 357 -73.85 14.16 -55.57
CA ARG B 357 -73.94 12.84 -54.97
C ARG B 357 -72.61 12.42 -54.32
N SER B 358 -71.50 12.80 -54.96
CA SER B 358 -70.17 12.48 -54.43
C SER B 358 -69.92 13.18 -53.10
N ALA B 359 -70.19 14.48 -53.04
CA ALA B 359 -69.98 15.21 -51.79
C ALA B 359 -70.97 14.78 -50.73
N LEU B 360 -72.16 14.32 -51.15
CA LEU B 360 -73.10 13.74 -50.21
C LEU B 360 -72.51 12.51 -49.53
N SER B 361 -71.92 11.63 -50.34
CA SER B 361 -71.35 10.40 -49.77
C SER B 361 -70.14 10.72 -48.91
N VAL B 362 -69.34 11.71 -49.30
CA VAL B 362 -68.15 12.08 -48.53
C VAL B 362 -68.57 12.70 -47.20
N ALA B 363 -69.63 13.50 -47.20
CA ALA B 363 -70.14 14.05 -45.95
C ALA B 363 -70.71 12.95 -45.07
N LYS B 364 -71.33 11.95 -45.68
CA LYS B 364 -71.90 10.83 -44.93
C LYS B 364 -70.81 10.03 -44.23
N VAL B 365 -69.71 9.76 -44.91
CA VAL B 365 -68.67 8.98 -44.26
C VAL B 365 -67.90 9.83 -43.26
N LEU B 366 -67.72 11.13 -43.54
CA LEU B 366 -67.01 11.99 -42.61
C LEU B 366 -67.82 12.30 -41.37
N ILE B 367 -69.13 12.11 -41.41
CA ILE B 367 -69.89 12.31 -40.19
C ILE B 367 -70.05 11.01 -39.40
N GLY B 368 -69.97 9.85 -40.05
CA GLY B 368 -69.97 8.62 -39.27
C GLY B 368 -70.67 7.40 -39.83
N GLU B 369 -71.42 7.53 -40.91
CA GLU B 369 -72.02 6.34 -41.49
C GLU B 369 -70.95 5.50 -42.18
N PRO B 370 -71.15 4.19 -42.25
CA PRO B 370 -70.28 3.37 -43.07
C PRO B 370 -70.53 3.65 -44.53
N PRO B 371 -69.53 3.52 -45.38
CA PRO B 371 -69.75 3.68 -46.82
C PRO B 371 -70.59 2.54 -47.35
N ASP B 372 -71.44 2.86 -48.32
CA ASP B 372 -72.36 1.88 -48.85
C ASP B 372 -71.63 0.92 -49.79
N GLU B 373 -72.36 -0.08 -50.25
CA GLU B 373 -71.78 -1.16 -51.01
C GLU B 373 -71.44 -0.70 -52.43
N LEU B 374 -70.69 -1.48 -53.07
CA LEU B 374 -70.23 -1.19 -54.41
C LEU B 374 -71.23 -1.67 -55.45
N PRO B 375 -71.27 -1.05 -56.63
CA PRO B 375 -72.21 -1.52 -57.65
C PRO B 375 -71.83 -2.86 -58.24
N ASP B 376 -70.55 -3.10 -58.51
CA ASP B 376 -70.14 -4.38 -59.07
C ASP B 376 -68.71 -4.72 -58.63
N PRO B 377 -68.55 -5.72 -57.76
CA PRO B 377 -67.20 -6.08 -57.32
C PRO B 377 -66.40 -6.81 -58.36
N LEU B 378 -67.04 -7.65 -59.17
CA LEU B 378 -66.35 -8.43 -60.21
C LEU B 378 -65.98 -7.49 -61.35
N SER B 379 -64.84 -6.82 -61.19
CA SER B 379 -64.52 -5.70 -62.06
C SER B 379 -63.26 -5.91 -62.89
N ASP B 380 -62.20 -6.50 -62.30
CA ASP B 380 -61.00 -6.97 -63.00
C ASP B 380 -60.31 -5.89 -63.82
N PRO B 381 -59.55 -5.00 -63.20
CA PRO B 381 -59.03 -3.80 -63.89
C PRO B 381 -58.07 -4.06 -65.04
N LYS B 382 -57.66 -2.97 -65.69
CA LYS B 382 -56.89 -3.05 -66.92
C LYS B 382 -55.42 -3.37 -66.61
N PRO B 383 -54.78 -4.21 -67.42
CA PRO B 383 -53.46 -4.73 -67.06
C PRO B 383 -52.34 -3.70 -67.13
N GLU B 384 -52.45 -2.71 -68.01
CA GLU B 384 -51.40 -1.70 -68.10
C GLU B 384 -51.32 -0.85 -66.85
N VAL B 385 -52.46 -0.68 -66.17
CA VAL B 385 -52.48 -0.06 -64.85
C VAL B 385 -51.66 -0.88 -63.87
N ILE B 386 -51.76 -2.21 -63.98
CA ILE B 386 -51.08 -3.08 -63.06
C ILE B 386 -49.58 -3.02 -63.29
N GLU B 387 -49.16 -2.99 -64.56
CA GLU B 387 -47.72 -2.98 -64.80
C GLU B 387 -47.11 -1.63 -64.43
N MET B 388 -47.85 -0.53 -64.63
CA MET B 388 -47.28 0.74 -64.19
C MET B 388 -47.27 0.84 -62.68
N ILE B 389 -48.25 0.23 -62.01
CA ILE B 389 -48.24 0.19 -60.55
C ILE B 389 -47.02 -0.56 -60.05
N ASP B 390 -46.68 -1.67 -60.73
CA ASP B 390 -45.45 -2.38 -60.42
C ASP B 390 -44.23 -1.50 -60.63
N LYS B 391 -44.25 -0.70 -61.71
CA LYS B 391 -43.16 0.23 -61.98
C LYS B 391 -43.02 1.27 -60.88
N VAL B 392 -44.15 1.71 -60.32
CA VAL B 392 -44.12 2.61 -59.16
C VAL B 392 -43.47 1.92 -57.98
N ILE B 393 -43.90 0.69 -57.70
CA ILE B 393 -43.49 -0.04 -56.50
C ILE B 393 -42.00 -0.31 -56.53
N ARG B 394 -41.42 -0.43 -57.72
CA ARG B 394 -39.97 -0.55 -57.84
C ARG B 394 -39.24 0.65 -57.25
N LEU B 395 -39.57 1.85 -57.70
CA LEU B 395 -38.81 3.00 -57.24
C LEU B 395 -39.20 3.41 -55.83
N GLN B 396 -40.45 3.10 -55.44
CA GLN B 396 -40.84 3.30 -54.06
C GLN B 396 -40.04 2.38 -53.15
N SER B 397 -39.76 1.17 -53.62
CA SER B 397 -38.94 0.24 -52.87
C SER B 397 -37.49 0.71 -52.84
N LYS B 398 -37.08 1.43 -53.87
CA LYS B 398 -35.77 2.06 -53.83
C LYS B 398 -35.73 3.14 -52.74
N TYR B 399 -36.84 3.83 -52.52
CA TYR B 399 -36.83 4.87 -51.51
C TYR B 399 -37.37 4.43 -50.16
N TRP B 400 -38.45 3.68 -50.13
CA TRP B 400 -39.03 3.26 -48.87
C TRP B 400 -38.49 1.91 -48.45
N ASN B 401 -39.13 1.30 -47.45
CA ASN B 401 -38.77 -0.02 -46.99
C ASN B 401 -39.91 -1.01 -47.05
N CYS B 402 -41.15 -0.54 -47.22
CA CYS B 402 -42.32 -1.39 -47.09
C CYS B 402 -42.69 -2.09 -48.38
N PHE B 403 -41.75 -2.21 -49.31
CA PHE B 403 -42.03 -2.89 -50.57
C PHE B 403 -40.96 -3.94 -50.85
N ARG B 404 -39.76 -3.73 -50.31
CA ARG B 404 -38.81 -4.82 -50.19
C ARG B 404 -39.38 -5.89 -49.27
N ARG B 405 -39.00 -7.14 -49.55
CA ARG B 405 -39.35 -8.33 -48.78
C ARG B 405 -40.83 -8.66 -48.77
N ARG B 406 -41.66 -7.93 -49.52
CA ARG B 406 -43.05 -8.32 -49.72
C ARG B 406 -43.51 -8.20 -51.15
N HIS B 407 -42.64 -7.74 -52.05
CA HIS B 407 -42.95 -7.72 -53.46
C HIS B 407 -41.74 -8.16 -54.27
N ALA B 408 -40.91 -9.00 -53.67
CA ALA B 408 -39.76 -9.64 -54.31
C ALA B 408 -38.78 -8.60 -54.84
N ASN B 409 -38.26 -7.80 -53.92
CA ASN B 409 -37.41 -6.71 -54.31
C ASN B 409 -36.15 -6.58 -53.50
N SER B 410 -35.99 -7.36 -52.43
CA SER B 410 -34.83 -7.22 -51.57
C SER B 410 -33.57 -7.81 -52.16
N GLY B 411 -33.66 -8.49 -53.31
CA GLY B 411 -32.50 -9.06 -53.95
C GLY B 411 -31.52 -8.01 -54.41
N CYS B 412 -31.91 -7.23 -55.40
CA CYS B 412 -31.01 -6.18 -55.86
C CYS B 412 -31.31 -4.89 -55.12
N ASN B 413 -30.34 -4.00 -55.13
CA ASN B 413 -30.49 -2.66 -54.58
C ASN B 413 -30.57 -1.68 -55.74
N PHE B 414 -31.74 -1.08 -55.93
CA PHE B 414 -31.95 -0.21 -57.08
C PHE B 414 -31.32 1.16 -56.94
N ASN B 415 -30.76 1.48 -55.78
CA ASN B 415 -30.22 2.82 -55.58
C ASN B 415 -28.94 3.07 -56.37
N GLU B 416 -28.33 2.08 -56.84
CA GLU B 416 -27.30 2.24 -57.83
C GLU B 416 -27.88 1.98 -59.22
N PRO B 417 -27.34 2.62 -60.26
CA PRO B 417 -27.88 2.39 -61.60
C PRO B 417 -27.49 1.03 -62.14
N ILE B 418 -28.37 0.49 -62.98
CA ILE B 418 -28.03 -0.66 -63.79
C ILE B 418 -26.96 -0.21 -64.77
N ASN B 419 -25.73 -0.65 -64.54
CA ASN B 419 -24.58 -0.03 -65.17
C ASN B 419 -23.74 -1.09 -65.87
N ASP B 420 -22.91 -0.62 -66.79
CA ASP B 420 -21.81 -1.41 -67.30
C ASP B 420 -20.47 -0.94 -66.75
N SER B 421 -20.46 0.13 -65.96
CA SER B 421 -19.24 0.61 -65.35
C SER B 421 -18.98 -0.09 -64.03
N ILE B 422 -17.77 0.11 -63.50
CA ILE B 422 -17.39 -0.52 -62.23
C ILE B 422 -17.83 0.29 -61.04
N ILE B 423 -18.51 1.42 -61.24
CA ILE B 423 -18.94 2.23 -60.11
C ILE B 423 -20.11 1.58 -59.40
N SER B 424 -21.00 0.95 -60.15
CA SER B 424 -22.17 0.30 -59.58
C SER B 424 -22.02 -1.21 -59.68
N LYS B 425 -22.52 -1.90 -58.67
CA LYS B 425 -22.35 -3.34 -58.58
C LYS B 425 -23.31 -4.10 -59.48
N ASN B 426 -24.33 -3.46 -60.01
CA ASN B 426 -25.33 -4.16 -60.79
C ASN B 426 -24.98 -4.15 -62.27
N PHE B 427 -25.28 -5.26 -62.94
CA PHE B 427 -24.93 -5.40 -64.34
C PHE B 427 -26.07 -6.11 -65.06
N PRO B 428 -26.49 -5.61 -66.22
CA PRO B 428 -27.61 -6.23 -66.93
C PRO B 428 -27.20 -7.55 -67.55
N LEU B 429 -28.20 -8.34 -67.93
CA LEU B 429 -27.96 -9.72 -68.29
C LEU B 429 -27.96 -9.96 -69.80
N GLN B 430 -28.58 -9.07 -70.58
CA GLN B 430 -28.57 -9.24 -72.03
C GLN B 430 -27.17 -9.13 -72.61
N LYS B 431 -26.33 -8.30 -71.99
CA LYS B 431 -24.93 -8.16 -72.42
C LYS B 431 -24.17 -9.46 -72.29
N ALA B 432 -24.42 -10.19 -71.20
CA ALA B 432 -23.71 -11.45 -70.99
C ALA B 432 -24.14 -12.52 -71.98
N ILE B 433 -25.44 -12.61 -72.25
CA ILE B 433 -25.96 -13.62 -73.17
C ILE B 433 -25.44 -13.36 -74.59
N ARG B 434 -25.53 -12.11 -75.03
CA ARG B 434 -25.06 -11.81 -76.38
C ARG B 434 -23.55 -11.89 -76.48
N GLN B 435 -22.83 -11.61 -75.38
CA GLN B 435 -21.38 -11.72 -75.37
C GLN B 435 -20.94 -13.18 -75.51
N GLN B 436 -21.54 -14.07 -74.73
CA GLN B 436 -21.19 -15.48 -74.78
C GLN B 436 -21.59 -16.10 -76.12
N GLN B 437 -22.77 -15.73 -76.62
CA GLN B 437 -23.24 -16.29 -77.88
C GLN B 437 -22.42 -15.76 -79.05
N GLN B 438 -21.98 -14.50 -78.95
CA GLN B 438 -21.10 -13.93 -79.96
C GLN B 438 -19.74 -14.62 -79.97
N HIS B 439 -19.20 -14.91 -78.79
CA HIS B 439 -17.92 -15.62 -78.72
C HIS B 439 -18.05 -17.04 -79.26
N TYR B 440 -19.18 -17.69 -78.99
CA TYR B 440 -19.41 -19.05 -79.48
C TYR B 440 -19.51 -19.07 -81.00
N LEU B 441 -20.32 -18.20 -81.57
CA LEU B 441 -20.43 -18.14 -83.02
C LEU B 441 -19.21 -17.50 -83.69
N SER B 442 -18.34 -16.85 -82.91
CA SER B 442 -17.08 -16.37 -83.46
C SER B 442 -16.07 -17.49 -83.56
N ASP B 443 -16.01 -18.38 -82.56
CA ASP B 443 -15.08 -19.49 -82.69
C ASP B 443 -15.59 -20.56 -83.65
N GLU B 444 -16.90 -20.73 -83.76
CA GLU B 444 -17.42 -21.79 -84.62
C GLU B 444 -17.42 -21.37 -86.09
N PHE B 445 -18.18 -20.35 -86.44
CA PHE B 445 -18.40 -20.03 -87.84
C PHE B 445 -17.98 -18.62 -88.20
N ASN B 446 -17.35 -17.89 -87.27
CA ASN B 446 -16.72 -16.59 -87.49
C ASN B 446 -17.72 -15.56 -87.99
N PHE B 447 -18.88 -15.50 -87.34
CA PHE B 447 -19.98 -14.69 -87.83
C PHE B 447 -19.74 -13.21 -87.58
N VAL B 448 -19.87 -12.41 -88.64
CA VAL B 448 -19.80 -10.96 -88.52
C VAL B 448 -21.05 -10.44 -87.82
N THR B 449 -20.93 -9.27 -87.22
CA THR B 449 -22.10 -8.54 -86.77
C THR B 449 -22.46 -7.49 -87.81
N LEU B 450 -23.73 -7.10 -87.84
CA LEU B 450 -24.14 -6.04 -88.74
C LEU B 450 -24.24 -4.74 -87.95
N PRO B 451 -23.45 -3.73 -88.27
CA PRO B 451 -23.54 -2.47 -87.54
C PRO B 451 -24.75 -1.66 -87.95
N LEU B 452 -25.31 -0.95 -86.97
CA LEU B 452 -26.48 -0.12 -87.17
C LEU B 452 -26.06 1.34 -87.03
N VAL B 453 -25.63 1.93 -88.15
CA VAL B 453 -25.28 3.35 -88.13
C VAL B 453 -26.56 4.16 -88.04
N SER B 454 -26.49 5.29 -87.32
CA SER B 454 -27.59 6.23 -87.09
C SER B 454 -28.73 5.61 -86.30
N MET B 455 -28.45 4.58 -85.51
CA MET B 455 -29.43 4.01 -84.59
C MET B 455 -28.74 3.73 -83.27
N ASP B 456 -29.24 4.33 -82.19
CA ASP B 456 -28.63 4.19 -80.87
C ASP B 456 -28.99 2.81 -80.33
N LEU B 457 -28.13 1.84 -80.62
CA LEU B 457 -28.35 0.44 -80.28
C LEU B 457 -27.02 -0.16 -79.88
N PRO B 458 -27.02 -1.29 -79.17
CA PRO B 458 -25.76 -2.00 -78.90
C PRO B 458 -25.16 -2.57 -80.17
N ASP B 459 -23.89 -2.98 -80.05
CA ASP B 459 -23.08 -3.31 -81.21
C ASP B 459 -23.55 -4.60 -81.88
N ASN B 460 -23.44 -5.72 -81.18
CA ASN B 460 -23.74 -7.02 -81.77
C ASN B 460 -25.22 -7.38 -81.61
N THR B 461 -26.10 -6.46 -82.02
CA THR B 461 -27.53 -6.71 -81.88
C THR B 461 -28.03 -7.68 -82.93
N VAL B 462 -27.52 -7.57 -84.15
CA VAL B 462 -27.90 -8.48 -85.23
C VAL B 462 -26.63 -9.05 -85.87
N LEU B 463 -26.74 -10.30 -86.32
CA LEU B 463 -25.57 -11.06 -86.75
C LEU B 463 -25.76 -11.57 -88.16
N CYS B 464 -24.64 -11.73 -88.88
CA CYS B 464 -24.64 -12.26 -90.24
C CYS B 464 -23.43 -13.14 -90.46
N THR B 465 -23.46 -13.92 -91.52
CA THR B 465 -22.26 -14.57 -92.00
C THR B 465 -21.47 -13.60 -92.89
N PRO B 466 -20.15 -13.76 -92.96
CA PRO B 466 -19.38 -12.93 -93.90
C PRO B 466 -19.69 -13.28 -95.35
N ASN B 467 -19.50 -12.29 -96.22
CA ASN B 467 -19.92 -12.33 -97.63
C ASN B 467 -21.41 -12.65 -97.76
N ILE B 468 -22.21 -12.01 -96.91
CA ILE B 468 -23.66 -12.20 -96.93
C ILE B 468 -24.25 -11.60 -98.21
N SER B 469 -23.59 -10.59 -98.77
CA SER B 469 -24.02 -10.03 -100.06
C SER B 469 -23.81 -11.03 -101.19
N GLU B 470 -22.77 -11.86 -101.09
CA GLU B 470 -22.53 -12.88 -102.11
C GLU B 470 -23.18 -14.21 -101.78
N SER B 471 -23.80 -14.33 -100.60
CA SER B 471 -24.63 -15.50 -100.31
C SER B 471 -25.88 -15.43 -101.17
N ASN B 472 -26.03 -16.39 -102.09
CA ASN B 472 -27.14 -16.33 -103.05
C ASN B 472 -28.48 -16.62 -102.40
N THR B 473 -28.50 -17.27 -101.24
CA THR B 473 -29.74 -17.70 -100.62
C THR B 473 -29.65 -17.35 -99.14
N ILE B 474 -30.52 -16.44 -98.69
CA ILE B 474 -30.45 -15.87 -97.35
C ILE B 474 -31.70 -16.29 -96.57
N ILE B 475 -31.48 -16.78 -95.36
CA ILE B 475 -32.54 -17.05 -94.39
C ILE B 475 -32.40 -16.01 -93.27
N ILE B 476 -33.46 -15.25 -93.05
CA ILE B 476 -33.48 -14.21 -92.05
C ILE B 476 -34.35 -14.70 -90.90
N VAL B 477 -33.70 -15.05 -89.80
CA VAL B 477 -34.39 -15.41 -88.57
C VAL B 477 -34.47 -14.17 -87.69
N VAL B 478 -35.64 -13.90 -87.15
CA VAL B 478 -35.80 -12.97 -86.05
C VAL B 478 -36.36 -13.73 -84.85
N HIS B 479 -35.54 -13.85 -83.82
CA HIS B 479 -35.91 -14.60 -82.65
C HIS B 479 -36.01 -13.66 -81.46
N ASP B 480 -36.56 -14.18 -80.38
CA ASP B 480 -36.61 -13.47 -79.12
C ASP B 480 -35.69 -14.17 -78.14
N THR B 481 -35.30 -13.46 -77.08
CA THR B 481 -34.55 -14.08 -76.01
C THR B 481 -35.38 -15.15 -75.31
N SER B 482 -34.72 -16.21 -74.86
CA SER B 482 -35.42 -17.40 -74.42
C SER B 482 -36.07 -17.20 -73.07
N ASP B 483 -37.03 -18.08 -72.78
CA ASP B 483 -37.67 -18.16 -71.48
C ASP B 483 -37.02 -19.26 -70.66
N ILE B 484 -36.85 -19.01 -69.38
CA ILE B 484 -36.16 -19.94 -68.51
C ILE B 484 -37.18 -20.69 -67.67
N TRP B 485 -36.78 -21.87 -67.19
CA TRP B 485 -37.62 -22.75 -66.40
C TRP B 485 -36.90 -23.06 -65.09
N ALA B 486 -37.08 -22.19 -64.11
CA ALA B 486 -36.46 -22.37 -62.82
C ALA B 486 -37.48 -21.97 -61.76
N LYS B 487 -37.06 -21.95 -60.51
CA LYS B 487 -37.89 -21.47 -59.42
C LYS B 487 -37.39 -20.11 -58.95
N ARG B 488 -38.32 -19.21 -58.70
CA ARG B 488 -37.99 -17.88 -58.20
C ARG B 488 -38.21 -17.86 -56.71
N ASN B 489 -37.18 -17.47 -55.96
CA ASN B 489 -37.29 -17.35 -54.52
C ASN B 489 -38.20 -16.18 -54.21
N VAL B 490 -39.40 -16.47 -53.69
CA VAL B 490 -40.51 -15.54 -53.74
C VAL B 490 -40.30 -14.36 -52.80
N ILE B 491 -39.39 -14.46 -51.84
CA ILE B 491 -39.14 -13.32 -50.98
C ILE B 491 -38.02 -12.48 -51.57
N SER B 492 -36.87 -13.10 -51.82
CA SER B 492 -35.73 -12.35 -52.30
C SER B 492 -35.90 -11.90 -53.74
N GLY B 493 -36.74 -12.58 -54.51
CA GLY B 493 -36.89 -12.29 -55.91
C GLY B 493 -35.92 -13.00 -56.81
N THR B 494 -34.92 -13.67 -56.24
CA THR B 494 -33.88 -14.30 -57.04
C THR B 494 -34.31 -15.69 -57.49
N ILE B 495 -33.47 -16.27 -58.34
CA ILE B 495 -33.64 -17.63 -58.83
C ILE B 495 -32.42 -18.43 -58.38
N ASP B 496 -32.56 -19.75 -58.44
CA ASP B 496 -31.48 -20.65 -58.10
C ASP B 496 -30.80 -21.15 -59.35
N LEU B 497 -29.47 -21.04 -59.37
CA LEU B 497 -28.69 -21.46 -60.53
C LEU B 497 -28.71 -22.97 -60.73
N SER B 498 -28.97 -23.74 -59.67
CA SER B 498 -28.90 -25.19 -59.78
C SER B 498 -30.09 -25.75 -60.53
N SER B 499 -31.27 -25.17 -60.33
CA SER B 499 -32.45 -25.62 -61.04
C SER B 499 -32.71 -24.81 -62.30
N SER B 500 -31.72 -24.06 -62.76
CA SER B 500 -31.90 -23.16 -63.90
C SER B 500 -31.89 -23.99 -65.18
N VAL B 501 -33.06 -24.18 -65.77
CA VAL B 501 -33.20 -24.88 -67.04
C VAL B 501 -33.36 -23.82 -68.11
N ILE B 502 -32.31 -23.62 -68.90
CA ILE B 502 -32.32 -22.62 -69.96
C ILE B 502 -31.90 -23.30 -71.25
N ILE B 503 -32.63 -23.03 -72.32
CA ILE B 503 -32.39 -23.65 -73.62
C ILE B 503 -32.36 -22.56 -74.68
N ASP B 504 -31.36 -22.60 -75.55
CA ASP B 504 -31.27 -21.68 -76.67
C ASP B 504 -31.95 -22.35 -77.86
N ASN B 505 -33.25 -22.11 -78.02
CA ASN B 505 -34.03 -22.75 -79.06
C ASN B 505 -33.74 -22.19 -80.45
N SER B 506 -33.26 -20.95 -80.52
CA SER B 506 -33.12 -20.28 -81.80
C SER B 506 -31.93 -20.74 -82.61
N LEU B 507 -30.94 -21.38 -81.96
CA LEU B 507 -29.68 -21.66 -82.64
C LEU B 507 -29.82 -22.77 -83.66
N ASP B 508 -30.77 -23.69 -83.45
CA ASP B 508 -30.83 -24.94 -84.20
C ASP B 508 -31.13 -24.72 -85.66
N PHE B 509 -31.92 -23.69 -85.99
CA PHE B 509 -32.18 -23.35 -87.38
C PHE B 509 -30.89 -22.96 -88.10
N ILE B 510 -30.00 -22.26 -87.41
CA ILE B 510 -28.68 -21.97 -87.96
C ILE B 510 -27.92 -23.26 -88.21
N LYS B 511 -28.08 -24.24 -87.30
CA LYS B 511 -27.49 -25.55 -87.52
C LYS B 511 -28.16 -26.26 -88.69
N TRP B 512 -29.42 -25.94 -88.97
CA TRP B 512 -29.96 -26.35 -90.26
C TRP B 512 -29.41 -25.47 -91.37
N GLY B 513 -29.34 -24.16 -91.13
CA GLY B 513 -29.00 -23.22 -92.19
C GLY B 513 -27.54 -23.29 -92.61
N LEU B 514 -26.67 -23.74 -91.71
CA LEU B 514 -25.28 -23.97 -92.09
C LEU B 514 -25.13 -25.22 -92.94
N ASP B 515 -26.09 -26.15 -92.86
CA ASP B 515 -25.99 -27.34 -93.68
C ASP B 515 -26.36 -27.06 -95.13
N ARG B 516 -27.22 -26.09 -95.36
CA ARG B 516 -27.62 -25.73 -96.71
C ARG B 516 -26.66 -24.74 -97.35
N LYS B 517 -25.62 -24.30 -96.63
CA LYS B 517 -24.70 -23.23 -97.04
C LYS B 517 -25.45 -21.94 -97.37
N TYR B 518 -26.52 -21.68 -96.62
CA TYR B 518 -27.34 -20.51 -96.83
C TYR B 518 -26.76 -19.33 -96.06
N GLY B 519 -27.02 -18.13 -96.57
CA GLY B 519 -26.70 -16.93 -95.83
C GLY B 519 -27.60 -16.80 -94.62
N ILE B 520 -27.03 -16.34 -93.51
CA ILE B 520 -27.73 -16.30 -92.23
C ILE B 520 -27.83 -14.85 -91.78
N ILE B 521 -29.03 -14.40 -91.47
CA ILE B 521 -29.23 -13.09 -90.87
C ILE B 521 -30.06 -13.27 -89.61
N ASP B 522 -29.43 -13.07 -88.45
CA ASP B 522 -30.04 -13.27 -87.15
C ASP B 522 -30.40 -11.93 -86.53
N VAL B 523 -31.62 -11.85 -86.01
CA VAL B 523 -32.11 -10.64 -85.36
C VAL B 523 -32.59 -11.00 -83.96
N ASN B 524 -32.11 -10.25 -82.97
CA ASN B 524 -32.64 -10.29 -81.62
C ASN B 524 -33.15 -8.91 -81.25
N ILE B 525 -34.32 -8.87 -80.63
CA ILE B 525 -34.89 -7.63 -80.11
C ILE B 525 -34.92 -7.72 -78.59
N PRO B 526 -34.50 -6.68 -77.87
CA PRO B 526 -34.58 -6.72 -76.41
C PRO B 526 -35.95 -6.27 -75.94
N LEU B 527 -36.50 -7.02 -74.98
CA LEU B 527 -37.82 -6.70 -74.42
C LEU B 527 -37.64 -5.61 -73.38
N THR B 528 -37.56 -4.37 -73.88
CA THR B 528 -37.65 -3.09 -73.16
C THR B 528 -36.44 -2.78 -72.29
N LEU B 529 -35.53 -3.74 -72.10
CA LEU B 529 -34.21 -3.58 -71.48
C LEU B 529 -34.23 -3.20 -69.99
N PHE B 530 -35.42 -2.86 -69.46
CA PHE B 530 -35.75 -2.46 -68.09
C PHE B 530 -35.10 -1.14 -67.65
N GLU B 531 -34.12 -0.65 -68.39
CA GLU B 531 -33.41 0.57 -68.07
C GLU B 531 -34.05 1.86 -68.59
N PRO B 532 -34.43 2.01 -69.90
CA PRO B 532 -34.86 3.35 -70.34
C PRO B 532 -36.32 3.65 -70.05
N ASP B 533 -37.17 2.61 -70.02
CA ASP B 533 -38.57 2.59 -69.60
C ASP B 533 -39.51 3.28 -70.61
N ASN B 534 -38.96 3.97 -71.59
CA ASN B 534 -39.75 4.49 -72.70
C ASN B 534 -39.63 3.59 -73.91
N TYR B 535 -38.91 2.48 -73.77
CA TYR B 535 -38.60 1.60 -74.87
C TYR B 535 -39.82 0.79 -75.27
N SER B 536 -39.93 0.52 -76.56
CA SER B 536 -40.95 -0.37 -77.09
C SER B 536 -40.28 -1.31 -78.08
N GLY B 537 -40.40 -2.61 -77.83
CA GLY B 537 -39.80 -3.58 -78.73
C GLY B 537 -40.47 -3.63 -80.08
N MET B 538 -41.76 -3.27 -80.12
CA MET B 538 -42.54 -3.32 -81.36
C MET B 538 -42.01 -2.34 -82.38
N ILE B 539 -42.01 -1.05 -82.03
CA ILE B 539 -41.64 0.01 -82.97
C ILE B 539 -40.16 -0.07 -83.31
N THR B 540 -39.32 -0.52 -82.37
CA THR B 540 -37.91 -0.70 -82.68
C THR B 540 -37.69 -1.90 -83.58
N SER B 541 -38.54 -2.94 -83.47
CA SER B 541 -38.50 -4.04 -84.43
C SER B 541 -38.89 -3.56 -85.83
N GLN B 542 -39.91 -2.69 -85.90
CA GLN B 542 -40.27 -2.06 -87.16
C GLN B 542 -39.13 -1.23 -87.72
N GLU B 543 -38.44 -0.52 -86.83
CA GLU B 543 -37.26 0.28 -87.19
C GLU B 543 -36.20 -0.57 -87.85
N VAL B 544 -35.81 -1.66 -87.20
CA VAL B 544 -34.69 -2.43 -87.74
C VAL B 544 -35.10 -3.22 -88.97
N LEU B 545 -36.38 -3.64 -89.06
CA LEU B 545 -36.78 -4.40 -90.24
C LEU B 545 -36.94 -3.52 -91.47
N ILE B 546 -37.53 -2.33 -91.30
CA ILE B 546 -37.59 -1.35 -92.39
C ILE B 546 -36.19 -0.89 -92.78
N TYR B 547 -35.33 -0.69 -91.78
CA TYR B 547 -33.95 -0.29 -92.01
C TYR B 547 -33.19 -1.35 -92.79
N LEU B 548 -33.46 -2.62 -92.50
CA LEU B 548 -32.79 -3.70 -93.22
C LEU B 548 -33.28 -3.80 -94.65
N TRP B 549 -34.60 -3.74 -94.86
CA TRP B 549 -35.14 -3.91 -96.20
C TRP B 549 -34.78 -2.75 -97.12
N ASP B 550 -34.76 -1.53 -96.58
CA ASP B 550 -34.42 -0.38 -97.42
C ASP B 550 -32.92 -0.15 -97.52
N ASN B 551 -32.17 -0.49 -96.47
CA ASN B 551 -30.76 -0.12 -96.39
C ASN B 551 -29.82 -1.16 -96.98
N TYR B 552 -30.14 -2.44 -96.85
CA TYR B 552 -29.17 -3.46 -97.22
C TYR B 552 -29.70 -4.53 -98.15
N ILE B 553 -30.98 -4.91 -98.02
CA ILE B 553 -31.51 -5.96 -98.89
C ILE B 553 -31.67 -5.44 -100.31
N LYS B 554 -31.97 -4.16 -100.47
CA LYS B 554 -32.12 -3.55 -101.78
C LYS B 554 -30.79 -3.24 -102.46
N TYR B 555 -29.65 -3.65 -101.88
CA TYR B 555 -28.36 -3.38 -102.48
C TYR B 555 -27.48 -4.61 -102.57
N PHE B 556 -27.96 -5.76 -102.13
CA PHE B 556 -27.21 -7.00 -102.28
C PHE B 556 -27.21 -7.39 -103.75
N PRO B 557 -26.06 -7.73 -104.33
CA PRO B 557 -26.07 -8.18 -105.73
C PRO B 557 -26.63 -9.57 -105.89
N SER B 558 -26.41 -10.46 -104.93
CA SER B 558 -26.85 -11.86 -105.04
C SER B 558 -28.08 -12.12 -104.19
N VAL B 559 -29.00 -11.17 -104.07
CA VAL B 559 -30.16 -11.39 -103.21
C VAL B 559 -31.19 -12.23 -103.96
N ALA B 560 -31.57 -13.36 -103.37
CA ALA B 560 -32.48 -14.32 -103.98
C ALA B 560 -32.99 -15.25 -102.90
N LYS B 561 -34.28 -15.61 -102.99
CA LYS B 561 -34.92 -16.67 -102.21
C LYS B 561 -34.82 -16.40 -100.70
N ILE B 562 -35.48 -15.35 -100.27
CA ILE B 562 -35.48 -14.96 -98.87
C ILE B 562 -36.61 -15.69 -98.15
N ALA B 563 -36.27 -16.38 -97.07
CA ALA B 563 -37.27 -16.89 -96.15
C ALA B 563 -37.24 -16.06 -94.86
N PHE B 564 -38.32 -16.15 -94.11
CA PHE B 564 -38.45 -15.39 -92.88
C PHE B 564 -38.98 -16.27 -91.77
N ILE B 565 -38.30 -16.23 -90.63
CA ILE B 565 -38.69 -16.99 -89.45
C ILE B 565 -38.78 -16.02 -88.27
N GLY B 566 -39.96 -15.91 -87.70
CA GLY B 566 -40.18 -15.09 -86.51
C GLY B 566 -40.61 -15.98 -85.37
N ILE B 567 -40.04 -15.74 -84.18
CA ILE B 567 -40.31 -16.55 -83.02
C ILE B 567 -40.82 -15.65 -81.90
N GLY B 568 -41.98 -15.99 -81.35
CA GLY B 568 -42.57 -15.26 -80.24
C GLY B 568 -43.44 -14.12 -80.72
N ASP B 569 -43.53 -13.05 -79.93
CA ASP B 569 -44.25 -11.86 -80.31
C ASP B 569 -43.39 -10.89 -81.12
N SER B 570 -42.17 -11.30 -81.47
CA SER B 570 -41.33 -10.51 -82.37
C SER B 570 -41.89 -10.45 -83.78
N TYR B 571 -42.67 -11.46 -84.17
CA TYR B 571 -43.15 -11.66 -85.53
C TYR B 571 -44.04 -10.52 -86.03
N SER B 572 -44.63 -9.76 -85.12
CA SER B 572 -45.40 -8.56 -85.48
C SER B 572 -44.55 -7.57 -86.28
N GLY B 573 -43.25 -7.48 -85.96
CA GLY B 573 -42.37 -6.64 -86.76
C GLY B 573 -42.30 -7.10 -88.20
N ILE B 574 -42.27 -8.42 -88.43
CA ILE B 574 -42.38 -8.98 -89.77
C ILE B 574 -43.69 -8.55 -90.42
N VAL B 575 -44.76 -8.50 -89.63
CA VAL B 575 -46.05 -7.97 -90.06
C VAL B 575 -45.90 -6.55 -90.55
N HIS B 576 -45.11 -5.75 -89.83
CA HIS B 576 -44.88 -4.38 -90.25
C HIS B 576 -44.02 -4.31 -91.50
N LEU B 577 -43.16 -5.30 -91.72
CA LEU B 577 -42.46 -5.34 -93.00
C LEU B 577 -43.31 -5.97 -94.09
N LEU B 578 -44.39 -6.68 -93.73
CA LEU B 578 -45.18 -7.37 -94.73
C LEU B 578 -46.47 -6.64 -95.10
N GLY B 579 -46.95 -5.73 -94.25
CA GLY B 579 -48.10 -4.94 -94.62
C GLY B 579 -47.79 -3.60 -95.23
N HIS B 580 -46.54 -3.19 -95.19
CA HIS B 580 -46.15 -1.85 -95.60
C HIS B 580 -45.20 -1.82 -96.79
N ARG B 581 -44.73 -2.98 -97.26
CA ARG B 581 -43.79 -3.02 -98.38
C ARG B 581 -44.23 -4.13 -99.33
N ASP B 582 -43.44 -4.33 -100.38
CA ASP B 582 -43.65 -5.40 -101.36
C ASP B 582 -42.30 -6.11 -101.53
N THR B 583 -42.11 -7.19 -100.77
CA THR B 583 -40.87 -7.96 -100.81
C THR B 583 -41.07 -9.27 -101.56
N ARG B 584 -42.31 -9.57 -101.96
CA ARG B 584 -42.75 -10.86 -102.48
C ARG B 584 -42.05 -11.30 -103.76
N ALA B 585 -41.32 -10.41 -104.44
CA ALA B 585 -40.57 -10.81 -105.61
C ALA B 585 -39.38 -11.70 -105.23
N VAL B 586 -38.67 -11.35 -104.16
CA VAL B 586 -37.49 -12.08 -103.74
C VAL B 586 -37.81 -13.09 -102.64
N THR B 587 -38.60 -12.70 -101.64
CA THR B 587 -38.92 -13.62 -100.57
C THR B 587 -39.96 -14.63 -101.05
N LYS B 588 -40.03 -15.75 -100.33
CA LYS B 588 -40.90 -16.85 -100.72
C LYS B 588 -41.99 -17.12 -99.69
N THR B 589 -41.62 -17.45 -98.45
CA THR B 589 -42.59 -17.85 -97.43
C THR B 589 -42.18 -17.25 -96.10
N VAL B 590 -43.11 -17.30 -95.13
CA VAL B 590 -42.87 -16.78 -93.79
C VAL B 590 -43.35 -17.80 -92.76
N ILE B 591 -42.59 -17.92 -91.67
CA ILE B 591 -42.85 -18.86 -90.59
C ILE B 591 -42.93 -18.08 -89.29
N ASN B 592 -43.96 -18.37 -88.50
CA ASN B 592 -44.10 -17.83 -87.15
C ASN B 592 -44.26 -18.97 -86.16
N PHE B 593 -43.56 -18.85 -85.03
CA PHE B 593 -43.80 -19.70 -83.86
C PHE B 593 -44.41 -18.81 -82.80
N LEU B 594 -45.73 -18.64 -82.86
CA LEU B 594 -46.38 -17.73 -81.93
C LEU B 594 -46.58 -18.40 -80.57
N GLY B 595 -47.15 -19.60 -80.56
CA GLY B 595 -47.46 -20.24 -79.31
C GLY B 595 -48.74 -19.71 -78.68
N ASP B 596 -48.63 -19.20 -77.47
CA ASP B 596 -49.76 -18.73 -76.69
C ASP B 596 -49.94 -17.21 -76.76
N LYS B 597 -49.22 -16.52 -77.63
CA LYS B 597 -49.39 -15.09 -77.80
C LYS B 597 -50.69 -14.80 -78.55
N GLN B 598 -51.10 -13.53 -78.55
CA GLN B 598 -52.29 -13.16 -79.29
C GLN B 598 -51.97 -13.08 -80.78
N LEU B 599 -53.02 -13.15 -81.59
CA LEU B 599 -52.85 -13.27 -83.04
C LEU B 599 -52.40 -11.96 -83.66
N LYS B 600 -51.71 -12.06 -84.79
CA LYS B 600 -51.20 -10.89 -85.51
C LYS B 600 -52.05 -10.63 -86.75
N PRO B 601 -52.81 -9.54 -86.81
CA PRO B 601 -53.54 -9.22 -88.05
C PRO B 601 -52.64 -8.54 -89.06
N LEU B 602 -52.44 -9.16 -90.21
CA LEU B 602 -51.74 -8.49 -91.31
C LEU B 602 -52.78 -7.79 -92.17
N VAL B 603 -52.70 -6.46 -92.23
CA VAL B 603 -53.53 -5.66 -93.11
C VAL B 603 -52.59 -5.01 -94.13
N PRO B 604 -52.80 -5.20 -95.43
CA PRO B 604 -51.89 -4.59 -96.40
C PRO B 604 -52.25 -3.15 -96.67
N LEU B 605 -51.23 -2.38 -97.04
CA LEU B 605 -51.37 -0.95 -97.30
C LEU B 605 -51.19 -0.55 -98.76
N VAL B 606 -50.41 -1.30 -99.52
CA VAL B 606 -50.11 -0.93 -100.90
C VAL B 606 -50.93 -1.74 -101.90
N ASP B 607 -51.21 -3.00 -101.61
CA ASP B 607 -51.98 -3.85 -102.50
C ASP B 607 -53.02 -4.61 -101.68
N GLU B 608 -53.65 -5.62 -102.28
CA GLU B 608 -54.54 -6.50 -101.53
C GLU B 608 -54.22 -7.98 -101.72
N THR B 609 -53.40 -8.34 -102.70
CA THR B 609 -52.92 -9.71 -102.79
C THR B 609 -51.76 -9.98 -101.84
N LEU B 610 -51.27 -8.96 -101.14
CA LEU B 610 -50.32 -9.19 -100.06
C LEU B 610 -50.93 -10.07 -98.98
N SER B 611 -52.19 -9.79 -98.60
CA SER B 611 -52.88 -10.59 -97.60
C SER B 611 -53.18 -11.99 -98.11
N GLU B 612 -53.49 -12.13 -99.41
CA GLU B 612 -53.77 -13.44 -99.97
C GLU B 612 -52.50 -14.28 -100.06
N TRP B 613 -51.40 -13.68 -100.53
CA TRP B 613 -50.11 -14.36 -100.58
C TRP B 613 -49.62 -14.72 -99.18
N TYR B 614 -49.84 -13.83 -98.22
CA TYR B 614 -49.48 -14.09 -96.84
C TYR B 614 -50.35 -15.19 -96.25
N PHE B 615 -51.60 -15.29 -96.69
CA PHE B 615 -52.43 -16.41 -96.29
C PHE B 615 -51.94 -17.69 -96.94
N LYS B 616 -51.35 -17.59 -98.14
CA LYS B 616 -50.87 -18.78 -98.83
C LYS B 616 -49.48 -19.21 -98.37
N ASN B 617 -48.61 -18.27 -97.99
CA ASN B 617 -47.20 -18.57 -97.82
C ASN B 617 -46.75 -18.37 -96.37
N SER B 618 -47.56 -18.82 -95.41
CA SER B 618 -47.20 -18.66 -94.01
C SER B 618 -47.55 -19.90 -93.21
N LEU B 619 -46.66 -20.27 -92.30
CA LEU B 619 -46.91 -21.33 -91.34
C LEU B 619 -46.73 -20.74 -89.94
N ILE B 620 -47.84 -20.58 -89.24
CA ILE B 620 -47.85 -19.90 -87.93
C ILE B 620 -48.34 -20.92 -86.91
N PHE B 621 -47.40 -21.51 -86.17
CA PHE B 621 -47.76 -22.48 -85.15
C PHE B 621 -48.18 -21.78 -83.87
N SER B 622 -49.21 -22.31 -83.22
CA SER B 622 -49.77 -21.67 -82.05
C SER B 622 -49.92 -22.63 -80.88
N ASN B 623 -50.61 -22.18 -79.83
CA ASN B 623 -50.84 -23.02 -78.65
C ASN B 623 -52.04 -23.93 -78.87
N ASN B 624 -51.92 -25.16 -78.36
CA ASN B 624 -53.06 -26.07 -78.35
C ASN B 624 -54.17 -25.58 -77.43
N SER B 625 -53.81 -24.94 -76.32
CA SER B 625 -54.79 -24.42 -75.38
C SER B 625 -55.15 -22.96 -75.64
N HIS B 626 -55.09 -22.53 -76.89
CA HIS B 626 -55.45 -21.17 -77.27
C HIS B 626 -56.87 -21.08 -77.80
N GLN B 627 -57.26 -22.04 -78.64
CA GLN B 627 -58.59 -22.31 -79.19
C GLN B 627 -59.05 -21.25 -80.19
N CYS B 628 -58.30 -20.18 -80.40
CA CYS B 628 -58.69 -19.12 -81.32
C CYS B 628 -57.57 -18.83 -82.31
N LYS B 639 -59.41 -15.18 -91.95
CA LYS B 639 -58.69 -15.50 -93.18
C LYS B 639 -57.49 -14.57 -93.34
N LYS B 640 -57.59 -13.37 -92.80
CA LYS B 640 -56.57 -12.35 -92.93
C LYS B 640 -55.42 -12.52 -91.95
N PHE B 641 -55.42 -13.60 -91.16
CA PHE B 641 -54.34 -13.86 -90.22
C PHE B 641 -53.24 -14.73 -90.79
N GLY B 642 -53.50 -15.44 -91.89
CA GLY B 642 -52.47 -16.19 -92.58
C GLY B 642 -52.14 -17.56 -92.01
N ARG B 643 -53.15 -18.43 -91.97
CA ARG B 643 -53.01 -19.88 -91.75
C ARG B 643 -52.37 -20.21 -90.40
N VAL B 644 -53.07 -19.81 -89.34
CA VAL B 644 -52.65 -20.19 -88.00
C VAL B 644 -52.97 -21.66 -87.79
N LEU B 645 -52.03 -22.40 -87.21
CA LEU B 645 -52.12 -23.84 -87.04
C LEU B 645 -52.01 -24.17 -85.56
N ARG B 646 -53.03 -24.86 -85.04
CA ARG B 646 -53.03 -25.31 -83.66
C ARG B 646 -52.13 -26.53 -83.51
N CYS B 647 -51.15 -26.44 -82.62
CA CYS B 647 -50.19 -27.52 -82.44
C CYS B 647 -50.81 -28.57 -81.51
N ASP B 648 -50.03 -29.58 -81.09
CA ASP B 648 -50.61 -30.71 -80.38
C ASP B 648 -50.23 -30.81 -78.91
N THR B 649 -48.94 -30.76 -78.57
CA THR B 649 -48.55 -31.03 -77.19
C THR B 649 -48.73 -29.80 -76.31
N ASP B 650 -48.08 -28.70 -76.69
CA ASP B 650 -48.12 -27.47 -75.92
C ASP B 650 -48.81 -26.37 -76.71
N LEU B 652 -43.26 -23.98 -74.80
CA LEU B 652 -42.81 -23.24 -75.97
C LEU B 652 -41.85 -24.06 -76.81
N ASN B 653 -40.83 -24.63 -76.15
CA ASN B 653 -39.83 -25.41 -76.88
C ASN B 653 -40.37 -26.74 -77.37
N ASN B 654 -41.44 -27.24 -76.76
CA ASN B 654 -42.01 -28.52 -77.18
C ASN B 654 -42.62 -28.42 -78.58
N ILE B 655 -43.32 -27.32 -78.87
CA ILE B 655 -43.83 -27.14 -80.22
C ILE B 655 -42.69 -26.83 -81.19
N ILE B 656 -41.56 -26.31 -80.69
CA ILE B 656 -40.41 -26.05 -81.54
C ILE B 656 -39.78 -27.36 -81.99
N GLU B 657 -39.54 -28.27 -81.06
CA GLU B 657 -39.03 -29.58 -81.45
C GLU B 657 -40.09 -30.42 -82.15
N GLU B 658 -41.37 -30.09 -81.97
CA GLU B 658 -42.42 -30.85 -82.62
C GLU B 658 -42.61 -30.42 -84.07
N ARG B 659 -42.37 -29.15 -84.39
CA ARG B 659 -42.70 -28.66 -85.72
C ARG B 659 -41.50 -28.03 -86.44
N PHE B 660 -40.29 -28.18 -85.88
CA PHE B 660 -39.06 -27.86 -86.60
C PHE B 660 -38.98 -28.62 -87.91
N GLU B 661 -39.32 -29.91 -87.86
CA GLU B 661 -39.24 -30.77 -89.04
C GLU B 661 -40.24 -30.34 -90.11
N GLU B 662 -41.47 -30.08 -89.70
CA GLU B 662 -42.51 -29.71 -90.65
C GLU B 662 -42.25 -28.34 -91.25
N ALA B 663 -41.77 -27.40 -90.43
CA ALA B 663 -41.44 -26.08 -90.93
C ALA B 663 -40.26 -26.13 -91.91
N THR B 664 -39.22 -26.91 -91.58
CA THR B 664 -38.07 -26.93 -92.47
C THR B 664 -38.34 -27.74 -93.73
N ASP B 665 -39.24 -28.73 -93.68
CA ASP B 665 -39.63 -29.44 -94.89
C ASP B 665 -40.50 -28.56 -95.78
N PHE B 666 -41.37 -27.74 -95.19
CA PHE B 666 -42.14 -26.80 -95.99
C PHE B 666 -41.24 -25.74 -96.61
N ILE B 667 -40.20 -25.30 -95.89
CA ILE B 667 -39.27 -24.30 -96.44
C ILE B 667 -38.44 -24.90 -97.57
N LEU B 668 -38.00 -26.15 -97.41
CA LEU B 668 -37.26 -26.81 -98.47
C LEU B 668 -38.13 -27.12 -99.68
N ASP B 669 -39.44 -27.33 -99.48
CA ASP B 669 -40.31 -27.57 -100.62
C ASP B 669 -40.68 -26.28 -101.33
N SER B 670 -40.87 -25.18 -100.59
CA SER B 670 -41.12 -23.89 -101.22
C SER B 670 -39.88 -23.37 -101.93
N PHE B 671 -38.69 -23.72 -101.41
CA PHE B 671 -37.45 -23.37 -102.08
C PHE B 671 -37.11 -24.34 -103.20
N GLU B 672 -37.63 -25.57 -103.11
CA GLU B 672 -37.44 -26.66 -104.08
C GLU B 672 -35.95 -26.98 -104.33
N LYS C 1 -23.07 47.27 -28.92
CA LYS C 1 -24.09 47.63 -29.91
C LYS C 1 -25.47 47.52 -29.29
N VAL C 2 -26.13 48.65 -29.12
CA VAL C 2 -27.47 48.72 -28.55
C VAL C 2 -28.40 49.32 -29.60
N TYR C 3 -29.40 48.55 -30.00
CA TYR C 3 -30.40 49.01 -30.95
C TYR C 3 -31.77 48.95 -30.28
N TYR C 4 -32.75 49.55 -30.93
CA TYR C 4 -34.07 49.68 -30.34
C TYR C 4 -35.14 49.34 -31.37
N LEU C 5 -36.30 48.92 -30.87
CA LEU C 5 -37.38 48.45 -31.71
C LEU C 5 -38.68 49.16 -31.33
N PRO C 6 -39.42 49.68 -32.32
CA PRO C 6 -40.65 50.43 -32.01
C PRO C 6 -41.80 49.49 -31.66
N VAL C 7 -42.32 49.65 -30.45
CA VAL C 7 -43.42 48.85 -29.97
C VAL C 7 -44.58 49.79 -29.66
N THR C 8 -45.77 49.41 -30.08
CA THR C 8 -46.99 50.06 -29.63
C THR C 8 -47.79 49.10 -28.78
N LEU C 9 -48.86 49.63 -28.19
CA LEU C 9 -49.77 48.80 -27.43
C LEU C 9 -50.86 48.28 -28.36
N THR C 10 -51.88 47.67 -27.80
CA THR C 10 -53.04 47.25 -28.56
C THR C 10 -54.27 47.90 -27.96
N GLN C 11 -55.41 47.58 -28.58
CA GLN C 11 -56.69 48.13 -28.16
C GLN C 11 -57.06 47.63 -26.77
N PHE C 12 -56.77 46.37 -26.49
CA PHE C 12 -57.00 45.83 -25.16
C PHE C 12 -56.07 46.44 -24.13
N GLN C 13 -54.80 46.65 -24.50
CA GLN C 13 -53.84 47.27 -23.61
C GLN C 13 -54.20 48.71 -23.31
N LYS C 14 -54.66 49.43 -24.34
CA LYS C 14 -55.04 50.82 -24.14
C LYS C 14 -56.30 50.94 -23.28
N ASP C 15 -57.26 50.02 -23.46
CA ASP C 15 -58.46 50.03 -22.64
C ASP C 15 -58.14 49.69 -21.19
N LEU C 16 -57.23 48.74 -20.96
CA LEU C 16 -56.88 48.39 -19.59
C LEU C 16 -56.09 49.50 -18.91
N SER C 17 -55.22 50.20 -19.66
CA SER C 17 -54.53 51.33 -19.08
C SER C 17 -55.48 52.48 -18.78
N GLU C 18 -56.53 52.64 -19.60
CA GLU C 18 -57.58 53.59 -19.25
C GLU C 18 -58.33 53.19 -17.99
N ILE C 19 -58.50 51.88 -17.77
CA ILE C 19 -59.13 51.41 -16.54
C ILE C 19 -58.26 51.73 -15.34
N LEU C 20 -56.94 51.53 -15.46
CA LEU C 20 -56.04 51.89 -14.36
C LEU C 20 -55.96 53.40 -14.14
N ILE C 21 -56.08 54.19 -15.21
CA ILE C 21 -56.14 55.63 -15.05
C ILE C 21 -57.41 56.04 -14.33
N SER C 22 -58.53 55.36 -14.65
CA SER C 22 -59.78 55.60 -13.92
C SER C 22 -59.68 55.18 -12.47
N LEU C 23 -58.80 54.23 -12.16
CA LEU C 23 -58.65 53.80 -10.77
C LEU C 23 -57.60 54.61 -10.02
N HIS C 24 -56.73 55.32 -10.74
CA HIS C 24 -55.65 56.07 -10.10
C HIS C 24 -55.72 57.58 -10.30
N ALA C 25 -56.76 58.09 -10.98
CA ALA C 25 -56.72 59.45 -11.48
C ALA C 25 -56.86 60.49 -10.37
N LYS C 26 -57.72 60.22 -9.39
CA LYS C 26 -57.92 61.18 -8.30
C LYS C 26 -56.68 61.29 -7.43
N SER C 27 -56.08 60.15 -7.09
CA SER C 27 -54.87 60.16 -6.28
C SER C 27 -53.69 60.73 -7.05
N PHE C 28 -53.62 60.50 -8.36
CA PHE C 28 -52.53 61.08 -9.14
C PHE C 28 -52.69 62.58 -9.28
N LYS C 29 -53.92 63.06 -9.49
CA LYS C 29 -54.16 64.49 -9.56
C LYS C 29 -53.96 65.15 -8.21
N ALA C 30 -54.22 64.42 -7.12
CA ALA C 30 -53.94 64.93 -5.78
C ALA C 30 -52.45 65.04 -5.53
N SER C 31 -51.68 64.05 -5.99
CA SER C 31 -50.23 64.11 -5.84
C SER C 31 -49.58 65.06 -6.83
N ILE C 32 -50.29 65.47 -7.88
CA ILE C 32 -49.76 66.46 -8.81
C ILE C 32 -50.20 67.84 -8.34
N ILE C 33 -51.51 68.03 -8.21
CA ILE C 33 -52.05 69.31 -7.75
C ILE C 33 -52.89 69.09 -6.51
N THR C 53 -60.72 42.60 8.81
CA THR C 53 -59.61 42.25 7.93
C THR C 53 -58.37 43.06 8.27
N HIS C 54 -58.46 44.37 8.08
CA HIS C 54 -57.33 45.28 8.25
C HIS C 54 -57.87 46.66 8.54
N PRO C 55 -57.11 47.50 9.24
CA PRO C 55 -57.47 48.93 9.35
C PRO C 55 -57.54 49.57 7.98
N TYR C 56 -58.69 50.18 7.69
CA TYR C 56 -59.04 50.79 6.41
C TYR C 56 -58.05 51.83 5.87
N PRO C 57 -57.29 52.57 6.69
CA PRO C 57 -56.09 53.23 6.15
C PRO C 57 -55.09 52.21 5.64
N THR C 58 -54.82 52.25 4.34
CA THR C 58 -54.06 51.21 3.67
C THR C 58 -52.64 51.63 3.34
N LEU C 59 -52.46 52.75 2.65
CA LEU C 59 -51.20 52.97 1.97
C LEU C 59 -50.98 54.46 1.78
N SER C 60 -49.71 54.81 1.55
CA SER C 60 -49.31 56.17 1.28
C SER C 60 -49.56 56.50 -0.19
N GLN C 61 -49.33 57.77 -0.54
CA GLN C 61 -49.40 58.17 -1.93
C GLN C 61 -48.20 57.64 -2.70
N ARG C 62 -47.07 57.48 -2.03
CA ARG C 62 -45.91 56.82 -2.63
C ARG C 62 -46.23 55.38 -2.99
N GLN C 63 -46.92 54.68 -2.11
CA GLN C 63 -47.35 53.32 -2.43
C GLN C 63 -48.42 53.31 -3.51
N LEU C 64 -49.23 54.37 -3.58
CA LEU C 64 -50.25 54.46 -4.63
C LEU C 64 -49.60 54.61 -6.00
N THR C 65 -48.60 55.47 -6.13
CA THR C 65 -47.93 55.57 -7.42
C THR C 65 -46.99 54.41 -7.70
N TYR C 66 -46.52 53.70 -6.67
CA TYR C 66 -45.81 52.45 -6.91
C TYR C 66 -46.74 51.41 -7.51
N ILE C 67 -47.96 51.32 -6.99
CA ILE C 67 -48.99 50.46 -7.58
C ILE C 67 -49.29 50.91 -9.01
N PHE C 68 -49.31 52.23 -9.23
CA PHE C 68 -49.61 52.80 -10.54
C PHE C 68 -48.58 52.39 -11.59
N ASP C 69 -47.29 52.68 -11.34
CA ASP C 69 -46.33 52.40 -12.40
C ASP C 69 -46.02 50.91 -12.51
N SER C 70 -46.13 50.15 -11.41
CA SER C 70 -45.90 48.71 -11.50
C SER C 70 -47.00 48.04 -12.30
N ASN C 71 -48.26 48.40 -12.07
CA ASN C 71 -49.32 47.79 -12.84
C ASN C 71 -49.37 48.31 -14.27
N ILE C 72 -48.88 49.53 -14.51
CA ILE C 72 -48.86 49.98 -15.89
C ILE C 72 -47.70 49.32 -16.65
N ARG C 73 -46.63 48.93 -15.97
CA ARG C 73 -45.60 48.12 -16.63
C ARG C 73 -46.07 46.69 -16.79
N ALA C 74 -46.98 46.23 -15.93
CA ALA C 74 -47.59 44.93 -16.12
C ALA C 74 -48.49 44.93 -17.35
N ILE C 75 -49.18 46.05 -17.59
CA ILE C 75 -49.93 46.19 -18.84
C ILE C 75 -48.98 46.25 -20.03
N ALA C 76 -47.81 46.86 -19.85
CA ALA C 76 -46.82 46.96 -20.92
C ALA C 76 -46.31 45.61 -21.41
N ASN C 77 -46.43 44.57 -20.61
CA ASN C 77 -46.00 43.22 -21.00
C ASN C 77 -47.16 42.25 -20.78
N HIS C 78 -47.86 41.89 -21.86
CA HIS C 78 -48.90 40.86 -21.87
C HIS C 78 -50.02 41.06 -20.85
N PRO C 79 -51.05 41.82 -21.20
CA PRO C 79 -52.04 42.32 -20.23
C PRO C 79 -52.80 41.31 -19.40
N SER C 80 -52.57 40.01 -19.59
CA SER C 80 -53.09 39.06 -18.61
C SER C 80 -52.29 39.09 -17.31
N LEU C 81 -51.17 39.82 -17.25
CA LEU C 81 -50.32 39.91 -16.07
C LEU C 81 -50.91 40.76 -14.96
N LEU C 82 -52.10 41.33 -15.12
CA LEU C 82 -52.67 42.16 -14.08
C LEU C 82 -53.29 41.36 -12.96
N VAL C 83 -53.32 40.05 -13.08
CA VAL C 83 -53.87 39.23 -12.01
C VAL C 83 -52.75 39.02 -11.00
N ASP C 84 -53.08 39.21 -9.73
CA ASP C 84 -52.13 38.92 -8.66
C ASP C 84 -52.43 37.52 -8.13
N HIS C 85 -52.32 36.54 -9.01
CA HIS C 85 -52.56 35.15 -8.65
C HIS C 85 -51.65 34.32 -9.55
N TYR C 86 -50.90 33.42 -8.90
CA TYR C 86 -49.93 32.59 -9.60
C TYR C 86 -50.60 31.68 -10.61
N MET C 87 -49.87 31.39 -11.67
CA MET C 87 -50.34 30.44 -12.65
C MET C 87 -50.21 29.03 -12.07
N PRO C 88 -51.19 28.16 -12.30
CA PRO C 88 -51.13 26.83 -11.68
C PRO C 88 -50.16 25.87 -12.35
N ARG C 89 -49.47 26.33 -13.41
CA ARG C 89 -48.45 25.60 -14.19
C ARG C 89 -48.96 24.28 -14.76
N GLN C 90 -50.26 24.26 -15.07
CA GLN C 90 -50.90 23.15 -15.76
C GLN C 90 -51.47 23.61 -17.09
N LEU C 91 -52.32 24.64 -17.07
CA LEU C 91 -52.90 25.18 -18.28
C LEU C 91 -51.91 26.05 -19.03
N LEU C 92 -50.87 26.53 -18.37
CA LEU C 92 -49.93 27.46 -18.97
C LEU C 92 -49.12 26.80 -20.07
N ARG C 93 -48.79 25.51 -19.91
CA ARG C 93 -48.18 24.74 -20.97
C ARG C 93 -49.20 24.00 -21.81
N MET C 94 -50.43 24.51 -21.86
CA MET C 94 -51.52 23.86 -22.55
C MET C 94 -52.33 24.88 -23.33
N GLU C 95 -51.66 25.81 -23.98
CA GLU C 95 -52.37 26.86 -24.70
C GLU C 95 -51.71 27.13 -26.03
N PRO C 96 -52.49 27.42 -27.08
CA PRO C 96 -51.90 27.74 -28.38
C PRO C 96 -51.18 29.07 -28.36
N THR C 97 -50.30 29.25 -29.36
CA THR C 97 -49.47 30.44 -29.40
C THR C 97 -50.26 31.67 -29.83
N GLU C 98 -51.31 31.49 -30.64
CA GLU C 98 -52.00 32.63 -31.24
C GLU C 98 -52.81 33.39 -30.20
N SER C 99 -53.54 32.68 -29.34
CA SER C 99 -54.32 33.37 -28.32
C SER C 99 -53.44 33.98 -27.26
N SER C 100 -52.26 33.41 -27.02
CA SER C 100 -51.36 33.99 -26.05
C SER C 100 -50.70 35.25 -26.59
N ILE C 101 -50.36 35.27 -27.88
CA ILE C 101 -49.83 36.52 -28.44
C ILE C 101 -50.93 37.48 -28.84
N ALA C 102 -52.19 37.09 -28.70
CA ALA C 102 -53.29 38.00 -28.98
C ALA C 102 -53.43 39.09 -27.92
N GLY C 103 -52.85 38.87 -26.73
CA GLY C 103 -53.00 39.84 -25.66
C GLY C 103 -52.25 41.14 -25.93
N SER C 104 -51.00 41.04 -26.36
CA SER C 104 -50.18 42.24 -26.55
C SER C 104 -49.43 42.16 -27.86
N HIS C 105 -49.12 43.34 -28.40
CA HIS C 105 -48.33 43.42 -29.62
C HIS C 105 -46.88 43.07 -29.38
N LYS C 106 -46.41 43.16 -28.12
CA LYS C 106 -45.06 42.78 -27.77
C LYS C 106 -44.81 41.31 -28.05
N PHE C 107 -45.78 40.46 -27.69
CA PHE C 107 -45.66 39.05 -27.99
C PHE C 107 -45.74 38.79 -29.48
N GLN C 108 -46.50 39.62 -30.21
CA GLN C 108 -46.57 39.46 -31.66
C GLN C 108 -45.23 39.74 -32.32
N VAL C 109 -44.59 40.84 -31.95
CA VAL C 109 -43.32 41.18 -32.58
C VAL C 109 -42.21 40.26 -32.08
N LEU C 110 -42.31 39.77 -30.84
CA LEU C 110 -41.30 38.85 -30.33
C LEU C 110 -41.40 37.49 -30.99
N ASN C 111 -42.61 36.98 -31.14
CA ASN C 111 -42.83 35.71 -31.80
C ASN C 111 -42.46 35.79 -33.27
N GLN C 112 -42.78 36.92 -33.91
CA GLN C 112 -42.37 37.13 -35.29
C GLN C 112 -40.84 37.18 -35.41
N LEU C 113 -40.18 37.78 -34.42
CA LEU C 113 -38.73 37.88 -34.44
C LEU C 113 -38.08 36.50 -34.30
N ILE C 114 -38.56 35.68 -33.37
CA ILE C 114 -37.92 34.39 -33.19
C ILE C 114 -38.28 33.43 -34.32
N ASN C 115 -39.46 33.61 -34.94
CA ASN C 115 -39.79 32.80 -36.10
C ASN C 115 -38.94 33.18 -37.29
N SER C 116 -38.60 34.47 -37.43
CA SER C 116 -37.70 34.87 -38.50
C SER C 116 -36.28 34.39 -38.23
N ILE C 117 -35.84 34.43 -36.97
CA ILE C 117 -34.49 34.00 -36.66
C ILE C 117 -34.35 32.48 -36.70
N CYS C 118 -35.46 31.75 -36.63
CA CYS C 118 -35.37 30.31 -36.74
C CYS C 118 -35.32 29.86 -38.20
N PHE C 119 -36.12 30.48 -39.06
CA PHE C 119 -36.27 30.04 -40.44
C PHE C 119 -35.35 30.78 -41.39
N ARG C 120 -34.18 31.19 -40.91
CA ARG C 120 -33.16 31.80 -41.75
C ARG C 120 -32.49 30.74 -42.61
N ASP C 121 -31.58 31.19 -43.48
CA ASP C 121 -30.73 30.27 -44.21
C ASP C 121 -29.44 30.05 -43.42
N ARG C 122 -29.05 28.79 -43.29
CA ARG C 122 -27.87 28.44 -42.52
C ARG C 122 -26.69 28.18 -43.45
N PRO C 126 -24.00 26.94 -44.62
CA PRO C 126 -23.16 25.95 -43.92
C PRO C 126 -23.66 25.65 -42.51
N ASN C 127 -22.87 24.89 -41.76
CA ASN C 127 -23.21 24.53 -40.39
C ASN C 127 -23.00 25.74 -39.49
N GLU C 128 -24.09 26.40 -39.14
CA GLU C 128 -24.06 27.58 -38.28
C GLU C 128 -24.80 27.26 -36.99
N VAL C 129 -24.07 27.26 -35.88
CA VAL C 129 -24.57 26.75 -34.61
C VAL C 129 -24.61 27.96 -33.67
N ILE C 130 -25.04 29.09 -34.22
CA ILE C 130 -25.07 30.36 -33.48
C ILE C 130 -26.00 30.29 -32.28
N LYS C 131 -25.78 31.19 -31.34
CA LYS C 131 -26.41 31.14 -30.03
C LYS C 131 -27.35 32.31 -29.87
N CYS C 132 -28.14 32.26 -28.80
CA CYS C 132 -29.06 33.34 -28.48
C CYS C 132 -29.27 33.36 -26.97
N ALA C 133 -29.78 34.49 -26.49
CA ALA C 133 -30.07 34.63 -25.07
C ALA C 133 -31.18 35.66 -24.90
N ILE C 134 -32.04 35.43 -23.91
CA ILE C 134 -33.18 36.30 -23.64
C ILE C 134 -33.22 36.57 -22.16
N ILE C 135 -33.22 37.85 -21.78
CA ILE C 135 -33.21 38.26 -20.40
C ILE C 135 -34.53 38.93 -20.07
N ALA C 136 -35.15 38.50 -18.97
CA ALA C 136 -36.35 39.13 -18.45
C ALA C 136 -36.00 39.96 -17.22
N HIS C 137 -36.96 40.77 -16.79
CA HIS C 137 -36.74 41.58 -15.59
C HIS C 137 -37.07 40.83 -14.31
N SER C 138 -38.12 40.01 -14.34
CA SER C 138 -38.59 39.30 -13.16
C SER C 138 -38.93 37.87 -13.57
N ILE C 139 -39.63 37.17 -12.67
CA ILE C 139 -39.78 35.72 -12.79
C ILE C 139 -40.96 35.35 -13.67
N LYS C 140 -42.15 35.90 -13.38
CA LYS C 140 -43.36 35.46 -14.06
C LYS C 140 -43.34 35.77 -15.54
N GLU C 141 -42.64 36.84 -15.91
CA GLU C 141 -42.41 37.14 -17.32
C GLU C 141 -41.55 36.07 -17.96
N LEU C 142 -40.55 35.57 -17.23
CA LEU C 142 -39.74 34.48 -17.75
C LEU C 142 -40.53 33.17 -17.82
N ASP C 143 -41.51 32.98 -16.93
CA ASP C 143 -42.37 31.80 -17.05
C ASP C 143 -43.27 31.90 -18.27
N LEU C 144 -43.79 33.10 -18.56
CA LEU C 144 -44.58 33.23 -19.78
C LEU C 144 -43.73 33.10 -21.02
N LEU C 145 -42.46 33.53 -20.95
CA LEU C 145 -41.52 33.31 -22.04
C LEU C 145 -41.30 31.83 -22.27
N GLU C 146 -41.09 31.07 -21.19
CA GLU C 146 -40.85 29.64 -21.31
C GLU C 146 -42.10 28.91 -21.79
N GLY C 147 -43.28 29.38 -21.40
CA GLY C 147 -44.51 28.79 -21.89
C GLY C 147 -44.74 29.08 -23.36
N LEU C 148 -44.24 30.22 -23.84
CA LEU C 148 -44.43 30.51 -25.26
C LEU C 148 -43.43 29.74 -26.11
N ILE C 149 -42.20 29.56 -25.62
CA ILE C 149 -41.12 29.06 -26.44
C ILE C 149 -40.96 27.55 -26.29
N LEU C 150 -41.90 26.91 -25.59
CA LEU C 150 -41.75 25.54 -25.10
C LEU C 150 -41.65 24.54 -26.25
N GLY C 151 -42.66 24.49 -27.11
CA GLY C 151 -42.64 23.52 -28.17
C GLY C 151 -41.74 23.86 -29.33
N LYS C 152 -41.19 25.06 -29.36
CA LYS C 152 -40.47 25.53 -30.53
C LYS C 152 -39.09 24.89 -30.64
N LYS C 153 -38.64 24.74 -31.87
CA LYS C 153 -37.45 23.94 -32.19
C LYS C 153 -36.17 24.68 -31.82
N PHE C 154 -35.85 24.65 -30.52
CA PHE C 154 -34.65 25.32 -30.06
C PHE C 154 -34.04 24.57 -28.89
N ARG C 155 -32.73 24.38 -28.95
CA ARG C 155 -31.99 23.77 -27.84
C ARG C 155 -31.92 24.79 -26.71
N THR C 156 -32.81 24.64 -25.73
CA THR C 156 -33.00 25.60 -24.66
C THR C 156 -32.35 25.13 -23.38
N LYS C 157 -32.09 26.09 -22.49
CA LYS C 157 -31.55 25.79 -21.16
C LYS C 157 -31.91 26.95 -20.25
N ARG C 158 -32.78 26.70 -19.27
CA ARG C 158 -33.23 27.74 -18.36
C ARG C 158 -32.25 27.90 -17.23
N LEU C 159 -31.72 29.12 -17.06
CA LEU C 159 -30.81 29.46 -15.98
C LEU C 159 -31.54 30.05 -14.78
N SER C 160 -32.81 29.74 -14.60
CA SER C 160 -33.56 30.16 -13.43
C SER C 160 -34.34 28.96 -12.89
N GLY C 161 -34.74 29.08 -11.63
CA GLY C 161 -35.35 27.96 -10.95
C GLY C 161 -36.77 27.69 -11.43
N THR C 162 -37.21 26.46 -11.11
CA THR C 162 -38.56 25.96 -11.38
C THR C 162 -38.88 26.02 -12.88
N SER C 163 -38.12 25.24 -13.65
CA SER C 163 -38.31 25.24 -15.09
C SER C 163 -39.58 24.50 -15.47
N LEU C 164 -39.92 24.58 -16.74
CA LEU C 164 -41.16 24.03 -17.26
C LEU C 164 -40.81 22.91 -18.23
N TYR C 165 -40.97 21.67 -17.77
CA TYR C 165 -40.74 20.45 -18.55
C TYR C 165 -39.32 20.41 -19.13
N ASN C 166 -38.35 20.34 -18.22
CA ASN C 166 -36.95 20.53 -18.58
C ASN C 166 -36.43 19.38 -19.42
N GLU C 167 -35.96 19.69 -20.62
CA GLU C 167 -35.28 18.71 -21.44
C GLU C 167 -33.78 18.81 -21.19
N LYS C 168 -33.09 17.70 -21.42
CA LYS C 168 -31.72 17.53 -20.96
C LYS C 168 -30.70 17.83 -22.05
N HIS C 169 -30.96 18.83 -22.88
CA HIS C 169 -29.96 19.30 -23.83
C HIS C 169 -28.78 19.89 -23.07
N LYS C 170 -27.68 19.17 -23.02
CA LYS C 170 -26.52 19.61 -22.24
C LYS C 170 -25.46 20.18 -23.17
N PHE C 171 -24.97 21.34 -22.81
CA PHE C 171 -24.12 22.13 -23.68
C PHE C 171 -22.72 21.54 -23.75
N PRO C 172 -22.08 21.59 -24.92
CA PRO C 172 -20.66 21.21 -25.00
C PRO C 172 -19.76 22.18 -24.26
N ASN C 173 -19.17 21.70 -23.16
CA ASN C 173 -18.21 22.42 -22.31
C ASN C 173 -18.73 23.75 -21.77
N TYR C 202 -20.32 -8.62 -29.94
CA TYR C 202 -21.50 -8.15 -29.23
C TYR C 202 -21.91 -9.08 -28.11
N THR C 203 -20.92 -9.79 -27.56
CA THR C 203 -21.08 -10.77 -26.49
C THR C 203 -22.11 -11.84 -26.85
N GLY C 204 -21.77 -12.61 -27.88
CA GLY C 204 -22.63 -13.71 -28.28
C GLY C 204 -22.40 -14.96 -27.45
N TYR C 205 -21.16 -15.21 -27.05
CA TYR C 205 -20.77 -16.41 -26.32
C TYR C 205 -20.22 -16.03 -24.95
N SER C 206 -19.69 -17.03 -24.27
CA SER C 206 -18.94 -16.82 -23.04
C SER C 206 -17.46 -16.66 -23.35
N LYS C 207 -16.76 -16.01 -22.41
CA LYS C 207 -15.30 -15.91 -22.31
C LYS C 207 -14.68 -15.00 -23.38
N ASP C 208 -15.44 -14.60 -24.39
CA ASP C 208 -14.90 -13.84 -25.49
C ASP C 208 -15.16 -12.36 -25.28
N ASP C 209 -14.64 -11.54 -26.19
CA ASP C 209 -14.82 -10.09 -26.09
C ASP C 209 -14.67 -9.50 -27.49
N TYR C 210 -15.76 -9.06 -28.07
CA TYR C 210 -15.58 -8.34 -29.32
C TYR C 210 -16.21 -6.96 -29.31
N ASP C 211 -17.37 -6.81 -28.64
CA ASP C 211 -18.03 -5.56 -28.20
C ASP C 211 -17.93 -4.40 -29.19
N TYR C 212 -18.38 -4.67 -30.41
CA TYR C 212 -18.42 -3.63 -31.45
C TYR C 212 -19.49 -2.58 -31.19
N SER C 213 -20.37 -2.81 -30.21
CA SER C 213 -21.50 -1.92 -29.92
C SER C 213 -21.06 -0.52 -29.50
N VAL C 214 -19.87 -0.38 -28.92
CA VAL C 214 -19.42 0.94 -28.51
C VAL C 214 -19.09 1.82 -29.71
N LYS C 215 -18.47 1.26 -30.75
CA LYS C 215 -18.24 2.05 -31.95
C LYS C 215 -19.43 2.02 -32.88
N ARG C 216 -20.39 1.14 -32.64
CA ARG C 216 -21.56 1.07 -33.51
C ARG C 216 -22.53 2.20 -33.22
N ASN C 217 -22.71 2.53 -31.94
CA ASN C 217 -23.81 3.40 -31.54
C ASN C 217 -23.58 4.87 -31.86
N LEU C 218 -22.37 5.25 -32.28
CA LEU C 218 -22.17 6.61 -32.76
C LEU C 218 -22.63 6.79 -34.19
N LYS C 219 -22.92 5.70 -34.90
CA LYS C 219 -23.38 5.74 -36.27
C LYS C 219 -24.89 5.65 -36.39
N LYS C 220 -25.59 5.36 -35.30
CA LYS C 220 -27.04 5.27 -35.33
C LYS C 220 -27.72 6.28 -34.42
N ARG C 221 -26.97 7.09 -33.68
CA ARG C 221 -27.52 8.08 -32.77
C ARG C 221 -27.54 9.44 -33.46
N LYS C 222 -28.72 9.88 -33.88
CA LYS C 222 -28.84 11.15 -34.56
C LYS C 222 -28.76 12.30 -33.56
N ILE C 223 -28.36 13.47 -34.06
CA ILE C 223 -27.94 14.57 -33.22
C ILE C 223 -28.73 15.83 -33.55
N ASN C 224 -28.81 16.72 -32.58
CA ASN C 224 -29.55 17.98 -32.72
C ASN C 224 -28.68 19.04 -33.35
N THR C 225 -29.29 19.87 -34.19
CA THR C 225 -28.63 21.01 -34.82
C THR C 225 -29.53 22.24 -34.71
N ASP C 226 -30.08 22.46 -33.51
CA ASP C 226 -30.78 23.69 -33.25
C ASP C 226 -29.79 24.78 -32.86
N ASP C 227 -30.22 26.02 -33.03
CA ASP C 227 -29.47 27.11 -32.44
C ASP C 227 -29.75 27.13 -30.93
N TRP C 228 -28.75 27.55 -30.17
CA TRP C 228 -28.83 27.44 -28.73
C TRP C 228 -29.38 28.70 -28.10
N LEU C 229 -30.16 28.52 -27.03
CA LEU C 229 -30.84 29.63 -26.39
C LEU C 229 -30.85 29.39 -24.89
N PHE C 230 -30.78 30.48 -24.14
CA PHE C 230 -30.77 30.43 -22.69
C PHE C 230 -31.79 31.44 -22.15
N LEU C 231 -32.18 31.24 -20.90
CA LEU C 231 -33.21 32.05 -20.28
C LEU C 231 -32.77 32.38 -18.86
N ALA C 232 -32.84 33.67 -18.51
CA ALA C 232 -32.49 34.12 -17.16
C ALA C 232 -33.16 35.45 -16.89
N THR C 233 -33.01 35.92 -15.66
CA THR C 233 -33.55 37.21 -15.24
C THR C 233 -32.43 38.14 -14.83
N THR C 234 -32.79 39.40 -14.65
CA THR C 234 -31.84 40.41 -14.19
C THR C 234 -31.53 40.27 -12.71
N LYS C 235 -32.41 39.64 -11.94
CA LYS C 235 -32.12 39.38 -10.54
C LYS C 235 -30.92 38.47 -10.38
N HIS C 236 -30.82 37.44 -11.23
CA HIS C 236 -29.65 36.57 -11.18
C HIS C 236 -28.40 37.30 -11.63
N LEU C 237 -28.52 38.19 -12.62
CA LEU C 237 -27.35 38.90 -13.11
C LEU C 237 -26.89 39.97 -12.11
N LYS C 238 -27.81 40.48 -11.30
CA LYS C 238 -27.42 41.44 -10.29
C LYS C 238 -27.00 40.80 -8.98
N HIS C 239 -27.45 39.58 -8.71
CA HIS C 239 -26.98 38.86 -7.54
C HIS C 239 -25.55 38.40 -7.74
N ASP C 240 -25.31 37.61 -8.78
CA ASP C 240 -23.99 37.09 -9.08
C ASP C 240 -23.65 37.37 -10.54
N GLN C 241 -22.40 37.10 -10.89
CA GLN C 241 -21.89 37.28 -12.24
C GLN C 241 -21.36 35.96 -12.76
N TYR C 242 -20.76 36.02 -13.96
CA TYR C 242 -20.25 34.89 -14.74
C TYR C 242 -21.34 33.86 -15.06
N LEU C 243 -22.60 34.27 -15.01
CA LEU C 243 -23.70 33.36 -15.27
C LEU C 243 -23.82 33.08 -16.76
N LEU C 244 -23.44 34.05 -17.57
CA LEU C 244 -23.52 33.92 -19.02
C LEU C 244 -22.17 33.94 -19.70
N ALA C 245 -21.09 34.15 -18.95
CA ALA C 245 -19.76 34.17 -19.53
C ALA C 245 -19.25 32.78 -19.86
N ASN C 246 -19.90 31.74 -19.32
CA ASN C 246 -19.54 30.38 -19.69
C ASN C 246 -19.95 30.09 -21.13
N TYR C 247 -21.13 30.52 -21.53
CA TYR C 247 -21.63 30.26 -22.88
C TYR C 247 -21.18 31.38 -23.82
N ASP C 248 -20.66 30.99 -24.98
CA ASP C 248 -20.25 31.94 -26.01
C ASP C 248 -21.51 32.38 -26.77
N ILE C 249 -22.27 33.28 -26.15
CA ILE C 249 -23.50 33.78 -26.75
C ILE C 249 -23.16 34.77 -27.86
N ASP C 250 -24.15 35.10 -28.68
CA ASP C 250 -23.93 35.94 -29.85
C ASP C 250 -24.81 37.16 -29.94
N MET C 251 -25.96 37.18 -29.24
CA MET C 251 -26.81 38.35 -29.21
C MET C 251 -27.63 38.30 -27.95
N ILE C 252 -28.04 39.47 -27.47
CA ILE C 252 -28.97 39.55 -26.35
C ILE C 252 -30.22 40.24 -26.87
N ILE C 253 -31.17 39.44 -27.34
CA ILE C 253 -32.49 39.96 -27.61
C ILE C 253 -33.21 39.94 -26.27
N SER C 254 -33.09 41.02 -25.52
CA SER C 254 -33.60 41.02 -24.15
C SER C 254 -35.01 41.55 -24.10
N PHE C 255 -35.76 41.04 -23.13
CA PHE C 255 -37.12 41.52 -22.90
C PHE C 255 -37.13 42.84 -22.15
N ASP C 256 -36.18 43.05 -21.26
CA ASP C 256 -36.11 44.21 -20.39
C ASP C 256 -35.42 45.38 -21.11
N PRO C 257 -35.93 46.60 -20.97
CA PRO C 257 -35.31 47.75 -21.65
C PRO C 257 -34.33 48.56 -20.81
N MET C 258 -34.04 48.16 -19.58
CA MET C 258 -33.23 48.94 -18.65
C MET C 258 -32.08 48.09 -18.12
N LEU C 259 -31.32 47.50 -19.03
CA LEU C 259 -30.34 46.46 -18.69
C LEU C 259 -29.14 46.97 -17.91
N GLU C 260 -28.81 48.25 -18.01
CA GLU C 260 -27.54 48.82 -17.52
C GLU C 260 -26.36 48.05 -18.09
N VAL C 261 -26.19 48.21 -19.41
CA VAL C 261 -25.39 47.42 -20.34
C VAL C 261 -23.99 47.05 -19.82
N GLU C 262 -23.38 47.92 -19.02
CA GLU C 262 -22.05 47.63 -18.48
C GLU C 262 -22.16 46.94 -17.11
N LEU C 263 -22.90 45.83 -17.09
CA LEU C 263 -22.86 44.93 -15.97
C LEU C 263 -21.57 44.12 -16.02
N PRO C 264 -21.07 43.63 -14.87
CA PRO C 264 -19.73 43.00 -14.85
C PRO C 264 -19.61 41.73 -15.69
N ALA C 265 -20.55 40.79 -15.54
CA ALA C 265 -20.56 39.62 -16.40
C ALA C 265 -20.82 40.02 -17.85
N LEU C 266 -21.63 41.06 -18.07
CA LEU C 266 -21.83 41.57 -19.43
C LEU C 266 -20.57 42.22 -19.97
N GLN C 267 -19.79 42.87 -19.10
CA GLN C 267 -18.55 43.49 -19.55
C GLN C 267 -17.52 42.43 -19.93
N VAL C 268 -17.41 41.36 -19.15
CA VAL C 268 -16.49 40.28 -19.54
C VAL C 268 -17.01 39.53 -20.76
N LEU C 269 -18.34 39.48 -20.95
CA LEU C 269 -18.91 38.96 -22.18
C LEU C 269 -18.49 39.79 -23.38
N ARG C 270 -18.54 41.12 -23.24
CA ARG C 270 -18.09 41.99 -24.33
C ARG C 270 -16.59 41.88 -24.54
N ASN C 271 -15.83 41.61 -23.49
CA ASN C 271 -14.38 41.57 -23.60
C ASN C 271 -13.85 40.25 -24.17
N ASN C 272 -14.54 39.13 -23.95
CA ASN C 272 -13.95 37.86 -24.40
C ASN C 272 -14.19 37.61 -25.88
N ALA C 273 -15.37 37.95 -26.39
CA ALA C 273 -15.75 37.59 -27.74
C ALA C 273 -14.99 38.44 -28.77
N ASN C 274 -14.91 37.92 -29.99
CA ASN C 274 -14.12 38.56 -31.02
C ASN C 274 -14.83 39.80 -31.58
N LYS C 275 -16.12 39.69 -31.85
CA LYS C 275 -16.90 40.80 -32.39
C LYS C 275 -17.85 41.31 -31.31
N ASP C 276 -18.42 42.49 -31.55
CA ASP C 276 -19.32 43.09 -30.60
C ASP C 276 -20.66 42.37 -30.60
N ILE C 277 -21.22 42.18 -29.41
CA ILE C 277 -22.46 41.42 -29.23
C ILE C 277 -23.63 42.40 -29.35
N PRO C 278 -24.50 42.24 -30.33
CA PRO C 278 -25.65 43.15 -30.45
C PRO C 278 -26.66 42.92 -29.34
N ILE C 279 -27.11 44.03 -28.76
CA ILE C 279 -28.09 44.04 -27.69
C ILE C 279 -29.33 44.73 -28.24
N ILE C 280 -30.45 44.02 -28.23
CA ILE C 280 -31.69 44.53 -28.79
C ILE C 280 -32.77 44.46 -27.73
N LYS C 281 -33.33 45.61 -27.38
CA LYS C 281 -34.39 45.70 -26.39
C LYS C 281 -35.71 45.95 -27.09
N LEU C 282 -36.78 45.47 -26.47
CA LEU C 282 -38.11 45.92 -26.83
C LEU C 282 -38.33 47.32 -26.27
N LEU C 283 -39.05 48.15 -27.01
CA LEU C 283 -39.21 49.55 -26.60
C LEU C 283 -40.59 50.04 -27.01
N VAL C 284 -41.48 50.17 -26.01
CA VAL C 284 -42.78 50.78 -26.22
C VAL C 284 -42.59 52.26 -26.58
N GLN C 285 -43.55 52.80 -27.36
CA GLN C 285 -43.42 54.15 -27.91
C GLN C 285 -43.49 55.20 -26.79
N ASN C 286 -44.62 55.27 -26.10
CA ASN C 286 -44.83 56.28 -25.07
C ASN C 286 -45.09 55.56 -23.76
N SER C 287 -44.02 55.31 -23.02
CA SER C 287 -44.07 54.55 -21.79
C SER C 287 -43.49 55.36 -20.65
N PRO C 288 -43.82 55.02 -19.40
CA PRO C 288 -43.07 55.60 -18.28
C PRO C 288 -41.60 55.25 -18.30
N ASP C 289 -41.25 54.06 -18.77
CA ASP C 289 -39.85 53.74 -18.98
C ASP C 289 -39.24 54.51 -20.13
N HIS C 290 -40.08 54.99 -21.07
CA HIS C 290 -39.55 55.71 -22.22
C HIS C 290 -39.00 57.07 -21.82
N TYR C 291 -39.50 57.63 -20.71
CA TYR C 291 -38.96 58.90 -20.20
C TYR C 291 -37.52 58.71 -19.72
N LEU C 292 -37.29 57.68 -18.91
CA LEU C 292 -35.94 57.43 -18.43
C LEU C 292 -35.05 56.91 -19.55
N LEU C 293 -35.63 56.23 -20.53
CA LEU C 293 -34.82 55.81 -21.67
C LEU C 293 -34.51 56.94 -22.64
N ASP C 294 -35.32 58.00 -22.66
CA ASP C 294 -34.96 59.17 -23.44
C ASP C 294 -34.00 60.07 -22.68
N SER C 295 -34.07 60.07 -21.34
CA SER C 295 -33.03 60.73 -20.57
C SER C 295 -31.72 59.97 -20.62
N GLU C 296 -31.78 58.66 -20.86
CA GLU C 296 -30.61 57.83 -21.08
C GLU C 296 -30.13 57.86 -22.53
N ILE C 297 -31.01 58.20 -23.47
CA ILE C 297 -30.73 57.99 -24.89
C ILE C 297 -29.72 58.97 -25.45
N LYS C 298 -29.37 60.02 -24.70
CA LYS C 298 -28.25 60.86 -25.08
C LYS C 298 -26.96 60.06 -25.09
N ASN C 299 -26.13 60.32 -26.09
CA ASN C 299 -24.90 59.57 -26.43
C ASN C 299 -25.17 58.07 -26.58
N SER C 316 -37.30 59.58 -2.85
CA SER C 316 -36.28 60.59 -3.00
C SER C 316 -36.24 61.14 -4.43
N GLN C 317 -35.07 61.10 -5.05
CA GLN C 317 -34.93 61.58 -6.43
C GLN C 317 -35.65 60.64 -7.40
N GLU C 318 -35.73 59.36 -7.04
CA GLU C 318 -36.49 58.42 -7.85
C GLU C 318 -37.98 58.72 -7.81
N TYR C 319 -38.47 59.35 -6.74
CA TYR C 319 -39.85 59.79 -6.70
C TYR C 319 -40.11 60.90 -7.70
N GLU C 320 -39.14 61.82 -7.84
CA GLU C 320 -39.23 62.87 -8.84
C GLU C 320 -39.20 62.29 -10.24
N GLU C 321 -38.34 61.30 -10.46
CA GLU C 321 -38.27 60.63 -11.76
C GLU C 321 -39.56 59.88 -12.07
N ILE C 322 -40.18 59.28 -11.04
CA ILE C 322 -41.45 58.58 -11.21
C ILE C 322 -42.55 59.56 -11.60
N LYS C 323 -42.61 60.71 -10.91
CA LYS C 323 -43.65 61.69 -11.21
C LYS C 323 -43.47 62.30 -12.59
N SER C 324 -42.22 62.58 -12.99
CA SER C 324 -41.99 63.17 -14.30
C SER C 324 -42.22 62.15 -15.42
N SER C 325 -41.89 60.88 -15.18
CA SER C 325 -42.16 59.85 -16.17
C SER C 325 -43.65 59.63 -16.33
N LEU C 326 -44.40 59.62 -15.22
CA LEU C 326 -45.84 59.43 -15.32
C LEU C 326 -46.52 60.64 -15.95
N LEU C 327 -45.96 61.84 -15.76
CA LEU C 327 -46.51 62.98 -16.47
C LEU C 327 -46.17 62.93 -17.96
N TYR C 328 -44.99 62.42 -18.31
CA TYR C 328 -44.68 62.20 -19.73
C TYR C 328 -45.58 61.13 -20.32
N PHE C 329 -46.00 60.16 -19.51
CA PHE C 329 -46.88 59.11 -19.98
C PHE C 329 -48.30 59.62 -20.18
N LEU C 330 -48.85 60.29 -19.18
CA LEU C 330 -50.24 60.72 -19.26
C LEU C 330 -50.42 61.96 -20.14
N GLN C 331 -49.38 62.76 -20.31
CA GLN C 331 -49.47 63.83 -21.29
C GLN C 331 -49.42 63.28 -22.71
N ALA C 332 -48.59 62.27 -22.93
CA ALA C 332 -48.57 61.55 -24.19
C ALA C 332 -49.44 60.30 -24.15
N ARG C 333 -50.52 60.34 -23.38
CA ARG C 333 -51.46 59.22 -23.34
C ARG C 333 -52.11 59.01 -24.70
N ASN C 334 -52.72 60.06 -25.25
CA ASN C 334 -53.35 59.99 -26.55
C ASN C 334 -52.45 60.54 -27.64
N ALA C 335 -51.15 60.34 -27.50
CA ALA C 335 -50.17 60.73 -28.50
C ALA C 335 -50.39 59.90 -29.75
N PRO C 336 -50.92 60.46 -30.84
CA PRO C 336 -51.47 59.65 -31.92
C PRO C 336 -50.48 59.19 -32.97
N VAL C 337 -49.21 59.55 -32.86
CA VAL C 337 -48.25 59.17 -33.88
C VAL C 337 -47.70 57.78 -33.55
N ASN C 338 -47.19 57.12 -34.58
CA ASN C 338 -46.70 55.75 -34.45
C ASN C 338 -45.54 55.56 -35.42
N ASN C 339 -44.70 54.59 -35.11
CA ASN C 339 -43.57 54.23 -35.95
C ASN C 339 -43.80 52.81 -36.46
N CYS C 340 -43.67 52.63 -37.78
CA CYS C 340 -44.05 51.37 -38.41
C CYS C 340 -43.01 51.00 -39.46
N GLU C 341 -43.34 49.94 -40.23
CA GLU C 341 -42.57 49.43 -41.36
C GLU C 341 -41.16 49.01 -40.94
N ILE C 342 -41.13 47.97 -40.12
CA ILE C 342 -39.90 47.35 -39.65
C ILE C 342 -39.77 45.99 -40.32
N ASP C 343 -38.66 45.77 -41.01
CA ASP C 343 -38.32 44.44 -41.48
C ASP C 343 -37.47 43.75 -40.43
N TYR C 344 -37.61 42.43 -40.35
CA TYR C 344 -36.91 41.64 -39.36
C TYR C 344 -35.71 40.91 -39.93
N ILE C 345 -35.81 40.42 -41.16
CA ILE C 345 -34.77 39.58 -41.74
C ILE C 345 -33.52 40.39 -42.03
N LYS C 346 -33.69 41.60 -42.58
CA LYS C 346 -32.54 42.45 -42.82
C LYS C 346 -31.95 42.96 -41.52
N LEU C 347 -32.78 43.13 -40.50
CA LEU C 347 -32.28 43.57 -39.20
C LEU C 347 -31.45 42.48 -38.53
N VAL C 348 -31.92 41.23 -38.59
CA VAL C 348 -31.15 40.16 -37.97
C VAL C 348 -29.91 39.86 -38.80
N LYS C 349 -29.98 40.06 -40.12
CA LYS C 349 -28.79 39.97 -40.97
C LYS C 349 -27.78 41.04 -40.62
N CYS C 350 -28.26 42.24 -40.28
CA CYS C 350 -27.37 43.31 -39.88
C CYS C 350 -26.68 43.00 -38.55
N CYS C 351 -27.45 42.57 -37.54
CA CYS C 351 -26.84 42.45 -36.23
C CYS C 351 -26.05 41.15 -36.09
N LEU C 352 -26.44 40.08 -36.78
CA LEU C 352 -25.63 38.86 -36.74
C LEU C 352 -24.43 38.96 -37.66
N GLU C 353 -24.61 39.53 -38.85
CA GLU C 353 -23.52 39.74 -39.79
C GLU C 353 -22.71 41.01 -39.50
N GLY C 354 -23.06 41.76 -38.46
CA GLY C 354 -22.18 42.79 -37.94
C GLY C 354 -22.06 44.07 -38.76
N LYS C 355 -23.13 44.86 -38.79
CA LYS C 355 -23.12 46.17 -39.42
C LYS C 355 -23.90 47.15 -38.56
N ASP C 356 -24.05 48.37 -39.06
CA ASP C 356 -24.88 49.38 -38.41
C ASP C 356 -26.31 49.18 -38.87
N CYS C 357 -27.16 48.68 -37.98
CA CYS C 357 -28.54 48.43 -38.33
C CYS C 357 -29.30 49.74 -38.47
N ASN C 358 -29.34 50.24 -39.70
CA ASN C 358 -30.14 51.42 -40.03
C ASN C 358 -31.60 51.08 -40.27
N ASN C 359 -31.95 49.80 -40.24
CA ASN C 359 -33.34 49.38 -40.41
C ASN C 359 -34.22 49.81 -39.24
N ILE C 360 -33.62 50.02 -38.06
CA ILE C 360 -34.38 50.56 -36.95
C ILE C 360 -34.74 52.02 -37.22
N LEU C 361 -35.80 52.47 -36.57
CA LEU C 361 -36.28 53.83 -36.77
C LEU C 361 -35.70 54.71 -35.68
N PRO C 362 -34.84 55.68 -36.00
CA PRO C 362 -34.04 56.33 -34.96
C PRO C 362 -34.71 57.54 -34.32
N VAL C 363 -36.02 57.68 -34.44
CA VAL C 363 -36.68 58.89 -33.93
C VAL C 363 -36.71 58.92 -32.41
N LEU C 364 -37.03 57.79 -31.75
CA LEU C 364 -36.69 57.49 -30.36
C LEU C 364 -37.26 58.42 -29.29
N ASP C 365 -38.02 59.44 -29.66
CA ASP C 365 -38.42 60.48 -28.72
C ASP C 365 -39.60 61.26 -29.26
N LEU C 366 -40.49 61.63 -28.35
CA LEU C 366 -41.66 62.44 -28.66
C LEU C 366 -41.62 63.74 -27.87
N ILE C 367 -42.38 64.71 -28.32
CA ILE C 367 -42.42 66.03 -27.72
C ILE C 367 -43.54 66.06 -26.67
N THR C 368 -43.30 66.78 -25.58
CA THR C 368 -44.32 67.00 -24.56
C THR C 368 -45.44 67.89 -25.07
N SER C 376 -47.34 74.56 -18.21
CA SER C 376 -47.01 73.58 -17.19
C SER C 376 -48.16 72.59 -17.01
N SER C 377 -48.55 72.37 -15.76
CA SER C 377 -49.65 71.46 -15.46
C SER C 377 -50.97 72.09 -15.86
N ASP C 378 -51.65 71.49 -16.82
CA ASP C 378 -52.94 71.94 -17.29
C ASP C 378 -53.99 70.85 -17.02
N SER C 379 -55.19 71.05 -17.54
CA SER C 379 -56.28 70.12 -17.34
C SER C 379 -56.84 69.63 -18.66
N GLY C 380 -57.29 68.37 -18.65
CA GLY C 380 -57.97 67.79 -19.80
C GLY C 380 -57.60 66.35 -20.11
N PHE C 381 -56.34 65.97 -19.94
CA PHE C 381 -56.00 64.55 -19.96
C PHE C 381 -55.92 64.01 -18.54
N TRP C 382 -56.98 64.26 -17.77
CA TRP C 382 -57.06 63.83 -16.39
C TRP C 382 -58.37 63.14 -16.06
N GLN C 383 -59.37 63.29 -16.89
CA GLN C 383 -60.56 62.45 -16.88
C GLN C 383 -60.36 61.31 -17.85
N PRO C 384 -60.55 60.05 -17.42
CA PRO C 384 -60.25 58.92 -18.32
C PRO C 384 -61.35 58.74 -19.36
N GLN C 385 -60.94 58.57 -20.61
CA GLN C 385 -61.86 58.46 -21.73
C GLN C 385 -61.51 57.24 -22.55
N LEU C 386 -62.48 56.37 -22.76
CA LEU C 386 -62.25 55.06 -23.35
C LEU C 386 -62.07 55.17 -24.86
N THR C 387 -62.07 54.03 -25.53
CA THR C 387 -62.10 54.00 -26.98
C THR C 387 -63.54 54.15 -27.46
N LYS C 388 -63.71 54.23 -28.77
CA LYS C 388 -65.05 54.36 -29.33
C LYS C 388 -65.75 53.01 -29.34
N LEU C 389 -67.01 53.01 -28.93
CA LEU C 389 -67.82 51.81 -28.90
C LEU C 389 -69.11 52.09 -29.64
N GLN C 390 -69.51 51.15 -30.49
CA GLN C 390 -70.74 51.30 -31.27
C GLN C 390 -71.94 51.03 -30.37
N TYR C 391 -72.68 52.10 -30.06
CA TYR C 391 -73.89 52.13 -29.21
C TYR C 391 -73.75 51.31 -27.93
N SER C 392 -72.72 51.66 -27.14
CA SER C 392 -72.61 51.17 -25.78
C SER C 392 -72.65 52.30 -24.76
N SER C 393 -71.73 53.27 -24.86
CA SER C 393 -71.81 54.60 -24.23
C SER C 393 -71.92 54.54 -22.70
N THR C 394 -70.83 54.09 -22.07
CA THR C 394 -70.75 54.06 -20.62
C THR C 394 -69.51 54.82 -20.18
N GLU C 395 -69.47 55.22 -18.91
CA GLU C 395 -68.54 56.21 -18.38
C GLU C 395 -67.47 55.55 -17.51
N LEU C 396 -66.60 56.40 -16.97
CA LEU C 396 -65.54 55.98 -16.04
C LEU C 396 -65.63 56.81 -14.77
N PRO C 397 -65.86 56.20 -13.60
CA PRO C 397 -66.27 56.96 -12.42
C PRO C 397 -65.13 57.60 -11.63
N LEU C 398 -63.88 57.46 -12.08
CA LEU C 398 -62.70 58.24 -11.66
C LEU C 398 -62.20 57.92 -10.25
N TRP C 399 -62.98 57.17 -9.46
CA TRP C 399 -62.71 56.76 -8.08
C TRP C 399 -62.19 57.91 -7.20
N ASP C 400 -63.07 58.89 -6.99
CA ASP C 400 -62.72 60.05 -6.18
C ASP C 400 -62.86 59.67 -4.71
N GLY C 401 -61.77 59.20 -4.12
CA GLY C 401 -61.80 58.88 -2.71
C GLY C 401 -60.60 58.10 -2.19
N PRO C 402 -60.72 57.59 -0.96
CA PRO C 402 -59.63 56.79 -0.38
C PRO C 402 -59.67 55.35 -0.86
N LEU C 403 -58.85 54.48 -0.27
CA LEU C 403 -58.66 53.15 -0.83
C LEU C 403 -58.36 52.12 0.24
N ASP C 404 -58.93 50.93 0.05
CA ASP C 404 -58.54 49.72 0.77
C ASP C 404 -58.26 48.66 -0.28
N ILE C 405 -57.32 47.76 0.02
CA ILE C 405 -56.87 46.76 -0.95
C ILE C 405 -58.00 45.83 -1.35
N LYS C 406 -58.85 45.48 -0.38
CA LYS C 406 -60.07 44.74 -0.69
C LYS C 406 -60.97 45.54 -1.61
N THR C 407 -61.20 46.82 -1.28
CA THR C 407 -61.99 47.69 -2.14
C THR C 407 -61.27 47.98 -3.45
N TYR C 408 -59.94 48.04 -3.43
CA TYR C 408 -59.16 48.20 -4.65
C TYR C 408 -59.43 47.08 -5.64
N GLN C 409 -59.25 45.85 -5.19
CA GLN C 409 -59.43 44.72 -6.09
C GLN C 409 -60.90 44.46 -6.38
N THR C 410 -61.80 44.84 -5.47
CA THR C 410 -63.22 44.63 -5.72
C THR C 410 -63.76 45.63 -6.75
N GLU C 411 -63.35 46.89 -6.62
CA GLU C 411 -63.69 47.89 -7.62
C GLU C 411 -63.09 47.55 -8.97
N LEU C 412 -61.83 47.10 -8.98
CA LEU C 412 -61.17 46.69 -10.22
C LEU C 412 -61.89 45.50 -10.85
N MET C 413 -62.29 44.54 -10.02
CA MET C 413 -62.99 43.35 -10.44
C MET C 413 -64.32 43.71 -11.10
N HIS C 414 -65.23 44.33 -10.36
CA HIS C 414 -66.55 44.55 -10.92
C HIS C 414 -66.58 45.68 -11.94
N ARG C 415 -65.57 46.56 -11.95
CA ARG C 415 -65.42 47.49 -13.05
C ARG C 415 -65.01 46.77 -14.33
N ALA C 416 -64.11 45.79 -14.21
CA ALA C 416 -63.82 44.94 -15.36
C ALA C 416 -65.02 44.11 -15.76
N VAL C 417 -65.87 43.74 -14.80
CA VAL C 417 -67.08 42.99 -15.09
C VAL C 417 -68.04 43.82 -15.92
N ILE C 418 -68.27 45.08 -15.53
CA ILE C 418 -69.19 45.91 -16.29
C ILE C 418 -68.58 46.32 -17.62
N ARG C 419 -67.24 46.42 -17.68
CA ARG C 419 -66.56 46.64 -18.95
C ARG C 419 -66.75 45.47 -19.90
N LEU C 420 -66.67 44.25 -19.37
CA LEU C 420 -66.92 43.09 -20.19
C LEU C 420 -68.39 42.97 -20.56
N ARG C 421 -69.28 43.48 -19.71
CA ARG C 421 -70.69 43.53 -20.08
C ARG C 421 -70.89 44.48 -21.26
N ASP C 422 -70.18 45.62 -21.25
CA ASP C 422 -70.22 46.55 -22.37
C ASP C 422 -69.72 45.89 -23.64
N ILE C 423 -68.58 45.20 -23.57
CA ILE C 423 -68.03 44.61 -24.79
C ILE C 423 -68.87 43.40 -25.22
N GLN C 424 -69.56 42.76 -24.26
CA GLN C 424 -70.40 41.61 -24.57
C GLN C 424 -71.62 42.04 -25.36
N ASP C 425 -72.32 43.07 -24.87
CA ASP C 425 -73.44 43.61 -25.63
C ASP C 425 -72.97 44.25 -26.93
N GLU C 426 -71.74 44.79 -26.94
CA GLU C 426 -71.18 45.40 -28.13
C GLU C 426 -71.01 44.39 -29.26
N TYR C 427 -70.45 43.23 -28.93
CA TYR C 427 -70.34 42.19 -29.95
C TYR C 427 -71.70 41.56 -30.24
N ALA C 428 -72.53 41.39 -29.21
CA ALA C 428 -73.81 40.70 -29.36
C ALA C 428 -74.80 41.49 -30.18
N LYS C 429 -74.66 42.81 -30.25
CA LYS C 429 -75.56 43.58 -31.09
C LYS C 429 -75.12 43.60 -32.54
N GLY C 430 -73.83 43.52 -32.81
CA GLY C 430 -73.35 43.65 -34.18
C GLY C 430 -73.48 42.37 -34.98
N THR C 431 -74.70 41.86 -35.13
CA THR C 431 -74.94 40.62 -35.84
C THR C 431 -75.82 40.79 -37.06
N VAL C 432 -77.05 41.29 -36.89
CA VAL C 432 -78.08 41.31 -37.93
C VAL C 432 -77.84 42.14 -39.20
N PRO C 433 -77.08 43.25 -39.23
CA PRO C 433 -76.91 43.92 -40.54
C PRO C 433 -76.11 43.11 -41.53
N LEU C 434 -75.08 42.39 -41.06
CA LEU C 434 -74.38 41.45 -41.92
C LEU C 434 -75.30 40.33 -42.36
N TYR C 435 -76.23 39.93 -41.51
CA TYR C 435 -77.19 38.89 -41.82
C TYR C 435 -78.11 39.31 -42.97
N GLU C 436 -78.66 40.52 -42.89
CA GLU C 436 -79.46 41.05 -43.98
C GLU C 436 -78.63 41.27 -45.24
N LYS C 437 -77.37 41.68 -45.07
CA LYS C 437 -76.47 41.86 -46.20
C LYS C 437 -76.24 40.56 -46.95
N ARG C 438 -76.02 39.48 -46.20
CA ARG C 438 -75.84 38.17 -46.83
C ARG C 438 -77.11 37.71 -47.52
N LEU C 439 -78.28 37.99 -46.91
CA LEU C 439 -79.56 37.63 -47.52
C LEU C 439 -79.75 38.31 -48.87
N ASN C 440 -79.53 39.62 -48.91
CA ASN C 440 -79.70 40.37 -50.15
C ASN C 440 -78.65 40.00 -51.19
N GLU C 441 -77.43 39.69 -50.75
CA GLU C 441 -76.38 39.26 -51.67
C GLU C 441 -76.72 37.93 -52.30
N THR C 442 -77.27 37.00 -51.52
CA THR C 442 -77.66 35.71 -52.07
C THR C 442 -78.82 35.83 -53.04
N GLN C 443 -79.81 36.66 -52.72
CA GLN C 443 -80.92 36.88 -53.65
C GLN C 443 -80.45 37.56 -54.93
N ARG C 444 -79.48 38.47 -54.81
CA ARG C 444 -78.86 39.08 -55.97
C ARG C 444 -78.18 38.05 -56.85
N GLN C 445 -77.43 37.13 -56.24
CA GLN C 445 -76.68 36.15 -57.02
C GLN C 445 -77.62 35.15 -57.69
N ASN C 446 -78.70 34.77 -57.00
CA ASN C 446 -79.69 33.88 -57.59
C ASN C 446 -80.38 34.53 -58.77
N GLN C 447 -80.72 35.81 -58.64
CA GLN C 447 -81.28 36.56 -59.76
C GLN C 447 -80.28 36.63 -60.92
N LEU C 448 -78.99 36.79 -60.58
CA LEU C 448 -77.94 36.90 -61.58
C LEU C 448 -77.83 35.65 -62.45
N ASP C 449 -77.64 34.50 -61.82
CA ASP C 449 -77.45 33.32 -62.67
C ASP C 449 -78.76 32.82 -63.26
N GLU C 450 -79.92 33.18 -62.69
CA GLU C 450 -81.17 32.87 -63.36
C GLU C 450 -81.31 33.67 -64.66
N ILE C 451 -80.90 34.95 -64.61
CA ILE C 451 -80.85 35.76 -65.82
C ILE C 451 -79.88 35.17 -66.84
N LYS C 452 -78.73 34.66 -66.37
CA LYS C 452 -77.75 34.06 -67.28
C LYS C 452 -78.30 32.80 -67.96
N ASN C 453 -79.09 32.01 -67.21
CA ASN C 453 -79.73 30.83 -67.76
C ASN C 453 -80.76 31.20 -68.82
N SER C 454 -81.57 32.22 -68.55
CA SER C 454 -82.56 32.65 -69.55
C SER C 454 -81.90 33.23 -70.80
N VAL C 455 -80.75 33.89 -70.62
CA VAL C 455 -80.00 34.41 -71.77
C VAL C 455 -79.49 33.27 -72.65
N GLY C 456 -78.97 32.21 -72.02
CA GLY C 456 -78.59 31.02 -72.78
C GLY C 456 -79.76 30.40 -73.51
N LEU C 457 -80.94 30.40 -72.88
CA LEU C 457 -82.14 29.84 -73.51
C LEU C 457 -82.55 30.61 -74.75
N THR C 458 -82.61 31.95 -74.66
CA THR C 458 -83.05 32.72 -75.81
C THR C 458 -82.00 32.76 -76.91
N PHE C 459 -80.71 32.66 -76.55
CA PHE C 459 -79.68 32.58 -77.58
C PHE C 459 -79.77 31.26 -78.33
N LYS C 460 -80.11 30.18 -77.62
CA LYS C 460 -80.31 28.90 -78.30
C LYS C 460 -81.53 28.93 -79.22
N LYS C 461 -82.59 29.62 -78.80
CA LYS C 461 -83.78 29.70 -79.64
C LYS C 461 -83.53 30.52 -80.91
N LYS C 462 -82.74 31.60 -80.79
CA LYS C 462 -82.33 32.36 -81.97
C LYS C 462 -81.48 31.51 -82.90
N GLN C 463 -80.51 30.78 -82.32
CA GLN C 463 -79.61 29.96 -83.10
C GLN C 463 -80.33 28.78 -83.74
N GLU C 464 -81.51 28.43 -83.26
CA GLU C 464 -82.31 27.40 -83.92
C GLU C 464 -83.36 27.95 -84.87
N VAL C 465 -83.71 29.23 -84.80
CA VAL C 465 -84.66 29.77 -85.78
C VAL C 465 -83.94 30.29 -87.05
N GLU C 466 -82.61 30.50 -86.96
CA GLU C 466 -81.82 30.92 -88.14
C GLU C 466 -81.99 30.01 -89.36
N LYS C 467 -82.05 28.69 -89.12
CA LYS C 467 -82.09 27.74 -90.23
C LYS C 467 -83.42 27.78 -90.96
N SER C 468 -84.52 27.91 -90.22
CA SER C 468 -85.82 28.02 -90.85
C SER C 468 -85.96 29.35 -91.58
N ILE C 469 -85.28 30.40 -91.08
CA ILE C 469 -85.20 31.66 -91.82
C ILE C 469 -84.56 31.46 -93.19
N ASN C 470 -83.41 30.78 -93.22
CA ASN C 470 -82.71 30.59 -94.50
C ASN C 470 -83.46 29.66 -95.46
N ASP C 471 -84.15 28.64 -94.91
CA ASP C 471 -84.93 27.76 -95.77
C ASP C 471 -86.15 28.46 -96.34
N SER C 472 -86.80 29.32 -95.54
CA SER C 472 -87.92 30.11 -96.04
C SER C 472 -87.46 31.10 -97.11
N GLU C 473 -86.24 31.63 -96.98
CA GLU C 473 -85.67 32.48 -98.02
C GLU C 473 -85.44 31.70 -99.31
N LYS C 474 -84.98 30.45 -99.19
CA LYS C 474 -84.77 29.60 -100.37
C LYS C 474 -86.08 29.32 -101.11
N ARG C 475 -87.15 29.02 -100.36
CA ARG C 475 -88.42 28.76 -101.03
C ARG C 475 -89.07 30.04 -101.57
N LEU C 476 -88.77 31.21 -100.96
CA LEU C 476 -89.18 32.47 -101.58
C LEU C 476 -88.45 32.71 -102.90
N LYS C 477 -87.17 32.32 -102.97
CA LYS C 477 -86.42 32.39 -104.22
C LYS C 477 -87.06 31.55 -105.32
N HIS C 478 -87.38 30.28 -104.99
CA HIS C 478 -88.01 29.42 -105.99
C HIS C 478 -89.41 29.91 -106.37
N ALA C 479 -90.13 30.51 -105.41
CA ALA C 479 -91.42 31.12 -105.71
C ALA C 479 -91.26 32.29 -106.68
N MET C 480 -90.16 33.04 -106.57
CA MET C 480 -89.91 34.13 -107.50
C MET C 480 -89.58 33.61 -108.90
N THR C 481 -88.84 32.49 -108.97
CA THR C 481 -88.55 31.87 -110.29
C THR C 481 -89.83 31.44 -111.00
N GLU C 482 -90.70 30.71 -110.28
CA GLU C 482 -91.95 30.28 -110.91
C GLU C 482 -92.88 31.47 -111.16
N SER C 483 -92.77 32.54 -110.37
CA SER C 483 -93.53 33.77 -110.65
C SER C 483 -93.15 34.36 -111.99
N THR C 484 -91.84 34.48 -112.25
CA THR C 484 -91.35 35.04 -113.51
C THR C 484 -91.78 34.19 -114.70
N LYS C 485 -91.63 32.86 -114.58
CA LYS C 485 -91.99 32.00 -115.72
C LYS C 485 -93.50 31.95 -115.94
N LEU C 486 -94.29 31.96 -114.85
CA LEU C 486 -95.73 31.96 -114.96
C LEU C 486 -96.25 33.25 -115.57
N GLN C 487 -95.63 34.39 -115.25
CA GLN C 487 -96.02 35.65 -115.86
C GLN C 487 -95.65 35.69 -117.35
N ASN C 488 -94.51 35.08 -117.71
CA ASN C 488 -94.19 34.94 -119.13
C ASN C 488 -95.18 34.02 -119.85
N LYS C 489 -95.71 33.02 -119.14
CA LYS C 489 -96.76 32.17 -119.71
C LYS C 489 -98.04 32.96 -119.94
N ILE C 490 -98.37 33.87 -118.99
CA ILE C 490 -99.51 34.77 -119.18
C ILE C 490 -99.29 35.64 -120.41
N ASN C 491 -98.06 36.13 -120.60
CA ASN C 491 -97.73 36.94 -121.78
C ASN C 491 -97.88 36.13 -123.08
N HIS C 492 -97.44 34.87 -123.07
CA HIS C 492 -97.55 34.02 -124.25
C HIS C 492 -99.02 33.71 -124.58
N LEU C 493 -99.83 33.43 -123.56
CA LEU C 493 -101.23 33.12 -123.83
C LEU C 493 -102.00 34.36 -124.27
N LEU C 494 -101.65 35.54 -123.74
CA LEU C 494 -102.34 36.75 -124.20
C LEU C 494 -101.88 37.15 -125.59
N LYS C 495 -100.63 36.84 -125.96
CA LYS C 495 -100.20 37.01 -127.34
C LYS C 495 -100.95 36.06 -128.28
N ASN C 496 -101.20 34.82 -127.83
CA ASN C 496 -102.02 33.90 -128.62
C ASN C 496 -103.45 34.40 -128.75
N ARG C 497 -103.99 35.00 -127.69
CA ARG C 497 -105.34 35.56 -127.73
C ARG C 497 -105.39 36.76 -128.66
N GLN C 498 -104.33 37.56 -128.69
CA GLN C 498 -104.26 38.66 -129.64
C GLN C 498 -104.10 38.15 -131.07
N GLU C 499 -103.49 36.97 -131.25
CA GLU C 499 -103.44 36.36 -132.57
C GLU C 499 -104.82 35.90 -133.02
N LEU C 500 -105.58 35.29 -132.10
CA LEU C 500 -106.86 34.68 -132.42
C LEU C 500 -108.06 35.53 -132.02
N GLU C 501 -107.88 36.84 -131.81
CA GLU C 501 -109.05 37.64 -131.43
C GLU C 501 -109.87 38.13 -132.63
N ASN C 502 -109.23 38.67 -133.66
CA ASN C 502 -109.99 39.34 -134.70
C ASN C 502 -110.52 38.31 -135.68
N PHE C 503 -111.76 38.51 -136.12
CA PHE C 503 -112.55 37.55 -136.90
C PHE C 503 -112.56 36.17 -136.22
N ASN C 504 -113.15 36.16 -135.02
CA ASN C 504 -112.78 35.36 -133.86
C ASN C 504 -112.44 33.90 -134.13
N LYS C 505 -113.47 33.13 -134.51
CA LYS C 505 -113.40 31.68 -134.79
C LYS C 505 -112.64 30.90 -133.72
N LEU C 506 -113.20 30.93 -132.52
CA LEU C 506 -112.49 30.54 -131.29
C LEU C 506 -112.17 29.06 -131.30
N PRO C 507 -110.93 28.66 -130.98
CA PRO C 507 -110.61 27.23 -130.93
C PRO C 507 -111.02 26.60 -129.62
N SER C 508 -110.66 25.33 -129.43
CA SER C 508 -110.82 24.63 -128.15
C SER C 508 -109.58 24.73 -127.28
N ASN C 509 -108.82 25.82 -127.42
CA ASN C 509 -107.54 26.00 -126.77
C ASN C 509 -107.55 27.01 -125.64
N THR C 510 -108.40 28.04 -125.74
CA THR C 510 -108.29 29.20 -124.86
C THR C 510 -108.77 28.90 -123.44
N ILE C 511 -109.62 27.88 -123.25
CA ILE C 511 -110.06 27.56 -121.89
C ILE C 511 -108.93 26.92 -121.08
N SER C 512 -107.95 26.29 -121.74
CA SER C 512 -106.75 25.86 -121.04
C SER C 512 -105.89 27.04 -120.64
N SER C 513 -105.87 28.09 -121.47
CA SER C 513 -105.16 29.32 -121.12
C SER C 513 -105.83 30.00 -119.93
N GLU C 514 -107.16 29.96 -119.86
CA GLU C 514 -107.87 30.52 -118.72
C GLU C 514 -107.60 29.69 -117.46
N ASN C 515 -107.56 28.36 -117.59
CA ASN C 515 -107.21 27.49 -116.47
C ASN C 515 -105.77 27.74 -116.01
N HIS C 516 -104.89 28.06 -116.96
CA HIS C 516 -103.50 28.40 -116.62
C HIS C 516 -103.41 29.74 -115.90
N LEU C 517 -104.26 30.70 -116.30
CA LEU C 517 -104.38 31.94 -115.55
C LEU C 517 -104.86 31.71 -114.12
N GLU C 518 -105.85 30.81 -113.95
CA GLU C 518 -106.34 30.49 -112.60
C GLU C 518 -105.27 29.79 -111.77
N GLU C 519 -104.48 28.92 -112.41
CA GLU C 519 -103.38 28.23 -111.72
C GLU C 519 -102.27 29.19 -111.33
N GLY C 520 -101.93 30.14 -112.21
CA GLY C 520 -100.95 31.15 -111.86
C GLY C 520 -101.44 32.09 -110.77
N SER C 521 -102.74 32.40 -110.77
CA SER C 521 -103.33 33.19 -109.69
C SER C 521 -103.29 32.44 -108.36
N ALA C 522 -103.57 31.14 -108.39
CA ALA C 522 -103.49 30.32 -107.18
C ALA C 522 -102.07 30.24 -106.66
N LEU C 523 -101.09 30.05 -107.55
CA LEU C 523 -99.69 30.03 -107.13
C LEU C 523 -99.23 31.41 -106.63
N ALA C 524 -99.79 32.49 -107.17
CA ALA C 524 -99.50 33.83 -106.66
C ALA C 524 -100.01 34.00 -105.24
N ASP C 525 -101.21 33.48 -104.97
CA ASP C 525 -101.73 33.51 -103.60
C ASP C 525 -100.89 32.66 -102.66
N LYS C 526 -100.41 31.50 -103.13
CA LYS C 526 -99.60 30.64 -102.27
C LYS C 526 -98.24 31.28 -101.95
N LEU C 527 -97.63 31.94 -102.95
CA LEU C 527 -96.37 32.60 -102.67
C LEU C 527 -96.58 33.85 -101.82
N LYS C 528 -97.77 34.48 -101.90
CA LYS C 528 -98.09 35.56 -100.99
C LYS C 528 -98.19 35.06 -99.55
N GLU C 529 -98.84 33.91 -99.38
CA GLU C 529 -98.86 33.25 -98.06
C GLU C 529 -97.45 32.96 -97.58
N TYR C 530 -96.58 32.53 -98.49
CA TYR C 530 -95.22 32.19 -98.09
C TYR C 530 -94.41 33.42 -97.71
N ILE C 531 -94.61 34.55 -98.41
CA ILE C 531 -93.83 35.74 -98.07
C ILE C 531 -94.35 36.33 -96.75
N ASP C 532 -95.64 36.13 -96.44
CA ASP C 532 -96.11 36.48 -95.10
C ASP C 532 -95.47 35.59 -94.03
N LYS C 533 -95.29 34.29 -94.33
CA LYS C 533 -94.57 33.41 -93.41
C LYS C 533 -93.14 33.90 -93.18
N ASN C 534 -92.46 34.31 -94.26
CA ASN C 534 -91.11 34.86 -94.14
C ASN C 534 -91.07 36.09 -93.25
N ALA C 535 -92.08 36.96 -93.40
CA ALA C 535 -92.15 38.19 -92.60
C ALA C 535 -92.32 37.88 -91.12
N THR C 536 -93.24 36.95 -90.78
CA THR C 536 -93.47 36.63 -89.37
C THR C 536 -92.25 35.97 -88.73
N LEU C 537 -91.62 35.02 -89.45
CA LEU C 537 -90.42 34.38 -88.92
C LEU C 537 -89.28 35.36 -88.74
N PHE C 538 -89.11 36.31 -89.67
CA PHE C 538 -88.03 37.28 -89.54
C PHE C 538 -88.28 38.26 -88.40
N ASN C 539 -89.55 38.65 -88.18
CA ASN C 539 -89.87 39.51 -87.05
C ASN C 539 -89.61 38.82 -85.72
N LYS C 540 -89.95 37.52 -85.62
CA LYS C 540 -89.64 36.76 -84.41
C LYS C 540 -88.13 36.68 -84.18
N LEU C 541 -87.37 36.43 -85.25
CA LEU C 541 -85.91 36.37 -85.15
C LEU C 541 -85.31 37.69 -84.68
N LYS C 542 -85.78 38.81 -85.24
CA LYS C 542 -85.22 40.10 -84.87
C LYS C 542 -85.61 40.51 -83.46
N GLU C 543 -86.83 40.16 -83.02
CA GLU C 543 -87.22 40.45 -81.64
C GLU C 543 -86.40 39.65 -80.64
N LEU C 544 -86.15 38.37 -80.95
CA LEU C 544 -85.33 37.54 -80.09
C LEU C 544 -83.89 38.05 -80.03
N GLN C 545 -83.37 38.51 -81.17
CA GLN C 545 -82.03 39.09 -81.22
C GLN C 545 -81.95 40.37 -80.40
N GLN C 546 -83.01 41.18 -80.43
CA GLN C 546 -82.98 42.43 -79.68
C GLN C 546 -83.06 42.17 -78.18
N ALA C 547 -83.85 41.17 -77.77
CA ALA C 547 -83.91 40.80 -76.36
C ALA C 547 -82.56 40.28 -75.87
N ASN C 548 -81.90 39.46 -76.69
CA ASN C 548 -80.56 38.99 -76.37
C ASN C 548 -79.55 40.14 -76.34
N ALA C 549 -79.80 41.20 -77.10
CA ALA C 549 -78.91 42.36 -77.04
C ALA C 549 -79.08 43.14 -75.73
N GLU C 550 -80.33 43.35 -75.29
CA GLU C 550 -80.54 44.21 -74.12
C GLU C 550 -80.26 43.49 -72.79
N LYS C 551 -80.41 42.16 -72.75
CA LYS C 551 -80.22 41.45 -71.49
C LYS C 551 -78.77 41.50 -71.02
N SER C 552 -77.82 41.55 -71.95
CA SER C 552 -76.41 41.68 -71.58
C SER C 552 -76.12 43.02 -70.94
N LYS C 553 -76.79 44.09 -71.42
CA LYS C 553 -76.65 45.40 -70.82
C LYS C 553 -77.22 45.42 -69.41
N LEU C 554 -78.37 44.75 -69.21
CA LEU C 554 -78.92 44.65 -67.87
C LEU C 554 -78.00 43.87 -66.94
N ASN C 555 -77.37 42.82 -67.45
CA ASN C 555 -76.45 42.01 -66.65
C ASN C 555 -75.21 42.81 -66.27
N ASP C 556 -74.71 43.65 -67.20
CA ASP C 556 -73.55 44.47 -66.90
C ASP C 556 -73.87 45.53 -65.85
N GLU C 557 -75.09 46.10 -65.92
CA GLU C 557 -75.54 47.04 -64.90
C GLU C 557 -75.59 46.38 -63.52
N LEU C 558 -76.12 45.15 -63.47
CA LEU C 558 -76.17 44.42 -62.21
C LEU C 558 -74.78 44.07 -61.71
N ARG C 559 -73.83 43.83 -62.62
CA ARG C 559 -72.45 43.55 -62.24
C ARG C 559 -71.78 44.76 -61.61
N SER C 560 -72.02 45.95 -62.17
CA SER C 560 -71.44 47.16 -61.60
C SER C 560 -71.98 47.43 -60.19
N LYS C 561 -73.31 47.30 -60.04
CA LYS C 561 -73.92 47.45 -58.72
C LYS C 561 -73.42 46.39 -57.74
N TYR C 562 -73.16 45.18 -58.25
CA TYR C 562 -72.64 44.07 -57.48
C TYR C 562 -71.27 44.41 -56.89
N GLN C 563 -70.38 44.97 -57.72
CA GLN C 563 -69.04 45.33 -57.26
C GLN C 563 -69.07 46.46 -56.23
N ILE C 564 -69.95 47.45 -56.47
CA ILE C 564 -70.07 48.58 -55.55
C ILE C 564 -70.58 48.12 -54.18
N GLU C 565 -71.53 47.18 -54.16
CA GLU C 565 -71.98 46.61 -52.89
C GLU C 565 -70.89 45.75 -52.25
N SER C 566 -70.08 45.09 -53.08
CA SER C 566 -69.08 44.13 -52.61
C SER C 566 -68.01 44.78 -51.73
N SER C 567 -67.56 45.98 -52.11
CA SER C 567 -66.49 46.62 -51.35
C SER C 567 -66.92 46.94 -49.91
N LYS C 568 -68.13 47.49 -49.76
CA LYS C 568 -68.66 47.80 -48.44
C LYS C 568 -68.96 46.55 -47.64
N ALA C 569 -69.41 45.48 -48.32
CA ALA C 569 -69.63 44.20 -47.65
C ALA C 569 -68.35 43.67 -47.03
N ALA C 570 -67.25 43.75 -47.78
CA ALA C 570 -65.95 43.31 -47.28
C ALA C 570 -65.48 44.15 -46.09
N GLU C 571 -65.72 45.46 -46.15
CA GLU C 571 -65.30 46.32 -45.04
C GLU C 571 -66.08 46.02 -43.77
N SER C 572 -67.40 45.79 -43.89
CA SER C 572 -68.21 45.45 -42.74
C SER C 572 -67.76 44.13 -42.12
N ALA C 573 -67.41 43.16 -42.97
CA ALA C 573 -66.94 41.88 -42.47
C ALA C 573 -65.62 42.02 -41.71
N GLN C 574 -64.70 42.85 -42.23
CA GLN C 574 -63.41 43.07 -41.56
C GLN C 574 -63.59 43.73 -40.21
N THR C 575 -64.51 44.70 -40.12
CA THR C 575 -64.75 45.38 -38.84
C THR C 575 -65.35 44.41 -37.83
N LEU C 576 -66.24 43.51 -38.28
CA LEU C 576 -66.77 42.49 -37.38
C LEU C 576 -65.67 41.56 -36.89
N LYS C 577 -64.68 41.26 -37.75
CA LYS C 577 -63.55 40.45 -37.32
C LYS C 577 -62.72 41.13 -36.24
N ILE C 578 -62.46 42.43 -36.38
CA ILE C 578 -61.65 43.09 -35.37
C ILE C 578 -62.41 43.18 -34.04
N LEU C 579 -63.73 43.39 -34.12
CA LEU C 579 -64.58 43.34 -32.93
C LEU C 579 -64.52 41.96 -32.27
N GLN C 580 -64.61 40.91 -33.09
CA GLN C 580 -64.51 39.53 -32.62
C GLN C 580 -63.19 39.27 -31.90
N GLU C 581 -62.09 39.75 -32.47
CA GLU C 581 -60.78 39.52 -31.88
C GLU C 581 -60.64 40.21 -30.53
N SER C 582 -61.10 41.46 -30.43
CA SER C 582 -60.99 42.17 -29.15
C SER C 582 -61.84 41.54 -28.07
N MET C 583 -63.08 41.15 -28.41
CA MET C 583 -63.93 40.56 -27.39
C MET C 583 -63.46 39.17 -27.00
N LYS C 584 -62.89 38.42 -27.94
CA LYS C 584 -62.34 37.11 -27.62
C LYS C 584 -61.13 37.23 -26.71
N SER C 585 -60.29 38.25 -26.94
CA SER C 585 -59.12 38.43 -26.09
C SER C 585 -59.51 38.80 -24.66
N LEU C 586 -60.48 39.71 -24.50
CA LEU C 586 -60.91 40.05 -23.15
C LEU C 586 -61.66 38.89 -22.47
N GLU C 587 -62.40 38.09 -23.25
CA GLU C 587 -63.07 36.92 -22.69
C GLU C 587 -62.06 35.89 -22.19
N ASN C 588 -61.03 35.61 -23.00
CA ASN C 588 -60.04 34.63 -22.56
C ASN C 588 -59.14 35.19 -21.46
N GLU C 589 -59.04 36.51 -21.35
CA GLU C 589 -58.35 37.09 -20.19
C GLU C 589 -59.15 36.82 -18.92
N VAL C 590 -60.45 37.11 -18.93
CA VAL C 590 -61.20 36.96 -17.70
C VAL C 590 -61.47 35.49 -17.38
N ASN C 591 -61.42 34.60 -18.38
CA ASN C 591 -61.64 33.20 -18.09
C ASN C 591 -60.38 32.54 -17.58
N GLY C 592 -59.24 33.19 -17.74
CA GLY C 592 -57.99 32.70 -17.21
C GLY C 592 -57.88 33.01 -15.73
N PRO C 593 -56.68 33.36 -15.30
CA PRO C 593 -56.51 33.75 -13.90
C PRO C 593 -57.17 35.10 -13.65
N LEU C 594 -58.27 35.05 -12.90
CA LEU C 594 -59.09 36.23 -12.69
C LEU C 594 -58.73 36.88 -11.36
N THR C 595 -59.27 38.07 -11.14
CA THR C 595 -58.94 38.83 -9.96
C THR C 595 -59.85 38.45 -8.79
N LYS C 596 -59.79 39.23 -7.71
CA LYS C 596 -60.35 38.85 -6.43
C LYS C 596 -61.86 39.08 -6.42
N PHE C 597 -62.60 38.08 -6.94
CA PHE C 597 -63.86 37.54 -6.40
C PHE C 597 -64.34 36.49 -7.40
N SER C 598 -65.42 35.79 -7.08
CA SER C 598 -66.05 34.88 -8.02
C SER C 598 -67.42 35.38 -8.44
N THR C 599 -67.55 36.66 -8.79
CA THR C 599 -68.85 37.21 -9.17
C THR C 599 -69.34 36.64 -10.50
N GLU C 600 -68.58 36.91 -11.56
CA GLU C 600 -68.93 36.48 -12.91
C GLU C 600 -68.05 35.35 -13.43
N SER C 601 -66.76 35.38 -13.08
CA SER C 601 -65.74 34.38 -13.42
C SER C 601 -65.67 34.09 -14.92
N GLN C 610 -61.86 18.73 -20.21
CA GLN C 610 -63.21 18.99 -20.66
C GLN C 610 -63.33 19.00 -22.18
N ASN C 611 -64.43 18.44 -22.69
CA ASN C 611 -64.83 18.57 -24.07
C ASN C 611 -65.85 19.70 -24.16
N ASP C 612 -65.60 20.72 -24.99
CA ASP C 612 -64.52 20.75 -25.99
C ASP C 612 -63.19 21.25 -25.45
N PHE C 613 -62.16 20.48 -25.76
CA PHE C 613 -60.80 20.87 -25.40
C PHE C 613 -60.35 22.00 -26.29
N GLN C 614 -60.59 23.24 -25.87
CA GLN C 614 -60.00 24.39 -26.55
C GLN C 614 -58.51 24.46 -26.29
N SER C 615 -58.08 23.93 -25.16
CA SER C 615 -56.72 24.10 -24.70
C SER C 615 -55.72 23.13 -25.32
N LEU C 616 -55.73 23.01 -26.66
CA LEU C 616 -54.76 22.28 -27.48
C LEU C 616 -54.53 20.84 -26.97
N LYS C 617 -55.58 20.03 -27.08
CA LYS C 617 -55.49 18.71 -26.50
C LYS C 617 -55.87 17.61 -27.48
N ALA C 618 -55.73 17.86 -28.77
CA ALA C 618 -55.84 16.78 -29.75
C ALA C 618 -54.54 15.99 -29.63
N ARG C 619 -54.55 14.97 -28.78
CA ARG C 619 -53.32 14.30 -28.38
C ARG C 619 -52.87 13.37 -29.49
N ASN C 620 -51.92 13.84 -30.29
CA ASN C 620 -51.23 13.03 -31.27
C ASN C 620 -49.89 13.69 -31.49
N LYS C 621 -48.83 13.08 -30.96
CA LYS C 621 -47.52 13.70 -30.77
C LYS C 621 -47.65 15.03 -30.06
N PHE C 622 -48.43 15.04 -28.98
CA PHE C 622 -48.52 16.24 -28.14
C PHE C 622 -47.43 16.18 -27.09
N LEU C 623 -47.53 15.20 -26.19
CA LEU C 623 -46.46 14.99 -25.23
C LEU C 623 -45.26 14.33 -25.87
N LYS C 624 -45.50 13.55 -26.92
CA LYS C 624 -44.42 12.83 -27.56
C LYS C 624 -43.54 13.73 -28.41
N ASN C 625 -44.02 14.89 -28.81
CA ASN C 625 -43.14 15.79 -29.56
C ASN C 625 -42.13 16.47 -28.65
N TYR C 626 -42.42 16.58 -27.37
CA TYR C 626 -41.36 16.86 -26.41
C TYR C 626 -40.44 15.66 -26.33
N ILE C 627 -39.19 15.91 -25.96
CA ILE C 627 -38.13 14.92 -26.12
C ILE C 627 -38.26 13.78 -25.11
N THR C 628 -38.97 14.02 -24.00
CA THR C 628 -39.21 13.12 -22.84
C THR C 628 -38.00 12.26 -22.48
N LEU C 629 -36.84 12.88 -22.40
CA LEU C 629 -35.64 12.22 -21.91
C LEU C 629 -34.70 13.23 -21.27
N SER D 1 -51.52 -15.38 31.09
CA SER D 1 -52.90 -15.65 30.69
C SER D 1 -53.14 -17.14 30.50
N GLY D 2 -52.07 -17.93 30.60
CA GLY D 2 -52.19 -19.37 30.44
C GLY D 2 -51.96 -19.83 29.02
N ASP D 3 -52.76 -19.33 28.09
CA ASP D 3 -52.55 -19.58 26.67
C ASP D 3 -51.79 -18.41 26.07
N TYR D 4 -50.74 -18.72 25.32
CA TYR D 4 -49.87 -17.68 24.79
C TYR D 4 -49.74 -17.87 23.28
N TRP D 5 -49.60 -16.75 22.58
CA TRP D 5 -49.57 -16.72 21.13
C TRP D 5 -48.38 -15.89 20.65
N LEU D 6 -48.08 -16.03 19.36
CA LEU D 6 -47.02 -15.25 18.80
C LEU D 6 -47.34 -15.04 17.34
N PRO D 7 -47.38 -13.81 16.87
CA PRO D 7 -47.56 -13.57 15.43
C PRO D 7 -46.32 -13.95 14.65
N THR D 8 -46.51 -14.23 13.37
CA THR D 8 -45.39 -14.46 12.46
C THR D 8 -45.79 -14.03 11.06
N THR D 9 -44.78 -13.90 10.21
CA THR D 9 -44.96 -13.40 8.86
C THR D 9 -44.89 -14.53 7.84
N MET D 10 -45.27 -14.21 6.61
CA MET D 10 -45.18 -15.10 5.48
C MET D 10 -44.37 -14.44 4.38
N SER D 11 -43.84 -15.26 3.48
CA SER D 11 -43.14 -14.72 2.33
C SER D 11 -44.14 -14.18 1.32
N LEU D 12 -43.62 -13.41 0.36
CA LEU D 12 -44.46 -12.88 -0.71
C LEU D 12 -44.94 -14.00 -1.63
N TYR D 13 -44.16 -15.07 -1.71
CA TYR D 13 -44.56 -16.22 -2.52
C TYR D 13 -45.75 -16.91 -1.89
N GLN D 14 -45.84 -16.89 -0.56
CA GLN D 14 -47.02 -17.41 0.12
C GLN D 14 -48.25 -16.59 -0.23
N LYS D 15 -48.10 -15.27 -0.33
CA LYS D 15 -49.22 -14.42 -0.73
C LYS D 15 -49.64 -14.72 -2.15
N GLU D 16 -48.66 -14.91 -3.03
CA GLU D 16 -48.95 -15.23 -4.43
C GLU D 16 -49.70 -16.55 -4.55
N LEU D 17 -49.25 -17.56 -3.82
CA LEU D 17 -49.87 -18.87 -3.89
C LEU D 17 -51.28 -18.85 -3.30
N THR D 18 -51.47 -18.16 -2.18
CA THR D 18 -52.79 -18.10 -1.56
C THR D 18 -53.76 -17.33 -2.42
N ASP D 19 -53.30 -16.26 -3.07
CA ASP D 19 -54.17 -15.53 -3.95
C ASP D 19 -54.52 -16.33 -5.19
N GLN D 20 -53.59 -17.15 -5.68
CA GLN D 20 -53.93 -18.04 -6.79
C GLN D 20 -54.94 -19.09 -6.38
N ILE D 21 -54.81 -19.62 -5.15
CA ILE D 21 -55.72 -20.63 -4.66
C ILE D 21 -57.13 -20.06 -4.51
N VAL D 22 -57.22 -18.86 -3.92
CA VAL D 22 -58.54 -18.25 -3.79
C VAL D 22 -59.06 -17.75 -5.12
N SER D 23 -58.17 -17.54 -6.10
CA SER D 23 -58.63 -17.19 -7.44
C SER D 23 -59.28 -18.38 -8.12
N LEU D 24 -58.74 -19.58 -7.89
CA LEU D 24 -59.32 -20.77 -8.51
C LEU D 24 -60.69 -21.09 -7.93
N HIS D 25 -60.96 -20.68 -6.70
CA HIS D 25 -62.22 -20.99 -6.03
C HIS D 25 -63.22 -19.85 -6.12
N TYR D 26 -63.24 -19.14 -7.24
CA TYR D 26 -64.07 -17.94 -7.35
C TYR D 26 -65.55 -18.29 -7.39
N SER D 27 -65.94 -19.15 -8.33
CA SER D 27 -67.34 -19.51 -8.48
C SER D 27 -67.88 -20.30 -7.29
N ASP D 28 -66.99 -20.95 -6.54
CA ASP D 28 -67.42 -21.69 -5.36
C ASP D 28 -67.96 -20.75 -4.29
N ILE D 29 -67.16 -19.77 -3.90
CA ILE D 29 -67.58 -18.78 -2.92
C ILE D 29 -68.71 -17.92 -3.46
N LEU D 30 -68.72 -17.70 -4.78
CA LEU D 30 -69.80 -16.98 -5.43
C LEU D 30 -71.13 -17.71 -5.27
N ARG D 31 -71.14 -19.01 -5.56
CA ARG D 31 -72.33 -19.83 -5.38
C ARG D 31 -72.68 -19.96 -3.91
N TYR D 32 -71.68 -19.89 -3.03
CA TYR D 32 -71.94 -19.99 -1.59
C TYR D 32 -72.72 -18.80 -1.09
N PHE D 33 -72.24 -17.60 -1.36
CA PHE D 33 -72.70 -16.47 -0.57
C PHE D 33 -73.97 -15.80 -1.09
N GLU D 34 -74.42 -16.09 -2.31
CA GLU D 34 -75.60 -15.40 -2.79
C GLU D 34 -76.56 -16.28 -3.57
N THR D 35 -76.38 -17.59 -3.58
CA THR D 35 -77.38 -18.48 -4.12
C THR D 35 -77.85 -19.39 -3.00
N SER D 36 -79.01 -20.00 -3.22
CA SER D 36 -79.59 -20.92 -2.24
C SER D 36 -79.85 -22.30 -2.81
N HIS D 37 -80.47 -22.37 -3.98
CA HIS D 37 -80.97 -23.63 -4.52
C HIS D 37 -79.82 -24.37 -5.20
N TYR D 38 -79.21 -25.31 -4.49
CA TYR D 38 -78.17 -26.13 -5.09
C TYR D 38 -78.05 -27.45 -4.35
N LYS D 39 -77.44 -28.42 -5.02
CA LYS D 39 -76.94 -29.61 -4.36
C LYS D 39 -75.80 -29.17 -3.45
N GLU D 40 -76.07 -29.10 -2.14
CA GLU D 40 -75.12 -28.52 -1.21
C GLU D 40 -73.95 -29.44 -0.88
N ASP D 41 -73.92 -30.65 -1.45
CA ASP D 41 -72.84 -31.59 -1.14
C ASP D 41 -71.51 -31.15 -1.72
N VAL D 42 -71.52 -30.54 -2.91
CA VAL D 42 -70.28 -30.15 -3.55
C VAL D 42 -69.85 -28.74 -3.18
N ILE D 43 -70.78 -27.91 -2.70
CA ILE D 43 -70.45 -26.53 -2.38
C ILE D 43 -69.66 -26.44 -1.09
N LEU D 44 -69.68 -27.48 -0.27
CA LEU D 44 -68.96 -27.45 1.00
C LEU D 44 -67.61 -28.14 0.93
N GLU D 45 -67.49 -29.19 0.11
CA GLU D 45 -66.22 -29.86 -0.05
C GLU D 45 -65.19 -28.96 -0.71
N SER D 46 -65.65 -28.03 -1.55
CA SER D 46 -64.77 -27.02 -2.10
C SER D 46 -64.23 -26.10 -1.01
N MET D 47 -65.10 -25.73 -0.06
CA MET D 47 -64.67 -24.89 1.05
C MET D 47 -63.69 -25.63 1.95
N LYS D 48 -63.94 -26.92 2.19
CA LYS D 48 -63.05 -27.70 3.03
C LYS D 48 -61.70 -27.88 2.36
N THR D 49 -61.70 -28.10 1.04
CA THR D 49 -60.45 -28.21 0.30
C THR D 49 -59.70 -26.90 0.30
N MET D 50 -60.43 -25.79 0.21
CA MET D 50 -59.80 -24.48 0.23
C MET D 50 -59.15 -24.18 1.57
N CYS D 51 -59.88 -24.44 2.65
CA CYS D 51 -59.33 -24.18 3.98
C CYS D 51 -58.19 -25.14 4.29
N LEU D 52 -58.29 -26.37 3.78
CA LEU D 52 -57.22 -27.35 3.96
C LEU D 52 -55.95 -26.90 3.27
N ASN D 53 -56.05 -26.51 1.99
CA ASN D 53 -54.86 -26.13 1.25
C ASN D 53 -54.28 -24.82 1.75
N GLY D 54 -55.13 -23.89 2.19
CA GLY D 54 -54.62 -22.66 2.78
C GLY D 54 -53.91 -22.90 4.09
N SER D 55 -54.47 -23.77 4.93
CA SER D 55 -53.81 -24.16 6.17
C SER D 55 -52.52 -24.90 5.90
N LEU D 56 -52.46 -25.64 4.80
CA LEU D 56 -51.22 -26.31 4.42
C LEU D 56 -50.17 -25.30 4.03
N VAL D 57 -50.51 -24.40 3.10
CA VAL D 57 -49.50 -23.52 2.53
C VAL D 57 -49.10 -22.42 3.50
N ALA D 58 -49.94 -22.15 4.51
CA ALA D 58 -49.63 -21.10 5.47
C ALA D 58 -48.44 -21.44 6.34
N THR D 59 -48.16 -22.73 6.53
CA THR D 59 -46.95 -23.12 7.24
C THR D 59 -45.75 -23.04 6.32
N HIS D 60 -45.84 -23.66 5.15
CA HIS D 60 -44.74 -23.70 4.20
C HIS D 60 -45.31 -24.02 2.83
N PRO D 61 -44.66 -23.60 1.75
CA PRO D 61 -45.12 -24.00 0.42
C PRO D 61 -44.91 -25.47 0.12
N TYR D 62 -44.04 -26.15 0.84
CA TYR D 62 -43.68 -27.50 0.44
C TYR D 62 -44.67 -28.54 0.93
N LEU D 63 -45.72 -28.13 1.63
CA LEU D 63 -46.84 -29.03 1.88
C LEU D 63 -47.83 -29.05 0.73
N LEU D 64 -47.59 -28.28 -0.32
CA LEU D 64 -48.52 -28.28 -1.45
C LEU D 64 -47.77 -28.50 -2.75
N ILE D 65 -46.54 -28.01 -2.82
CA ILE D 65 -45.79 -27.98 -4.07
C ILE D 65 -44.80 -29.13 -4.07
N ASP D 66 -45.07 -30.13 -4.91
CA ASP D 66 -44.32 -31.38 -4.83
C ASP D 66 -42.96 -31.26 -5.49
N HIS D 67 -42.89 -30.68 -6.69
CA HIS D 67 -41.61 -30.62 -7.39
C HIS D 67 -40.64 -29.63 -6.77
N TYR D 68 -41.10 -28.74 -5.90
CA TYR D 68 -40.19 -27.87 -5.17
C TYR D 68 -39.64 -28.52 -3.90
N MET D 69 -40.01 -29.76 -3.62
CA MET D 69 -39.39 -30.47 -2.51
C MET D 69 -37.95 -30.82 -2.89
N PRO D 70 -37.00 -30.65 -1.96
CA PRO D 70 -35.62 -31.04 -2.26
C PRO D 70 -35.48 -32.55 -2.30
N LYS D 71 -34.33 -32.99 -2.81
CA LYS D 71 -34.11 -34.41 -2.99
C LYS D 71 -33.84 -35.10 -1.66
N SER D 72 -32.78 -34.68 -0.97
CA SER D 72 -32.40 -35.26 0.31
C SER D 72 -32.42 -34.20 1.40
N LEU D 73 -33.00 -34.53 2.55
CA LEU D 73 -33.04 -33.61 3.67
C LEU D 73 -31.82 -33.76 4.59
N ILE D 74 -30.80 -34.46 4.13
CA ILE D 74 -29.60 -34.70 4.92
C ILE D 74 -28.50 -33.70 4.57
N THR D 75 -28.62 -32.99 3.45
CA THR D 75 -27.57 -32.11 2.98
C THR D 75 -27.43 -30.87 3.85
N ARG D 76 -26.49 -30.00 3.49
CA ARG D 76 -26.04 -28.97 4.43
C ARG D 76 -26.92 -27.73 4.42
N ASP D 77 -27.22 -27.19 3.24
CA ASP D 77 -27.82 -25.87 3.14
C ASP D 77 -29.34 -25.89 3.16
N VAL D 78 -29.95 -26.98 3.60
CA VAL D 78 -31.41 -27.06 3.68
C VAL D 78 -32.09 -26.12 4.68
N PRO D 79 -31.58 -25.86 5.94
CA PRO D 79 -32.42 -25.07 6.85
C PRO D 79 -32.47 -23.59 6.52
N ALA D 80 -31.41 -23.05 5.91
CA ALA D 80 -31.46 -21.67 5.44
C ALA D 80 -32.48 -21.53 4.31
N HIS D 81 -32.57 -22.54 3.44
CA HIS D 81 -33.57 -22.54 2.39
C HIS D 81 -34.97 -22.64 2.95
N LEU D 82 -35.14 -23.45 4.01
CA LEU D 82 -36.45 -23.61 4.61
C LEU D 82 -36.89 -22.36 5.35
N ALA D 83 -35.97 -21.69 6.03
CA ALA D 83 -36.28 -20.41 6.65
C ALA D 83 -36.49 -19.31 5.62
N GLU D 84 -35.88 -19.45 4.45
CA GLU D 84 -36.14 -18.51 3.37
C GLU D 84 -37.56 -18.64 2.83
N ASN D 85 -37.99 -19.87 2.59
CA ASN D 85 -39.29 -20.06 1.93
C ASN D 85 -40.47 -19.77 2.85
N SER D 86 -40.27 -19.70 4.16
CA SER D 86 -41.32 -19.29 5.08
C SER D 86 -40.71 -18.58 6.28
N GLY D 87 -41.22 -17.39 6.58
CA GLY D 87 -40.72 -16.63 7.71
C GLY D 87 -41.08 -17.25 9.04
N LYS D 88 -42.13 -18.08 9.07
CA LYS D 88 -42.48 -18.81 10.27
C LYS D 88 -41.34 -19.74 10.68
N PHE D 89 -40.70 -20.36 9.69
CA PHE D 89 -39.56 -21.23 9.93
C PHE D 89 -38.38 -20.44 10.48
N SER D 90 -38.15 -19.24 9.96
CA SER D 90 -37.06 -18.40 10.44
C SER D 90 -37.31 -17.95 11.88
N VAL D 91 -38.55 -17.59 12.19
CA VAL D 91 -38.92 -17.15 13.53
C VAL D 91 -38.75 -18.30 14.52
N LEU D 92 -39.23 -19.49 14.16
CA LEU D 92 -39.11 -20.62 15.07
C LEU D 92 -37.66 -21.09 15.20
N ARG D 93 -36.88 -20.97 14.12
CA ARG D 93 -35.47 -21.34 14.17
C ARG D 93 -34.69 -20.40 15.08
N ASP D 94 -34.94 -19.10 15.00
CA ASP D 94 -34.25 -18.17 15.88
C ASP D 94 -34.76 -18.26 17.32
N LEU D 95 -36.02 -18.64 17.50
CA LEU D 95 -36.52 -18.87 18.87
C LEU D 95 -35.82 -20.06 19.50
N ILE D 96 -35.57 -21.11 18.71
CA ILE D 96 -34.77 -22.23 19.21
C ILE D 96 -33.32 -21.79 19.44
N ASN D 97 -32.79 -20.95 18.55
CA ASN D 97 -31.44 -20.40 18.66
C ASN D 97 -31.27 -19.45 19.84
N LEU D 98 -32.37 -19.02 20.46
CA LEU D 98 -32.29 -18.27 21.70
C LEU D 98 -32.64 -19.09 22.93
N VAL D 99 -33.45 -20.14 22.79
CA VAL D 99 -33.85 -20.93 23.94
C VAL D 99 -32.81 -21.99 24.29
N GLN D 100 -32.13 -22.55 23.28
CA GLN D 100 -31.30 -23.75 23.39
C GLN D 100 -30.13 -23.63 24.36
N GLU D 101 -29.78 -22.41 24.81
CA GLU D 101 -28.68 -22.23 25.75
C GLU D 101 -29.01 -22.80 27.12
N TYR D 102 -30.29 -22.85 27.47
CA TYR D 102 -30.71 -23.58 28.65
C TYR D 102 -30.54 -25.08 28.43
N GLU D 103 -30.47 -25.81 29.53
CA GLU D 103 -30.31 -27.26 29.47
C GLU D 103 -31.64 -27.99 29.63
N THR D 104 -32.69 -27.40 29.10
CA THR D 104 -34.05 -27.87 29.29
C THR D 104 -34.50 -28.72 28.12
N GLU D 105 -35.79 -29.00 28.08
CA GLU D 105 -36.44 -29.68 26.97
C GLU D 105 -37.73 -28.92 26.65
N THR D 106 -38.21 -29.12 25.43
CA THR D 106 -39.50 -28.56 25.03
C THR D 106 -40.12 -29.43 23.95
N ALA D 107 -41.44 -29.54 23.99
CA ALA D 107 -42.18 -30.44 23.11
C ALA D 107 -42.82 -29.67 21.98
N ILE D 108 -42.77 -30.25 20.78
CA ILE D 108 -43.35 -29.69 19.57
C ILE D 108 -44.27 -30.74 18.97
N VAL D 109 -45.51 -30.36 18.66
CA VAL D 109 -46.44 -31.27 18.01
C VAL D 109 -47.05 -30.57 16.81
N CYS D 110 -47.20 -31.30 15.72
CA CYS D 110 -47.83 -30.82 14.49
C CYS D 110 -48.40 -32.03 13.75
N ARG D 111 -48.87 -31.80 12.53
CA ARG D 111 -49.46 -32.89 11.76
C ARG D 111 -48.36 -33.82 11.24
N PRO D 112 -48.65 -35.13 11.12
CA PRO D 112 -47.60 -36.07 10.75
C PRO D 112 -47.26 -36.03 9.26
N GLY D 113 -46.46 -37.00 8.82
CA GLY D 113 -46.12 -37.09 7.42
C GLY D 113 -44.95 -36.19 7.07
N ARG D 114 -45.05 -35.49 5.94
CA ARG D 114 -43.96 -34.66 5.45
C ARG D 114 -43.68 -33.48 6.37
N THR D 115 -44.68 -33.06 7.14
CA THR D 115 -44.57 -31.87 7.97
C THR D 115 -43.52 -32.04 9.07
N MET D 116 -43.57 -33.16 9.78
CA MET D 116 -42.58 -33.43 10.79
C MET D 116 -41.20 -33.68 10.19
N ASP D 117 -41.16 -34.19 8.96
CA ASP D 117 -39.88 -34.40 8.28
C ASP D 117 -39.20 -33.09 7.96
N LEU D 118 -39.96 -32.15 7.40
CA LEU D 118 -39.41 -30.83 7.10
C LEU D 118 -39.10 -30.06 8.36
N LEU D 119 -39.87 -30.29 9.43
CA LEU D 119 -39.57 -29.68 10.72
C LEU D 119 -38.23 -30.18 11.25
N GLU D 120 -37.99 -31.49 11.12
CA GLU D 120 -36.72 -32.08 11.53
C GLU D 120 -35.56 -31.52 10.71
N ALA D 121 -35.78 -31.40 9.40
CA ALA D 121 -34.75 -30.85 8.52
C ALA D 121 -34.48 -29.39 8.82
N LEU D 122 -35.48 -28.65 9.28
CA LEU D 122 -35.27 -27.27 9.68
C LEU D 122 -34.49 -27.19 10.99
N LEU D 123 -34.87 -28.00 11.97
CA LEU D 123 -34.22 -27.94 13.28
C LEU D 123 -32.88 -28.67 13.32
N LEU D 124 -32.44 -29.25 12.20
CA LEU D 124 -31.12 -29.86 12.09
C LEU D 124 -29.99 -28.96 12.59
N GLY D 125 -30.02 -27.68 12.25
CA GLY D 125 -28.95 -26.79 12.64
C GLY D 125 -29.19 -26.02 13.93
N ASN D 126 -29.31 -26.72 15.06
CA ASN D 126 -29.56 -26.03 16.33
C ASN D 126 -28.82 -26.60 17.53
N LYS D 127 -27.99 -27.64 17.35
CA LYS D 127 -27.25 -28.34 18.42
C LYS D 127 -28.19 -28.84 19.52
N VAL D 128 -29.24 -29.53 19.11
CA VAL D 128 -30.31 -29.98 19.99
C VAL D 128 -30.59 -31.45 19.69
N HIS D 129 -30.62 -32.27 20.73
CA HIS D 129 -30.97 -33.67 20.58
C HIS D 129 -32.40 -33.80 20.06
N ILE D 130 -32.61 -34.76 19.18
CA ILE D 130 -33.85 -34.92 18.45
C ILE D 130 -34.47 -36.25 18.84
N LYS D 131 -35.78 -36.28 18.99
CA LYS D 131 -36.42 -37.57 19.26
C LYS D 131 -37.81 -37.59 18.64
N ARG D 132 -37.96 -38.33 17.55
CA ARG D 132 -39.26 -38.52 16.92
C ARG D 132 -40.00 -39.69 17.54
N TYR D 133 -41.32 -39.55 17.61
CA TYR D 133 -42.17 -40.51 18.29
C TYR D 133 -43.17 -41.17 17.35
N ASP D 134 -43.18 -40.82 16.07
CA ASP D 134 -43.89 -41.61 15.08
C ASP D 134 -43.27 -42.99 14.94
N GLY D 135 -41.94 -43.08 15.06
CA GLY D 135 -41.25 -44.34 15.02
C GLY D 135 -39.99 -44.29 14.19
N HIS D 136 -40.03 -43.51 13.12
CA HIS D 136 -38.88 -43.35 12.24
C HIS D 136 -37.99 -42.25 12.79
N SER D 137 -36.70 -42.33 12.46
CA SER D 137 -35.77 -41.25 12.68
C SER D 137 -34.86 -41.14 11.46
N ILE D 138 -34.64 -39.92 11.00
CA ILE D 138 -33.74 -39.68 9.88
C ILE D 138 -32.34 -39.44 10.40
N LYS D 139 -31.35 -39.51 9.51
CA LYS D 139 -29.96 -39.27 9.87
C LYS D 139 -29.73 -37.82 10.28
N SER D 140 -28.91 -37.58 11.32
CA SER D 140 -28.18 -38.60 12.07
C SER D 140 -29.00 -39.14 13.23
N LYS D 141 -28.57 -40.26 13.80
CA LYS D 141 -29.43 -40.95 14.75
C LYS D 141 -29.32 -40.36 16.16
N GLN D 142 -28.15 -40.48 16.78
CA GLN D 142 -28.04 -40.14 18.19
C GLN D 142 -26.58 -39.86 18.55
N LYS D 143 -26.42 -39.14 19.67
CA LYS D 143 -25.15 -38.93 20.37
C LYS D 143 -24.13 -38.23 19.44
N ALA D 144 -24.48 -36.99 19.11
CA ALA D 144 -23.62 -36.14 18.31
C ALA D 144 -22.64 -35.36 19.20
N ASN D 145 -23.18 -34.56 20.11
CA ASN D 145 -22.38 -33.69 20.94
C ASN D 145 -23.10 -33.54 22.28
N ASP D 146 -22.78 -32.47 23.02
CA ASP D 146 -23.43 -32.20 24.29
C ASP D 146 -24.93 -31.99 24.11
N PHE D 147 -25.30 -31.05 23.23
CA PHE D 147 -26.68 -30.85 22.74
C PHE D 147 -27.63 -30.54 23.89
N SER D 148 -27.40 -29.35 24.46
CA SER D 148 -28.04 -28.79 25.66
C SER D 148 -29.54 -29.00 25.77
N CYS D 149 -30.26 -28.81 24.67
CA CYS D 149 -31.70 -29.06 24.67
C CYS D 149 -31.98 -30.39 24.00
N THR D 150 -33.07 -31.03 24.43
CA THR D 150 -33.60 -32.24 23.81
C THR D 150 -35.04 -31.97 23.41
N VAL D 151 -35.32 -31.98 22.12
CA VAL D 151 -36.65 -31.66 21.61
C VAL D 151 -37.27 -32.92 21.02
N HIS D 152 -38.49 -33.21 21.47
CA HIS D 152 -39.18 -34.43 21.14
C HIS D 152 -40.40 -34.09 20.31
N LEU D 153 -40.53 -34.75 19.17
CA LEU D 153 -41.52 -34.42 18.16
C LEU D 153 -42.66 -35.41 18.22
N PHE D 154 -43.88 -34.90 18.08
CA PHE D 154 -45.07 -35.72 18.25
C PHE D 154 -46.05 -35.41 17.15
N SER D 155 -46.95 -36.35 16.90
CA SER D 155 -48.09 -36.14 16.05
C SER D 155 -49.34 -35.99 16.90
N SER D 156 -50.22 -35.07 16.50
CA SER D 156 -51.48 -34.90 17.21
C SER D 156 -52.49 -35.99 16.86
N GLU D 157 -52.18 -36.84 15.89
CA GLU D 157 -53.07 -37.93 15.48
C GLU D 157 -52.47 -39.29 15.82
N GLY D 158 -51.85 -39.39 16.99
CA GLY D 158 -51.30 -40.64 17.45
C GLY D 158 -49.91 -40.50 18.02
N ILE D 159 -49.71 -40.92 19.28
CA ILE D 159 -48.42 -40.88 19.93
C ILE D 159 -47.95 -42.26 20.35
N ASN D 160 -48.85 -43.04 20.97
CA ASN D 160 -48.62 -44.45 21.35
C ASN D 160 -47.43 -44.58 22.31
N PHE D 161 -47.64 -44.10 23.54
CA PHE D 161 -46.71 -44.30 24.64
C PHE D 161 -46.34 -45.77 24.84
N THR D 162 -47.31 -46.67 24.59
CA THR D 162 -47.06 -48.11 24.66
C THR D 162 -45.97 -48.54 23.69
N LYS D 163 -45.89 -47.91 22.54
CA LYS D 163 -44.78 -48.17 21.63
C LYS D 163 -43.51 -47.48 22.10
N TYR D 164 -43.57 -46.17 22.31
CA TYR D 164 -42.40 -45.36 22.64
C TYR D 164 -42.68 -44.56 23.89
N PRO D 165 -42.25 -45.01 25.05
CA PRO D 165 -42.49 -44.26 26.29
C PRO D 165 -41.58 -43.04 26.40
N ILE D 166 -41.89 -42.21 27.39
CA ILE D 166 -41.13 -40.99 27.65
C ILE D 166 -39.79 -41.32 28.27
N LYS D 167 -38.77 -40.53 27.93
CA LYS D 167 -37.45 -40.71 28.51
C LYS D 167 -36.89 -39.41 29.09
N SER D 168 -37.74 -38.46 29.44
CA SER D 168 -37.29 -37.14 29.85
C SER D 168 -37.01 -37.01 31.35
N LYS D 169 -37.93 -37.53 32.17
CA LYS D 169 -37.92 -37.46 33.64
C LYS D 169 -37.93 -36.02 34.18
N ALA D 170 -38.44 -35.06 33.41
CA ALA D 170 -38.72 -33.70 33.85
C ALA D 170 -39.67 -33.09 32.84
N ARG D 171 -40.33 -31.99 33.22
CA ARG D 171 -41.34 -31.49 32.30
C ARG D 171 -40.65 -30.58 31.30
N PHE D 172 -41.31 -30.38 30.18
CA PHE D 172 -40.82 -29.47 29.17
C PHE D 172 -41.04 -28.04 29.64
N ASP D 173 -40.29 -27.12 29.05
CA ASP D 173 -40.46 -25.72 29.42
C ASP D 173 -41.65 -25.10 28.72
N MET D 174 -41.80 -25.33 27.42
CA MET D 174 -42.90 -24.74 26.68
C MET D 174 -43.40 -25.73 25.65
N LEU D 175 -44.63 -25.50 25.22
CA LEU D 175 -45.29 -26.31 24.20
C LEU D 175 -45.43 -25.44 22.97
N ILE D 176 -44.56 -25.67 21.99
CA ILE D 176 -44.60 -24.94 20.73
C ILE D 176 -45.74 -25.50 19.90
N CYS D 177 -46.69 -24.63 19.55
CA CYS D 177 -47.86 -25.03 18.78
C CYS D 177 -47.70 -24.48 17.38
N LEU D 178 -47.37 -25.38 16.45
CA LEU D 178 -47.14 -25.02 15.06
C LEU D 178 -48.41 -25.19 14.23
N ASP D 179 -48.95 -26.40 14.21
CA ASP D 179 -50.12 -26.70 13.40
C ASP D 179 -51.40 -26.35 14.17
N THR D 180 -52.50 -26.25 13.42
CA THR D 180 -53.77 -25.84 13.98
C THR D 180 -54.74 -26.99 14.20
N THR D 181 -54.40 -28.21 13.79
CA THR D 181 -55.30 -29.34 13.96
C THR D 181 -55.17 -29.99 15.33
N VAL D 182 -54.29 -29.50 16.20
CA VAL D 182 -54.13 -30.12 17.51
C VAL D 182 -55.33 -29.78 18.39
N ASP D 183 -55.47 -30.57 19.46
CA ASP D 183 -56.58 -30.40 20.39
C ASP D 183 -56.06 -30.61 21.80
N THR D 184 -56.21 -29.60 22.65
CA THR D 184 -55.66 -29.64 24.00
C THR D 184 -56.45 -30.54 24.94
N SER D 185 -57.69 -30.90 24.59
CA SER D 185 -58.49 -31.75 25.45
C SER D 185 -58.11 -33.22 25.39
N GLN D 186 -57.20 -33.60 24.49
CA GLN D 186 -56.78 -34.99 24.39
C GLN D 186 -55.92 -35.37 25.59
N LYS D 187 -55.86 -36.68 25.86
CA LYS D 187 -55.19 -37.15 27.06
C LYS D 187 -53.67 -37.06 26.95
N ASP D 188 -53.13 -37.28 25.73
CA ASP D 188 -51.68 -37.31 25.57
C ASP D 188 -51.08 -35.92 25.70
N ILE D 189 -51.71 -34.91 25.12
CA ILE D 189 -51.23 -33.54 25.28
C ILE D 189 -51.45 -33.08 26.72
N GLN D 190 -52.48 -33.60 27.39
CA GLN D 190 -52.68 -33.31 28.80
C GLN D 190 -51.55 -33.88 29.65
N TYR D 191 -51.08 -35.08 29.30
CA TYR D 191 -49.92 -35.64 29.99
C TYR D 191 -48.66 -34.87 29.66
N LEU D 192 -48.55 -34.36 28.43
CA LEU D 192 -47.40 -33.55 28.06
C LEU D 192 -47.40 -32.23 28.81
N LEU D 193 -48.59 -31.76 29.22
CA LEU D 193 -48.66 -30.67 30.17
C LEU D 193 -48.36 -31.15 31.59
N GLN D 194 -48.89 -32.31 31.97
CA GLN D 194 -48.82 -32.81 33.33
C GLN D 194 -47.66 -33.79 33.46
N TYR D 195 -46.46 -33.26 33.68
CA TYR D 195 -45.31 -34.12 33.88
C TYR D 195 -44.68 -33.95 35.25
N LYS D 196 -44.27 -32.74 35.62
CA LYS D 196 -43.78 -32.51 36.98
C LYS D 196 -44.80 -31.66 37.72
N ARG D 197 -45.64 -32.30 38.51
CA ARG D 197 -46.68 -31.60 39.25
C ARG D 197 -46.00 -31.12 40.52
N GLU D 198 -45.48 -29.88 40.46
CA GLU D 198 -44.72 -29.32 41.57
C GLU D 198 -45.61 -29.06 42.77
N ARG D 199 -46.83 -28.58 42.54
CA ARG D 199 -47.77 -28.26 43.60
C ARG D 199 -49.16 -28.65 43.11
N LYS D 200 -49.71 -29.72 43.68
CA LYS D 200 -51.11 -30.20 43.55
C LYS D 200 -51.56 -30.38 42.10
N GLY D 201 -50.64 -30.46 41.15
CA GLY D 201 -51.03 -30.44 39.75
C GLY D 201 -51.55 -29.07 39.37
N LEU D 202 -50.65 -28.06 39.29
CA LEU D 202 -51.00 -26.65 39.36
C LEU D 202 -52.02 -26.17 38.33
N GLU D 203 -51.62 -26.13 37.06
CA GLU D 203 -52.44 -25.48 36.05
C GLU D 203 -52.35 -26.20 34.71
N ARG D 204 -52.16 -27.52 34.73
CA ARG D 204 -51.57 -28.28 33.63
C ARG D 204 -50.27 -27.61 33.21
N TYR D 205 -49.33 -27.67 34.17
CA TYR D 205 -48.39 -26.60 34.49
C TYR D 205 -47.53 -26.12 33.32
N ALA D 206 -47.32 -26.95 32.30
CA ALA D 206 -46.51 -26.54 31.15
C ALA D 206 -47.24 -25.47 30.34
N PRO D 207 -46.61 -24.34 30.07
CA PRO D 207 -47.26 -23.30 29.26
C PRO D 207 -47.13 -23.56 27.76
N ILE D 208 -48.14 -23.08 27.03
CA ILE D 208 -48.29 -23.32 25.60
C ILE D 208 -48.12 -22.01 24.84
N VAL D 209 -47.23 -22.02 23.84
CA VAL D 209 -47.07 -20.89 22.94
C VAL D 209 -47.64 -21.28 21.58
N ARG D 210 -48.22 -20.30 20.89
CA ARG D 210 -48.87 -20.52 19.60
C ARG D 210 -48.17 -19.70 18.53
N LEU D 211 -47.91 -20.33 17.38
CA LEU D 211 -47.35 -19.62 16.23
C LEU D 211 -48.45 -19.49 15.19
N VAL D 212 -48.81 -18.24 14.87
CA VAL D 212 -49.90 -17.93 13.97
C VAL D 212 -49.43 -16.89 12.96
N ALA D 213 -49.67 -17.15 11.68
CA ALA D 213 -49.45 -16.14 10.66
C ALA D 213 -50.51 -15.06 10.80
N ILE D 214 -50.07 -13.80 10.78
CA ILE D 214 -50.98 -12.68 10.98
C ILE D 214 -51.89 -12.53 9.77
N ASN D 215 -53.20 -12.46 10.05
CA ASN D 215 -54.26 -12.27 9.05
C ASN D 215 -54.29 -13.38 8.01
N SER D 216 -53.93 -14.59 8.43
CA SER D 216 -54.10 -15.77 7.61
C SER D 216 -55.30 -16.56 8.12
N ILE D 217 -55.47 -17.76 7.59
CA ILE D 217 -56.55 -18.62 8.07
C ILE D 217 -56.22 -19.19 9.44
N ASP D 218 -54.95 -19.12 9.86
CA ASP D 218 -54.57 -19.50 11.21
C ASP D 218 -55.22 -18.58 12.23
N HIS D 219 -55.09 -17.26 12.03
CA HIS D 219 -55.75 -16.30 12.90
C HIS D 219 -57.26 -16.39 12.77
N CYS D 220 -57.75 -16.71 11.58
CA CYS D 220 -59.19 -16.89 11.38
C CYS D 220 -59.74 -18.01 12.23
N ARG D 221 -59.12 -19.19 12.14
CA ARG D 221 -59.56 -20.34 12.93
C ARG D 221 -59.38 -20.09 14.42
N LEU D 222 -58.26 -19.45 14.80
CA LEU D 222 -57.97 -19.21 16.21
C LEU D 222 -58.99 -18.26 16.83
N PHE D 223 -59.34 -17.19 16.13
CA PHE D 223 -60.27 -16.25 16.71
C PHE D 223 -61.71 -16.73 16.62
N PHE D 224 -62.05 -17.53 15.60
CA PHE D 224 -63.43 -17.91 15.42
C PHE D 224 -63.76 -19.27 16.02
N GLY D 225 -62.79 -19.98 16.59
CA GLY D 225 -63.11 -21.21 17.29
C GLY D 225 -63.87 -21.01 18.58
N LYS D 226 -63.93 -19.78 19.10
CA LYS D 226 -64.64 -19.47 20.32
C LYS D 226 -65.93 -18.69 20.08
N LYS D 227 -66.05 -18.00 18.95
CA LYS D 227 -67.28 -17.29 18.64
C LYS D 227 -68.39 -18.26 18.30
N PHE D 228 -68.08 -19.26 17.48
CA PHE D 228 -68.97 -20.38 17.22
C PHE D 228 -68.21 -21.65 17.59
N ASP D 229 -68.77 -22.81 17.22
CA ASP D 229 -68.25 -24.07 17.73
C ASP D 229 -68.27 -25.14 16.67
N LYS D 230 -67.08 -25.44 16.13
CA LYS D 230 -66.64 -26.80 15.78
C LYS D 230 -67.57 -27.48 14.78
N ASN D 231 -67.47 -26.98 13.54
CA ASN D 231 -68.09 -27.56 12.35
C ASN D 231 -69.60 -27.43 12.39
N SER D 232 -70.07 -26.28 12.88
CA SER D 232 -71.43 -25.84 12.66
C SER D 232 -71.50 -25.09 11.33
N ARG D 233 -72.70 -24.63 10.97
CA ARG D 233 -72.87 -23.89 9.72
C ARG D 233 -72.28 -22.48 9.84
N GLU D 234 -72.49 -21.84 10.99
CA GLU D 234 -72.11 -20.44 11.15
C GLU D 234 -70.60 -20.28 11.26
N TYR D 235 -69.92 -21.21 11.92
CA TYR D 235 -68.47 -21.18 11.99
C TYR D 235 -67.86 -21.40 10.60
N LEU D 236 -68.47 -22.31 9.82
CA LEU D 236 -68.03 -22.55 8.46
C LEU D 236 -68.20 -21.31 7.59
N GLU D 237 -69.36 -20.65 7.71
CA GLU D 237 -69.59 -19.41 6.96
C GLU D 237 -68.62 -18.32 7.37
N ASN D 238 -68.34 -18.20 8.67
CA ASN D 238 -67.45 -17.14 9.12
C ASN D 238 -66.01 -17.39 8.69
N VAL D 239 -65.58 -18.65 8.67
CA VAL D 239 -64.23 -18.97 8.22
C VAL D 239 -64.09 -18.73 6.73
N THR D 240 -65.08 -19.20 5.95
CA THR D 240 -65.02 -19.01 4.51
C THR D 240 -65.16 -17.55 4.11
N ALA D 241 -65.86 -16.75 4.92
CA ALA D 241 -65.93 -15.32 4.66
C ALA D 241 -64.60 -14.64 5.00
N ALA D 242 -64.07 -14.90 6.19
CA ALA D 242 -62.87 -14.21 6.62
C ALA D 242 -61.61 -14.70 5.95
N MET D 243 -61.68 -15.80 5.19
CA MET D 243 -60.49 -16.24 4.48
C MET D 243 -60.14 -15.30 3.35
N VAL D 244 -61.14 -14.68 2.71
CA VAL D 244 -60.91 -14.00 1.45
C VAL D 244 -60.72 -12.49 1.58
N ILE D 245 -61.13 -11.89 2.69
CA ILE D 245 -61.06 -10.44 2.79
C ILE D 245 -59.73 -10.01 3.38
N LEU D 246 -59.13 -10.82 4.25
CA LEU D 246 -57.77 -10.58 4.74
C LEU D 246 -56.71 -11.04 3.75
N ARG D 247 -57.09 -11.39 2.52
CA ARG D 247 -56.15 -11.78 1.49
C ARG D 247 -55.24 -10.63 1.08
N ASP D 248 -55.69 -9.39 1.26
CA ASP D 248 -54.92 -8.24 0.81
C ASP D 248 -53.70 -8.00 1.69
N ARG D 249 -53.89 -7.96 3.00
CA ARG D 249 -52.88 -7.47 3.94
C ARG D 249 -52.45 -8.57 4.90
N LEU D 250 -52.32 -9.79 4.41
CA LEU D 250 -51.81 -10.85 5.26
C LEU D 250 -50.30 -10.72 5.41
N GLY D 251 -49.77 -11.34 6.45
CA GLY D 251 -48.35 -11.46 6.64
C GLY D 251 -47.63 -10.24 7.16
N THR D 252 -48.10 -9.04 6.82
CA THR D 252 -47.45 -7.82 7.25
C THR D 252 -47.73 -7.55 8.72
N LEU D 253 -46.90 -6.70 9.31
CA LEU D 253 -46.88 -6.52 10.76
C LEU D 253 -47.69 -5.31 11.17
N PRO D 254 -48.08 -5.23 12.44
CA PRO D 254 -48.43 -3.95 13.02
C PRO D 254 -47.21 -3.05 13.09
N PRO D 255 -47.39 -1.72 13.13
CA PRO D 255 -46.24 -0.82 12.96
C PRO D 255 -45.25 -0.84 14.12
N ASP D 256 -45.68 -1.21 15.31
CA ASP D 256 -44.81 -1.28 16.48
C ASP D 256 -44.15 -2.64 16.65
N LEU D 257 -44.49 -3.61 15.80
CA LEU D 257 -44.01 -4.97 15.94
C LEU D 257 -42.72 -5.23 15.19
N ARG D 258 -42.28 -4.32 14.33
CA ARG D 258 -41.08 -4.51 13.52
C ARG D 258 -39.79 -4.54 14.34
N PRO D 259 -39.55 -3.68 15.35
CA PRO D 259 -38.39 -3.92 16.20
C PRO D 259 -38.53 -5.13 17.09
N ILE D 260 -39.75 -5.61 17.33
CA ILE D 260 -39.94 -6.78 18.19
C ILE D 260 -39.41 -8.03 17.50
N TYR D 261 -39.41 -8.05 16.17
CA TYR D 261 -38.83 -9.17 15.45
C TYR D 261 -37.44 -8.90 14.92
N SER D 262 -37.13 -7.67 14.54
CA SER D 262 -35.82 -7.39 13.95
C SER D 262 -34.71 -7.28 14.98
N GLN D 263 -35.02 -7.30 16.28
CA GLN D 263 -34.01 -7.31 17.31
C GLN D 263 -33.57 -8.72 17.69
N LYS D 264 -33.78 -9.69 16.78
CA LYS D 264 -33.44 -11.11 16.96
C LYS D 264 -34.13 -11.70 18.19
N LEU D 265 -35.35 -11.25 18.45
CA LEU D 265 -36.28 -11.80 19.45
C LEU D 265 -35.73 -11.73 20.87
N HIS D 266 -34.82 -10.80 21.14
CA HIS D 266 -34.22 -10.67 22.46
C HIS D 266 -35.16 -10.04 23.48
N TYR D 267 -36.33 -9.56 23.04
CA TYR D 267 -37.29 -8.99 23.96
C TYR D 267 -37.94 -10.05 24.84
N LEU D 268 -38.04 -11.28 24.36
CA LEU D 268 -38.86 -12.29 25.01
C LEU D 268 -38.13 -13.10 26.07
N VAL D 269 -36.82 -12.91 26.24
CA VAL D 269 -36.02 -13.77 27.13
C VAL D 269 -36.42 -13.59 28.58
N GLU D 270 -36.99 -12.43 28.92
CA GLU D 270 -37.61 -12.21 30.22
C GLU D 270 -38.65 -13.29 30.52
N TRP D 271 -39.57 -13.52 29.58
CA TRP D 271 -40.50 -14.63 29.75
C TRP D 271 -39.81 -15.97 29.64
N LEU D 272 -38.71 -16.03 28.89
CA LEU D 272 -37.92 -17.24 28.88
C LEU D 272 -37.03 -17.35 30.12
N GLU D 273 -36.89 -16.27 30.89
CA GLU D 273 -36.20 -16.40 32.16
C GLU D 273 -37.05 -17.16 33.17
N ASN D 274 -38.30 -16.72 33.35
CA ASN D 274 -39.23 -17.42 34.22
C ASN D 274 -40.63 -17.35 33.63
N PRO D 275 -41.39 -18.43 33.70
CA PRO D 275 -42.74 -18.41 33.13
C PRO D 275 -43.74 -17.64 33.97
N THR D 276 -43.44 -17.41 35.24
CA THR D 276 -44.41 -16.76 36.13
C THR D 276 -44.53 -15.26 35.87
N VAL D 277 -43.64 -14.68 35.07
CA VAL D 277 -43.74 -13.27 34.69
C VAL D 277 -44.89 -13.18 33.70
N PRO D 278 -45.55 -12.03 33.55
CA PRO D 278 -46.68 -11.94 32.64
C PRO D 278 -46.25 -12.06 31.19
N TRP D 279 -47.21 -12.41 30.34
CA TRP D 279 -46.95 -12.61 28.92
C TRP D 279 -46.63 -11.28 28.27
N PRO D 280 -45.41 -11.05 27.80
CA PRO D 280 -44.97 -9.70 27.41
C PRO D 280 -45.52 -9.22 26.08
N LEU D 281 -46.36 -10.00 25.41
CA LEU D 281 -46.91 -9.69 24.12
C LEU D 281 -48.43 -9.51 24.21
N PRO D 282 -49.02 -8.66 23.36
CA PRO D 282 -50.46 -8.36 23.51
C PRO D 282 -51.36 -9.50 23.10
N ASP D 283 -52.66 -9.32 23.29
CA ASP D 283 -53.65 -10.34 22.96
C ASP D 283 -53.82 -10.45 21.44
N ILE D 284 -54.39 -11.58 21.01
CA ILE D 284 -54.71 -11.82 19.62
C ILE D 284 -55.75 -10.80 19.12
N TYR D 285 -55.75 -10.59 17.84
CA TYR D 285 -56.53 -9.46 17.36
C TYR D 285 -57.95 -9.86 17.03
N PRO D 286 -58.91 -8.95 17.23
CA PRO D 286 -60.29 -9.24 16.85
C PRO D 286 -60.47 -9.20 15.35
N LEU D 287 -61.37 -10.06 14.87
CA LEU D 287 -61.67 -10.18 13.45
C LEU D 287 -63.18 -10.05 13.27
N LYS D 288 -63.63 -8.94 12.72
CA LYS D 288 -65.05 -8.69 12.60
C LYS D 288 -65.67 -9.56 11.51
N GLN D 289 -66.99 -9.70 11.56
CA GLN D 289 -67.71 -10.50 10.60
C GLN D 289 -68.19 -9.63 9.43
N TYR D 290 -68.64 -10.29 8.38
CA TYR D 290 -69.03 -9.63 7.14
C TYR D 290 -70.30 -10.28 6.58
N THR D 291 -70.96 -9.56 5.69
CA THR D 291 -72.07 -10.11 4.93
C THR D 291 -71.55 -10.59 3.58
N SER D 292 -72.48 -11.00 2.71
CA SER D 292 -72.10 -11.51 1.40
C SER D 292 -71.55 -10.41 0.50
N MET D 293 -72.07 -9.18 0.65
CA MET D 293 -71.68 -8.09 -0.23
C MET D 293 -70.25 -7.66 0.02
N ASP D 294 -69.78 -7.79 1.25
CA ASP D 294 -68.38 -7.50 1.55
C ASP D 294 -67.47 -8.53 0.90
N VAL D 295 -67.92 -9.79 0.85
CA VAL D 295 -67.17 -10.83 0.15
C VAL D 295 -67.12 -10.55 -1.34
N GLU D 296 -68.24 -10.08 -1.91
CA GLU D 296 -68.25 -9.76 -3.34
C GLU D 296 -67.36 -8.57 -3.65
N ARG D 297 -67.41 -7.54 -2.81
CA ARG D 297 -66.59 -6.35 -3.03
C ARG D 297 -65.11 -6.66 -2.89
N SER D 298 -64.76 -7.54 -1.97
CA SER D 298 -63.37 -7.97 -1.88
C SER D 298 -63.00 -8.89 -3.04
N LEU D 299 -63.98 -9.58 -3.62
CA LEU D 299 -63.70 -10.47 -4.72
C LEU D 299 -63.69 -9.77 -6.07
N LEU D 300 -64.28 -8.59 -6.18
CA LEU D 300 -64.30 -7.89 -7.45
C LEU D 300 -62.98 -7.23 -7.81
N THR D 301 -62.04 -7.11 -6.87
CA THR D 301 -60.79 -6.44 -7.14
C THR D 301 -59.65 -7.45 -7.22
N GLU D 302 -58.47 -6.96 -7.53
CA GLU D 302 -57.23 -7.73 -7.59
C GLU D 302 -56.28 -7.25 -6.50
N VAL D 303 -55.07 -7.77 -6.50
CA VAL D 303 -54.12 -7.47 -5.44
C VAL D 303 -52.70 -7.48 -6.02
N HIS D 304 -51.82 -6.71 -5.40
CA HIS D 304 -50.41 -6.73 -5.74
C HIS D 304 -49.60 -6.52 -4.48
N PHE D 305 -48.42 -7.14 -4.43
CA PHE D 305 -47.53 -7.00 -3.29
C PHE D 305 -46.18 -6.41 -3.67
N LYS D 306 -45.46 -7.06 -4.60
CA LYS D 306 -44.12 -6.68 -5.06
C LYS D 306 -43.10 -6.45 -3.93
N ASN D 307 17.62 -23.20 -55.55
CA ASN D 307 17.76 -21.79 -55.87
C ASN D 307 16.40 -21.10 -55.98
N SER D 308 16.04 -20.37 -54.92
CA SER D 308 14.75 -19.69 -54.86
C SER D 308 14.69 -18.50 -55.82
N SER D 309 15.84 -17.92 -56.14
CA SER D 309 15.87 -16.78 -57.05
C SER D 309 15.51 -17.19 -58.47
N ASN D 310 15.95 -18.39 -58.87
CA ASN D 310 15.54 -18.97 -60.15
C ASN D 310 14.04 -19.12 -60.23
N VAL D 311 13.41 -19.63 -59.17
CA VAL D 311 11.98 -19.87 -59.21
C VAL D 311 11.19 -18.57 -59.15
N ASN D 312 11.69 -17.58 -58.40
CA ASN D 312 11.02 -16.28 -58.33
C ASN D 312 11.06 -15.57 -59.68
N TYR D 313 12.24 -15.52 -60.32
CA TYR D 313 12.35 -14.89 -61.62
C TYR D 313 11.64 -15.69 -62.70
N HIS D 314 11.57 -17.02 -62.55
CA HIS D 314 10.88 -17.84 -63.53
C HIS D 314 9.37 -17.63 -63.46
N LEU D 315 8.84 -17.52 -62.25
CA LEU D 315 7.42 -17.19 -62.10
C LEU D 315 7.13 -15.77 -62.59
N SER D 316 8.08 -14.85 -62.39
CA SER D 316 7.90 -13.49 -62.91
C SER D 316 7.91 -13.47 -64.43
N SER D 317 8.76 -14.29 -65.06
CA SER D 317 8.76 -14.36 -66.51
C SER D 317 7.51 -15.05 -67.04
N GLY D 318 6.95 -15.99 -66.28
CA GLY D 318 5.67 -16.56 -66.65
C GLY D 318 4.56 -15.54 -66.59
N ILE D 319 4.59 -14.67 -65.56
CA ILE D 319 3.67 -13.54 -65.47
C ILE D 319 3.88 -12.59 -66.65
N ILE D 320 5.13 -12.41 -67.06
CA ILE D 320 5.46 -11.50 -68.16
C ILE D 320 4.92 -12.04 -69.48
N THR D 321 5.12 -13.32 -69.75
CA THR D 321 4.63 -13.86 -71.02
C THR D 321 3.12 -14.04 -71.02
N HIS D 322 2.48 -14.20 -69.85
CA HIS D 322 1.03 -14.19 -69.87
C HIS D 322 0.48 -12.77 -69.99
N LYS D 323 1.23 -11.77 -69.52
CA LYS D 323 0.93 -10.38 -69.85
C LYS D 323 1.03 -10.15 -71.35
N LEU D 324 2.03 -10.77 -71.98
CA LEU D 324 2.21 -10.66 -73.42
C LEU D 324 1.04 -11.31 -74.15
N ILE D 325 0.57 -12.46 -73.68
CA ILE D 325 -0.57 -13.11 -74.34
C ILE D 325 -1.86 -12.34 -74.05
N GLN D 326 -1.92 -11.62 -72.92
CA GLN D 326 -3.11 -10.82 -72.63
C GLN D 326 -3.17 -9.61 -73.56
N SER D 327 -2.05 -8.90 -73.71
CA SER D 327 -2.01 -7.76 -74.63
C SER D 327 -2.18 -8.21 -76.08
N MET D 328 -1.68 -9.40 -76.41
CA MET D 328 -1.80 -9.89 -77.77
C MET D 328 -3.23 -10.36 -78.06
N GLY D 329 -3.92 -10.92 -77.07
CA GLY D 329 -5.33 -11.20 -77.23
C GLY D 329 -6.16 -9.95 -77.31
N GLU D 330 -5.73 -8.88 -76.62
CA GLU D 330 -6.41 -7.60 -76.71
C GLU D 330 -6.29 -7.00 -78.11
N VAL D 331 -5.08 -6.96 -78.66
CA VAL D 331 -4.91 -6.42 -80.00
C VAL D 331 -5.46 -7.39 -81.05
N TYR D 332 -5.54 -8.68 -80.71
CA TYR D 332 -6.21 -9.66 -81.56
C TYR D 332 -7.69 -9.35 -81.69
N MET D 333 -8.36 -9.14 -80.56
CA MET D 333 -9.77 -8.78 -80.60
C MET D 333 -9.95 -7.39 -81.22
N ASP D 334 -8.96 -6.51 -81.05
CA ASP D 334 -9.01 -5.18 -81.64
C ASP D 334 -8.97 -5.24 -83.17
N ILE D 335 -8.05 -6.03 -83.71
CA ILE D 335 -8.00 -6.17 -85.16
C ILE D 335 -9.17 -7.01 -85.67
N CYS D 336 -9.75 -7.86 -84.81
CA CYS D 336 -10.99 -8.54 -85.17
C CYS D 336 -12.14 -7.55 -85.36
N VAL D 337 -12.34 -6.62 -84.40
CA VAL D 337 -13.48 -5.70 -84.54
C VAL D 337 -13.17 -4.70 -85.65
N GLN D 338 -11.88 -4.40 -85.87
CA GLN D 338 -11.47 -3.63 -87.04
C GLN D 338 -11.88 -4.32 -88.34
N LYS D 339 -11.69 -5.64 -88.41
CA LYS D 339 -12.15 -6.38 -89.59
C LYS D 339 -13.67 -6.39 -89.70
N GLN D 340 -14.37 -6.56 -88.57
CA GLN D 340 -15.84 -6.66 -88.61
C GLN D 340 -16.47 -5.34 -89.03
N GLU D 341 -15.89 -4.22 -88.62
CA GLU D 341 -16.41 -2.92 -88.98
C GLU D 341 -15.79 -2.35 -90.25
N LEU D 342 -14.76 -2.99 -90.81
CA LEU D 342 -14.17 -2.50 -92.04
C LEU D 342 -14.30 -3.45 -93.22
N ASP D 343 -15.04 -4.55 -93.09
CA ASP D 343 -15.30 -5.37 -94.27
C ASP D 343 -16.68 -5.13 -94.88
N ASP D 344 -17.55 -4.39 -94.20
CA ASP D 344 -18.92 -4.23 -94.64
C ASP D 344 -19.44 -2.80 -94.56
N TYR D 345 -18.64 -1.84 -94.11
CA TYR D 345 -19.17 -0.52 -93.82
C TYR D 345 -19.36 0.32 -95.07
N SER D 346 -18.28 0.61 -95.79
CA SER D 346 -18.34 1.66 -96.80
C SER D 346 -18.96 1.21 -98.11
N CYS D 347 -19.44 -0.03 -98.20
CA CYS D 347 -20.01 -0.51 -99.45
C CYS D 347 -21.48 -0.14 -99.57
N LEU D 348 -22.30 -0.52 -98.59
CA LEU D 348 -23.74 -0.39 -98.68
C LEU D 348 -24.29 0.56 -97.62
N ASP D 349 -23.58 1.64 -97.33
CA ASP D 349 -24.02 2.55 -96.28
C ASP D 349 -23.75 4.00 -96.65
N ASP D 350 -24.65 4.86 -96.17
CA ASP D 350 -24.50 6.31 -95.99
C ASP D 350 -24.48 7.12 -97.28
N LEU D 351 -24.49 6.45 -98.43
CA LEU D 351 -24.56 7.14 -99.72
C LEU D 351 -25.52 6.51 -100.70
N GLN D 352 -25.76 5.19 -100.59
CA GLN D 352 -26.57 4.46 -101.55
C GLN D 352 -28.06 4.61 -101.30
N ASN D 353 -28.44 4.97 -100.07
CA ASN D 353 -29.85 4.99 -99.68
C ASN D 353 -30.61 6.07 -100.43
N ASP D 354 -30.19 7.34 -100.27
CA ASP D 354 -30.81 8.45 -100.99
C ASP D 354 -30.63 8.32 -102.49
N HIS D 355 -29.51 7.71 -102.92
CA HIS D 355 -29.18 7.43 -104.30
C HIS D 355 -30.28 6.59 -104.95
N LEU D 356 -30.47 5.36 -104.49
CA LEU D 356 -31.43 4.49 -105.16
C LEU D 356 -32.87 4.88 -104.85
N LYS D 357 -33.14 5.45 -103.65
CA LYS D 357 -34.49 5.89 -103.33
C LYS D 357 -34.94 7.02 -104.25
N PHE D 358 -34.13 8.07 -104.35
CA PHE D 358 -34.47 9.21 -105.20
C PHE D 358 -34.50 8.81 -106.67
N PHE D 359 -33.56 7.96 -107.10
CA PHE D 359 -33.51 7.66 -108.53
C PHE D 359 -34.64 6.72 -108.96
N SER D 360 -34.98 5.75 -108.11
CA SER D 360 -36.11 4.86 -108.41
C SER D 360 -37.43 5.62 -108.38
N ASN D 361 -37.66 6.44 -107.34
CA ASN D 361 -38.93 7.17 -107.24
C ASN D 361 -39.04 8.24 -108.31
N GLU D 362 -37.93 8.87 -108.69
CA GLU D 362 -37.99 9.82 -109.79
C GLU D 362 -38.17 9.14 -111.13
N ASP D 363 -37.69 7.90 -111.29
CA ASP D 363 -37.98 7.17 -112.52
C ASP D 363 -39.45 6.79 -112.61
N GLU D 364 -40.06 6.44 -111.47
CA GLU D 364 -41.51 6.24 -111.43
C GLU D 364 -42.25 7.54 -111.75
N LYS D 365 -41.71 8.67 -111.29
CA LYS D 365 -42.27 9.98 -111.65
C LYS D 365 -42.21 10.24 -113.14
N ILE D 366 -41.06 9.93 -113.77
CA ILE D 366 -40.87 10.08 -115.22
C ILE D 366 -41.90 9.26 -115.99
N ILE D 367 -42.06 7.98 -115.61
CA ILE D 367 -42.93 7.13 -116.41
C ILE D 367 -44.40 7.49 -116.19
N LYS D 368 -44.77 7.93 -114.98
CA LYS D 368 -46.17 8.33 -114.77
C LYS D 368 -46.49 9.64 -115.46
N GLU D 369 -45.53 10.58 -115.54
CA GLU D 369 -45.82 11.83 -116.25
C GLU D 369 -45.86 11.61 -117.76
N TYR D 370 -45.05 10.69 -118.28
CA TYR D 370 -45.14 10.33 -119.69
C TYR D 370 -46.49 9.69 -120.01
N GLU D 371 -46.95 8.78 -119.14
CA GLU D 371 -48.24 8.13 -119.35
C GLU D 371 -49.39 9.14 -119.36
N THR D 372 -49.40 10.05 -118.37
CA THR D 372 -50.50 11.01 -118.34
C THR D 372 -50.39 12.04 -119.47
N VAL D 373 -49.17 12.38 -119.94
CA VAL D 373 -49.09 13.40 -120.98
C VAL D 373 -49.56 12.85 -122.32
N LEU D 374 -49.27 11.58 -122.63
CA LEU D 374 -49.83 11.04 -123.87
C LEU D 374 -51.33 10.77 -123.75
N ARG D 375 -51.81 10.41 -122.55
CA ARG D 375 -53.25 10.16 -122.39
C ARG D 375 -54.05 11.45 -122.55
N THR D 376 -53.64 12.54 -121.89
CA THR D 376 -54.36 13.79 -122.08
C THR D 376 -54.11 14.39 -123.46
N ASN D 377 -53.00 14.01 -124.12
CA ASN D 377 -52.77 14.48 -125.49
C ASN D 377 -53.82 13.88 -126.42
N ASN D 378 -54.00 12.55 -126.36
CA ASN D 378 -54.94 11.93 -127.27
C ASN D 378 -56.39 12.24 -126.91
N GLU D 379 -56.69 12.39 -125.62
CA GLU D 379 -58.05 12.80 -125.23
C GLU D 379 -58.36 14.23 -125.63
N ASN D 380 -57.39 15.14 -125.52
CA ASN D 380 -57.63 16.52 -125.89
C ASN D 380 -57.75 16.70 -127.40
N LEU D 381 -56.96 15.95 -128.17
CA LEU D 381 -57.11 16.06 -129.63
C LEU D 381 -58.42 15.42 -130.11
N ASN D 382 -58.84 14.29 -129.53
CA ASN D 382 -60.14 13.72 -129.89
C ASN D 382 -61.31 14.61 -129.46
N ARG D 383 -61.20 15.23 -128.28
CA ARG D 383 -62.26 16.14 -127.83
C ARG D 383 -62.36 17.37 -128.72
N SER D 384 -61.23 17.95 -129.11
CA SER D 384 -61.27 19.12 -129.98
C SER D 384 -61.77 18.77 -131.37
N HIS D 385 -61.43 17.59 -131.89
CA HIS D 385 -61.89 17.20 -133.21
C HIS D 385 -63.39 16.93 -133.23
N GLU D 386 -63.90 16.10 -132.31
CA GLU D 386 -65.33 15.83 -132.28
C GLU D 386 -66.13 17.06 -131.86
N LEU D 387 -65.52 17.99 -131.12
CA LEU D 387 -66.20 19.23 -130.82
C LEU D 387 -66.28 20.14 -132.04
N GLU D 388 -65.27 20.09 -132.91
CA GLU D 388 -65.36 20.82 -134.18
C GLU D 388 -66.43 20.20 -135.08
N VAL D 389 -66.59 18.86 -135.02
CA VAL D 389 -67.68 18.20 -135.75
C VAL D 389 -69.03 18.68 -135.22
N GLU D 390 -69.20 18.72 -133.89
CA GLU D 390 -70.45 19.19 -133.31
C GLU D 390 -70.67 20.68 -133.58
N ASN D 391 -69.58 21.45 -133.70
CA ASN D 391 -69.70 22.87 -133.99
C ASN D 391 -70.10 23.13 -135.44
N ASN D 392 -69.61 22.32 -136.38
CA ASN D 392 -70.05 22.55 -137.75
C ASN D 392 -71.46 22.00 -137.98
N LEU D 393 -71.87 20.97 -137.22
CA LEU D 393 -73.28 20.61 -137.19
C LEU D 393 -74.12 21.73 -136.59
N LYS D 394 -73.58 22.44 -135.61
CA LYS D 394 -74.26 23.61 -135.04
C LYS D 394 -74.40 24.72 -136.08
N PHE D 395 -73.36 24.93 -136.91
CA PHE D 395 -73.43 25.92 -137.96
C PHE D 395 -74.47 25.54 -139.03
N SER D 396 -74.55 24.25 -139.35
CA SER D 396 -75.60 23.76 -140.25
C SER D 396 -76.99 23.97 -139.63
N GLN D 397 -77.10 23.82 -138.31
CA GLN D 397 -78.36 24.06 -137.63
C GLN D 397 -78.76 25.53 -137.69
N ILE D 398 -77.79 26.43 -137.51
CA ILE D 398 -78.05 27.87 -137.65
C ILE D 398 -78.51 28.22 -139.06
N GLU D 399 -77.86 27.61 -140.08
CA GLU D 399 -78.27 27.86 -141.45
C GLU D 399 -79.67 27.30 -141.74
N THR D 400 -80.00 26.16 -141.12
CA THR D 400 -81.33 25.58 -141.32
C THR D 400 -82.41 26.43 -140.66
N LEU D 401 -82.15 26.95 -139.46
CA LEU D 401 -83.17 27.78 -138.79
C LEU D 401 -83.28 29.16 -139.45
N GLU D 402 -82.19 29.65 -140.06
CA GLU D 402 -82.29 30.88 -140.83
C GLU D 402 -83.09 30.66 -142.11
N LYS D 403 -82.94 29.48 -142.73
CA LYS D 403 -83.83 29.08 -143.82
C LYS D 403 -85.28 29.01 -143.34
N ASP D 404 -85.48 28.51 -142.12
CA ASP D 404 -86.83 28.40 -141.57
C ASP D 404 -87.49 29.76 -141.41
N ILE D 405 -86.76 30.73 -140.84
CA ILE D 405 -87.36 32.05 -140.69
C ILE D 405 -87.48 32.77 -142.03
N GLU D 406 -86.64 32.43 -143.02
CA GLU D 406 -86.81 33.02 -144.35
C GLU D 406 -88.10 32.54 -145.03
N THR D 407 -88.30 31.22 -145.12
CA THR D 407 -89.53 30.74 -145.74
C THR D 407 -90.76 31.00 -144.90
N LEU D 408 -90.63 31.15 -143.59
CA LEU D 408 -91.82 31.52 -142.82
C LEU D 408 -92.07 33.02 -142.85
N LYS D 409 -91.04 33.85 -143.11
CA LYS D 409 -91.29 35.23 -143.51
C LYS D 409 -92.03 35.29 -144.83
N GLY D 410 -91.73 34.36 -145.74
CA GLY D 410 -92.52 34.24 -146.96
C GLY D 410 -93.95 33.83 -146.70
N SER D 411 -94.15 32.91 -145.74
CA SER D 411 -95.51 32.49 -145.39
C SER D 411 -96.29 33.62 -144.70
N LEU D 412 -95.60 34.43 -143.89
CA LEU D 412 -96.24 35.60 -143.31
C LEU D 412 -96.53 36.68 -144.35
N MET D 413 -95.71 36.76 -145.40
CA MET D 413 -96.04 37.62 -146.54
C MET D 413 -97.29 37.12 -147.24
N ALA D 414 -97.44 35.79 -147.34
CA ALA D 414 -98.66 35.21 -147.90
C ALA D 414 -99.87 35.47 -147.00
N GLN D 415 -99.65 35.50 -145.68
CA GLN D 415 -100.71 35.86 -144.74
C GLN D 415 -101.10 37.33 -144.87
N GLY D 416 -100.13 38.21 -145.09
CA GLY D 416 -100.43 39.60 -145.33
C GLY D 416 -101.05 39.88 -146.68
N GLU D 417 -100.86 38.99 -147.66
CA GLU D 417 -101.44 39.20 -148.99
C GLU D 417 -102.95 39.04 -148.96
N THR D 418 -103.44 37.86 -148.62
CA THR D 418 -104.87 37.63 -148.49
C THR D 418 -105.38 38.18 -147.17
N LEU D 419 -106.53 38.85 -147.20
CA LEU D 419 -106.96 39.64 -146.06
C LEU D 419 -108.29 39.20 -145.48
N SER D 420 -109.30 38.96 -146.31
CA SER D 420 -110.66 38.82 -145.81
C SER D 420 -111.38 37.67 -146.49
N LYS D 421 -112.55 37.35 -145.92
CA LYS D 421 -113.54 36.40 -146.44
C LYS D 421 -113.05 34.95 -146.48
N LEU D 422 -111.95 34.62 -145.81
CA LEU D 422 -111.52 33.22 -145.71
C LEU D 422 -110.65 33.08 -144.48
N LYS D 423 -110.67 31.87 -143.90
CA LYS D 423 -109.81 31.53 -142.76
C LYS D 423 -108.39 31.29 -143.27
N ASP D 424 -107.68 32.39 -143.53
CA ASP D 424 -106.34 32.35 -144.12
C ASP D 424 -105.25 32.53 -143.09
N ALA D 425 -105.26 33.65 -142.37
CA ALA D 425 -104.07 34.10 -141.66
C ALA D 425 -103.83 33.36 -140.36
N PHE D 426 -104.89 32.96 -139.65
CA PHE D 426 -104.73 32.60 -138.24
C PHE D 426 -104.21 31.18 -138.06
N VAL D 427 -104.71 30.21 -138.84
CA VAL D 427 -104.22 28.84 -138.77
C VAL D 427 -102.77 28.77 -139.24
N LYS D 428 -102.39 29.65 -140.17
CA LYS D 428 -100.98 29.77 -140.54
C LYS D 428 -100.17 30.41 -139.41
N THR D 429 -100.70 31.47 -138.79
CA THR D 429 -99.94 32.25 -137.80
C THR D 429 -99.68 31.43 -136.54
N ASP D 430 -100.55 30.46 -136.25
CA ASP D 430 -100.35 29.53 -135.12
C ASP D 430 -99.02 28.77 -135.24
N ASN D 431 -98.85 28.01 -136.32
CA ASN D 431 -97.59 27.30 -136.46
C ASN D 431 -96.46 28.22 -136.90
N VAL D 432 -96.76 29.42 -137.41
CA VAL D 432 -95.71 30.43 -137.60
C VAL D 432 -95.06 30.77 -136.27
N GLN D 433 -95.88 31.11 -135.27
CA GLN D 433 -95.38 31.44 -133.95
C GLN D 433 -94.72 30.24 -133.29
N ASP D 434 -95.31 29.05 -133.42
CA ASP D 434 -94.75 27.84 -132.84
C ASP D 434 -93.37 27.53 -133.42
N GLU D 435 -93.25 27.62 -134.74
CA GLU D 435 -91.99 27.34 -135.42
C GLU D 435 -90.94 28.39 -135.07
N ILE D 436 -91.30 29.68 -135.02
CA ILE D 436 -90.26 30.68 -134.77
C ILE D 436 -89.85 30.69 -133.30
N GLU D 437 -90.73 30.32 -132.36
CA GLU D 437 -90.32 30.31 -130.97
C GLU D 437 -89.49 29.08 -130.63
N LYS D 438 -89.86 27.91 -131.20
CA LYS D 438 -88.98 26.75 -131.09
C LYS D 438 -87.64 27.00 -131.77
N GLU D 439 -87.67 27.76 -132.88
CA GLU D 439 -86.46 28.13 -133.60
C GLU D 439 -85.52 28.99 -132.77
N GLU D 440 -86.03 30.08 -132.17
CA GLU D 440 -85.16 30.92 -131.34
C GLU D 440 -84.73 30.22 -130.06
N ARG D 441 -85.58 29.33 -129.52
CA ARG D 441 -85.20 28.56 -128.34
C ARG D 441 -84.01 27.64 -128.63
N VAL D 442 -84.11 26.82 -129.69
CA VAL D 442 -83.01 25.91 -129.99
C VAL D 442 -81.79 26.68 -130.51
N SER D 443 -82.01 27.85 -131.13
CA SER D 443 -80.89 28.66 -131.61
C SER D 443 -80.04 29.19 -130.47
N VAL D 444 -80.67 29.89 -129.51
CA VAL D 444 -79.90 30.47 -128.41
C VAL D 444 -79.38 29.37 -127.47
N SER D 445 -80.12 28.25 -127.35
CA SER D 445 -79.65 27.14 -126.52
C SER D 445 -78.39 26.51 -127.09
N ARG D 446 -78.40 26.18 -128.40
CA ARG D 446 -77.20 25.62 -129.02
C ARG D 446 -76.06 26.63 -129.07
N ASP D 447 -76.39 27.93 -129.20
CA ASP D 447 -75.36 28.97 -129.19
C ASP D 447 -74.60 29.00 -127.87
N THR D 448 -75.32 29.16 -126.76
CA THR D 448 -74.68 29.24 -125.45
C THR D 448 -74.00 27.92 -125.08
N GLU D 449 -74.60 26.79 -125.47
CA GLU D 449 -74.00 25.49 -125.20
C GLU D 449 -72.68 25.33 -125.93
N LYS D 450 -72.62 25.74 -127.19
CA LYS D 450 -71.37 25.60 -127.93
C LYS D 450 -70.33 26.64 -127.51
N LYS D 451 -70.76 27.80 -126.99
CA LYS D 451 -69.79 28.72 -126.37
C LYS D 451 -69.16 28.07 -125.14
N TYR D 452 -69.97 27.38 -124.33
CA TYR D 452 -69.45 26.61 -123.20
C TYR D 452 -68.48 25.52 -123.66
N MET D 453 -68.82 24.84 -124.76
CA MET D 453 -67.96 23.77 -125.28
C MET D 453 -66.62 24.34 -125.76
N GLU D 454 -66.64 25.46 -126.46
CA GLU D 454 -65.41 26.08 -126.93
C GLU D 454 -64.56 26.59 -125.77
N GLN D 455 -65.19 27.07 -124.71
CA GLN D 455 -64.44 27.52 -123.54
C GLN D 455 -63.78 26.34 -122.81
N GLU D 456 -64.51 25.23 -122.65
CA GLU D 456 -63.92 24.09 -121.95
C GLU D 456 -62.86 23.40 -122.81
N ILE D 457 -62.97 23.46 -124.14
CA ILE D 457 -61.89 22.90 -124.94
C ILE D 457 -60.69 23.85 -125.00
N LYS D 458 -60.90 25.16 -124.79
CA LYS D 458 -59.75 26.05 -124.61
C LYS D 458 -59.06 25.77 -123.28
N ARG D 459 -59.83 25.43 -122.24
CA ARG D 459 -59.25 24.98 -120.98
C ARG D 459 -58.46 23.69 -121.18
N ALA D 460 -58.97 22.79 -122.00
CA ALA D 460 -58.29 21.52 -122.28
C ALA D 460 -57.00 21.72 -123.08
N VAL D 461 -57.00 22.68 -124.03
CA VAL D 461 -55.78 22.90 -124.80
C VAL D 461 -54.74 23.62 -123.95
N ASP D 462 -55.18 24.45 -122.99
CA ASP D 462 -54.24 25.00 -122.02
C ASP D 462 -53.68 23.91 -121.12
N ALA D 463 -54.51 22.90 -120.79
CA ALA D 463 -54.06 21.80 -119.94
C ALA D 463 -53.00 20.95 -120.63
N ILE D 464 -53.21 20.61 -121.90
CA ILE D 464 -52.18 19.83 -122.61
C ILE D 464 -50.93 20.67 -122.87
N ARG D 465 -51.10 21.98 -123.05
CA ARG D 465 -49.95 22.88 -123.20
C ARG D 465 -49.07 22.87 -121.94
N GLU D 466 -49.67 23.13 -120.78
CA GLU D 466 -48.87 23.17 -119.56
C GLU D 466 -48.39 21.80 -119.12
N ASN D 467 -49.09 20.72 -119.48
CA ASN D 467 -48.59 19.40 -119.14
C ASN D 467 -47.38 19.03 -119.98
N GLU D 468 -47.36 19.43 -121.26
CA GLU D 468 -46.16 19.23 -122.05
C GLU D 468 -45.02 20.13 -121.56
N GLU D 469 -45.33 21.34 -121.07
CA GLU D 469 -44.30 22.17 -120.46
C GLU D 469 -43.70 21.52 -119.22
N GLU D 470 -44.55 20.91 -118.37
CA GLU D 470 -44.05 20.19 -117.21
C GLU D 470 -43.25 18.95 -117.60
N THR D 471 -43.63 18.30 -118.70
CA THR D 471 -42.83 17.19 -119.23
C THR D 471 -41.44 17.64 -119.66
N HIS D 472 -41.33 18.82 -120.28
CA HIS D 472 -40.01 19.34 -120.66
C HIS D 472 -39.18 19.74 -119.44
N LYS D 473 -39.81 20.35 -118.44
CA LYS D 473 -39.07 20.72 -117.22
C LYS D 473 -38.62 19.47 -116.47
N LEU D 474 -39.43 18.42 -116.47
CA LEU D 474 -39.01 17.19 -115.82
C LEU D 474 -38.01 16.42 -116.67
N ASN D 475 -37.93 16.70 -117.97
CA ASN D 475 -36.83 16.19 -118.77
C ASN D 475 -35.51 16.85 -118.38
N GLU D 476 -35.55 18.16 -118.11
CA GLU D 476 -34.37 18.83 -117.55
C GLU D 476 -34.01 18.26 -116.17
N LYS D 477 -35.04 18.00 -115.35
CA LYS D 477 -34.83 17.30 -114.08
C LYS D 477 -34.24 15.91 -114.29
N GLN D 478 -34.63 15.24 -115.37
CA GLN D 478 -34.11 13.92 -115.69
C GLN D 478 -32.64 13.98 -116.07
N ASN D 479 -32.23 15.04 -116.78
CA ASN D 479 -30.81 15.20 -117.11
C ASN D 479 -29.98 15.50 -115.86
N GLY D 480 -30.54 16.30 -114.94
CA GLY D 480 -29.89 16.47 -113.63
C GLY D 480 -29.80 15.16 -112.85
N LEU D 481 -30.84 14.32 -112.96
CA LEU D 481 -30.83 13.01 -112.31
C LEU D 481 -29.74 12.10 -112.89
N GLU D 482 -29.55 12.13 -114.20
CA GLU D 482 -28.50 11.33 -114.82
C GLU D 482 -27.12 11.84 -114.42
N SER D 483 -26.97 13.15 -114.29
CA SER D 483 -25.70 13.73 -113.83
C SER D 483 -25.36 13.27 -112.42
N GLU D 484 -26.34 13.35 -111.51
CA GLU D 484 -26.11 12.90 -110.14
C GLU D 484 -25.95 11.38 -110.08
N LEU D 485 -26.56 10.67 -111.04
CA LEU D 485 -26.38 9.23 -111.17
C LEU D 485 -24.93 8.87 -111.49
N LYS D 486 -24.35 9.56 -112.47
CA LYS D 486 -22.96 9.29 -112.85
C LYS D 486 -22.00 9.67 -111.72
N LEU D 487 -22.28 10.77 -111.02
CA LEU D 487 -21.42 11.18 -109.91
C LEU D 487 -21.47 10.18 -108.76
N LYS D 488 -22.66 9.71 -108.41
CA LYS D 488 -22.79 8.72 -107.33
C LYS D 488 -22.22 7.37 -107.75
N PHE D 489 -22.29 7.04 -109.04
CA PHE D 489 -21.65 5.83 -109.56
C PHE D 489 -20.15 5.86 -109.35
N GLU D 490 -19.51 6.97 -109.73
CA GLU D 490 -18.06 7.05 -109.60
C GLU D 490 -17.63 7.13 -108.13
N LYS D 491 -18.45 7.76 -107.29
CA LYS D 491 -18.14 7.78 -105.86
C LYS D 491 -18.26 6.38 -105.25
N SER D 492 -19.24 5.59 -105.68
CA SER D 492 -19.36 4.23 -105.19
C SER D 492 -18.22 3.36 -105.70
N GLU D 493 -17.73 3.62 -106.91
CA GLU D 493 -16.58 2.90 -107.42
C GLU D 493 -15.34 3.20 -106.59
N ILE D 494 -15.13 4.47 -106.25
CA ILE D 494 -13.95 4.83 -105.46
C ILE D 494 -14.09 4.32 -104.03
N SER D 495 -15.33 4.19 -103.54
CA SER D 495 -15.55 3.62 -102.21
C SER D 495 -15.22 2.13 -102.20
N THR D 496 -15.61 1.41 -103.26
CA THR D 496 -15.25 -0.01 -103.36
C THR D 496 -13.74 -0.20 -103.49
N LYS D 497 -13.07 0.70 -104.21
CA LYS D 497 -11.62 0.61 -104.34
C LYS D 497 -10.91 0.87 -103.01
N GLU D 498 -11.37 1.88 -102.26
CA GLU D 498 -10.76 2.16 -100.97
C GLU D 498 -11.06 1.06 -99.96
N LEU D 499 -12.24 0.43 -100.06
CA LEU D 499 -12.54 -0.73 -99.24
C LEU D 499 -11.61 -1.90 -99.59
N ASN D 500 -11.26 -2.04 -100.87
CA ASN D 500 -10.31 -3.08 -101.26
C ASN D 500 -8.92 -2.80 -100.71
N GLU D 501 -8.51 -1.53 -100.72
CA GLU D 501 -7.21 -1.16 -100.14
C GLU D 501 -7.16 -1.43 -98.64
N LYS D 502 -8.23 -1.06 -97.92
CA LYS D 502 -8.21 -1.26 -96.48
C LYS D 502 -8.40 -2.72 -96.10
N ILE D 503 -9.03 -3.55 -96.95
CA ILE D 503 -9.12 -4.96 -96.58
C ILE D 503 -7.79 -5.66 -96.94
N GLY D 504 -7.04 -5.12 -97.90
CA GLY D 504 -5.67 -5.59 -98.09
C GLY D 504 -4.78 -5.28 -96.89
N PHE D 505 -4.89 -4.06 -96.37
CA PHE D 505 -4.20 -3.71 -95.12
C PHE D 505 -4.66 -4.58 -93.96
N LEU D 506 -5.96 -4.91 -93.95
CA LEU D 506 -6.54 -5.75 -92.90
C LEU D 506 -5.98 -7.17 -92.96
N LYS D 507 -5.84 -7.74 -94.16
CA LYS D 507 -5.34 -9.11 -94.22
C LYS D 507 -3.84 -9.17 -93.94
N LYS D 508 -3.12 -8.09 -94.28
CA LYS D 508 -1.72 -7.96 -93.85
C LYS D 508 -1.61 -7.97 -92.32
N GLU D 509 -2.42 -7.14 -91.66
CA GLU D 509 -2.36 -7.06 -90.20
C GLU D 509 -2.86 -8.35 -89.55
N LEU D 510 -3.82 -9.05 -90.17
CA LEU D 510 -4.28 -10.29 -89.56
C LEU D 510 -3.24 -11.40 -89.72
N LYS D 511 -2.47 -11.40 -90.81
CA LYS D 511 -1.41 -12.40 -90.91
C LYS D 511 -0.29 -12.12 -89.91
N LEU D 512 0.01 -10.83 -89.68
CA LEU D 512 0.97 -10.45 -88.63
C LEU D 512 0.50 -10.92 -87.26
N GLU D 513 -0.78 -10.67 -86.96
CA GLU D 513 -1.36 -11.13 -85.69
C GLU D 513 -1.38 -12.66 -85.62
N ASN D 514 -1.58 -13.32 -86.76
CA ASN D 514 -1.64 -14.78 -86.82
C ASN D 514 -0.32 -15.41 -86.39
N ASP D 515 0.77 -15.05 -87.05
CA ASP D 515 2.01 -15.72 -86.66
C ASP D 515 2.60 -15.17 -85.36
N LEU D 516 2.24 -13.94 -84.95
CA LEU D 516 2.61 -13.49 -83.61
C LEU D 516 1.91 -14.31 -82.53
N ASN D 517 0.62 -14.63 -82.75
CA ASN D 517 -0.10 -15.47 -81.80
C ASN D 517 0.41 -16.90 -81.80
N GLU D 518 0.86 -17.40 -82.96
CA GLU D 518 1.48 -18.73 -83.01
C GLU D 518 2.76 -18.77 -82.17
N GLU D 519 3.62 -17.75 -82.34
CA GLU D 519 4.83 -17.63 -81.54
C GLU D 519 4.53 -17.55 -80.05
N LEU D 520 3.50 -16.79 -79.68
CA LEU D 520 3.25 -16.60 -78.27
C LEU D 520 2.56 -17.81 -77.64
N VAL D 521 1.78 -18.56 -78.41
CA VAL D 521 1.22 -19.81 -77.89
C VAL D 521 2.33 -20.82 -77.65
N GLY D 522 3.32 -20.86 -78.56
CA GLY D 522 4.49 -21.69 -78.32
C GLY D 522 5.28 -21.26 -77.10
N GLN D 523 5.40 -19.95 -76.89
CA GLN D 523 6.11 -19.43 -75.74
C GLN D 523 5.38 -19.75 -74.44
N LEU D 524 4.05 -19.69 -74.46
CA LEU D 524 3.27 -20.04 -73.27
C LEU D 524 3.40 -21.53 -72.94
N SER D 525 3.40 -22.39 -73.96
CA SER D 525 3.58 -23.82 -73.73
C SER D 525 4.96 -24.10 -73.14
N LYS D 526 6.00 -23.47 -73.69
CA LYS D 526 7.35 -23.67 -73.19
C LYS D 526 7.51 -23.15 -71.77
N THR D 527 6.99 -21.95 -71.49
CA THR D 527 7.11 -21.36 -70.17
C THR D 527 6.33 -22.16 -69.14
N MET D 528 5.18 -22.73 -69.52
CA MET D 528 4.38 -23.47 -68.56
C MET D 528 5.01 -24.82 -68.23
N ASP D 529 5.53 -25.52 -69.25
CA ASP D 529 6.21 -26.78 -68.96
C ASP D 529 7.51 -26.55 -68.19
N ASN D 530 8.20 -25.44 -68.47
CA ASN D 530 9.40 -25.10 -67.71
C ASN D 530 9.04 -24.73 -66.27
N LEU D 531 7.90 -24.09 -66.06
CA LEU D 531 7.43 -23.80 -64.71
C LEU D 531 7.08 -25.09 -63.97
N GLU D 532 6.50 -26.06 -64.68
CA GLU D 532 6.18 -27.35 -64.08
C GLU D 532 7.45 -28.08 -63.62
N ASN D 533 8.43 -28.20 -64.51
CA ASN D 533 9.64 -28.93 -64.17
C ASN D 533 10.69 -28.04 -63.52
N LEU D 534 10.33 -26.81 -63.17
CA LEU D 534 11.10 -25.98 -62.27
C LEU D 534 10.47 -25.85 -60.89
N THR D 535 9.17 -26.15 -60.76
CA THR D 535 8.53 -26.18 -59.46
C THR D 535 8.50 -27.56 -58.83
N ILE D 536 8.48 -28.63 -59.61
CA ILE D 536 8.62 -29.97 -59.02
C ILE D 536 10.01 -30.21 -58.39
N PRO D 537 11.13 -29.59 -58.82
CA PRO D 537 12.31 -29.67 -57.94
C PRO D 537 12.17 -28.88 -56.65
N ARG D 538 11.28 -27.90 -56.57
CA ARG D 538 11.06 -27.25 -55.28
C ARG D 538 10.31 -28.16 -54.32
N VAL D 539 9.50 -29.08 -54.83
CA VAL D 539 8.99 -30.18 -54.03
C VAL D 539 10.13 -31.13 -53.66
N ARG D 540 11.05 -31.35 -54.61
CA ARG D 540 12.13 -32.32 -54.41
C ARG D 540 13.17 -31.88 -53.39
N THR D 541 13.45 -30.57 -53.29
CA THR D 541 14.66 -30.11 -52.60
C THR D 541 14.56 -30.25 -51.09
N GLN D 542 13.63 -29.53 -50.47
CA GLN D 542 13.62 -29.45 -49.01
C GLN D 542 12.36 -30.04 -48.41
N ARG E 1 -37.78 -31.53 92.45
CA ARG E 1 -39.10 -30.89 92.38
C ARG E 1 -39.11 -29.62 93.20
N GLN E 2 -38.14 -29.49 94.11
CA GLN E 2 -38.11 -28.39 95.05
C GLN E 2 -37.67 -27.11 94.34
N VAL E 3 -38.49 -26.07 94.45
CA VAL E 3 -38.11 -24.78 93.90
C VAL E 3 -37.02 -24.15 94.76
N ILE E 4 -36.12 -23.41 94.12
CA ILE E 4 -35.08 -22.67 94.81
C ILE E 4 -35.11 -21.19 94.44
N VAL E 5 -35.36 -20.86 93.17
CA VAL E 5 -35.55 -19.49 92.74
C VAL E 5 -36.94 -19.38 92.12
N PRO E 6 -37.72 -18.34 92.44
CA PRO E 6 -39.03 -18.19 91.80
C PRO E 6 -38.93 -17.52 90.45
N VAL E 7 -40.06 -17.52 89.75
CA VAL E 7 -40.18 -16.80 88.47
C VAL E 7 -40.79 -15.43 88.75
N CYS E 8 -40.40 -14.46 87.93
CA CYS E 8 -40.76 -13.06 88.12
C CYS E 8 -40.50 -12.33 86.79
N MET E 9 -40.51 -11.04 86.85
CA MET E 9 -40.29 -10.22 85.67
C MET E 9 -38.82 -9.87 85.53
N PRO E 10 -38.33 -9.68 84.29
CA PRO E 10 -36.95 -9.20 84.11
C PRO E 10 -36.81 -7.77 84.63
N LYS E 11 -35.94 -7.59 85.62
CA LYS E 11 -35.79 -6.31 86.30
C LYS E 11 -34.84 -5.38 85.53
N ILE E 12 -35.24 -5.08 84.29
CA ILE E 12 -34.47 -4.22 83.42
C ILE E 12 -35.32 -2.98 83.13
N HIS E 13 -34.69 -2.01 82.49
CA HIS E 13 -35.43 -0.83 82.05
C HIS E 13 -35.17 -0.53 80.58
N TYR E 14 -33.98 -0.86 80.08
CA TYR E 14 -33.66 -0.58 78.70
C TYR E 14 -33.98 -1.79 77.84
N SER E 15 -34.60 -1.53 76.69
CA SER E 15 -35.10 -2.44 75.65
C SER E 15 -36.17 -3.46 76.04
N PRO E 16 -37.19 -3.12 76.83
CA PRO E 16 -38.54 -3.55 76.46
C PRO E 16 -39.26 -2.40 75.78
N LEU E 17 -38.64 -1.23 75.81
CA LEU E 17 -39.24 -0.02 75.28
C LEU E 17 -38.90 0.12 73.80
N LYS E 18 -39.31 1.23 73.21
CA LYS E 18 -39.08 1.50 71.80
C LYS E 18 -38.31 2.80 71.66
N THR E 19 -38.17 3.24 70.41
CA THR E 19 -37.53 4.51 70.11
C THR E 19 -38.62 5.53 69.83
N GLY E 20 -38.62 6.62 70.61
CA GLY E 20 -39.59 7.67 70.39
C GLY E 20 -39.29 8.42 69.11
N LEU E 21 -40.35 8.81 68.42
CA LEU E 21 -40.23 9.45 67.12
C LEU E 21 -41.15 10.65 67.05
N CYS E 22 -40.63 11.77 66.58
CA CYS E 22 -41.39 12.99 66.40
C CYS E 22 -41.39 13.34 64.92
N TYR E 23 -42.57 13.33 64.31
CA TYR E 23 -42.68 13.67 62.90
C TYR E 23 -44.09 14.16 62.63
N ASP E 24 -44.19 15.15 61.75
CA ASP E 24 -45.48 15.70 61.36
C ASP E 24 -45.38 16.29 59.97
N VAL E 25 -46.52 16.37 59.29
CA VAL E 25 -46.58 16.90 57.94
C VAL E 25 -46.84 18.39 58.01
N ARG E 26 -46.80 18.96 59.22
CA ARG E 26 -47.09 20.36 59.38
C ARG E 26 -45.84 21.23 59.36
N MET E 27 -44.67 20.64 59.17
CA MET E 27 -43.42 21.40 59.17
C MET E 27 -42.84 21.48 57.76
N ARG E 28 -43.71 21.60 56.77
CA ARG E 28 -43.26 21.63 55.37
C ARG E 28 -44.00 22.70 54.58
N TYR E 29 -44.34 23.80 55.23
CA TYR E 29 -45.09 24.86 54.58
C TYR E 29 -44.33 26.17 54.54
N HIS E 30 -43.49 26.44 55.53
CA HIS E 30 -42.65 27.64 55.56
C HIS E 30 -41.62 27.57 54.44
N ALA E 31 -41.72 28.49 53.50
CA ALA E 31 -40.96 28.38 52.26
C ALA E 31 -40.50 29.77 51.80
N LYS E 32 -39.49 29.74 50.94
CA LYS E 32 -38.94 30.94 50.34
C LYS E 32 -39.90 31.52 49.31
N ILE E 33 -39.69 32.80 49.01
CA ILE E 33 -40.43 33.50 47.96
C ILE E 33 -39.46 33.80 46.83
N PHE E 34 -39.89 33.55 45.61
CA PHE E 34 -38.99 33.52 44.47
C PHE E 34 -38.45 34.92 44.15
N THR E 35 -37.13 35.02 43.99
CA THR E 35 -36.50 36.27 43.60
C THR E 35 -35.82 36.19 42.25
N SER E 36 -34.86 35.27 42.07
CA SER E 36 -34.07 35.22 40.84
C SER E 36 -33.90 33.78 40.41
N TYR E 37 -33.50 33.60 39.15
CA TYR E 37 -33.38 32.25 38.62
C TYR E 37 -32.16 31.51 39.15
N PHE E 38 -31.26 32.18 39.87
CA PHE E 38 -30.11 31.51 40.47
C PHE E 38 -30.53 30.43 41.45
N GLU E 39 -31.66 30.64 42.13
CA GLU E 39 -32.21 29.62 43.03
C GLU E 39 -32.63 28.34 42.32
N TYR E 40 -32.70 28.34 41.00
CA TYR E 40 -32.92 27.09 40.29
C TYR E 40 -31.64 26.26 40.19
N ILE E 41 -30.47 26.90 40.17
CA ILE E 41 -29.22 26.15 40.11
C ILE E 41 -28.47 26.44 41.41
N ASP E 42 -29.20 26.62 42.49
CA ASP E 42 -28.58 26.80 43.79
C ASP E 42 -28.95 25.65 44.71
N PRO E 43 -28.12 25.34 45.71
CA PRO E 43 -28.42 24.20 46.59
C PRO E 43 -29.57 24.42 47.55
N HIS E 44 -30.26 25.58 47.52
CA HIS E 44 -31.44 25.90 48.31
C HIS E 44 -31.19 25.70 49.80
N PRO E 45 -30.53 26.67 50.45
CA PRO E 45 -29.82 26.40 51.73
C PRO E 45 -30.67 25.89 52.88
N GLU E 46 -32.00 25.92 52.77
CA GLU E 46 -32.83 25.09 53.63
C GLU E 46 -34.08 24.76 52.84
N ASP E 47 -34.21 23.52 52.42
CA ASP E 47 -35.46 23.21 51.75
C ASP E 47 -36.35 22.38 52.66
N PRO E 48 -37.68 22.48 52.49
CA PRO E 48 -38.59 21.60 53.21
C PRO E 48 -38.68 20.19 52.64
N ARG E 49 -37.93 19.88 51.58
CA ARG E 49 -37.95 18.54 51.01
C ARG E 49 -36.96 17.60 51.66
N ARG E 50 -36.57 17.87 52.91
CA ARG E 50 -35.66 16.98 53.61
C ARG E 50 -36.41 15.92 54.40
N ILE E 51 -37.32 16.35 55.28
CA ILE E 51 -37.80 15.49 56.35
C ILE E 51 -38.68 14.37 55.81
N TYR E 52 -39.36 14.60 54.70
CA TYR E 52 -40.16 13.53 54.13
C TYR E 52 -39.29 12.46 53.49
N ARG E 53 -38.10 12.83 53.01
CA ARG E 53 -37.17 11.82 52.50
C ARG E 53 -36.67 10.92 53.62
N ILE E 54 -36.37 11.50 54.78
CA ILE E 54 -35.95 10.72 55.93
C ILE E 54 -37.07 9.80 56.41
N TYR E 55 -38.29 10.34 56.47
CA TYR E 55 -39.43 9.53 56.89
C TYR E 55 -39.72 8.41 55.90
N LYS E 56 -39.55 8.69 54.61
CA LYS E 56 -39.76 7.67 53.58
C LYS E 56 -38.72 6.58 53.66
N ILE E 57 -37.45 6.95 53.79
CA ILE E 57 -36.41 5.92 53.87
C ILE E 57 -36.45 5.17 55.18
N LEU E 58 -37.04 5.76 56.23
CA LEU E 58 -37.28 5.00 57.44
C LEU E 58 -38.40 4.01 57.26
N ALA E 59 -39.41 4.37 56.48
CA ALA E 59 -40.42 3.40 56.12
C ALA E 59 -39.87 2.32 55.20
N GLU E 60 -38.81 2.63 54.45
CA GLU E 60 -38.36 1.73 53.41
C GLU E 60 -37.65 0.50 53.94
N ASN E 61 -37.20 0.51 55.19
CA ASN E 61 -36.47 -0.62 55.73
C ASN E 61 -37.20 -1.25 56.91
N GLY E 62 -38.53 -1.21 56.88
CA GLY E 62 -39.34 -1.92 57.85
C GLY E 62 -39.27 -1.38 59.26
N LEU E 63 -38.68 -0.22 59.46
CA LEU E 63 -38.61 0.36 60.78
C LEU E 63 -39.84 1.17 61.12
N ILE E 64 -40.69 1.42 60.13
CA ILE E 64 -41.90 2.22 60.29
C ILE E 64 -43.02 1.50 59.56
N ASN E 65 -44.12 1.25 60.28
CA ASN E 65 -45.30 0.63 59.67
C ASN E 65 -46.24 1.71 59.18
N ASP E 66 -45.94 2.24 57.99
CA ASP E 66 -46.87 3.16 57.34
C ASP E 66 -46.71 3.07 55.83
N PRO E 67 -47.67 2.43 55.15
CA PRO E 67 -47.54 2.25 53.69
C PRO E 67 -47.89 3.48 52.89
N THR E 68 -48.35 4.54 53.52
CA THR E 68 -48.86 5.70 52.80
C THR E 68 -48.16 7.00 53.17
N LEU E 69 -47.18 6.97 54.08
CA LEU E 69 -46.35 8.12 54.45
C LEU E 69 -47.19 9.29 54.98
N SER E 70 -47.85 9.05 56.11
CA SER E 70 -48.61 10.10 56.77
C SER E 70 -48.49 9.91 58.27
N GLY E 71 -48.74 10.99 59.00
CA GLY E 71 -48.63 10.95 60.45
C GLY E 71 -49.70 10.07 61.07
N VAL E 72 -49.29 8.88 61.50
CA VAL E 72 -50.22 7.88 61.98
C VAL E 72 -49.81 7.49 63.39
N ASP E 73 -50.55 6.54 63.98
CA ASP E 73 -50.22 6.04 65.31
C ASP E 73 -49.59 4.66 65.26
N ASP E 74 -50.04 3.80 64.36
CA ASP E 74 -49.58 2.43 64.29
C ASP E 74 -48.17 2.36 63.71
N LEU E 75 -47.19 2.81 64.49
CA LEU E 75 -45.83 2.94 63.99
C LEU E 75 -45.15 1.59 63.88
N GLY E 76 -45.56 0.64 64.69
CA GLY E 76 -45.00 -0.69 64.63
C GLY E 76 -44.59 -1.21 65.98
N ASP E 77 -43.60 -2.10 65.99
CA ASP E 77 -43.16 -2.76 67.21
C ASP E 77 -41.84 -2.22 67.73
N LEU E 78 -41.11 -1.46 66.92
CA LEU E 78 -39.78 -0.99 67.30
C LEU E 78 -39.73 0.49 67.61
N MET E 79 -40.72 1.27 67.21
CA MET E 79 -40.70 2.70 67.40
C MET E 79 -42.07 3.15 67.88
N LEU E 80 -42.08 4.22 68.67
CA LEU E 80 -43.31 4.78 69.22
C LEU E 80 -43.47 6.21 68.75
N LYS E 81 -44.67 6.52 68.25
CA LYS E 81 -44.96 7.87 67.78
C LYS E 81 -45.17 8.79 68.98
N ILE E 82 -44.43 9.89 69.00
CA ILE E 82 -44.60 10.92 70.02
C ILE E 82 -45.51 11.98 69.43
N PRO E 83 -46.57 12.37 70.13
CA PRO E 83 -47.42 13.46 69.63
C PRO E 83 -46.70 14.78 69.71
N VAL E 84 -46.96 15.63 68.73
CA VAL E 84 -46.27 16.90 68.58
C VAL E 84 -47.21 18.04 68.99
N ARG E 85 -46.67 19.00 69.74
CA ARG E 85 -47.41 20.20 70.11
C ARG E 85 -46.52 21.41 69.89
N ALA E 86 -47.13 22.50 69.46
CA ALA E 86 -46.40 23.76 69.35
C ALA E 86 -46.15 24.32 70.74
N ALA E 87 -45.01 25.00 70.88
CA ALA E 87 -44.63 25.50 72.19
C ALA E 87 -45.50 26.70 72.56
N THR E 88 -45.61 26.95 73.85
CA THR E 88 -46.20 28.22 74.24
C THR E 88 -45.16 29.32 74.12
N SER E 89 -45.64 30.56 74.24
CA SER E 89 -44.76 31.71 74.14
C SER E 89 -43.84 31.82 75.34
N GLU E 90 -44.24 31.27 76.49
CA GLU E 90 -43.48 31.41 77.72
C GLU E 90 -42.16 30.65 77.63
N GLU E 91 -42.20 29.47 77.01
CA GLU E 91 -41.03 28.62 76.93
C GLU E 91 -40.01 29.21 75.97
N ILE E 92 -40.48 29.82 74.88
CA ILE E 92 -39.58 30.55 73.99
C ILE E 92 -39.04 31.77 74.70
N LEU E 93 -39.88 32.41 75.50
CA LEU E 93 -39.48 33.56 76.29
C LEU E 93 -38.54 33.21 77.42
N GLU E 94 -38.43 31.91 77.77
CA GLU E 94 -37.46 31.52 78.78
C GLU E 94 -36.04 31.72 78.30
N VAL E 95 -35.81 31.74 77.00
CA VAL E 95 -34.49 32.05 76.47
C VAL E 95 -34.49 33.26 75.53
N HIS E 96 -35.60 33.61 74.90
CA HIS E 96 -35.59 34.68 73.93
C HIS E 96 -36.18 35.95 74.50
N THR E 97 -35.77 37.09 73.93
CA THR E 97 -36.30 38.37 74.34
C THR E 97 -37.73 38.53 73.86
N LYS E 98 -38.46 39.44 74.52
CA LYS E 98 -39.85 39.68 74.15
C LYS E 98 -39.96 40.37 72.81
N GLU E 99 -39.02 41.27 72.51
CA GLU E 99 -39.06 42.04 71.28
C GLU E 99 -38.81 41.18 70.05
N HIS E 100 -38.04 40.10 70.22
CA HIS E 100 -37.89 39.10 69.15
C HIS E 100 -39.23 38.43 68.84
N LEU E 101 -39.98 38.08 69.88
CA LEU E 101 -41.30 37.50 69.71
C LEU E 101 -42.26 38.50 69.09
N GLU E 102 -42.16 39.77 69.48
CA GLU E 102 -42.97 40.81 68.84
C GLU E 102 -42.58 41.00 67.38
N PHE E 103 -41.30 40.80 67.06
CA PHE E 103 -40.86 40.91 65.68
C PHE E 103 -41.44 39.80 64.83
N ILE E 104 -41.47 38.58 65.36
CA ILE E 104 -42.07 37.47 64.61
C ILE E 104 -43.59 37.60 64.58
N GLU E 105 -44.18 38.14 65.64
CA GLU E 105 -45.61 38.46 65.64
C GLU E 105 -45.95 39.58 64.67
N SER E 106 -44.98 40.43 64.34
CA SER E 106 -45.17 41.37 63.25
C SER E 106 -45.07 40.66 61.90
N THR E 107 -44.07 39.79 61.78
CA THR E 107 -43.78 39.11 60.52
C THR E 107 -44.88 38.14 60.10
N GLU E 108 -45.69 37.67 61.06
CA GLU E 108 -46.76 36.74 60.72
C GLU E 108 -47.85 37.39 59.87
N LYS E 109 -48.03 38.71 59.99
CA LYS E 109 -49.15 39.42 59.40
C LYS E 109 -48.69 40.59 58.54
N MET E 110 -47.53 40.45 57.89
CA MET E 110 -47.05 41.52 57.04
C MET E 110 -47.69 41.44 55.66
N SER E 111 -47.29 42.35 54.79
CA SER E 111 -47.69 42.30 53.39
C SER E 111 -46.61 41.57 52.59
N ARG E 112 -46.72 41.61 51.28
CA ARG E 112 -45.72 40.95 50.44
C ARG E 112 -44.42 41.75 50.39
N GLU E 113 -44.51 43.04 50.13
CA GLU E 113 -43.30 43.85 49.98
C GLU E 113 -42.60 44.07 51.30
N GLU E 114 -43.37 44.15 52.39
CA GLU E 114 -42.75 44.19 53.72
C GLU E 114 -41.99 42.91 54.00
N LEU E 115 -42.54 41.78 53.58
CA LEU E 115 -41.84 40.51 53.73
C LEU E 115 -40.57 40.47 52.89
N LEU E 116 -40.62 41.04 51.68
CA LEU E 116 -39.43 41.06 50.84
C LEU E 116 -38.34 41.95 51.43
N LYS E 117 -38.73 43.09 51.99
CA LYS E 117 -37.78 43.96 52.67
C LYS E 117 -37.20 43.28 53.89
N GLU E 118 -38.00 42.49 54.61
CA GLU E 118 -37.48 41.80 55.78
C GLU E 118 -36.55 40.65 55.40
N THR E 119 -36.83 39.97 54.28
CA THR E 119 -35.94 38.91 53.82
C THR E 119 -34.60 39.47 53.38
N GLU E 120 -34.61 40.62 52.71
CA GLU E 120 -33.33 41.21 52.36
C GLU E 120 -32.64 41.79 53.59
N LYS E 121 -33.42 42.20 54.59
CA LYS E 121 -32.89 43.00 55.69
C LYS E 121 -32.05 42.17 56.65
N GLY E 122 -32.56 41.01 57.04
CA GLY E 122 -31.92 40.22 58.08
C GLY E 122 -30.63 39.56 57.61
N ASP E 123 -30.03 38.80 58.52
CA ASP E 123 -28.75 38.14 58.27
C ASP E 123 -29.02 36.70 57.83
N SER E 124 -29.05 36.51 56.50
CA SER E 124 -29.08 35.22 55.83
C SER E 124 -30.31 34.40 56.23
N VAL E 125 -31.43 35.09 56.41
CA VAL E 125 -32.69 34.43 56.76
C VAL E 125 -33.71 34.77 55.69
N TYR E 126 -34.93 34.26 55.87
CA TYR E 126 -36.04 34.63 55.01
C TYR E 126 -37.31 34.42 55.83
N PHE E 127 -38.44 34.83 55.26
CA PHE E 127 -39.69 34.80 55.99
C PHE E 127 -40.82 34.41 55.05
N ASN E 128 -42.01 34.24 55.64
CA ASN E 128 -43.24 33.97 54.93
C ASN E 128 -44.38 34.30 55.88
N ASN E 129 -45.60 34.35 55.33
CA ASN E 129 -46.76 34.53 56.20
C ASN E 129 -47.02 33.30 57.05
N ASP E 130 -46.70 32.12 56.54
CA ASP E 130 -46.83 30.88 57.30
C ASP E 130 -45.50 30.53 57.97
N SER E 131 -45.00 31.48 58.75
CA SER E 131 -43.74 31.30 59.46
C SER E 131 -43.89 31.23 60.96
N TYR E 132 -44.99 31.76 61.52
CA TYR E 132 -45.11 31.85 62.97
C TYR E 132 -45.35 30.48 63.59
N ALA E 133 -46.47 29.85 63.24
CA ALA E 133 -46.81 28.55 63.81
C ALA E 133 -45.83 27.48 63.39
N SER E 134 -45.27 27.58 62.19
CA SER E 134 -44.23 26.66 61.75
C SER E 134 -42.91 26.89 62.46
N ALA E 135 -42.73 28.02 63.14
CA ALA E 135 -41.64 28.17 64.09
C ALA E 135 -42.05 27.77 65.49
N ARG E 136 -43.34 27.71 65.76
CA ARG E 136 -43.82 27.41 67.10
C ARG E 136 -43.85 25.90 67.35
N LEU E 137 -44.02 25.13 66.30
CA LEU E 137 -44.04 23.67 66.28
C LEU E 137 -42.74 22.90 66.56
N PRO E 138 -41.52 23.33 66.10
CA PRO E 138 -40.33 22.50 66.34
C PRO E 138 -39.94 22.26 67.79
N CYS E 139 -39.63 23.34 68.49
CA CYS E 139 -38.96 23.24 69.77
C CYS E 139 -39.85 22.62 70.83
N GLY E 140 -41.13 23.02 70.85
CA GLY E 140 -42.11 22.36 71.71
C GLY E 140 -42.25 20.89 71.41
N GLY E 141 -42.21 20.54 70.10
CA GLY E 141 -42.13 19.15 69.72
C GLY E 141 -40.87 18.50 70.24
N ALA E 142 -39.75 19.21 70.14
CA ALA E 142 -38.51 18.78 70.78
C ALA E 142 -38.67 18.69 72.29
N ILE E 143 -39.44 19.61 72.87
CA ILE E 143 -39.73 19.58 74.29
C ILE E 143 -40.54 18.33 74.64
N GLU E 144 -41.36 17.87 73.69
CA GLU E 144 -42.05 16.59 73.88
C GLU E 144 -41.05 15.44 73.92
N ALA E 145 -40.03 15.49 73.06
CA ALA E 145 -39.18 14.34 72.79
C ALA E 145 -38.37 13.95 74.02
N CYS E 146 -37.62 14.91 74.56
CA CYS E 146 -36.91 14.71 75.82
C CYS E 146 -37.87 14.42 76.98
N LYS E 147 -39.12 14.88 76.88
CA LYS E 147 -40.09 14.53 77.91
C LYS E 147 -40.43 13.06 77.87
N ALA E 148 -40.36 12.44 76.70
CA ALA E 148 -40.48 10.99 76.66
C ALA E 148 -39.21 10.29 77.08
N VAL E 149 -38.10 11.01 77.14
CA VAL E 149 -36.81 10.42 77.44
C VAL E 149 -36.55 10.39 78.95
N VAL E 150 -36.72 11.53 79.61
CA VAL E 150 -36.43 11.61 81.04
C VAL E 150 -37.46 10.81 81.83
N GLU E 151 -38.71 10.85 81.39
CA GLU E 151 -39.77 10.09 82.05
C GLU E 151 -39.76 8.62 81.66
N GLY E 152 -38.86 8.20 80.79
CA GLY E 152 -38.60 6.79 80.58
C GLY E 152 -39.67 6.04 79.83
N ARG E 153 -40.50 6.73 79.04
CA ARG E 153 -41.48 6.02 78.25
C ARG E 153 -40.88 5.33 77.05
N VAL E 154 -39.73 5.81 76.57
CA VAL E 154 -39.04 5.21 75.45
C VAL E 154 -37.57 5.03 75.83
N LYS E 155 -36.86 4.28 74.97
CA LYS E 155 -35.42 4.15 75.14
C LYS E 155 -34.72 5.45 74.80
N ASN E 156 -34.84 5.87 73.55
CA ASN E 156 -34.21 7.07 73.04
C ASN E 156 -35.16 7.73 72.07
N SER E 157 -34.89 8.98 71.74
CA SER E 157 -35.79 9.72 70.86
C SER E 157 -35.06 10.32 69.69
N LEU E 158 -35.69 10.25 68.53
CA LEU E 158 -35.26 10.93 67.32
C LEU E 158 -36.38 11.84 66.85
N ALA E 159 -36.09 13.13 66.71
CA ALA E 159 -37.09 14.13 66.34
C ALA E 159 -36.67 14.74 65.00
N VAL E 160 -37.07 14.12 63.91
CA VAL E 160 -36.74 14.64 62.59
C VAL E 160 -37.61 15.86 62.33
N VAL E 161 -37.01 17.04 62.54
CA VAL E 161 -37.75 18.28 62.76
C VAL E 161 -37.01 19.41 62.08
N ARG E 162 -37.73 20.20 61.27
CA ARG E 162 -37.22 21.40 60.64
C ARG E 162 -38.12 22.56 61.03
N PRO E 163 -37.65 23.82 60.92
CA PRO E 163 -36.36 24.42 60.57
C PRO E 163 -35.33 24.23 61.67
N PRO E 164 -34.05 24.37 61.35
CA PRO E 164 -33.02 24.26 62.38
C PRO E 164 -33.09 25.39 63.40
N GLY E 165 -32.43 25.16 64.53
CA GLY E 165 -32.50 26.10 65.64
C GLY E 165 -31.20 26.28 66.40
N HIS E 166 -30.06 26.17 65.73
CA HIS E 166 -28.78 26.31 66.41
C HIS E 166 -28.00 27.55 66.00
N HIS E 167 -28.59 28.43 65.19
CA HIS E 167 -27.91 29.69 64.86
C HIS E 167 -28.58 30.92 65.45
N ALA E 168 -29.82 30.83 65.90
CA ALA E 168 -30.53 32.00 66.37
C ALA E 168 -30.02 32.41 67.75
N GLU E 169 -29.88 33.72 67.95
CA GLU E 169 -29.49 34.34 69.20
C GLU E 169 -30.74 34.68 70.01
N PRO E 170 -30.60 34.85 71.34
CA PRO E 170 -31.74 35.35 72.11
C PRO E 170 -32.17 36.75 71.71
N GLN E 171 -31.24 37.56 71.23
CA GLN E 171 -31.55 38.89 70.76
C GLN E 171 -32.21 38.85 69.40
N ALA E 172 -31.50 38.33 68.39
CA ALA E 172 -31.96 38.37 67.02
C ALA E 172 -31.81 37.01 66.37
N ALA E 173 -32.36 36.90 65.17
CA ALA E 173 -32.30 35.67 64.39
C ALA E 173 -31.15 35.73 63.40
N GLY E 174 -30.82 34.57 62.84
CA GLY E 174 -29.72 34.48 61.90
C GLY E 174 -29.54 33.10 61.32
N GLY E 175 -29.09 33.04 60.05
CA GLY E 175 -28.71 31.80 59.41
C GLY E 175 -29.84 30.81 59.23
N PHE E 176 -30.97 31.30 58.69
CA PHE E 176 -32.20 30.52 58.46
C PHE E 176 -32.73 29.89 59.75
N CYS E 177 -32.46 30.52 60.89
CA CYS E 177 -32.97 30.05 62.17
C CYS E 177 -33.95 31.08 62.70
N LEU E 178 -35.08 30.60 63.23
CA LEU E 178 -36.11 31.48 63.75
C LEU E 178 -36.08 31.55 65.27
N PHE E 179 -36.15 30.40 65.91
CA PHE E 179 -35.96 30.29 67.35
C PHE E 179 -34.73 29.44 67.62
N SER E 180 -34.47 29.22 68.90
CA SER E 180 -33.62 28.11 69.27
C SER E 180 -34.40 26.81 69.19
N ASN E 181 -33.66 25.71 69.14
CA ASN E 181 -34.27 24.41 69.25
C ASN E 181 -33.78 23.65 70.46
N VAL E 182 -32.46 23.49 70.60
CA VAL E 182 -31.97 22.66 71.68
C VAL E 182 -31.81 23.45 72.98
N ALA E 183 -31.53 24.76 72.90
CA ALA E 183 -31.29 25.53 74.11
C ALA E 183 -32.58 25.73 74.88
N VAL E 184 -33.67 25.98 74.15
CA VAL E 184 -34.97 26.19 74.78
C VAL E 184 -35.47 24.89 75.41
N ALA E 185 -35.21 23.76 74.76
CA ALA E 185 -35.63 22.47 75.29
C ALA E 185 -34.81 22.11 76.53
N ALA E 186 -33.51 22.39 76.49
CA ALA E 186 -32.65 22.16 77.63
C ALA E 186 -33.06 23.00 78.82
N LYS E 187 -33.37 24.28 78.58
CA LYS E 187 -33.88 25.16 79.62
C LYS E 187 -35.20 24.64 80.17
N ASN E 188 -36.04 24.09 79.30
CA ASN E 188 -37.34 23.60 79.74
C ASN E 188 -37.21 22.36 80.61
N ILE E 189 -36.27 21.48 80.29
CA ILE E 189 -36.11 20.30 81.13
C ILE E 189 -35.41 20.66 82.43
N LEU E 190 -34.47 21.61 82.39
CA LEU E 190 -33.80 22.03 83.62
C LEU E 190 -34.77 22.72 84.56
N LYS E 191 -35.65 23.54 84.01
CA LYS E 191 -36.63 24.21 84.84
C LYS E 191 -37.71 23.24 85.30
N ASN E 192 -38.10 22.31 84.44
CA ASN E 192 -39.21 21.43 84.76
C ASN E 192 -38.81 20.28 85.65
N TYR E 193 -37.57 19.80 85.52
CA TYR E 193 -37.07 18.68 86.32
C TYR E 193 -35.72 19.02 86.91
N PRO E 194 -35.67 19.80 87.99
CA PRO E 194 -34.42 19.89 88.75
C PRO E 194 -34.30 18.80 89.81
N GLU E 195 -34.68 17.58 89.46
CA GLU E 195 -34.59 16.43 90.35
C GLU E 195 -33.93 15.24 89.69
N SER E 196 -34.21 14.99 88.42
CA SER E 196 -33.65 13.84 87.71
C SER E 196 -32.55 14.23 86.74
N VAL E 197 -32.52 15.48 86.31
CA VAL E 197 -31.52 15.98 85.37
C VAL E 197 -30.75 17.09 86.05
N ARG E 198 -29.44 16.93 86.14
CA ARG E 198 -28.59 17.91 86.78
C ARG E 198 -27.45 18.40 85.90
N ARG E 199 -27.09 17.65 84.86
CA ARG E 199 -26.04 18.05 83.95
C ARG E 199 -26.41 17.57 82.55
N ILE E 200 -26.32 18.47 81.57
CA ILE E 200 -26.64 18.13 80.19
C ILE E 200 -25.44 18.44 79.32
N MET E 201 -25.00 17.45 78.57
CA MET E 201 -23.95 17.65 77.58
C MET E 201 -24.59 17.73 76.21
N ILE E 202 -24.19 18.72 75.42
CA ILE E 202 -24.73 18.95 74.10
C ILE E 202 -23.58 18.91 73.10
N LEU E 203 -23.79 18.18 72.01
CA LEU E 203 -22.79 18.04 70.98
C LEU E 203 -23.34 18.59 69.67
N ASP E 204 -22.44 19.12 68.84
CA ASP E 204 -22.80 19.67 67.54
C ASP E 204 -21.82 19.14 66.51
N TRP E 205 -22.33 18.44 65.50
CA TRP E 205 -21.51 18.12 64.33
C TRP E 205 -22.04 18.77 63.06
N ASP E 206 -22.86 19.81 63.17
CA ASP E 206 -23.09 20.65 62.00
C ASP E 206 -21.79 21.35 61.68
N ILE E 207 -21.47 21.41 60.39
CA ILE E 207 -20.19 21.96 59.97
C ILE E 207 -20.13 23.47 60.14
N HIS E 208 -21.24 24.12 60.43
CA HIS E 208 -21.24 25.52 60.84
C HIS E 208 -21.29 25.59 62.36
N HIS E 209 -20.66 26.63 62.89
CA HIS E 209 -20.54 26.77 64.34
C HIS E 209 -21.88 27.12 64.95
N GLY E 210 -22.26 26.37 65.99
CA GLY E 210 -23.51 26.64 66.65
C GLY E 210 -23.40 27.80 67.62
N ASN E 211 -23.39 29.01 67.07
CA ASN E 211 -23.13 30.20 67.85
C ASN E 211 -24.25 30.52 68.83
N GLY E 212 -25.49 30.24 68.45
CA GLY E 212 -26.62 30.72 69.23
C GLY E 212 -26.77 30.02 70.56
N THR E 213 -26.75 28.68 70.54
CA THR E 213 -26.84 27.94 71.79
C THR E 213 -25.56 28.08 72.61
N GLN E 214 -24.44 28.34 71.94
CA GLN E 214 -23.21 28.69 72.65
C GLN E 214 -23.39 29.96 73.45
N LYS E 215 -24.02 30.97 72.84
CA LYS E 215 -24.29 32.21 73.55
C LYS E 215 -25.33 32.00 74.64
N SER E 216 -26.28 31.10 74.42
CA SER E 216 -27.38 30.93 75.36
C SER E 216 -26.95 30.28 76.67
N PHE E 217 -25.82 29.59 76.67
CA PHE E 217 -25.30 28.98 77.90
C PHE E 217 -23.84 29.32 78.09
N TYR E 218 -23.41 30.52 77.68
CA TYR E 218 -22.00 30.84 77.74
C TYR E 218 -21.51 31.09 79.16
N GLN E 219 -22.42 31.28 80.12
CA GLN E 219 -22.02 31.56 81.49
C GLN E 219 -22.68 30.61 82.48
N ASP E 220 -23.10 29.43 82.03
CA ASP E 220 -23.73 28.45 82.90
C ASP E 220 -22.85 27.22 83.02
N ASP E 221 -23.13 26.41 84.04
CA ASP E 221 -22.36 25.20 84.31
C ASP E 221 -23.12 23.92 84.06
N GLN E 222 -24.45 23.93 84.12
CA GLN E 222 -25.23 22.71 83.94
C GLN E 222 -25.31 22.26 82.49
N VAL E 223 -24.78 23.05 81.56
CA VAL E 223 -24.73 22.70 80.16
C VAL E 223 -23.27 22.68 79.74
N LEU E 224 -22.83 21.54 79.22
CA LEU E 224 -21.50 21.42 78.64
C LEU E 224 -21.66 21.39 77.13
N TYR E 225 -21.13 22.41 76.46
CA TYR E 225 -21.29 22.54 75.02
C TYR E 225 -20.01 22.16 74.31
N VAL E 226 -20.15 21.30 73.29
CA VAL E 226 -19.01 20.94 72.45
C VAL E 226 -19.47 20.99 71.00
N SER E 227 -18.77 21.76 70.17
CA SER E 227 -19.10 21.81 68.76
C SER E 227 -17.89 21.48 67.91
N LEU E 228 -18.18 21.09 66.67
CA LEU E 228 -17.14 20.84 65.67
C LEU E 228 -17.51 21.59 64.41
N HIS E 229 -16.59 22.41 63.90
CA HIS E 229 -16.85 23.18 62.69
C HIS E 229 -15.54 23.62 62.09
N ARG E 230 -15.60 24.05 60.83
CA ARG E 230 -14.44 24.68 60.21
C ARG E 230 -14.37 26.13 60.63
N PHE E 231 -13.17 26.65 60.82
CA PHE E 231 -13.09 28.03 61.30
C PHE E 231 -12.90 29.05 60.18
N GLU E 232 -11.71 29.06 59.57
CA GLU E 232 -11.34 29.93 58.44
C GLU E 232 -11.74 31.39 58.67
N MET E 233 -11.04 32.01 59.62
CA MET E 233 -11.48 33.12 60.49
C MET E 233 -12.44 34.13 59.88
N GLY E 234 -12.17 34.59 58.68
CA GLY E 234 -13.06 35.57 58.07
C GLY E 234 -14.02 35.01 57.04
N LYS E 235 -13.57 34.02 56.28
CA LYS E 235 -14.26 33.65 55.04
C LYS E 235 -15.52 32.82 55.29
N TYR E 236 -15.34 31.63 55.84
CA TYR E 236 -16.43 30.66 55.92
C TYR E 236 -17.46 31.08 56.96
N TYR E 237 -18.70 30.70 56.73
CA TYR E 237 -19.78 31.12 57.59
C TYR E 237 -19.66 30.46 58.96
N PRO E 238 -19.96 31.19 60.05
CA PRO E 238 -20.19 32.63 60.08
C PRO E 238 -18.90 33.42 60.23
N GLY E 239 -17.83 32.74 60.64
CA GLY E 239 -16.52 33.37 60.72
C GLY E 239 -16.42 34.48 61.73
N THR E 240 -16.89 34.25 62.94
CA THR E 240 -16.79 35.22 64.01
C THR E 240 -15.75 34.75 65.01
N ILE E 241 -15.48 35.59 66.00
CA ILE E 241 -14.48 35.23 67.00
C ILE E 241 -15.03 34.25 68.03
N GLN E 242 -16.34 34.07 68.09
CA GLN E 242 -16.94 33.17 69.07
C GLN E 242 -16.72 31.72 68.71
N GLY E 243 -16.40 31.42 67.45
CA GLY E 243 -16.08 30.07 67.05
C GLY E 243 -14.63 29.70 67.19
N GLN E 244 -13.80 30.59 67.73
CA GLN E 244 -12.39 30.29 67.86
C GLN E 244 -12.16 29.26 68.97
N TYR E 245 -11.03 28.57 68.86
CA TYR E 245 -10.75 27.43 69.72
C TYR E 245 -10.37 27.81 71.14
N ASP E 246 -10.13 29.08 71.42
CA ASP E 246 -9.74 29.50 72.75
C ASP E 246 -10.91 30.07 73.55
N GLN E 247 -12.09 30.15 72.96
CA GLN E 247 -13.28 30.62 73.69
C GLN E 247 -13.68 29.53 74.66
N THR E 248 -13.37 29.73 75.94
CA THR E 248 -13.54 28.66 76.91
C THR E 248 -14.60 29.02 77.95
N GLY E 249 -15.73 29.53 77.51
CA GLY E 249 -16.74 29.93 78.46
C GLY E 249 -16.37 31.25 79.09
N GLU E 250 -17.12 31.60 80.13
CA GLU E 250 -16.91 32.87 80.82
C GLU E 250 -17.57 32.81 82.18
N GLY E 251 -16.90 33.41 83.17
CA GLY E 251 -17.48 33.53 84.49
C GLY E 251 -17.51 32.18 85.18
N LYS E 252 -18.69 31.79 85.68
CA LYS E 252 -18.85 30.46 86.20
C LYS E 252 -19.10 29.43 85.10
N GLY E 253 -19.20 29.87 83.86
CA GLY E 253 -19.26 28.97 82.73
C GLY E 253 -17.90 28.65 82.16
N GLU E 254 -16.83 29.00 82.88
CA GLU E 254 -15.50 28.67 82.43
C GLU E 254 -15.25 27.18 82.60
N GLY E 255 -14.63 26.57 81.59
CA GLY E 255 -14.44 25.15 81.63
C GLY E 255 -15.71 24.37 81.36
N PHE E 256 -16.62 24.93 80.55
CA PHE E 256 -17.81 24.21 80.14
C PHE E 256 -18.11 24.45 78.67
N ASN E 257 -17.15 24.94 77.91
CA ASN E 257 -17.34 25.29 76.52
C ASN E 257 -16.17 24.76 75.72
N CYS E 258 -16.45 24.13 74.58
CA CYS E 258 -15.36 23.57 73.79
C CYS E 258 -15.68 23.68 72.30
N ASN E 259 -14.80 24.38 71.59
CA ASN E 259 -14.83 24.41 70.15
C ASN E 259 -13.81 23.44 69.60
N ILE E 260 -14.12 22.85 68.46
CA ILE E 260 -13.15 22.14 67.65
C ILE E 260 -13.24 22.73 66.25
N THR E 261 -12.10 23.12 65.71
CA THR E 261 -12.07 23.87 64.47
C THR E 261 -11.18 23.16 63.46
N TRP E 262 -11.72 22.87 62.33
CA TRP E 262 -10.90 22.32 61.27
C TRP E 262 -10.17 23.44 60.56
N PRO E 263 -8.86 23.35 60.40
CA PRO E 263 -8.14 24.39 59.68
C PRO E 263 -8.46 24.42 58.21
N VAL E 264 -8.51 23.27 57.56
CA VAL E 264 -8.74 23.20 56.13
C VAL E 264 -9.98 22.34 55.89
N GLY E 265 -10.77 22.70 54.89
CA GLY E 265 -11.82 21.82 54.44
C GLY E 265 -11.27 20.56 53.81
N GLY E 266 -12.02 19.47 53.96
CA GLY E 266 -11.65 18.21 53.35
C GLY E 266 -11.27 17.12 54.32
N VAL E 267 -11.79 17.18 55.54
CA VAL E 267 -11.50 16.13 56.52
C VAL E 267 -12.33 14.90 56.20
N GLY E 268 -11.96 13.77 56.80
CA GLY E 268 -12.66 12.53 56.58
C GLY E 268 -13.21 11.94 57.86
N ASP E 269 -13.28 10.61 57.92
CA ASP E 269 -13.88 9.95 59.07
C ASP E 269 -12.91 9.85 60.24
N ALA E 270 -11.66 9.51 59.95
CA ALA E 270 -10.74 9.19 61.02
C ALA E 270 -10.31 10.41 61.80
N GLU E 271 -10.45 11.60 61.21
CA GLU E 271 -10.37 12.82 62.00
C GLU E 271 -11.42 12.83 63.10
N TYR E 272 -12.65 12.44 62.76
CA TYR E 272 -13.71 12.45 63.75
C TYR E 272 -13.51 11.35 64.78
N MET E 273 -13.05 10.19 64.33
CA MET E 273 -12.75 9.08 65.24
C MET E 273 -11.63 9.46 66.20
N TRP E 274 -10.59 10.11 65.67
CA TRP E 274 -9.45 10.51 66.47
C TRP E 274 -9.86 11.59 67.46
N ALA E 275 -10.69 12.53 67.03
CA ALA E 275 -11.14 13.58 67.92
C ALA E 275 -12.02 13.03 69.03
N PHE E 276 -12.79 11.99 68.74
CA PHE E 276 -13.67 11.51 69.80
C PHE E 276 -12.93 10.61 70.77
N GLU E 277 -12.13 9.69 70.25
CA GLU E 277 -11.41 8.79 71.14
C GLU E 277 -10.30 9.49 71.89
N GLN E 278 -9.78 10.59 71.36
CA GLN E 278 -8.83 11.36 72.15
C GLN E 278 -9.54 12.16 73.23
N VAL E 279 -10.55 12.94 72.86
CA VAL E 279 -10.95 14.10 73.62
C VAL E 279 -12.29 13.92 74.31
N VAL E 280 -13.35 13.66 73.54
CA VAL E 280 -14.68 13.89 74.10
C VAL E 280 -15.14 12.80 75.05
N MET E 281 -14.55 11.61 74.98
CA MET E 281 -14.95 10.58 75.92
C MET E 281 -14.38 10.81 77.32
N PRO E 282 -13.10 11.15 77.52
CA PRO E 282 -12.68 11.48 78.90
C PRO E 282 -13.36 12.72 79.43
N MET E 283 -13.61 13.73 78.60
CA MET E 283 -14.27 14.92 79.11
C MET E 283 -15.73 14.63 79.43
N GLY E 284 -16.39 13.80 78.63
CA GLY E 284 -17.77 13.46 78.92
C GLY E 284 -17.90 12.61 80.16
N ARG E 285 -16.96 11.70 80.38
CA ARG E 285 -16.99 10.94 81.60
C ARG E 285 -16.61 11.78 82.80
N GLU E 286 -15.74 12.78 82.60
CA GLU E 286 -15.36 13.64 83.71
C GLU E 286 -16.49 14.58 84.08
N PHE E 287 -17.30 14.97 83.10
CA PHE E 287 -18.41 15.87 83.38
C PHE E 287 -19.50 15.17 84.16
N LYS E 288 -19.63 13.85 83.97
CA LYS E 288 -20.66 12.98 84.54
C LYS E 288 -22.05 13.54 84.30
N PRO E 289 -22.53 13.55 83.05
CA PRO E 289 -23.81 14.18 82.76
C PRO E 289 -24.98 13.28 83.18
N ASP E 290 -26.16 13.86 83.12
CA ASP E 290 -27.39 13.08 83.25
C ASP E 290 -28.12 12.91 81.94
N LEU E 291 -27.82 13.73 80.94
CA LEU E 291 -28.48 13.63 79.64
C LEU E 291 -27.59 14.25 78.59
N VAL E 292 -27.42 13.54 77.48
CA VAL E 292 -26.71 14.07 76.33
C VAL E 292 -27.74 14.37 75.25
N ILE E 293 -27.47 15.43 74.49
CA ILE E 293 -28.31 15.89 73.40
C ILE E 293 -27.41 16.12 72.19
N ILE E 294 -27.92 15.75 71.02
CA ILE E 294 -27.20 15.91 69.77
C ILE E 294 -27.94 16.92 68.92
N SER E 295 -27.22 17.95 68.46
CA SER E 295 -27.68 18.78 67.37
C SER E 295 -26.95 18.26 66.14
N SER E 296 -27.63 17.43 65.36
CA SER E 296 -27.00 16.80 64.23
C SER E 296 -27.15 17.64 62.98
N GLY E 297 -26.10 17.64 62.17
CA GLY E 297 -26.18 18.19 60.83
C GLY E 297 -25.32 17.38 59.91
N PHE E 298 -25.91 16.83 58.87
CA PHE E 298 -25.21 15.92 57.97
C PHE E 298 -24.55 16.63 56.81
N ASP E 299 -24.37 17.95 56.92
CA ASP E 299 -23.77 18.73 55.86
C ASP E 299 -22.31 18.37 55.63
N ALA E 300 -21.66 17.75 56.60
CA ALA E 300 -20.28 17.34 56.47
C ALA E 300 -20.13 15.94 55.90
N ALA E 301 -21.20 15.35 55.42
CA ALA E 301 -21.09 14.01 54.87
C ALA E 301 -20.44 14.04 53.49
N ASP E 302 -20.12 12.87 52.98
CA ASP E 302 -19.58 12.77 51.64
C ASP E 302 -20.67 13.05 50.62
N GLY E 303 -20.25 13.53 49.45
CA GLY E 303 -21.19 13.86 48.40
C GLY E 303 -21.94 15.15 48.64
N ASP E 304 -21.32 16.11 49.29
CA ASP E 304 -21.95 17.39 49.58
C ASP E 304 -21.07 18.52 49.08
N THR E 305 -21.65 19.43 48.31
CA THR E 305 -20.89 20.52 47.70
C THR E 305 -20.98 21.80 48.50
N ILE E 306 -21.13 21.71 49.82
CA ILE E 306 -21.03 22.87 50.71
C ILE E 306 -19.81 22.75 51.61
N GLY E 307 -19.75 21.69 52.40
CA GLY E 307 -18.63 21.52 53.32
C GLY E 307 -17.46 20.80 52.69
N GLN E 308 -17.78 19.87 51.77
CA GLN E 308 -16.81 19.06 51.04
C GLN E 308 -15.93 18.25 51.98
N CYS E 309 -16.55 17.36 52.73
CA CYS E 309 -15.84 16.39 53.55
C CYS E 309 -16.26 14.98 53.14
N HIS E 310 -15.77 13.99 53.85
CA HIS E 310 -15.89 12.60 53.40
C HIS E 310 -16.30 11.70 54.55
N VAL E 311 -17.38 12.06 55.24
CA VAL E 311 -17.88 11.26 56.36
C VAL E 311 -18.86 10.25 55.80
N THR E 312 -18.43 9.00 55.70
CA THR E 312 -19.33 7.91 55.38
C THR E 312 -20.29 7.69 56.55
N PRO E 313 -21.49 7.14 56.31
CA PRO E 313 -22.46 6.99 57.40
C PRO E 313 -22.04 6.00 58.47
N SER E 314 -21.10 5.10 58.17
CA SER E 314 -20.54 4.23 59.19
C SER E 314 -19.83 5.02 60.28
N CYS E 315 -19.19 6.13 59.90
CA CYS E 315 -18.58 7.00 60.88
C CYS E 315 -19.63 7.58 61.81
N TYR E 316 -20.79 7.96 61.26
CA TYR E 316 -21.90 8.43 62.07
C TYR E 316 -22.37 7.34 63.02
N GLY E 317 -22.35 6.10 62.56
CA GLY E 317 -22.74 5.00 63.42
C GLY E 317 -21.81 4.83 64.61
N HIS E 318 -20.50 4.90 64.36
CA HIS E 318 -19.54 4.78 65.46
C HIS E 318 -19.67 5.94 66.42
N MET E 319 -19.95 7.13 65.87
CA MET E 319 -20.24 8.32 66.66
C MET E 319 -21.36 8.06 67.65
N THR E 320 -22.53 7.72 67.12
CA THR E 320 -23.67 7.59 68.01
C THR E 320 -23.60 6.37 68.88
N HIS E 321 -22.80 5.37 68.51
CA HIS E 321 -22.60 4.23 69.41
C HIS E 321 -21.82 4.65 70.64
N MET E 322 -20.72 5.38 70.44
CA MET E 322 -19.96 5.85 71.59
C MET E 322 -20.76 6.86 72.41
N LEU E 323 -21.59 7.65 71.75
CA LEU E 323 -22.39 8.61 72.50
C LEU E 323 -23.51 7.92 73.27
N LYS E 324 -24.01 6.81 72.76
CA LYS E 324 -24.92 5.99 73.54
C LYS E 324 -24.21 5.39 74.74
N SER E 325 -22.95 5.01 74.56
CA SER E 325 -22.15 4.50 75.66
C SER E 325 -21.88 5.55 76.72
N LEU E 326 -21.91 6.83 76.35
CA LEU E 326 -21.53 7.89 77.27
C LEU E 326 -22.53 8.01 78.41
N ALA E 327 -23.78 8.34 78.10
CA ALA E 327 -24.76 8.47 79.16
C ALA E 327 -25.24 7.09 79.60
N ARG E 328 -26.15 7.07 80.57
CA ARG E 328 -26.70 5.81 81.01
C ARG E 328 -27.70 5.21 80.03
N GLY E 329 -28.10 5.96 79.02
CA GLY E 329 -28.99 5.42 78.02
C GLY E 329 -29.99 6.43 77.51
N ASN E 330 -30.17 7.50 78.27
CA ASN E 330 -31.09 8.55 77.86
C ASN E 330 -30.45 9.40 76.76
N LEU E 331 -31.21 9.67 75.70
CA LEU E 331 -30.65 10.30 74.52
C LEU E 331 -31.75 10.84 73.61
N CYS E 332 -31.50 12.01 73.02
CA CYS E 332 -32.39 12.59 72.03
C CYS E 332 -31.57 13.21 70.92
N VAL E 333 -32.02 13.00 69.68
CA VAL E 333 -31.30 13.50 68.50
C VAL E 333 -32.26 14.34 67.66
N VAL E 334 -31.88 15.58 67.41
CA VAL E 334 -32.56 16.46 66.47
C VAL E 334 -31.63 16.74 65.30
N LEU E 335 -32.17 17.38 64.27
CA LEU E 335 -31.46 17.60 63.01
C LEU E 335 -31.39 19.09 62.71
N GLU E 336 -30.20 19.55 62.31
CA GLU E 336 -29.99 20.94 61.93
C GLU E 336 -29.65 21.13 60.45
N GLY E 337 -28.57 20.50 59.97
CA GLY E 337 -28.05 20.81 58.66
C GLY E 337 -28.56 19.89 57.56
N GLY E 338 -27.95 20.01 56.39
CA GLY E 338 -28.26 19.12 55.29
C GLY E 338 -28.49 19.81 53.96
N TYR E 339 -27.80 19.36 52.93
CA TYR E 339 -27.98 19.91 51.59
C TYR E 339 -28.24 18.87 50.52
N ASN E 340 -27.57 17.73 50.59
CA ASN E 340 -27.75 16.68 49.60
C ASN E 340 -28.59 15.57 50.21
N LEU E 341 -29.64 15.16 49.50
CA LEU E 341 -30.67 14.33 50.12
C LEU E 341 -30.23 12.88 50.30
N ASP E 342 -29.41 12.36 49.39
CA ASP E 342 -29.04 10.94 49.48
C ASP E 342 -28.12 10.70 50.65
N ALA E 343 -27.23 11.66 50.92
CA ALA E 343 -26.30 11.52 52.04
C ALA E 343 -27.04 11.60 53.37
N ILE E 344 -27.98 12.53 53.48
CA ILE E 344 -28.71 12.64 54.74
C ILE E 344 -29.68 11.48 54.89
N ALA E 345 -30.11 10.88 53.78
CA ALA E 345 -30.93 9.67 53.87
C ALA E 345 -30.12 8.50 54.42
N ARG E 346 -28.94 8.27 53.87
CA ARG E 346 -28.11 7.16 54.33
C ARG E 346 -27.62 7.39 55.76
N SER E 347 -27.32 8.64 56.10
CA SER E 347 -26.92 8.98 57.45
C SER E 347 -28.04 8.73 58.45
N ALA E 348 -29.25 9.16 58.10
CA ALA E 348 -30.39 8.93 58.97
C ALA E 348 -30.68 7.45 59.13
N LEU E 349 -30.46 6.68 58.06
CA LEU E 349 -30.62 5.23 58.13
C LEU E 349 -29.66 4.62 59.13
N SER E 350 -28.39 5.02 59.07
CA SER E 350 -27.41 4.42 59.97
C SER E 350 -27.63 4.84 61.41
N VAL E 351 -28.01 6.10 61.63
CA VAL E 351 -28.21 6.53 63.01
C VAL E 351 -29.47 5.92 63.59
N ALA E 352 -30.47 5.64 62.75
CA ALA E 352 -31.65 4.97 63.25
C ALA E 352 -31.36 3.51 63.58
N LYS E 353 -30.51 2.88 62.75
CA LYS E 353 -30.11 1.51 63.01
C LYS E 353 -29.38 1.39 64.34
N VAL E 354 -28.51 2.35 64.64
CA VAL E 354 -27.80 2.25 65.91
C VAL E 354 -28.72 2.63 67.07
N LEU E 355 -29.60 3.61 66.87
CA LEU E 355 -30.46 4.05 67.94
C LEU E 355 -31.53 3.03 68.28
N ILE E 356 -31.82 2.10 67.38
CA ILE E 356 -32.62 0.96 67.81
C ILE E 356 -31.76 0.03 68.68
N GLY E 357 -30.50 -0.15 68.31
CA GLY E 357 -29.64 -0.98 69.13
C GLY E 357 -28.65 -1.82 68.37
N GLU E 358 -28.66 -1.72 67.05
CA GLU E 358 -27.80 -2.54 66.23
C GLU E 358 -26.37 -2.03 66.29
N PRO E 359 -25.38 -2.93 66.20
CA PRO E 359 -23.99 -2.50 66.22
C PRO E 359 -23.65 -1.77 64.93
N PRO E 360 -22.79 -0.76 65.00
CA PRO E 360 -22.41 -0.04 63.79
C PRO E 360 -21.52 -0.90 62.92
N ASP E 361 -21.63 -0.68 61.62
CA ASP E 361 -20.85 -1.48 60.68
C ASP E 361 -19.41 -1.00 60.66
N GLU E 362 -18.59 -1.66 59.86
CA GLU E 362 -17.18 -1.35 59.86
C GLU E 362 -16.91 -0.10 59.04
N LEU E 363 -15.73 0.46 59.23
CA LEU E 363 -15.30 1.58 58.43
C LEU E 363 -15.00 1.12 57.01
N PRO E 364 -15.27 1.96 56.02
CA PRO E 364 -14.90 1.59 54.65
C PRO E 364 -13.41 1.56 54.44
N ASP E 365 -12.66 2.28 55.26
CA ASP E 365 -11.22 2.18 55.30
C ASP E 365 -10.72 2.61 56.66
N PRO E 366 -9.89 1.82 57.29
CA PRO E 366 -9.29 2.25 58.56
C PRO E 366 -7.89 2.83 58.39
N LEU E 367 -7.31 2.70 57.21
CA LEU E 367 -5.95 3.16 56.95
C LEU E 367 -6.04 4.50 56.24
N SER E 368 -6.08 5.56 57.00
CA SER E 368 -6.18 6.86 56.37
C SER E 368 -5.11 7.83 56.85
N ASP E 369 -4.75 7.77 58.14
CA ASP E 369 -3.71 8.57 58.79
C ASP E 369 -3.96 10.06 58.58
N PRO E 370 -4.88 10.65 59.34
CA PRO E 370 -5.47 11.95 59.00
C PRO E 370 -4.49 13.10 58.91
N LYS E 371 -5.03 14.24 58.49
CA LYS E 371 -4.20 15.36 58.06
C LYS E 371 -3.57 16.07 59.27
N PRO E 372 -2.30 16.47 59.17
CA PRO E 372 -1.56 16.90 60.35
C PRO E 372 -2.03 18.19 60.96
N GLU E 373 -2.77 19.00 60.22
CA GLU E 373 -3.36 20.21 60.77
C GLU E 373 -4.35 19.88 61.88
N VAL E 374 -5.04 18.75 61.75
CA VAL E 374 -5.95 18.32 62.81
C VAL E 374 -5.18 17.89 64.04
N ILE E 375 -3.98 17.32 63.85
CA ILE E 375 -3.16 16.89 64.97
C ILE E 375 -2.65 18.08 65.75
N GLU E 376 -2.14 19.08 65.05
CA GLU E 376 -1.67 20.28 65.72
C GLU E 376 -2.82 21.06 66.31
N MET E 377 -3.99 21.00 65.67
CA MET E 377 -5.19 21.59 66.22
C MET E 377 -5.57 20.94 67.54
N ILE E 378 -5.45 19.62 67.62
CA ILE E 378 -5.91 18.97 68.82
C ILE E 378 -4.88 19.12 69.94
N ASP E 379 -3.61 19.31 69.59
CA ASP E 379 -2.62 19.69 70.60
C ASP E 379 -2.94 21.05 71.18
N LYS E 380 -3.24 22.02 70.31
CA LYS E 380 -3.56 23.36 70.78
C LYS E 380 -4.86 23.39 71.55
N VAL E 381 -5.76 22.45 71.29
CA VAL E 381 -6.95 22.31 72.12
C VAL E 381 -6.58 21.78 73.49
N ILE E 382 -5.80 20.70 73.51
CA ILE E 382 -5.55 19.98 74.75
C ILE E 382 -4.68 20.77 75.71
N ARG E 383 -3.95 21.78 75.22
CA ARG E 383 -3.24 22.69 76.12
C ARG E 383 -4.21 23.43 77.03
N LEU E 384 -5.16 24.16 76.45
CA LEU E 384 -6.10 24.93 77.24
C LEU E 384 -7.06 24.03 78.01
N GLN E 385 -7.35 22.86 77.45
CA GLN E 385 -8.23 21.95 78.18
C GLN E 385 -7.52 21.34 79.38
N SER E 386 -6.20 21.13 79.26
CA SER E 386 -5.43 20.69 80.41
C SER E 386 -5.29 21.78 81.45
N LYS E 387 -5.39 23.04 81.03
CA LYS E 387 -5.54 24.09 82.03
C LYS E 387 -6.85 23.91 82.80
N TYR E 388 -7.97 23.79 82.08
CA TYR E 388 -9.22 23.77 82.81
C TYR E 388 -9.59 22.39 83.33
N TRP E 389 -9.61 21.38 82.46
CA TRP E 389 -9.96 20.07 82.95
C TRP E 389 -8.77 19.42 83.64
N ASN E 390 -8.98 18.23 84.19
CA ASN E 390 -7.98 17.55 84.99
C ASN E 390 -7.52 16.23 84.42
N CYS E 391 -8.39 15.50 83.74
CA CYS E 391 -8.03 14.19 83.23
C CYS E 391 -7.01 14.26 82.11
N PHE E 392 -6.93 15.39 81.42
CA PHE E 392 -5.91 15.55 80.40
C PHE E 392 -4.54 15.81 80.99
N ARG E 393 -4.48 16.27 82.24
CA ARG E 393 -3.20 16.50 82.89
C ARG E 393 -2.52 15.17 83.17
N ARG E 394 -1.20 15.15 83.00
CA ARG E 394 -0.27 14.07 83.30
C ARG E 394 -0.45 12.85 82.38
N ARG E 395 -1.46 12.83 81.52
CA ARG E 395 -1.54 11.82 80.49
C ARG E 395 -0.90 12.30 79.21
N HIS E 396 -1.14 13.55 78.86
CA HIS E 396 -0.38 14.22 77.84
C HIS E 396 0.74 15.05 78.43
N ALA E 397 0.89 14.99 79.76
CA ALA E 397 2.03 15.57 80.50
C ALA E 397 2.13 17.08 80.32
N ASN E 398 0.98 17.76 80.35
CA ASN E 398 1.01 19.20 80.30
C ASN E 398 1.48 19.79 81.62
N SER E 399 1.21 19.10 82.73
CA SER E 399 1.74 19.40 84.06
C SER E 399 1.33 20.79 84.53
N GLY E 400 0.03 20.97 84.71
CA GLY E 400 -0.50 22.23 85.19
C GLY E 400 -0.61 23.29 84.12
N CYS E 401 -0.26 24.53 84.44
CA CYS E 401 -0.34 25.61 83.47
C CYS E 401 0.79 25.50 82.44
N ASN E 402 2.04 25.62 82.91
CA ASN E 402 3.26 25.33 82.15
C ASN E 402 3.39 26.15 80.87
N PHE E 403 2.82 27.34 80.84
CA PHE E 403 2.91 28.21 79.67
C PHE E 403 4.27 28.89 79.70
N ASN E 404 5.16 28.45 78.82
CA ASN E 404 6.60 28.64 78.99
C ASN E 404 7.06 29.95 78.35
N GLU E 405 7.41 30.92 79.19
CA GLU E 405 8.08 32.17 78.81
C GLU E 405 9.56 31.97 78.45
N PRO E 406 10.33 31.01 79.08
CA PRO E 406 11.66 30.67 78.51
C PRO E 406 11.63 30.02 77.12
N LEU E 407 12.79 29.49 76.73
CA LEU E 407 13.41 29.45 75.39
C LEU E 407 13.98 30.83 75.09
N ASN E 408 14.51 31.46 76.13
CA ASN E 408 15.28 32.69 75.97
C ASN E 408 16.60 32.38 75.27
N ASP E 409 17.08 33.34 74.49
CA ASP E 409 18.32 33.23 73.72
C ASP E 409 19.25 34.37 74.13
N SER E 410 20.02 34.15 75.19
CA SER E 410 21.01 35.14 75.61
C SER E 410 22.39 34.51 75.84
N ILE E 411 22.42 33.25 76.23
CA ILE E 411 23.67 32.53 76.45
C ILE E 411 24.03 31.71 75.21
N ILE E 412 23.53 32.12 74.04
CA ILE E 412 23.75 31.42 72.79
C ILE E 412 25.20 31.39 72.34
N SER E 413 26.04 32.28 72.89
CA SER E 413 27.48 32.18 72.64
C SER E 413 28.07 30.91 73.23
N LYS E 414 27.55 30.45 74.35
CA LYS E 414 27.97 29.19 74.96
C LYS E 414 27.00 28.10 74.53
N ASN E 415 27.44 27.23 73.64
CA ASN E 415 26.56 26.21 73.09
C ASN E 415 27.38 25.02 72.65
N PHE E 416 26.76 23.86 72.66
CA PHE E 416 27.39 22.68 72.11
C PHE E 416 27.39 22.79 70.59
N PRO E 417 28.48 22.39 69.93
CA PRO E 417 28.56 22.53 68.47
C PRO E 417 27.57 21.65 67.72
N LEU E 418 27.58 20.35 68.04
CA LEU E 418 26.53 19.37 67.72
C LEU E 418 26.47 18.99 66.25
N GLN E 419 27.14 19.72 65.38
CA GLN E 419 27.16 19.40 63.97
C GLN E 419 28.49 18.81 63.54
N LYS E 420 29.58 19.37 64.07
CA LYS E 420 30.87 18.74 63.96
C LYS E 420 30.88 17.38 64.64
N ALA E 421 30.06 17.23 65.69
CA ALA E 421 29.92 15.93 66.36
C ALA E 421 29.31 14.89 65.43
N ILE E 422 28.18 15.23 64.82
CA ILE E 422 27.47 14.29 63.96
C ILE E 422 28.30 13.97 62.72
N ARG E 423 28.84 15.01 62.09
CA ARG E 423 29.66 14.80 60.92
C ARG E 423 30.96 14.09 61.25
N GLN E 424 31.48 14.27 62.47
CA GLN E 424 32.72 13.63 62.86
C GLN E 424 32.52 12.15 63.11
N GLN E 425 31.43 11.80 63.81
CA GLN E 425 31.07 10.39 63.97
C GLN E 425 30.80 9.74 62.62
N GLN E 426 30.11 10.47 61.74
CA GLN E 426 29.80 9.96 60.41
C GLN E 426 31.06 9.69 59.62
N GLN E 427 32.00 10.64 59.67
CA GLN E 427 33.30 10.46 59.03
C GLN E 427 34.06 9.31 59.65
N HIS E 428 33.92 9.13 60.97
CA HIS E 428 34.58 8.05 61.69
C HIS E 428 34.14 6.69 61.16
N TYR E 429 32.84 6.40 61.23
CA TYR E 429 32.43 5.08 60.75
C TYR E 429 32.44 4.96 59.23
N LEU E 430 32.47 6.07 58.49
CA LEU E 430 32.58 5.91 57.05
C LEU E 430 34.00 5.57 56.64
N SER E 431 34.98 6.25 57.23
CA SER E 431 36.37 5.92 56.96
C SER E 431 36.78 4.62 57.60
N ASP E 432 36.08 4.16 58.65
CA ASP E 432 36.50 2.95 59.34
C ASP E 432 36.35 1.71 58.48
N GLU E 433 35.33 1.67 57.63
CA GLU E 433 35.12 0.52 56.76
C GLU E 433 35.20 0.85 55.29
N PHE E 434 35.25 2.12 54.92
CA PHE E 434 35.31 2.50 53.53
C PHE E 434 36.59 3.23 53.16
N ASN E 435 37.30 3.78 54.14
CA ASN E 435 38.59 4.44 53.97
C ASN E 435 38.52 5.59 52.98
N PHE E 436 37.50 6.44 53.16
CA PHE E 436 37.30 7.55 52.25
C PHE E 436 38.35 8.62 52.47
N VAL E 437 38.78 9.25 51.39
CA VAL E 437 39.78 10.30 51.47
C VAL E 437 39.08 11.61 51.84
N THR E 438 39.60 12.29 52.84
CA THR E 438 39.11 13.63 53.14
C THR E 438 39.87 14.58 52.22
N LEU E 439 39.27 14.85 51.07
CA LEU E 439 39.90 15.73 50.10
C LEU E 439 39.88 17.15 50.63
N PRO E 440 40.98 17.88 50.56
CA PRO E 440 41.01 19.24 51.10
C PRO E 440 40.46 20.25 50.10
N LEU E 441 40.33 21.47 50.59
CA LEU E 441 39.83 22.58 49.77
C LEU E 441 40.44 23.85 50.33
N VAL E 442 41.30 24.49 49.54
CA VAL E 442 41.94 25.71 50.01
C VAL E 442 41.04 26.89 49.71
N SER E 443 41.40 28.05 50.27
CA SER E 443 40.83 29.37 50.01
C SER E 443 39.38 29.51 50.46
N MET E 444 38.88 28.61 51.30
CA MET E 444 37.59 28.80 51.95
C MET E 444 37.68 28.35 53.39
N ASP E 445 36.85 29.00 54.22
CA ASP E 445 36.86 28.79 55.67
C ASP E 445 35.80 27.76 56.02
N LEU E 446 36.13 26.50 55.78
CA LEU E 446 35.24 25.37 55.98
C LEU E 446 35.93 24.34 56.87
N PRO E 447 35.16 23.50 57.56
CA PRO E 447 35.77 22.38 58.27
C PRO E 447 36.39 21.36 57.33
N ASP E 448 37.23 20.51 57.90
CA ASP E 448 38.09 19.64 57.10
C ASP E 448 37.28 18.55 56.41
N ASN E 449 36.45 17.83 57.16
CA ASN E 449 35.69 16.73 56.58
C ASN E 449 34.40 17.21 55.94
N THR E 450 34.50 18.22 55.07
CA THR E 450 33.32 18.73 54.38
C THR E 450 33.03 17.93 53.12
N VAL E 451 34.08 17.51 52.43
CA VAL E 451 33.96 16.62 51.29
C VAL E 451 34.80 15.36 51.56
N LEU E 452 34.21 14.20 51.29
CA LEU E 452 34.86 12.92 51.47
C LEU E 452 34.86 12.18 50.14
N CYS E 453 35.99 11.55 49.83
CA CYS E 453 36.31 11.13 48.49
C CYS E 453 36.68 9.67 48.46
N THR E 454 36.23 8.98 47.42
CA THR E 454 36.55 7.57 47.25
C THR E 454 38.03 7.42 46.91
N PRO E 455 38.75 6.53 47.59
CA PRO E 455 40.15 6.27 47.21
C PRO E 455 40.27 5.72 45.81
N ASN E 456 41.35 6.12 45.14
CA ASN E 456 41.55 5.99 43.69
C ASN E 456 40.36 6.56 42.91
N ILE E 457 40.18 7.87 43.06
CA ILE E 457 39.11 8.53 42.33
C ILE E 457 39.55 8.95 40.93
N SER E 458 40.85 9.02 40.66
CA SER E 458 41.33 9.46 39.36
C SER E 458 41.10 8.41 38.28
N GLU E 459 41.16 7.13 38.65
CA GLU E 459 40.93 6.07 37.69
C GLU E 459 39.45 5.74 37.53
N SER E 460 38.60 6.20 38.45
CA SER E 460 37.20 5.81 38.44
C SER E 460 36.46 6.49 37.29
N ASN E 461 35.68 5.71 36.55
CA ASN E 461 34.98 6.24 35.40
C ASN E 461 33.66 6.90 35.80
N THR E 462 32.73 6.13 36.36
CA THR E 462 31.40 6.62 36.69
C THR E 462 31.40 7.10 38.14
N ILE E 463 31.32 8.41 38.33
CA ILE E 463 31.36 9.02 39.65
C ILE E 463 30.02 9.67 39.92
N ILE E 464 29.46 9.38 41.09
CA ILE E 464 28.20 9.93 41.55
C ILE E 464 28.50 10.79 42.76
N ILE E 465 27.77 11.88 42.88
CA ILE E 465 27.95 12.86 43.93
C ILE E 465 26.72 12.82 44.82
N VAL E 466 26.92 12.74 46.12
CA VAL E 466 25.85 12.88 47.09
C VAL E 466 26.08 14.14 47.90
N VAL E 467 25.04 14.97 47.98
CA VAL E 467 25.08 16.23 48.71
C VAL E 467 24.05 16.13 49.83
N HIS E 468 24.44 16.48 51.04
CA HIS E 468 23.51 16.33 52.14
C HIS E 468 23.86 17.31 53.24
N ASP E 469 22.85 17.65 54.02
CA ASP E 469 23.05 18.36 55.26
C ASP E 469 23.33 17.34 56.37
N THR E 470 23.39 17.81 57.60
CA THR E 470 23.52 16.91 58.74
C THR E 470 22.22 16.14 58.91
N SER E 471 22.35 14.84 59.17
CA SER E 471 21.21 13.93 59.15
C SER E 471 20.26 14.20 60.30
N ASP E 472 19.06 13.65 60.19
CA ASP E 472 18.00 14.04 61.09
C ASP E 472 18.14 13.39 62.46
N ILE E 473 17.49 14.01 63.44
CA ILE E 473 17.55 13.64 64.84
C ILE E 473 16.14 13.30 65.30
N TRP E 474 15.93 12.07 65.74
CA TRP E 474 14.67 11.67 66.35
C TRP E 474 14.88 11.54 67.84
N ALA E 475 14.06 12.23 68.62
CA ALA E 475 14.18 12.23 70.06
C ALA E 475 12.92 11.65 70.71
N LYS E 476 12.99 11.49 72.02
CA LYS E 476 11.91 10.94 72.81
C LYS E 476 11.55 11.89 73.95
N ARG E 477 10.29 12.29 74.02
CA ARG E 477 9.78 13.02 75.15
C ARG E 477 9.57 12.05 76.31
N ASN E 478 10.00 12.43 77.51
CA ASN E 478 9.66 11.59 78.66
C ASN E 478 8.18 11.77 78.96
N VAL E 479 7.50 10.65 79.18
CA VAL E 479 6.05 10.68 79.12
C VAL E 479 5.42 11.16 80.41
N ILE E 480 6.18 11.18 81.50
CA ILE E 480 5.59 11.55 82.77
C ILE E 480 5.34 13.05 82.85
N SER E 481 6.30 13.85 82.42
CA SER E 481 6.18 15.30 82.51
C SER E 481 7.12 15.95 81.51
N GLY E 482 6.57 16.69 80.56
CA GLY E 482 7.36 17.75 79.97
C GLY E 482 8.40 17.38 78.93
N THR E 483 9.64 17.32 79.37
CA THR E 483 10.82 17.63 78.56
C THR E 483 11.19 16.51 77.59
N ILE E 484 12.36 16.65 76.99
CA ILE E 484 12.91 15.72 76.03
C ILE E 484 14.15 15.07 76.61
N ASP E 485 14.25 13.75 76.48
CA ASP E 485 15.50 13.07 76.79
C ASP E 485 16.40 13.16 75.58
N LEU E 486 17.58 13.73 75.74
CA LEU E 486 18.49 13.79 74.61
C LEU E 486 19.31 12.51 74.47
N SER E 487 19.52 11.80 75.57
CA SER E 487 20.37 10.62 75.51
C SER E 487 19.69 9.48 74.79
N SER E 488 18.36 9.46 74.78
CA SER E 488 17.59 8.41 74.12
C SER E 488 17.16 8.83 72.72
N SER E 489 18.01 9.56 72.03
CA SER E 489 17.71 10.02 70.68
C SER E 489 18.61 9.31 69.69
N VAL E 490 18.24 9.42 68.42
CA VAL E 490 18.85 8.61 67.37
C VAL E 490 19.12 9.48 66.14
N ILE E 491 20.31 9.29 65.56
CA ILE E 491 20.65 9.86 64.27
C ILE E 491 20.11 8.96 63.19
N ILE E 492 19.44 9.54 62.20
CA ILE E 492 18.89 8.78 61.09
C ILE E 492 19.72 9.12 59.87
N ASP E 493 20.68 8.26 59.55
CA ASP E 493 21.43 8.41 58.31
C ASP E 493 20.49 8.19 57.12
N ASN E 494 20.73 8.95 56.06
CA ASN E 494 19.84 8.96 54.93
C ASN E 494 20.52 8.63 53.62
N SER E 495 21.79 8.97 53.48
CA SER E 495 22.49 8.75 52.22
C SER E 495 23.10 7.38 52.10
N LEU E 496 23.31 6.69 53.23
CA LEU E 496 24.24 5.57 53.29
C LEU E 496 23.81 4.40 52.43
N ASP E 497 22.50 4.22 52.22
CA ASP E 497 22.02 3.19 51.32
C ASP E 497 22.41 3.48 49.88
N PHE E 498 22.30 4.74 49.46
CA PHE E 498 22.75 5.15 48.14
C PHE E 498 24.25 4.96 48.01
N ILE E 499 24.99 5.30 49.08
CA ILE E 499 26.44 5.19 49.08
C ILE E 499 26.86 3.73 48.96
N LYS E 500 26.19 2.85 49.69
CA LYS E 500 26.53 1.44 49.65
C LYS E 500 26.17 0.83 48.31
N TRP E 501 25.02 1.22 47.76
CA TRP E 501 24.62 0.71 46.45
C TRP E 501 25.55 1.21 45.36
N GLY E 502 26.11 2.40 45.52
CA GLY E 502 27.12 2.86 44.59
C GLY E 502 28.45 2.14 44.78
N LEU E 503 28.78 1.82 46.02
CA LEU E 503 30.08 1.23 46.31
C LEU E 503 30.14 -0.23 45.85
N ASP E 504 29.04 -0.96 45.97
CA ASP E 504 29.09 -2.36 45.60
C ASP E 504 29.03 -2.59 44.10
N ARG E 505 28.87 -1.54 43.31
CA ARG E 505 28.94 -1.66 41.86
C ARG E 505 30.17 -0.98 41.29
N LYS E 506 31.11 -0.60 42.16
CA LYS E 506 32.40 -0.02 41.79
C LYS E 506 32.25 1.28 40.99
N TYR E 507 31.56 2.23 41.60
CA TYR E 507 31.43 3.56 41.05
C TYR E 507 32.24 4.53 41.89
N GLY E 508 32.65 5.64 41.28
CA GLY E 508 33.25 6.72 42.06
C GLY E 508 32.18 7.35 42.92
N ILE E 509 32.49 7.56 44.20
CA ILE E 509 31.50 8.06 45.14
C ILE E 509 32.11 9.25 45.86
N ILE E 510 31.51 10.43 45.70
CA ILE E 510 31.97 11.62 46.42
C ILE E 510 30.82 12.17 47.24
N ASP E 511 31.11 12.53 48.49
CA ASP E 511 30.11 13.05 49.42
C ASP E 511 30.49 14.46 49.82
N VAL E 512 29.48 15.34 49.91
CA VAL E 512 29.65 16.65 50.51
C VAL E 512 28.55 16.88 51.55
N ASN E 513 28.94 17.54 52.63
CA ASN E 513 28.02 17.94 53.69
C ASN E 513 27.98 19.45 53.79
N ILE E 514 26.78 19.96 54.03
CA ILE E 514 26.60 21.39 54.20
C ILE E 514 25.86 21.60 55.52
N PRO E 515 26.53 22.15 56.53
CA PRO E 515 25.86 22.44 57.79
C PRO E 515 24.83 23.54 57.63
N LEU E 516 23.92 23.59 58.58
CA LEU E 516 22.90 24.62 58.58
C LEU E 516 23.31 25.73 59.54
N THR E 517 23.00 26.96 59.16
CA THR E 517 23.32 28.10 60.00
C THR E 517 22.24 28.32 61.04
N LEU E 518 22.66 28.79 62.20
CA LEU E 518 21.79 28.85 63.37
C LEU E 518 20.86 30.05 63.29
N PHE E 519 19.67 29.87 63.86
CA PHE E 519 18.67 30.94 64.05
C PHE E 519 18.25 31.58 62.73
N GLU E 520 18.14 30.77 61.69
CA GLU E 520 17.73 31.24 60.39
C GLU E 520 16.50 30.45 59.94
N PRO E 521 15.45 31.12 59.48
CA PRO E 521 14.27 30.38 59.01
C PRO E 521 14.56 29.57 57.76
N ASP E 522 15.26 30.15 56.80
CA ASP E 522 15.80 29.40 55.68
C ASP E 522 17.32 29.44 55.75
N ASN E 523 17.96 28.42 55.20
CA ASN E 523 19.42 28.37 55.24
C ASN E 523 20.01 29.04 54.00
N TYR E 524 19.70 30.33 53.89
CA TYR E 524 20.05 31.13 52.73
C TYR E 524 21.56 31.26 52.58
N SER E 525 22.24 31.63 53.66
CA SER E 525 23.70 31.67 53.66
C SER E 525 24.29 30.28 53.46
N GLY E 526 23.60 29.24 53.92
CA GLY E 526 24.02 27.89 53.62
C GLY E 526 23.91 27.56 52.14
N MET E 527 22.86 28.09 51.49
CA MET E 527 22.73 27.94 50.04
C MET E 527 23.86 28.65 49.32
N ILE E 528 24.26 29.82 49.84
CA ILE E 528 25.40 30.54 49.29
C ILE E 528 26.68 29.71 49.44
N THR E 529 26.86 29.10 50.62
CA THR E 529 28.03 28.27 50.88
C THR E 529 28.05 27.06 49.96
N SER E 530 26.87 26.50 49.70
CA SER E 530 26.78 25.32 48.84
C SER E 530 27.11 25.68 47.40
N GLN E 531 26.60 26.82 46.92
CA GLN E 531 26.94 27.30 45.59
C GLN E 531 28.44 27.53 45.45
N GLU E 532 29.05 28.13 46.47
CA GLU E 532 30.48 28.39 46.47
C GLU E 532 31.27 27.10 46.37
N VAL E 533 30.97 26.14 47.25
CA VAL E 533 31.77 24.92 47.31
C VAL E 533 31.52 24.06 46.08
N LEU E 534 30.31 24.09 45.52
CA LEU E 534 30.02 23.28 44.34
C LEU E 534 30.75 23.81 43.12
N ILE E 535 30.74 25.14 42.93
CA ILE E 535 31.45 25.74 41.81
C ILE E 535 32.95 25.50 41.97
N TYR E 536 33.42 25.57 43.21
CA TYR E 536 34.83 25.31 43.52
C TYR E 536 35.24 23.89 43.15
N LEU E 537 34.46 22.90 43.59
CA LEU E 537 34.87 21.52 43.38
C LEU E 537 34.70 21.12 41.92
N TRP E 538 33.76 21.74 41.21
CA TRP E 538 33.65 21.47 39.78
C TRP E 538 34.83 22.05 39.03
N ASP E 539 35.29 23.23 39.43
CA ASP E 539 36.39 23.85 38.71
C ASP E 539 37.73 23.19 39.03
N ASN E 540 37.99 22.93 40.30
CA ASN E 540 39.33 22.52 40.70
C ASN E 540 39.61 21.06 40.40
N TYR E 541 38.61 20.20 40.40
CA TYR E 541 38.93 18.78 40.35
C TYR E 541 38.29 18.06 39.17
N ILE E 542 37.02 18.34 38.88
CA ILE E 542 36.29 17.51 37.94
C ILE E 542 36.67 17.83 36.50
N LYS E 543 37.01 19.08 36.20
CA LYS E 543 37.43 19.44 34.86
C LYS E 543 38.75 18.82 34.47
N TYR E 544 39.57 18.43 35.44
CA TYR E 544 40.92 17.96 35.17
C TYR E 544 41.05 16.45 35.17
N PHE E 545 39.97 15.73 35.43
CA PHE E 545 40.08 14.28 35.53
C PHE E 545 40.16 13.65 34.14
N PRO E 546 41.14 12.80 33.89
CA PRO E 546 41.24 12.14 32.57
C PRO E 546 40.13 11.14 32.30
N SER E 547 39.95 10.18 33.19
CA SER E 547 38.96 9.13 33.02
C SER E 547 37.70 9.56 33.76
N VAL E 548 36.76 10.16 33.05
CA VAL E 548 35.51 10.58 33.65
C VAL E 548 34.41 10.52 32.58
N ALA E 549 33.27 9.94 32.95
CA ALA E 549 32.09 9.87 32.10
C ALA E 549 30.90 9.55 32.98
N LYS E 550 29.71 9.96 32.52
CA LYS E 550 28.41 9.54 33.07
C LYS E 550 28.27 9.90 34.56
N ILE E 551 28.29 11.18 34.82
CA ILE E 551 28.21 11.67 36.19
C ILE E 551 26.75 11.83 36.57
N ALA E 552 26.42 11.55 37.83
CA ALA E 552 25.08 11.76 38.35
C ALA E 552 25.18 12.43 39.71
N PHE E 553 24.10 13.08 40.11
CA PHE E 553 24.05 13.83 41.35
C PHE E 553 22.86 13.37 42.19
N ILE E 554 23.06 13.35 43.51
CA ILE E 554 22.07 12.82 44.45
C ILE E 554 21.71 13.95 45.39
N GLY E 555 20.56 14.59 45.17
CA GLY E 555 20.15 15.69 46.02
C GLY E 555 19.29 15.21 47.17
N ILE E 556 19.55 15.76 48.36
CA ILE E 556 18.85 15.37 49.58
C ILE E 556 18.46 16.61 50.35
N GLY E 557 17.15 16.82 50.54
CA GLY E 557 16.64 17.80 51.47
C GLY E 557 16.74 19.22 50.99
N ASP E 558 17.55 20.03 51.67
CA ASP E 558 17.93 21.34 51.17
C ASP E 558 19.19 21.17 50.33
N SER E 559 19.86 22.27 50.00
CA SER E 559 21.16 22.32 49.32
C SER E 559 21.11 21.70 47.93
N TYR E 560 19.92 21.56 47.37
CA TYR E 560 19.78 21.26 45.96
C TYR E 560 20.12 22.47 45.11
N SER E 561 20.08 23.66 45.71
CA SER E 561 20.45 24.89 45.04
C SER E 561 21.91 24.87 44.60
N GLY E 562 22.76 24.12 45.30
CA GLY E 562 24.13 23.95 44.84
C GLY E 562 24.21 23.27 43.49
N ILE E 563 23.42 22.21 43.30
CA ILE E 563 23.43 21.53 42.01
C ILE E 563 22.71 22.36 40.95
N VAL E 564 21.67 23.10 41.35
CA VAL E 564 20.95 23.94 40.40
C VAL E 564 21.85 25.05 39.88
N HIS E 565 22.59 25.69 40.79
CA HIS E 565 23.54 26.73 40.40
C HIS E 565 24.71 26.17 39.62
N LEU E 566 25.12 24.92 39.91
CA LEU E 566 26.16 24.30 39.11
C LEU E 566 25.66 24.00 37.70
N LEU E 567 24.39 23.63 37.57
CA LEU E 567 23.84 23.40 36.25
C LEU E 567 23.68 24.71 35.49
N GLY E 568 23.31 25.77 36.19
CA GLY E 568 23.08 27.05 35.54
C GLY E 568 24.34 27.78 35.12
N HIS E 569 25.20 28.08 36.09
CA HIS E 569 26.30 29.00 35.81
C HIS E 569 27.47 28.34 35.08
N ARG E 570 27.41 27.05 34.83
CA ARG E 570 28.36 26.42 33.92
C ARG E 570 27.60 25.65 32.86
N ASP E 571 28.32 24.87 32.06
CA ASP E 571 27.72 23.86 31.21
C ASP E 571 28.52 22.59 31.34
N THR E 572 27.85 21.50 31.72
CA THR E 572 28.54 20.24 31.93
C THR E 572 27.72 19.06 31.42
N ARG E 573 26.72 19.32 30.56
CA ARG E 573 25.79 18.30 30.10
C ARG E 573 26.42 17.25 29.19
N ALA E 574 27.66 17.47 28.73
CA ALA E 574 28.30 16.49 27.89
C ALA E 574 28.78 15.29 28.69
N VAL E 575 29.09 15.48 29.97
CA VAL E 575 29.66 14.42 30.79
C VAL E 575 28.71 13.94 31.88
N THR E 576 27.86 14.79 32.44
CA THR E 576 26.88 14.34 33.41
C THR E 576 25.55 14.06 32.71
N LYS E 577 24.75 13.23 33.33
CA LYS E 577 23.60 12.74 32.60
C LYS E 577 22.27 12.90 33.32
N THR E 578 22.22 12.69 34.63
CA THR E 578 20.94 12.63 35.31
C THR E 578 21.08 13.06 36.76
N VAL E 579 20.29 14.04 37.16
CA VAL E 579 20.21 14.46 38.54
C VAL E 579 18.96 13.87 39.17
N ILE E 580 18.98 13.73 40.49
CA ILE E 580 17.83 13.27 41.26
C ILE E 580 17.79 14.10 42.55
N ASN E 581 16.58 14.38 43.03
CA ASN E 581 16.49 15.06 44.31
C ASN E 581 15.24 14.65 45.05
N PHE E 582 15.40 14.38 46.33
CA PHE E 582 14.29 14.25 47.27
C PHE E 582 14.29 15.53 48.09
N LEU E 583 13.39 16.44 47.73
CA LEU E 583 13.33 17.73 48.42
C LEU E 583 12.79 17.57 49.83
N GLY E 584 11.64 16.92 49.95
CA GLY E 584 10.95 16.91 51.22
C GLY E 584 9.95 18.04 51.31
N ASP E 585 10.33 19.13 51.98
CA ASP E 585 9.37 20.16 52.32
C ASP E 585 9.89 21.59 52.18
N LYS E 586 11.10 21.79 51.69
CA LYS E 586 11.63 23.14 51.60
C LYS E 586 11.07 23.84 50.35
N GLN E 587 11.50 25.07 50.14
CA GLN E 587 11.10 25.80 48.94
C GLN E 587 11.80 25.23 47.72
N LEU E 588 11.13 25.31 46.57
CA LEU E 588 11.63 24.70 45.36
C LEU E 588 12.81 25.48 44.80
N LYS E 589 13.47 24.88 43.81
CA LYS E 589 14.70 25.42 43.23
C LYS E 589 14.48 25.74 41.76
N PRO E 590 14.18 26.99 41.42
CA PRO E 590 14.14 27.34 39.99
C PRO E 590 15.53 27.38 39.41
N LEU E 591 15.64 26.96 38.16
CA LEU E 591 16.92 26.93 37.46
C LEU E 591 17.04 28.13 36.53
N VAL E 592 18.12 28.89 36.67
CA VAL E 592 18.43 29.99 35.77
C VAL E 592 19.39 29.50 34.71
N PRO E 593 19.04 29.52 33.43
CA PRO E 593 20.00 29.16 32.38
C PRO E 593 20.80 30.36 31.91
N LEU E 594 22.12 30.23 31.90
CA LEU E 594 22.99 31.31 31.46
C LEU E 594 23.81 30.96 30.24
N VAL E 595 24.36 29.75 30.18
CA VAL E 595 25.20 29.37 29.05
C VAL E 595 24.35 29.11 27.83
N ASP E 596 23.12 28.61 28.00
CA ASP E 596 22.31 28.22 26.87
C ASP E 596 20.84 28.42 27.22
N GLU E 597 19.96 28.00 26.32
CA GLU E 597 18.53 27.93 26.59
C GLU E 597 17.94 26.56 26.33
N THR E 598 18.57 25.72 25.52
CA THR E 598 18.18 24.31 25.44
C THR E 598 18.64 23.53 26.67
N LEU E 599 19.52 24.12 27.47
CA LEU E 599 19.90 23.55 28.76
C LEU E 599 18.71 23.43 29.69
N SER E 600 17.74 24.35 29.59
CA SER E 600 16.51 24.23 30.37
C SER E 600 15.72 22.99 29.98
N GLU E 601 15.61 22.71 28.68
CA GLU E 601 14.89 21.53 28.25
C GLU E 601 15.65 20.26 28.62
N TRP E 602 16.98 20.30 28.53
CA TRP E 602 17.78 19.15 28.93
C TRP E 602 17.69 18.91 30.44
N TYR E 603 17.56 19.96 31.22
CA TYR E 603 17.33 19.81 32.65
C TYR E 603 15.95 19.23 32.92
N PHE E 604 14.96 19.63 32.12
CA PHE E 604 13.65 19.03 32.29
C PHE E 604 13.65 17.57 31.90
N LYS E 605 14.54 17.17 30.99
CA LYS E 605 14.48 15.82 30.45
C LYS E 605 14.91 14.78 31.48
N ASN E 606 16.16 14.81 31.90
CA ASN E 606 16.71 13.77 32.75
C ASN E 606 16.82 14.24 34.20
N SER E 607 15.66 14.33 34.85
CA SER E 607 15.62 14.83 36.22
C SER E 607 14.31 14.46 36.87
N LEU E 608 14.38 14.19 38.17
CA LEU E 608 13.19 13.94 38.96
C LEU E 608 13.35 14.53 40.34
N ILE E 609 12.30 15.21 40.79
CA ILE E 609 12.23 15.84 42.10
C ILE E 609 11.12 15.13 42.86
N PHE E 610 11.30 14.92 44.16
CA PHE E 610 10.31 14.23 44.96
C PHE E 610 9.94 15.06 46.17
N SER E 611 8.65 15.37 46.32
CA SER E 611 8.22 16.26 47.38
C SER E 611 7.23 15.56 48.30
N ASN E 612 6.76 16.31 49.30
CA ASN E 612 5.79 15.81 50.26
C ASN E 612 4.41 15.69 49.65
N ASN E 613 3.56 14.91 50.32
CA ASN E 613 2.15 14.89 49.96
C ASN E 613 1.43 16.12 50.47
N SER E 614 1.94 16.72 51.54
CA SER E 614 1.31 17.88 52.16
C SER E 614 2.14 19.13 51.94
N HIS E 615 2.71 19.26 50.74
CA HIS E 615 3.46 20.46 50.41
C HIS E 615 2.53 21.64 50.20
N GLN E 616 3.12 22.84 50.14
CA GLN E 616 2.36 24.07 50.00
C GLN E 616 1.69 24.17 48.64
N CYS E 617 2.17 23.47 47.63
CA CYS E 617 1.52 23.44 46.33
C CYS E 617 0.40 22.41 46.36
N TRP E 618 -0.09 22.04 45.16
CA TRP E 618 -1.18 21.08 44.95
C TRP E 618 -2.47 21.51 45.64
N LYS E 619 -2.74 22.81 45.65
CA LYS E 619 -3.94 23.34 46.26
C LYS E 619 -4.73 24.20 45.29
N LYS E 625 0.86 21.18 36.80
CA LYS E 625 0.49 22.45 37.42
C LYS E 625 1.65 23.36 37.94
N PRO E 626 2.78 22.82 38.39
CA PRO E 626 3.96 23.68 38.54
C PRO E 626 4.54 24.09 37.19
N ARG E 627 5.30 25.18 37.24
CA ARG E 627 5.95 25.65 36.03
C ARG E 627 7.17 24.80 35.71
N LYS E 628 7.45 24.67 34.41
CA LYS E 628 8.54 23.83 33.92
C LYS E 628 9.93 24.32 34.27
N LYS E 629 10.08 25.51 34.84
CA LYS E 629 11.43 25.96 35.20
C LYS E 629 11.95 25.25 36.44
N PHE E 630 11.12 24.43 37.09
CA PHE E 630 11.55 23.60 38.20
C PHE E 630 11.92 22.18 37.78
N GLY E 631 11.39 21.69 36.68
CA GLY E 631 11.88 20.43 36.14
C GLY E 631 11.36 19.14 36.73
N ARG E 632 10.07 18.82 36.50
CA ARG E 632 9.47 17.50 36.71
C ARG E 632 9.51 17.09 38.18
N VAL E 633 8.77 17.84 38.98
CA VAL E 633 8.54 17.47 40.37
C VAL E 633 7.50 16.36 40.42
N LEU E 634 7.50 15.60 41.52
CA LEU E 634 6.56 14.52 41.70
C LEU E 634 6.04 14.50 43.13
N ARG E 635 4.72 14.44 43.25
CA ARG E 635 4.03 14.46 44.53
C ARG E 635 3.95 13.02 45.02
N CYS E 636 4.77 12.68 46.00
CA CYS E 636 4.63 11.39 46.65
C CYS E 636 3.44 11.42 47.61
N ASP E 637 3.16 10.28 48.22
CA ASP E 637 1.94 10.10 48.99
C ASP E 637 2.17 9.98 50.49
N THR E 638 3.41 10.12 50.94
CA THR E 638 3.71 10.06 52.37
C THR E 638 4.40 11.36 52.79
N ASP E 639 4.82 11.39 54.06
CA ASP E 639 5.50 12.55 54.62
C ASP E 639 6.86 12.14 55.15
N GLY E 640 7.71 13.14 55.36
CA GLY E 640 9.04 12.89 55.88
C GLY E 640 9.99 12.40 54.81
N LEU E 641 11.26 12.81 54.90
CA LEU E 641 12.22 12.45 53.87
C LEU E 641 12.58 10.97 53.96
N ASN E 642 12.57 10.41 55.17
CA ASN E 642 12.96 9.03 55.36
C ASN E 642 11.98 8.08 54.68
N ASN E 643 10.69 8.37 54.79
CA ASN E 643 9.67 7.50 54.23
C ASN E 643 9.70 7.53 52.71
N ILE E 644 9.89 8.70 52.11
CA ILE E 644 9.89 8.75 50.66
C ILE E 644 11.19 8.18 50.12
N ILE E 645 12.29 8.29 50.86
CA ILE E 645 13.54 7.67 50.44
C ILE E 645 13.38 6.16 50.45
N GLU E 646 12.93 5.59 51.57
CA GLU E 646 12.76 4.16 51.65
C GLU E 646 11.57 3.65 50.85
N GLU E 647 10.74 4.55 50.33
CA GLU E 647 9.65 4.17 49.46
C GLU E 647 10.10 4.11 48.00
N ARG E 648 10.66 5.20 47.48
CA ARG E 648 10.98 5.29 46.07
C ARG E 648 12.45 5.09 45.79
N PHE E 649 13.19 4.48 46.73
CA PHE E 649 14.60 4.19 46.51
C PHE E 649 14.81 3.28 45.32
N GLU E 650 13.93 2.30 45.15
CA GLU E 650 14.04 1.38 44.02
C GLU E 650 13.79 2.09 42.70
N GLU E 651 12.79 2.99 42.67
CA GLU E 651 12.48 3.70 41.44
C GLU E 651 13.61 4.65 41.06
N ALA E 652 14.17 5.34 42.04
CA ALA E 652 15.28 6.24 41.77
C ALA E 652 16.52 5.49 41.33
N THR E 653 16.81 4.34 41.97
CA THR E 653 18.02 3.62 41.61
C THR E 653 17.85 2.91 40.27
N ASP E 654 16.61 2.59 39.91
CA ASP E 654 16.33 2.06 38.58
C ASP E 654 16.48 3.14 37.53
N PHE E 655 16.09 4.37 37.86
CA PHE E 655 16.29 5.49 36.94
C PHE E 655 17.76 5.76 36.70
N ILE E 656 18.56 5.66 37.75
CA ILE E 656 20.01 5.84 37.61
C ILE E 656 20.60 4.74 36.74
N LEU E 657 20.16 3.50 36.95
CA LEU E 657 20.62 2.42 36.09
C LEU E 657 20.06 2.53 34.67
N ASP E 658 18.94 3.21 34.49
CA ASP E 658 18.41 3.48 33.16
C ASP E 658 19.22 4.56 32.47
N SER E 659 19.85 5.45 33.24
CA SER E 659 20.60 6.56 32.66
C SER E 659 21.82 6.07 31.90
N PHE E 660 22.50 5.06 32.44
CA PHE E 660 23.74 4.58 31.86
C PHE E 660 23.45 3.59 30.73
N GLU E 661 24.48 2.87 30.30
CA GLU E 661 24.35 1.85 29.27
C GLU E 661 23.50 0.68 29.75
N GLU F 1 -56.89 24.26 65.83
CA GLU F 1 -55.96 25.20 66.44
C GLU F 1 -55.10 25.89 65.40
N ASN F 2 -54.41 25.08 64.59
CA ASN F 2 -53.45 25.60 63.65
C ASN F 2 -54.13 26.27 62.46
N SER F 3 -53.44 27.26 61.90
CA SER F 3 -53.84 27.87 60.64
C SER F 3 -53.31 27.10 59.44
N LEU F 4 -52.35 26.21 59.64
CA LEU F 4 -51.86 25.32 58.58
C LEU F 4 -52.98 24.39 58.15
N SER F 5 -53.38 23.47 59.05
CA SER F 5 -54.66 22.76 59.08
C SER F 5 -55.12 22.17 57.75
N THR F 6 -54.42 21.14 57.24
CA THR F 6 -54.70 20.60 55.92
C THR F 6 -56.10 19.98 55.85
N THR F 7 -56.74 20.17 54.71
CA THR F 7 -58.15 19.82 54.56
C THR F 7 -58.36 19.16 53.20
N SER F 8 -58.41 17.83 53.20
CA SER F 8 -58.69 17.08 51.98
C SER F 8 -59.25 15.72 52.39
N LYS F 9 -60.54 15.51 52.16
CA LYS F 9 -61.17 14.23 52.47
C LYS F 9 -61.08 13.35 51.23
N SER F 10 -60.00 12.58 51.16
CA SER F 10 -59.78 11.62 50.09
C SER F 10 -58.79 10.59 50.59
N LYS F 11 -58.95 9.35 50.13
CA LYS F 11 -58.04 8.30 50.53
C LYS F 11 -56.70 8.50 49.82
N ARG F 12 -55.63 8.63 50.61
CA ARG F 12 -54.29 8.76 50.05
C ARG F 12 -53.88 7.47 49.37
N GLN F 13 -53.29 7.60 48.19
CA GLN F 13 -52.86 6.42 47.45
C GLN F 13 -51.62 5.83 48.10
N VAL F 14 -51.52 4.49 48.02
CA VAL F 14 -50.47 3.78 48.74
C VAL F 14 -49.13 4.00 48.03
N ILE F 15 -48.09 4.19 48.83
CA ILE F 15 -46.77 4.49 48.30
C ILE F 15 -45.86 3.29 48.36
N VAL F 16 -45.62 2.77 49.56
CA VAL F 16 -44.73 1.64 49.75
C VAL F 16 -45.54 0.46 50.26
N PRO F 17 -45.07 -0.76 50.05
CA PRO F 17 -45.66 -1.92 50.72
C PRO F 17 -44.89 -2.26 51.99
N VAL F 18 -45.56 -3.01 52.86
CA VAL F 18 -44.98 -3.45 54.13
C VAL F 18 -44.24 -4.78 53.89
N CYS F 19 -42.96 -4.80 54.23
CA CYS F 19 -42.09 -5.94 54.02
C CYS F 19 -41.45 -6.33 55.36
N MET F 20 -40.64 -7.37 55.32
CA MET F 20 -39.84 -7.73 56.49
C MET F 20 -38.76 -6.68 56.72
N PRO F 21 -38.55 -6.23 57.96
CA PRO F 21 -37.55 -5.20 58.22
C PRO F 21 -36.14 -5.72 58.03
N LYS F 22 -35.31 -4.92 57.35
CA LYS F 22 -33.97 -5.35 56.97
C LYS F 22 -32.96 -5.08 58.07
N ILE F 23 -33.18 -5.72 59.20
CA ILE F 23 -32.22 -5.68 60.30
C ILE F 23 -31.82 -7.11 60.62
N HIS F 24 -30.63 -7.28 61.16
CA HIS F 24 -30.14 -8.61 61.50
C HIS F 24 -29.57 -8.69 62.91
N TYR F 25 -29.82 -7.68 63.75
CA TYR F 25 -29.44 -7.76 65.15
C TYR F 25 -30.62 -7.37 66.02
N SER F 26 -30.86 -8.17 67.06
CA SER F 26 -31.82 -7.99 68.14
C SER F 26 -33.30 -7.91 67.76
N PRO F 27 -33.80 -8.79 66.90
CA PRO F 27 -35.06 -9.44 67.26
C PRO F 27 -34.73 -10.82 67.83
N LEU F 28 -33.44 -11.14 67.78
CA LEU F 28 -32.92 -12.43 68.19
C LEU F 28 -32.54 -12.39 69.67
N LYS F 29 -32.07 -13.52 70.18
CA LYS F 29 -31.74 -13.67 71.58
C LYS F 29 -30.24 -13.81 71.77
N THR F 30 -29.83 -14.09 73.00
CA THR F 30 -28.43 -14.30 73.34
C THR F 30 -28.24 -15.74 73.77
N GLY F 31 -27.27 -16.41 73.17
CA GLY F 31 -27.07 -17.82 73.42
C GLY F 31 -26.38 -18.05 74.75
N LEU F 32 -26.78 -19.14 75.41
CA LEU F 32 -26.20 -19.54 76.67
C LEU F 32 -25.77 -20.99 76.57
N CYS F 33 -24.63 -21.31 77.16
CA CYS F 33 -24.16 -22.68 77.24
C CYS F 33 -23.91 -23.07 78.69
N TYR F 34 -24.46 -24.21 79.08
CA TYR F 34 -24.39 -24.71 80.45
C TYR F 34 -24.74 -26.19 80.45
N ASP F 35 -24.04 -26.95 81.28
CA ASP F 35 -24.45 -28.31 81.60
C ASP F 35 -23.88 -28.69 82.96
N VAL F 36 -24.63 -29.51 83.68
CA VAL F 36 -24.21 -30.00 84.98
C VAL F 36 -23.12 -31.05 84.88
N ARG F 37 -22.85 -31.58 83.69
CA ARG F 37 -21.84 -32.62 83.53
C ARG F 37 -20.42 -32.08 83.67
N MET F 38 -20.25 -30.77 83.75
CA MET F 38 -18.97 -30.20 84.12
C MET F 38 -18.72 -30.28 85.62
N ARG F 39 -19.77 -30.49 86.42
CA ARG F 39 -19.61 -30.57 87.86
C ARG F 39 -19.18 -31.94 88.34
N TYR F 40 -18.88 -32.87 87.42
CA TYR F 40 -18.40 -34.19 87.79
C TYR F 40 -16.99 -34.11 88.35
N HIS F 41 -16.18 -33.23 87.80
CA HIS F 41 -14.74 -33.19 88.05
C HIS F 41 -14.46 -32.42 89.33
N ALA F 42 -13.99 -33.11 90.36
CA ALA F 42 -13.69 -32.49 91.64
C ALA F 42 -12.28 -32.91 92.07
N LYS F 43 -11.88 -32.47 93.24
CA LYS F 43 -10.54 -32.70 93.76
C LYS F 43 -10.55 -33.81 94.81
N ILE F 44 -9.45 -34.54 94.88
CA ILE F 44 -9.27 -35.58 95.89
C ILE F 44 -8.64 -34.92 97.11
N PHE F 45 -9.41 -34.84 98.20
CA PHE F 45 -8.88 -34.34 99.47
C PHE F 45 -7.83 -35.30 100.00
N THR F 46 -6.57 -34.90 99.93
CA THR F 46 -5.47 -35.81 100.17
C THR F 46 -4.63 -35.45 101.39
N SER F 47 -4.31 -34.17 101.57
CA SER F 47 -3.37 -33.77 102.62
C SER F 47 -4.01 -33.92 103.99
N TYR F 48 -5.07 -33.15 104.25
CA TYR F 48 -5.80 -33.24 105.50
C TYR F 48 -7.20 -32.71 105.21
N PHE F 49 -7.97 -32.47 106.27
CA PHE F 49 -9.29 -31.85 106.15
C PHE F 49 -9.05 -30.38 105.83
N GLU F 50 -8.83 -30.11 104.53
CA GLU F 50 -8.61 -28.78 104.01
C GLU F 50 -9.89 -28.16 103.48
N TYR F 51 -11.03 -28.50 104.08
CA TYR F 51 -12.30 -28.00 103.60
C TYR F 51 -12.50 -26.53 103.93
N ILE F 52 -11.81 -26.01 104.94
CA ILE F 52 -11.94 -24.59 105.28
C ILE F 52 -11.27 -23.75 104.21
N ASP F 53 -10.15 -24.24 103.67
CA ASP F 53 -9.48 -23.61 102.54
C ASP F 53 -9.56 -24.51 101.31
N PRO F 54 -10.68 -24.52 100.60
CA PRO F 54 -10.76 -25.28 99.35
C PRO F 54 -9.95 -24.60 98.27
N HIS F 55 -9.52 -25.41 97.30
CA HIS F 55 -8.91 -24.80 96.14
C HIS F 55 -10.00 -24.06 95.39
N PRO F 56 -9.76 -22.83 94.96
CA PRO F 56 -10.84 -22.02 94.39
C PRO F 56 -11.29 -22.40 92.98
N GLU F 57 -10.84 -23.54 92.46
CA GLU F 57 -11.43 -24.13 91.25
C GLU F 57 -12.33 -25.28 91.67
N ASP F 58 -13.61 -24.97 91.86
CA ASP F 58 -14.64 -25.88 92.32
C ASP F 58 -15.87 -25.74 91.43
N PRO F 59 -16.74 -26.76 91.37
CA PRO F 59 -17.90 -26.69 90.47
C PRO F 59 -18.97 -25.67 90.81
N ARG F 60 -18.97 -25.08 92.00
CA ARG F 60 -20.13 -24.31 92.40
C ARG F 60 -20.16 -22.88 91.86
N ARG F 61 -19.08 -22.42 91.22
CA ARG F 61 -19.06 -21.06 90.67
C ARG F 61 -20.06 -20.89 89.54
N ILE F 62 -20.14 -21.90 88.67
CA ILE F 62 -21.15 -21.92 87.61
C ILE F 62 -22.55 -21.90 88.21
N TYR F 63 -22.72 -22.56 89.35
CA TYR F 63 -24.01 -22.55 90.01
C TYR F 63 -24.33 -21.18 90.58
N ARG F 64 -23.30 -20.46 91.05
CA ARG F 64 -23.51 -19.09 91.52
C ARG F 64 -23.92 -18.18 90.37
N ILE F 65 -23.27 -18.33 89.23
CA ILE F 65 -23.57 -17.50 88.06
C ILE F 65 -24.98 -17.79 87.55
N TYR F 66 -25.32 -19.06 87.43
CA TYR F 66 -26.64 -19.47 86.99
C TYR F 66 -27.70 -19.07 87.99
N LYS F 67 -27.34 -19.01 89.27
CA LYS F 67 -28.23 -18.54 90.30
C LYS F 67 -28.52 -17.06 90.13
N ILE F 68 -27.48 -16.28 89.82
CA ILE F 68 -27.65 -14.83 89.72
C ILE F 68 -28.49 -14.49 88.50
N LEU F 69 -28.21 -15.17 87.38
CA LEU F 69 -28.94 -14.92 86.15
C LEU F 69 -30.41 -15.30 86.29
N ALA F 70 -30.69 -16.39 87.01
CA ALA F 70 -32.09 -16.66 87.32
C ALA F 70 -32.65 -15.67 88.32
N GLU F 71 -31.81 -15.17 89.22
CA GLU F 71 -32.24 -14.26 90.27
C GLU F 71 -32.52 -12.86 89.77
N ASN F 72 -32.11 -12.50 88.56
CA ASN F 72 -32.42 -11.18 88.05
C ASN F 72 -33.37 -11.22 86.85
N GLY F 73 -34.27 -12.19 86.84
CA GLY F 73 -35.35 -12.19 85.86
C GLY F 73 -34.93 -12.53 84.45
N LEU F 74 -33.74 -13.09 84.27
CA LEU F 74 -33.31 -13.45 82.93
C LEU F 74 -33.77 -14.85 82.57
N ILE F 75 -33.52 -15.80 83.46
CA ILE F 75 -33.84 -17.20 83.23
C ILE F 75 -35.17 -17.49 83.90
N ASN F 76 -36.07 -18.16 83.18
CA ASN F 76 -37.32 -18.61 83.77
C ASN F 76 -37.27 -20.09 84.16
N ASP F 77 -36.08 -20.58 84.52
CA ASP F 77 -35.90 -21.94 84.98
C ASP F 77 -35.74 -21.96 86.49
N PRO F 78 -36.75 -22.39 87.25
CA PRO F 78 -36.64 -22.32 88.71
C PRO F 78 -35.71 -23.38 89.27
N THR F 79 -35.74 -24.58 88.70
CA THR F 79 -35.07 -25.73 89.29
C THR F 79 -33.55 -25.71 89.14
N LEU F 80 -33.01 -24.79 88.34
CA LEU F 80 -31.57 -24.61 88.13
C LEU F 80 -30.92 -25.87 87.57
N SER F 81 -31.65 -26.58 86.74
CA SER F 81 -31.11 -27.63 85.88
C SER F 81 -31.26 -27.20 84.44
N GLY F 82 -30.44 -27.80 83.57
CA GLY F 82 -30.47 -27.43 82.18
C GLY F 82 -31.73 -27.84 81.46
N VAL F 83 -32.58 -26.86 81.16
CA VAL F 83 -33.78 -27.09 80.37
C VAL F 83 -33.64 -26.35 79.06
N ASP F 84 -34.63 -26.48 78.17
CA ASP F 84 -34.60 -25.79 76.90
C ASP F 84 -35.44 -24.53 76.90
N ASP F 85 -36.58 -24.55 77.57
CA ASP F 85 -37.44 -23.37 77.65
C ASP F 85 -36.81 -22.42 78.66
N LEU F 86 -36.08 -21.44 78.17
CA LEU F 86 -35.53 -20.44 79.07
C LEU F 86 -36.44 -19.23 79.16
N GLY F 87 -37.09 -18.86 78.05
CA GLY F 87 -37.95 -17.70 78.04
C GLY F 87 -37.93 -16.91 76.76
N ASP F 88 -37.64 -15.61 76.85
CA ASP F 88 -37.73 -14.71 75.72
C ASP F 88 -36.47 -13.93 75.43
N LEU F 89 -35.55 -13.79 76.39
CA LEU F 89 -34.37 -13.00 76.17
C LEU F 89 -33.18 -13.84 75.75
N MET F 90 -33.20 -15.13 76.03
CA MET F 90 -32.07 -15.99 75.75
C MET F 90 -32.57 -17.30 75.18
N LEU F 91 -31.63 -18.07 74.63
CA LEU F 91 -31.90 -19.39 74.12
C LEU F 91 -30.82 -20.32 74.65
N LYS F 92 -31.25 -21.40 75.30
CA LYS F 92 -30.28 -22.38 75.78
C LYS F 92 -29.71 -23.13 74.59
N ILE F 93 -28.40 -23.09 74.45
CA ILE F 93 -27.75 -23.89 73.43
C ILE F 93 -27.42 -25.24 74.04
N PRO F 94 -27.70 -26.34 73.36
CA PRO F 94 -27.22 -27.65 73.81
C PRO F 94 -25.71 -27.78 73.71
N VAL F 95 -25.17 -28.90 74.17
CA VAL F 95 -23.73 -29.09 74.19
C VAL F 95 -23.44 -30.58 73.99
N ARG F 96 -22.46 -30.87 73.15
CA ARG F 96 -21.92 -32.22 73.06
C ARG F 96 -20.42 -32.12 73.28
N ALA F 97 -19.81 -33.23 73.65
CA ALA F 97 -18.40 -33.20 73.99
C ALA F 97 -17.55 -33.18 72.72
N ALA F 98 -16.27 -32.90 72.90
CA ALA F 98 -15.34 -32.82 71.77
C ALA F 98 -14.92 -34.21 71.37
N THR F 99 -14.92 -34.48 70.07
CA THR F 99 -14.41 -35.75 69.59
C THR F 99 -12.90 -35.71 69.53
N SER F 100 -12.31 -36.84 69.15
CA SER F 100 -10.85 -36.90 69.05
C SER F 100 -10.36 -36.10 67.86
N GLU F 101 -11.14 -36.09 66.77
CA GLU F 101 -10.70 -35.53 65.50
C GLU F 101 -10.49 -34.03 65.61
N GLU F 102 -11.42 -33.35 66.27
CA GLU F 102 -11.27 -31.91 66.46
C GLU F 102 -10.26 -31.58 67.54
N ILE F 103 -10.04 -32.49 68.50
CA ILE F 103 -9.11 -32.19 69.58
C ILE F 103 -7.66 -32.54 69.24
N LEU F 104 -7.43 -33.33 68.20
CA LEU F 104 -6.08 -33.57 67.73
C LEU F 104 -5.59 -32.49 66.79
N GLU F 105 -6.45 -31.51 66.47
CA GLU F 105 -6.08 -30.48 65.52
C GLU F 105 -4.98 -29.58 66.06
N VAL F 106 -5.05 -29.25 67.35
CA VAL F 106 -4.02 -28.44 67.98
C VAL F 106 -3.22 -29.23 69.01
N HIS F 107 -3.78 -30.27 69.61
CA HIS F 107 -3.07 -31.06 70.60
C HIS F 107 -2.50 -32.32 69.96
N THR F 108 -1.46 -32.84 70.59
CA THR F 108 -0.71 -33.96 70.03
C THR F 108 -1.32 -35.29 70.41
N LYS F 109 -0.78 -36.36 69.79
CA LYS F 109 -1.23 -37.71 70.09
C LYS F 109 -0.84 -38.11 71.50
N GLU F 110 0.35 -37.71 71.94
CA GLU F 110 0.90 -38.17 73.22
C GLU F 110 0.11 -37.60 74.38
N HIS F 111 -0.29 -36.34 74.28
CA HIS F 111 -1.12 -35.73 75.32
C HIS F 111 -2.50 -36.39 75.39
N LEU F 112 -3.04 -36.77 74.24
CA LEU F 112 -4.35 -37.43 74.24
C LEU F 112 -4.27 -38.83 74.80
N GLU F 113 -3.19 -39.56 74.51
CA GLU F 113 -2.98 -40.86 75.13
C GLU F 113 -2.75 -40.73 76.63
N PHE F 114 -2.09 -39.66 77.05
CA PHE F 114 -1.86 -39.42 78.47
C PHE F 114 -3.17 -39.18 79.20
N ILE F 115 -4.01 -38.29 78.67
CA ILE F 115 -5.26 -37.99 79.35
C ILE F 115 -6.24 -39.16 79.22
N GLU F 116 -6.10 -39.97 78.17
CA GLU F 116 -6.96 -41.12 78.03
C GLU F 116 -6.55 -42.24 78.99
N SER F 117 -5.26 -42.35 79.27
CA SER F 117 -4.78 -43.35 80.22
C SER F 117 -5.05 -42.94 81.65
N THR F 118 -5.06 -41.65 81.95
CA THR F 118 -5.26 -41.21 83.33
C THR F 118 -6.71 -41.25 83.80
N GLU F 119 -7.63 -41.77 83.00
CA GLU F 119 -9.01 -41.89 83.44
C GLU F 119 -9.17 -42.96 84.51
N LYS F 120 -8.65 -44.15 84.25
CA LYS F 120 -8.90 -45.33 85.08
C LYS F 120 -7.66 -45.76 85.84
N MET F 121 -6.92 -44.80 86.38
CA MET F 121 -5.71 -45.10 87.14
C MET F 121 -6.09 -45.51 88.57
N SER F 122 -5.08 -45.66 89.42
CA SER F 122 -5.29 -45.96 90.83
C SER F 122 -5.55 -44.68 91.59
N ARG F 123 -5.56 -44.76 92.92
CA ARG F 123 -5.57 -43.55 93.72
C ARG F 123 -4.18 -42.93 93.76
N GLU F 124 -3.17 -43.76 94.08
CA GLU F 124 -1.82 -43.26 94.28
C GLU F 124 -1.17 -42.82 92.98
N GLU F 125 -1.54 -43.43 91.85
CA GLU F 125 -1.00 -42.99 90.56
C GLU F 125 -1.52 -41.61 90.18
N LEU F 126 -2.81 -41.36 90.46
CA LEU F 126 -3.37 -40.03 90.21
C LEU F 126 -2.75 -39.00 91.14
N LEU F 127 -2.46 -39.39 92.39
CA LEU F 127 -1.80 -38.47 93.29
C LEU F 127 -0.36 -38.19 92.85
N LYS F 128 0.33 -39.19 92.30
CA LYS F 128 1.69 -38.99 91.84
C LYS F 128 1.73 -38.12 90.59
N GLU F 129 0.78 -38.28 89.67
CA GLU F 129 0.76 -37.38 88.53
C GLU F 129 0.25 -35.99 88.91
N THR F 130 -0.54 -35.88 89.97
CA THR F 130 -0.94 -34.56 90.46
C THR F 130 0.26 -33.81 91.03
N GLU F 131 1.08 -34.49 91.83
CA GLU F 131 2.30 -33.82 92.29
C GLU F 131 3.38 -33.71 91.22
N LYS F 132 3.24 -34.45 90.11
CA LYS F 132 4.24 -34.36 89.05
C LYS F 132 4.10 -33.07 88.27
N GLY F 133 2.86 -32.65 87.97
CA GLY F 133 2.63 -31.49 87.13
C GLY F 133 2.57 -30.18 87.89
N ASP F 134 2.71 -29.08 87.15
CA ASP F 134 2.81 -27.74 87.72
C ASP F 134 1.42 -27.21 88.02
N SER F 135 1.00 -27.37 89.28
CA SER F 135 -0.27 -26.88 89.83
C SER F 135 -1.46 -27.41 89.05
N VAL F 136 -1.59 -28.73 89.04
CA VAL F 136 -2.71 -29.42 88.42
C VAL F 136 -3.23 -30.45 89.40
N TYR F 137 -4.37 -31.05 89.04
CA TYR F 137 -4.88 -32.19 89.78
C TYR F 137 -5.72 -33.03 88.82
N PHE F 138 -5.51 -34.33 88.90
CA PHE F 138 -6.21 -35.29 88.06
C PHE F 138 -7.33 -35.93 88.87
N ASN F 139 -8.14 -36.73 88.19
CA ASN F 139 -9.19 -37.45 88.89
C ASN F 139 -9.57 -38.70 88.10
N ASN F 140 -10.23 -39.62 88.80
CA ASN F 140 -10.94 -40.69 88.14
C ASN F 140 -12.04 -40.11 87.26
N ASP F 141 -12.75 -39.12 87.79
CA ASP F 141 -13.81 -38.43 87.06
C ASP F 141 -13.25 -37.15 86.45
N SER F 142 -12.41 -37.33 85.43
CA SER F 142 -11.76 -36.18 84.80
C SER F 142 -11.78 -36.20 83.28
N TYR F 143 -11.92 -37.36 82.65
CA TYR F 143 -11.69 -37.42 81.21
C TYR F 143 -12.88 -36.91 80.42
N ALA F 144 -14.08 -37.41 80.73
CA ALA F 144 -15.24 -37.01 79.96
C ALA F 144 -15.67 -35.58 80.27
N SER F 145 -15.34 -35.07 81.45
CA SER F 145 -15.63 -33.68 81.77
C SER F 145 -14.58 -32.72 81.22
N ALA F 146 -13.50 -33.24 80.62
CA ALA F 146 -12.52 -32.44 79.91
C ALA F 146 -12.73 -32.46 78.41
N ARG F 147 -13.79 -33.10 77.93
CA ARG F 147 -14.15 -33.07 76.53
C ARG F 147 -15.37 -32.20 76.26
N LEU F 148 -16.10 -31.83 77.29
CA LEU F 148 -17.21 -30.89 77.21
C LEU F 148 -16.86 -29.39 77.06
N PRO F 149 -15.76 -28.85 77.62
CA PRO F 149 -15.45 -27.43 77.35
C PRO F 149 -15.23 -27.06 75.90
N CYS F 150 -14.44 -27.85 75.17
CA CYS F 150 -14.19 -27.55 73.76
C CYS F 150 -15.47 -27.68 72.95
N GLY F 151 -16.31 -28.65 73.31
CA GLY F 151 -17.59 -28.79 72.63
C GLY F 151 -18.53 -27.62 72.91
N GLY F 152 -18.54 -27.13 74.15
CA GLY F 152 -19.40 -26.01 74.47
C GLY F 152 -18.98 -24.75 73.77
N ALA F 153 -17.67 -24.50 73.72
CA ALA F 153 -17.17 -23.34 72.99
C ALA F 153 -17.44 -23.46 71.50
N ILE F 154 -17.27 -24.66 70.95
CA ILE F 154 -17.47 -24.87 69.53
C ILE F 154 -18.94 -24.70 69.16
N GLU F 155 -19.85 -25.17 70.02
CA GLU F 155 -21.26 -25.04 69.70
C GLU F 155 -21.73 -23.60 69.85
N ALA F 156 -21.22 -22.88 70.85
CA ALA F 156 -21.57 -21.46 70.98
C ALA F 156 -21.07 -20.66 69.79
N CYS F 157 -19.85 -20.93 69.36
CA CYS F 157 -19.26 -20.20 68.25
C CYS F 157 -19.95 -20.53 66.93
N LYS F 158 -20.34 -21.79 66.75
CA LYS F 158 -21.03 -22.15 65.52
C LYS F 158 -22.45 -21.59 65.49
N ALA F 159 -23.10 -21.49 66.64
CA ALA F 159 -24.41 -20.86 66.66
C ALA F 159 -24.32 -19.37 66.38
N VAL F 160 -23.22 -18.74 66.79
CA VAL F 160 -23.05 -17.32 66.44
C VAL F 160 -22.75 -17.18 64.95
N VAL F 161 -21.76 -17.94 64.46
CA VAL F 161 -21.22 -17.73 63.12
C VAL F 161 -22.24 -18.10 62.05
N GLU F 162 -22.97 -19.19 62.27
CA GLU F 162 -24.05 -19.53 61.36
C GLU F 162 -25.24 -18.59 61.47
N GLY F 163 -25.23 -17.66 62.42
CA GLY F 163 -26.30 -16.70 62.49
C GLY F 163 -27.55 -17.21 63.15
N ARG F 164 -27.46 -18.27 63.95
CA ARG F 164 -28.60 -18.66 64.73
C ARG F 164 -28.82 -17.77 65.93
N VAL F 165 -27.83 -16.96 66.30
CA VAL F 165 -27.88 -16.19 67.53
C VAL F 165 -26.89 -15.04 67.39
N LYS F 166 -27.14 -13.96 68.14
CA LYS F 166 -26.30 -12.78 68.02
C LYS F 166 -24.96 -12.98 68.72
N ASN F 167 -25.00 -13.15 70.04
CA ASN F 167 -23.79 -13.32 70.83
C ASN F 167 -24.00 -14.45 71.81
N SER F 168 -22.90 -15.03 72.28
CA SER F 168 -22.96 -16.24 73.08
C SER F 168 -22.15 -16.09 74.37
N LEU F 169 -22.77 -16.51 75.47
CA LEU F 169 -22.10 -16.63 76.75
C LEU F 169 -22.06 -18.11 77.13
N ALA F 170 -20.86 -18.64 77.30
CA ALA F 170 -20.66 -20.06 77.57
C ALA F 170 -19.93 -20.18 78.90
N VAL F 171 -20.69 -20.22 79.99
CA VAL F 171 -20.07 -20.42 81.30
C VAL F 171 -19.67 -21.89 81.44
N VAL F 172 -18.37 -22.13 81.57
CA VAL F 172 -17.75 -23.45 81.39
C VAL F 172 -16.53 -23.54 82.30
N ARG F 173 -16.45 -24.60 83.10
CA ARG F 173 -15.20 -25.00 83.72
C ARG F 173 -14.85 -26.39 83.19
N PRO F 174 -13.59 -26.83 83.29
CA PRO F 174 -12.32 -26.25 83.72
C PRO F 174 -11.83 -25.17 82.79
N PRO F 175 -10.93 -24.31 83.26
CA PRO F 175 -10.29 -23.34 82.36
C PRO F 175 -9.45 -24.01 81.29
N GLY F 176 -9.26 -23.28 80.19
CA GLY F 176 -8.55 -23.79 79.04
C GLY F 176 -7.61 -22.77 78.42
N HIS F 177 -6.95 -21.95 79.25
CA HIS F 177 -6.14 -20.85 78.74
C HIS F 177 -4.68 -20.91 79.20
N HIS F 178 -4.25 -21.98 79.85
CA HIS F 178 -2.85 -22.11 80.23
C HIS F 178 -2.15 -23.30 79.59
N ALA F 179 -2.90 -24.22 78.99
CA ALA F 179 -2.34 -25.50 78.58
C ALA F 179 -1.55 -25.39 77.29
N GLU F 180 -0.31 -25.87 77.32
CA GLU F 180 0.49 -26.01 76.12
C GLU F 180 -0.09 -27.12 75.23
N PRO F 181 0.26 -27.15 73.95
CA PRO F 181 -0.28 -28.21 73.08
C PRO F 181 0.19 -29.61 73.41
N GLN F 182 1.35 -29.76 74.04
CA GLN F 182 1.88 -31.08 74.33
C GLN F 182 1.69 -31.51 75.78
N ALA F 183 1.41 -30.58 76.68
CA ALA F 183 1.31 -30.90 78.09
C ALA F 183 0.33 -29.95 78.76
N ALA F 184 -0.33 -30.45 79.79
CA ALA F 184 -1.28 -29.66 80.54
C ALA F 184 -0.53 -28.84 81.58
N GLY F 185 -1.26 -27.99 82.29
CA GLY F 185 -0.61 -27.16 83.29
C GLY F 185 -1.51 -26.09 83.85
N GLY F 186 -1.37 -25.83 85.15
CA GLY F 186 -2.06 -24.73 85.81
C GLY F 186 -3.56 -24.88 85.85
N PHE F 187 -4.04 -26.07 86.22
CA PHE F 187 -5.46 -26.43 86.27
C PHE F 187 -6.15 -26.20 84.93
N CYS F 188 -5.40 -26.47 83.85
CA CYS F 188 -5.90 -26.42 82.50
C CYS F 188 -5.56 -27.75 81.84
N LEU F 189 -6.54 -28.36 81.20
CA LEU F 189 -6.35 -29.68 80.62
C LEU F 189 -6.36 -29.68 79.10
N PHE F 190 -7.27 -28.93 78.50
CA PHE F 190 -7.32 -28.76 77.05
C PHE F 190 -7.54 -27.30 76.73
N SER F 191 -6.74 -26.78 75.81
CA SER F 191 -6.77 -25.36 75.45
C SER F 191 -8.02 -25.11 74.62
N ASN F 192 -9.08 -24.62 75.28
CA ASN F 192 -10.42 -24.66 74.71
C ASN F 192 -10.56 -23.71 73.54
N VAL F 193 -10.13 -22.46 73.71
CA VAL F 193 -10.40 -21.42 72.74
C VAL F 193 -9.59 -21.67 71.47
N ALA F 194 -8.42 -22.27 71.60
CA ALA F 194 -7.62 -22.58 70.42
C ALA F 194 -8.26 -23.70 69.62
N VAL F 195 -8.80 -24.70 70.31
CA VAL F 195 -9.58 -25.76 69.69
C VAL F 195 -10.74 -25.18 68.91
N ALA F 196 -11.48 -24.27 69.54
CA ALA F 196 -12.66 -23.68 68.91
C ALA F 196 -12.28 -22.85 67.70
N ALA F 197 -11.23 -22.04 67.83
CA ALA F 197 -10.82 -21.16 66.75
C ALA F 197 -10.32 -21.95 65.54
N LYS F 198 -9.47 -22.95 65.76
CA LYS F 198 -8.99 -23.76 64.66
C LYS F 198 -10.10 -24.58 64.05
N ASN F 199 -11.08 -25.00 64.86
CA ASN F 199 -12.19 -25.76 64.32
C ASN F 199 -13.09 -24.90 63.44
N ILE F 200 -13.27 -23.63 63.81
CA ILE F 200 -13.98 -22.72 62.93
C ILE F 200 -13.19 -22.50 61.65
N LEU F 201 -11.87 -22.27 61.80
CA LEU F 201 -11.04 -21.90 60.66
C LEU F 201 -10.95 -23.02 59.63
N LYS F 202 -10.97 -24.26 60.07
CA LYS F 202 -11.08 -25.34 59.09
C LYS F 202 -12.52 -25.47 58.61
N ASN F 203 -13.48 -25.51 59.53
CA ASN F 203 -14.84 -25.86 59.15
C ASN F 203 -15.60 -24.70 58.52
N TYR F 204 -15.05 -23.50 58.50
CA TYR F 204 -15.71 -22.37 57.85
C TYR F 204 -14.70 -21.49 57.13
N PRO F 205 -14.05 -22.00 56.08
CA PRO F 205 -13.13 -21.12 55.35
C PRO F 205 -13.84 -20.34 54.26
N GLU F 206 -15.03 -19.81 54.54
CA GLU F 206 -15.77 -19.04 53.56
C GLU F 206 -16.41 -17.79 54.13
N SER F 207 -16.50 -17.67 55.45
CA SER F 207 -16.99 -16.46 56.08
C SER F 207 -16.11 -15.99 57.22
N VAL F 208 -15.13 -16.77 57.62
CA VAL F 208 -14.20 -16.42 58.68
C VAL F 208 -12.80 -16.67 58.17
N ARG F 209 -11.96 -15.65 58.23
CA ARG F 209 -10.54 -15.85 57.98
C ARG F 209 -9.64 -15.13 58.98
N ARG F 210 -10.16 -14.22 59.78
CA ARG F 210 -9.36 -13.49 60.75
C ARG F 210 -10.10 -13.45 62.07
N ILE F 211 -9.43 -13.80 63.16
CA ILE F 211 -10.07 -13.89 64.46
C ILE F 211 -9.22 -13.18 65.49
N MET F 212 -9.82 -12.25 66.22
CA MET F 212 -9.15 -11.51 67.27
C MET F 212 -9.56 -12.07 68.63
N ILE F 213 -8.57 -12.47 69.43
CA ILE F 213 -8.79 -13.11 70.72
C ILE F 213 -8.16 -12.25 71.81
N LEU F 214 -8.97 -11.85 72.77
CA LEU F 214 -8.53 -11.04 73.88
C LEU F 214 -8.54 -11.86 75.16
N ASP F 215 -7.61 -11.55 76.06
CA ASP F 215 -7.55 -12.15 77.39
C ASP F 215 -7.39 -11.07 78.45
N TRP F 216 -8.44 -10.82 79.22
CA TRP F 216 -8.28 -9.91 80.35
C TRP F 216 -8.07 -10.64 81.66
N ASP F 217 -7.72 -11.92 81.61
CA ASP F 217 -7.34 -12.60 82.84
C ASP F 217 -5.98 -12.11 83.30
N ILE F 218 -5.81 -11.99 84.62
CA ILE F 218 -4.58 -11.44 85.19
C ILE F 218 -3.40 -12.39 85.04
N HIS F 219 -3.63 -13.64 84.68
CA HIS F 219 -2.56 -14.54 84.30
C HIS F 219 -2.41 -14.54 82.78
N HIS F 220 -1.17 -14.70 82.34
CA HIS F 220 -0.85 -14.64 80.92
C HIS F 220 -1.27 -15.93 80.24
N GLY F 221 -1.87 -15.79 79.06
CA GLY F 221 -2.37 -16.93 78.32
C GLY F 221 -1.27 -17.66 77.59
N ASN F 222 -0.54 -18.49 78.33
CA ASN F 222 0.71 -19.08 77.84
C ASN F 222 0.47 -19.97 76.62
N GLY F 223 -0.33 -21.02 76.78
CA GLY F 223 -0.44 -22.02 75.74
C GLY F 223 -1.18 -21.51 74.52
N THR F 224 -2.18 -20.66 74.71
CA THR F 224 -2.89 -20.13 73.57
C THR F 224 -2.04 -19.15 72.79
N GLN F 225 -1.05 -18.53 73.42
CA GLN F 225 -0.09 -17.75 72.66
C GLN F 225 0.87 -18.66 71.93
N LYS F 226 1.32 -19.73 72.60
CA LYS F 226 2.31 -20.62 71.99
C LYS F 226 1.73 -21.40 70.82
N SER F 227 0.41 -21.60 70.82
CA SER F 227 -0.21 -22.28 69.70
C SER F 227 -0.30 -21.40 68.46
N PHE F 228 -0.26 -20.08 68.63
CA PHE F 228 -0.46 -19.17 67.51
C PHE F 228 0.73 -18.24 67.30
N TYR F 229 1.90 -18.60 67.80
CA TYR F 229 3.07 -17.75 67.61
C TYR F 229 3.62 -17.80 66.20
N GLN F 230 3.14 -18.72 65.37
CA GLN F 230 3.55 -18.81 63.97
C GLN F 230 2.39 -18.66 63.02
N ASP F 231 1.22 -18.26 63.50
CA ASP F 231 0.07 -18.06 62.62
C ASP F 231 -0.16 -16.58 62.38
N ASP F 232 -0.67 -16.27 61.19
CA ASP F 232 -0.92 -14.90 60.77
C ASP F 232 -2.39 -14.56 60.66
N GLN F 233 -3.27 -15.54 60.68
CA GLN F 233 -4.69 -15.28 60.54
C GLN F 233 -5.40 -15.14 61.88
N VAL F 234 -4.66 -15.16 62.98
CA VAL F 234 -5.25 -15.02 64.29
C VAL F 234 -4.46 -14.00 65.09
N LEU F 235 -5.18 -13.07 65.69
CA LEU F 235 -4.59 -12.05 66.53
C LEU F 235 -4.83 -12.42 67.99
N TYR F 236 -3.81 -12.25 68.81
CA TYR F 236 -3.94 -12.50 70.24
C TYR F 236 -3.46 -11.27 71.00
N VAL F 237 -4.24 -10.88 72.01
CA VAL F 237 -3.86 -9.77 72.87
C VAL F 237 -4.16 -10.16 74.31
N SER F 238 -3.24 -9.84 75.22
CA SER F 238 -3.43 -10.18 76.61
C SER F 238 -3.09 -9.01 77.51
N LEU F 239 -3.76 -8.97 78.65
CA LEU F 239 -3.49 -7.97 79.68
C LEU F 239 -3.20 -8.72 80.96
N HIS F 240 -1.98 -8.59 81.50
CA HIS F 240 -1.67 -9.32 82.71
C HIS F 240 -0.51 -8.63 83.43
N ARG F 241 -0.32 -9.04 84.68
CA ARG F 241 0.91 -8.69 85.39
C ARG F 241 1.99 -9.67 84.97
N PHE F 242 3.22 -9.18 84.88
CA PHE F 242 4.30 -10.04 84.40
C PHE F 242 5.37 -10.30 85.45
N GLU F 243 6.07 -9.26 85.90
CA GLU F 243 6.93 -9.25 87.08
C GLU F 243 8.10 -10.25 87.12
N MET F 244 8.24 -11.08 86.08
CA MET F 244 9.35 -12.02 85.86
C MET F 244 9.57 -12.96 87.05
N GLY F 245 8.60 -13.87 87.22
CA GLY F 245 8.76 -14.99 88.12
C GLY F 245 8.01 -14.86 89.42
N LYS F 246 7.62 -13.65 89.81
CA LYS F 246 6.88 -13.48 91.05
C LYS F 246 5.46 -13.99 90.90
N TYR F 247 4.76 -13.53 89.88
CA TYR F 247 3.40 -13.97 89.61
C TYR F 247 3.42 -15.16 88.66
N TYR F 248 2.31 -15.89 88.65
CA TYR F 248 2.20 -17.07 87.83
C TYR F 248 2.09 -16.68 86.35
N PRO F 249 2.77 -17.40 85.44
CA PRO F 249 3.82 -18.37 85.75
C PRO F 249 5.18 -17.72 85.87
N GLY F 250 5.31 -16.54 85.28
CA GLY F 250 6.56 -15.81 85.33
C GLY F 250 7.66 -16.45 84.52
N THR F 251 7.50 -16.47 83.20
CA THR F 251 8.53 -16.89 82.27
C THR F 251 8.66 -15.84 81.19
N ILE F 252 9.54 -16.10 80.21
CA ILE F 252 9.87 -15.07 79.22
C ILE F 252 8.75 -14.84 78.22
N GLN F 253 7.85 -15.80 78.04
CA GLN F 253 6.76 -15.60 77.09
C GLN F 253 5.65 -14.73 77.63
N GLY F 254 5.70 -14.35 78.90
CA GLY F 254 4.80 -13.33 79.37
C GLY F 254 5.27 -11.92 79.14
N GLN F 255 6.54 -11.74 78.77
CA GLN F 255 7.07 -10.41 78.57
C GLN F 255 6.54 -9.80 77.27
N TYR F 256 6.46 -8.47 77.25
CA TYR F 256 5.71 -7.79 76.20
C TYR F 256 6.44 -7.78 74.87
N ASP F 257 7.77 -7.80 74.90
CA ASP F 257 8.58 -7.69 73.69
C ASP F 257 8.48 -8.89 72.77
N GLN F 258 7.86 -9.98 73.22
CA GLN F 258 7.49 -11.04 72.31
C GLN F 258 6.31 -10.58 71.45
N THR F 259 6.51 -10.55 70.15
CA THR F 259 5.50 -10.05 69.22
C THR F 259 5.00 -11.10 68.25
N GLY F 260 5.68 -12.22 68.11
CA GLY F 260 5.37 -13.16 67.05
C GLY F 260 6.62 -13.64 66.37
N GLU F 261 6.48 -14.56 65.44
CA GLU F 261 7.65 -15.14 64.79
C GLU F 261 7.27 -15.48 63.35
N GLY F 262 8.20 -15.23 62.44
CA GLY F 262 8.03 -15.65 61.05
C GLY F 262 6.95 -14.87 60.35
N LYS F 263 6.13 -15.56 59.58
CA LYS F 263 5.05 -14.90 58.87
C LYS F 263 3.88 -14.56 59.78
N GLY F 264 3.88 -15.03 61.02
CA GLY F 264 2.85 -14.64 61.96
C GLY F 264 3.30 -13.50 62.86
N GLU F 265 4.33 -12.78 62.42
CA GLU F 265 4.85 -11.66 63.19
C GLU F 265 3.85 -10.51 63.20
N GLY F 266 3.85 -9.78 64.30
CA GLY F 266 2.95 -8.65 64.43
C GLY F 266 1.50 -9.03 64.62
N PHE F 267 1.25 -10.15 65.28
CA PHE F 267 -0.11 -10.57 65.57
C PHE F 267 -0.24 -11.02 67.02
N ASN F 268 0.51 -10.37 67.90
CA ASN F 268 0.55 -10.79 69.31
C ASN F 268 0.93 -9.58 70.15
N CYS F 269 0.04 -9.19 71.05
CA CYS F 269 0.25 -8.00 71.86
C CYS F 269 0.09 -8.34 73.34
N ASN F 270 0.98 -7.79 74.15
CA ASN F 270 1.01 -8.06 75.57
C ASN F 270 1.08 -6.76 76.34
N ILE F 271 0.24 -6.62 77.35
CA ILE F 271 0.21 -5.43 78.19
C ILE F 271 0.51 -5.86 79.62
N THR F 272 1.66 -5.44 80.12
CA THR F 272 2.19 -5.96 81.38
C THR F 272 2.06 -4.89 82.46
N TRP F 273 1.10 -5.06 83.35
CA TRP F 273 1.03 -4.21 84.52
C TRP F 273 2.22 -4.52 85.42
N PRO F 274 3.09 -3.56 85.69
CA PRO F 274 4.33 -3.88 86.41
C PRO F 274 4.12 -4.09 87.89
N VAL F 275 3.11 -3.43 88.45
CA VAL F 275 2.74 -3.58 89.85
C VAL F 275 1.25 -3.84 89.93
N GLY F 276 0.86 -4.78 90.78
CA GLY F 276 -0.54 -4.99 91.03
C GLY F 276 -1.15 -3.83 91.77
N GLY F 277 -2.46 -3.68 91.61
CA GLY F 277 -3.17 -2.62 92.29
C GLY F 277 -3.79 -1.61 91.35
N VAL F 278 -4.00 -2.02 90.10
CA VAL F 278 -4.62 -1.13 89.13
C VAL F 278 -6.12 -1.03 89.40
N GLY F 279 -6.72 0.02 88.84
CA GLY F 279 -8.13 0.28 88.96
C GLY F 279 -8.79 0.44 87.61
N ASP F 280 -9.84 1.26 87.54
CA ASP F 280 -10.66 1.33 86.34
C ASP F 280 -9.93 2.05 85.21
N ALA F 281 -9.37 3.22 85.52
CA ALA F 281 -8.87 4.12 84.48
C ALA F 281 -7.68 3.54 83.76
N GLU F 282 -6.91 2.68 84.42
CA GLU F 282 -5.84 1.94 83.76
C GLU F 282 -6.40 1.07 82.65
N TYR F 283 -7.48 0.36 82.94
CA TYR F 283 -8.10 -0.50 81.93
C TYR F 283 -8.73 0.33 80.82
N MET F 284 -9.35 1.45 81.18
CA MET F 284 -9.99 2.30 80.19
C MET F 284 -8.98 2.92 79.25
N TRP F 285 -7.86 3.41 79.80
CA TRP F 285 -6.81 3.99 78.98
C TRP F 285 -6.15 2.93 78.13
N ALA F 286 -5.97 1.73 78.67
CA ALA F 286 -5.35 0.66 77.90
C ALA F 286 -6.25 0.22 76.76
N PHE F 287 -7.56 0.28 76.96
CA PHE F 287 -8.47 -0.05 75.88
C PHE F 287 -8.48 1.03 74.82
N GLU F 288 -8.50 2.29 75.25
CA GLU F 288 -8.68 3.39 74.31
C GLU F 288 -7.44 3.61 73.48
N GLN F 289 -6.27 3.44 74.05
CA GLN F 289 -5.08 3.79 73.31
C GLN F 289 -4.45 2.62 72.59
N VAL F 290 -4.83 1.39 72.90
CA VAL F 290 -4.15 0.24 72.34
C VAL F 290 -5.12 -0.70 71.64
N VAL F 291 -6.16 -1.11 72.38
CA VAL F 291 -6.98 -2.23 71.96
C VAL F 291 -7.83 -1.85 70.76
N MET F 292 -8.70 -0.85 70.94
CA MET F 292 -9.61 -0.44 69.88
C MET F 292 -8.98 0.01 68.56
N PRO F 293 -7.88 0.79 68.52
CA PRO F 293 -7.37 1.16 67.19
C PRO F 293 -6.78 -0.01 66.45
N MET F 294 -6.06 -0.88 67.14
CA MET F 294 -5.54 -2.07 66.46
C MET F 294 -6.67 -3.01 66.08
N GLY F 295 -7.75 -3.00 66.85
CA GLY F 295 -8.89 -3.83 66.51
C GLY F 295 -9.57 -3.34 65.23
N ARG F 296 -9.80 -2.03 65.15
CA ARG F 296 -10.38 -1.46 63.94
C ARG F 296 -9.43 -1.58 62.77
N GLU F 297 -8.13 -1.64 63.05
CA GLU F 297 -7.15 -1.91 62.01
C GLU F 297 -7.29 -3.32 61.48
N PHE F 298 -7.47 -4.30 62.36
CA PHE F 298 -7.31 -5.68 61.92
C PHE F 298 -8.48 -6.20 61.10
N LYS F 299 -9.64 -5.55 61.20
CA LYS F 299 -10.91 -5.95 60.59
C LYS F 299 -11.23 -7.40 60.94
N PRO F 300 -11.63 -7.67 62.17
CA PRO F 300 -11.84 -9.06 62.58
C PRO F 300 -13.14 -9.62 62.04
N ASP F 301 -13.11 -10.90 61.70
CA ASP F 301 -14.34 -11.61 61.36
C ASP F 301 -15.05 -12.13 62.60
N LEU F 302 -14.32 -12.29 63.70
CA LEU F 302 -14.84 -12.95 64.88
C LEU F 302 -13.97 -12.57 66.06
N VAL F 303 -14.61 -12.26 67.18
CA VAL F 303 -13.92 -11.80 68.38
C VAL F 303 -14.18 -12.81 69.49
N ILE F 304 -13.10 -13.33 70.06
CA ILE F 304 -13.16 -14.29 71.15
C ILE F 304 -12.65 -13.62 72.41
N ILE F 305 -13.55 -13.35 73.33
CA ILE F 305 -13.16 -12.92 74.66
C ILE F 305 -12.89 -14.17 75.47
N SER F 306 -11.72 -14.25 76.07
CA SER F 306 -11.40 -15.29 77.04
C SER F 306 -11.37 -14.59 78.38
N SER F 307 -12.53 -14.50 79.01
CA SER F 307 -12.66 -13.75 80.25
C SER F 307 -12.16 -14.57 81.43
N GLY F 308 -11.37 -13.92 82.27
CA GLY F 308 -11.07 -14.45 83.58
C GLY F 308 -11.25 -13.32 84.56
N PHE F 309 -12.18 -13.47 85.49
CA PHE F 309 -12.52 -12.39 86.40
C PHE F 309 -11.63 -12.36 87.63
N ASP F 310 -10.46 -12.97 87.56
CA ASP F 310 -9.60 -13.03 88.73
C ASP F 310 -8.96 -11.70 89.06
N ALA F 311 -8.98 -10.74 88.15
CA ALA F 311 -8.45 -9.42 88.43
C ALA F 311 -9.52 -8.47 88.95
N ALA F 312 -10.65 -8.99 89.42
CA ALA F 312 -11.72 -8.12 89.88
C ALA F 312 -11.41 -7.56 91.27
N ASP F 313 -12.29 -6.67 91.73
CA ASP F 313 -12.16 -6.12 93.06
C ASP F 313 -12.51 -7.17 94.11
N GLY F 314 -11.93 -7.01 95.30
CA GLY F 314 -12.23 -7.90 96.40
C GLY F 314 -11.59 -9.26 96.32
N ASP F 315 -10.65 -9.48 95.41
CA ASP F 315 -9.98 -10.76 95.33
C ASP F 315 -8.73 -10.75 96.21
N THR F 316 -7.99 -11.86 96.18
CA THR F 316 -6.79 -12.02 96.99
C THR F 316 -5.63 -12.43 96.11
N ILE F 317 -5.93 -13.17 95.04
CA ILE F 317 -4.89 -13.66 94.17
C ILE F 317 -4.36 -12.54 93.28
N GLY F 318 -5.23 -11.66 92.81
CA GLY F 318 -4.80 -10.62 91.88
C GLY F 318 -4.65 -9.24 92.48
N GLN F 319 -5.50 -8.93 93.46
CA GLN F 319 -5.47 -7.69 94.25
C GLN F 319 -5.63 -6.45 93.37
N CYS F 320 -6.79 -6.33 92.74
CA CYS F 320 -7.11 -5.10 92.03
C CYS F 320 -8.43 -4.54 92.52
N HIS F 321 -8.93 -3.50 91.84
CA HIS F 321 -10.14 -2.82 92.25
C HIS F 321 -11.05 -2.59 91.05
N VAL F 322 -11.24 -3.64 90.24
CA VAL F 322 -12.00 -3.51 89.01
C VAL F 322 -13.49 -3.61 89.34
N THR F 323 -14.20 -2.50 89.21
CA THR F 323 -15.65 -2.52 89.34
C THR F 323 -16.26 -3.17 88.11
N PRO F 324 -17.48 -3.70 88.22
CA PRO F 324 -18.11 -4.32 87.03
C PRO F 324 -18.47 -3.33 85.94
N SER F 325 -18.60 -2.04 86.25
CA SER F 325 -18.93 -1.06 85.23
C SER F 325 -17.80 -0.90 84.22
N CYS F 326 -16.56 -1.05 84.67
CA CYS F 326 -15.43 -1.00 83.76
C CYS F 326 -15.45 -2.18 82.80
N TYR F 327 -15.86 -3.35 83.30
CA TYR F 327 -16.09 -4.50 82.44
C TYR F 327 -17.20 -4.22 81.44
N GLY F 328 -18.27 -3.55 81.88
CA GLY F 328 -19.35 -3.21 80.97
C GLY F 328 -18.91 -2.29 79.85
N HIS F 329 -18.08 -1.31 80.19
CA HIS F 329 -17.61 -0.37 79.17
C HIS F 329 -16.65 -1.04 78.19
N MET F 330 -15.77 -1.90 78.70
CA MET F 330 -14.85 -2.56 77.80
C MET F 330 -15.57 -3.56 76.89
N THR F 331 -16.62 -4.20 77.40
CA THR F 331 -17.42 -5.05 76.54
C THR F 331 -18.25 -4.26 75.56
N HIS F 332 -18.64 -3.04 75.92
CA HIS F 332 -19.38 -2.20 75.00
C HIS F 332 -18.52 -1.83 73.81
N MET F 333 -17.28 -1.43 74.08
CA MET F 333 -16.35 -1.12 72.99
C MET F 333 -16.04 -2.36 72.16
N LEU F 334 -15.85 -3.50 72.82
CA LEU F 334 -15.54 -4.72 72.08
C LEU F 334 -16.72 -5.20 71.27
N LYS F 335 -17.94 -4.92 71.73
CA LYS F 335 -19.11 -5.17 70.92
C LYS F 335 -19.10 -4.26 69.70
N SER F 336 -18.68 -3.02 69.88
CA SER F 336 -18.60 -2.10 68.76
C SER F 336 -17.50 -2.46 67.76
N LEU F 337 -16.56 -3.32 68.15
CA LEU F 337 -15.40 -3.57 67.29
C LEU F 337 -15.71 -4.20 65.95
N ALA F 338 -16.14 -5.44 65.91
CA ALA F 338 -16.59 -6.03 64.67
C ALA F 338 -18.09 -5.82 64.56
N ARG F 339 -18.77 -6.55 63.67
CA ARG F 339 -20.18 -6.30 63.47
C ARG F 339 -21.05 -6.85 64.60
N GLY F 340 -20.48 -7.60 65.54
CA GLY F 340 -21.27 -8.10 66.64
C GLY F 340 -20.87 -9.52 67.00
N ASN F 341 -19.89 -10.06 66.30
CA ASN F 341 -19.51 -11.45 66.45
C ASN F 341 -18.73 -11.63 67.76
N LEU F 342 -19.45 -12.04 68.81
CA LEU F 342 -18.87 -12.17 70.14
C LEU F 342 -19.22 -13.53 70.73
N CYS F 343 -18.20 -14.29 71.08
CA CYS F 343 -18.35 -15.41 71.99
C CYS F 343 -17.64 -15.05 73.28
N VAL F 344 -18.26 -15.37 74.40
CA VAL F 344 -17.69 -15.05 75.70
C VAL F 344 -17.61 -16.32 76.52
N VAL F 345 -16.40 -16.73 76.86
CA VAL F 345 -16.19 -17.91 77.68
C VAL F 345 -15.56 -17.47 78.99
N LEU F 346 -15.31 -18.42 79.88
CA LEU F 346 -14.86 -18.11 81.23
C LEU F 346 -13.58 -18.89 81.52
N GLU F 347 -12.62 -18.24 82.18
CA GLU F 347 -11.39 -18.90 82.59
C GLU F 347 -11.12 -18.84 84.09
N GLY F 348 -11.20 -17.66 84.69
CA GLY F 348 -10.74 -17.45 86.05
C GLY F 348 -11.86 -17.39 87.07
N GLY F 349 -11.71 -16.49 88.03
CA GLY F 349 -12.75 -16.24 89.01
C GLY F 349 -12.61 -17.07 90.27
N TYR F 350 -12.31 -16.42 91.40
CA TYR F 350 -12.05 -17.13 92.65
C TYR F 350 -12.71 -16.44 93.84
N ASN F 351 -13.81 -15.74 93.61
CA ASN F 351 -14.58 -15.12 94.68
C ASN F 351 -15.99 -14.91 94.17
N LEU F 352 -16.97 -15.42 94.93
CA LEU F 352 -18.28 -15.72 94.34
C LEU F 352 -19.11 -14.48 94.08
N ASP F 353 -19.19 -13.57 95.05
CA ASP F 353 -20.06 -12.40 94.90
C ASP F 353 -19.54 -11.46 93.83
N ALA F 354 -18.22 -11.33 93.73
CA ALA F 354 -17.62 -10.43 92.76
C ALA F 354 -17.82 -10.94 91.34
N ILE F 355 -17.57 -12.23 91.12
CA ILE F 355 -17.78 -12.80 89.80
C ILE F 355 -19.26 -12.83 89.46
N ALA F 356 -20.11 -12.88 90.49
CA ALA F 356 -21.55 -12.82 90.27
C ALA F 356 -21.97 -11.45 89.74
N ARG F 357 -21.53 -10.38 90.40
CA ARG F 357 -21.89 -9.05 89.95
C ARG F 357 -21.26 -8.71 88.61
N SER F 358 -20.03 -9.18 88.38
CA SER F 358 -19.35 -8.94 87.11
C SER F 358 -20.05 -9.62 85.95
N ALA F 359 -20.39 -10.91 86.11
CA ALA F 359 -21.08 -11.61 85.04
C ALA F 359 -22.49 -11.09 84.86
N LEU F 360 -23.09 -10.56 85.92
CA LEU F 360 -24.38 -9.89 85.80
C LEU F 360 -24.27 -8.69 84.88
N SER F 361 -23.25 -7.86 85.09
CA SER F 361 -23.09 -6.68 84.25
C SER F 361 -22.75 -7.05 82.81
N VAL F 362 -21.95 -8.10 82.63
CA VAL F 362 -21.57 -8.53 81.29
C VAL F 362 -22.79 -9.09 80.55
N ALA F 363 -23.65 -9.82 81.26
CA ALA F 363 -24.88 -10.29 80.64
C ALA F 363 -25.81 -9.14 80.30
N LYS F 364 -25.82 -8.10 81.15
CA LYS F 364 -26.66 -6.94 80.91
C LYS F 364 -26.22 -6.20 79.65
N VAL F 365 -24.91 -6.02 79.46
CA VAL F 365 -24.50 -5.29 78.27
C VAL F 365 -24.60 -6.19 77.03
N LEU F 366 -24.39 -7.49 77.17
CA LEU F 366 -24.50 -8.37 76.03
C LEU F 366 -25.93 -8.60 75.61
N ILE F 367 -26.90 -8.31 76.47
CA ILE F 367 -28.28 -8.43 76.03
C ILE F 367 -28.82 -7.10 75.50
N GLY F 368 -28.26 -5.97 75.92
CA GLY F 368 -28.68 -4.73 75.28
C GLY F 368 -28.76 -3.47 76.13
N GLU F 369 -28.65 -3.57 77.45
CA GLU F 369 -28.64 -2.37 78.25
C GLU F 369 -27.32 -1.62 78.07
N PRO F 370 -27.35 -0.29 78.21
CA PRO F 370 -26.10 0.44 78.26
C PRO F 370 -25.37 0.13 79.56
N PRO F 371 -24.04 0.18 79.55
CA PRO F 371 -23.30 0.00 80.80
C PRO F 371 -23.53 1.18 81.72
N ASP F 372 -23.56 0.90 83.01
CA ASP F 372 -23.85 1.93 83.98
C ASP F 372 -22.63 2.81 84.20
N GLU F 373 -22.83 3.85 85.01
CA GLU F 373 -21.81 4.86 85.18
C GLU F 373 -20.67 4.35 86.06
N LEU F 374 -19.64 5.05 86.05
CA LEU F 374 -18.44 4.68 86.78
C LEU F 374 -18.51 5.22 88.21
N PRO F 375 -17.82 4.57 89.15
CA PRO F 375 -17.85 5.08 90.54
C PRO F 375 -17.09 6.38 90.71
N ASP F 376 -15.92 6.52 90.08
CA ASP F 376 -15.16 7.75 90.20
C ASP F 376 -14.33 8.00 88.94
N PRO F 377 -14.70 9.01 88.15
CA PRO F 377 -13.93 9.29 86.93
C PRO F 377 -12.59 9.93 87.20
N LEU F 378 -12.50 10.79 88.20
CA LEU F 378 -11.26 11.50 88.53
C LEU F 378 -10.31 10.51 89.19
N SER F 379 -9.60 9.76 88.36
CA SER F 379 -8.87 8.60 88.84
C SER F 379 -7.37 8.71 88.66
N ASP F 380 -6.89 9.23 87.52
CA ASP F 380 -5.49 9.60 87.26
C ASP F 380 -4.51 8.46 87.49
N PRO F 381 -4.40 7.53 86.53
CA PRO F 381 -3.64 6.29 86.76
C PRO F 381 -2.14 6.44 87.01
N LYS F 382 -1.49 5.31 87.29
CA LYS F 382 -0.10 5.30 87.71
C LYS F 382 0.83 5.52 86.54
N PRO F 383 1.90 6.30 86.73
CA PRO F 383 2.71 6.73 85.58
C PRO F 383 3.55 5.63 84.95
N GLU F 384 3.97 4.63 85.71
CA GLU F 384 4.76 3.54 85.14
C GLU F 384 3.94 2.72 84.15
N VAL F 385 2.62 2.65 84.37
CA VAL F 385 1.72 2.07 83.38
C VAL F 385 1.77 2.86 82.08
N ILE F 386 1.85 4.17 82.21
CA ILE F 386 1.85 5.03 81.03
C ILE F 386 3.13 4.86 80.25
N GLU F 387 4.27 4.77 80.95
CA GLU F 387 5.52 4.65 80.21
C GLU F 387 5.66 3.28 79.58
N MET F 388 5.14 2.22 80.22
CA MET F 388 5.21 0.93 79.56
C MET F 388 4.24 0.87 78.40
N ILE F 389 3.10 1.55 78.50
CA ILE F 389 2.17 1.63 77.37
C ILE F 389 2.84 2.31 76.19
N ASP F 390 3.59 3.36 76.45
CA ASP F 390 4.39 4.00 75.41
C ASP F 390 5.40 3.03 74.82
N LYS F 391 6.02 2.22 75.67
CA LYS F 391 6.96 1.21 75.19
C LYS F 391 6.28 0.19 74.30
N VAL F 392 5.04 -0.16 74.60
CA VAL F 392 4.25 -1.03 73.72
C VAL F 392 4.05 -0.36 72.38
N ILE F 393 3.61 0.91 72.41
CA ILE F 393 3.20 1.63 71.22
C ILE F 393 4.37 1.79 70.26
N ARG F 394 5.59 1.85 70.80
CA ARG F 394 6.79 1.86 69.96
C ARG F 394 6.87 0.63 69.07
N LEU F 395 6.85 -0.56 69.65
CA LEU F 395 7.04 -1.75 68.84
C LEU F 395 5.80 -2.08 68.03
N GLN F 396 4.63 -1.69 68.52
CA GLN F 396 3.43 -1.82 67.72
C GLN F 396 3.51 -0.93 66.49
N SER F 397 4.11 0.24 66.64
CA SER F 397 4.31 1.13 65.50
C SER F 397 5.37 0.56 64.57
N LYS F 398 6.30 -0.21 65.11
CA LYS F 398 7.23 -0.95 64.25
C LYS F 398 6.49 -1.98 63.42
N TYR F 399 5.46 -2.59 63.99
CA TYR F 399 4.74 -3.61 63.24
C TYR F 399 3.49 -3.10 62.54
N TRP F 400 2.69 -2.27 63.19
CA TRP F 400 1.47 -1.79 62.59
C TRP F 400 1.71 -0.46 61.87
N ASN F 401 0.62 0.21 61.52
CA ASN F 401 0.67 1.52 60.89
C ASN F 401 -0.08 2.58 61.65
N CYS F 402 -0.94 2.20 62.58
CA CYS F 402 -1.87 3.12 63.21
C CYS F 402 -1.27 3.82 64.42
N PHE F 403 0.05 3.86 64.53
CA PHE F 403 0.70 4.52 65.65
C PHE F 403 1.77 5.49 65.15
N ARG F 404 2.32 5.20 63.97
CA ARG F 404 3.04 6.23 63.25
C ARG F 404 2.09 7.36 62.88
N ARG F 405 2.64 8.57 62.81
CA ARG F 405 1.96 9.81 62.42
C ARG F 405 0.85 10.23 63.37
N ARG F 406 0.66 9.54 64.50
CA ARG F 406 -0.25 10.02 65.52
C ARG F 406 0.33 9.91 66.92
N HIS F 407 1.52 9.36 67.06
CA HIS F 407 2.20 9.34 68.34
C HIS F 407 3.67 9.66 68.18
N ALA F 408 3.98 10.46 67.16
CA ALA F 408 5.30 11.00 66.89
C ALA F 408 6.32 9.88 66.69
N ASN F 409 6.07 9.07 65.67
CA ASN F 409 6.89 7.90 65.45
C ASN F 409 7.32 7.72 64.01
N SER F 410 6.81 8.51 63.09
CA SER F 410 7.13 8.30 61.68
C SER F 410 8.52 8.79 61.31
N GLY F 411 9.23 9.44 62.23
CA GLY F 411 10.56 9.92 61.95
C GLY F 411 11.54 8.79 61.71
N CYS F 412 11.84 8.03 62.74
CA CYS F 412 12.74 6.90 62.54
C CYS F 412 11.95 5.66 62.20
N ASN F 413 12.63 4.70 61.61
CA ASN F 413 12.06 3.39 61.32
C ASN F 413 12.68 2.40 62.29
N PHE F 414 11.87 1.87 63.20
CA PHE F 414 12.39 1.00 64.23
C PHE F 414 12.68 -0.42 63.76
N ASN F 415 12.35 -0.75 62.51
CA ASN F 415 12.54 -2.12 62.04
C ASN F 415 14.01 -2.48 61.84
N GLU F 416 14.84 -1.54 61.79
CA GLU F 416 16.26 -1.81 61.90
C GLU F 416 16.73 -1.54 63.32
N PRO F 417 17.75 -2.24 63.79
CA PRO F 417 18.23 -2.00 65.15
C PRO F 417 18.98 -0.69 65.28
N ILE F 418 18.87 -0.11 66.47
CA ILE F 418 19.73 1.01 66.84
C ILE F 418 21.15 0.45 66.91
N ASN F 419 21.97 0.81 65.94
CA ASN F 419 23.21 0.10 65.69
C ASN F 419 24.36 1.07 65.67
N ASP F 420 25.57 0.53 65.84
CA ASP F 420 26.80 1.22 65.51
C ASP F 420 27.42 0.68 64.23
N SER F 421 26.84 -0.36 63.64
CA SER F 421 27.36 -0.93 62.41
C SER F 421 26.75 -0.20 61.21
N ILE F 422 27.31 -0.48 60.03
CA ILE F 422 26.84 0.14 58.80
C ILE F 422 25.66 -0.59 58.19
N ILE F 423 25.20 -1.68 58.81
CA ILE F 423 24.09 -2.44 58.25
C ILE F 423 22.79 -1.68 58.44
N SER F 424 22.63 -1.00 59.56
CA SER F 424 21.42 -0.27 59.87
C SER F 424 21.70 1.22 59.80
N LYS F 425 20.72 1.97 59.34
CA LYS F 425 20.89 3.40 59.14
C LYS F 425 20.78 4.20 60.42
N ASN F 426 20.31 3.61 61.50
CA ASN F 426 20.10 4.37 62.72
C ASN F 426 21.31 4.29 63.63
N PHE F 427 21.60 5.40 64.31
CA PHE F 427 22.77 5.49 65.15
C PHE F 427 22.40 6.26 66.41
N PRO F 428 22.80 5.77 67.59
CA PRO F 428 22.45 6.45 68.83
C PRO F 428 23.26 7.72 69.00
N LEU F 429 22.78 8.56 69.92
CA LEU F 429 23.31 9.92 70.01
C LEU F 429 24.29 10.12 71.15
N GLN F 430 24.26 9.25 72.17
CA GLN F 430 25.20 9.37 73.28
C GLN F 430 26.64 9.16 72.81
N LYS F 431 26.83 8.29 71.81
CA LYS F 431 28.15 8.04 71.25
C LYS F 431 28.74 9.29 70.63
N ALA F 432 27.91 10.07 69.95
CA ALA F 432 28.39 11.27 69.29
C ALA F 432 28.78 12.34 70.29
N ILE F 433 27.97 12.53 71.34
CA ILE F 433 28.24 13.53 72.36
C ILE F 433 29.52 13.20 73.11
N ARG F 434 29.65 11.95 73.54
CA ARG F 434 30.85 11.58 74.28
C ARG F 434 32.08 11.56 73.37
N GLN F 435 31.91 11.26 72.09
CA GLN F 435 33.01 11.28 71.14
C GLN F 435 33.54 12.69 70.93
N GLN F 436 32.64 13.64 70.69
CA GLN F 436 33.04 15.03 70.47
C GLN F 436 33.63 15.64 71.74
N GLN F 437 33.03 15.34 72.89
CA GLN F 437 33.51 15.90 74.14
C GLN F 437 34.85 15.28 74.53
N GLN F 438 35.06 13.99 74.20
CA GLN F 438 36.33 13.33 74.42
C GLN F 438 37.41 13.94 73.55
N HIS F 439 37.10 14.21 72.28
CA HIS F 439 38.08 14.83 71.39
C HIS F 439 38.43 16.24 71.85
N TYR F 440 37.43 16.98 72.35
CA TYR F 440 37.66 18.34 72.84
C TYR F 440 38.57 18.34 74.06
N LEU F 441 38.26 17.49 75.05
CA LEU F 441 39.11 17.40 76.23
C LEU F 441 40.41 16.67 75.98
N SER F 442 40.53 15.98 74.84
CA SER F 442 41.81 15.40 74.45
C SER F 442 42.73 16.45 73.86
N ASP F 443 42.19 17.36 73.04
CA ASP F 443 43.07 18.40 72.51
C ASP F 443 43.36 19.47 73.55
N GLU F 444 42.44 19.74 74.47
CA GLU F 444 42.68 20.79 75.44
C GLU F 444 43.59 20.35 76.56
N PHE F 445 43.17 19.37 77.35
CA PHE F 445 43.88 19.03 78.57
C PHE F 445 44.33 17.58 78.61
N ASN F 446 44.16 16.85 77.51
CA ASN F 446 44.70 15.49 77.31
C ASN F 446 44.18 14.52 78.37
N PHE F 447 42.88 14.56 78.61
CA PHE F 447 42.29 13.81 79.72
C PHE F 447 42.22 12.33 79.41
N VAL F 448 42.75 11.52 80.33
CA VAL F 448 42.62 10.07 80.23
C VAL F 448 41.18 9.66 80.51
N THR F 449 40.80 8.49 80.01
CA THR F 449 39.57 7.87 80.43
C THR F 449 39.89 6.81 81.48
N LEU F 450 38.91 6.51 82.33
CA LEU F 450 39.11 5.45 83.31
C LEU F 450 38.44 4.20 82.80
N PRO F 451 39.17 3.12 82.56
CA PRO F 451 38.54 1.89 82.08
C PRO F 451 37.82 1.15 83.20
N LEU F 452 36.72 0.51 82.83
CA LEU F 452 35.90 -0.24 83.76
C LEU F 452 36.03 -1.72 83.42
N VAL F 453 37.03 -2.37 84.02
CA VAL F 453 37.20 -3.80 83.81
C VAL F 453 36.11 -4.52 84.58
N SER F 454 35.63 -5.64 84.01
CA SER F 454 34.58 -6.50 84.57
C SER F 454 33.24 -5.78 84.71
N MET F 455 33.02 -4.74 83.89
CA MET F 455 31.73 -4.08 83.82
C MET F 455 31.42 -3.82 82.35
N ASP F 456 30.30 -4.35 81.86
CA ASP F 456 29.93 -4.22 80.46
C ASP F 456 29.40 -2.81 80.23
N LEU F 457 30.30 -1.91 79.86
CA LEU F 457 30.00 -0.49 79.71
C LEU F 457 30.81 0.02 78.52
N PRO F 458 30.42 1.17 77.95
CA PRO F 458 31.26 1.79 76.92
C PRO F 458 32.58 2.29 77.49
N ASP F 459 33.49 2.61 76.57
CA ASP F 459 34.88 2.86 76.94
C ASP F 459 35.05 4.16 77.70
N ASN F 460 34.76 5.29 77.07
CA ASN F 460 35.00 6.59 77.69
C ASN F 460 33.80 7.05 78.51
N THR F 461 33.32 6.19 79.40
CA THR F 461 32.16 6.54 80.21
C THR F 461 32.53 7.52 81.32
N VAL F 462 33.69 7.34 81.94
CA VAL F 462 34.16 8.26 82.97
C VAL F 462 35.57 8.72 82.63
N LEU F 463 35.88 9.96 83.02
CA LEU F 463 37.08 10.62 82.58
C LEU F 463 37.89 11.11 83.77
N CYS F 464 39.22 11.17 83.60
CA CYS F 464 40.11 11.67 84.63
C CYS F 464 41.25 12.45 83.98
N THR F 465 41.96 13.19 84.81
CA THR F 465 43.24 13.76 84.38
C THR F 465 44.34 12.71 84.57
N PRO F 466 45.42 12.77 83.78
CA PRO F 466 46.54 11.87 84.02
C PRO F 466 47.26 12.21 85.32
N ASN F 467 47.90 11.18 85.90
CA ASN F 467 48.48 11.20 87.25
C ASN F 467 47.45 11.64 88.29
N ILE F 468 46.24 11.07 88.18
CA ILE F 468 45.17 11.37 89.12
C ILE F 468 45.50 10.79 90.49
N SER F 469 46.30 9.71 90.54
CA SER F 469 46.76 9.16 91.80
C SER F 469 47.72 10.12 92.50
N GLU F 470 48.52 10.87 91.74
CA GLU F 470 49.42 11.85 92.32
C GLU F 470 48.80 13.23 92.46
N SER F 471 47.58 13.43 91.96
CA SER F 471 46.84 14.65 92.24
C SER F 471 46.43 14.65 93.70
N ASN F 472 46.97 15.59 94.48
CA ASN F 472 46.74 15.58 95.92
C ASN F 472 45.32 15.98 96.29
N THR F 473 44.60 16.66 95.40
CA THR F 473 43.29 17.18 95.70
C THR F 473 42.38 16.87 94.52
N ILE F 474 41.38 16.03 94.77
CA ILE F 474 40.52 15.49 93.72
C ILE F 474 39.10 16.00 93.91
N ILE F 475 38.51 16.51 92.83
CA ILE F 475 37.11 16.88 92.75
C ILE F 475 36.42 15.87 91.84
N ILE F 476 35.42 15.18 92.37
CA ILE F 476 34.69 14.17 91.64
C ILE F 476 33.32 14.75 91.32
N VAL F 477 33.13 15.08 90.04
CA VAL F 477 31.83 15.52 89.54
C VAL F 477 31.13 14.32 88.94
N VAL F 478 29.86 14.14 89.29
CA VAL F 478 28.98 13.26 88.56
C VAL F 478 27.82 14.08 87.99
N HIS F 479 27.79 14.17 86.68
CA HIS F 479 26.81 14.97 86.00
C HIS F 479 25.91 14.07 85.17
N ASP F 480 24.83 14.66 84.68
CA ASP F 480 23.93 13.99 83.77
C ASP F 480 24.06 14.64 82.40
N THR F 481 23.62 13.93 81.37
CA THR F 481 23.55 14.52 80.04
C THR F 481 22.53 15.66 80.01
N SER F 482 22.84 16.68 79.22
CA SER F 482 22.10 17.94 79.29
C SER F 482 20.71 17.82 78.69
N ASP F 483 19.85 18.76 79.05
CA ASP F 483 18.53 18.91 78.47
C ASP F 483 18.58 19.98 77.41
N ILE F 484 17.86 19.76 76.32
CA ILE F 484 17.90 20.66 75.18
C ILE F 484 16.64 21.51 75.18
N TRP F 485 16.71 22.66 74.53
CA TRP F 485 15.62 23.63 74.44
C TRP F 485 15.37 23.91 72.97
N ALA F 486 14.53 23.08 72.36
CA ALA F 486 14.19 23.24 70.96
C ALA F 486 12.70 22.96 70.82
N LYS F 487 12.22 22.92 69.59
CA LYS F 487 10.85 22.54 69.30
C LYS F 487 10.84 21.16 68.66
N ARG F 488 9.90 20.33 69.09
CA ARG F 488 9.73 19.00 68.52
C ARG F 488 8.60 19.04 67.51
N ASN F 489 8.88 18.59 66.30
CA ASN F 489 7.87 18.51 65.27
C ASN F 489 6.87 17.42 65.65
N VAL F 490 5.66 17.81 66.02
CA VAL F 490 4.77 16.96 66.78
C VAL F 490 4.24 15.79 65.96
N ILE F 491 4.34 15.84 64.64
CA ILE F 491 3.90 14.72 63.84
C ILE F 491 5.08 13.78 63.60
N SER F 492 6.16 14.32 63.03
CA SER F 492 7.29 13.47 62.69
C SER F 492 8.05 13.00 63.92
N GLY F 493 7.94 13.72 65.02
CA GLY F 493 8.71 13.41 66.20
C GLY F 493 10.08 14.03 66.25
N THR F 494 10.53 14.63 65.16
CA THR F 494 11.87 15.16 65.09
C THR F 494 11.93 16.57 65.67
N ILE F 495 13.16 17.07 65.77
CA ILE F 495 13.43 18.43 66.21
C ILE F 495 14.12 19.16 65.07
N ASP F 496 14.15 20.48 65.17
CA ASP F 496 14.81 21.30 64.18
C ASP F 496 16.19 21.72 64.69
N LEU F 497 17.20 21.53 63.85
CA LEU F 497 18.57 21.86 64.24
C LEU F 497 18.78 23.35 64.36
N SER F 498 17.96 24.16 63.69
CA SER F 498 18.18 25.61 63.70
C SER F 498 17.80 26.23 65.02
N SER F 499 16.74 25.74 65.65
CA SER F 499 16.32 26.25 66.94
C SER F 499 16.88 25.43 68.09
N SER F 500 17.88 24.61 67.83
CA SER F 500 18.42 23.70 68.84
C SER F 500 19.31 24.48 69.79
N VAL F 501 18.80 24.75 70.98
CA VAL F 501 19.58 25.42 72.03
C VAL F 501 20.05 24.35 72.98
N ILE F 502 21.35 24.04 72.92
CA ILE F 502 21.95 23.02 73.75
C ILE F 502 23.15 23.64 74.47
N ILE F 503 23.26 23.41 75.76
CA ILE F 503 24.32 23.97 76.58
C ILE F 503 24.95 22.85 77.40
N ASP F 504 26.28 22.79 77.43
CA ASP F 504 27.00 21.84 78.26
C ASP F 504 27.30 22.53 79.58
N ASN F 505 26.39 22.38 80.54
CA ASN F 505 26.51 23.05 81.82
C ASN F 505 27.59 22.44 82.71
N SER F 506 27.92 21.17 82.50
CA SER F 506 28.80 20.45 83.40
C SER F 506 30.26 20.82 83.25
N LEU F 507 30.64 21.39 82.10
CA LEU F 507 32.05 21.57 81.79
C LEU F 507 32.69 22.67 82.64
N ASP F 508 31.89 23.65 83.06
CA ASP F 508 32.41 24.89 83.64
C ASP F 508 33.11 24.66 84.97
N PHE F 509 32.64 23.68 85.75
CA PHE F 509 33.32 23.31 86.99
C PHE F 509 34.72 22.83 86.72
N ILE F 510 34.93 22.09 85.63
CA ILE F 510 36.26 21.69 85.22
C ILE F 510 37.08 22.92 84.89
N LYS F 511 36.45 23.94 84.28
CA LYS F 511 37.13 25.20 84.04
C LYS F 511 37.42 25.92 85.33
N TRP F 512 36.62 25.68 86.38
CA TRP F 512 37.06 26.09 87.70
C TRP F 512 38.14 25.16 88.21
N GLY F 513 37.95 23.85 88.02
CA GLY F 513 38.83 22.86 88.62
C GLY F 513 40.20 22.80 88.01
N LEU F 514 40.33 23.22 86.74
CA LEU F 514 41.65 23.34 86.15
C LEU F 514 42.40 24.55 86.67
N ASP F 515 41.69 25.55 87.18
CA ASP F 515 42.37 26.71 87.73
C ASP F 515 42.99 26.42 89.08
N ARG F 516 42.40 25.50 89.84
CA ARG F 516 42.95 25.14 91.13
C ARG F 516 44.02 24.06 91.05
N LYS F 517 44.33 23.58 89.83
CA LYS F 517 45.21 22.44 89.58
C LYS F 517 44.77 21.19 90.34
N TYR F 518 43.46 21.04 90.47
CA TYR F 518 42.88 19.91 91.19
C TYR F 518 42.75 18.72 90.26
N GLY F 519 42.80 17.53 90.85
CA GLY F 519 42.49 16.32 90.10
C GLY F 519 41.01 16.29 89.76
N ILE F 520 40.69 15.82 88.56
CA ILE F 520 39.34 15.86 88.04
C ILE F 520 38.88 14.43 87.80
N ILE F 521 37.72 14.08 88.34
CA ILE F 521 37.09 12.79 88.05
C ILE F 521 35.66 13.07 87.61
N ASP F 522 35.39 12.85 86.32
CA ASP F 522 34.10 13.13 85.71
C ASP F 522 33.33 11.84 85.50
N VAL F 523 32.05 11.84 85.88
CA VAL F 523 31.19 10.69 85.73
C VAL F 523 29.94 11.11 84.96
N ASN F 524 29.62 10.36 83.91
CA ASN F 524 28.35 10.47 83.21
C ASN F 524 27.62 9.15 83.29
N ILE F 525 26.33 9.19 83.57
CA ILE F 525 25.48 8.01 83.56
C ILE F 525 24.50 8.14 82.41
N PRO F 526 24.28 7.10 81.62
CA PRO F 526 23.28 7.19 80.56
C PRO F 526 21.90 6.83 81.08
N LEU F 527 20.92 7.65 80.69
CA LEU F 527 19.54 7.43 81.12
C LEU F 527 18.92 6.36 80.23
N THR F 528 19.22 5.11 80.60
CA THR F 528 18.60 3.85 80.14
C THR F 528 18.94 3.47 78.71
N LEU F 529 19.57 4.38 77.95
CA LEU F 529 20.17 4.14 76.63
C LEU F 529 19.17 3.79 75.52
N PHE F 530 17.90 3.56 75.88
CA PHE F 530 16.74 3.22 75.05
C PHE F 530 16.85 1.87 74.33
N GLU F 531 18.05 1.30 74.29
CA GLU F 531 18.31 0.03 73.60
C GLU F 531 18.06 -1.23 74.46
N PRO F 532 18.59 -1.39 75.72
CA PRO F 532 18.45 -2.70 76.35
C PRO F 532 17.14 -2.89 77.08
N ASP F 533 16.54 -1.79 77.58
CA ASP F 533 15.19 -1.67 78.16
C ASP F 533 15.09 -2.30 79.55
N ASN F 534 16.10 -3.06 79.97
CA ASN F 534 16.17 -3.55 81.34
C ASN F 534 17.10 -2.69 82.16
N TYR F 535 17.64 -1.63 81.56
CA TYR F 535 18.65 -0.80 82.19
C TYR F 535 18.03 0.08 83.26
N SER F 536 18.79 0.32 84.31
CA SER F 536 18.42 1.27 85.34
C SER F 536 19.62 2.14 85.65
N GLY F 537 19.47 3.46 85.50
CA GLY F 537 20.57 4.37 85.78
C GLY F 537 20.93 4.42 87.25
N MET F 538 19.94 4.15 88.12
CA MET F 538 20.14 4.23 89.56
C MET F 538 21.14 3.17 90.03
N ILE F 539 20.83 1.89 89.79
CA ILE F 539 21.64 0.80 90.31
C ILE F 539 22.99 0.76 89.60
N THR F 540 23.06 1.18 88.34
CA THR F 540 24.35 1.25 87.66
C THR F 540 25.18 2.42 88.19
N SER F 541 24.53 3.50 88.62
CA SER F 541 25.26 4.57 89.30
C SER F 541 25.82 4.09 90.63
N GLN F 542 25.03 3.30 91.35
CA GLN F 542 25.52 2.68 92.58
C GLN F 542 26.69 1.74 92.29
N GLU F 543 26.60 1.00 91.17
CA GLU F 543 27.67 0.12 90.72
C GLU F 543 28.96 0.88 90.54
N VAL F 544 28.93 1.95 89.75
CA VAL F 544 30.18 2.63 89.42
C VAL F 544 30.70 3.42 90.61
N LEU F 545 29.83 3.91 91.49
CA LEU F 545 30.32 4.68 92.63
C LEU F 545 30.94 3.78 93.70
N ILE F 546 30.30 2.64 93.97
CA ILE F 546 30.88 1.64 94.88
C ILE F 546 32.16 1.08 94.29
N TYR F 547 32.16 0.84 92.98
CA TYR F 547 33.34 0.33 92.27
C TYR F 547 34.49 1.32 92.35
N LEU F 548 34.20 2.62 92.28
CA LEU F 548 35.25 3.62 92.37
C LEU F 548 35.79 3.73 93.78
N TRP F 549 34.91 3.75 94.78
CA TRP F 549 35.38 3.93 96.16
C TRP F 549 36.15 2.72 96.66
N ASP F 550 35.75 1.52 96.26
CA ASP F 550 36.45 0.32 96.72
C ASP F 550 37.65 -0.01 95.83
N ASN F 551 37.58 0.30 94.54
CA ASN F 551 38.58 -0.16 93.58
C ASN F 551 39.74 0.80 93.40
N TYR F 552 39.51 2.11 93.47
CA TYR F 552 40.56 3.04 93.10
C TYR F 552 40.84 4.13 94.14
N ILE F 553 39.80 4.59 94.84
CA ILE F 553 40.02 5.66 95.82
C ILE F 553 40.76 5.11 97.04
N LYS F 554 40.55 3.85 97.37
CA LYS F 554 41.24 3.22 98.49
C LYS F 554 42.67 2.81 98.16
N TYR F 555 43.19 3.14 96.98
CA TYR F 555 44.54 2.78 96.61
C TYR F 555 45.36 3.94 96.07
N PHE F 556 44.79 5.12 96.02
CA PHE F 556 45.54 6.31 95.62
C PHE F 556 46.52 6.66 96.73
N PRO F 557 47.79 6.89 96.42
CA PRO F 557 48.71 7.31 97.48
C PRO F 557 48.49 8.74 97.94
N SER F 558 48.10 9.63 97.04
CA SER F 558 47.93 11.04 97.38
C SER F 558 46.46 11.42 97.50
N VAL F 559 45.61 10.55 98.03
CA VAL F 559 44.19 10.87 98.11
C VAL F 559 43.96 11.75 99.33
N ALA F 560 43.37 12.92 99.10
CA ALA F 560 43.12 13.92 100.13
C ALA F 560 42.11 14.93 99.60
N LYS F 561 41.21 15.36 100.49
CA LYS F 561 40.29 16.48 100.28
C LYS F 561 39.39 16.24 99.06
N ILE F 562 38.52 15.25 99.19
CA ILE F 562 37.59 14.91 98.12
C ILE F 562 36.32 15.72 98.28
N ALA F 563 35.94 16.42 97.22
CA ALA F 563 34.62 17.01 97.14
C ALA F 563 33.77 16.22 96.16
N PHE F 564 32.45 16.40 96.27
CA PHE F 564 31.52 15.68 95.43
C PHE F 564 30.46 16.62 94.89
N ILE F 565 30.24 16.57 93.59
CA ILE F 565 29.24 17.38 92.91
C ILE F 565 28.35 16.45 92.10
N GLY F 566 27.07 16.43 92.42
CA GLY F 566 26.09 15.67 91.68
C GLY F 566 25.07 16.61 91.06
N ILE F 567 24.73 16.36 89.80
CA ILE F 567 23.84 17.22 89.05
C ILE F 567 22.67 16.39 88.54
N GLY F 568 21.46 16.83 88.86
CA GLY F 568 20.25 16.16 88.42
C GLY F 568 19.80 15.08 89.38
N ASP F 569 19.16 14.04 88.85
CA ASP F 569 18.77 12.89 89.64
C ASP F 569 19.88 11.84 89.74
N SER F 570 21.06 12.15 89.21
CA SER F 570 22.23 11.28 89.37
C SER F 570 22.70 11.21 90.82
N TYR F 571 22.42 12.28 91.58
CA TYR F 571 22.95 12.47 92.94
C TYR F 571 22.52 11.38 93.92
N SER F 572 21.42 10.69 93.62
CA SER F 572 21.00 9.53 94.42
C SER F 572 22.07 8.47 94.51
N GLY F 573 22.86 8.29 93.43
CA GLY F 573 23.99 7.38 93.50
C GLY F 573 25.01 7.80 94.55
N ILE F 574 25.26 9.11 94.67
CA ILE F 574 26.08 9.64 95.75
C ILE F 574 25.47 9.28 97.10
N VAL F 575 24.14 9.34 97.18
CA VAL F 575 23.39 8.91 98.36
C VAL F 575 23.72 7.45 98.67
N HIS F 576 23.81 6.61 97.63
CA HIS F 576 24.15 5.22 97.84
C HIS F 576 25.62 5.06 98.25
N LEU F 577 26.49 5.98 97.85
CA LEU F 577 27.84 5.93 98.37
C LEU F 577 27.93 6.60 99.73
N LEU F 578 26.94 7.39 100.13
CA LEU F 578 27.02 8.11 101.40
C LEU F 578 26.21 7.46 102.52
N GLY F 579 25.24 6.62 102.20
CA GLY F 579 24.53 5.90 103.23
C GLY F 579 25.08 4.53 103.54
N HIS F 580 25.98 4.03 102.71
CA HIS F 580 26.44 2.66 102.81
C HIS F 580 27.92 2.54 103.12
N ARG F 581 28.68 3.64 103.14
CA ARG F 581 30.11 3.59 103.39
C ARG F 581 30.46 4.70 104.38
N ASP F 582 31.75 4.81 104.67
CA ASP F 582 32.30 5.88 105.52
C ASP F 582 33.48 6.49 104.79
N THR F 583 33.22 7.57 104.05
CA THR F 583 34.24 8.25 103.26
C THR F 583 34.67 9.55 103.94
N ARG F 584 33.98 9.92 105.03
CA ARG F 584 34.09 11.23 105.67
C ARG F 584 35.47 11.59 106.19
N ALA F 585 36.40 10.63 106.27
CA ALA F 585 37.77 10.95 106.66
C ALA F 585 38.48 11.76 105.60
N VAL F 586 38.31 11.39 104.32
CA VAL F 586 39.00 12.04 103.22
C VAL F 586 38.12 13.10 102.57
N THR F 587 36.85 12.78 102.31
CA THR F 587 35.98 13.75 101.68
C THR F 587 35.57 14.83 102.69
N LYS F 588 35.14 15.97 102.15
CA LYS F 588 34.79 17.11 102.98
C LYS F 588 33.32 17.49 102.88
N THR F 589 32.82 17.82 101.69
CA THR F 589 31.46 18.31 101.52
C THR F 589 30.88 17.72 100.26
N VAL F 590 29.55 17.85 100.11
CA VAL F 590 28.84 17.35 98.94
C VAL F 590 27.87 18.42 98.43
N ILE F 591 27.77 18.50 97.11
CA ILE F 591 26.94 19.49 96.43
C ILE F 591 25.98 18.76 95.50
N ASN F 592 24.71 19.13 95.55
CA ASN F 592 23.71 18.63 94.62
C ASN F 592 23.03 19.80 93.93
N PHE F 593 22.82 19.65 92.62
CA PHE F 593 21.96 20.54 91.86
C PHE F 593 20.74 19.72 91.45
N LEU F 594 19.77 19.65 92.35
CA LEU F 594 18.60 18.82 92.09
C LEU F 594 17.63 19.53 91.16
N GLY F 595 17.27 20.76 91.48
CA GLY F 595 16.26 21.47 90.70
C GLY F 595 14.86 21.05 91.07
N ASP F 596 14.13 20.56 90.08
CA ASP F 596 12.73 20.18 90.24
C ASP F 596 12.52 18.69 90.43
N LYS F 597 13.60 17.92 90.66
CA LYS F 597 13.47 16.50 90.94
C LYS F 597 12.95 16.29 92.36
N GLN F 598 12.52 15.06 92.64
CA GLN F 598 12.07 14.75 93.98
C GLN F 598 13.27 14.62 94.93
N LEU F 599 13.00 14.74 96.23
CA LEU F 599 14.07 14.82 97.20
C LEU F 599 14.72 13.45 97.42
N LYS F 600 15.98 13.48 97.86
CA LYS F 600 16.74 12.26 98.11
C LYS F 600 16.88 12.03 99.61
N PRO F 601 16.26 11.00 100.18
CA PRO F 601 16.47 10.69 101.60
C PRO F 601 17.77 9.92 101.82
N LEU F 602 18.71 10.51 102.55
CA LEU F 602 19.89 9.78 102.96
C LEU F 602 19.61 9.12 104.30
N VAL F 603 19.61 7.79 104.33
CA VAL F 603 19.50 7.02 105.56
C VAL F 603 20.82 6.28 105.76
N PRO F 604 21.51 6.47 106.87
CA PRO F 604 22.79 5.78 107.07
C PRO F 604 22.60 4.35 107.53
N LEU F 605 23.57 3.51 107.18
CA LEU F 605 23.52 2.08 107.50
C LEU F 605 24.55 1.64 108.52
N VAL F 606 25.69 2.31 108.61
CA VAL F 606 26.77 1.89 109.48
C VAL F 606 26.84 2.72 110.76
N ASP F 607 26.53 4.01 110.67
CA ASP F 607 26.56 4.89 111.83
C ASP F 607 25.30 5.74 111.84
N GLU F 608 25.28 6.77 112.69
CA GLU F 608 24.18 7.73 112.67
C GLU F 608 24.64 9.18 112.56
N THR F 609 25.93 9.46 112.77
CA THR F 609 26.46 10.79 112.49
C THR F 609 26.75 11.01 111.02
N LEU F 610 26.60 9.97 110.19
CA LEU F 610 26.64 10.15 108.74
C LEU F 610 25.54 11.10 108.28
N SER F 611 24.33 10.92 108.81
CA SER F 611 23.22 11.79 108.46
C SER F 611 23.40 13.20 109.01
N GLU F 612 24.01 13.32 110.19
CA GLU F 612 24.25 14.64 110.76
C GLU F 612 25.34 15.39 109.99
N TRP F 613 26.43 14.69 109.66
CA TRP F 613 27.50 15.28 108.86
C TRP F 613 26.99 15.65 107.47
N TYR F 614 26.15 14.79 106.90
CA TYR F 614 25.56 15.06 105.60
C TYR F 614 24.60 16.23 105.68
N PHE F 615 23.92 16.40 106.82
CA PHE F 615 23.12 17.60 107.01
C PHE F 615 24.00 18.82 107.16
N LYS F 616 25.20 18.65 107.70
CA LYS F 616 26.11 19.77 107.89
C LYS F 616 26.90 20.12 106.63
N ASN F 617 27.25 19.13 105.82
CA ASN F 617 28.24 19.32 104.76
C ASN F 617 27.64 19.14 103.37
N SER F 618 26.44 19.66 103.15
CA SER F 618 25.80 19.50 101.85
C SER F 618 25.10 20.79 101.44
N LEU F 619 25.23 21.12 100.15
CA LEU F 619 24.49 22.21 99.55
C LEU F 619 23.68 21.65 98.39
N ILE F 620 22.37 21.56 98.56
CA ILE F 620 21.47 20.92 97.60
C ILE F 620 20.53 21.99 97.09
N PHE F 621 20.79 22.51 95.90
CA PHE F 621 19.95 23.54 95.31
C PHE F 621 18.74 22.91 94.62
N SER F 622 17.59 23.55 94.78
CA SER F 622 16.35 22.97 94.27
C SER F 622 15.54 23.96 93.44
N ASN F 623 14.30 23.61 93.12
CA ASN F 623 13.43 24.48 92.33
C ASN F 623 12.71 25.48 93.23
N ASN F 624 12.57 26.70 92.73
CA ASN F 624 11.75 27.70 93.42
C ASN F 624 10.29 27.32 93.44
N SER F 625 9.81 26.68 92.37
CA SER F 625 8.41 26.27 92.29
C SER F 625 8.19 24.84 92.77
N HIS F 626 9.00 24.37 93.71
CA HIS F 626 8.88 23.02 94.26
C HIS F 626 8.14 23.03 95.58
N GLN F 627 8.45 23.99 96.46
CA GLN F 627 7.81 24.34 97.73
C GLN F 627 8.02 23.28 98.83
N CYS F 628 8.64 22.15 98.52
CA CYS F 628 8.89 21.12 99.51
C CYS F 628 10.36 20.71 99.53
N LYS F 639 14.92 16.95 108.23
CA LYS F 639 16.29 17.18 108.69
C LYS F 639 17.25 16.18 108.06
N LYS F 640 16.74 15.00 107.75
CA LYS F 640 17.55 13.91 107.21
C LYS F 640 17.80 14.03 105.71
N PHE F 641 17.37 15.12 105.09
CA PHE F 641 17.58 15.33 103.67
C PHE F 641 18.85 16.12 103.36
N GLY F 642 19.41 16.82 104.35
CA GLY F 642 20.68 17.48 104.20
C GLY F 642 20.65 18.83 103.50
N ARG F 643 19.93 19.79 104.10
CA ARG F 643 20.00 21.22 103.80
C ARG F 643 19.64 21.54 102.35
N VAL F 644 18.41 21.22 101.99
CA VAL F 644 17.89 21.61 100.67
C VAL F 644 17.61 23.10 100.68
N LEU F 645 18.01 23.79 99.62
CA LEU F 645 17.93 25.23 99.52
C LEU F 645 17.09 25.60 98.30
N ARG F 646 16.02 26.35 98.53
CA ARG F 646 15.18 26.87 97.47
C ARG F 646 15.85 28.07 96.81
N CYS F 647 16.10 27.98 95.50
CA CYS F 647 16.72 29.08 94.77
C CYS F 647 15.66 30.11 94.39
N ASP F 648 16.03 31.06 93.54
CA ASP F 648 15.21 32.24 93.29
C ASP F 648 14.57 32.30 91.91
N THR F 649 15.34 32.18 90.83
CA THR F 649 14.78 32.43 89.52
C THR F 649 14.00 31.22 88.99
N ASP F 650 14.68 30.08 88.89
CA ASP F 650 14.08 28.86 88.37
C ASP F 650 13.99 27.80 89.46
N LEU F 652 16.81 25.04 84.47
CA LEU F 652 17.85 24.24 85.10
C LEU F 652 19.19 24.97 85.10
N ASN F 653 19.58 25.49 83.94
CA ASN F 653 20.86 26.17 83.83
C ASN F 653 20.86 27.52 84.51
N ASN F 654 19.69 28.13 84.73
CA ASN F 654 19.61 29.42 85.38
C ASN F 654 20.04 29.33 86.85
N ILE F 655 19.60 28.29 87.55
CA ILE F 655 20.08 28.10 88.91
C ILE F 655 21.54 27.68 88.93
N ILE F 656 22.05 27.09 87.84
CA ILE F 656 23.45 26.73 87.76
C ILE F 656 24.32 27.98 87.66
N GLU F 657 23.97 28.90 86.76
CA GLU F 657 24.71 30.15 86.70
C GLU F 657 24.41 31.05 87.90
N GLU F 658 23.30 30.81 88.59
CA GLU F 658 22.96 31.61 89.75
C GLU F 658 23.72 31.17 90.99
N ARG F 659 24.02 29.88 91.12
CA ARG F 659 24.59 29.37 92.35
C ARG F 659 25.92 28.65 92.14
N PHE F 660 26.49 28.73 90.94
CA PHE F 660 27.87 28.31 90.71
C PHE F 660 28.83 29.03 91.63
N GLU F 661 28.64 30.34 91.79
CA GLU F 661 29.52 31.16 92.61
C GLU F 661 29.41 30.78 94.08
N GLU F 662 28.18 30.62 94.57
CA GLU F 662 27.98 30.30 95.98
C GLU F 662 28.47 28.90 96.30
N ALA F 663 28.24 27.94 95.40
CA ALA F 663 28.74 26.59 95.59
C ALA F 663 30.25 26.54 95.58
N THR F 664 30.89 27.25 94.64
CA THR F 664 32.34 27.17 94.58
C THR F 664 33.02 27.96 95.70
N ASP F 665 32.35 29.01 96.21
CA ASP F 665 32.89 29.71 97.38
C ASP F 665 32.73 28.89 98.64
N PHE F 666 31.63 28.15 98.75
CA PHE F 666 31.49 27.22 99.88
C PHE F 666 32.51 26.10 99.82
N ILE F 667 32.80 25.61 98.61
CA ILE F 667 33.80 24.54 98.47
C ILE F 667 35.20 25.04 98.78
N LEU F 668 35.52 26.27 98.33
CA LEU F 668 36.81 26.85 98.66
C LEU F 668 36.95 27.19 100.14
N ASP F 669 35.84 27.50 100.82
CA ASP F 669 35.92 27.77 102.25
C ASP F 669 36.00 26.48 103.07
N SER F 670 35.31 25.43 102.64
CA SER F 670 35.42 24.15 103.32
C SER F 670 36.78 23.51 103.06
N PHE F 671 37.39 23.80 101.92
CA PHE F 671 38.75 23.34 101.65
C PHE F 671 39.79 24.25 102.26
N GLU F 672 39.43 25.52 102.50
CA GLU F 672 40.28 26.57 103.07
C GLU F 672 41.58 26.77 102.31
N LYS G 1 -2.21 -46.29 38.23
CA LYS G 1 -2.37 -46.60 39.64
C LYS G 1 -3.82 -46.37 40.07
N VAL G 2 -4.51 -47.46 40.39
CA VAL G 2 -5.90 -47.42 40.81
C VAL G 2 -5.98 -47.97 42.22
N TYR G 3 -6.43 -47.15 43.16
CA TYR G 3 -6.62 -47.55 44.54
C TYR G 3 -8.09 -47.39 44.91
N TYR G 4 -8.47 -47.94 46.06
CA TYR G 4 -9.86 -47.95 46.44
C TYR G 4 -9.99 -47.56 47.91
N LEU G 5 -11.16 -47.05 48.26
CA LEU G 5 -11.41 -46.52 49.60
C LEU G 5 -12.69 -47.14 50.16
N PRO G 6 -12.67 -47.63 51.41
CA PRO G 6 -13.85 -48.28 51.98
C PRO G 6 -14.89 -47.26 52.41
N VAL G 7 -16.07 -47.35 51.83
CA VAL G 7 -17.17 -46.46 52.16
C VAL G 7 -18.32 -47.30 52.68
N THR G 8 -18.94 -46.86 53.77
CA THR G 8 -20.19 -47.41 54.22
C THR G 8 -21.29 -46.38 54.06
N LEU G 9 -22.51 -46.81 54.31
CA LEU G 9 -23.64 -45.91 54.30
C LEU G 9 -23.83 -45.33 55.69
N THR G 10 -24.93 -44.64 55.89
CA THR G 10 -25.30 -44.17 57.21
C THR G 10 -26.67 -44.71 57.57
N GLN G 11 -27.12 -44.32 58.77
CA GLN G 11 -28.41 -44.77 59.28
C GLN G 11 -29.55 -44.22 58.43
N PHE G 12 -29.42 -42.97 58.00
CA PHE G 12 -30.41 -42.38 57.13
C PHE G 12 -30.40 -43.04 55.75
N GLN G 13 -29.21 -43.34 55.23
CA GLN G 13 -29.10 -44.00 53.93
C GLN G 13 -29.66 -45.41 53.97
N LYS G 14 -29.40 -46.12 55.07
CA LYS G 14 -29.93 -47.48 55.21
C LYS G 14 -31.44 -47.48 55.37
N ASP G 15 -31.98 -46.50 56.10
CA ASP G 15 -33.43 -46.41 56.24
C ASP G 15 -34.11 -46.05 54.90
N LEU G 16 -33.49 -45.17 54.13
CA LEU G 16 -34.08 -44.81 52.84
C LEU G 16 -33.97 -45.95 51.84
N SER G 17 -32.89 -46.72 51.89
CA SER G 17 -32.81 -47.90 51.02
C SER G 17 -33.82 -48.95 51.44
N GLU G 18 -34.10 -49.07 52.73
CA GLU G 18 -35.19 -49.94 53.17
C GLU G 18 -36.55 -49.45 52.68
N ILE G 19 -36.72 -48.13 52.59
CA ILE G 19 -37.96 -47.59 52.04
C ILE G 19 -38.09 -47.94 50.55
N LEU G 20 -37.00 -47.83 49.80
CA LEU G 20 -37.05 -48.23 48.39
C LEU G 20 -37.22 -49.73 48.21
N ILE G 21 -36.68 -50.53 49.13
CA ILE G 21 -36.93 -51.97 49.07
C ILE G 21 -38.40 -52.27 49.37
N SER G 22 -39.00 -51.52 50.30
CA SER G 22 -40.43 -51.66 50.55
C SER G 22 -41.26 -51.21 49.36
N LEU G 23 -40.72 -50.32 48.53
CA LEU G 23 -41.47 -49.86 47.37
C LEU G 23 -41.21 -50.72 46.15
N HIS G 24 -40.13 -51.51 46.14
CA HIS G 24 -39.77 -52.31 44.99
C HIS G 24 -39.80 -53.82 45.22
N ALA G 25 -40.19 -54.27 46.42
CA ALA G 25 -39.94 -55.65 46.82
C ALA G 25 -40.82 -56.64 46.08
N LYS G 26 -42.10 -56.29 45.87
CA LYS G 26 -43.00 -57.21 45.20
C LYS G 26 -42.64 -57.38 43.74
N SER G 27 -42.32 -56.27 43.06
CA SER G 27 -41.92 -56.36 41.66
C SER G 27 -40.56 -57.02 41.51
N PHE G 28 -39.65 -56.84 42.47
CA PHE G 28 -38.36 -57.51 42.37
C PHE G 28 -38.49 -59.00 42.63
N LYS G 29 -39.33 -59.39 43.59
CA LYS G 29 -39.55 -60.81 43.83
C LYS G 29 -40.34 -61.45 42.69
N ALA G 30 -41.17 -60.67 42.00
CA ALA G 30 -41.86 -61.17 40.82
C ALA G 30 -40.88 -61.37 39.66
N SER G 31 -39.94 -60.45 39.50
CA SER G 31 -38.94 -60.61 38.45
C SER G 31 -37.86 -61.62 38.81
N ILE G 32 -37.76 -62.01 40.09
CA ILE G 32 -36.83 -63.06 40.48
C ILE G 32 -37.55 -64.39 40.45
N ILE G 33 -38.66 -64.49 41.19
CA ILE G 33 -39.44 -65.71 41.22
C ILE G 33 -40.87 -65.41 40.80
N THR G 53 -54.86 -38.06 33.41
CA THR G 53 -53.43 -37.81 33.37
C THR G 53 -52.74 -38.70 32.33
N HIS G 54 -52.79 -40.01 32.57
CA HIS G 54 -52.09 -40.98 31.73
C HIS G 54 -52.79 -42.31 31.89
N PRO G 55 -52.72 -43.19 30.89
CA PRO G 55 -53.16 -44.57 31.08
C PRO G 55 -52.38 -45.25 32.20
N TYR G 56 -53.11 -45.79 33.17
CA TYR G 56 -52.60 -46.40 34.39
C TYR G 56 -51.57 -47.52 34.19
N PRO G 57 -51.57 -48.29 33.09
CA PRO G 57 -50.35 -49.05 32.76
C PRO G 57 -49.18 -48.11 32.48
N THR G 58 -48.15 -48.22 33.29
CA THR G 58 -47.07 -47.24 33.30
C THR G 58 -45.81 -47.77 32.64
N LEU G 59 -45.31 -48.91 33.09
CA LEU G 59 -43.91 -49.24 32.80
C LEU G 59 -43.73 -50.74 32.84
N SER G 60 -42.65 -51.19 32.22
CA SER G 60 -42.25 -52.58 32.21
C SER G 60 -41.52 -52.93 33.50
N GLN G 61 -41.21 -54.21 33.64
CA GLN G 61 -40.40 -54.64 34.77
C GLN G 61 -38.95 -54.22 34.58
N ARG G 62 -38.50 -54.12 33.33
CA ARG G 62 -37.19 -53.57 33.04
C ARG G 62 -37.10 -52.12 33.47
N GLN G 63 -38.15 -51.34 33.22
CA GLN G 63 -38.18 -49.96 33.70
C GLN G 63 -38.29 -49.91 35.22
N LEU G 64 -38.94 -50.90 35.82
CA LEU G 64 -39.05 -50.96 37.28
C LEU G 64 -37.69 -51.18 37.92
N THR G 65 -36.90 -52.12 37.39
CA THR G 65 -35.57 -52.29 37.97
C THR G 65 -34.59 -51.20 37.54
N TYR G 66 -34.84 -50.50 36.43
CA TYR G 66 -34.06 -49.31 36.13
C TYR G 66 -34.31 -48.22 37.16
N ILE G 67 -35.58 -48.04 37.54
CA ILE G 67 -35.92 -47.12 38.63
C ILE G 67 -35.26 -47.58 39.93
N PHE G 68 -35.23 -48.90 40.15
CA PHE G 68 -34.65 -49.49 41.36
C PHE G 68 -33.16 -49.18 41.49
N ASP G 69 -32.36 -49.55 40.49
CA ASP G 69 -30.93 -49.36 40.65
C ASP G 69 -30.51 -47.91 40.50
N SER G 70 -31.25 -47.11 39.71
CA SER G 70 -30.92 -45.70 39.60
C SER G 70 -31.19 -44.96 40.91
N ASN G 71 -32.34 -45.24 41.55
CA ASN G 71 -32.61 -44.56 42.80
C ASN G 71 -31.77 -45.12 43.94
N ILE G 72 -31.32 -46.38 43.85
CA ILE G 72 -30.44 -46.85 44.90
C ILE G 72 -29.02 -46.30 44.73
N ARG G 73 -28.62 -45.97 43.49
CA ARG G 73 -27.36 -45.26 43.32
C ARG G 73 -27.51 -43.80 43.70
N ALA G 74 -28.73 -43.26 43.62
CA ALA G 74 -28.97 -41.91 44.13
C ALA G 74 -28.88 -41.88 45.65
N ILE G 75 -29.31 -42.95 46.31
CA ILE G 75 -29.09 -43.08 47.74
C ILE G 75 -27.62 -43.24 48.04
N ALA G 76 -26.89 -43.92 47.17
CA ALA G 76 -25.45 -44.12 47.36
C ALA G 76 -24.65 -42.83 47.37
N ASN G 77 -25.18 -41.74 46.81
CA ASN G 77 -24.51 -40.45 46.79
C ASN G 77 -25.47 -39.39 47.34
N HIS G 78 -25.29 -39.00 48.62
CA HIS G 78 -26.00 -37.91 49.26
C HIS G 78 -27.52 -38.01 49.21
N PRO G 79 -28.13 -38.70 50.16
CA PRO G 79 -29.55 -39.11 50.07
C PRO G 79 -30.60 -38.03 49.90
N SER G 80 -30.21 -36.75 49.85
CA SER G 80 -31.15 -35.74 49.41
C SER G 80 -31.40 -35.80 47.91
N LEU G 81 -30.62 -36.61 47.17
CA LEU G 81 -30.75 -36.72 45.72
C LEU G 81 -31.97 -37.50 45.26
N LEU G 82 -32.81 -37.99 46.17
CA LEU G 82 -33.98 -38.76 45.75
C LEU G 82 -35.11 -37.89 45.28
N VAL G 83 -34.96 -36.58 45.35
CA VAL G 83 -36.01 -35.70 44.87
C VAL G 83 -35.79 -35.54 43.37
N ASP G 84 -36.86 -35.68 42.61
CA ASP G 84 -36.81 -35.42 41.17
C ASP G 84 -37.30 -33.99 40.92
N HIS G 85 -36.58 -33.05 41.51
CA HIS G 85 -36.88 -31.63 41.35
C HIS G 85 -35.56 -30.89 41.42
N TYR G 86 -35.35 -30.03 40.43
CA TYR G 86 -34.10 -29.29 40.32
C TYR G 86 -33.90 -28.36 41.50
N MET G 87 -32.63 -28.15 41.83
CA MET G 87 -32.29 -27.19 42.86
C MET G 87 -32.47 -25.78 42.30
N PRO G 88 -33.01 -24.85 43.08
CA PRO G 88 -33.28 -23.51 42.54
C PRO G 88 -32.04 -22.65 42.40
N ARG G 89 -30.87 -23.17 42.77
CA ARG G 89 -29.53 -22.54 42.70
C ARG G 89 -29.47 -21.20 43.44
N GLN G 90 -30.25 -21.09 44.50
CA GLN G 90 -30.21 -19.96 45.41
C GLN G 90 -29.84 -20.41 46.81
N LEU G 91 -30.57 -21.37 47.36
CA LEU G 91 -30.28 -21.91 48.68
C LEU G 91 -29.09 -22.86 48.65
N LEU G 92 -28.76 -23.39 47.47
CA LEU G 92 -27.72 -24.41 47.35
C LEU G 92 -26.35 -23.83 47.66
N ARG G 93 -26.11 -22.57 47.29
CA ARG G 93 -24.91 -21.86 47.69
C ARG G 93 -25.10 -21.07 48.98
N MET G 94 -26.04 -21.50 49.81
CA MET G 94 -26.39 -20.79 51.02
C MET G 94 -26.57 -21.77 52.18
N GLU G 95 -25.70 -22.78 52.26
CA GLU G 95 -25.86 -23.78 53.29
C GLU G 95 -24.51 -24.13 53.90
N PRO G 96 -24.46 -24.39 55.21
CA PRO G 96 -23.20 -24.78 55.84
C PRO G 96 -22.74 -26.16 55.40
N THR G 97 -21.45 -26.42 55.60
CA THR G 97 -20.88 -27.66 55.13
C THR G 97 -21.29 -28.85 55.99
N GLU G 98 -21.54 -28.62 57.28
CA GLU G 98 -21.78 -29.72 58.21
C GLU G 98 -23.10 -30.40 57.96
N SER G 99 -24.16 -29.62 57.75
CA SER G 99 -25.47 -30.21 57.50
C SER G 99 -25.52 -30.87 56.13
N SER G 100 -24.73 -30.37 55.18
CA SER G 100 -24.71 -30.99 53.86
C SER G 100 -23.95 -32.31 53.89
N ILE G 101 -22.86 -32.39 54.65
CA ILE G 101 -22.18 -33.68 54.78
C ILE G 101 -22.82 -34.57 55.82
N ALA G 102 -23.86 -34.09 56.51
CA ALA G 102 -24.59 -34.94 57.46
C ALA G 102 -25.45 -35.97 56.76
N GLY G 103 -25.76 -35.78 55.48
CA GLY G 103 -26.62 -36.71 54.77
C GLY G 103 -25.97 -38.06 54.53
N SER G 104 -24.73 -38.06 54.05
CA SER G 104 -24.07 -39.31 53.71
C SER G 104 -22.64 -39.31 54.22
N HIS G 105 -22.14 -40.53 54.47
CA HIS G 105 -20.76 -40.69 54.90
C HIS G 105 -19.78 -40.44 53.77
N LYS G 106 -20.24 -40.54 52.52
CA LYS G 106 -19.40 -40.25 51.37
C LYS G 106 -18.94 -38.79 51.38
N PHE G 107 -19.85 -37.87 51.70
CA PHE G 107 -19.46 -36.48 51.82
C PHE G 107 -18.55 -36.25 53.01
N GLN G 108 -18.71 -37.04 54.08
CA GLN G 108 -17.84 -36.92 55.23
C GLN G 108 -16.41 -37.31 54.88
N VAL G 109 -16.23 -38.45 54.22
CA VAL G 109 -14.88 -38.88 53.89
C VAL G 109 -14.30 -38.03 52.77
N LEU G 110 -15.14 -37.51 51.87
CA LEU G 110 -14.63 -36.66 50.81
C LEU G 110 -14.18 -35.30 51.34
N ASN G 111 -14.98 -34.71 52.22
CA ASN G 111 -14.63 -33.44 52.85
C ASN G 111 -13.41 -33.59 53.73
N GLN G 112 -13.32 -34.71 54.45
CA GLN G 112 -12.13 -34.98 55.24
C GLN G 112 -10.89 -35.13 54.36
N LEU G 113 -11.07 -35.75 53.19
CA LEU G 113 -9.95 -35.95 52.28
C LEU G 113 -9.45 -34.64 51.71
N ILE G 114 -10.36 -33.76 51.29
CA ILE G 114 -9.90 -32.50 50.71
C ILE G 114 -9.38 -31.56 51.79
N ASN G 115 -9.90 -31.66 53.02
CA ASN G 115 -9.34 -30.86 54.10
C ASN G 115 -7.95 -31.34 54.48
N SER G 116 -7.70 -32.64 54.39
CA SER G 116 -6.36 -33.13 54.64
C SER G 116 -5.41 -32.74 53.51
N ILE G 117 -5.89 -32.78 52.27
CA ILE G 117 -5.01 -32.44 51.15
C ILE G 117 -4.79 -30.94 51.06
N CYS G 118 -5.63 -30.13 51.70
CA CYS G 118 -5.39 -28.69 51.68
C CYS G 118 -4.38 -28.29 52.75
N PHE G 119 -4.48 -28.87 53.95
CA PHE G 119 -3.68 -28.46 55.08
C PHE G 119 -2.42 -29.29 55.24
N ARG G 120 -1.86 -29.76 54.13
CA ARG G 120 -0.58 -30.47 54.14
C ARG G 120 0.56 -29.48 54.34
N ASP G 121 1.77 -30.01 54.43
CA ASP G 121 2.97 -29.18 54.42
C ASP G 121 3.45 -29.03 52.98
N ARG G 122 3.76 -27.79 52.61
CA ARG G 122 4.19 -27.50 51.25
C ARG G 122 5.70 -27.35 51.19
N PRO G 126 8.59 -26.34 50.33
CA PRO G 126 8.85 -25.40 49.22
C PRO G 126 7.58 -25.02 48.45
N ASN G 127 7.75 -24.29 47.35
CA ASN G 127 6.64 -23.88 46.51
C ASN G 127 6.13 -25.08 45.72
N GLU G 128 5.03 -25.66 46.17
CA GLU G 128 4.42 -26.81 45.52
C GLU G 128 3.05 -26.41 45.01
N VAL G 129 2.89 -26.43 43.68
CA VAL G 129 1.73 -25.85 43.01
C VAL G 129 1.01 -27.04 42.36
N ILE G 130 0.97 -28.16 43.08
CA ILE G 130 0.38 -29.40 42.57
C ILE G 130 -1.11 -29.23 42.24
N LYS G 131 -1.60 -30.11 41.40
CA LYS G 131 -2.92 -29.98 40.81
C LYS G 131 -3.82 -31.10 41.32
N CYS G 132 -5.11 -30.96 41.01
CA CYS G 132 -6.09 -31.97 41.37
C CYS G 132 -7.23 -31.93 40.37
N ALA G 133 -8.00 -33.01 40.34
CA ALA G 133 -9.15 -33.10 39.45
C ALA G 133 -10.17 -34.04 40.06
N ILE G 134 -11.45 -33.74 39.86
CA ILE G 134 -12.55 -34.51 40.41
C ILE G 134 -13.56 -34.74 39.30
N ILE G 135 -13.88 -36.01 39.05
CA ILE G 135 -14.79 -36.38 37.98
C ILE G 135 -16.06 -36.94 38.61
N ALA G 136 -17.21 -36.44 38.15
CA ALA G 136 -18.50 -36.98 38.54
C ALA G 136 -19.08 -37.79 37.39
N HIS G 137 -20.15 -38.53 37.70
CA HIS G 137 -20.80 -39.33 36.67
C HIS G 137 -21.82 -38.52 35.88
N SER G 138 -22.55 -37.63 36.55
CA SER G 138 -23.61 -36.85 35.93
C SER G 138 -23.53 -35.42 36.43
N ILE G 139 -24.58 -34.65 36.17
CA ILE G 139 -24.51 -33.20 36.32
C ILE G 139 -24.83 -32.76 37.73
N LYS G 140 -25.95 -33.22 38.29
CA LYS G 140 -26.42 -32.71 39.58
C LYS G 140 -25.47 -33.07 40.72
N GLU G 141 -24.77 -34.20 40.58
CA GLU G 141 -23.72 -34.54 41.51
C GLU G 141 -22.57 -33.55 41.42
N LEU G 142 -22.26 -33.10 40.20
CA LEU G 142 -21.22 -32.08 40.05
C LEU G 142 -21.68 -30.73 40.59
N ASP G 143 -22.98 -30.44 40.53
CA ASP G 143 -23.49 -29.22 41.14
C ASP G 143 -23.40 -29.28 42.65
N LEU G 144 -23.69 -30.44 43.24
CA LEU G 144 -23.52 -30.56 44.69
C LEU G 144 -22.06 -30.51 45.09
N LEU G 145 -21.17 -31.03 44.23
CA LEU G 145 -19.74 -30.90 44.45
C LEU G 145 -19.32 -29.44 44.45
N GLU G 146 -19.80 -28.67 43.47
CA GLU G 146 -19.44 -27.26 43.38
C GLU G 146 -20.02 -26.47 44.52
N GLY G 147 -21.22 -26.85 44.99
CA GLY G 147 -21.79 -26.18 46.14
C GLY G 147 -21.05 -26.49 47.43
N LEU G 148 -20.44 -27.67 47.51
CA LEU G 148 -19.69 -27.99 48.71
C LEU G 148 -18.33 -27.32 48.70
N ILE G 149 -17.69 -27.22 47.54
CA ILE G 149 -16.30 -26.80 47.46
C ILE G 149 -16.18 -25.30 47.19
N LEU G 150 -17.30 -24.58 47.25
CA LEU G 150 -17.40 -23.20 46.75
C LEU G 150 -16.52 -22.24 47.54
N GLY G 151 -16.74 -22.14 48.83
CA GLY G 151 -15.96 -21.21 49.62
C GLY G 151 -14.56 -21.64 49.93
N LYS G 152 -14.20 -22.88 49.63
CA LYS G 152 -12.93 -23.44 50.07
C LYS G 152 -11.77 -22.88 49.26
N LYS G 153 -10.61 -22.80 49.91
CA LYS G 153 -9.45 -22.09 49.37
C LYS G 153 -8.77 -22.91 48.28
N PHE G 154 -9.36 -22.87 47.09
CA PHE G 154 -8.78 -23.62 45.98
C PHE G 154 -9.01 -22.88 44.67
N ARG G 155 -7.96 -22.78 43.87
CA ARG G 155 -8.08 -22.20 42.53
C ARG G 155 -8.82 -23.20 41.65
N THR G 156 -10.11 -22.95 41.47
CA THR G 156 -11.00 -23.87 40.79
C THR G 156 -11.30 -23.42 39.36
N LYS G 157 -11.75 -24.36 38.55
CA LYS G 157 -12.17 -24.08 37.18
C LYS G 157 -13.11 -25.19 36.74
N ARG G 158 -14.38 -24.85 36.54
CA ARG G 158 -15.39 -25.84 36.17
C ARG G 158 -15.38 -26.04 34.67
N LEU G 159 -15.17 -27.29 34.24
CA LEU G 159 -15.20 -27.67 32.84
C LEU G 159 -16.56 -28.17 32.39
N SER G 160 -17.63 -27.76 33.07
CA SER G 160 -18.98 -28.10 32.66
C SER G 160 -19.84 -26.84 32.72
N GLY G 161 -20.95 -26.90 32.01
CA GLY G 161 -21.78 -25.72 31.86
C GLY G 161 -22.53 -25.35 33.13
N THR G 162 -23.00 -24.10 33.14
CA THR G 162 -23.81 -23.51 34.20
C THR G 162 -23.10 -23.59 35.55
N SER G 163 -21.98 -22.89 35.63
CA SER G 163 -21.19 -22.91 36.85
C SER G 163 -21.87 -22.09 37.95
N LEU G 164 -21.31 -22.17 39.14
CA LEU G 164 -21.88 -21.56 40.33
C LEU G 164 -20.92 -20.49 40.82
N TYR G 165 -21.25 -19.23 40.53
CA TYR G 165 -20.48 -18.04 40.95
C TYR G 165 -19.03 -18.12 40.48
N ASN G 166 -18.87 -18.09 39.16
CA ASN G 166 -17.58 -18.39 38.54
C ASN G 166 -16.57 -17.30 38.81
N GLU G 167 -15.46 -17.67 39.44
CA GLU G 167 -14.34 -16.76 39.61
C GLU G 167 -13.37 -16.97 38.46
N LYS G 168 -12.62 -15.91 38.16
CA LYS G 168 -11.85 -15.82 36.92
C LYS G 168 -10.40 -16.21 37.10
N HIS G 169 -10.13 -17.22 37.93
CA HIS G 169 -8.80 -17.79 38.03
C HIS G 169 -8.43 -18.44 36.71
N LYS G 170 -7.56 -17.79 35.94
CA LYS G 170 -7.21 -18.29 34.62
C LYS G 170 -5.85 -18.96 34.66
N PHE G 171 -5.78 -20.14 34.10
CA PHE G 171 -4.63 -21.02 34.24
C PHE G 171 -3.47 -20.52 33.38
N PRO G 172 -2.23 -20.65 33.86
CA PRO G 172 -1.08 -20.36 33.00
C PRO G 172 -0.93 -21.37 31.88
N ASN G 173 -1.16 -20.91 30.65
CA ASN G 173 -1.02 -21.68 29.40
C ASN G 173 -1.86 -22.95 29.35
N TYR G 202 4.44 9.24 35.79
CA TYR G 202 3.05 8.86 36.02
C TYR G 202 2.07 9.85 35.40
N THR G 203 2.53 10.50 34.32
CA THR G 203 1.78 11.52 33.58
C THR G 203 1.31 12.64 34.49
N GLY G 204 2.27 13.37 35.04
CA GLY G 204 1.96 14.52 35.86
C GLY G 204 1.68 15.76 35.05
N TYR G 205 2.40 15.94 33.95
CA TYR G 205 2.30 17.12 33.11
C TYR G 205 1.82 16.75 31.71
N SER G 206 1.85 17.71 30.82
CA SER G 206 1.61 17.48 29.40
C SER G 206 2.93 17.22 28.70
N LYS G 207 2.83 16.54 27.55
CA LYS G 207 3.86 16.34 26.53
C LYS G 207 4.95 15.36 26.97
N ASP G 208 5.00 15.00 28.24
CA ASP G 208 6.07 14.18 28.76
C ASP G 208 5.63 12.72 28.81
N ASP G 209 6.55 11.84 29.19
CA ASP G 209 6.26 10.41 29.27
C ASP G 209 7.23 9.78 30.26
N TYR G 210 6.75 9.39 31.41
CA TYR G 210 7.63 8.64 32.28
C TYR G 210 7.05 7.30 32.71
N ASP G 211 5.73 7.25 32.94
CA ASP G 211 4.85 6.07 33.06
C ASP G 211 5.47 4.87 33.79
N TYR G 212 5.94 5.14 35.01
CA TYR G 212 6.50 4.10 35.86
C TYR G 212 5.44 3.13 36.37
N SER G 213 4.16 3.43 36.17
CA SER G 213 3.05 2.63 36.71
C SER G 213 3.01 1.22 36.13
N VAL G 214 3.56 1.01 34.94
CA VAL G 214 3.54 -0.34 34.36
C VAL G 214 4.50 -1.26 35.10
N LYS G 215 5.68 -0.78 35.47
CA LYS G 215 6.58 -1.60 36.26
C LYS G 215 6.26 -1.52 37.75
N ARG G 216 5.44 -0.56 38.16
CA ARG G 216 5.11 -0.43 39.57
C ARG G 216 4.10 -1.48 40.00
N ASN G 217 3.12 -1.77 39.15
CA ASN G 217 1.96 -2.55 39.56
C ASN G 217 2.24 -4.03 39.70
N LEU G 218 3.40 -4.51 39.26
CA LEU G 218 3.77 -5.89 39.53
C LEU G 218 4.34 -6.08 40.93
N LYS G 219 4.64 -4.98 41.62
CA LYS G 219 5.17 -5.04 42.98
C LYS G 219 4.10 -4.84 44.04
N LYS G 220 2.88 -4.47 43.66
CA LYS G 220 1.79 -4.28 44.60
C LYS G 220 0.63 -5.22 44.36
N ARG G 221 0.68 -6.07 43.34
CA ARG G 221 -0.40 -6.99 43.02
C ARG G 221 -0.06 -8.36 43.60
N LYS G 222 -0.73 -8.73 44.69
CA LYS G 222 -0.47 -10.00 45.32
C LYS G 222 -1.13 -11.14 44.53
N ILE G 223 -0.59 -12.33 44.68
CA ILE G 223 -0.89 -13.44 43.79
C ILE G 223 -1.37 -14.64 44.59
N ASN G 224 -2.12 -15.51 43.92
CA ASN G 224 -2.67 -16.71 44.54
C ASN G 224 -1.67 -17.85 44.49
N THR G 225 -1.66 -18.65 45.56
CA THR G 225 -0.84 -19.84 45.64
C THR G 225 -1.68 -21.01 46.16
N ASP G 226 -2.87 -21.16 45.61
CA ASP G 226 -3.66 -22.35 45.89
C ASP G 226 -3.25 -23.49 44.98
N ASP G 227 -3.54 -24.70 45.41
CA ASP G 227 -3.44 -25.82 44.51
C ASP G 227 -4.61 -25.78 43.54
N TRP G 228 -4.37 -26.25 42.33
CA TRP G 228 -5.35 -26.10 41.27
C TRP G 228 -6.26 -27.30 41.17
N LEU G 229 -7.52 -27.04 40.85
CA LEU G 229 -8.54 -28.08 40.83
C LEU G 229 -9.49 -27.81 39.68
N PHE G 230 -9.99 -28.89 39.09
CA PHE G 230 -10.92 -28.81 37.97
C PHE G 230 -12.10 -29.71 38.24
N LEU G 231 -13.19 -29.46 37.53
CA LEU G 231 -14.44 -30.19 37.73
C LEU G 231 -15.04 -30.52 36.38
N ALA G 232 -15.41 -31.78 36.18
CA ALA G 232 -16.04 -32.22 34.93
C ALA G 232 -16.81 -33.50 35.20
N THR G 233 -17.53 -33.94 34.17
CA THR G 233 -18.29 -35.17 34.23
C THR G 233 -17.76 -36.18 33.21
N THR G 234 -18.24 -37.41 33.34
CA THR G 234 -17.89 -38.46 32.41
C THR G 234 -18.58 -38.31 31.08
N LYS G 235 -19.71 -37.60 31.03
CA LYS G 235 -20.38 -37.32 29.76
C LYS G 235 -19.50 -36.49 28.84
N HIS G 236 -18.81 -35.51 29.41
CA HIS G 236 -17.89 -34.71 28.60
C HIS G 236 -16.69 -35.54 28.15
N LEU G 237 -16.20 -36.44 29.02
CA LEU G 237 -15.05 -37.25 28.65
C LEU G 237 -15.41 -38.32 27.63
N LYS G 238 -16.67 -38.74 27.61
CA LYS G 238 -17.09 -39.71 26.61
C LYS G 238 -17.57 -39.06 25.33
N HIS G 239 -18.00 -37.80 25.38
CA HIS G 239 -18.35 -37.09 24.15
C HIS G 239 -17.08 -36.74 23.37
N ASP G 240 -16.19 -36.00 24.00
CA ASP G 240 -14.95 -35.57 23.37
C ASP G 240 -13.77 -35.91 24.26
N GLN G 241 -12.58 -35.73 23.73
CA GLN G 241 -11.34 -35.99 24.44
C GLN G 241 -10.50 -34.72 24.46
N TYR G 242 -9.28 -34.86 25.00
CA TYR G 242 -8.32 -33.78 25.23
C TYR G 242 -8.87 -32.69 26.16
N LEU G 243 -9.89 -33.01 26.94
CA LEU G 243 -10.49 -32.03 27.82
C LEU G 243 -9.61 -31.78 29.03
N LEU G 244 -8.86 -32.79 29.43
CA LEU G 244 -7.99 -32.70 30.59
C LEU G 244 -6.53 -32.82 30.24
N ALA G 245 -6.19 -33.10 28.98
CA ALA G 245 -4.80 -33.22 28.57
C ALA G 245 -4.12 -31.87 28.46
N ASN G 246 -4.88 -30.78 28.44
CA ASN G 246 -4.27 -29.45 28.46
C ASN G 246 -3.63 -29.17 29.81
N TYR G 247 -4.31 -29.53 30.89
CA TYR G 247 -3.81 -29.28 32.23
C TYR G 247 -2.94 -30.44 32.70
N ASP G 248 -1.77 -30.12 33.24
CA ASP G 248 -0.87 -31.12 33.80
C ASP G 248 -1.36 -31.50 35.19
N ILE G 249 -2.40 -32.33 35.23
CA ILE G 249 -2.99 -32.76 36.48
C ILE G 249 -2.08 -33.78 37.15
N ASP G 250 -2.34 -34.07 38.43
CA ASP G 250 -1.48 -34.95 39.20
C ASP G 250 -2.19 -36.10 39.86
N MET G 251 -3.49 -36.03 40.07
CA MET G 251 -4.25 -37.14 40.63
C MET G 251 -5.69 -36.99 40.19
N ILE G 252 -6.39 -38.12 40.12
CA ILE G 252 -7.83 -38.10 39.85
C ILE G 252 -8.49 -38.72 41.08
N ILE G 253 -8.86 -37.87 42.03
CA ILE G 253 -9.73 -38.30 43.09
C ILE G 253 -11.14 -38.19 42.53
N SER G 254 -11.60 -39.27 41.90
CA SER G 254 -12.86 -39.20 41.18
C SER G 254 -14.02 -39.62 42.07
N PHE G 255 -15.18 -39.05 41.79
CA PHE G 255 -16.39 -39.42 42.50
C PHE G 255 -16.98 -40.73 41.97
N ASP G 256 -16.83 -40.97 40.68
CA ASP G 256 -17.43 -42.11 40.01
C ASP G 256 -16.53 -43.33 40.14
N PRO G 257 -17.08 -44.52 40.39
CA PRO G 257 -16.25 -45.73 40.54
C PRO G 257 -16.10 -46.59 39.30
N MET G 258 -16.64 -46.17 38.16
CA MET G 258 -16.67 -46.98 36.94
C MET G 258 -16.09 -46.21 35.77
N LEU G 259 -14.88 -45.68 35.96
CA LEU G 259 -14.28 -44.72 35.05
C LEU G 259 -13.90 -45.28 33.69
N GLU G 260 -13.66 -46.60 33.58
CA GLU G 260 -13.05 -47.24 32.42
C GLU G 260 -11.73 -46.56 32.07
N VAL G 261 -10.76 -46.77 32.99
CA VAL G 261 -9.49 -46.05 33.15
C VAL G 261 -8.74 -45.78 31.85
N GLU G 262 -8.84 -46.67 30.87
CA GLU G 262 -8.17 -46.45 29.58
C GLU G 262 -9.08 -45.73 28.60
N LEU G 263 -9.58 -44.58 29.02
CA LEU G 263 -10.22 -43.64 28.11
C LEU G 263 -9.13 -42.93 27.30
N PRO G 264 -9.46 -42.44 26.09
CA PRO G 264 -8.40 -41.91 25.20
C PRO G 264 -7.69 -40.68 25.73
N ALA G 265 -8.44 -39.67 26.19
CA ALA G 265 -7.81 -38.53 26.84
C ALA G 265 -7.11 -38.93 28.12
N LEU G 266 -7.64 -39.93 28.84
CA LEU G 266 -6.96 -40.45 30.02
C LEU G 266 -5.70 -41.21 29.64
N GLN G 267 -5.71 -41.88 28.50
CA GLN G 267 -4.52 -42.59 28.05
C GLN G 267 -3.41 -41.62 27.65
N VAL G 268 -3.75 -40.54 26.96
CA VAL G 268 -2.73 -39.54 26.64
C VAL G 268 -2.30 -38.78 27.89
N LEU G 269 -3.19 -38.65 28.88
CA LEU G 269 -2.79 -38.12 30.18
C LEU G 269 -1.75 -39.01 30.86
N ARG G 270 -1.97 -40.33 30.81
CA ARG G 270 -0.99 -41.26 31.38
C ARG G 270 0.30 -41.25 30.58
N ASN G 271 0.22 -41.00 29.28
CA ASN G 271 1.40 -41.07 28.43
C ASN G 271 2.26 -39.81 28.50
N ASN G 272 1.67 -38.64 28.73
CA ASN G 272 2.49 -37.43 28.66
C ASN G 272 3.29 -37.19 29.94
N ALA G 273 2.69 -37.47 31.10
CA ALA G 273 3.30 -37.12 32.37
C ALA G 273 4.47 -38.04 32.68
N ASN G 274 5.35 -37.55 33.56
CA ASN G 274 6.58 -38.28 33.87
C ASN G 274 6.31 -39.48 34.78
N LYS G 275 5.50 -39.29 35.82
CA LYS G 275 5.17 -40.34 36.76
C LYS G 275 3.72 -40.76 36.56
N ASP G 276 3.38 -41.91 37.14
CA ASP G 276 2.02 -42.42 37.00
C ASP G 276 1.06 -41.60 37.84
N ILE G 277 -0.13 -41.34 37.28
CA ILE G 277 -1.13 -40.51 37.92
C ILE G 277 -2.01 -41.40 38.79
N PRO G 278 -2.04 -41.20 40.10
CA PRO G 278 -2.91 -42.03 40.95
C PRO G 278 -4.38 -41.71 40.75
N ILE G 279 -5.17 -42.77 40.62
CA ILE G 279 -6.61 -42.68 40.43
C ILE G 279 -7.25 -43.29 41.66
N ILE G 280 -8.05 -42.51 42.37
CA ILE G 280 -8.68 -42.95 43.61
C ILE G 280 -10.18 -42.77 43.48
N LYS G 281 -10.91 -43.87 43.59
CA LYS G 281 -12.35 -43.86 43.53
C LYS G 281 -12.94 -44.03 44.92
N LEU G 282 -14.12 -43.47 45.12
CA LEU G 282 -14.93 -43.84 46.26
C LEU G 282 -15.56 -45.20 46.01
N LEU G 283 -15.68 -46.00 47.06
CA LEU G 283 -16.17 -47.36 46.89
C LEU G 283 -17.00 -47.78 48.09
N VAL G 284 -18.32 -47.81 47.91
CA VAL G 284 -19.22 -48.34 48.91
C VAL G 284 -18.95 -49.83 49.12
N GLN G 285 -19.22 -50.33 50.34
CA GLN G 285 -18.87 -51.70 50.71
C GLN G 285 -19.70 -52.71 49.94
N ASN G 286 -21.02 -52.69 50.12
CA ASN G 286 -21.91 -53.65 49.51
C ASN G 286 -22.90 -52.89 48.64
N SER G 287 -22.54 -52.69 47.38
CA SER G 287 -23.31 -51.89 46.45
C SER G 287 -23.67 -52.72 45.24
N PRO G 288 -24.70 -52.32 44.48
CA PRO G 288 -24.89 -52.93 43.15
C PRO G 288 -23.73 -52.68 42.21
N ASP G 289 -23.07 -51.54 42.32
CA ASP G 289 -21.84 -51.31 41.56
C ASP G 289 -20.69 -52.16 42.09
N HIS G 290 -20.76 -52.60 43.35
CA HIS G 290 -19.66 -53.38 43.90
C HIS G 290 -19.61 -54.77 43.29
N TYR G 291 -20.74 -55.27 42.77
CA TYR G 291 -20.73 -56.55 42.07
C TYR G 291 -19.95 -56.45 40.78
N LEU G 292 -20.22 -55.43 39.98
CA LEU G 292 -19.47 -55.26 38.73
C LEU G 292 -18.05 -54.84 39.00
N LEU G 293 -17.80 -54.14 40.11
CA LEU G 293 -16.43 -53.80 40.46
C LEU G 293 -15.64 -54.98 41.02
N ASP G 294 -16.32 -55.97 41.59
CA ASP G 294 -15.62 -57.19 41.99
C ASP G 294 -15.44 -58.13 40.81
N SER G 295 -16.35 -58.09 39.83
CA SER G 295 -16.11 -58.80 38.59
C SER G 295 -15.02 -58.13 37.76
N GLU G 296 -14.83 -56.83 37.95
CA GLU G 296 -13.73 -56.10 37.35
C GLU G 296 -12.44 -56.19 38.15
N ILE G 297 -12.53 -56.48 39.45
CA ILE G 297 -11.38 -56.33 40.35
C ILE G 297 -10.32 -57.41 40.16
N LYS G 298 -10.62 -58.45 39.39
CA LYS G 298 -9.58 -59.38 38.98
C LYS G 298 -8.53 -58.67 38.12
N ASN G 299 -7.26 -59.01 38.37
CA ASN G 299 -6.07 -58.36 37.83
C ASN G 299 -6.06 -56.86 38.07
N SER G 316 -30.67 -56.91 27.73
CA SER G 316 -29.86 -58.01 27.21
C SER G 316 -28.96 -58.58 28.31
N GLN G 317 -27.65 -58.65 28.03
CA GLN G 317 -26.71 -59.16 29.01
C GLN G 317 -26.57 -58.20 30.19
N GLU G 318 -26.77 -56.92 29.94
CA GLU G 318 -26.76 -55.94 31.01
C GLU G 318 -27.94 -56.14 31.95
N TYR G 319 -29.05 -56.70 31.46
CA TYR G 319 -30.17 -57.05 32.34
C TYR G 319 -29.79 -58.17 33.30
N GLU G 320 -29.03 -59.15 32.80
CA GLU G 320 -28.52 -60.22 33.65
C GLU G 320 -27.56 -59.68 34.69
N GLU G 321 -26.69 -58.74 34.28
CA GLU G 321 -25.76 -58.12 35.21
C GLU G 321 -26.50 -57.29 36.26
N ILE G 322 -27.58 -56.62 35.84
CA ILE G 322 -28.40 -55.84 36.78
C ILE G 322 -29.05 -56.76 37.81
N LYS G 323 -29.62 -57.88 37.35
CA LYS G 323 -30.29 -58.79 38.27
C LYS G 323 -29.30 -59.44 39.23
N SER G 324 -28.12 -59.82 38.74
CA SER G 324 -27.14 -60.46 39.61
C SER G 324 -26.53 -59.46 40.58
N SER G 325 -26.35 -58.21 40.16
CA SER G 325 -25.84 -57.18 41.06
C SER G 325 -26.86 -56.85 42.13
N LEU G 326 -28.14 -56.77 41.77
CA LEU G 326 -29.16 -56.48 42.76
C LEU G 326 -29.36 -57.65 43.71
N LEU G 327 -29.14 -58.88 43.24
CA LEU G 327 -29.18 -60.01 44.17
C LEU G 327 -27.97 -60.01 45.09
N TYR G 328 -26.80 -59.60 44.59
CA TYR G 328 -25.65 -59.44 45.47
C TYR G 328 -25.88 -58.31 46.47
N PHE G 329 -26.64 -57.30 46.09
CA PHE G 329 -26.94 -56.20 46.99
C PHE G 329 -27.92 -56.62 48.07
N LEU G 330 -29.05 -57.22 47.68
CA LEU G 330 -30.08 -57.56 48.64
C LEU G 330 -29.74 -58.80 49.47
N GLN G 331 -28.88 -59.69 48.95
CA GLN G 331 -28.40 -60.78 49.79
C GLN G 331 -27.42 -60.25 50.82
N ALA G 332 -26.57 -59.31 50.44
CA ALA G 332 -25.69 -58.62 51.37
C ALA G 332 -26.30 -57.32 51.87
N ARG G 333 -27.62 -57.26 51.97
CA ARG G 333 -28.28 -56.08 52.52
C ARG G 333 -27.90 -55.86 53.97
N ASN G 334 -28.08 -56.88 54.81
CA ASN G 334 -27.71 -56.79 56.21
C ASN G 334 -26.38 -57.44 56.48
N ALA G 335 -25.45 -57.32 55.52
CA ALA G 335 -24.09 -57.81 55.68
C ALA G 335 -23.39 -56.98 56.75
N PRO G 336 -23.14 -57.54 57.93
CA PRO G 336 -22.81 -56.72 59.10
C PRO G 336 -21.35 -56.35 59.25
N VAL G 337 -20.47 -56.80 58.37
CA VAL G 337 -19.06 -56.51 58.51
C VAL G 337 -18.75 -55.16 57.88
N ASN G 338 -17.65 -54.56 58.33
CA ASN G 338 -17.26 -53.23 57.88
C ASN G 338 -15.75 -53.14 57.86
N ASN G 339 -15.24 -52.22 57.05
CA ASN G 339 -13.81 -51.96 56.97
C ASN G 339 -13.56 -50.55 57.48
N CYS G 340 -12.60 -50.41 58.40
CA CYS G 340 -12.40 -49.14 59.08
C CYS G 340 -10.90 -48.87 59.22
N GLU G 341 -10.59 -47.81 59.98
CA GLU G 341 -9.24 -47.38 60.34
C GLU G 341 -8.41 -47.05 59.10
N ILE G 342 -8.84 -45.99 58.43
CA ILE G 342 -8.15 -45.46 57.27
C ILE G 342 -7.53 -44.13 57.66
N ASP G 343 -6.22 -44.00 57.47
CA ASP G 343 -5.57 -42.71 57.57
C ASP G 343 -5.55 -42.04 56.20
N TYR G 344 -5.62 -40.72 56.21
CA TYR G 344 -5.66 -39.95 54.97
C TYR G 344 -4.33 -39.34 54.61
N ILE G 345 -3.59 -38.87 55.61
CA ILE G 345 -2.36 -38.11 55.37
C ILE G 345 -1.28 -39.02 54.81
N LYS G 346 -1.14 -40.23 55.37
CA LYS G 346 -0.16 -41.15 54.83
C LYS G 346 -0.58 -41.68 53.48
N LEU G 347 -1.89 -41.76 53.23
CA LEU G 347 -2.37 -42.21 51.92
C LEU G 347 -2.09 -41.16 50.85
N VAL G 348 -2.32 -39.88 51.16
CA VAL G 348 -2.05 -38.86 50.16
C VAL G 348 -0.55 -38.66 50.01
N LYS G 349 0.22 -38.89 51.07
CA LYS G 349 1.68 -38.90 50.95
C LYS G 349 2.14 -40.04 50.05
N CYS G 350 1.48 -41.19 50.14
CA CYS G 350 1.84 -42.30 49.28
C CYS G 350 1.52 -42.02 47.82
N CYS G 351 0.31 -41.51 47.53
CA CYS G 351 -0.05 -41.39 46.13
C CYS G 351 0.54 -40.15 45.47
N LEU G 352 0.78 -39.07 46.22
CA LEU G 352 1.44 -37.92 45.65
C LEU G 352 2.96 -38.12 45.59
N GLU G 353 3.53 -38.71 46.62
CA GLU G 353 4.96 -39.02 46.65
C GLU G 353 5.30 -40.32 45.95
N GLY G 354 4.32 -41.03 45.38
CA GLY G 354 4.59 -42.11 44.46
C GLY G 354 5.10 -43.40 45.04
N LYS G 355 4.26 -44.12 45.77
CA LYS G 355 4.59 -45.44 46.27
C LYS G 355 3.36 -46.34 46.15
N ASP G 356 3.48 -47.57 46.65
CA ASP G 356 2.37 -48.50 46.72
C ASP G 356 1.59 -48.21 47.98
N CYS G 357 0.40 -47.63 47.83
CA CYS G 357 -0.41 -47.29 48.99
C CYS G 357 -0.99 -48.55 49.60
N ASN G 358 -0.27 -49.08 50.59
CA ASN G 358 -0.74 -50.20 51.39
C ASN G 358 -1.68 -49.77 52.50
N ASN G 359 -1.89 -48.46 52.67
CA ASN G 359 -2.81 -47.96 53.69
C ASN G 359 -4.25 -48.29 53.36
N ILE G 360 -4.57 -48.51 52.08
CA ILE G 360 -5.91 -48.97 51.73
C ILE G 360 -6.10 -50.41 52.22
N LEU G 361 -7.37 -50.78 52.41
CA LEU G 361 -7.70 -52.10 52.90
C LEU G 361 -8.02 -53.00 51.71
N PRO G 362 -7.22 -54.01 51.43
CA PRO G 362 -7.32 -54.71 50.14
C PRO G 362 -8.33 -55.86 50.10
N VAL G 363 -9.27 -55.91 51.06
CA VAL G 363 -10.18 -57.04 51.13
C VAL G 363 -11.18 -57.03 49.96
N LEU G 364 -11.77 -55.87 49.66
CA LEU G 364 -12.38 -55.56 48.36
C LEU G 364 -13.57 -56.42 47.92
N ASP G 365 -13.98 -57.40 48.73
CA ASP G 365 -14.96 -58.38 48.29
C ASP G 365 -15.57 -59.09 49.48
N LEU G 366 -16.87 -59.37 49.37
CA LEU G 366 -17.61 -60.11 50.38
C LEU G 366 -18.18 -61.37 49.77
N ILE G 367 -18.54 -62.31 50.64
CA ILE G 367 -19.05 -63.61 50.24
C ILE G 367 -20.57 -63.54 50.16
N THR G 368 -21.15 -64.25 49.19
CA THR G 368 -22.59 -64.37 49.06
C THR G 368 -23.18 -65.19 50.20
N SER G 376 -29.49 -71.54 46.34
CA SER G 376 -29.85 -70.56 45.33
C SER G 376 -30.76 -69.49 45.89
N SER G 377 -31.85 -69.21 45.19
CA SER G 377 -32.82 -68.22 45.64
C SER G 377 -33.61 -68.77 46.81
N ASP G 378 -33.48 -68.13 47.96
CA ASP G 378 -34.18 -68.51 49.17
C ASP G 378 -35.07 -67.35 49.61
N SER G 379 -35.67 -67.47 50.78
CA SER G 379 -36.58 -66.47 51.30
C SER G 379 -36.12 -65.96 52.66
N GLY G 380 -36.38 -64.68 52.91
CA GLY G 380 -36.12 -64.08 54.21
C GLY G 380 -35.54 -62.68 54.17
N PHE G 381 -34.66 -62.38 53.23
CA PHE G 381 -34.29 -60.99 52.98
C PHE G 381 -35.11 -60.42 51.82
N TRP G 382 -36.42 -60.58 51.93
CA TRP G 382 -37.34 -60.11 50.92
C TRP G 382 -38.50 -59.33 51.48
N GLN G 383 -38.75 -59.43 52.76
CA GLN G 383 -39.61 -58.51 53.50
C GLN G 383 -38.74 -57.40 54.08
N PRO G 384 -39.07 -56.13 53.85
CA PRO G 384 -38.19 -55.05 54.31
C PRO G 384 -38.35 -54.81 55.81
N GLN G 385 -37.22 -54.70 56.50
CA GLN G 385 -37.20 -54.56 57.95
C GLN G 385 -36.31 -53.38 58.32
N LEU G 386 -36.87 -52.44 59.09
CA LEU G 386 -36.22 -51.17 59.34
C LEU G 386 -35.11 -51.34 60.39
N THR G 387 -34.61 -50.21 60.87
CA THR G 387 -33.69 -50.21 62.00
C THR G 387 -34.50 -50.28 63.30
N LYS G 388 -33.79 -50.38 64.42
CA LYS G 388 -34.46 -50.42 65.71
C LYS G 388 -34.90 -49.03 66.12
N LEU G 389 -36.12 -48.94 66.62
CA LEU G 389 -36.68 -47.69 67.09
C LEU G 389 -37.22 -47.88 68.50
N GLN G 390 -36.91 -46.94 69.38
CA GLN G 390 -37.35 -47.02 70.76
C GLN G 390 -38.82 -46.66 70.84
N TYR G 391 -39.66 -47.66 71.10
CA TYR G 391 -41.13 -47.59 71.24
C TYR G 391 -41.79 -46.74 70.15
N SER G 392 -41.54 -47.15 68.90
CA SER G 392 -42.29 -46.63 67.76
C SER G 392 -43.06 -47.73 67.04
N SER G 393 -42.36 -48.77 66.55
CA SER G 393 -42.92 -50.07 66.16
C SER G 393 -43.98 -49.96 65.06
N THR G 394 -43.52 -49.57 63.86
CA THR G 394 -44.38 -49.51 62.70
C THR G 394 -43.77 -50.36 61.57
N GLU G 395 -44.59 -50.72 60.60
CA GLU G 395 -44.29 -51.76 59.62
C GLU G 395 -43.99 -51.16 58.25
N LEU G 396 -43.73 -52.05 57.29
CA LEU G 396 -43.48 -51.68 55.89
C LEU G 396 -44.43 -52.48 55.00
N PRO G 397 -45.31 -51.82 54.24
CA PRO G 397 -46.44 -52.52 53.61
C PRO G 397 -46.12 -53.22 52.29
N LEU G 398 -44.87 -53.18 51.82
CA LEU G 398 -44.29 -54.02 50.77
C LEU G 398 -44.80 -53.70 49.36
N TRP G 399 -45.85 -52.89 49.24
CA TRP G 399 -46.50 -52.47 47.99
C TRP G 399 -46.75 -53.63 47.02
N ASP G 400 -47.63 -54.53 47.45
CA ASP G 400 -47.96 -55.70 46.63
C ASP G 400 -48.98 -55.27 45.59
N GLY G 401 -48.50 -54.86 44.41
CA GLY G 401 -49.41 -54.50 43.35
C GLY G 401 -48.77 -53.81 42.17
N PRO G 402 -49.61 -53.25 41.28
CA PRO G 402 -49.10 -52.51 40.11
C PRO G 402 -48.73 -51.09 40.47
N LEU G 403 -48.42 -50.26 39.47
CA LEU G 403 -47.82 -48.97 39.75
C LEU G 403 -48.21 -47.93 38.71
N ASP G 404 -48.44 -46.71 39.19
CA ASP G 404 -48.52 -45.52 38.36
C ASP G 404 -47.56 -44.51 38.96
N ILE G 405 -46.97 -43.66 38.09
CA ILE G 405 -45.93 -42.73 38.52
C ILE G 405 -46.47 -41.72 39.53
N LYS G 406 -47.73 -41.29 39.33
CA LYS G 406 -48.40 -40.47 40.33
C LYS G 406 -48.56 -41.24 41.63
N THR G 407 -49.02 -42.47 41.55
CA THR G 407 -49.13 -43.31 42.74
C THR G 407 -47.77 -43.68 43.30
N TYR G 408 -46.77 -43.84 42.43
CA TYR G 408 -45.39 -44.08 42.86
C TYR G 408 -44.90 -42.97 43.77
N GLN G 409 -44.97 -41.75 43.28
CA GLN G 409 -44.44 -40.63 44.05
C GLN G 409 -45.35 -40.27 45.21
N THR G 410 -46.66 -40.56 45.10
CA THR G 410 -47.57 -40.27 46.21
C THR G 410 -47.39 -41.25 47.36
N GLU G 411 -47.24 -42.55 47.03
CA GLU G 411 -46.93 -43.54 48.05
C GLU G 411 -45.58 -43.27 48.68
N LEU G 412 -44.58 -42.91 47.87
CA LEU G 412 -43.26 -42.58 48.39
C LEU G 412 -43.31 -41.37 49.29
N MET G 413 -44.09 -40.35 48.89
CA MET G 413 -44.27 -39.13 49.64
C MET G 413 -44.88 -39.40 51.00
N HIS G 414 -46.09 -39.94 51.03
CA HIS G 414 -46.76 -40.08 52.32
C HIS G 414 -46.21 -41.23 53.15
N ARG G 415 -45.49 -42.18 52.53
CA ARG G 415 -44.74 -43.16 53.31
C ARG G 415 -43.55 -42.49 54.01
N ALA G 416 -42.87 -41.58 53.30
CA ALA G 416 -41.84 -40.78 53.98
C ALA G 416 -42.44 -39.87 55.03
N VAL G 417 -43.68 -39.42 54.83
CA VAL G 417 -44.38 -38.59 55.82
C VAL G 417 -44.63 -39.38 57.09
N ILE G 418 -45.15 -40.60 56.96
CA ILE G 418 -45.42 -41.37 58.17
C ILE G 418 -44.12 -41.87 58.80
N ARG G 419 -43.07 -42.06 57.99
CA ARG G 419 -41.75 -42.37 58.53
C ARG G 419 -41.20 -41.21 59.35
N LEU G 420 -41.39 -39.99 58.85
CA LEU G 420 -40.97 -38.83 59.62
C LEU G 420 -41.85 -38.63 60.84
N ARG G 421 -43.11 -39.04 60.78
CA ARG G 421 -43.96 -39.01 61.97
C ARG G 421 -43.43 -39.96 63.03
N ASP G 422 -42.97 -41.14 62.59
CA ASP G 422 -42.34 -42.10 63.49
C ASP G 422 -41.09 -41.52 64.14
N ILE G 423 -40.22 -40.91 63.33
CA ILE G 423 -38.98 -40.38 63.90
C ILE G 423 -39.26 -39.13 64.72
N GLN G 424 -40.35 -38.42 64.42
CA GLN G 424 -40.72 -37.23 65.17
C GLN G 424 -41.18 -37.59 66.57
N ASP G 425 -42.09 -38.55 66.67
CA ASP G 425 -42.50 -39.04 67.99
C ASP G 425 -41.35 -39.74 68.70
N GLU G 426 -40.44 -40.36 67.93
CA GLU G 426 -39.29 -41.04 68.50
C GLU G 426 -38.38 -40.06 69.23
N TYR G 427 -38.07 -38.94 68.58
CA TYR G 427 -37.26 -37.94 69.27
C TYR G 427 -38.07 -37.22 70.35
N ALA G 428 -39.35 -36.98 70.09
CA ALA G 428 -40.17 -36.19 71.01
C ALA G 428 -40.47 -36.93 72.30
N LYS G 429 -40.40 -38.26 72.29
CA LYS G 429 -40.61 -38.99 73.53
C LYS G 429 -39.34 -39.07 74.36
N GLY G 430 -38.18 -39.10 73.73
CA GLY G 430 -36.94 -39.29 74.48
C GLY G 430 -36.43 -38.03 75.13
N THR G 431 -37.23 -37.44 76.03
CA THR G 431 -36.87 -36.20 76.70
C THR G 431 -36.77 -36.34 78.20
N VAL G 432 -37.85 -36.74 78.87
CA VAL G 432 -37.96 -36.71 80.32
C VAL G 432 -37.03 -37.60 81.17
N PRO G 433 -36.50 -38.76 80.73
CA PRO G 433 -35.59 -39.47 81.65
C PRO G 433 -34.28 -38.75 81.86
N LEU G 434 -33.75 -38.08 80.83
CA LEU G 434 -32.60 -37.22 81.01
C LEU G 434 -32.93 -36.04 81.91
N TYR G 435 -34.17 -35.56 81.84
CA TYR G 435 -34.63 -34.46 82.67
C TYR G 435 -34.62 -34.84 84.15
N GLU G 436 -35.18 -36.01 84.47
CA GLU G 436 -35.12 -36.52 85.85
C GLU G 436 -33.69 -36.82 86.29
N LYS G 437 -32.87 -37.31 85.35
CA LYS G 437 -31.47 -37.59 85.64
C LYS G 437 -30.72 -36.32 86.03
N ARG G 438 -30.95 -35.24 85.30
CA ARG G 438 -30.33 -33.96 85.62
C ARG G 438 -30.83 -33.43 86.95
N LEU G 439 -32.12 -33.62 87.25
CA LEU G 439 -32.68 -33.18 88.52
C LEU G 439 -32.00 -33.88 89.70
N ASN G 440 -31.91 -35.21 89.62
CA ASN G 440 -31.29 -35.97 90.69
C ASN G 440 -29.80 -35.70 90.81
N GLU G 441 -29.13 -35.47 89.67
CA GLU G 441 -27.70 -35.14 89.71
C GLU G 441 -27.47 -33.79 90.38
N THR G 442 -28.32 -32.81 90.11
CA THR G 442 -28.18 -31.51 90.74
C THR G 442 -28.45 -31.57 92.24
N GLN G 443 -29.47 -32.33 92.64
CA GLN G 443 -29.73 -32.49 94.08
C GLN G 443 -28.59 -33.23 94.77
N ARG G 444 -27.99 -34.20 94.08
CA ARG G 444 -26.82 -34.89 94.59
C ARG G 444 -25.66 -33.93 94.80
N GLN G 445 -25.41 -33.05 93.82
CA GLN G 445 -24.28 -32.13 93.91
C GLN G 445 -24.49 -31.09 95.00
N ASN G 446 -25.74 -30.62 95.16
CA ASN G 446 -26.04 -29.68 96.22
C ASN G 446 -25.86 -30.31 97.59
N GLN G 447 -26.30 -31.57 97.74
CA GLN G 447 -26.05 -32.29 98.97
C GLN G 447 -24.55 -32.46 99.22
N LEU G 448 -23.79 -32.70 98.14
CA LEU G 448 -22.35 -32.92 98.23
C LEU G 448 -21.63 -31.70 98.80
N ASP G 449 -21.81 -30.53 98.16
CA ASP G 449 -21.04 -29.41 98.66
C ASP G 449 -21.62 -28.83 99.94
N GLU G 450 -22.90 -29.09 100.25
CA GLU G 450 -23.40 -28.72 101.58
C GLU G 450 -22.73 -29.54 102.67
N ILE G 451 -22.53 -30.84 102.40
CA ILE G 451 -21.77 -31.68 103.31
C ILE G 451 -20.34 -31.19 103.46
N LYS G 452 -19.73 -30.75 102.35
CA LYS G 452 -18.35 -30.23 102.40
C LYS G 452 -18.26 -28.96 103.24
N ASN G 453 -19.28 -28.10 103.14
CA ASN G 453 -19.34 -26.88 103.96
C ASN G 453 -19.46 -27.22 105.45
N SER G 454 -20.32 -28.17 105.78
CA SER G 454 -20.47 -28.55 107.19
C SER G 454 -19.20 -29.21 107.73
N VAL G 455 -18.48 -29.93 106.88
CA VAL G 455 -17.21 -30.54 107.29
C VAL G 455 -16.17 -29.46 107.60
N GLY G 456 -16.11 -28.42 106.76
CA GLY G 456 -15.25 -27.29 107.07
C GLY G 456 -15.63 -26.60 108.37
N LEU G 457 -16.93 -26.50 108.64
CA LEU G 457 -17.40 -25.88 109.88
C LEU G 457 -16.96 -26.65 111.11
N THR G 458 -17.17 -27.98 111.11
CA THR G 458 -16.82 -28.75 112.30
C THR G 458 -15.32 -28.88 112.47
N PHE G 459 -14.56 -28.86 111.37
CA PHE G 459 -13.11 -28.89 111.49
C PHE G 459 -12.59 -27.58 112.09
N LYS G 460 -13.23 -26.46 111.74
CA LYS G 460 -12.86 -25.19 112.35
C LYS G 460 -13.20 -25.16 113.84
N LYS G 461 -14.34 -25.75 114.21
CA LYS G 461 -14.70 -25.77 115.63
C LYS G 461 -13.76 -26.64 116.45
N LYS G 462 -13.30 -27.77 115.89
CA LYS G 462 -12.29 -28.59 116.55
C LYS G 462 -10.98 -27.82 116.69
N GLN G 463 -10.57 -27.15 115.61
CA GLN G 463 -9.32 -26.41 115.60
C GLN G 463 -9.37 -25.20 116.53
N GLU G 464 -10.57 -24.75 116.90
CA GLU G 464 -10.68 -23.69 117.90
C GLU G 464 -10.90 -24.20 119.32
N VAL G 465 -11.31 -25.45 119.53
CA VAL G 465 -11.44 -25.94 120.89
C VAL G 465 -10.11 -26.53 121.41
N GLU G 466 -9.16 -26.83 120.51
CA GLU G 466 -7.83 -27.33 120.90
C GLU G 466 -7.12 -26.44 121.92
N LYS G 467 -7.22 -25.12 121.75
CA LYS G 467 -6.47 -24.19 122.59
C LYS G 467 -7.02 -24.17 124.01
N SER G 468 -8.35 -24.20 124.15
CA SER G 468 -8.95 -24.23 125.48
C SER G 468 -8.68 -25.57 126.15
N ILE G 469 -8.54 -26.65 125.37
CA ILE G 469 -8.10 -27.93 125.92
C ILE G 469 -6.72 -27.80 126.55
N ASN G 470 -5.77 -27.21 125.81
CA ASN G 470 -4.40 -27.11 126.34
C ASN G 470 -4.30 -26.15 127.53
N ASP G 471 -5.09 -25.07 127.53
CA ASP G 471 -5.08 -24.15 128.67
C ASP G 471 -5.70 -24.79 129.90
N SER G 472 -6.77 -25.59 129.73
CA SER G 472 -7.36 -26.31 130.85
C SER G 472 -6.38 -27.35 131.41
N GLU G 473 -5.58 -27.96 130.53
CA GLU G 473 -4.53 -28.88 130.99
C GLU G 473 -3.47 -28.14 131.81
N LYS G 474 -3.10 -26.93 131.39
CA LYS G 474 -2.14 -26.12 132.14
C LYS G 474 -2.64 -25.77 133.53
N ARG G 475 -3.91 -25.38 133.64
CA ARG G 475 -4.43 -25.05 134.97
C ARG G 475 -4.67 -26.29 135.82
N LEU G 476 -4.92 -27.45 135.21
CA LEU G 476 -4.92 -28.69 135.97
C LEU G 476 -3.53 -29.02 136.52
N LYS G 477 -2.48 -28.74 135.74
CA LYS G 477 -1.10 -28.88 136.21
C LYS G 477 -0.83 -28.02 137.44
N HIS G 478 -1.20 -26.74 137.36
CA HIS G 478 -0.98 -25.86 138.51
C HIS G 478 -1.84 -26.26 139.72
N ALA G 479 -3.05 -26.77 139.46
CA ALA G 479 -3.88 -27.31 140.53
C ALA G 479 -3.22 -28.50 141.20
N MET G 480 -2.50 -29.33 140.43
CA MET G 480 -1.78 -30.46 141.01
C MET G 480 -0.60 -30.00 141.86
N THR G 481 0.09 -28.93 141.42
CA THR G 481 1.20 -28.36 142.21
C THR G 481 0.71 -27.86 143.57
N GLU G 482 -0.37 -27.06 143.57
CA GLU G 482 -0.88 -26.57 144.84
C GLU G 482 -1.51 -27.69 145.66
N SER G 483 -2.01 -28.75 145.01
CA SER G 483 -2.50 -29.92 145.74
C SER G 483 -1.38 -30.58 146.54
N THR G 484 -0.23 -30.78 145.90
CA THR G 484 0.91 -31.41 146.56
C THR G 484 1.42 -30.56 147.73
N LYS G 485 1.54 -29.24 147.51
CA LYS G 485 2.06 -28.39 148.58
C LYS G 485 1.04 -28.24 149.72
N LEU G 486 -0.26 -28.17 149.39
CA LEU G 486 -1.28 -28.07 150.41
C LEU G 486 -1.37 -29.34 151.25
N GLN G 487 -1.19 -30.50 150.63
CA GLN G 487 -1.18 -31.75 151.39
C GLN G 487 0.06 -31.85 152.28
N ASN G 488 1.21 -31.33 151.81
CA ASN G 488 2.36 -31.25 152.69
C ASN G 488 2.13 -30.29 153.85
N LYS G 489 1.35 -29.23 153.63
CA LYS G 489 0.98 -28.33 154.71
C LYS G 489 0.08 -29.03 155.74
N ILE G 490 -0.83 -29.89 155.24
CA ILE G 490 -1.64 -30.72 156.15
C ILE G 490 -0.75 -31.63 156.97
N ASN G 491 0.28 -32.21 156.34
CA ASN G 491 1.24 -33.06 157.05
C ASN G 491 2.00 -32.28 158.12
N HIS G 492 2.42 -31.05 157.80
CA HIS G 492 3.16 -30.22 158.76
C HIS G 492 2.27 -29.82 159.93
N LEU G 493 1.02 -29.46 159.67
CA LEU G 493 0.14 -29.05 160.76
C LEU G 493 -0.25 -30.25 161.62
N LEU G 494 -0.41 -31.44 161.03
CA LEU G 494 -0.72 -32.61 161.85
C LEU G 494 0.50 -33.07 162.64
N LYS G 495 1.71 -32.86 162.10
CA LYS G 495 2.91 -33.10 162.90
C LYS G 495 3.00 -32.13 164.07
N ASN G 496 2.62 -30.86 163.86
CA ASN G 496 2.56 -29.90 164.96
C ASN G 496 1.53 -30.30 166.00
N ARG G 497 0.39 -30.83 165.54
CA ARG G 497 -0.64 -31.29 166.46
C ARG G 497 -0.19 -32.51 167.24
N GLN G 498 0.60 -33.39 166.59
CA GLN G 498 1.18 -34.52 167.32
C GLN G 498 2.26 -34.06 168.30
N GLU G 499 2.91 -32.94 168.00
CA GLU G 499 3.85 -32.36 168.96
C GLU G 499 3.11 -31.81 170.18
N LEU G 500 1.99 -31.13 169.96
CA LEU G 500 1.26 -30.43 171.00
C LEU G 500 0.02 -31.20 171.49
N GLU G 501 -0.06 -32.50 171.26
CA GLU G 501 -1.26 -33.21 171.73
C GLU G 501 -1.14 -33.66 173.18
N ASN G 502 -0.03 -34.28 173.57
CA ASN G 502 0.01 -34.92 174.88
C ASN G 502 0.32 -33.88 175.95
N PHE G 503 -0.38 -33.99 177.09
CA PHE G 503 -0.40 -33.01 178.17
C PHE G 503 -0.74 -31.63 177.61
N ASN G 504 -1.98 -31.54 177.08
CA ASN G 504 -2.38 -30.74 175.92
C ASN G 504 -1.86 -29.31 175.88
N LYS G 505 -2.34 -28.47 176.81
CA LYS G 505 -2.00 -27.05 176.95
C LYS G 505 -2.05 -26.30 175.61
N LEU G 506 -3.25 -26.25 175.05
CA LEU G 506 -3.47 -25.89 173.65
C LEU G 506 -3.12 -24.43 173.41
N PRO G 507 -2.35 -24.11 172.37
CA PRO G 507 -2.04 -22.71 172.09
C PRO G 507 -3.16 -22.02 171.32
N SER G 508 -2.92 -20.76 170.92
CA SER G 508 -3.81 -20.03 170.03
C SER G 508 -3.43 -20.20 168.57
N ASN G 509 -2.83 -21.34 168.21
CA ASN G 509 -2.28 -21.58 166.88
C ASN G 509 -3.09 -22.57 166.06
N THR G 510 -3.74 -23.55 166.70
CA THR G 510 -4.32 -24.67 165.99
C THR G 510 -5.57 -24.31 165.21
N ILE G 511 -6.27 -23.24 165.58
CA ILE G 511 -7.46 -22.85 164.81
C ILE G 511 -7.07 -22.26 163.45
N SER G 512 -5.85 -21.73 163.31
CA SER G 512 -5.36 -21.36 161.99
C SER G 512 -5.04 -22.59 161.16
N SER G 513 -4.57 -23.66 161.81
CA SER G 513 -4.34 -24.92 161.10
C SER G 513 -5.66 -25.53 160.65
N GLU G 514 -6.71 -25.40 161.46
CA GLU G 514 -8.02 -25.87 161.04
C GLU G 514 -8.58 -25.04 159.90
N ASN G 515 -8.37 -23.71 159.94
CA ASN G 515 -8.76 -22.85 158.82
C ASN G 515 -7.97 -23.18 157.55
N HIS G 516 -6.71 -23.59 157.72
CA HIS G 516 -5.89 -24.01 156.58
C HIS G 516 -6.37 -25.34 156.02
N LEU G 517 -6.84 -26.25 156.88
CA LEU G 517 -7.50 -27.47 156.42
C LEU G 517 -8.77 -27.16 155.63
N GLU G 518 -9.57 -26.19 156.10
CA GLU G 518 -10.79 -25.80 155.38
C GLU G 518 -10.45 -25.16 154.05
N GLU G 519 -9.38 -24.36 154.00
CA GLU G 519 -8.94 -23.73 152.75
C GLU G 519 -8.42 -24.76 151.76
N GLY G 520 -7.64 -25.75 152.23
CA GLY G 520 -7.20 -26.83 151.37
C GLY G 520 -8.34 -27.70 150.87
N SER G 521 -9.36 -27.90 151.72
CA SER G 521 -10.55 -28.64 151.29
C SER G 521 -11.31 -27.86 150.23
N ALA G 522 -11.43 -26.54 150.40
CA ALA G 522 -12.10 -25.70 149.40
C ALA G 522 -11.34 -25.70 148.08
N LEU G 523 -10.01 -25.61 148.14
CA LEU G 523 -9.20 -25.68 146.91
C LEU G 523 -9.28 -27.07 146.27
N ALA G 524 -9.42 -28.12 147.07
CA ALA G 524 -9.62 -29.46 146.53
C ALA G 524 -10.94 -29.56 145.77
N ASP G 525 -11.99 -28.96 146.33
CA ASP G 525 -13.27 -28.92 145.61
C ASP G 525 -13.17 -28.10 144.32
N LYS G 526 -12.43 -26.98 144.34
CA LYS G 526 -12.30 -26.16 143.14
C LYS G 526 -11.51 -26.89 142.05
N LEU G 527 -10.45 -27.61 142.43
CA LEU G 527 -9.71 -28.37 141.43
C LEU G 527 -10.51 -29.57 140.95
N LYS G 528 -11.41 -30.11 141.79
CA LYS G 528 -12.31 -31.16 141.32
C LYS G 528 -13.28 -30.61 140.28
N GLU G 529 -13.81 -29.41 140.52
CA GLU G 529 -14.62 -28.71 139.52
C GLU G 529 -13.84 -28.51 138.23
N TYR G 530 -12.55 -28.17 138.36
CA TYR G 530 -11.75 -27.91 137.17
C TYR G 530 -11.45 -29.19 136.40
N ILE G 531 -11.24 -30.33 137.09
CA ILE G 531 -10.95 -31.55 136.35
C ILE G 531 -12.23 -32.07 135.70
N ASP G 532 -13.40 -31.77 136.27
CA ASP G 532 -14.65 -32.06 135.56
C ASP G 532 -14.79 -31.19 134.31
N LYS G 533 -14.37 -29.92 134.39
CA LYS G 533 -14.35 -29.06 133.19
C LYS G 533 -13.44 -29.65 132.11
N ASN G 534 -12.26 -30.13 132.51
CA ASN G 534 -11.34 -30.76 131.58
C ASN G 534 -11.97 -31.98 130.91
N ALA G 535 -12.70 -32.78 131.69
CA ALA G 535 -13.34 -33.97 131.15
C ALA G 535 -14.42 -33.61 130.12
N THR G 536 -15.26 -32.62 130.43
CA THR G 536 -16.32 -32.24 129.49
C THR G 536 -15.77 -31.66 128.20
N LEU G 537 -14.76 -30.78 128.31
CA LEU G 537 -14.14 -30.21 127.12
C LEU G 537 -13.44 -31.27 126.27
N PHE G 538 -12.79 -32.24 126.91
CA PHE G 538 -12.11 -33.28 126.13
C PHE G 538 -13.11 -34.22 125.45
N ASN G 539 -14.24 -34.50 126.11
CA ASN G 539 -15.27 -35.32 125.46
C ASN G 539 -15.89 -34.61 124.26
N LYS G 540 -16.11 -33.29 124.37
CA LYS G 540 -16.61 -32.53 123.23
C LYS G 540 -15.60 -32.55 122.08
N LEU G 541 -14.31 -32.38 122.40
CA LEU G 541 -13.25 -32.41 121.39
C LEU G 541 -13.19 -33.76 120.68
N LYS G 542 -13.27 -34.85 121.44
CA LYS G 542 -13.16 -36.17 120.83
C LYS G 542 -14.40 -36.52 120.01
N GLU G 543 -15.59 -36.08 120.44
CA GLU G 543 -16.79 -36.31 119.65
C GLU G 543 -16.75 -35.54 118.34
N LEU G 544 -16.27 -34.29 118.38
CA LEU G 544 -16.14 -33.50 117.17
C LEU G 544 -15.13 -34.11 116.21
N GLN G 545 -14.02 -34.62 116.77
CA GLN G 545 -13.01 -35.30 115.95
C GLN G 545 -13.56 -36.56 115.31
N GLN G 546 -14.40 -37.30 116.04
CA GLN G 546 -14.96 -38.53 115.49
C GLN G 546 -15.97 -38.23 114.37
N ALA G 547 -16.76 -37.16 114.54
CA ALA G 547 -17.69 -36.75 113.49
C ALA G 547 -16.94 -36.32 112.23
N ASN G 548 -15.85 -35.57 112.41
CA ASN G 548 -14.99 -35.18 111.30
C ASN G 548 -14.33 -36.39 110.65
N ALA G 549 -14.10 -37.46 111.43
CA ALA G 549 -13.54 -38.68 110.84
C ALA G 549 -14.57 -39.40 109.97
N GLU G 550 -15.82 -39.52 110.43
CA GLU G 550 -16.79 -40.33 109.69
C GLU G 550 -17.37 -39.60 108.48
N LYS G 551 -17.42 -38.27 108.51
CA LYS G 551 -18.04 -37.54 107.41
C LYS G 551 -17.25 -37.68 106.11
N SER G 552 -15.92 -37.83 106.21
CA SER G 552 -15.09 -38.03 105.03
C SER G 552 -15.39 -39.38 104.39
N LYS G 553 -15.65 -40.40 105.22
CA LYS G 553 -16.03 -41.71 104.70
C LYS G 553 -17.37 -41.65 103.99
N LEU G 554 -18.32 -40.91 104.55
CA LEU G 554 -19.60 -40.73 103.88
C LEU G 554 -19.44 -40.00 102.55
N ASN G 555 -18.56 -39.00 102.51
CA ASN G 555 -18.32 -38.24 101.29
C ASN G 555 -17.67 -39.12 100.22
N ASP G 556 -16.75 -40.00 100.64
CA ASP G 556 -16.12 -40.90 99.68
C ASP G 556 -17.11 -41.92 99.11
N GLU G 557 -18.03 -42.39 99.95
CA GLU G 557 -19.10 -43.27 99.49
C GLU G 557 -19.98 -42.58 98.45
N LEU G 558 -20.34 -41.32 98.73
CA LEU G 558 -21.13 -40.55 97.77
C LEU G 558 -20.36 -40.29 96.48
N ARG G 559 -19.03 -40.14 96.57
CA ARG G 559 -18.20 -39.94 95.38
C ARG G 559 -18.18 -41.19 94.50
N SER G 560 -18.09 -42.37 95.11
CA SER G 560 -18.10 -43.61 94.33
C SER G 560 -19.44 -43.80 93.62
N LYS G 561 -20.55 -43.56 94.35
CA LYS G 561 -21.86 -43.64 93.73
C LYS G 561 -22.04 -42.59 92.63
N TYR G 562 -21.43 -41.42 92.83
CA TYR G 562 -21.45 -40.34 91.86
C TYR G 562 -20.80 -40.75 90.55
N GLN G 563 -19.63 -41.40 90.63
CA GLN G 563 -18.93 -41.84 89.43
C GLN G 563 -19.70 -42.93 88.69
N ILE G 564 -20.29 -43.87 89.46
CA ILE G 564 -21.05 -44.96 88.87
C ILE G 564 -22.27 -44.43 88.13
N GLU G 565 -22.95 -43.43 88.71
CA GLU G 565 -24.07 -42.79 88.00
C GLU G 565 -23.60 -42.00 86.79
N SER G 566 -22.39 -41.42 86.88
CA SER G 566 -21.86 -40.53 85.85
C SER G 566 -21.66 -41.22 84.51
N SER G 567 -21.15 -42.46 84.55
CA SER G 567 -20.87 -43.16 83.28
C SER G 567 -22.14 -43.41 82.48
N LYS G 568 -23.21 -43.87 83.15
CA LYS G 568 -24.48 -44.11 82.48
C LYS G 568 -25.14 -42.82 82.04
N ALA G 569 -24.97 -41.73 82.82
CA ALA G 569 -25.48 -40.43 82.41
C ALA G 569 -24.87 -39.98 81.10
N ALA G 570 -23.55 -40.16 80.97
CA ALA G 570 -22.85 -39.79 79.75
C ALA G 570 -23.32 -40.63 78.56
N GLU G 571 -23.54 -41.93 78.78
CA GLU G 571 -24.00 -42.79 77.69
C GLU G 571 -25.39 -42.40 77.20
N SER G 572 -26.30 -42.09 78.14
CA SER G 572 -27.64 -41.66 77.77
C SER G 572 -27.61 -40.36 76.98
N ALA G 573 -26.72 -39.44 77.37
CA ALA G 573 -26.59 -38.18 76.65
C ALA G 573 -26.08 -38.39 75.23
N GLN G 574 -25.12 -39.30 75.06
CA GLN G 574 -24.57 -39.59 73.73
C GLN G 574 -25.62 -40.20 72.81
N THR G 575 -26.44 -41.10 73.37
CA THR G 575 -27.50 -41.72 72.56
C THR G 575 -28.55 -40.70 72.15
N LEU G 576 -28.86 -39.75 73.05
CA LEU G 576 -29.78 -38.68 72.67
C LEU G 576 -29.19 -37.81 71.57
N LYS G 577 -27.87 -37.61 71.58
CA LYS G 577 -27.22 -36.86 70.51
C LYS G 577 -27.32 -37.56 69.15
N ILE G 578 -27.14 -38.88 69.14
CA ILE G 578 -27.21 -39.58 67.85
C ILE G 578 -28.64 -39.58 67.33
N LEU G 579 -29.62 -39.71 68.24
CA LEU G 579 -31.02 -39.56 67.87
C LEU G 579 -31.31 -38.18 67.30
N GLN G 580 -30.77 -37.14 67.95
CA GLN G 580 -30.90 -35.77 67.49
C GLN G 580 -30.34 -35.57 66.10
N GLU G 581 -29.17 -36.15 65.83
CA GLU G 581 -28.53 -35.99 64.52
C GLU G 581 -29.35 -36.66 63.42
N SER G 582 -29.85 -37.87 63.67
CA SER G 582 -30.62 -38.56 62.64
C SER G 582 -31.94 -37.84 62.35
N MET G 583 -32.64 -37.37 63.39
CA MET G 583 -33.90 -36.70 63.14
C MET G 583 -33.70 -35.34 62.51
N LYS G 584 -32.60 -34.65 62.85
CA LYS G 584 -32.30 -33.37 62.21
C LYS G 584 -31.97 -33.56 60.74
N SER G 585 -31.25 -34.63 60.40
CA SER G 585 -30.92 -34.88 59.00
C SER G 585 -32.16 -35.19 58.18
N LEU G 586 -33.06 -36.02 58.69
CA LEU G 586 -34.28 -36.29 57.94
C LEU G 586 -35.21 -35.07 57.88
N GLU G 587 -35.22 -34.24 58.92
CA GLU G 587 -36.01 -33.01 58.90
C GLU G 587 -35.49 -32.05 57.84
N ASN G 588 -34.18 -31.85 57.79
CA ASN G 588 -33.62 -30.94 56.79
C ASN G 588 -33.68 -31.53 55.39
N GLU G 589 -33.77 -32.86 55.27
CA GLU G 589 -34.03 -33.44 53.96
C GLU G 589 -35.43 -33.10 53.49
N VAL G 590 -36.44 -33.29 54.34
CA VAL G 590 -37.80 -33.06 53.87
C VAL G 590 -38.10 -31.57 53.76
N ASN G 591 -37.36 -30.71 54.48
CA ASN G 591 -37.62 -29.29 54.36
C ASN G 591 -36.94 -28.71 53.14
N GLY G 592 -36.01 -29.44 52.54
CA GLY G 592 -35.37 -29.02 51.32
C GLY G 592 -36.25 -29.30 50.13
N PRO G 593 -35.63 -29.73 49.04
CA PRO G 593 -36.43 -30.10 47.87
C PRO G 593 -37.19 -31.38 48.13
N LEU G 594 -38.50 -31.24 48.27
CA LEU G 594 -39.36 -32.35 48.66
C LEU G 594 -39.98 -32.99 47.43
N THR G 595 -40.62 -34.13 47.65
CA THR G 595 -41.17 -34.90 46.54
C THR G 595 -42.58 -34.42 46.23
N LYS G 596 -43.29 -35.17 45.39
CA LYS G 596 -44.53 -34.72 44.74
C LYS G 596 -45.70 -34.84 45.73
N PHE G 597 -45.85 -33.81 46.56
CA PHE G 597 -47.12 -33.17 46.95
C PHE G 597 -46.78 -32.12 47.99
N SER G 598 -47.76 -31.34 48.42
CA SER G 598 -47.56 -30.41 49.52
C SER G 598 -48.39 -30.82 50.75
N THR G 599 -48.34 -32.09 51.13
CA THR G 599 -49.14 -32.56 52.26
C THR G 599 -48.61 -32.00 53.58
N GLU G 600 -47.37 -32.33 53.92
CA GLU G 600 -46.74 -31.92 55.16
C GLU G 600 -45.66 -30.88 54.97
N SER G 601 -44.91 -30.98 53.86
CA SER G 601 -43.84 -30.06 53.46
C SER G 601 -42.78 -29.82 54.53
N GLN G 610 -35.41 -14.89 55.74
CA GLN G 610 -36.18 -15.07 56.97
C GLN G 610 -35.30 -15.11 58.21
N ASN G 611 -35.77 -14.49 59.28
CA ASN G 611 -35.18 -14.63 60.60
C ASN G 611 -35.99 -15.68 61.37
N ASP G 612 -35.33 -16.73 61.86
CA ASP G 612 -33.87 -16.87 61.93
C ASP G 612 -33.24 -17.45 60.68
N PHE G 613 -32.20 -16.76 60.23
CA PHE G 613 -31.43 -17.23 59.10
C PHE G 613 -30.57 -18.42 59.52
N GLN G 614 -31.13 -19.62 59.38
CA GLN G 614 -30.33 -20.82 59.55
C GLN G 614 -29.36 -21.00 58.40
N SER G 615 -29.71 -20.47 57.24
CA SER G 615 -28.98 -20.72 56.01
C SER G 615 -27.75 -19.85 55.82
N LEU G 616 -26.90 -19.75 56.85
CA LEU G 616 -25.57 -19.10 56.84
C LEU G 616 -25.62 -17.68 56.27
N LYS G 617 -26.29 -16.81 57.00
CA LYS G 617 -26.52 -15.47 56.46
C LYS G 617 -26.10 -14.38 57.43
N ALA G 618 -25.17 -14.66 58.34
CA ALA G 618 -24.56 -13.60 59.13
C ALA G 618 -23.59 -12.90 58.19
N ARG G 619 -24.08 -11.87 57.52
CA ARG G 619 -23.34 -11.27 56.40
C ARG G 619 -22.22 -10.40 56.93
N ASN G 620 -21.02 -10.97 56.95
CA ASN G 620 -19.80 -10.22 57.23
C ASN G 620 -18.68 -10.99 56.57
N LYS G 621 -18.18 -10.44 55.46
CA LYS G 621 -17.33 -11.15 54.49
C LYS G 621 -17.99 -12.45 54.05
N PHE G 622 -19.28 -12.37 53.74
CA PHE G 622 -19.97 -13.54 53.19
C PHE G 622 -19.81 -13.54 51.67
N LEU G 623 -20.39 -12.53 51.02
CA LEU G 623 -20.18 -12.37 49.59
C LEU G 623 -18.81 -11.81 49.31
N LYS G 624 -18.25 -11.05 50.24
CA LYS G 624 -16.98 -10.41 50.01
C LYS G 624 -15.82 -11.39 50.12
N ASN G 625 -16.01 -12.54 50.76
CA ASN G 625 -14.93 -13.50 50.80
C ASN G 625 -14.78 -14.23 49.48
N TYR G 626 -15.84 -14.30 48.68
CA TYR G 626 -15.66 -14.62 47.28
C TYR G 626 -14.93 -13.48 46.59
N ILE G 627 -14.23 -13.81 45.51
CA ILE G 627 -13.25 -12.90 44.92
C ILE G 627 -13.91 -11.73 44.20
N THR G 628 -15.19 -11.89 43.82
CA THR G 628 -16.05 -10.94 43.05
C THR G 628 -15.30 -10.16 41.98
N LEU G 629 -14.52 -10.87 41.19
CA LEU G 629 -13.87 -10.28 40.04
C LEU G 629 -13.62 -11.34 38.97
N SER H 1 -58.14 19.65 8.94
CA SER H 1 -58.92 20.00 10.13
C SER H 1 -58.88 21.50 10.40
N GLY H 2 -58.07 22.23 9.61
CA GLY H 2 -57.96 23.66 9.77
C GLY H 2 -56.84 24.07 10.69
N ASP H 3 -56.88 23.60 11.93
CA ASP H 3 -55.79 23.80 12.89
C ASP H 3 -54.91 22.56 12.88
N TYR H 4 -53.61 22.78 12.77
CA TYR H 4 -52.67 21.68 12.65
C TYR H 4 -51.60 21.82 13.71
N TRP H 5 -51.11 20.68 14.18
CA TRP H 5 -50.16 20.60 15.29
C TRP H 5 -49.01 19.69 14.90
N LEU H 6 -47.93 19.77 15.69
CA LEU H 6 -46.81 18.91 15.46
C LEU H 6 -46.13 18.69 16.80
N PRO H 7 -45.94 17.44 17.21
CA PRO H 7 -45.18 17.18 18.44
C PRO H 7 -43.71 17.46 18.23
N THR H 8 -43.01 17.72 19.32
CA THR H 8 -41.56 17.85 19.29
C THR H 8 -40.99 17.42 20.63
N THR H 9 -39.68 17.19 20.64
CA THR H 9 -38.99 16.67 21.80
C THR H 9 -38.20 17.77 22.51
N MET H 10 -37.73 17.44 23.70
CA MET H 10 -36.86 18.30 24.49
C MET H 10 -35.59 17.56 24.82
N SER H 11 -34.55 18.32 25.15
CA SER H 11 -33.31 17.70 25.59
C SER H 11 -33.45 17.20 27.03
N LEU H 12 -32.50 16.37 27.45
CA LEU H 12 -32.49 15.88 28.82
C LEU H 12 -32.18 17.01 29.80
N TYR H 13 -31.46 18.03 29.34
CA TYR H 13 -31.17 19.17 30.18
C TYR H 13 -32.44 19.96 30.44
N GLN H 14 -33.36 19.98 29.49
CA GLN H 14 -34.67 20.59 29.71
C GLN H 14 -35.43 19.86 30.80
N LYS H 15 -35.34 18.53 30.81
CA LYS H 15 -36.00 17.75 31.84
C LYS H 15 -35.39 18.04 33.21
N GLU H 16 -34.06 18.14 33.25
CA GLU H 16 -33.35 18.45 34.49
C GLU H 16 -33.76 19.81 35.03
N LEU H 17 -33.83 20.82 34.16
CA LEU H 17 -34.16 22.16 34.58
C LEU H 17 -35.61 22.26 35.03
N THR H 18 -36.52 21.61 34.31
CA THR H 18 -37.93 21.65 34.69
C THR H 18 -38.18 20.92 35.99
N ASP H 19 -37.47 19.81 36.21
CA ASP H 19 -37.63 19.12 37.49
C ASP H 19 -37.05 19.92 38.63
N GLN H 20 -35.96 20.66 38.38
CA GLN H 20 -35.45 21.54 39.42
C GLN H 20 -36.42 22.67 39.73
N ILE H 21 -37.05 23.21 38.69
CA ILE H 21 -38.01 24.30 38.88
C ILE H 21 -39.20 23.82 39.68
N VAL H 22 -39.74 22.66 39.33
CA VAL H 22 -40.88 22.14 40.08
C VAL H 22 -40.45 21.65 41.46
N SER H 23 -39.16 21.35 41.65
CA SER H 23 -38.68 21.01 42.97
C SER H 23 -38.65 22.22 43.88
N LEU H 24 -38.31 23.39 43.32
CA LEU H 24 -38.27 24.59 44.14
C LEU H 24 -39.66 25.04 44.57
N HIS H 25 -40.69 24.65 43.81
CA HIS H 25 -42.05 25.09 44.11
C HIS H 25 -42.84 24.01 44.84
N TYR H 26 -42.18 23.27 45.73
CA TYR H 26 -42.83 22.14 46.37
C TYR H 26 -43.91 22.58 47.35
N SER H 27 -43.55 23.45 48.30
CA SER H 27 -44.49 23.90 49.31
C SER H 27 -45.60 24.76 48.72
N ASP H 28 -45.38 25.36 47.55
CA ASP H 28 -46.40 26.15 46.90
C ASP H 28 -47.57 25.28 46.46
N ILE H 29 -47.28 24.25 45.68
CA ILE H 29 -48.30 23.32 45.21
C ILE H 29 -48.88 22.53 46.38
N LEU H 30 -48.05 22.28 47.40
CA LEU H 30 -48.51 21.62 48.62
C LEU H 30 -49.56 22.45 49.33
N ARG H 31 -49.29 23.74 49.52
CA ARG H 31 -50.26 24.64 50.13
C ARG H 31 -51.47 24.84 49.23
N TYR H 32 -51.28 24.72 47.91
CA TYR H 32 -52.39 24.87 46.97
C TYR H 32 -53.40 23.75 47.12
N PHE H 33 -52.94 22.51 47.05
CA PHE H 33 -53.87 21.43 46.78
C PHE H 33 -54.55 20.85 48.00
N GLU H 34 -54.10 21.14 49.21
CA GLU H 34 -54.74 20.51 50.36
C GLU H 34 -54.90 21.44 51.56
N THR H 35 -54.66 22.73 51.41
CA THR H 35 -55.02 23.68 52.44
C THR H 35 -56.04 24.65 51.86
N SER H 36 -56.75 25.34 52.76
CA SER H 36 -57.74 26.31 52.35
C SER H 36 -57.48 27.69 52.93
N HIS H 37 -57.19 27.78 54.22
CA HIS H 37 -57.15 29.06 54.92
C HIS H 37 -55.79 29.70 54.69
N TYR H 38 -55.71 30.62 53.73
CA TYR H 38 -54.46 31.34 53.49
C TYR H 38 -54.77 32.66 52.81
N LYS H 39 -53.80 33.57 52.91
CA LYS H 39 -53.76 34.75 52.05
C LYS H 39 -53.51 34.25 50.64
N GLU H 40 -54.55 34.24 49.81
CA GLU H 40 -54.47 33.61 48.50
C GLU H 40 -53.73 34.46 47.47
N ASP H 41 -53.25 35.64 47.85
CA ASP H 41 -52.58 36.51 46.90
C ASP H 41 -51.21 35.97 46.50
N VAL H 42 -50.50 35.33 47.43
CA VAL H 42 -49.16 34.83 47.14
C VAL H 42 -49.17 33.41 46.62
N ILE H 43 -50.25 32.65 46.87
CA ILE H 43 -50.30 31.27 46.45
C ILE H 43 -50.53 31.15 44.96
N LEU H 44 -51.00 32.21 44.30
CA LEU H 44 -51.27 32.16 42.88
C LEU H 44 -50.14 32.75 42.04
N GLU H 45 -49.46 33.77 42.57
CA GLU H 45 -48.32 34.35 41.86
C GLU H 45 -47.19 33.36 41.72
N SER H 46 -47.06 32.45 42.69
CA SER H 46 -46.11 31.36 42.56
C SER H 46 -46.47 30.44 41.41
N MET H 47 -47.76 30.16 41.26
CA MET H 47 -48.21 29.32 40.14
C MET H 47 -47.99 30.00 38.81
N LYS H 48 -48.25 31.31 38.75
CA LYS H 48 -48.04 32.05 37.52
C LYS H 48 -46.57 32.12 37.16
N THR H 49 -45.72 32.30 38.17
CA THR H 49 -44.28 32.31 37.93
C THR H 49 -43.80 30.95 37.47
N MET H 50 -44.37 29.89 38.03
CA MET H 50 -43.99 28.54 37.67
C MET H 50 -44.38 28.23 36.23
N CYS H 51 -45.62 28.56 35.86
CA CYS H 51 -46.06 28.32 34.49
C CYS H 51 -45.34 29.19 33.50
N LEU H 52 -44.99 30.41 33.91
CA LEU H 52 -44.23 31.31 33.07
C LEU H 52 -42.84 30.76 32.80
N ASN H 53 -42.13 30.34 33.84
CA ASN H 53 -40.77 29.87 33.66
C ASN H 53 -40.73 28.54 32.94
N GLY H 54 -41.72 27.68 33.17
CA GLY H 54 -41.80 26.43 32.43
C GLY H 54 -42.08 26.66 30.96
N SER H 55 -43.00 27.58 30.65
CA SER H 55 -43.27 27.95 29.26
C SER H 55 -42.05 28.59 28.62
N LEU H 56 -41.25 29.30 29.41
CA LEU H 56 -40.02 29.88 28.89
C LEU H 56 -39.03 28.79 28.54
N VAL H 57 -38.76 27.89 29.49
CA VAL H 57 -37.68 26.93 29.30
C VAL H 57 -38.08 25.82 28.33
N ALA H 58 -39.38 25.64 28.10
CA ALA H 58 -39.84 24.59 27.21
C ALA H 58 -39.47 24.87 25.76
N THR H 59 -39.28 26.14 25.40
CA THR H 59 -38.79 26.46 24.07
C THR H 59 -37.28 26.28 24.00
N HIS H 60 -36.56 26.88 24.94
CA HIS H 60 -35.11 26.82 24.96
C HIS H 60 -34.64 27.15 26.36
N PRO H 61 -33.48 26.64 26.78
CA PRO H 61 -32.94 27.04 28.08
C PRO H 61 -32.49 28.48 28.15
N TYR H 62 -32.24 29.12 27.02
CA TYR H 62 -31.62 30.44 27.06
C TYR H 62 -32.62 31.55 27.31
N LEU H 63 -33.91 31.23 27.44
CA LEU H 63 -34.85 32.22 27.95
C LEU H 63 -34.86 32.27 29.47
N LEU H 64 -34.06 31.46 30.14
CA LEU H 64 -34.04 31.51 31.59
C LEU H 64 -32.63 31.64 32.10
N ILE H 65 -31.67 31.06 31.38
CA ILE H 65 -30.29 30.95 31.86
C ILE H 65 -29.46 32.03 31.19
N ASP H 66 -29.06 33.02 31.98
CA ASP H 66 -28.45 34.21 31.41
C ASP H 66 -27.00 33.99 31.03
N HIS H 67 -26.21 33.38 31.92
CA HIS H 67 -24.80 33.21 31.64
C HIS H 67 -24.51 32.17 30.58
N TYR H 68 -25.49 31.34 30.22
CA TYR H 68 -25.32 30.42 29.10
C TYR H 68 -25.67 31.06 27.76
N MET H 69 -26.05 32.33 27.75
CA MET H 69 -26.24 33.02 26.49
C MET H 69 -24.88 33.26 25.83
N PRO H 70 -24.76 33.05 24.53
CA PRO H 70 -23.49 33.34 23.85
C PRO H 70 -23.25 34.83 23.76
N LYS H 71 -22.03 35.18 23.40
CA LYS H 71 -21.63 36.58 23.35
C LYS H 71 -22.23 37.27 22.14
N SER H 72 -21.91 36.80 20.95
CA SER H 72 -22.40 37.38 19.70
C SER H 72 -23.18 36.35 18.92
N LEU H 73 -24.34 36.76 18.39
CA LEU H 73 -25.15 35.86 17.58
C LEU H 73 -24.81 35.96 16.10
N ILE H 74 -23.68 36.57 15.77
CA ILE H 74 -23.26 36.74 14.39
C ILE H 74 -22.27 35.66 13.97
N THR H 75 -21.68 34.94 14.93
CA THR H 75 -20.63 33.97 14.64
C THR H 75 -21.19 32.74 13.91
N ARG H 76 -20.29 31.81 13.60
CA ARG H 76 -20.62 30.78 12.62
C ARG H 76 -21.37 29.59 13.23
N ASP H 77 -20.88 29.04 14.34
CA ASP H 77 -21.37 27.78 14.84
C ASP H 77 -22.54 27.89 15.80
N VAL H 78 -23.21 29.04 15.83
CA VAL H 78 -24.37 29.22 16.70
C VAL H 78 -25.60 28.35 16.39
N PRO H 79 -26.04 28.08 15.12
CA PRO H 79 -27.32 27.38 14.98
C PRO H 79 -27.25 25.90 15.30
N ALA H 80 -26.09 25.27 15.10
CA ALA H 80 -25.91 23.89 15.53
C ALA H 80 -25.98 23.79 17.06
N HIS H 81 -25.42 24.78 17.75
CA HIS H 81 -25.49 24.83 19.20
C HIS H 81 -26.93 25.05 19.66
N LEU H 82 -27.68 25.89 18.94
CA LEU H 82 -29.06 26.16 19.32
C LEU H 82 -29.96 24.94 19.07
N ALA H 83 -29.73 24.24 17.96
CA ALA H 83 -30.45 23.00 17.72
C ALA H 83 -30.03 21.90 18.68
N GLU H 84 -28.81 21.96 19.19
CA GLU H 84 -28.37 21.01 20.20
C GLU H 84 -29.09 21.23 21.52
N ASN H 85 -29.19 22.48 21.96
CA ASN H 85 -29.75 22.75 23.28
C ASN H 85 -31.26 22.55 23.35
N SER H 86 -31.94 22.51 22.21
CA SER H 86 -33.37 22.19 22.20
C SER H 86 -33.71 21.48 20.92
N GLY H 87 -34.38 20.34 21.04
CA GLY H 87 -34.79 19.57 19.88
C GLY H 87 -35.87 20.24 19.08
N LYS H 88 -36.64 21.14 19.70
CA LYS H 88 -37.63 21.93 18.98
C LYS H 88 -36.95 22.78 17.92
N PHE H 89 -35.78 23.34 18.26
CA PHE H 89 -35.01 24.13 17.31
C PHE H 89 -34.52 23.27 16.15
N SER H 90 -34.09 22.04 16.44
CA SER H 90 -33.63 21.15 15.38
C SER H 90 -34.77 20.75 14.46
N VAL H 91 -35.94 20.49 15.04
CA VAL H 91 -37.12 20.11 14.25
C VAL H 91 -37.54 21.26 13.34
N LEU H 92 -37.60 22.47 13.90
CA LEU H 92 -38.01 23.62 13.09
C LEU H 92 -36.97 23.98 12.06
N ARG H 93 -35.69 23.79 12.38
CA ARG H 93 -34.61 24.06 11.43
C ARG H 93 -34.67 23.09 10.25
N ASP H 94 -34.89 21.81 10.52
CA ASP H 94 -35.00 20.85 9.42
C ASP H 94 -36.30 21.01 8.64
N LEU H 95 -37.37 21.48 9.30
CA LEU H 95 -38.59 21.78 8.56
C LEU H 95 -38.39 22.94 7.61
N ILE H 96 -37.61 23.94 8.02
CA ILE H 96 -37.25 25.02 7.10
C ILE H 96 -36.33 24.48 6.00
N ASN H 97 -35.40 23.58 6.37
CA ASN H 97 -34.49 22.95 5.43
C ASN H 97 -35.19 22.03 4.44
N LEU H 98 -36.45 21.68 4.69
CA LEU H 98 -37.24 20.96 3.70
C LEU H 98 -38.24 21.84 2.96
N VAL H 99 -38.69 22.94 3.57
CA VAL H 99 -39.69 23.78 2.91
C VAL H 99 -39.04 24.77 1.95
N GLN H 100 -37.83 25.26 2.28
CA GLN H 100 -37.18 26.40 1.63
C GLN H 100 -36.92 26.21 0.12
N GLU H 101 -37.03 24.99 -0.39
CA GLU H 101 -36.80 24.76 -1.82
C GLU H 101 -37.90 25.38 -2.68
N TYR H 102 -39.10 25.53 -2.12
CA TYR H 102 -40.13 26.31 -2.77
C TYR H 102 -39.76 27.79 -2.75
N GLU H 103 -40.35 28.54 -3.66
CA GLU H 103 -40.10 29.98 -3.76
C GLU H 103 -41.17 30.79 -3.05
N THR H 104 -41.66 30.27 -1.94
CA THR H 104 -42.79 30.84 -1.23
C THR H 104 -42.32 31.70 -0.06
N GLU H 105 -43.27 32.07 0.78
CA GLU H 105 -43.01 32.75 2.03
C GLU H 105 -43.83 32.09 3.12
N THR H 106 -43.40 32.28 4.37
CA THR H 106 -44.16 31.81 5.51
C THR H 106 -43.88 32.70 6.71
N ALA H 107 -44.90 32.89 7.53
CA ALA H 107 -44.84 33.82 8.65
C ALA H 107 -44.65 33.05 9.96
N ILE H 108 -43.81 33.61 10.83
CA ILE H 108 -43.52 33.06 12.14
C ILE H 108 -43.75 34.17 13.16
N VAL H 109 -44.52 33.86 14.20
CA VAL H 109 -44.76 34.83 15.27
C VAL H 109 -44.50 34.13 16.61
N CYS H 110 -43.86 34.85 17.52
CA CYS H 110 -43.59 34.39 18.88
C CYS H 110 -43.47 35.61 19.78
N ARG H 111 -43.05 35.39 21.02
CA ARG H 111 -42.93 36.49 21.96
C ARG H 111 -41.70 37.33 21.63
N PRO H 112 -41.75 38.66 21.88
CA PRO H 112 -40.63 39.51 21.46
C PRO H 112 -39.44 39.41 22.38
N GLY H 113 -38.47 40.30 22.19
CA GLY H 113 -37.30 40.34 23.03
C GLY H 113 -36.25 39.36 22.57
N ARG H 114 -35.64 38.64 23.53
CA ARG H 114 -34.55 37.72 23.22
C ARG H 114 -35.01 36.54 22.36
N THR H 115 -36.30 36.21 22.42
CA THR H 115 -36.84 35.03 21.75
C THR H 115 -36.72 35.16 20.23
N MET H 116 -37.14 36.31 19.70
CA MET H 116 -37.02 36.53 18.26
C MET H 116 -35.56 36.67 17.85
N ASP H 117 -34.70 37.15 18.74
CA ASP H 117 -33.28 37.26 18.43
C ASP H 117 -32.65 35.88 18.27
N LEU H 118 -32.93 34.99 19.22
CA LEU H 118 -32.41 33.63 19.13
C LEU H 118 -33.04 32.86 17.98
N LEU H 119 -34.30 33.17 17.66
CA LEU H 119 -34.93 32.58 16.49
C LEU H 119 -34.22 33.00 15.21
N GLU H 120 -33.87 34.28 15.11
CA GLU H 120 -33.13 34.78 13.97
C GLU H 120 -31.76 34.13 13.87
N ALA H 121 -31.08 33.99 15.01
CA ALA H 121 -29.77 33.35 15.05
C ALA H 121 -29.85 31.88 14.68
N LEU H 122 -30.97 31.23 14.99
CA LEU H 122 -31.16 29.85 14.58
C LEU H 122 -31.41 29.74 13.08
N LEU H 123 -32.27 30.60 12.55
CA LEU H 123 -32.62 30.53 11.13
C LEU H 123 -31.58 31.17 10.22
N LEU H 124 -30.48 31.68 10.79
CA LEU H 124 -29.36 32.19 10.00
C LEU H 124 -28.88 31.24 8.91
N GLY H 125 -28.77 29.95 9.23
CA GLY H 125 -28.28 29.00 8.27
C GLY H 125 -29.34 28.28 7.45
N ASN H 126 -30.11 29.02 6.65
CA ASN H 126 -31.15 28.38 5.85
C ASN H 126 -31.33 28.93 4.44
N LYS H 127 -30.50 29.90 4.02
CA LYS H 127 -30.59 30.56 2.70
C LYS H 127 -31.98 31.16 2.45
N VAL H 128 -32.46 31.91 3.43
CA VAL H 128 -33.82 32.46 3.43
C VAL H 128 -33.73 33.93 3.80
N HIS H 129 -34.37 34.78 2.99
CA HIS H 129 -34.45 36.20 3.31
C HIS H 129 -35.19 36.42 4.61
N ILE H 130 -34.71 37.37 5.40
CA ILE H 130 -35.19 37.58 6.76
C ILE H 130 -35.80 38.97 6.82
N LYS H 131 -36.92 39.10 7.55
CA LYS H 131 -37.48 40.44 7.72
C LYS H 131 -38.14 40.53 9.09
N ARG H 132 -37.50 41.26 10.00
CA ARG H 132 -38.07 41.52 11.31
C ARG H 132 -38.96 42.75 11.28
N TYR H 133 -40.02 42.71 12.09
CA TYR H 133 -41.03 43.74 12.09
C TYR H 133 -41.16 44.45 13.42
N ASP H 134 -40.36 44.06 14.42
CA ASP H 134 -40.22 44.88 15.61
C ASP H 134 -39.55 46.21 15.28
N GLY H 135 -38.62 46.20 14.35
CA GLY H 135 -37.97 47.43 13.89
C GLY H 135 -36.48 47.26 13.72
N HIS H 136 -35.88 46.47 14.59
CA HIS H 136 -34.45 46.20 14.52
C HIS H 136 -34.19 45.05 13.57
N SER H 137 -32.99 45.04 12.99
CA SER H 137 -32.50 43.90 12.24
C SER H 137 -31.04 43.70 12.59
N ILE H 138 -30.65 42.45 12.83
CA ILE H 138 -29.27 42.12 13.12
C ILE H 138 -28.54 41.79 11.83
N LYS H 139 -27.21 41.77 11.88
CA LYS H 139 -26.40 41.45 10.71
C LYS H 139 -26.59 39.99 10.29
N SER H 140 -26.64 39.73 8.98
CA SER H 140 -26.50 40.71 7.90
C SER H 140 -27.83 41.33 7.53
N LYS H 141 -27.80 42.43 6.78
CA LYS H 141 -29.02 43.21 6.59
C LYS H 141 -29.87 42.65 5.46
N GLN H 142 -29.37 42.70 4.22
CA GLN H 142 -30.22 42.38 3.08
C GLN H 142 -29.36 42.01 1.88
N LYS H 143 -30.00 41.31 0.94
CA LYS H 143 -29.50 41.02 -0.41
C LYS H 143 -28.18 40.24 -0.34
N ALA H 144 -28.32 39.02 0.18
CA ALA H 144 -27.20 38.09 0.25
C ALA H 144 -27.08 37.27 -1.03
N ASN H 145 -28.14 36.53 -1.36
CA ASN H 145 -28.12 35.61 -2.49
C ASN H 145 -29.54 35.56 -3.05
N ASP H 146 -29.84 34.49 -3.80
CA ASP H 146 -31.18 34.29 -4.34
C ASP H 146 -32.22 34.18 -3.24
N PHE H 147 -32.01 33.26 -2.29
CA PHE H 147 -32.74 33.14 -1.03
C PHE H 147 -34.24 32.92 -1.29
N SER H 148 -34.51 31.73 -1.84
CA SER H 148 -35.80 31.25 -2.34
C SER H 148 -37.01 31.56 -1.46
N CYS H 149 -36.87 31.40 -0.16
CA CYS H 149 -37.94 31.75 0.76
C CYS H 149 -37.64 33.08 1.42
N THR H 150 -38.70 33.80 1.78
CA THR H 150 -38.62 35.04 2.55
C THR H 150 -39.49 34.85 3.80
N VAL H 151 -38.87 34.85 4.97
CA VAL H 151 -39.57 34.61 6.22
C VAL H 151 -39.58 35.90 7.04
N HIS H 152 -40.78 36.29 7.47
CA HIS H 152 -41.01 37.55 8.13
C HIS H 152 -41.43 37.27 9.57
N LEU H 153 -40.74 37.91 10.50
CA LEU H 153 -40.88 37.62 11.91
C LEU H 153 -41.72 38.69 12.58
N PHE H 154 -42.60 38.27 13.49
CA PHE H 154 -43.55 39.18 14.09
C PHE H 154 -43.62 38.90 15.58
N SER H 155 -44.08 39.90 16.32
CA SER H 155 -44.42 39.74 17.72
C SER H 155 -45.93 39.70 17.87
N SER H 156 -46.41 38.84 18.76
CA SER H 156 -47.83 38.78 19.04
C SER H 156 -48.30 39.92 19.92
N GLU H 157 -47.40 40.73 20.45
CA GLU H 157 -47.72 41.86 21.30
C GLU H 157 -47.39 43.18 20.62
N GLY H 158 -47.66 43.27 19.33
CA GLY H 158 -47.46 44.49 18.59
C GLY H 158 -46.77 44.27 17.26
N ILE H 159 -47.40 44.71 16.16
CA ILE H 159 -46.84 44.57 14.83
C ILE H 159 -46.65 45.94 14.18
N ASN H 160 -47.67 46.80 14.25
CA ASN H 160 -47.65 48.19 13.77
C ASN H 160 -47.35 48.27 12.28
N PHE H 161 -48.34 47.83 11.48
CA PHE H 161 -48.31 48.00 10.03
C PHE H 161 -48.07 49.44 9.62
N THR H 162 -48.58 50.40 10.40
CA THR H 162 -48.34 51.82 10.15
C THR H 162 -46.86 52.16 10.19
N LYS H 163 -46.09 51.48 11.02
CA LYS H 163 -44.65 51.65 11.01
C LYS H 163 -44.03 50.88 9.85
N TYR H 164 -44.29 49.58 9.75
CA TYR H 164 -43.67 48.71 8.77
C TYR H 164 -44.75 47.95 8.02
N PRO H 165 -45.13 48.41 6.83
CA PRO H 165 -46.16 47.70 6.07
C PRO H 165 -45.62 46.43 5.43
N ILE H 166 -46.56 45.64 4.89
CA ILE H 166 -46.23 44.38 4.24
C ILE H 166 -45.58 44.63 2.89
N LYS H 167 -44.64 43.77 2.52
CA LYS H 167 -44.00 43.86 1.21
C LYS H 167 -44.03 42.55 0.44
N SER H 168 -44.98 41.66 0.75
CA SER H 168 -44.97 40.32 0.18
C SER H 168 -45.73 40.22 -1.14
N LYS H 169 -46.93 40.82 -1.19
CA LYS H 169 -47.87 40.78 -2.33
C LYS H 169 -48.33 39.37 -2.70
N ALA H 170 -48.29 38.43 -1.75
CA ALA H 170 -48.88 37.10 -1.88
C ALA H 170 -49.00 36.53 -0.47
N ARG H 171 -49.82 35.50 -0.31
CA ARG H 171 -50.03 35.03 1.04
C ARG H 171 -48.93 34.06 1.40
N PHE H 172 -48.73 33.88 2.69
CA PHE H 172 -47.77 32.91 3.17
C PHE H 172 -48.34 31.50 2.99
N ASP H 173 -47.45 30.52 2.97
CA ASP H 173 -47.91 29.14 2.84
C ASP H 173 -48.41 28.60 4.17
N MET H 174 -47.68 28.81 5.24
CA MET H 174 -48.07 28.28 6.53
C MET H 174 -47.73 29.27 7.63
N LEU H 175 -48.41 29.11 8.75
CA LEU H 175 -48.22 29.94 9.93
C LEU H 175 -47.58 29.06 10.98
N ILE H 176 -46.27 29.20 11.17
CA ILE H 176 -45.54 28.45 12.17
C ILE H 176 -45.84 29.06 13.54
N CYS H 177 -46.40 28.26 14.44
CA CYS H 177 -46.77 28.71 15.77
C CYS H 177 -45.77 28.13 16.75
N LEU H 178 -44.87 28.97 17.23
CA LEU H 178 -43.83 28.56 18.16
C LEU H 178 -44.25 28.80 19.60
N ASP H 179 -44.57 30.04 19.93
CA ASP H 179 -44.92 30.41 21.29
C ASP H 179 -46.41 30.16 21.54
N THR H 180 -46.77 30.13 22.81
CA THR H 180 -48.14 29.82 23.21
C THR H 180 -48.94 31.04 23.64
N THR H 181 -48.33 32.22 23.70
CA THR H 181 -49.05 33.41 24.13
C THR H 181 -49.79 34.09 22.99
N VAL H 182 -49.70 33.57 21.76
CA VAL H 182 -50.38 34.19 20.64
C VAL H 182 -51.88 33.97 20.74
N ASP H 183 -52.63 34.79 19.99
CA ASP H 183 -54.09 34.72 20.00
C ASP H 183 -54.58 34.94 18.58
N THR H 184 -55.32 33.96 18.05
CA THR H 184 -55.76 33.99 16.66
C THR H 184 -56.89 34.97 16.43
N SER H 185 -57.59 35.40 17.48
CA SER H 185 -58.71 36.33 17.32
C SER H 185 -58.26 37.76 17.08
N GLN H 186 -56.97 38.06 17.17
CA GLN H 186 -56.50 39.40 16.94
C GLN H 186 -56.59 39.76 15.46
N LYS H 187 -56.61 41.06 15.19
CA LYS H 187 -56.84 41.52 13.82
C LYS H 187 -55.61 41.32 12.95
N ASP H 188 -54.42 41.46 13.52
CA ASP H 188 -53.20 41.40 12.70
C ASP H 188 -52.92 39.98 12.24
N ILE H 189 -53.10 38.99 13.14
CA ILE H 189 -52.93 37.60 12.73
C ILE H 189 -54.05 37.19 11.78
N GLN H 190 -55.23 37.80 11.92
CA GLN H 190 -56.32 37.55 10.98
C GLN H 190 -55.95 38.07 9.59
N TYR H 191 -55.28 39.22 9.52
CA TYR H 191 -54.81 39.71 8.23
C TYR H 191 -53.69 38.85 7.69
N LEU H 192 -52.85 38.31 8.58
CA LEU H 192 -51.79 37.41 8.13
C LEU H 192 -52.37 36.11 7.60
N LEU H 193 -53.57 35.74 8.07
CA LEU H 193 -54.32 34.67 7.41
C LEU H 193 -54.96 35.17 6.12
N GLN H 194 -55.52 36.38 6.15
CA GLN H 194 -56.32 36.89 5.04
C GLN H 194 -55.45 37.80 4.18
N TYR H 195 -54.71 37.19 3.24
CA TYR H 195 -53.91 37.98 2.33
C TYR H 195 -54.31 37.79 0.88
N LYS H 196 -54.32 36.57 0.36
CA LYS H 196 -54.83 36.34 -0.99
C LYS H 196 -56.14 35.57 -0.87
N ARG H 197 -57.25 36.30 -0.95
CA ARG H 197 -58.56 35.69 -0.84
C ARG H 197 -58.90 35.19 -2.23
N GLU H 198 -58.56 33.93 -2.49
CA GLU H 198 -58.72 33.34 -3.81
C GLU H 198 -60.19 33.17 -4.15
N ARG H 199 -61.00 32.76 -3.18
CA ARG H 199 -62.43 32.55 -3.39
C ARG H 199 -63.15 33.01 -2.13
N LYS H 200 -63.87 34.13 -2.24
CA LYS H 200 -64.82 34.71 -1.25
C LYS H 200 -64.21 34.89 0.16
N GLY H 201 -62.89 34.88 0.28
CA GLY H 201 -62.29 34.84 1.61
C GLY H 201 -62.54 33.51 2.27
N LEU H 202 -61.87 32.44 1.78
CA LEU H 202 -62.27 31.05 1.99
C LEU H 202 -62.43 30.62 3.44
N GLU H 203 -61.31 30.52 4.16
CA GLU H 203 -61.33 29.90 5.47
C GLU H 203 -60.35 30.58 6.43
N ARG H 204 -60.13 31.89 6.26
CA ARG H 204 -58.92 32.59 6.70
C ARG H 204 -57.71 31.81 6.19
N TYR H 205 -57.61 31.83 4.86
CA TYR H 205 -57.15 30.71 4.03
C TYR H 205 -55.79 30.15 4.39
N ALA H 206 -54.92 30.93 5.03
CA ALA H 206 -53.59 30.44 5.39
C ALA H 206 -53.70 29.40 6.50
N PRO H 207 -53.12 28.22 6.34
CA PRO H 207 -53.16 27.21 7.41
C PRO H 207 -52.09 27.41 8.47
N ILE H 208 -52.41 26.98 9.69
CA ILE H 208 -51.59 27.21 10.87
C ILE H 208 -51.07 25.88 11.38
N VAL H 209 -49.76 25.79 11.57
CA VAL H 209 -49.12 24.64 12.18
C VAL H 209 -48.66 25.03 13.58
N ARG H 210 -48.73 24.08 14.50
CA ARG H 210 -48.38 24.31 15.90
C ARG H 210 -47.21 23.42 16.30
N LEU H 211 -46.23 23.99 16.99
CA LEU H 211 -45.12 23.22 17.53
C LEU H 211 -45.29 23.13 19.05
N VAL H 212 -45.44 21.91 19.54
CA VAL H 212 -45.72 21.67 20.95
C VAL H 212 -44.79 20.56 21.44
N ALA H 213 -44.13 20.81 22.57
CA ALA H 213 -43.39 19.76 23.23
C ALA H 213 -44.35 18.76 23.84
N ILE H 214 -44.09 17.48 23.60
CA ILE H 214 -44.99 16.43 24.07
C ILE H 214 -44.92 16.31 25.58
N ASN H 215 -46.10 16.33 26.21
CA ASN H 215 -46.29 16.20 27.67
C ASN H 215 -45.57 17.29 28.45
N SER H 216 -45.47 18.47 27.87
CA SER H 216 -44.98 19.64 28.57
C SER H 216 -46.17 20.52 28.93
N ILE H 217 -45.88 21.72 29.43
CA ILE H 217 -46.96 22.67 29.72
C ILE H 217 -47.55 23.25 28.44
N ASP H 218 -46.85 23.09 27.31
CA ASP H 218 -47.41 23.48 26.01
C ASP H 218 -48.62 22.63 25.68
N HIS H 219 -48.48 21.31 25.78
CA HIS H 219 -49.60 20.41 25.57
C HIS H 219 -50.68 20.60 26.63
N CYS H 220 -50.27 20.94 27.85
CA CYS H 220 -51.22 21.20 28.93
C CYS H 220 -52.11 22.38 28.61
N ARG H 221 -51.50 23.52 28.24
CA ARG H 221 -52.25 24.71 27.88
C ARG H 221 -53.09 24.49 26.64
N LEU H 222 -52.53 23.79 25.64
CA LEU H 222 -53.23 23.55 24.39
C LEU H 222 -54.47 22.70 24.59
N PHE H 223 -54.36 21.64 25.38
CA PHE H 223 -55.52 20.78 25.55
C PHE H 223 -56.52 21.36 26.54
N PHE H 224 -56.07 22.15 27.51
CA PHE H 224 -56.99 22.62 28.53
C PHE H 224 -57.54 24.02 28.25
N GLY H 225 -57.10 24.67 27.18
CA GLY H 225 -57.71 25.93 26.80
C GLY H 225 -59.13 25.82 26.31
N LYS H 226 -59.59 24.61 25.99
CA LYS H 226 -60.95 24.38 25.52
C LYS H 226 -61.83 23.69 26.55
N LYS H 227 -61.24 22.97 27.51
CA LYS H 227 -62.03 22.34 28.56
C LYS H 227 -62.59 23.39 29.52
N PHE H 228 -61.77 24.34 29.91
CA PHE H 228 -62.20 25.52 30.64
C PHE H 228 -61.76 26.75 29.84
N ASP H 229 -61.87 27.92 30.46
CA ASP H 229 -61.71 29.15 29.70
C ASP H 229 -60.97 30.20 30.50
N LYS H 230 -59.70 30.41 30.13
CA LYS H 230 -59.05 31.72 30.09
C LYS H 230 -59.06 32.44 31.44
N ASN H 231 -58.22 31.90 32.32
CA ASN H 231 -57.89 32.49 33.62
C ASN H 231 -59.08 32.47 34.57
N SER H 232 -59.83 31.37 34.53
CA SER H 232 -60.76 31.02 35.58
C SER H 232 -60.01 30.24 36.66
N ARG H 233 -60.73 29.86 37.72
CA ARG H 233 -60.10 29.10 38.80
C ARG H 233 -59.83 27.67 38.38
N GLU H 234 -60.77 27.07 37.65
CA GLU H 234 -60.68 25.64 37.31
C GLU H 234 -59.62 25.37 36.26
N TYR H 235 -59.45 26.28 35.30
CA TYR H 235 -58.38 26.15 34.32
C TYR H 235 -57.03 26.29 34.97
N LEU H 236 -56.93 27.22 35.94
CA LEU H 236 -55.69 27.39 36.70
C LEU H 236 -55.35 26.15 37.51
N GLU H 237 -56.35 25.57 38.18
CA GLU H 237 -56.15 24.34 38.92
C GLU H 237 -55.74 23.19 38.02
N ASN H 238 -56.36 23.08 36.85
CA ASN H 238 -56.05 21.98 35.96
C ASN H 238 -54.65 22.11 35.36
N VAL H 239 -54.23 23.34 35.06
CA VAL H 239 -52.89 23.55 34.53
C VAL H 239 -51.84 23.27 35.59
N THR H 240 -52.06 23.78 36.81
CA THR H 240 -51.10 23.56 37.89
C THR H 240 -51.05 22.09 38.31
N ALA H 241 -52.17 21.37 38.16
CA ALA H 241 -52.15 19.94 38.44
C ALA H 241 -51.40 19.18 37.35
N ALA H 242 -51.75 19.44 36.09
CA ALA H 242 -51.16 18.67 35.00
C ALA H 242 -49.72 19.05 34.69
N MET H 243 -49.22 20.13 35.29
CA MET H 243 -47.82 20.47 35.06
C MET H 243 -46.89 19.49 35.73
N VAL H 244 -47.28 18.93 36.87
CA VAL H 244 -46.34 18.20 37.71
C VAL H 244 -46.39 16.69 37.52
N ILE H 245 -47.46 16.14 36.95
CA ILE H 245 -47.57 14.69 36.86
C ILE H 245 -46.96 14.18 35.57
N LEU H 246 -47.01 14.97 34.52
CA LEU H 246 -46.30 14.65 33.28
C LEU H 246 -44.83 15.01 33.33
N ARG H 247 -44.31 15.35 34.50
CA ARG H 247 -42.90 15.66 34.68
C ARG H 247 -42.02 14.44 34.45
N ASP H 248 -42.57 13.24 34.62
CA ASP H 248 -41.76 12.03 34.50
C ASP H 248 -41.42 11.72 33.05
N ARG H 249 -42.41 11.73 32.17
CA ARG H 249 -42.28 11.19 30.82
C ARG H 249 -42.48 12.27 29.76
N LEU H 250 -41.99 13.47 30.03
CA LEU H 250 -42.08 14.51 29.03
C LEU H 250 -41.03 14.29 27.95
N GLY H 251 -41.26 14.89 26.79
CA GLY H 251 -40.27 14.91 25.73
C GLY H 251 -40.15 13.66 24.90
N THR H 252 -40.36 12.50 25.50
CA THR H 252 -40.23 11.24 24.78
C THR H 252 -41.41 11.03 23.83
N LEU H 253 -41.22 10.13 22.88
CA LEU H 253 -42.14 9.99 21.77
C LEU H 253 -43.12 8.84 22.00
N PRO H 254 -44.23 8.82 21.28
CA PRO H 254 -44.97 7.59 21.09
C PRO H 254 -44.14 6.61 20.28
N PRO H 255 -44.40 5.30 20.40
CA PRO H 255 -43.47 4.32 19.81
C PRO H 255 -43.46 4.30 18.29
N ASP H 256 -44.53 4.73 17.64
CA ASP H 256 -44.60 4.76 16.18
C ASP H 256 -44.12 6.07 15.59
N LEU H 257 -43.77 7.04 16.45
CA LEU H 257 -43.40 8.37 15.99
C LEU H 257 -41.91 8.52 15.72
N ARG H 258 -41.09 7.55 16.13
CA ARG H 258 -39.64 7.65 15.98
C ARG H 258 -39.18 7.60 14.51
N PRO H 259 -39.71 6.75 13.62
CA PRO H 259 -39.36 6.93 12.20
C PRO H 259 -39.94 8.18 11.58
N ILE H 260 -40.99 8.75 12.17
CA ILE H 260 -41.61 9.95 11.60
C ILE H 260 -40.67 11.14 11.76
N TYR H 261 -39.82 11.14 12.78
CA TYR H 261 -38.84 12.20 12.93
C TYR H 261 -37.46 11.81 12.44
N SER H 262 -37.06 10.54 12.57
CA SER H 262 -35.70 10.16 12.19
C SER H 262 -35.52 10.00 10.68
N GLN H 263 -36.59 10.07 9.90
CA GLN H 263 -36.48 10.04 8.44
C GLN H 263 -36.30 11.43 7.84
N LYS H 264 -35.81 12.39 8.64
CA LYS H 264 -35.57 13.78 8.24
C LYS H 264 -36.83 14.45 7.73
N LEU H 265 -37.97 14.09 8.34
CA LEU H 265 -39.28 14.73 8.16
C LEU H 265 -39.78 14.65 6.72
N HIS H 266 -39.33 13.67 5.95
CA HIS H 266 -39.72 13.54 4.56
C HIS H 266 -41.14 13.00 4.40
N TYR H 267 -41.79 12.60 5.49
CA TYR H 267 -43.15 12.11 5.42
C TYR H 267 -44.14 13.24 5.14
N LEU H 268 -43.82 14.45 5.55
CA LEU H 268 -44.79 15.53 5.54
C LEU H 268 -44.85 16.32 4.24
N VAL H 269 -43.97 16.04 3.27
CA VAL H 269 -43.88 16.86 2.06
C VAL H 269 -45.13 16.75 1.21
N GLU H 270 -45.87 15.64 1.35
CA GLU H 270 -47.20 15.49 0.76
C GLU H 270 -48.10 16.65 1.17
N TRP H 271 -48.18 16.93 2.47
CA TRP H 271 -48.93 18.10 2.92
C TRP H 271 -48.23 19.38 2.51
N LEU H 272 -46.91 19.35 2.38
CA LEU H 272 -46.21 20.50 1.84
C LEU H 272 -46.33 20.58 0.33
N GLU H 273 -46.79 19.52 -0.33
CA GLU H 273 -47.07 19.62 -1.75
C GLU H 273 -48.32 20.47 -1.98
N ASN H 274 -49.42 20.13 -1.32
CA ASN H 274 -50.63 20.89 -1.41
C ASN H 274 -51.33 20.91 -0.05
N PRO H 275 -51.88 22.06 0.36
CA PRO H 275 -52.54 22.12 1.67
C PRO H 275 -53.90 21.44 1.68
N THR H 276 -54.51 21.22 0.52
CA THR H 276 -55.86 20.66 0.48
C THR H 276 -55.89 19.17 0.79
N VAL H 277 -54.74 18.50 0.85
CA VAL H 277 -54.66 17.10 1.24
C VAL H 277 -54.91 17.06 2.75
N PRO H 278 -55.41 15.95 3.31
CA PRO H 278 -55.69 15.93 4.75
C PRO H 278 -54.41 15.98 5.57
N TRP H 279 -54.57 16.38 6.82
CA TRP H 279 -53.45 16.52 7.74
C TRP H 279 -52.88 15.14 8.08
N PRO H 280 -51.66 14.82 7.65
CA PRO H 280 -51.18 13.44 7.71
C PRO H 280 -50.77 12.96 9.09
N LEU H 281 -50.93 13.79 10.12
CA LEU H 281 -50.54 13.49 11.48
C LEU H 281 -51.76 13.41 12.38
N PRO H 282 -51.73 12.58 13.44
CA PRO H 282 -52.95 12.38 14.25
C PRO H 282 -53.29 13.58 15.12
N ASP H 283 -54.42 13.49 15.81
CA ASP H 283 -54.88 14.57 16.67
C ASP H 283 -54.03 14.66 17.94
N ILE H 284 -54.13 15.82 18.61
CA ILE H 284 -53.45 16.04 19.87
C ILE H 284 -53.99 15.08 20.95
N TYR H 285 -53.18 14.85 21.94
CA TYR H 285 -53.54 13.76 22.82
C TYR H 285 -54.40 14.25 23.99
N PRO H 286 -55.32 13.42 24.47
CA PRO H 286 -56.10 13.79 25.64
C PRO H 286 -55.28 13.73 26.91
N LEU H 287 -55.60 14.63 27.84
CA LEU H 287 -54.91 14.74 29.11
C LEU H 287 -55.95 14.72 30.21
N LYS H 288 -56.01 13.61 30.96
CA LYS H 288 -57.04 13.46 31.98
C LYS H 288 -56.75 14.34 33.18
N GLN H 289 -57.79 14.58 33.98
CA GLN H 289 -57.66 15.40 35.18
C GLN H 289 -57.33 14.55 36.38
N TYR H 290 -56.95 15.22 37.48
CA TYR H 290 -56.52 14.55 38.69
C TYR H 290 -57.07 15.27 39.91
N THR H 291 -57.04 14.57 41.04
CA THR H 291 -57.37 15.18 42.32
C THR H 291 -56.08 15.60 43.01
N SER H 292 -56.19 16.04 44.26
CA SER H 292 -55.03 16.49 45.01
C SER H 292 -54.11 15.33 45.38
N MET H 293 -54.67 14.15 45.62
CA MET H 293 -53.89 13.02 46.07
C MET H 293 -52.99 12.49 44.97
N ASP H 294 -53.42 12.62 43.73
CA ASP H 294 -52.56 12.24 42.60
C ASP H 294 -51.38 13.19 42.50
N VAL H 295 -51.59 14.47 42.79
CA VAL H 295 -50.51 15.44 42.81
C VAL H 295 -49.53 15.12 43.93
N GLU H 296 -50.05 14.73 45.09
CA GLU H 296 -49.17 14.37 46.21
C GLU H 296 -48.37 13.11 45.91
N ARG H 297 -49.02 12.10 45.32
CA ARG H 297 -48.33 10.85 44.99
C ARG H 297 -47.28 11.06 43.93
N SER H 298 -47.54 11.94 42.97
CA SER H 298 -46.49 12.27 42.00
C SER H 298 -45.41 13.14 42.62
N LEU H 299 -45.74 13.87 43.68
CA LEU H 299 -44.76 14.73 44.33
C LEU H 299 -43.93 14.00 45.37
N LEU H 300 -44.39 12.86 45.86
CA LEU H 300 -43.65 12.11 46.86
C LEU H 300 -42.44 11.37 46.30
N THR H 301 -42.34 11.20 44.99
CA THR H 301 -41.26 10.44 44.41
C THR H 301 -40.27 11.37 43.71
N GLU H 302 -39.20 10.79 43.19
CA GLU H 302 -38.16 11.46 42.44
C GLU H 302 -38.17 10.95 41.00
N VAL H 303 -37.20 11.38 40.20
CA VAL H 303 -37.19 11.05 38.79
C VAL H 303 -35.74 10.95 38.33
N HIS H 304 -35.52 10.13 37.31
CA HIS H 304 -34.21 10.05 36.66
C HIS H 304 -34.43 9.80 35.17
N PHE H 305 -33.52 10.34 34.37
CA PHE H 305 -33.58 10.16 32.92
C PHE H 305 -32.34 9.48 32.36
N LYS H 306 -31.16 10.04 32.60
CA LYS H 306 -29.86 9.57 32.09
C LYS H 306 -29.82 9.29 30.59
N ASN H 307 50.83 20.49 30.64
CA ASN H 307 51.05 19.07 30.84
C ASN H 307 50.04 18.46 31.81
N SER H 308 49.03 17.79 31.25
CA SER H 308 47.96 17.20 32.05
C SER H 308 48.45 16.00 32.86
N SER H 309 49.49 15.33 32.37
CA SER H 309 50.03 14.16 33.08
C SER H 309 50.69 14.57 34.38
N ASN H 310 51.36 15.73 34.38
CA ASN H 310 51.92 16.30 35.61
C ASN H 310 50.83 16.56 36.64
N VAL H 311 49.71 17.14 36.20
CA VAL H 311 48.65 17.47 37.15
C VAL H 311 47.92 16.23 37.65
N ASN H 312 47.75 15.22 36.78
CA ASN H 312 47.11 13.98 37.20
C ASN H 312 47.97 13.23 38.22
N TYR H 313 49.27 13.09 37.95
CA TYR H 313 50.14 12.42 38.90
C TYR H 313 50.36 13.24 40.16
N HIS H 314 50.29 14.57 40.05
CA HIS H 314 50.45 15.41 41.23
C HIS H 314 49.24 15.31 42.14
N LEU H 315 48.04 15.26 41.56
CA LEU H 315 46.84 15.04 42.36
C LEU H 315 46.84 13.64 42.96
N SER H 316 47.37 12.65 42.23
CA SER H 316 47.48 11.30 42.78
C SER H 316 48.46 11.24 43.94
N SER H 317 49.57 11.99 43.85
CA SER H 317 50.51 12.02 44.96
C SER H 317 49.95 12.78 46.15
N GLY H 318 49.10 13.78 45.90
CA GLY H 318 48.40 14.43 47.00
C GLY H 318 47.43 13.48 47.69
N ILE H 319 46.75 12.64 46.90
CA ILE H 319 45.90 11.59 47.46
C ILE H 319 46.75 10.59 48.25
N ILE H 320 47.96 10.31 47.77
CA ILE H 320 48.85 9.35 48.42
C ILE H 320 49.33 9.89 49.77
N THR H 321 49.75 11.16 49.81
CA THR H 321 50.23 11.70 51.08
C THR H 321 49.08 11.98 52.05
N HIS H 322 47.86 12.21 51.55
CA HIS H 322 46.76 12.30 52.49
C HIS H 322 46.33 10.93 52.99
N LYS H 323 46.53 9.89 52.17
CA LYS H 323 46.41 8.52 52.65
C LYS H 323 47.44 8.24 53.74
N LEU H 324 48.64 8.77 53.56
CA LEU H 324 49.69 8.63 54.56
C LEU H 324 49.32 9.33 55.86
N ILE H 325 48.73 10.53 55.76
CA ILE H 325 48.34 11.23 56.99
C ILE H 325 47.12 10.57 57.60
N GLN H 326 46.29 9.88 56.80
CA GLN H 326 45.15 9.16 57.37
C GLN H 326 45.61 7.94 58.15
N SER H 327 46.52 7.15 57.56
CA SER H 327 47.05 5.99 58.27
C SER H 327 47.89 6.41 59.47
N MET H 328 48.56 7.55 59.37
CA MET H 328 49.38 8.02 60.48
C MET H 328 48.51 8.58 61.60
N GLY H 329 47.38 9.22 61.28
CA GLY H 329 46.43 9.59 62.30
C GLY H 329 45.77 8.39 62.94
N GLU H 330 45.57 7.32 62.16
CA GLU H 330 45.03 6.08 62.69
C GLU H 330 45.97 5.44 63.70
N VAL H 331 47.25 5.31 63.34
CA VAL H 331 48.20 4.72 64.27
C VAL H 331 48.53 5.71 65.41
N TYR H 332 48.32 7.00 65.17
CA TYR H 332 48.44 8.00 66.22
C TYR H 332 47.37 7.79 67.28
N MET H 333 46.11 7.67 66.86
CA MET H 333 45.04 7.40 67.80
C MET H 333 45.21 6.02 68.44
N ASP H 334 45.79 5.07 67.69
CA ASP H 334 46.05 3.72 68.20
C ASP H 334 47.05 3.74 69.34
N ILE H 335 48.16 4.46 69.15
CA ILE H 335 49.15 4.56 70.23
C ILE H 335 48.65 5.47 71.33
N CYS H 336 47.70 6.37 71.03
CA CYS H 336 47.04 7.13 72.09
C CYS H 336 46.20 6.22 72.99
N VAL H 337 45.38 5.33 72.42
CA VAL H 337 44.54 4.49 73.28
C VAL H 337 45.42 3.44 73.96
N GLN H 338 46.52 3.05 73.30
CA GLN H 338 47.53 2.22 73.96
C GLN H 338 48.10 2.91 75.19
N LYS H 339 48.38 4.21 75.10
CA LYS H 339 48.84 4.95 76.27
C LYS H 339 47.76 5.07 77.33
N GLN H 340 46.51 5.32 76.92
CA GLN H 340 45.42 5.51 77.89
C GLN H 340 45.11 4.23 78.65
N GLU H 341 45.22 3.08 77.98
CA GLU H 341 44.96 1.81 78.64
C GLU H 341 46.21 1.17 79.23
N LEU H 342 47.39 1.72 78.98
CA LEU H 342 48.60 1.15 79.55
C LEU H 342 49.33 2.09 80.52
N ASP H 343 48.77 3.25 80.86
CA ASP H 343 49.38 4.05 81.92
C ASP H 343 48.70 3.89 83.27
N ASP H 344 47.55 3.23 83.32
CA ASP H 344 46.77 3.16 84.55
C ASP H 344 46.23 1.77 84.87
N TYR H 345 46.49 0.77 84.02
CA TYR H 345 45.79 -0.50 84.17
C TYR H 345 46.40 -1.35 85.28
N SER H 346 47.67 -1.74 85.15
CA SER H 346 48.19 -2.81 85.98
C SER H 346 48.59 -2.34 87.38
N CYS H 347 48.37 -1.08 87.72
CA CYS H 347 48.78 -0.59 89.03
C CYS H 347 47.70 -0.86 90.09
N LEU H 348 46.48 -0.41 89.84
CA LEU H 348 45.43 -0.43 90.84
C LEU H 348 44.26 -1.32 90.40
N ASP H 349 44.54 -2.44 89.76
CA ASP H 349 43.47 -3.29 89.26
C ASP H 349 43.81 -4.76 89.41
N ASP H 350 42.75 -5.55 89.64
CA ASP H 350 42.65 -6.99 89.44
C ASP H 350 43.45 -7.84 90.45
N LEU H 351 44.22 -7.20 91.30
CA LEU H 351 44.95 -7.92 92.35
C LEU H 351 44.89 -7.24 93.71
N GLN H 352 44.73 -5.91 93.75
CA GLN H 352 44.78 -5.15 94.98
C GLN H 352 43.48 -5.19 95.75
N ASN H 353 42.36 -5.49 95.07
CA ASN H 353 41.03 -5.40 95.67
C ASN H 353 40.86 -6.45 96.77
N ASP H 354 40.99 -7.73 96.40
CA ASP H 354 40.90 -8.82 97.38
C ASP H 354 42.03 -8.73 98.41
N HIS H 355 43.18 -8.22 98.00
CA HIS H 355 44.34 -7.99 98.85
C HIS H 355 43.99 -7.09 100.03
N LEU H 356 43.63 -5.84 99.77
CA LEU H 356 43.38 -4.93 100.88
C LEU H 356 42.06 -5.20 101.57
N LYS H 357 41.06 -5.72 100.84
CA LYS H 357 39.78 -6.06 101.48
C LYS H 357 39.95 -7.18 102.50
N PHE H 358 40.56 -8.29 102.09
CA PHE H 358 40.77 -9.41 102.98
C PHE H 358 41.71 -9.05 104.12
N PHE H 359 42.76 -8.29 103.83
CA PHE H 359 43.75 -8.02 104.87
C PHE H 359 43.22 -7.03 105.89
N SER H 360 42.48 -6.01 105.45
CA SER H 360 41.87 -5.06 106.38
C SER H 360 40.79 -5.72 107.22
N ASN H 361 39.90 -6.49 106.59
CA ASN H 361 38.82 -7.11 107.35
C ASN H 361 39.34 -8.21 108.28
N GLU H 362 40.39 -8.93 107.87
CA GLU H 362 40.99 -9.90 108.77
C GLU H 362 41.76 -9.24 109.90
N ASP H 363 42.31 -8.04 109.68
CA ASP H 363 42.94 -7.32 110.79
C ASP H 363 41.89 -6.85 111.79
N GLU H 364 40.72 -6.42 111.30
CA GLU H 364 39.61 -6.12 112.20
C GLU H 364 39.16 -7.36 112.96
N LYS H 365 39.20 -8.53 112.29
CA LYS H 365 38.91 -9.80 112.94
C LYS H 365 39.90 -10.10 114.06
N ILE H 366 41.20 -9.89 113.79
CA ILE H 366 42.26 -10.09 114.78
C ILE H 366 42.03 -9.21 116.02
N ILE H 367 41.76 -7.92 115.79
CA ILE H 367 41.67 -7.04 116.94
C ILE H 367 40.38 -7.28 117.73
N LYS H 368 39.28 -7.67 117.06
CA LYS H 368 38.06 -7.96 117.80
C LYS H 368 38.17 -9.27 118.58
N GLU H 369 38.89 -10.28 118.05
CA GLU H 369 39.03 -11.51 118.80
C GLU H 369 39.99 -11.33 119.98
N TYR H 370 41.01 -10.48 119.83
CA TYR H 370 41.86 -10.14 120.96
C TYR H 370 41.08 -9.43 122.06
N GLU H 371 40.23 -8.46 121.66
CA GLU H 371 39.43 -7.72 122.63
C GLU H 371 38.50 -8.66 123.41
N THR H 372 37.79 -9.54 122.69
CA THR H 372 36.86 -10.41 123.39
C THR H 372 37.59 -11.49 124.21
N VAL H 373 38.80 -11.91 123.80
CA VAL H 373 39.46 -12.97 124.56
C VAL H 373 40.00 -12.42 125.89
N LEU H 374 40.51 -11.17 125.90
CA LEU H 374 40.92 -10.64 127.20
C LEU H 374 39.72 -10.25 128.06
N ARG H 375 38.60 -9.83 127.44
CA ARG H 375 37.43 -9.48 128.23
C ARG H 375 36.83 -10.71 128.91
N THR H 376 36.64 -11.81 128.16
CA THR H 376 36.13 -13.01 128.82
C THR H 376 37.16 -13.66 129.71
N ASN H 377 38.45 -13.39 129.51
CA ASN H 377 39.49 -13.89 130.41
C ASN H 377 39.31 -13.25 131.78
N ASN H 378 39.24 -11.92 131.82
CA ASN H 378 39.15 -11.25 133.11
C ASN H 378 37.79 -11.44 133.77
N GLU H 379 36.71 -11.55 132.98
CA GLU H 379 35.41 -11.84 133.57
C GLU H 379 35.33 -13.26 134.10
N ASN H 380 35.94 -14.23 133.42
CA ASN H 380 35.89 -15.60 133.90
C ASN H 380 36.76 -15.81 135.13
N LEU H 381 37.92 -15.14 135.21
CA LEU H 381 38.72 -15.27 136.42
C LEU H 381 38.07 -14.56 137.61
N ASN H 382 37.45 -13.38 137.40
CA ASN H 382 36.74 -12.73 138.50
C ASN H 382 35.52 -13.52 138.95
N ARG H 383 34.79 -14.13 137.99
CA ARG H 383 33.63 -14.94 138.35
C ARG H 383 34.03 -16.19 139.13
N SER H 384 35.12 -16.86 138.71
CA SER H 384 35.57 -18.05 139.43
C SER H 384 36.09 -17.70 140.81
N HIS H 385 36.78 -16.55 140.96
CA HIS H 385 37.30 -16.16 142.26
C HIS H 385 36.18 -15.79 143.24
N GLU H 386 35.26 -14.90 142.82
CA GLU H 386 34.18 -14.54 143.72
C GLU H 386 33.20 -15.68 143.94
N LEU H 387 33.13 -16.65 143.01
CA LEU H 387 32.33 -17.84 143.25
C LEU H 387 32.99 -18.77 144.26
N GLU H 388 34.33 -18.80 144.27
CA GLU H 388 35.02 -19.54 145.32
C GLU H 388 34.82 -18.88 146.69
N VAL H 389 34.76 -17.55 146.71
CA VAL H 389 34.44 -16.83 147.95
C VAL H 389 33.03 -17.19 148.42
N GLU H 390 32.06 -17.18 147.51
CA GLU H 390 30.69 -17.55 147.90
C GLU H 390 30.60 -19.03 148.27
N ASN H 391 31.45 -19.88 147.69
CA ASN H 391 31.44 -21.30 148.03
C ASN H 391 32.05 -21.56 149.40
N ASN H 392 33.09 -20.81 149.78
CA ASN H 392 33.62 -21.04 151.13
C ASN H 392 32.73 -20.41 152.19
N LEU H 393 32.01 -19.33 151.85
CA LEU H 393 30.93 -18.86 152.71
C LEU H 393 29.82 -19.91 152.83
N LYS H 394 29.55 -20.64 151.74
CA LYS H 394 28.59 -21.74 151.78
C LYS H 394 29.08 -22.86 152.69
N PHE H 395 30.38 -23.16 152.66
CA PHE H 395 30.94 -24.18 153.55
C PHE H 395 30.86 -23.75 155.01
N SER H 396 31.10 -22.46 155.28
CA SER H 396 30.91 -21.93 156.63
C SER H 396 29.44 -22.02 157.05
N GLN H 397 28.52 -21.83 156.11
CA GLN H 397 27.09 -21.96 156.40
C GLN H 397 26.72 -23.40 156.74
N ILE H 398 27.29 -24.37 156.01
CA ILE H 398 27.09 -25.79 156.31
C ILE H 398 27.62 -26.13 157.70
N GLU H 399 28.81 -25.61 158.05
CA GLU H 399 29.36 -25.86 159.37
C GLU H 399 28.52 -25.21 160.48
N THR H 400 27.95 -24.03 160.19
CA THR H 400 27.10 -23.37 161.18
C THR H 400 25.79 -24.13 161.39
N LEU H 401 25.18 -24.63 160.31
CA LEU H 401 23.92 -25.37 160.49
C LEU H 401 24.16 -26.75 161.09
N GLU H 402 25.35 -27.33 160.88
CA GLU H 402 25.69 -28.57 161.56
C GLU H 402 25.91 -28.33 163.05
N LYS H 403 26.51 -27.18 163.40
CA LYS H 403 26.56 -26.74 164.79
C LYS H 403 25.15 -26.56 165.36
N ASP H 404 24.24 -26.01 164.54
CA ASP H 404 22.86 -25.80 164.98
C ASP H 404 22.17 -27.11 165.31
N ILE H 405 22.30 -28.11 164.44
CA ILE H 405 21.65 -29.38 164.74
C ILE H 405 22.37 -30.12 165.86
N GLU H 406 23.67 -29.87 166.07
CA GLU H 406 24.36 -30.47 167.21
C GLU H 406 23.84 -29.92 168.55
N THR H 407 23.84 -28.60 168.72
CA THR H 407 23.33 -28.05 169.96
C THR H 407 21.82 -28.21 170.13
N LEU H 408 21.07 -28.33 169.05
CA LEU H 408 19.66 -28.60 169.23
C LEU H 408 19.37 -30.08 169.45
N LYS H 409 20.27 -30.97 169.01
CA LYS H 409 20.24 -32.35 169.50
C LYS H 409 20.52 -32.39 171.00
N GLY H 410 21.41 -31.51 171.48
CA GLY H 410 21.59 -31.36 172.91
C GLY H 410 20.35 -30.84 173.63
N SER H 411 19.65 -29.89 173.01
CA SER H 411 18.42 -29.36 173.59
C SER H 411 17.31 -30.42 173.59
N LEU H 412 17.25 -31.26 172.55
CA LEU H 412 16.31 -32.37 172.54
C LEU H 412 16.68 -33.45 173.56
N MET H 413 17.98 -33.61 173.84
CA MET H 413 18.40 -34.47 174.94
C MET H 413 17.93 -33.90 176.28
N ALA H 414 17.97 -32.57 176.41
CA ALA H 414 17.44 -31.92 177.61
C ALA H 414 15.92 -32.07 177.70
N GLN H 415 15.24 -32.09 176.55
CA GLN H 415 13.80 -32.35 176.52
C GLN H 415 13.48 -33.78 176.92
N GLY H 416 14.31 -34.73 176.48
CA GLY H 416 14.14 -36.11 176.89
C GLY H 416 14.51 -36.39 178.33
N GLU H 417 15.34 -35.53 178.94
CA GLU H 417 15.75 -35.73 180.33
C GLU H 417 14.58 -35.47 181.28
N THR H 418 14.07 -34.24 181.30
CA THR H 418 12.91 -33.91 182.11
C THR H 418 11.63 -34.39 181.43
N LEU H 419 10.74 -34.98 182.22
CA LEU H 419 9.61 -35.71 181.64
C LEU H 419 8.25 -35.17 182.06
N SER H 420 8.05 -34.87 183.33
CA SER H 420 6.69 -34.63 183.81
C SER H 420 6.66 -33.45 184.77
N LYS H 421 5.43 -33.03 185.07
CA LYS H 421 5.06 -32.03 186.08
C LYS H 421 5.58 -30.62 185.76
N LEU H 422 6.00 -30.36 184.53
CA LEU H 422 6.36 -28.99 184.15
C LEU H 422 6.24 -28.87 182.64
N LYS H 423 5.94 -27.65 182.18
CA LYS H 423 5.88 -27.35 180.74
C LYS H 423 7.32 -27.22 180.21
N ASP H 424 7.95 -28.38 179.99
CA ASP H 424 9.35 -28.44 179.58
C ASP H 424 9.51 -28.67 178.08
N ALA H 425 8.96 -29.77 177.57
CA ALA H 425 9.38 -30.29 176.28
C ALA H 425 8.77 -29.54 175.10
N PHE H 426 7.53 -29.04 175.23
CA PHE H 426 6.78 -28.66 174.05
C PHE H 426 7.16 -27.27 173.53
N VAL H 427 7.34 -26.30 174.43
CA VAL H 427 7.77 -24.96 174.03
C VAL H 427 9.19 -25.01 173.45
N LYS H 428 10.01 -25.93 173.93
CA LYS H 428 11.32 -26.15 173.31
C LYS H 428 11.17 -26.81 171.95
N THR H 429 10.29 -27.83 171.84
CA THR H 429 10.17 -28.63 170.62
C THR H 429 9.62 -27.79 169.46
N ASP H 430 8.83 -26.76 169.77
CA ASP H 430 8.33 -25.82 168.77
C ASP H 430 9.46 -25.17 167.98
N ASN H 431 10.35 -24.44 168.67
CA ASN H 431 11.46 -23.83 167.96
C ASN H 431 12.54 -24.83 167.59
N VAL H 432 12.55 -26.02 168.19
CA VAL H 432 13.41 -27.10 167.70
C VAL H 432 13.02 -27.46 166.27
N GLN H 433 11.73 -27.71 166.05
CA GLN H 433 11.24 -28.04 164.71
C GLN H 433 11.40 -26.88 163.75
N ASP H 434 11.12 -25.66 164.22
CA ASP H 434 11.25 -24.48 163.37
C ASP H 434 12.70 -24.27 162.91
N GLU H 435 13.63 -24.40 163.86
CA GLU H 435 15.05 -24.23 163.56
C GLU H 435 15.56 -25.34 162.64
N ILE H 436 15.16 -26.60 162.87
CA ILE H 436 15.72 -27.67 162.04
C ILE H 436 15.10 -27.66 160.64
N GLU H 437 13.84 -27.22 160.49
CA GLU H 437 13.26 -27.20 159.16
C GLU H 437 13.76 -26.02 158.34
N LYS H 438 13.92 -24.84 158.97
CA LYS H 438 14.60 -23.73 158.30
C LYS H 438 16.05 -24.11 157.97
N GLU H 439 16.68 -24.88 158.84
CA GLU H 439 18.05 -25.36 158.63
C GLU H 439 18.16 -26.27 157.41
N GLU H 440 17.33 -27.30 157.31
CA GLU H 440 17.40 -28.17 156.14
C GLU H 440 16.95 -27.47 154.86
N ARG H 441 16.02 -26.51 154.97
CA ARG H 441 15.60 -25.74 153.81
C ARG H 441 16.74 -24.92 153.24
N VAL H 442 17.41 -24.13 154.09
CA VAL H 442 18.52 -23.30 153.60
C VAL H 442 19.72 -24.16 153.23
N SER H 443 19.88 -25.33 153.87
CA SER H 443 20.98 -26.22 153.54
C SER H 443 20.86 -26.79 152.13
N VAL H 444 19.72 -27.41 151.82
CA VAL H 444 19.55 -28.02 150.50
C VAL H 444 19.42 -26.95 149.42
N SER H 445 18.85 -25.77 149.76
CA SER H 445 18.76 -24.67 148.81
C SER H 445 20.14 -24.15 148.42
N ARG H 446 20.98 -23.84 149.41
CA ARG H 446 22.34 -23.39 149.11
C ARG H 446 23.17 -24.48 148.45
N ASP H 447 22.91 -25.75 148.78
CA ASP H 447 23.62 -26.86 148.15
C ASP H 447 23.36 -26.92 146.64
N THR H 448 22.08 -26.99 146.27
CA THR H 448 21.72 -27.08 144.85
C THR H 448 22.09 -25.81 144.10
N GLU H 449 21.96 -24.65 144.75
CA GLU H 449 22.33 -23.39 144.13
C GLU H 449 23.83 -23.34 143.83
N LYS H 450 24.65 -23.79 144.77
CA LYS H 450 26.09 -23.76 144.53
C LYS H 450 26.54 -24.85 143.57
N LYS H 451 25.79 -25.97 143.47
CA LYS H 451 26.08 -26.93 142.40
C LYS H 451 25.82 -26.31 141.03
N TYR H 452 24.72 -25.54 140.91
CA TYR H 452 24.44 -24.77 139.70
C TYR H 452 25.55 -23.77 139.40
N MET H 453 26.05 -23.09 140.44
CA MET H 453 27.12 -22.10 140.26
C MET H 453 28.41 -22.76 139.78
N GLU H 454 28.76 -23.91 140.37
CA GLU H 454 29.96 -24.62 139.95
C GLU H 454 29.84 -25.15 138.52
N GLN H 455 28.62 -25.57 138.12
CA GLN H 455 28.42 -26.04 136.75
C GLN H 455 28.53 -24.90 135.75
N GLU H 456 27.95 -23.74 136.07
CA GLU H 456 28.04 -22.62 135.13
C GLU H 456 29.45 -22.03 135.08
N ILE H 457 30.21 -22.11 136.16
CA ILE H 457 31.59 -21.65 136.07
C ILE H 457 32.47 -22.68 135.38
N LYS H 458 32.09 -23.97 135.38
CA LYS H 458 32.79 -24.93 134.53
C LYS H 458 32.49 -24.66 133.06
N ARG H 459 31.25 -24.25 132.75
CA ARG H 459 30.91 -23.80 131.40
C ARG H 459 31.73 -22.58 131.00
N ALA H 460 31.93 -21.66 131.95
CA ALA H 460 32.72 -20.46 131.69
C ALA H 460 34.20 -20.77 131.49
N VAL H 461 34.74 -21.74 132.22
CA VAL H 461 36.16 -22.06 132.04
C VAL H 461 36.35 -22.84 130.74
N ASP H 462 35.35 -23.61 130.31
CA ASP H 462 35.40 -24.20 128.97
C ASP H 462 35.31 -23.13 127.89
N ALA H 463 34.55 -22.06 128.15
CA ALA H 463 34.42 -20.97 127.19
C ALA H 463 35.74 -20.22 127.01
N ILE H 464 36.43 -19.90 128.11
CA ILE H 464 37.71 -19.20 127.97
C ILE H 464 38.77 -20.13 127.39
N ARG H 465 38.67 -21.45 127.67
CA ARG H 465 39.58 -22.41 127.06
C ARG H 465 39.44 -22.44 125.55
N GLU H 466 38.22 -22.62 125.05
CA GLU H 466 38.05 -22.70 123.60
C GLU H 466 38.22 -21.35 122.91
N ASN H 467 37.99 -20.24 123.61
CA ASN H 467 38.25 -18.94 122.99
C ASN H 467 39.74 -18.68 122.86
N GLU H 468 40.54 -19.11 123.83
CA GLU H 468 41.99 -19.02 123.65
C GLU H 468 42.48 -19.98 122.56
N GLU H 469 41.85 -21.15 122.43
CA GLU H 469 42.17 -22.04 121.32
C GLU H 469 41.88 -21.39 119.96
N GLU H 470 40.74 -20.71 119.85
CA GLU H 470 40.41 -20.00 118.62
C GLU H 470 41.36 -18.84 118.37
N THR H 471 41.83 -18.18 119.45
CA THR H 471 42.85 -17.14 119.31
C THR H 471 44.15 -17.70 118.75
N HIS H 472 44.55 -18.90 119.19
CA HIS H 472 45.78 -19.52 118.64
C HIS H 472 45.60 -19.94 117.18
N LYS H 473 44.43 -20.49 116.84
CA LYS H 473 44.19 -20.87 115.44
C LYS H 473 44.13 -19.65 114.55
N LEU H 474 43.59 -18.53 115.04
CA LEU H 474 43.57 -17.33 114.23
C LEU H 474 44.94 -16.64 114.23
N ASN H 475 45.82 -16.97 115.18
CA ASN H 475 47.21 -16.55 115.07
C ASN H 475 47.92 -17.30 113.94
N GLU H 476 47.62 -18.59 113.79
CA GLU H 476 48.11 -19.33 112.62
C GLU H 476 47.55 -18.76 111.32
N LYS H 477 46.26 -18.40 111.34
CA LYS H 477 45.63 -17.69 110.22
C LYS H 477 46.33 -16.34 109.96
N GLN H 478 46.76 -15.67 111.03
CA GLN H 478 47.46 -14.39 110.90
C GLN H 478 48.82 -14.57 110.25
N ASN H 479 49.52 -15.68 110.56
CA ASN H 479 50.79 -15.95 109.91
C ASN H 479 50.60 -16.27 108.42
N GLY H 480 49.54 -17.00 108.09
CA GLY H 480 49.18 -17.19 106.69
C GLY H 480 48.84 -15.87 105.99
N LEU H 481 48.18 -14.96 106.72
CA LEU H 481 47.85 -13.65 106.18
C LEU H 481 49.10 -12.83 105.90
N GLU H 482 50.10 -12.89 106.79
CA GLU H 482 51.35 -12.19 106.56
C GLU H 482 52.12 -12.78 105.38
N SER H 483 52.07 -14.10 105.22
CA SER H 483 52.70 -14.75 104.07
C SER H 483 52.08 -14.28 102.76
N GLU H 484 50.74 -14.28 102.69
CA GLU H 484 50.07 -13.81 101.49
C GLU H 484 50.26 -12.30 101.29
N LEU H 485 50.45 -11.57 102.39
CA LEU H 485 50.77 -10.15 102.34
C LEU H 485 52.11 -9.90 101.65
N LYS H 486 53.14 -10.66 102.05
CA LYS H 486 54.46 -10.50 101.44
C LYS H 486 54.44 -10.91 99.97
N LEU H 487 53.69 -11.97 99.64
CA LEU H 487 53.61 -12.42 98.25
C LEU H 487 52.91 -11.38 97.37
N LYS H 488 51.80 -10.82 97.85
CA LYS H 488 51.09 -9.81 97.09
C LYS H 488 51.88 -8.50 97.01
N PHE H 489 52.68 -8.20 98.04
CA PHE H 489 53.58 -7.05 97.99
C PHE H 489 54.59 -7.19 96.86
N GLU H 490 55.25 -8.34 96.78
CA GLU H 490 56.26 -8.52 95.74
C GLU H 490 55.65 -8.60 94.35
N LYS H 491 54.43 -9.14 94.24
CA LYS H 491 53.76 -9.14 92.95
C LYS H 491 53.37 -7.73 92.51
N SER H 492 52.94 -6.90 93.47
CA SER H 492 52.63 -5.50 93.14
C SER H 492 53.89 -4.73 92.76
N GLU H 493 55.02 -5.06 93.39
CA GLU H 493 56.28 -4.43 93.01
C GLU H 493 56.68 -4.80 91.59
N ILE H 494 56.52 -6.08 91.23
CA ILE H 494 56.90 -6.49 89.87
C ILE H 494 55.90 -5.94 88.86
N SER H 495 54.65 -5.71 89.27
CA SER H 495 53.67 -5.09 88.38
C SER H 495 54.01 -3.63 88.12
N THR H 496 54.45 -2.91 89.16
CA THR H 496 54.88 -1.52 88.98
C THR H 496 56.13 -1.44 88.10
N LYS H 497 57.04 -2.41 88.25
CA LYS H 497 58.25 -2.42 87.41
C LYS H 497 57.91 -2.70 85.95
N GLU H 498 57.01 -3.65 85.69
CA GLU H 498 56.63 -3.95 84.31
C GLU H 498 55.82 -2.80 83.71
N LEU H 499 55.03 -2.10 84.53
CA LEU H 499 54.35 -0.89 84.06
C LEU H 499 55.37 0.20 83.70
N ASN H 500 56.47 0.29 84.45
CA ASN H 500 57.52 1.24 84.12
C ASN H 500 58.20 0.89 82.80
N GLU H 501 58.43 -0.41 82.57
CA GLU H 501 59.03 -0.86 81.31
C GLU H 501 58.12 -0.55 80.13
N LYS H 502 56.82 -0.83 80.27
CA LYS H 502 55.92 -0.60 79.15
C LYS H 502 55.65 0.88 78.94
N ILE H 503 55.76 1.73 79.98
CA ILE H 503 55.56 3.16 79.71
C ILE H 503 56.84 3.74 79.12
N GLY H 504 58.00 3.14 79.39
CA GLY H 504 59.20 3.50 78.64
C GLY H 504 59.08 3.16 77.16
N PHE H 505 58.57 1.97 76.86
CA PHE H 505 58.28 1.60 75.47
C PHE H 505 57.24 2.53 74.86
N LEU H 506 56.26 2.94 75.67
CA LEU H 506 55.21 3.84 75.22
C LEU H 506 55.77 5.22 74.87
N LYS H 507 56.68 5.76 75.68
CA LYS H 507 57.21 7.08 75.37
C LYS H 507 58.17 7.04 74.19
N LYS H 508 58.87 5.91 74.02
CA LYS H 508 59.64 5.70 72.80
C LYS H 508 58.75 5.74 71.55
N GLU H 509 57.65 4.98 71.59
CA GLU H 509 56.75 4.94 70.44
C GLU H 509 56.04 6.27 70.22
N LEU H 510 55.76 7.02 71.29
CA LEU H 510 55.10 8.30 71.10
C LEU H 510 56.07 9.33 70.52
N LYS H 511 57.36 9.25 70.86
CA LYS H 511 58.31 10.17 70.23
C LYS H 511 58.50 9.84 68.74
N LEU H 512 58.48 8.54 68.41
CA LEU H 512 58.52 8.13 67.01
C LEU H 512 57.30 8.65 66.25
N GLU H 513 56.12 8.51 66.84
CA GLU H 513 54.90 9.04 66.23
C GLU H 513 54.94 10.56 66.15
N ASN H 514 55.58 11.20 67.13
CA ASN H 514 55.66 12.66 67.18
C ASN H 514 56.43 13.21 65.98
N ASP H 515 57.68 12.76 65.80
CA ASP H 515 58.40 13.35 64.69
C ASP H 515 57.98 12.80 63.33
N LEU H 516 57.37 11.60 63.27
CA LEU H 516 56.76 11.17 62.02
C LEU H 516 55.58 12.06 61.63
N ASN H 517 54.76 12.46 62.61
CA ASN H 517 53.66 13.37 62.32
C ASN H 517 54.15 14.77 61.96
N GLU H 518 55.27 15.20 62.55
CA GLU H 518 55.86 16.48 62.15
C GLU H 518 56.31 16.46 60.69
N GLU H 519 56.99 15.38 60.29
CA GLU H 519 57.41 15.19 58.90
C GLU H 519 56.21 15.17 57.96
N LEU H 520 55.13 14.49 58.36
CA LEU H 520 54.02 14.35 57.44
C LEU H 520 53.17 15.62 57.37
N VAL H 521 53.12 16.40 58.44
CA VAL H 521 52.45 17.69 58.38
C VAL H 521 53.22 18.64 57.45
N GLY H 522 54.56 18.58 57.51
CA GLY H 522 55.36 19.35 56.56
C GLY H 522 55.14 18.89 55.12
N GLN H 523 55.02 17.57 54.93
CA GLN H 523 54.78 17.03 53.59
C GLN H 523 53.41 17.44 53.06
N LEU H 524 52.40 17.47 53.93
CA LEU H 524 51.06 17.90 53.52
C LEU H 524 51.05 19.38 53.15
N SER H 525 51.77 20.22 53.91
CA SER H 525 51.86 21.64 53.56
C SER H 525 52.55 21.84 52.22
N LYS H 526 53.65 21.11 51.99
CA LYS H 526 54.37 21.23 50.73
C LYS H 526 53.55 20.73 49.56
N THR H 527 52.89 19.59 49.71
CA THR H 527 52.08 19.03 48.64
C THR H 527 50.88 19.90 48.33
N MET H 528 50.30 20.54 49.35
CA MET H 528 49.12 21.36 49.10
C MET H 528 49.48 22.67 48.41
N ASP H 529 50.58 23.31 48.83
CA ASP H 529 51.00 24.52 48.14
C ASP H 529 51.49 24.23 46.73
N ASN H 530 52.11 23.06 46.53
CA ASN H 530 52.50 22.65 45.19
C ASN H 530 51.29 22.35 44.32
N LEU H 531 50.24 21.79 44.91
CA LEU H 531 48.99 21.57 44.19
C LEU H 531 48.35 22.89 43.81
N GLU H 532 48.42 23.88 44.70
CA GLU H 532 47.88 25.21 44.42
C GLU H 532 48.60 25.86 43.24
N ASN H 533 49.93 25.89 43.28
CA ASN H 533 50.69 26.54 42.22
C ASN H 533 51.01 25.60 41.07
N LEU H 534 50.42 24.40 41.07
CA LEU H 534 50.38 23.55 39.90
C LEU H 534 49.00 23.50 39.26
N THR H 535 47.96 23.89 39.98
CA THR H 535 46.62 24.00 39.40
C THR H 535 46.30 25.38 38.89
N ILE H 536 46.86 26.45 39.48
CA ILE H 536 46.67 27.77 38.90
C ILE H 536 47.35 27.94 37.53
N PRO H 537 48.44 27.24 37.14
CA PRO H 537 48.77 27.25 35.70
C PRO H 537 47.79 26.51 34.83
N ARG H 538 46.98 25.59 35.37
CA ARG H 538 45.94 24.99 34.54
C ARG H 538 44.81 25.97 34.26
N VAL H 539 44.59 26.93 35.16
CA VAL H 539 43.76 28.09 34.84
C VAL H 539 44.46 28.96 33.80
N ARG H 540 45.79 29.09 33.93
CA ARG H 540 46.55 29.99 33.06
C ARG H 540 46.66 29.50 31.62
N THR H 541 46.72 28.19 31.40
CA THR H 541 47.16 27.65 30.11
C THR H 541 46.12 27.84 29.01
N GLN H 542 44.96 27.21 29.15
CA GLN H 542 44.02 27.16 28.04
C GLN H 542 42.71 27.86 28.38
N ARG I 1 69.51 -78.07 6.29
CA ARG I 1 70.48 -77.57 5.33
C ARG I 1 70.34 -78.28 3.98
N GLN I 2 69.67 -79.43 4.02
CA GLN I 2 69.55 -80.28 2.84
C GLN I 2 68.57 -79.67 1.85
N VAL I 3 69.02 -79.46 0.62
CA VAL I 3 68.12 -78.98 -0.43
C VAL I 3 67.18 -80.11 -0.84
N ILE I 4 65.96 -79.73 -1.20
CA ILE I 4 64.97 -80.68 -1.72
C ILE I 4 64.45 -80.24 -3.09
N VAL I 5 64.22 -78.95 -3.30
CA VAL I 5 63.85 -78.40 -4.60
C VAL I 5 64.92 -77.38 -4.98
N PRO I 6 65.40 -77.38 -6.22
CA PRO I 6 66.39 -76.37 -6.63
C PRO I 6 65.71 -75.06 -7.02
N VAL I 7 66.54 -74.04 -7.24
CA VAL I 7 66.09 -72.77 -7.76
C VAL I 7 66.30 -72.76 -9.27
N CYS I 8 65.43 -72.04 -9.97
CA CYS I 8 65.38 -72.03 -11.44
C CYS I 8 64.56 -70.82 -11.86
N MET I 9 64.20 -70.79 -13.12
CA MET I 9 63.41 -69.69 -13.67
C MET I 9 61.92 -70.00 -13.57
N PRO I 10 61.08 -68.96 -13.45
CA PRO I 10 59.63 -69.18 -13.50
C PRO I 10 59.22 -69.63 -14.89
N LYS I 11 58.63 -70.83 -14.97
CA LYS I 11 58.30 -71.45 -16.25
C LYS I 11 56.94 -70.96 -16.75
N ILE I 12 56.87 -69.65 -16.98
CA ILE I 12 55.66 -69.00 -17.46
C ILE I 12 55.98 -68.41 -18.83
N HIS I 13 54.93 -67.92 -19.49
CA HIS I 13 55.13 -67.23 -20.75
C HIS I 13 54.40 -65.89 -20.76
N TYR I 14 53.28 -65.80 -20.05
CA TYR I 14 52.51 -64.56 -20.02
C TYR I 14 52.94 -63.72 -18.83
N SER I 15 53.10 -62.41 -19.08
CA SER I 15 53.56 -61.33 -18.20
C SER I 15 54.95 -61.43 -17.58
N PRO I 16 55.99 -61.85 -18.32
CA PRO I 16 57.24 -61.11 -18.22
C PRO I 16 57.37 -60.17 -19.40
N LEU I 17 56.45 -60.32 -20.34
CA LEU I 17 56.48 -59.56 -21.57
C LEU I 17 55.73 -58.25 -21.40
N LYS I 18 55.59 -57.51 -22.49
CA LYS I 18 54.91 -56.23 -22.49
C LYS I 18 53.78 -56.26 -23.50
N THR I 19 53.18 -55.09 -23.71
CA THR I 19 52.12 -54.93 -24.69
C THR I 19 52.73 -54.28 -25.92
N GLY I 20 52.62 -54.96 -27.07
CA GLY I 20 53.11 -54.40 -28.30
C GLY I 20 52.26 -53.23 -28.75
N LEU I 21 52.93 -52.22 -29.31
CA LEU I 21 52.25 -51.00 -29.70
C LEU I 21 52.71 -50.58 -31.08
N CYS I 22 51.75 -50.23 -31.94
CA CYS I 22 52.02 -49.76 -33.29
C CYS I 22 51.50 -48.33 -33.39
N TYR I 23 52.41 -47.38 -33.61
CA TYR I 23 52.02 -46.00 -33.77
C TYR I 23 53.08 -45.28 -34.59
N ASP I 24 52.62 -44.35 -35.43
CA ASP I 24 53.54 -43.56 -36.26
C ASP I 24 52.87 -42.24 -36.58
N VAL I 25 53.72 -41.24 -36.86
CA VAL I 25 53.26 -39.90 -37.19
C VAL I 25 53.08 -39.79 -38.69
N ARG I 26 53.17 -40.90 -39.39
CA ARG I 26 53.05 -40.90 -40.84
C ARG I 26 51.64 -41.19 -41.31
N MET I 27 50.68 -41.33 -40.41
CA MET I 27 49.31 -41.64 -40.80
C MET I 27 48.36 -40.49 -40.50
N ARG I 28 48.81 -39.27 -40.73
CA ARG I 28 47.98 -38.10 -40.47
C ARG I 28 48.06 -37.10 -41.61
N TYR I 29 48.38 -37.56 -42.81
CA TYR I 29 48.52 -36.67 -43.95
C TYR I 29 47.40 -36.79 -44.96
N HIS I 30 46.84 -38.00 -45.11
CA HIS I 30 45.73 -38.23 -46.02
C HIS I 30 44.49 -37.50 -45.52
N ALA I 31 43.97 -36.59 -46.35
CA ALA I 31 42.93 -35.68 -45.87
C ALA I 31 41.98 -35.31 -46.98
N LYS I 32 40.83 -34.81 -46.56
CA LYS I 32 39.80 -34.31 -47.45
C LYS I 32 40.24 -33.00 -48.09
N ILE I 33 39.59 -32.68 -49.21
CA ILE I 33 39.78 -31.41 -49.90
C ILE I 33 38.50 -30.61 -49.75
N PHE I 34 38.64 -29.32 -49.44
CA PHE I 34 37.51 -28.52 -49.00
C PHE I 34 36.52 -28.29 -50.13
N THR I 35 35.24 -28.52 -49.84
CA THR I 35 34.16 -28.28 -50.80
C THR I 35 33.19 -27.19 -50.32
N SER I 36 32.56 -27.37 -49.17
CA SER I 36 31.50 -26.46 -48.74
C SER I 36 31.66 -26.18 -47.27
N TYR I 37 30.99 -25.11 -46.82
CA TYR I 37 31.13 -24.71 -45.42
C TYR I 37 30.39 -25.62 -44.45
N PHE I 38 29.55 -26.54 -44.94
CA PHE I 38 28.87 -27.49 -44.07
C PHE I 38 29.86 -28.37 -43.31
N GLU I 39 31.01 -28.66 -43.92
CA GLU I 39 32.06 -29.41 -43.26
C GLU I 39 32.67 -28.69 -42.07
N TYR I 40 32.39 -27.40 -41.89
CA TYR I 40 32.80 -26.74 -40.67
C TYR I 40 31.88 -27.08 -39.49
N ILE I 41 30.61 -27.39 -39.76
CA ILE I 41 29.70 -27.75 -38.68
C ILE I 41 29.27 -29.19 -38.92
N ASP I 42 30.18 -29.99 -39.45
CA ASP I 42 29.92 -31.39 -39.65
C ASP I 42 30.87 -32.23 -38.79
N PRO I 43 30.47 -33.45 -38.41
CA PRO I 43 31.33 -34.26 -37.54
C PRO I 43 32.58 -34.82 -38.19
N HIS I 44 32.85 -34.51 -39.48
CA HIS I 44 34.05 -34.90 -40.22
C HIS I 44 34.29 -36.40 -40.18
N PRO I 45 33.56 -37.17 -41.00
CA PRO I 45 33.34 -38.60 -40.74
C PRO I 45 34.59 -39.47 -40.65
N GLU I 46 35.77 -38.97 -41.04
CA GLU I 46 37.02 -39.58 -40.60
C GLU I 46 38.04 -38.46 -40.52
N ASP I 47 38.42 -38.09 -39.32
CA ASP I 47 39.47 -37.09 -39.27
C ASP I 47 40.79 -37.72 -38.87
N PRO I 48 41.91 -37.15 -39.30
CA PRO I 48 43.21 -37.61 -38.81
C PRO I 48 43.55 -37.12 -37.42
N ARG I 49 42.67 -36.36 -36.76
CA ARG I 49 42.93 -35.88 -35.42
C ARG I 49 42.49 -36.86 -34.34
N ARG I 50 42.43 -38.15 -34.66
CA ARG I 50 42.07 -39.14 -33.66
C ARG I 50 43.29 -39.72 -32.97
N ILE I 51 44.22 -40.27 -33.75
CA ILE I 51 45.23 -41.18 -33.22
C ILE I 51 46.22 -40.46 -32.32
N TYR I 52 46.45 -39.18 -32.57
CA TYR I 52 47.34 -38.44 -31.69
C TYR I 52 46.70 -38.17 -30.34
N ARG I 53 45.36 -38.07 -30.29
CA ARG I 53 44.70 -37.92 -28.99
C ARG I 53 44.83 -39.19 -28.16
N ILE I 54 44.71 -40.35 -28.80
CA ILE I 54 44.87 -41.62 -28.10
C ILE I 54 46.31 -41.77 -27.62
N TYR I 55 47.27 -41.43 -28.47
CA TYR I 55 48.68 -41.52 -28.08
C TYR I 55 49.01 -40.55 -26.95
N LYS I 56 48.41 -39.36 -26.99
CA LYS I 56 48.63 -38.38 -25.94
C LYS I 56 48.04 -38.83 -24.61
N ILE I 57 46.81 -39.33 -24.63
CA ILE I 57 46.20 -39.77 -23.39
C ILE I 57 46.83 -41.05 -22.87
N LEU I 58 47.47 -41.84 -23.74
CA LEU I 58 48.25 -42.96 -23.26
C LEU I 58 49.54 -42.50 -22.60
N ALA I 59 50.13 -41.43 -23.12
CA ALA I 59 51.25 -40.83 -22.42
C ALA I 59 50.82 -40.17 -21.11
N GLU I 60 49.56 -39.77 -21.01
CA GLU I 60 49.13 -38.97 -19.87
C GLU I 60 49.00 -39.76 -18.58
N ASN I 61 48.94 -41.08 -18.65
CA ASN I 61 48.77 -41.88 -17.46
C ASN I 61 49.95 -42.82 -17.22
N GLY I 62 51.14 -42.38 -17.63
CA GLY I 62 52.35 -43.09 -17.31
C GLY I 62 52.52 -44.42 -18.00
N LEU I 63 51.69 -44.73 -18.98
CA LEU I 63 51.82 -45.98 -19.70
C LEU I 63 52.78 -45.87 -20.85
N ILE I 64 53.20 -44.66 -21.19
CA ILE I 64 54.10 -44.40 -22.30
C ILE I 64 55.15 -43.40 -21.82
N ASN I 65 56.42 -43.75 -21.99
CA ASN I 65 57.51 -42.85 -21.63
C ASN I 65 57.91 -42.03 -22.85
N ASP I 66 57.15 -40.97 -23.10
CA ASP I 66 57.53 -40.03 -24.14
C ASP I 66 57.00 -38.65 -23.79
N PRO I 67 57.89 -37.73 -23.36
CA PRO I 67 57.43 -36.40 -22.94
C PRO I 67 57.15 -35.47 -24.09
N THR I 68 57.42 -35.87 -25.32
CA THR I 68 57.32 -34.96 -26.46
C THR I 68 56.39 -35.45 -27.56
N LEU I 69 55.76 -36.62 -27.38
CA LEU I 69 54.75 -37.17 -28.30
C LEU I 69 55.30 -37.34 -29.72
N SER I 70 56.29 -38.22 -29.84
CA SER I 70 56.84 -38.57 -31.13
C SER I 70 57.20 -40.04 -31.14
N GLY I 71 57.30 -40.60 -32.35
CA GLY I 71 57.61 -42.02 -32.49
C GLY I 71 59.01 -42.32 -32.04
N VAL I 72 59.12 -42.91 -30.85
CA VAL I 72 60.42 -43.16 -30.23
C VAL I 72 60.56 -44.64 -29.95
N ASP I 73 61.67 -45.02 -29.34
CA ASP I 73 61.90 -46.41 -28.96
C ASP I 73 61.75 -46.64 -27.47
N ASP I 74 62.18 -45.68 -26.65
CA ASP I 74 62.15 -45.83 -25.20
C ASP I 74 60.72 -45.71 -24.68
N LEU I 75 59.92 -46.73 -24.94
CA LEU I 75 58.50 -46.65 -24.62
C LEU I 75 58.25 -46.83 -23.13
N GLY I 76 59.14 -47.53 -22.46
CA GLY I 76 59.03 -47.71 -21.03
C GLY I 76 59.18 -49.14 -20.61
N ASP I 77 58.56 -49.50 -19.49
CA ASP I 77 58.69 -50.83 -18.91
C ASP I 77 57.45 -51.68 -19.13
N LEU I 78 56.33 -51.09 -19.55
CA LEU I 78 55.10 -51.83 -19.67
C LEU I 78 54.67 -52.07 -21.11
N MET I 79 55.24 -51.34 -22.06
CA MET I 79 54.83 -51.48 -23.45
C MET I 79 56.07 -51.49 -24.33
N LEU I 80 55.96 -52.17 -25.46
CA LEU I 80 57.06 -52.31 -26.41
C LEU I 80 56.65 -51.73 -27.74
N LYS I 81 57.50 -50.88 -28.30
CA LYS I 81 57.23 -50.27 -29.60
C LYS I 81 57.47 -51.29 -30.69
N ILE I 82 56.47 -51.47 -31.54
CA ILE I 82 56.57 -52.33 -32.71
C ILE I 82 56.93 -51.45 -33.89
N PRO I 83 57.97 -51.77 -34.65
CA PRO I 83 58.27 -50.98 -35.85
C PRO I 83 57.23 -51.20 -36.92
N VAL I 84 56.94 -50.13 -37.66
CA VAL I 84 55.88 -50.14 -38.66
C VAL I 84 56.50 -50.17 -40.04
N ARG I 85 55.93 -50.99 -40.92
CA ARG I 85 56.33 -51.05 -42.31
C ARG I 85 55.10 -51.05 -43.19
N ALA I 86 55.20 -50.39 -44.34
CA ALA I 86 54.13 -50.45 -45.31
C ALA I 86 54.10 -51.81 -45.98
N ALA I 87 52.90 -52.25 -46.33
CA ALA I 87 52.76 -53.58 -46.90
C ALA I 87 53.29 -53.61 -48.33
N THR I 88 53.66 -54.79 -48.78
CA THR I 88 53.93 -54.91 -50.20
C THR I 88 52.62 -55.05 -50.95
N SER I 89 52.71 -54.95 -52.27
CA SER I 89 51.53 -55.06 -53.12
C SER I 89 50.98 -56.48 -53.14
N GLU I 90 51.84 -57.47 -52.88
CA GLU I 90 51.43 -58.87 -52.99
C GLU I 90 50.45 -59.23 -51.89
N GLU I 91 50.67 -58.69 -50.69
CA GLU I 91 49.84 -59.01 -49.56
C GLU I 91 48.46 -58.39 -49.69
N ILE I 92 48.40 -57.17 -50.24
CA ILE I 92 47.11 -56.56 -50.55
C ILE I 92 46.44 -57.33 -51.67
N LEU I 93 47.24 -57.80 -52.63
CA LEU I 93 46.74 -58.61 -53.73
C LEU I 93 46.30 -60.00 -53.29
N GLU I 94 46.69 -60.43 -52.10
CA GLU I 94 46.21 -61.71 -51.59
C GLU I 94 44.71 -61.69 -51.33
N VAL I 95 44.13 -60.50 -51.10
CA VAL I 95 42.69 -60.39 -50.95
C VAL I 95 42.07 -59.44 -51.97
N HIS I 96 42.80 -58.48 -52.51
CA HIS I 96 42.20 -57.48 -53.39
C HIS I 96 42.51 -57.79 -54.85
N THR I 97 41.63 -57.30 -55.73
CA THR I 97 41.83 -57.45 -57.16
C THR I 97 42.97 -56.55 -57.63
N LYS I 98 43.53 -56.91 -58.78
CA LYS I 98 44.63 -56.13 -59.34
C LYS I 98 44.15 -54.77 -59.84
N GLU I 99 42.93 -54.73 -60.38
CA GLU I 99 42.40 -53.50 -60.95
C GLU I 99 42.10 -52.46 -59.88
N HIS I 100 41.77 -52.91 -58.67
CA HIS I 100 41.64 -51.99 -57.53
C HIS I 100 42.98 -51.33 -57.22
N LEU I 101 44.05 -52.12 -57.24
CA LEU I 101 45.39 -51.56 -57.03
C LEU I 101 45.78 -50.63 -58.15
N GLU I 102 45.41 -50.97 -59.40
CA GLU I 102 45.66 -50.05 -60.50
C GLU I 102 44.84 -48.78 -60.38
N PHE I 103 43.65 -48.87 -59.79
CA PHE I 103 42.84 -47.68 -59.57
C PHE I 103 43.47 -46.76 -58.55
N ILE I 104 44.02 -47.33 -57.47
CA ILE I 104 44.69 -46.50 -56.48
C ILE I 104 46.03 -45.99 -57.02
N GLU I 105 46.71 -46.78 -57.84
CA GLU I 105 47.90 -46.33 -58.54
C GLU I 105 47.60 -45.25 -59.56
N SER I 106 46.37 -45.18 -60.05
CA SER I 106 45.96 -44.03 -60.84
C SER I 106 45.71 -42.84 -59.94
N THR I 107 45.04 -43.06 -58.83
CA THR I 107 44.62 -42.00 -57.93
C THR I 107 45.80 -41.31 -57.24
N GLU I 108 46.95 -42.00 -57.15
CA GLU I 108 48.12 -41.39 -56.52
C GLU I 108 48.67 -40.22 -57.31
N LYS I 109 48.46 -40.20 -58.64
CA LYS I 109 49.11 -39.26 -59.54
C LYS I 109 48.09 -38.52 -60.39
N MET I 110 46.88 -38.30 -59.86
CA MET I 110 45.87 -37.58 -60.61
C MET I 110 46.10 -36.08 -60.50
N SER I 111 45.24 -35.32 -61.15
CA SER I 111 45.25 -33.88 -61.00
C SER I 111 44.27 -33.48 -59.91
N ARG I 112 43.99 -32.18 -59.77
CA ARG I 112 43.06 -31.72 -58.75
C ARG I 112 41.62 -32.02 -59.14
N GLU I 113 41.23 -31.68 -60.36
CA GLU I 113 39.85 -31.85 -60.78
C GLU I 113 39.50 -33.32 -60.99
N GLU I 114 40.47 -34.12 -61.42
CA GLU I 114 40.27 -35.56 -61.50
C GLU I 114 40.04 -36.14 -60.12
N LEU I 115 40.77 -35.63 -59.12
CA LEU I 115 40.57 -36.06 -57.74
C LEU I 115 39.19 -35.65 -57.24
N LEU I 116 38.73 -34.46 -57.62
CA LEU I 116 37.40 -34.01 -57.19
C LEU I 116 36.29 -34.86 -57.81
N LYS I 117 36.47 -35.21 -59.08
CA LYS I 117 35.51 -36.09 -59.76
C LYS I 117 35.52 -37.47 -59.12
N GLU I 118 36.69 -37.96 -58.70
CA GLU I 118 36.75 -39.26 -58.07
C GLU I 118 36.16 -39.25 -56.67
N THR I 119 36.31 -38.14 -55.93
CA THR I 119 35.69 -38.03 -54.62
C THR I 119 34.18 -37.99 -54.71
N GLU I 120 33.65 -37.30 -55.71
CA GLU I 120 32.21 -37.31 -55.87
C GLU I 120 31.74 -38.66 -56.41
N LYS I 121 32.60 -39.35 -57.17
CA LYS I 121 32.17 -40.51 -57.93
C LYS I 121 31.92 -41.72 -57.05
N GLY I 122 32.86 -42.02 -56.15
CA GLY I 122 32.80 -43.23 -55.36
C GLY I 122 31.69 -43.22 -54.32
N ASP I 123 31.62 -44.32 -53.56
CA ASP I 123 30.59 -44.50 -52.55
C ASP I 123 31.16 -44.08 -51.19
N SER I 124 30.88 -42.82 -50.83
CA SER I 124 31.13 -42.25 -49.51
C SER I 124 32.60 -42.29 -49.13
N VAL I 125 33.46 -42.09 -50.12
CA VAL I 125 34.90 -42.07 -49.89
C VAL I 125 35.43 -40.73 -50.34
N TYR I 126 36.75 -40.56 -50.22
CA TYR I 126 37.42 -39.38 -50.76
C TYR I 126 38.86 -39.79 -51.03
N PHE I 127 39.61 -38.88 -51.65
CA PHE I 127 40.97 -39.19 -52.06
C PHE I 127 41.86 -37.98 -51.86
N ASN I 128 43.14 -38.19 -52.11
CA ASN I 128 44.17 -37.15 -52.10
C ASN I 128 45.36 -37.69 -52.86
N ASN I 129 46.31 -36.80 -53.17
CA ASN I 129 47.54 -37.26 -53.79
C ASN I 129 48.38 -38.05 -52.80
N ASP I 130 48.30 -37.73 -51.52
CA ASP I 130 49.00 -38.49 -50.49
C ASP I 130 48.08 -39.54 -49.88
N SER I 131 47.56 -40.39 -50.76
CA SER I 131 46.66 -41.46 -50.35
C SER I 131 47.24 -42.85 -50.55
N TYR I 132 48.23 -43.01 -51.43
CA TYR I 132 48.71 -44.35 -51.74
C TYR I 132 49.53 -44.93 -50.59
N ALA I 133 50.65 -44.28 -50.25
CA ALA I 133 51.51 -44.79 -49.20
C ALA I 133 50.81 -44.75 -47.84
N SER I 134 49.95 -43.76 -47.63
CA SER I 134 49.17 -43.72 -46.40
C SER I 134 48.09 -44.79 -46.35
N ALA I 135 47.77 -45.43 -47.48
CA ALA I 135 47.00 -46.65 -47.44
C ALA I 135 47.87 -47.89 -47.39
N ARG I 136 49.15 -47.75 -47.73
CA ARG I 136 50.04 -48.89 -47.76
C ARG I 136 50.60 -49.19 -46.38
N LEU I 137 50.70 -48.18 -45.53
CA LEU I 137 51.15 -48.24 -44.14
C LEU I 137 50.29 -48.96 -43.10
N PRO I 138 48.91 -48.87 -43.11
CA PRO I 138 48.16 -49.51 -42.02
C PRO I 138 48.27 -51.01 -41.90
N CYS I 139 47.84 -51.72 -42.95
CA CYS I 139 47.62 -53.15 -42.85
C CYS I 139 48.92 -53.92 -42.65
N GLY I 140 49.96 -53.52 -43.39
CA GLY I 140 51.29 -54.08 -43.15
C GLY I 140 51.78 -53.82 -41.74
N GLY I 141 51.50 -52.62 -41.22
CA GLY I 141 51.74 -52.36 -39.81
C GLY I 141 50.93 -53.27 -38.93
N ALA I 142 49.66 -53.48 -39.29
CA ALA I 142 48.84 -54.48 -38.62
C ALA I 142 49.43 -55.87 -38.79
N ILE I 143 50.01 -56.14 -39.97
CA ILE I 143 50.67 -57.41 -40.21
C ILE I 143 51.88 -57.56 -39.31
N GLU I 144 52.52 -56.44 -38.96
CA GLU I 144 53.58 -56.47 -37.96
C GLU I 144 53.04 -56.88 -36.60
N ALA I 145 51.86 -56.36 -36.23
CA ALA I 145 51.36 -56.44 -34.87
C ALA I 145 51.07 -57.87 -34.45
N CYS I 146 50.26 -58.57 -35.24
CA CYS I 146 50.02 -60.00 -35.04
C CYS I 146 51.29 -60.81 -35.18
N LYS I 147 52.26 -60.32 -35.94
CA LYS I 147 53.53 -61.02 -36.04
C LYS I 147 54.29 -60.96 -34.72
N ALA I 148 54.08 -59.90 -33.94
CA ALA I 148 54.64 -59.90 -32.60
C ALA I 148 53.80 -60.74 -31.65
N VAL I 149 52.59 -61.10 -32.04
CA VAL I 149 51.68 -61.81 -31.16
C VAL I 149 51.87 -63.31 -31.27
N VAL I 150 51.86 -63.83 -32.50
CA VAL I 150 51.96 -65.27 -32.70
C VAL I 150 53.36 -65.76 -32.34
N GLU I 151 54.37 -64.95 -32.66
CA GLU I 151 55.74 -65.30 -32.32
C GLU I 151 56.08 -65.01 -30.87
N GLY I 152 55.14 -64.47 -30.09
CA GLY I 152 55.27 -64.43 -28.65
C GLY I 152 56.27 -63.43 -28.13
N ARG I 153 56.61 -62.40 -28.89
CA ARG I 153 57.51 -61.39 -28.38
C ARG I 153 56.83 -60.47 -27.38
N VAL I 154 55.51 -60.34 -27.45
CA VAL I 154 54.74 -59.51 -26.52
C VAL I 154 53.57 -60.33 -26.00
N LYS I 155 52.91 -59.77 -24.98
CA LYS I 155 51.69 -60.40 -24.49
C LYS I 155 50.56 -60.21 -25.49
N ASN I 156 50.20 -58.95 -25.73
CA ASN I 156 49.10 -58.60 -26.61
C ASN I 156 49.51 -57.34 -27.37
N SER I 157 48.78 -57.05 -28.44
CA SER I 157 49.15 -55.90 -29.26
C SER I 157 47.97 -54.97 -29.46
N LEU I 158 48.25 -53.68 -29.41
CA LEU I 158 47.30 -52.63 -29.76
C LEU I 158 47.93 -51.79 -30.87
N ALA I 159 47.24 -51.68 -32.00
CA ALA I 159 47.74 -50.96 -33.15
C ALA I 159 46.81 -49.80 -33.44
N VAL I 160 47.06 -48.66 -32.80
CA VAL I 160 46.24 -47.48 -33.03
C VAL I 160 46.58 -46.89 -34.40
N VAL I 161 45.75 -47.22 -35.38
CA VAL I 161 46.10 -47.13 -36.79
C VAL I 161 44.89 -46.63 -37.56
N ARG I 162 45.09 -45.60 -38.39
CA ARG I 162 44.08 -45.09 -39.31
C ARG I 162 44.65 -45.11 -40.72
N PRO I 163 43.81 -45.09 -41.77
CA PRO I 163 42.36 -45.13 -41.94
C PRO I 163 41.79 -46.49 -41.61
N PRO I 164 40.49 -46.57 -41.35
CA PRO I 164 39.86 -47.87 -41.11
C PRO I 164 39.86 -48.75 -42.35
N GLY I 165 39.65 -50.04 -42.12
CA GLY I 165 39.72 -51.02 -43.17
C GLY I 165 38.69 -52.14 -43.10
N HIS I 166 37.49 -51.85 -42.60
CA HIS I 166 36.48 -52.88 -42.47
C HIS I 166 35.28 -52.67 -43.38
N HIS I 167 35.32 -51.67 -44.27
CA HIS I 167 34.24 -51.49 -45.22
C HIS I 167 34.61 -51.79 -46.66
N ALA I 168 35.90 -51.83 -46.98
CA ALA I 168 36.33 -52.00 -48.37
C ALA I 168 36.12 -53.44 -48.82
N GLU I 169 35.64 -53.60 -50.04
CA GLU I 169 35.44 -54.87 -50.71
C GLU I 169 36.69 -55.25 -51.48
N PRO I 170 36.88 -56.54 -51.81
CA PRO I 170 37.98 -56.91 -52.71
C PRO I 170 37.84 -56.31 -54.08
N GLN I 171 36.61 -56.10 -54.54
CA GLN I 171 36.35 -55.48 -55.83
C GLN I 171 36.59 -53.98 -55.77
N ALA I 172 35.83 -53.28 -54.93
CA ALA I 172 35.87 -51.83 -54.90
C ALA I 172 35.97 -51.33 -53.48
N ALA I 173 36.17 -50.03 -53.34
CA ALA I 173 36.27 -49.37 -52.05
C ALA I 173 34.93 -48.79 -51.64
N GLY I 174 34.83 -48.41 -50.36
CA GLY I 174 33.59 -47.87 -49.85
C GLY I 174 33.68 -47.43 -48.40
N GLY I 175 32.95 -46.38 -48.04
CA GLY I 175 32.80 -45.95 -46.68
C GLY I 175 34.08 -45.49 -46.02
N PHE I 176 34.81 -44.60 -46.70
CA PHE I 176 36.10 -44.05 -46.27
C PHE I 176 37.14 -45.14 -46.01
N CYS I 177 37.02 -46.27 -46.69
CA CYS I 177 37.98 -47.36 -46.57
C CYS I 177 38.70 -47.51 -47.90
N LEU I 178 40.02 -47.71 -47.83
CA LEU I 178 40.85 -47.83 -49.01
C LEU I 178 41.22 -49.28 -49.29
N PHE I 179 41.81 -49.95 -48.32
CA PHE I 179 42.07 -51.37 -48.37
C PHE I 179 41.28 -52.05 -47.26
N SER I 180 41.45 -53.36 -47.16
CA SER I 180 41.12 -54.03 -45.93
C SER I 180 42.20 -53.79 -44.89
N ASN I 181 41.85 -54.03 -43.65
CA ASN I 181 42.84 -54.02 -42.59
C ASN I 181 42.94 -55.36 -41.90
N VAL I 182 41.84 -55.91 -41.42
CA VAL I 182 41.94 -57.12 -40.64
C VAL I 182 41.92 -58.36 -41.53
N ALA I 183 41.24 -58.30 -42.68
CA ALA I 183 41.12 -59.48 -43.53
C ALA I 183 42.45 -59.82 -44.18
N VAL I 184 43.16 -58.78 -44.62
CA VAL I 184 44.45 -58.96 -45.26
C VAL I 184 45.48 -59.48 -44.25
N ALA I 185 45.40 -59.00 -43.01
CA ALA I 185 46.33 -59.45 -41.99
C ALA I 185 46.04 -60.90 -41.58
N ALA I 186 44.74 -61.24 -41.50
CA ALA I 186 44.35 -62.61 -41.20
C ALA I 186 44.80 -63.57 -42.29
N LYS I 187 44.62 -63.16 -43.55
CA LYS I 187 45.11 -63.95 -44.67
C LYS I 187 46.62 -64.10 -44.63
N ASN I 188 47.32 -63.05 -44.20
CA ASN I 188 48.77 -63.09 -44.17
C ASN I 188 49.27 -64.03 -43.07
N ILE I 189 48.60 -64.05 -41.93
CA ILE I 189 49.04 -64.97 -40.89
C ILE I 189 48.65 -66.41 -41.22
N LEU I 190 47.49 -66.60 -41.86
CA LEU I 190 47.09 -67.95 -42.25
C LEU I 190 48.03 -68.51 -43.31
N LYS I 191 48.42 -67.68 -44.27
CA LYS I 191 49.34 -68.14 -45.29
C LYS I 191 50.75 -68.28 -44.73
N ASN I 192 51.15 -67.40 -43.83
CA ASN I 192 52.52 -67.41 -43.34
C ASN I 192 52.75 -68.44 -42.26
N TYR I 193 51.73 -68.72 -41.45
CA TYR I 193 51.83 -69.70 -40.36
C TYR I 193 50.67 -70.66 -40.40
N PRO I 194 50.69 -71.66 -41.28
CA PRO I 194 49.72 -72.75 -41.13
C PRO I 194 50.23 -73.86 -40.22
N GLU I 195 50.85 -73.48 -39.11
CA GLU I 195 51.37 -74.41 -38.12
C GLU I 195 50.94 -74.05 -36.71
N SER I 196 50.92 -72.78 -36.37
CA SER I 196 50.58 -72.33 -35.03
C SER I 196 49.19 -71.73 -34.95
N VAL I 197 48.66 -71.26 -36.06
CA VAL I 197 47.34 -70.64 -36.12
C VAL I 197 46.48 -71.46 -37.07
N ARG I 198 45.37 -71.97 -36.56
CA ARG I 198 44.47 -72.78 -37.35
C ARG I 198 43.05 -72.25 -37.39
N ARG I 199 42.66 -71.42 -36.43
CA ARG I 199 41.32 -70.85 -36.39
C ARG I 199 41.42 -69.44 -35.83
N ILE I 200 40.79 -68.49 -36.50
CA ILE I 200 40.80 -67.10 -36.08
C ILE I 200 39.37 -66.62 -35.93
N MET I 201 39.06 -66.09 -34.76
CA MET I 201 37.77 -65.46 -34.52
C MET I 201 37.96 -63.95 -34.56
N ILE I 202 37.08 -63.28 -35.29
CA ILE I 202 37.13 -61.84 -35.46
C ILE I 202 35.83 -61.25 -34.97
N LEU I 203 35.93 -60.20 -34.17
CA LEU I 203 34.76 -59.52 -33.62
C LEU I 203 34.75 -58.08 -34.11
N ASP I 204 33.55 -57.54 -34.26
CA ASP I 204 33.34 -56.16 -34.68
C ASP I 204 32.33 -55.51 -33.75
N TRP I 205 32.74 -54.44 -33.08
CA TRP I 205 31.78 -53.59 -32.37
C TRP I 205 31.69 -52.19 -32.96
N ASP I 206 32.16 -51.99 -34.19
CA ASP I 206 31.80 -50.76 -34.88
C ASP I 206 30.30 -50.81 -35.15
N ILE I 207 29.64 -49.68 -34.93
CA ILE I 207 28.19 -49.63 -35.05
C ILE I 207 27.71 -49.73 -36.49
N HIS I 208 28.62 -49.63 -37.45
CA HIS I 208 28.31 -49.94 -38.84
C HIS I 208 28.74 -51.37 -39.14
N HIS I 209 28.00 -52.01 -40.03
CA HIS I 209 28.25 -53.41 -40.34
C HIS I 209 29.53 -53.57 -41.14
N GLY I 210 30.39 -54.47 -40.69
CA GLY I 210 31.64 -54.71 -41.37
C GLY I 210 31.44 -55.60 -42.59
N ASN I 211 30.92 -55.00 -43.65
CA ASN I 211 30.53 -55.76 -44.83
C ASN I 211 31.72 -56.33 -45.58
N GLY I 212 32.84 -55.61 -45.60
CA GLY I 212 33.93 -55.98 -46.48
C GLY I 212 34.64 -57.24 -46.05
N THR I 213 35.03 -57.30 -44.77
CA THR I 213 35.67 -58.50 -44.26
C THR I 213 34.70 -59.66 -44.15
N GLN I 214 33.41 -59.36 -44.01
CA GLN I 214 32.38 -60.38 -44.10
C GLN I 214 32.38 -61.03 -45.47
N LYS I 215 32.47 -60.20 -46.51
CA LYS I 215 32.53 -60.72 -47.86
C LYS I 215 33.85 -61.45 -48.11
N SER I 216 34.94 -60.99 -47.49
CA SER I 216 36.24 -61.57 -47.76
C SER I 216 36.41 -62.97 -47.22
N PHE I 217 35.60 -63.36 -46.24
CA PHE I 217 35.65 -64.72 -45.70
C PHE I 217 34.27 -65.33 -45.65
N TYR I 218 33.41 -65.00 -46.61
CA TYR I 218 32.03 -65.47 -46.53
C TYR I 218 31.90 -66.96 -46.85
N GLN I 219 32.92 -67.58 -47.42
CA GLN I 219 32.86 -68.99 -47.76
C GLN I 219 34.02 -69.79 -47.18
N ASP I 220 34.65 -69.30 -46.13
CA ASP I 220 35.76 -69.98 -45.49
C ASP I 220 35.36 -70.43 -44.09
N ASP I 221 36.15 -71.37 -43.55
CA ASP I 221 35.88 -71.92 -42.23
C ASP I 221 36.90 -71.52 -41.17
N GLN I 222 38.13 -71.18 -41.56
CA GLN I 222 39.15 -70.84 -40.58
C GLN I 222 38.96 -69.47 -39.96
N VAL I 223 37.99 -68.69 -40.46
CA VAL I 223 37.66 -67.38 -39.91
C VAL I 223 36.22 -67.45 -39.42
N LEU I 224 36.02 -67.14 -38.15
CA LEU I 224 34.68 -67.01 -37.59
C LEU I 224 34.42 -65.53 -37.39
N TYR I 225 33.44 -65.00 -38.11
CA TYR I 225 33.16 -63.57 -38.08
C TYR I 225 31.92 -63.31 -37.25
N VAL I 226 32.01 -62.34 -36.33
CA VAL I 226 30.86 -61.91 -35.54
C VAL I 226 30.87 -60.40 -35.51
N SER I 227 29.76 -59.78 -35.93
CA SER I 227 29.66 -58.33 -35.86
C SER I 227 28.42 -57.91 -35.10
N LEU I 228 28.46 -56.66 -34.63
CA LEU I 228 27.32 -56.05 -33.97
C LEU I 228 27.08 -54.69 -34.60
N HIS I 229 25.85 -54.45 -35.05
CA HIS I 229 25.53 -53.16 -35.67
C HIS I 229 24.02 -52.98 -35.65
N ARG I 230 23.60 -51.74 -35.89
CA ARG I 230 22.19 -51.46 -36.08
C ARG I 230 21.81 -51.80 -37.51
N PHE I 231 20.59 -52.33 -37.70
CA PHE I 231 20.23 -52.72 -39.05
C PHE I 231 19.45 -51.67 -39.81
N GLU I 232 18.18 -51.43 -39.41
CA GLU I 232 17.27 -50.43 -39.98
C GLU I 232 17.26 -50.43 -41.51
N MET I 233 16.69 -51.53 -42.04
CA MET I 233 16.99 -52.16 -43.34
C MET I 233 17.40 -51.24 -44.48
N GLY I 234 16.68 -50.14 -44.67
CA GLY I 234 17.02 -49.24 -45.75
C GLY I 234 17.78 -48.00 -45.35
N LYS I 235 17.48 -47.47 -44.16
CA LYS I 235 17.88 -46.11 -43.83
C LYS I 235 19.35 -46.01 -43.41
N TYR I 236 19.70 -46.65 -42.31
CA TYR I 236 21.01 -46.45 -41.70
C TYR I 236 22.09 -47.11 -42.54
N TYR I 237 23.29 -46.53 -42.49
CA TYR I 237 24.39 -46.99 -43.31
C TYR I 237 24.85 -48.37 -42.85
N PRO I 238 25.20 -49.27 -43.78
CA PRO I 238 24.98 -49.15 -45.21
C PRO I 238 23.60 -49.63 -45.62
N GLY I 239 22.94 -50.40 -44.75
CA GLY I 239 21.58 -50.83 -44.99
C GLY I 239 21.42 -51.76 -46.17
N THR I 240 22.25 -52.78 -46.24
CA THR I 240 22.16 -53.77 -47.29
C THR I 240 21.63 -55.07 -46.70
N ILE I 241 21.40 -56.05 -47.58
CA ILE I 241 20.87 -57.33 -47.11
C ILE I 241 21.95 -58.19 -46.48
N GLN I 242 23.22 -57.85 -46.68
CA GLN I 242 24.31 -58.65 -46.13
C GLN I 242 24.46 -58.46 -44.62
N GLY I 243 23.92 -57.38 -44.08
CA GLY I 243 23.92 -57.16 -42.65
C GLY I 243 22.75 -57.76 -41.92
N GLN I 244 21.88 -58.49 -42.61
CA GLN I 244 20.71 -59.06 -41.96
C GLN I 244 21.12 -60.22 -41.07
N TYR I 245 20.27 -60.51 -40.09
CA TYR I 245 20.60 -61.47 -39.05
C TYR I 245 20.52 -62.92 -39.52
N ASP I 246 19.99 -63.19 -40.70
CA ASP I 246 19.88 -64.56 -41.19
C ASP I 246 20.99 -64.92 -42.17
N GLN I 247 21.88 -64.00 -42.48
CA GLN I 247 23.01 -64.30 -43.35
C GLN I 247 23.99 -65.17 -42.57
N THR I 248 23.99 -66.46 -42.86
CA THR I 248 24.75 -67.39 -42.04
C THR I 248 25.89 -68.04 -42.81
N GLY I 249 26.64 -67.25 -43.55
CA GLY I 249 27.70 -67.81 -44.34
C GLY I 249 27.14 -68.46 -45.59
N GLU I 250 28.01 -69.19 -46.27
CA GLU I 250 27.61 -69.84 -47.52
C GLU I 250 28.60 -70.95 -47.84
N GLY I 251 28.09 -72.05 -48.37
CA GLY I 251 28.94 -73.12 -48.82
C GLY I 251 29.58 -73.84 -47.65
N LYS I 252 30.89 -73.98 -47.69
CA LYS I 252 31.60 -74.50 -46.54
C LYS I 252 31.84 -73.45 -45.47
N GLY I 253 31.46 -72.20 -45.74
CA GLY I 253 31.48 -71.17 -44.74
C GLY I 253 30.17 -71.05 -43.99
N GLU I 254 29.30 -72.04 -44.12
CA GLU I 254 28.06 -72.05 -43.37
C GLU I 254 28.33 -72.36 -41.92
N GLY I 255 27.67 -71.63 -41.03
CA GLY I 255 27.95 -71.80 -39.62
C GLY I 255 29.26 -71.20 -39.19
N PHE I 256 29.70 -70.12 -39.85
CA PHE I 256 30.89 -69.40 -39.42
C PHE I 256 30.69 -67.90 -39.52
N ASN I 257 29.45 -67.45 -39.62
CA ASN I 257 29.12 -66.04 -39.82
C ASN I 257 28.00 -65.68 -38.87
N CYS I 258 28.12 -64.55 -38.17
CA CYS I 258 27.10 -64.15 -37.22
C CYS I 258 26.94 -62.64 -37.22
N ASN I 259 25.73 -62.19 -37.53
CA ASN I 259 25.34 -60.80 -37.37
C ASN I 259 24.55 -60.66 -36.09
N ILE I 260 24.72 -59.51 -35.44
CA ILE I 260 23.83 -59.07 -34.38
C ILE I 260 23.34 -57.69 -34.76
N THR I 261 22.03 -57.50 -34.75
CA THR I 261 21.44 -56.28 -35.28
C THR I 261 20.57 -55.64 -34.21
N TRP I 262 20.84 -54.41 -33.93
CA TRP I 262 19.97 -53.68 -33.01
C TRP I 262 18.76 -53.17 -33.78
N PRO I 263 17.55 -53.43 -33.31
CA PRO I 263 16.38 -52.90 -34.01
C PRO I 263 16.26 -51.40 -33.92
N VAL I 264 16.48 -50.84 -32.74
CA VAL I 264 16.32 -49.40 -32.52
C VAL I 264 17.64 -48.85 -32.01
N GLY I 265 17.98 -47.64 -32.44
CA GLY I 265 19.09 -46.95 -31.82
C GLY I 265 18.80 -46.59 -30.38
N GLY I 266 19.86 -46.55 -29.58
CA GLY I 266 19.72 -46.16 -28.18
C GLY I 266 19.98 -47.26 -27.18
N VAL I 267 20.78 -48.25 -27.55
CA VAL I 267 21.09 -49.32 -26.63
C VAL I 267 22.14 -48.83 -25.63
N GLY I 268 22.32 -49.57 -24.54
CA GLY I 268 23.29 -49.20 -23.53
C GLY I 268 24.31 -50.30 -23.30
N ASP I 269 24.79 -50.42 -22.07
CA ASP I 269 25.86 -51.36 -21.77
C ASP I 269 25.32 -52.78 -21.58
N ALA I 270 24.21 -52.91 -20.88
CA ALA I 270 23.76 -54.22 -20.46
C ALA I 270 23.22 -55.03 -21.62
N GLU I 271 22.82 -54.36 -22.70
CA GLU I 271 22.58 -55.07 -23.96
C GLU I 271 23.84 -55.79 -24.40
N TYR I 272 24.98 -55.11 -24.33
CA TYR I 272 26.23 -55.72 -24.77
C TYR I 272 26.66 -56.83 -23.83
N MET I 273 26.47 -56.60 -22.52
CA MET I 273 26.79 -57.62 -21.53
C MET I 273 25.92 -58.85 -21.71
N TRP I 274 24.63 -58.63 -21.97
CA TRP I 274 23.69 -59.73 -22.15
C TRP I 274 24.00 -60.48 -23.42
N ALA I 275 24.35 -59.76 -24.48
CA ALA I 275 24.69 -60.42 -25.73
C ALA I 275 25.97 -61.23 -25.61
N PHE I 276 26.91 -60.78 -24.80
CA PHE I 276 28.14 -61.54 -24.73
C PHE I 276 28.01 -62.73 -23.82
N GLU I 277 27.43 -62.54 -22.64
CA GLU I 277 27.29 -63.66 -21.71
C GLU I 277 26.26 -64.67 -22.18
N GLN I 278 25.31 -64.26 -23.03
CA GLN I 278 24.43 -65.26 -23.59
C GLN I 278 25.12 -66.03 -24.70
N VAL I 279 25.71 -65.32 -25.67
CA VAL I 279 25.93 -65.87 -27.00
C VAL I 279 27.40 -66.12 -27.29
N VAL I 280 28.23 -65.08 -27.23
CA VAL I 280 29.52 -65.19 -27.89
C VAL I 280 30.52 -66.02 -27.11
N MET I 281 30.34 -66.20 -25.82
CA MET I 281 31.27 -67.02 -25.08
C MET I 281 31.08 -68.52 -25.35
N PRO I 282 29.86 -69.09 -25.34
CA PRO I 282 29.76 -70.49 -25.74
C PRO I 282 30.14 -70.75 -27.18
N MET I 283 29.84 -69.82 -28.09
CA MET I 283 30.22 -70.04 -29.47
C MET I 283 31.72 -69.90 -29.66
N GLY I 284 32.35 -68.99 -28.93
CA GLY I 284 33.79 -68.85 -29.03
C GLY I 284 34.52 -70.04 -28.44
N ARG I 285 33.99 -70.58 -27.35
CA ARG I 285 34.59 -71.78 -26.80
C ARG I 285 34.32 -72.99 -27.67
N GLU I 286 33.18 -73.02 -28.35
CA GLU I 286 32.87 -74.14 -29.22
C GLU I 286 33.72 -74.09 -30.48
N PHE I 287 34.05 -72.89 -30.94
CA PHE I 287 34.87 -72.77 -32.14
C PHE I 287 36.31 -73.21 -31.89
N LYS I 288 36.77 -73.06 -30.64
CA LYS I 288 38.13 -73.34 -30.18
C LYS I 288 39.16 -72.65 -31.04
N PRO I 289 39.25 -71.33 -31.01
CA PRO I 289 40.15 -70.62 -31.92
C PRO I 289 41.59 -70.70 -31.45
N ASP I 290 42.49 -70.26 -32.32
CA ASP I 290 43.87 -70.05 -31.93
C ASP I 290 44.23 -68.58 -31.78
N LEU I 291 43.43 -67.68 -32.34
CA LEU I 291 43.70 -66.25 -32.23
C LEU I 291 42.41 -65.49 -32.43
N VAL I 292 42.16 -64.54 -31.55
CA VAL I 292 41.04 -63.62 -31.68
C VAL I 292 41.59 -62.27 -32.11
N ILE I 293 40.81 -61.58 -32.93
CA ILE I 293 41.14 -60.25 -33.43
C ILE I 293 39.92 -59.37 -33.23
N ILE I 294 40.16 -58.12 -32.88
CA ILE I 294 39.11 -57.14 -32.63
C ILE I 294 39.24 -56.05 -33.68
N SER I 295 38.16 -55.78 -34.39
CA SER I 295 38.02 -54.55 -35.16
C SER I 295 37.17 -53.63 -34.29
N SER I 296 37.84 -52.74 -33.57
CA SER I 296 37.16 -51.88 -32.62
C SER I 296 36.69 -50.60 -33.28
N GLY I 297 35.51 -50.16 -32.89
CA GLY I 297 35.04 -48.84 -33.24
C GLY I 297 34.25 -48.26 -32.09
N PHE I 298 34.67 -47.12 -31.58
CA PHE I 298 34.07 -46.53 -30.40
C PHE I 298 32.93 -45.59 -30.73
N ASP I 299 32.41 -45.68 -31.94
CA ASP I 299 31.32 -44.81 -32.37
C ASP I 299 30.04 -45.05 -31.59
N ALA I 300 29.90 -46.22 -30.97
CA ALA I 300 28.72 -46.53 -30.19
C ALA I 300 28.86 -46.12 -28.74
N ALA I 301 29.89 -45.36 -28.38
CA ALA I 301 30.03 -44.95 -27.01
C ALA I 301 29.05 -43.83 -26.66
N ASP I 302 28.99 -43.51 -25.39
CA ASP I 302 28.15 -42.41 -24.96
C ASP I 302 28.77 -41.09 -25.36
N GLY I 303 27.92 -40.08 -25.54
CA GLY I 303 28.39 -38.78 -25.96
C GLY I 303 28.74 -38.70 -27.42
N ASP I 304 28.05 -39.47 -28.27
CA ASP I 304 28.33 -39.48 -29.70
C ASP I 304 27.04 -39.21 -30.45
N THR I 305 27.09 -38.25 -31.37
CA THR I 305 25.90 -37.84 -32.11
C THR I 305 25.80 -38.50 -33.47
N ILE I 306 26.34 -39.71 -33.62
CA ILE I 306 26.13 -40.52 -34.82
C ILE I 306 25.31 -41.75 -34.50
N GLY I 307 25.78 -42.58 -33.58
CA GLY I 307 25.07 -43.79 -33.25
C GLY I 307 24.07 -43.60 -32.14
N GLN I 308 24.37 -42.69 -31.23
CA GLN I 308 23.54 -42.34 -30.08
C GLN I 308 23.24 -43.55 -29.20
N CYS I 309 24.28 -44.12 -28.63
CA CYS I 309 24.16 -45.17 -27.63
C CYS I 309 24.87 -44.72 -26.36
N HIS I 310 24.91 -45.61 -25.38
CA HIS I 310 25.32 -45.23 -24.04
C HIS I 310 26.30 -46.24 -23.45
N VAL I 311 27.35 -46.55 -24.20
CA VAL I 311 28.35 -47.51 -23.73
C VAL I 311 29.41 -46.73 -22.97
N THR I 312 29.37 -46.83 -21.64
CA THR I 312 30.44 -46.31 -20.80
C THR I 312 31.70 -47.14 -21.03
N PRO I 313 32.89 -46.58 -20.79
CA PRO I 313 34.12 -47.34 -21.08
C PRO I 313 34.34 -48.53 -20.17
N SER I 314 33.67 -48.58 -19.02
CA SER I 314 33.71 -49.76 -18.17
C SER I 314 33.13 -50.97 -18.88
N CYS I 315 32.11 -50.74 -19.71
CA CYS I 315 31.55 -51.82 -20.51
C CYS I 315 32.57 -52.34 -21.50
N TYR I 316 33.36 -51.44 -22.10
CA TYR I 316 34.46 -51.86 -22.96
C TYR I 316 35.48 -52.68 -22.19
N GLY I 317 35.71 -52.31 -20.93
CA GLY I 317 36.65 -53.08 -20.12
C GLY I 317 36.17 -54.50 -19.88
N HIS I 318 34.89 -54.66 -19.54
CA HIS I 318 34.35 -56.00 -19.33
C HIS I 318 34.37 -56.81 -20.60
N MET I 319 34.12 -56.14 -21.73
CA MET I 319 34.24 -56.74 -23.06
C MET I 319 35.61 -57.35 -23.26
N THR I 320 36.65 -56.51 -23.18
CA THR I 320 37.97 -57.01 -23.51
C THR I 320 38.51 -57.93 -22.45
N HIS I 321 37.99 -57.88 -21.22
CA HIS I 321 38.40 -58.85 -20.22
C HIS I 321 37.89 -60.24 -20.57
N MET I 322 36.61 -60.35 -20.94
CA MET I 322 36.10 -61.64 -21.34
C MET I 322 36.75 -62.13 -22.64
N LEU I 323 37.08 -61.20 -23.53
CA LEU I 323 37.73 -61.62 -24.76
C LEU I 323 39.16 -62.05 -24.53
N LYS I 324 39.82 -61.47 -23.52
CA LYS I 324 41.12 -61.98 -23.11
C LYS I 324 40.98 -63.37 -22.53
N SER I 325 39.89 -63.59 -21.79
CA SER I 325 39.63 -64.92 -21.23
C SER I 325 39.34 -65.95 -22.32
N LEU I 326 38.88 -65.51 -23.48
CA LEU I 326 38.47 -66.45 -24.52
C LEU I 326 39.66 -67.22 -25.08
N ALA I 327 40.61 -66.53 -25.69
CA ALA I 327 41.76 -67.22 -26.23
C ALA I 327 42.73 -67.58 -25.12
N ARG I 328 43.84 -68.22 -25.49
CA ARG I 328 44.85 -68.54 -24.51
C ARG I 328 45.67 -67.34 -24.07
N GLY I 329 45.53 -66.21 -24.74
CA GLY I 329 46.23 -65.01 -24.33
C GLY I 329 46.69 -64.18 -25.50
N ASN I 330 46.74 -64.78 -26.68
CA ASN I 330 47.14 -64.05 -27.86
C ASN I 330 46.00 -63.15 -28.34
N LEU I 331 46.32 -61.90 -28.65
CA LEU I 331 45.28 -60.91 -28.94
C LEU I 331 45.87 -59.68 -29.61
N CYS I 332 45.13 -59.14 -30.57
CA CYS I 332 45.50 -57.90 -31.24
C CYS I 332 44.25 -57.06 -31.43
N VAL I 333 44.38 -55.75 -31.20
CA VAL I 333 43.26 -54.82 -31.29
C VAL I 333 43.63 -53.69 -32.23
N VAL I 334 42.83 -53.49 -33.27
CA VAL I 334 42.94 -52.34 -34.15
C VAL I 334 41.68 -51.49 -33.99
N LEU I 335 41.71 -50.30 -34.61
CA LEU I 335 40.64 -49.32 -34.45
C LEU I 335 40.03 -48.97 -35.79
N GLU I 336 38.70 -48.93 -35.85
CA GLU I 336 37.98 -48.56 -37.07
C GLU I 336 37.21 -47.25 -36.93
N GLY I 337 36.28 -47.15 -35.97
CA GLY I 337 35.34 -46.05 -35.93
C GLY I 337 35.80 -44.91 -35.03
N GLY I 338 34.88 -43.97 -34.82
CA GLY I 338 35.13 -42.88 -33.90
C GLY I 338 34.76 -41.50 -34.42
N TYR I 339 33.98 -40.76 -33.65
CA TYR I 339 33.61 -39.40 -34.04
C TYR I 339 33.87 -38.37 -32.96
N ASN I 340 33.63 -38.69 -31.70
CA ASN I 340 33.85 -37.77 -30.61
C ASN I 340 35.12 -38.15 -29.88
N LEU I 341 36.00 -37.17 -29.69
CA LEU I 341 37.36 -37.48 -29.27
C LEU I 341 37.45 -37.87 -27.80
N ASP I 342 36.63 -37.28 -26.94
CA ASP I 342 36.74 -37.57 -25.51
C ASP I 342 36.30 -38.98 -25.19
N ALA I 343 35.27 -39.46 -25.89
CA ALA I 343 34.77 -40.80 -25.68
C ALA I 343 35.78 -41.83 -26.14
N ILE I 344 36.38 -41.62 -27.31
CA ILE I 344 37.37 -42.57 -27.78
C ILE I 344 38.65 -42.49 -26.97
N ALA I 345 38.91 -41.34 -26.36
CA ALA I 345 40.04 -41.23 -25.45
C ALA I 345 39.82 -42.06 -24.20
N ARG I 346 38.65 -41.92 -23.57
CA ARG I 346 38.36 -42.67 -22.36
C ARG I 346 38.25 -44.17 -22.64
N SER I 347 37.69 -44.51 -23.79
CA SER I 347 37.59 -45.90 -24.21
C SER I 347 38.96 -46.52 -24.41
N ALA I 348 39.85 -45.80 -25.10
CA ALA I 348 41.19 -46.29 -25.33
C ALA I 348 41.95 -46.43 -24.02
N LEU I 349 41.69 -45.52 -23.08
CA LEU I 349 42.30 -45.62 -21.76
C LEU I 349 41.89 -46.90 -21.05
N SER I 350 40.60 -47.22 -21.07
CA SER I 350 40.13 -48.39 -20.36
C SER I 350 40.60 -49.68 -21.03
N VAL I 351 40.62 -49.70 -22.36
CA VAL I 351 41.04 -50.93 -23.02
C VAL I 351 42.54 -51.13 -22.88
N ALA I 352 43.30 -50.04 -22.76
CA ALA I 352 44.73 -50.20 -22.52
C ALA I 352 44.99 -50.67 -21.10
N LYS I 353 44.19 -50.18 -20.14
CA LYS I 353 44.31 -50.63 -18.77
C LYS I 353 44.05 -52.12 -18.65
N VAL I 354 43.05 -52.62 -19.36
CA VAL I 354 42.78 -54.05 -19.26
C VAL I 354 43.82 -54.84 -20.03
N LEU I 355 44.26 -54.33 -21.19
CA LEU I 355 45.22 -55.07 -22.00
C LEU I 355 46.59 -55.12 -21.37
N ILE I 356 46.89 -54.22 -20.44
CA ILE I 356 48.09 -54.46 -19.63
C ILE I 356 47.84 -55.59 -18.65
N GLY I 357 46.64 -55.63 -18.05
CA GLY I 357 46.33 -56.73 -17.15
C GLY I 357 45.47 -56.35 -15.97
N GLU I 358 45.10 -55.08 -15.88
CA GLU I 358 44.33 -54.61 -14.74
C GLU I 358 42.89 -55.08 -14.85
N PRO I 359 42.24 -55.35 -13.71
CA PRO I 359 40.85 -55.77 -13.75
C PRO I 359 39.97 -54.62 -14.16
N PRO I 360 38.89 -54.88 -14.89
CA PRO I 360 37.99 -53.81 -15.29
C PRO I 360 37.21 -53.30 -14.10
N ASP I 361 36.87 -52.02 -14.16
CA ASP I 361 36.15 -51.40 -13.05
C ASP I 361 34.69 -51.80 -13.11
N GLU I 362 33.92 -51.33 -12.13
CA GLU I 362 32.53 -51.74 -12.04
C GLU I 362 31.69 -50.96 -13.04
N LEU I 363 30.49 -51.49 -13.28
CA LEU I 363 29.53 -50.80 -14.11
C LEU I 363 29.02 -49.56 -13.38
N PRO I 364 28.73 -48.49 -14.12
CA PRO I 364 28.13 -47.32 -13.47
C PRO I 364 26.72 -47.58 -13.00
N ASP I 365 26.04 -48.55 -13.60
CA ASP I 365 24.77 -49.02 -13.10
C ASP I 365 24.56 -50.45 -13.57
N PRO I 366 24.21 -51.34 -12.69
CA PRO I 366 23.88 -52.71 -13.11
C PRO I 366 22.39 -52.95 -13.25
N LEU I 367 21.57 -52.01 -12.80
CA LEU I 367 20.12 -52.16 -12.83
C LEU I 367 19.60 -51.37 -14.03
N SER I 368 19.53 -52.03 -15.15
CA SER I 368 19.03 -51.32 -16.32
C SER I 368 17.90 -52.06 -17.02
N ASP I 369 17.94 -53.40 -17.05
CA ASP I 369 16.93 -54.28 -17.62
C ASP I 369 16.65 -53.93 -19.07
N PRO I 370 17.51 -54.35 -20.00
CA PRO I 370 17.57 -53.76 -21.35
C PRO I 370 16.30 -53.92 -22.16
N LYS I 371 16.32 -53.28 -23.34
CA LYS I 371 15.11 -53.07 -24.11
C LYS I 371 14.65 -54.37 -24.78
N PRO I 372 13.34 -54.63 -24.80
CA PRO I 372 12.85 -55.97 -25.17
C PRO I 372 13.05 -56.34 -26.61
N GLU I 373 13.29 -55.35 -27.49
CA GLU I 373 13.61 -55.63 -28.87
C GLU I 373 14.91 -56.41 -28.99
N VAL I 374 15.86 -56.14 -28.09
CA VAL I 374 17.11 -56.88 -28.08
C VAL I 374 16.86 -58.32 -27.64
N ILE I 375 15.90 -58.53 -26.74
CA ILE I 375 15.59 -59.87 -26.27
C ILE I 375 14.98 -60.69 -27.38
N GLU I 376 14.01 -60.12 -28.08
CA GLU I 376 13.40 -60.85 -29.18
C GLU I 376 14.38 -61.01 -30.34
N MET I 377 15.28 -60.05 -30.50
CA MET I 377 16.36 -60.17 -31.48
C MET I 377 17.26 -61.35 -31.15
N ILE I 378 17.58 -61.53 -29.88
CA ILE I 378 18.53 -62.58 -29.56
C ILE I 378 17.85 -63.94 -29.58
N ASP I 379 16.53 -63.98 -29.36
CA ASP I 379 15.79 -65.22 -29.60
C ASP I 379 15.83 -65.61 -31.06
N LYS I 380 15.57 -64.63 -31.93
CA LYS I 380 15.58 -64.90 -33.36
C LYS I 380 16.97 -65.25 -33.86
N VAL I 381 18.01 -64.77 -33.17
CA VAL I 381 19.36 -65.20 -33.50
C VAL I 381 19.56 -66.65 -33.08
N ILE I 382 19.17 -66.97 -31.84
CA ILE I 382 19.52 -68.27 -31.27
C ILE I 382 18.74 -69.39 -31.92
N ARG I 383 17.64 -69.09 -32.61
CA ARG I 383 16.96 -70.11 -33.41
C ARG I 383 17.88 -70.65 -34.52
N LEU I 384 18.36 -69.76 -35.38
CA LEU I 384 19.20 -70.18 -36.49
C LEU I 384 20.55 -70.68 -36.00
N GLN I 385 21.02 -70.12 -34.89
CA GLN I 385 22.30 -70.59 -34.38
C GLN I 385 22.17 -71.98 -33.76
N SER I 386 21.01 -72.29 -33.19
CA SER I 386 20.75 -73.64 -32.72
C SER I 386 20.58 -74.61 -33.88
N LYS I 387 20.17 -74.10 -35.04
CA LYS I 387 20.26 -74.96 -36.23
C LYS I 387 21.72 -75.29 -36.52
N TYR I 388 22.58 -74.28 -36.61
CA TYR I 388 23.94 -74.59 -37.05
C TYR I 388 24.83 -75.04 -35.90
N TRP I 389 24.92 -74.27 -34.82
CA TRP I 389 25.77 -74.71 -33.73
C TRP I 389 25.07 -75.75 -32.90
N ASN I 390 25.78 -76.28 -31.91
CA ASN I 390 25.29 -77.39 -31.10
C ASN I 390 25.12 -77.06 -29.64
N CYS I 391 25.95 -76.19 -29.08
CA CYS I 391 25.89 -75.89 -27.65
C CYS I 391 24.63 -75.12 -27.28
N PHE I 392 24.02 -74.42 -28.24
CA PHE I 392 22.76 -73.76 -27.97
C PHE I 392 21.59 -74.73 -27.92
N ARG I 393 21.73 -75.91 -28.53
CA ARG I 393 20.68 -76.89 -28.49
C ARG I 393 20.54 -77.44 -27.08
N ARG I 394 19.30 -77.69 -26.66
CA ARG I 394 18.86 -78.31 -25.41
C ARG I 394 19.15 -77.47 -24.19
N ARG I 395 19.82 -76.34 -24.32
CA ARG I 395 19.93 -75.39 -23.22
C ARG I 395 18.85 -74.34 -23.33
N HIS I 396 18.60 -73.86 -24.53
CA HIS I 396 17.42 -73.08 -24.82
C HIS I 396 16.30 -73.95 -25.38
N ALA I 397 16.54 -75.27 -25.47
CA ALA I 397 15.54 -76.28 -25.82
C ALA I 397 14.94 -76.05 -27.20
N ASN I 398 15.78 -75.69 -28.16
CA ASN I 398 15.30 -75.58 -29.52
C ASN I 398 15.06 -76.94 -30.14
N SER I 399 15.81 -77.96 -29.71
CA SER I 399 15.61 -79.36 -30.05
C SER I 399 15.68 -79.60 -31.55
N GLY I 400 16.87 -79.37 -32.11
CA GLY I 400 17.09 -79.61 -33.51
C GLY I 400 16.57 -78.49 -34.40
N CYS I 401 15.97 -78.84 -35.54
CA CYS I 401 15.44 -77.82 -36.43
C CYS I 401 14.17 -77.19 -35.87
N ASN I 402 13.11 -78.01 -35.72
CA ASN I 402 11.88 -77.69 -34.99
C ASN I 402 11.16 -76.46 -35.55
N PHE I 403 11.32 -76.18 -36.84
CA PHE I 403 10.66 -75.05 -37.48
C PHE I 403 9.21 -75.45 -37.76
N ASN I 404 8.29 -74.91 -36.97
CA ASN I 404 6.97 -75.51 -36.77
C ASN I 404 5.97 -74.97 -37.79
N GLU I 405 5.59 -75.82 -38.74
CA GLU I 405 4.49 -75.59 -39.69
C GLU I 405 3.10 -75.71 -39.05
N PRO I 406 2.86 -76.60 -38.01
CA PRO I 406 1.61 -76.49 -37.24
C PRO I 406 1.46 -75.20 -36.43
N LEU I 407 0.44 -75.21 -35.55
CA LEU I 407 -0.47 -74.13 -35.13
C LEU I 407 -1.49 -73.94 -36.25
N ASN I 408 -1.89 -75.06 -36.87
CA ASN I 408 -3.02 -75.07 -37.79
C ASN I 408 -4.32 -74.82 -37.03
N ASP I 409 -5.26 -74.17 -37.70
CA ASP I 409 -6.57 -73.82 -37.14
C ASP I 409 -7.64 -74.43 -38.04
N SER I 410 -7.99 -75.69 -37.78
CA SER I 410 -9.08 -76.33 -38.50
C SER I 410 -10.08 -77.01 -37.56
N ILE I 411 -9.62 -77.46 -36.41
CA ILE I 411 -10.47 -78.09 -35.41
C ILE I 411 -10.91 -77.07 -34.35
N ILE I 412 -10.89 -75.78 -34.72
CA ILE I 412 -11.22 -74.70 -33.81
C ILE I 412 -12.67 -74.72 -33.33
N SER I 413 -13.55 -75.45 -34.00
CA SER I 413 -14.89 -75.65 -33.49
C SER I 413 -14.89 -76.47 -32.21
N LYS I 414 -13.95 -77.39 -32.06
CA LYS I 414 -13.80 -78.17 -30.84
C LYS I 414 -12.69 -77.53 -30.01
N ASN I 415 -13.07 -76.86 -28.94
CA ASN I 415 -12.12 -76.13 -28.12
C ASN I 415 -12.63 -76.04 -26.70
N PHE I 416 -11.69 -75.93 -25.77
CA PHE I 416 -12.06 -75.65 -24.40
C PHE I 416 -12.53 -74.20 -24.28
N PRO I 417 -13.58 -73.93 -23.51
CA PRO I 417 -14.09 -72.56 -23.41
C PRO I 417 -13.13 -71.60 -22.73
N LEU I 418 -12.64 -71.97 -21.54
CA LEU I 418 -11.48 -71.41 -20.84
C LEU I 418 -11.70 -70.01 -20.29
N GLN I 419 -12.78 -69.35 -20.68
CA GLN I 419 -13.09 -68.02 -20.17
C GLN I 419 -14.22 -68.06 -19.18
N LYS I 420 -15.25 -68.86 -19.49
CA LYS I 420 -16.27 -69.18 -18.51
C LYS I 420 -15.68 -69.91 -17.32
N ALA I 421 -14.60 -70.67 -17.54
CA ALA I 421 -13.89 -71.34 -16.46
C ALA I 421 -13.28 -70.33 -15.49
N ILE I 422 -12.52 -69.38 -16.04
CA ILE I 422 -11.82 -68.40 -15.21
C ILE I 422 -12.81 -67.49 -14.51
N ARG I 423 -13.80 -67.00 -15.26
CA ARG I 423 -14.80 -66.14 -14.67
C ARG I 423 -15.68 -66.89 -13.69
N GLN I 424 -15.87 -68.20 -13.90
CA GLN I 424 -16.70 -68.98 -12.99
C GLN I 424 -15.98 -69.24 -11.67
N GLN I 425 -14.70 -69.57 -11.74
CA GLN I 425 -13.90 -69.71 -10.52
C GLN I 425 -13.81 -68.38 -9.78
N GLN I 426 -13.66 -67.29 -10.54
CA GLN I 426 -13.58 -65.97 -9.94
C GLN I 426 -14.89 -65.62 -9.24
N GLN I 427 -16.01 -65.90 -9.88
CA GLN I 427 -17.33 -65.70 -9.29
C GLN I 427 -17.50 -66.58 -8.06
N HIS I 428 -16.96 -67.80 -8.11
CA HIS I 428 -17.03 -68.74 -7.00
C HIS I 428 -16.36 -68.16 -5.77
N TYR I 429 -15.07 -67.84 -5.87
CA TYR I 429 -14.40 -67.35 -4.66
C TYR I 429 -14.79 -65.92 -4.31
N LEU I 430 -15.35 -65.16 -5.25
CA LEU I 430 -15.81 -63.82 -4.86
C LEU I 430 -17.10 -63.90 -4.08
N SER I 431 -18.04 -64.73 -4.54
CA SER I 431 -19.28 -64.92 -3.81
C SER I 431 -19.10 -65.73 -2.55
N ASP I 432 -18.03 -66.53 -2.45
CA ASP I 432 -17.84 -67.39 -1.29
C ASP I 432 -17.57 -66.59 -0.02
N GLU I 433 -16.87 -65.47 -0.14
CA GLU I 433 -16.57 -64.64 1.02
C GLU I 433 -17.14 -63.25 0.93
N PHE I 434 -17.67 -62.84 -0.22
CA PHE I 434 -18.23 -61.51 -0.36
C PHE I 434 -19.72 -61.52 -0.65
N ASN I 435 -20.26 -62.64 -1.13
CA ASN I 435 -21.69 -62.84 -1.39
C ASN I 435 -22.23 -61.80 -2.37
N PHE I 436 -21.51 -61.61 -3.46
CA PHE I 436 -21.90 -60.61 -4.44
C PHE I 436 -23.12 -61.07 -5.22
N VAL I 437 -24.02 -60.14 -5.48
CA VAL I 437 -25.23 -60.45 -6.21
C VAL I 437 -24.88 -60.53 -7.69
N THR I 438 -25.25 -61.65 -8.32
CA THR I 438 -25.16 -61.73 -9.77
C THR I 438 -26.39 -61.02 -10.30
N LEU I 439 -26.24 -59.73 -10.57
CA LEU I 439 -27.34 -58.96 -11.11
C LEU I 439 -27.57 -59.38 -12.56
N PRO I 440 -28.81 -59.63 -12.96
CA PRO I 440 -29.07 -60.06 -14.33
C PRO I 440 -29.21 -58.89 -15.29
N LEU I 441 -29.31 -59.23 -16.57
CA LEU I 441 -29.46 -58.24 -17.62
C LEU I 441 -30.27 -58.87 -18.74
N VAL I 442 -31.45 -58.31 -18.99
CA VAL I 442 -32.31 -58.90 -20.01
C VAL I 442 -31.97 -58.30 -21.36
N SER I 443 -32.50 -58.90 -22.41
CA SER I 443 -32.49 -58.45 -23.80
C SER I 443 -31.11 -58.41 -24.42
N MET I 444 -30.13 -59.09 -23.83
CA MET I 444 -28.84 -59.28 -24.48
C MET I 444 -28.36 -60.71 -24.25
N ASP I 445 -27.56 -61.18 -25.19
CA ASP I 445 -27.10 -62.57 -25.22
C ASP I 445 -25.71 -62.65 -24.58
N LEU I 446 -25.70 -62.57 -23.26
CA LEU I 446 -24.48 -62.56 -22.46
C LEU I 446 -24.56 -63.66 -21.41
N PRO I 447 -23.41 -64.13 -20.93
CA PRO I 447 -23.42 -65.07 -19.79
C PRO I 447 -23.94 -64.40 -18.52
N ASP I 448 -24.28 -65.26 -17.56
CA ASP I 448 -25.03 -64.81 -16.39
C ASP I 448 -24.17 -63.97 -15.46
N ASN I 449 -22.97 -64.44 -15.14
CA ASN I 449 -22.08 -63.74 -14.21
C ASN I 449 -21.23 -62.70 -14.93
N THR I 450 -21.87 -61.86 -15.73
CA THR I 450 -21.14 -60.83 -16.44
C THR I 450 -20.97 -59.59 -15.59
N VAL I 451 -21.99 -59.25 -14.81
CA VAL I 451 -21.91 -58.18 -13.82
C VAL I 451 -22.23 -58.77 -12.45
N LEU I 452 -21.40 -58.41 -11.47
CA LEU I 452 -21.58 -58.84 -10.08
C LEU I 452 -21.70 -57.62 -9.19
N CYS I 453 -22.62 -57.70 -8.24
CA CYS I 453 -23.14 -56.54 -7.57
C CYS I 453 -23.04 -56.70 -6.06
N THR I 454 -22.72 -55.62 -5.38
CA THR I 454 -22.64 -55.64 -3.92
C THR I 454 -24.03 -55.78 -3.33
N PRO I 455 -24.24 -56.69 -2.37
CA PRO I 455 -25.53 -56.78 -1.70
C PRO I 455 -25.86 -55.50 -0.93
N ASN I 456 -27.16 -55.17 -0.93
CA ASN I 456 -27.70 -53.87 -0.55
C ASN I 456 -26.99 -52.73 -1.29
N ILE I 457 -27.18 -52.74 -2.61
CA ILE I 457 -26.61 -51.70 -3.44
C ILE I 457 -27.51 -50.46 -3.51
N SER I 458 -28.80 -50.61 -3.18
CA SER I 458 -29.73 -49.48 -3.28
C SER I 458 -29.50 -48.46 -2.18
N GLU I 459 -29.06 -48.90 -1.02
CA GLU I 459 -28.78 -47.97 0.08
C GLU I 459 -27.38 -47.39 0.00
N SER I 460 -26.49 -47.98 -0.80
CA SER I 460 -25.10 -47.57 -0.82
C SER I 460 -24.95 -46.23 -1.50
N ASN I 461 -24.21 -45.32 -0.87
CA ASN I 461 -24.04 -43.98 -1.41
C ASN I 461 -22.93 -43.91 -2.46
N THR I 462 -21.70 -44.20 -2.05
CA THR I 462 -20.55 -44.09 -2.94
C THR I 462 -20.29 -45.43 -3.59
N ILE I 463 -20.57 -45.52 -4.88
CA ILE I 463 -20.42 -46.76 -5.64
C ILE I 463 -19.33 -46.57 -6.67
N ILE I 464 -18.42 -47.53 -6.71
CA ILE I 464 -17.31 -47.54 -7.65
C ILE I 464 -17.50 -48.75 -8.57
N ILE I 465 -17.14 -48.56 -9.83
CA ILE I 465 -17.32 -49.58 -10.86
C ILE I 465 -15.94 -50.04 -11.29
N VAL I 466 -15.74 -51.34 -11.35
CA VAL I 466 -14.54 -51.94 -11.91
C VAL I 466 -14.93 -52.71 -13.16
N VAL I 467 -14.21 -52.42 -14.25
CA VAL I 467 -14.42 -53.08 -15.53
C VAL I 467 -13.15 -53.82 -15.88
N HIS I 468 -13.28 -55.08 -16.28
CA HIS I 468 -12.09 -55.85 -16.55
C HIS I 468 -12.40 -56.95 -17.54
N ASP I 469 -11.37 -57.36 -18.26
CA ASP I 469 -11.42 -58.56 -19.06
C ASP I 469 -11.07 -59.76 -18.17
N THR I 470 -10.93 -60.93 -18.78
CA THR I 470 -10.46 -62.09 -18.06
C THR I 470 -9.00 -61.90 -17.72
N SER I 471 -8.63 -62.22 -16.48
CA SER I 471 -7.33 -61.88 -15.93
C SER I 471 -6.22 -62.71 -16.58
N ASP I 472 -4.99 -62.28 -16.38
CA ASP I 472 -3.89 -62.79 -17.18
C ASP I 472 -3.46 -64.17 -16.72
N ILE I 473 -2.77 -64.86 -17.63
CA ILE I 473 -2.34 -66.25 -17.45
C ILE I 473 -0.82 -66.27 -17.60
N TRP I 474 -0.14 -66.69 -16.54
CA TRP I 474 1.30 -66.91 -16.60
C TRP I 474 1.56 -68.40 -16.63
N ALA I 475 2.31 -68.84 -17.63
CA ALA I 475 2.60 -70.26 -17.80
C ALA I 475 4.10 -70.52 -17.68
N LYS I 476 4.44 -71.81 -17.71
CA LYS I 476 5.82 -72.25 -17.60
C LYS I 476 6.17 -73.17 -18.76
N ARG I 477 7.22 -72.82 -19.49
CA ARG I 477 7.77 -73.71 -20.50
C ARG I 477 8.57 -74.80 -19.80
N ASN I 478 8.40 -76.05 -20.22
CA ASN I 478 9.29 -77.08 -19.68
C ASN I 478 10.67 -76.91 -20.29
N VAL I 479 11.68 -76.97 -19.44
CA VAL I 479 12.98 -76.47 -19.86
C VAL I 479 13.76 -77.48 -20.67
N ILE I 480 13.36 -78.74 -20.64
CA ILE I 480 14.14 -79.76 -21.33
C ILE I 480 13.94 -79.67 -22.84
N SER I 481 12.69 -79.51 -23.27
CA SER I 481 12.39 -79.47 -24.70
C SER I 481 11.06 -78.77 -24.92
N GLY I 482 11.07 -77.67 -25.65
CA GLY I 482 9.87 -77.29 -26.35
C GLY I 482 8.76 -76.63 -25.56
N THR I 483 7.76 -77.44 -25.23
CA THR I 483 6.38 -77.00 -25.10
C THR I 483 6.11 -76.25 -23.79
N ILE I 484 4.83 -76.04 -23.52
CA ILE I 484 4.35 -75.34 -22.34
C ILE I 484 3.57 -76.31 -21.47
N ASP I 485 3.85 -76.29 -20.17
CA ASP I 485 3.00 -76.99 -19.22
C ASP I 485 1.82 -76.10 -18.89
N LEU I 486 0.61 -76.61 -19.10
CA LEU I 486 -0.55 -75.82 -18.75
C LEU I 486 -0.95 -76.01 -17.29
N SER I 487 -0.63 -77.16 -16.69
CA SER I 487 -1.06 -77.42 -15.33
C SER I 487 -0.29 -76.58 -14.33
N SER I 488 0.93 -76.16 -14.69
CA SER I 488 1.77 -75.36 -13.81
C SER I 488 1.66 -73.89 -14.12
N SER I 489 0.46 -73.43 -14.49
CA SER I 489 0.23 -72.05 -14.81
C SER I 489 -0.64 -71.41 -13.74
N VAL I 490 -0.70 -70.08 -13.77
CA VAL I 490 -1.29 -69.32 -12.68
C VAL I 490 -2.14 -68.17 -13.25
N ILE I 491 -3.31 -68.00 -12.67
CA ILE I 491 -4.16 -66.85 -12.94
C ILE I 491 -3.68 -65.71 -12.07
N ILE I 492 -3.53 -64.54 -12.65
CA ILE I 492 -3.10 -63.36 -11.94
C ILE I 492 -4.30 -62.43 -11.85
N ASP I 493 -5.00 -62.45 -10.72
CA ASP I 493 -6.06 -61.49 -10.49
C ASP I 493 -5.47 -60.10 -10.37
N ASN I 494 -6.21 -59.13 -10.88
CA ASN I 494 -5.71 -57.76 -10.95
C ASN I 494 -6.60 -56.75 -10.27
N SER I 495 -7.90 -56.99 -10.23
CA SER I 495 -8.82 -56.02 -9.66
C SER I 495 -8.97 -56.16 -8.16
N LEU I 496 -8.65 -57.34 -7.60
CA LEU I 496 -9.14 -57.75 -6.30
C LEU I 496 -8.63 -56.86 -5.18
N ASP I 497 -7.45 -56.27 -5.33
CA ASP I 497 -6.93 -55.32 -4.35
C ASP I 497 -7.78 -54.06 -4.32
N PHE I 498 -8.16 -53.56 -5.49
CA PHE I 498 -9.07 -52.41 -5.56
C PHE I 498 -10.42 -52.77 -4.95
N ILE I 499 -10.89 -53.99 -5.22
CA ILE I 499 -12.19 -54.44 -4.71
C ILE I 499 -12.16 -54.52 -3.20
N LYS I 500 -11.07 -55.07 -2.65
CA LYS I 500 -10.97 -55.21 -1.20
C LYS I 500 -10.82 -53.86 -0.53
N TRP I 501 -10.05 -52.95 -1.15
CA TRP I 501 -9.89 -51.63 -0.58
C TRP I 501 -11.19 -50.84 -0.64
N GLY I 502 -12.01 -51.10 -1.65
CA GLY I 502 -13.32 -50.49 -1.66
C GLY I 502 -14.26 -51.12 -0.65
N LEU I 503 -14.13 -52.43 -0.43
CA LEU I 503 -15.05 -53.12 0.45
C LEU I 503 -14.80 -52.79 1.91
N ASP I 504 -13.53 -52.60 2.29
CA ASP I 504 -13.25 -52.35 3.70
C ASP I 504 -13.55 -50.91 4.10
N ARG I 505 -13.93 -50.05 3.18
CA ARG I 505 -14.36 -48.70 3.52
C ARG I 505 -15.84 -48.50 3.29
N LYS I 506 -16.58 -49.59 3.06
CA LYS I 506 -18.04 -49.61 2.92
C LYS I 506 -18.51 -48.73 1.76
N TYR I 507 -18.01 -49.04 0.58
CA TYR I 507 -18.44 -48.40 -0.65
C TYR I 507 -19.25 -49.41 -1.46
N GLY I 508 -20.14 -48.89 -2.31
CA GLY I 508 -20.79 -49.75 -3.28
C GLY I 508 -19.77 -50.21 -4.31
N ILE I 509 -19.76 -51.50 -4.60
CA ILE I 509 -18.76 -52.07 -5.50
C ILE I 509 -19.49 -52.88 -6.56
N ILE I 510 -19.35 -52.47 -7.83
CA ILE I 510 -19.93 -53.23 -8.93
C ILE I 510 -18.82 -53.63 -9.89
N ASP I 511 -18.84 -54.88 -10.33
CA ASP I 511 -17.85 -55.43 -11.22
C ASP I 511 -18.50 -55.86 -12.53
N VAL I 512 -17.84 -55.60 -13.64
CA VAL I 512 -18.23 -56.14 -14.93
C VAL I 512 -17.01 -56.78 -15.60
N ASN I 513 -17.27 -57.89 -16.28
CA ASN I 513 -16.26 -58.59 -17.06
C ASN I 513 -16.66 -58.59 -18.52
N ILE I 514 -15.65 -58.43 -19.37
CA ILE I 514 -15.88 -58.47 -20.81
C ILE I 514 -14.91 -59.48 -21.40
N PRO I 515 -15.41 -60.61 -21.88
CA PRO I 515 -14.53 -61.59 -22.52
C PRO I 515 -13.98 -61.07 -23.83
N LEU I 516 -12.90 -61.67 -24.26
CA LEU I 516 -12.29 -61.31 -25.53
C LEU I 516 -12.74 -62.28 -26.60
N THR I 517 -12.92 -61.78 -27.81
CA THR I 517 -13.34 -62.61 -28.92
C THR I 517 -12.13 -63.25 -29.59
N LEU I 518 -12.33 -64.45 -30.09
CA LEU I 518 -11.25 -65.29 -30.55
C LEU I 518 -10.79 -64.87 -31.93
N PHE I 519 -9.48 -65.05 -32.18
CA PHE I 519 -8.84 -64.86 -33.49
C PHE I 519 -9.02 -63.44 -34.03
N GLU I 520 -8.96 -62.47 -33.14
CA GLU I 520 -9.09 -61.08 -33.49
C GLU I 520 -7.84 -60.33 -33.03
N PRO I 521 -7.22 -59.53 -33.90
CA PRO I 521 -6.05 -58.76 -33.43
C PRO I 521 -6.41 -57.71 -32.42
N ASP I 522 -7.49 -56.97 -32.64
CA ASP I 522 -8.07 -56.12 -31.61
C ASP I 522 -9.44 -56.64 -31.25
N ASN I 523 -9.87 -56.38 -30.02
CA ASN I 523 -11.17 -56.87 -29.57
C ASN I 523 -12.26 -55.83 -29.88
N TYR I 524 -12.40 -55.57 -31.17
CA TYR I 524 -13.29 -54.52 -31.67
C TYR I 524 -14.74 -54.83 -31.36
N SER I 525 -15.17 -56.05 -31.68
CA SER I 525 -16.51 -56.49 -31.31
C SER I 525 -16.69 -56.56 -29.79
N GLY I 526 -15.61 -56.83 -29.06
CA GLY I 526 -15.66 -56.74 -27.62
C GLY I 526 -15.85 -55.31 -27.14
N MET I 527 -15.24 -54.35 -27.84
CA MET I 527 -15.46 -52.95 -27.54
C MET I 527 -16.91 -52.57 -27.78
N ILE I 528 -17.50 -53.11 -28.86
CA ILE I 528 -18.92 -52.91 -29.14
C ILE I 528 -19.77 -53.48 -28.02
N THR I 529 -19.43 -54.69 -27.56
CA THR I 529 -20.16 -55.35 -26.50
C THR I 529 -20.09 -54.56 -25.20
N SER I 530 -18.92 -53.98 -24.93
CA SER I 530 -18.74 -53.21 -23.70
C SER I 530 -19.52 -51.91 -23.76
N GLN I 531 -19.53 -51.24 -24.92
CA GLN I 531 -20.35 -50.05 -25.09
C GLN I 531 -21.82 -50.36 -24.88
N GLU I 532 -22.28 -51.49 -25.43
CA GLU I 532 -23.67 -51.90 -25.29
C GLU I 532 -24.03 -52.13 -23.83
N VAL I 533 -23.22 -52.92 -23.13
CA VAL I 533 -23.57 -53.30 -21.76
C VAL I 533 -23.42 -52.10 -20.83
N LEU I 534 -22.48 -51.19 -21.11
CA LEU I 534 -22.29 -50.03 -20.25
C LEU I 534 -23.46 -49.06 -20.38
N ILE I 535 -23.89 -48.80 -21.62
CA ILE I 535 -25.04 -47.93 -21.83
C ILE I 535 -26.29 -48.55 -21.22
N TYR I 536 -26.40 -49.88 -21.33
CA TYR I 536 -27.52 -50.61 -20.74
C TYR I 536 -27.55 -50.47 -19.23
N LEU I 537 -26.43 -50.70 -18.56
CA LEU I 537 -26.44 -50.68 -17.10
C LEU I 537 -26.56 -49.27 -16.56
N TRP I 538 -26.08 -48.28 -17.32
CA TRP I 538 -26.28 -46.91 -16.89
C TRP I 538 -27.74 -46.51 -17.01
N ASP I 539 -28.42 -46.96 -18.06
CA ASP I 539 -29.81 -46.57 -18.24
C ASP I 539 -30.74 -47.32 -17.29
N ASN I 540 -30.55 -48.64 -17.15
CA ASN I 540 -31.53 -49.44 -16.44
C ASN I 540 -31.44 -49.30 -14.92
N TYR I 541 -30.25 -49.06 -14.39
CA TYR I 541 -30.12 -49.18 -12.94
C TYR I 541 -29.64 -47.90 -12.27
N ILE I 542 -28.66 -47.23 -12.85
CA ILE I 542 -27.98 -46.15 -12.14
C ILE I 542 -28.81 -44.89 -12.13
N LYS I 543 -29.59 -44.63 -13.19
CA LYS I 543 -30.46 -43.47 -13.21
C LYS I 543 -31.59 -43.56 -12.20
N TYR I 544 -31.93 -44.76 -11.74
CA TYR I 544 -33.08 -44.95 -10.90
C TYR I 544 -32.74 -45.06 -9.41
N PHE I 545 -31.47 -45.01 -9.07
CA PHE I 545 -31.10 -45.21 -7.67
C PHE I 545 -31.36 -43.94 -6.87
N PRO I 546 -32.08 -44.04 -5.75
CA PRO I 546 -32.31 -42.85 -4.91
C PRO I 546 -31.04 -42.34 -4.22
N SER I 547 -30.38 -43.20 -3.47
CA SER I 547 -29.19 -42.80 -2.71
C SER I 547 -27.98 -43.10 -3.57
N VAL I 548 -27.50 -42.09 -4.30
CA VAL I 548 -26.32 -42.23 -5.13
C VAL I 548 -25.60 -40.89 -5.22
N ALA I 549 -24.28 -40.92 -5.03
CA ALA I 549 -23.43 -39.75 -5.17
C ALA I 549 -22.00 -40.24 -5.32
N LYS I 550 -21.17 -39.42 -5.97
CA LYS I 550 -19.71 -39.57 -6.03
C LYS I 550 -19.28 -40.91 -6.61
N ILE I 551 -19.62 -41.12 -7.86
CA ILE I 551 -19.32 -42.36 -8.55
C ILE I 551 -17.93 -42.26 -9.16
N ALA I 552 -17.21 -43.38 -9.16
CA ALA I 552 -15.91 -43.45 -9.81
C ALA I 552 -15.83 -44.74 -10.60
N PHE I 553 -14.91 -44.76 -11.57
CA PHE I 553 -14.77 -45.88 -12.48
C PHE I 553 -13.32 -46.34 -12.49
N ILE I 554 -13.13 -47.65 -12.61
CA ILE I 554 -11.81 -48.27 -12.51
C ILE I 554 -11.57 -48.99 -13.83
N GLY I 555 -10.77 -48.41 -14.72
CA GLY I 555 -10.49 -49.03 -16.00
C GLY I 555 -9.25 -49.89 -15.95
N ILE I 556 -9.33 -51.07 -16.55
CA ILE I 556 -8.24 -52.04 -16.55
C ILE I 556 -8.05 -52.59 -17.95
N GLY I 557 -6.88 -52.36 -18.53
CA GLY I 557 -6.45 -53.03 -19.74
C GLY I 557 -7.11 -52.53 -21.00
N ASP I 558 -7.91 -53.37 -21.64
CA ASP I 558 -8.79 -52.94 -22.72
C ASP I 558 -10.12 -52.54 -22.08
N SER I 559 -11.15 -52.36 -22.91
CA SER I 559 -12.53 -52.11 -22.48
C SER I 559 -12.69 -50.82 -21.71
N TYR I 560 -11.71 -49.92 -21.82
CA TYR I 560 -11.89 -48.56 -21.37
C TYR I 560 -12.80 -47.78 -22.31
N SER I 561 -12.96 -48.29 -23.54
CA SER I 561 -13.85 -47.69 -24.51
C SER I 561 -15.29 -47.71 -24.03
N GLY I 562 -15.66 -48.67 -23.19
CA GLY I 562 -16.98 -48.66 -22.58
C GLY I 562 -17.20 -47.44 -21.72
N ILE I 563 -16.23 -47.09 -20.90
CA ILE I 563 -16.37 -45.90 -20.05
C ILE I 563 -16.27 -44.64 -20.90
N VAL I 564 -15.43 -44.65 -21.93
CA VAL I 564 -15.29 -43.48 -22.80
C VAL I 564 -16.59 -43.20 -23.54
N HIS I 565 -17.22 -44.25 -24.06
CA HIS I 565 -18.49 -44.12 -24.74
C HIS I 565 -19.62 -43.76 -23.77
N LEU I 566 -19.52 -44.22 -22.52
CA LEU I 566 -20.51 -43.82 -21.53
C LEU I 566 -20.35 -42.35 -21.17
N LEU I 567 -19.12 -41.85 -21.15
CA LEU I 567 -18.91 -40.43 -20.90
C LEU I 567 -19.37 -39.59 -22.08
N GLY I 568 -19.16 -40.08 -23.29
CA GLY I 568 -19.52 -39.34 -24.47
C GLY I 568 -20.99 -39.28 -24.76
N HIS I 569 -21.62 -40.45 -24.95
CA HIS I 569 -22.98 -40.46 -25.48
C HIS I 569 -24.03 -40.16 -24.43
N ARG I 570 -23.66 -39.97 -23.17
CA ARG I 570 -24.58 -39.43 -22.19
C ARG I 570 -23.94 -38.23 -21.52
N ASP I 571 -24.58 -37.74 -20.46
CA ASP I 571 -23.96 -36.80 -19.56
C ASP I 571 -24.27 -37.25 -18.15
N THR I 572 -23.22 -37.45 -17.35
CA THR I 572 -23.41 -37.94 -15.98
C THR I 572 -22.45 -37.26 -15.02
N ARG I 573 -21.85 -36.13 -15.41
CA ARG I 573 -20.82 -35.46 -14.63
C ARG I 573 -21.33 -34.85 -13.34
N ALA I 574 -22.64 -34.77 -13.14
CA ALA I 574 -23.16 -34.23 -11.90
C ALA I 574 -23.00 -35.21 -10.75
N VAL I 575 -22.99 -36.51 -11.03
CA VAL I 575 -22.97 -37.52 -9.99
C VAL I 575 -21.65 -38.29 -9.94
N THR I 576 -21.00 -38.52 -11.08
CA THR I 576 -19.69 -39.17 -11.06
C THR I 576 -18.60 -38.11 -11.05
N LYS I 577 -17.44 -38.50 -10.58
CA LYS I 577 -16.43 -37.47 -10.32
C LYS I 577 -15.07 -37.75 -10.95
N THR I 578 -14.61 -39.00 -10.94
CA THR I 578 -13.23 -39.26 -11.35
C THR I 578 -13.09 -40.66 -11.91
N VAL I 579 -12.55 -40.74 -13.12
CA VAL I 579 -12.24 -42.00 -13.75
C VAL I 579 -10.75 -42.24 -13.61
N ILE I 580 -10.36 -43.52 -13.67
CA ILE I 580 -8.96 -43.93 -13.66
C ILE I 580 -8.82 -45.09 -14.63
N ASN I 581 -7.67 -45.17 -15.29
CA ASN I 581 -7.45 -46.32 -16.16
C ASN I 581 -5.97 -46.66 -16.22
N PHE I 582 -5.69 -47.95 -16.10
CA PHE I 582 -4.38 -48.50 -16.41
C PHE I 582 -4.54 -49.22 -17.75
N LEU I 583 -4.09 -48.56 -18.81
CA LEU I 583 -4.24 -49.13 -20.15
C LEU I 583 -3.31 -50.31 -20.35
N GLY I 584 -2.03 -50.10 -20.08
CA GLY I 584 -1.06 -51.11 -20.43
C GLY I 584 -0.47 -50.82 -21.80
N ASP I 585 -0.97 -51.51 -22.82
CA ASP I 585 -0.30 -51.48 -24.11
C ASP I 585 -1.25 -51.42 -25.30
N LYS I 586 -2.56 -51.32 -25.10
CA LYS I 586 -3.48 -51.31 -26.21
C LYS I 586 -3.52 -49.92 -26.86
N GLN I 587 -4.35 -49.79 -27.89
CA GLN I 587 -4.54 -48.48 -28.50
C GLN I 587 -5.34 -47.56 -27.60
N LEU I 588 -5.06 -46.27 -27.69
CA LEU I 588 -5.67 -45.30 -26.80
C LEU I 588 -7.14 -45.08 -27.14
N LYS I 589 -7.83 -44.39 -26.24
CA LYS I 589 -9.27 -44.19 -26.34
C LYS I 589 -9.59 -42.70 -26.49
N PRO I 590 -9.79 -42.20 -27.71
CA PRO I 590 -10.24 -40.82 -27.86
C PRO I 590 -11.69 -40.69 -27.42
N LEU I 591 -12.00 -39.56 -26.81
CA LEU I 591 -13.35 -39.30 -26.33
C LEU I 591 -14.07 -38.38 -27.31
N VAL I 592 -15.25 -38.80 -27.75
CA VAL I 592 -16.12 -37.97 -28.59
C VAL I 592 -17.14 -37.29 -27.70
N PRO I 593 -17.17 -35.96 -27.64
CA PRO I 593 -18.23 -35.28 -26.88
C PRO I 593 -19.46 -35.01 -27.73
N LEU I 594 -20.62 -35.41 -27.24
CA LEU I 594 -21.87 -35.20 -27.97
C LEU I 594 -22.84 -34.29 -27.23
N VAL I 595 -22.99 -34.48 -25.92
CA VAL I 595 -23.94 -33.69 -25.17
C VAL I 595 -23.42 -32.27 -24.98
N ASP I 596 -22.11 -32.09 -24.87
CA ASP I 596 -21.56 -30.79 -24.56
C ASP I 596 -20.18 -30.67 -25.21
N GLU I 597 -19.50 -29.56 -24.93
CA GLU I 597 -18.10 -29.39 -25.29
C GLU I 597 -17.21 -29.03 -24.11
N THR I 598 -17.76 -28.50 -23.01
CA THR I 598 -16.99 -28.39 -21.78
C THR I 598 -16.83 -29.73 -21.08
N LEU I 599 -17.60 -30.74 -21.52
CA LEU I 599 -17.41 -32.10 -21.06
C LEU I 599 -16.03 -32.63 -21.40
N SER I 600 -15.46 -32.19 -22.53
CA SER I 600 -14.08 -32.56 -22.86
C SER I 600 -13.09 -32.02 -21.85
N GLU I 601 -13.27 -30.77 -21.44
CA GLU I 601 -12.37 -30.20 -20.44
C GLU I 601 -12.57 -30.85 -19.09
N TRP I 602 -13.82 -31.18 -18.74
CA TRP I 602 -14.10 -31.87 -17.49
C TRP I 602 -13.52 -33.28 -17.49
N TYR I 603 -13.51 -33.94 -18.65
CA TYR I 603 -12.86 -35.23 -18.77
C TYR I 603 -11.36 -35.10 -18.64
N PHE I 604 -10.80 -34.01 -19.17
CA PHE I 604 -9.36 -33.81 -19.00
C PHE I 604 -9.02 -33.52 -17.54
N LYS I 605 -9.96 -32.95 -16.79
CA LYS I 605 -9.65 -32.49 -15.45
C LYS I 605 -9.44 -33.65 -14.48
N ASN I 606 -10.48 -34.43 -14.24
CA ASN I 606 -10.43 -35.47 -13.21
C ASN I 606 -10.26 -36.85 -13.83
N SER I 607 -9.06 -37.11 -14.33
CA SER I 607 -8.80 -38.38 -15.02
C SER I 607 -7.31 -38.61 -15.11
N LEU I 608 -6.93 -39.88 -15.03
CA LEU I 608 -5.55 -40.28 -15.23
C LEU I 608 -5.51 -41.63 -15.94
N ILE I 609 -4.63 -41.69 -16.94
CA ILE I 609 -4.41 -42.88 -17.75
C ILE I 609 -2.97 -43.30 -17.49
N PHE I 610 -2.72 -44.60 -17.42
CA PHE I 610 -1.37 -45.09 -17.16
C PHE I 610 -0.96 -46.09 -18.22
N SER I 611 0.16 -45.82 -18.89
CA SER I 611 0.57 -46.66 -20.01
C SER I 611 1.94 -47.26 -19.75
N ASN I 612 2.42 -48.03 -20.73
CA ASN I 612 3.71 -48.68 -20.65
C ASN I 612 4.84 -47.68 -20.81
N ASN I 613 6.04 -48.10 -20.43
CA ASN I 613 7.23 -47.34 -20.76
C ASN I 613 7.67 -47.53 -22.19
N SER I 614 7.31 -48.66 -22.79
CA SER I 614 7.70 -49.00 -24.15
C SER I 614 6.50 -48.98 -25.08
N HIS I 615 5.62 -48.01 -24.88
CA HIS I 615 4.48 -47.84 -25.76
C HIS I 615 4.91 -47.30 -27.11
N GLN I 616 3.98 -47.36 -28.07
CA GLN I 616 4.26 -46.91 -29.43
C GLN I 616 4.47 -45.41 -29.51
N CYS I 617 3.96 -44.63 -28.57
CA CYS I 617 4.20 -43.21 -28.53
C CYS I 617 5.54 -42.94 -27.86
N TRP I 618 5.78 -41.68 -27.48
CA TRP I 618 7.01 -41.20 -26.83
C TRP I 618 8.25 -41.44 -27.68
N LYS I 619 8.09 -41.28 -29.00
CA LYS I 619 9.21 -41.47 -29.92
C LYS I 619 9.38 -40.26 -30.82
N LYS I 625 2.89 -34.07 -25.21
CA LYS I 625 3.00 -34.48 -26.62
C LYS I 625 1.81 -35.28 -27.22
N PRO I 626 1.07 -36.09 -26.45
CA PRO I 626 -0.22 -36.54 -26.97
C PRO I 626 -1.25 -35.42 -27.00
N ARG I 627 -2.27 -35.62 -27.83
CA ARG I 627 -3.35 -34.65 -27.93
C ARG I 627 -4.28 -34.76 -26.73
N LYS I 628 -4.85 -33.62 -26.35
CA LYS I 628 -5.72 -33.52 -25.18
C LYS I 628 -7.04 -34.26 -25.31
N LYS I 629 -7.40 -34.77 -26.49
CA LYS I 629 -8.65 -35.52 -26.60
C LYS I 629 -8.57 -36.89 -25.96
N PHE I 630 -7.40 -37.30 -25.49
CA PHE I 630 -7.24 -38.53 -24.75
C PHE I 630 -7.25 -38.33 -23.24
N GLY I 631 -6.92 -37.13 -22.75
CA GLY I 631 -7.12 -36.85 -21.35
C GLY I 631 -6.09 -37.33 -20.34
N ARG I 632 -4.90 -36.73 -20.37
CA ARG I 632 -3.89 -36.82 -19.31
C ARG I 632 -3.39 -38.26 -19.11
N VAL I 633 -2.72 -38.74 -20.15
CA VAL I 633 -2.02 -40.01 -20.06
C VAL I 633 -0.71 -39.81 -19.30
N LEU I 634 -0.18 -40.90 -18.75
CA LEU I 634 1.06 -40.85 -17.99
C LEU I 634 1.93 -42.04 -18.33
N ARG I 635 3.18 -41.76 -18.67
CA ARG I 635 4.16 -42.76 -19.04
C ARG I 635 4.80 -43.28 -17.77
N CYS I 636 4.43 -44.49 -17.38
CA CYS I 636 5.13 -45.13 -16.27
C CYS I 636 6.46 -45.67 -16.76
N ASP I 637 7.24 -46.22 -15.84
CA ASP I 637 8.62 -46.59 -16.11
C ASP I 637 8.85 -48.09 -16.16
N THR I 638 7.81 -48.89 -16.01
CA THR I 638 7.95 -50.34 -16.08
C THR I 638 7.04 -50.89 -17.17
N ASP I 639 7.01 -52.22 -17.27
CA ASP I 639 6.19 -52.90 -18.27
C ASP I 639 5.22 -53.84 -17.58
N GLY I 640 4.20 -54.26 -18.33
CA GLY I 640 3.21 -55.15 -17.80
C GLY I 640 2.19 -54.47 -16.91
N LEU I 641 0.94 -54.91 -16.98
CA LEU I 641 -0.11 -54.25 -16.22
C LEU I 641 0.03 -54.52 -14.73
N ASN I 642 0.54 -55.70 -14.37
CA ASN I 642 0.66 -56.08 -12.98
C ASN I 642 1.65 -55.18 -12.25
N ASN I 643 2.77 -54.89 -12.90
CA ASN I 643 3.81 -54.09 -12.26
C ASN I 643 3.36 -52.64 -12.07
N ILE I 644 2.67 -52.08 -13.05
CA ILE I 644 2.25 -50.69 -12.88
C ILE I 644 1.08 -50.59 -11.91
N ILE I 645 0.25 -51.64 -11.82
CA ILE I 645 -0.81 -51.65 -10.82
C ILE I 645 -0.20 -51.69 -9.42
N GLU I 646 0.69 -52.65 -9.18
CA GLU I 646 1.31 -52.76 -7.87
C GLU I 646 2.32 -51.65 -7.61
N GLU I 647 2.67 -50.86 -8.62
CA GLU I 647 3.53 -49.71 -8.43
C GLU I 647 2.75 -48.47 -8.05
N ARG I 648 1.76 -48.09 -8.86
CA ARG I 648 1.06 -46.84 -8.65
C ARG I 648 -0.31 -47.04 -8.02
N PHE I 649 -0.53 -48.18 -7.36
CA PHE I 649 -1.78 -48.43 -6.67
C PHE I 649 -2.03 -47.41 -5.57
N GLU I 650 -0.97 -47.04 -4.85
CA GLU I 650 -1.11 -46.05 -3.79
C GLU I 650 -1.46 -44.68 -4.34
N GLU I 651 -0.83 -44.29 -5.45
CA GLU I 651 -1.10 -42.99 -6.04
C GLU I 651 -2.52 -42.91 -6.59
N ALA I 652 -2.97 -43.99 -7.23
CA ALA I 652 -4.33 -44.01 -7.75
C ALA I 652 -5.35 -44.01 -6.61
N THR I 653 -5.10 -44.78 -5.55
CA THR I 653 -6.09 -44.85 -4.48
C THR I 653 -6.08 -43.57 -3.65
N ASP I 654 -4.94 -42.86 -3.64
CA ASP I 654 -4.89 -41.54 -3.02
C ASP I 654 -5.65 -40.52 -3.86
N PHE I 655 -5.58 -40.65 -5.18
CA PHE I 655 -6.35 -39.77 -6.06
C PHE I 655 -7.84 -39.98 -5.88
N ILE I 656 -8.26 -41.23 -5.71
CA ILE I 656 -9.66 -41.53 -5.47
C ILE I 656 -10.11 -40.94 -4.13
N LEU I 657 -9.27 -41.08 -3.10
CA LEU I 657 -9.61 -40.44 -1.83
C LEU I 657 -9.53 -38.92 -1.88
N ASP I 658 -8.75 -38.38 -2.81
CA ASP I 658 -8.71 -36.95 -3.02
C ASP I 658 -9.96 -36.46 -3.73
N SER I 659 -10.60 -37.34 -4.52
CA SER I 659 -11.78 -36.95 -5.28
C SER I 659 -12.96 -36.64 -4.37
N PHE I 660 -13.11 -37.41 -3.29
CA PHE I 660 -14.26 -37.26 -2.41
C PHE I 660 -14.00 -36.16 -1.40
N GLU I 661 -14.85 -36.11 -0.36
CA GLU I 661 -14.70 -35.15 0.72
C GLU I 661 -13.44 -35.40 1.53
N GLU J 1 62.54 -43.86 -48.19
CA GLU J 1 61.56 -44.67 -48.91
C GLU J 1 60.27 -43.89 -49.17
N ASN J 2 59.71 -43.35 -48.09
CA ASN J 2 58.40 -42.73 -48.17
C ASN J 2 58.49 -41.36 -48.84
N SER J 3 57.38 -40.97 -49.47
CA SER J 3 57.21 -39.62 -50.00
C SER J 3 56.64 -38.67 -48.97
N LEU J 4 56.07 -39.19 -47.87
CA LEU J 4 55.64 -38.36 -46.76
C LEU J 4 56.84 -37.68 -46.13
N SER J 5 57.72 -38.49 -45.51
CA SER J 5 59.12 -38.18 -45.20
C SER J 5 59.38 -36.82 -44.57
N THR J 6 58.95 -36.62 -43.32
CA THR J 6 59.02 -35.32 -42.66
C THR J 6 60.46 -34.82 -42.55
N THR J 7 60.64 -33.54 -42.81
CA THR J 7 61.96 -32.94 -42.98
C THR J 7 62.02 -31.64 -42.18
N SER J 8 62.47 -31.74 -40.93
CA SER J 8 62.62 -30.55 -40.08
C SER J 8 63.61 -30.90 -38.98
N LYS J 9 64.76 -30.23 -38.99
CA LYS J 9 65.78 -30.43 -37.96
C LYS J 9 65.64 -29.32 -36.93
N SER J 10 64.90 -29.62 -35.87
CA SER J 10 64.72 -28.72 -34.74
C SER J 10 64.28 -29.54 -33.55
N LYS J 11 64.69 -29.12 -32.36
CA LYS J 11 64.29 -29.82 -31.15
C LYS J 11 62.82 -29.53 -30.86
N ARG J 12 62.02 -30.59 -30.81
CA ARG J 12 60.61 -30.44 -30.51
C ARG J 12 60.42 -30.02 -29.05
N GLN J 13 59.51 -29.07 -28.83
CA GLN J 13 59.28 -28.58 -27.49
C GLN J 13 58.51 -29.62 -26.67
N VAL J 14 58.81 -29.66 -25.37
CA VAL J 14 58.27 -30.70 -24.51
C VAL J 14 56.79 -30.44 -24.25
N ILE J 15 56.00 -31.51 -24.26
CA ILE J 15 54.56 -31.39 -24.11
C ILE J 15 54.11 -31.79 -22.72
N VAL J 16 54.38 -33.03 -22.33
CA VAL J 16 53.96 -33.54 -21.04
C VAL J 16 55.20 -33.85 -20.22
N PRO J 17 55.08 -33.85 -18.89
CA PRO J 17 56.16 -34.38 -18.05
C PRO J 17 55.92 -35.84 -17.69
N VAL J 18 56.99 -36.50 -17.28
CA VAL J 18 56.94 -37.90 -16.87
C VAL J 18 56.61 -37.97 -15.39
N CYS J 19 55.56 -38.70 -15.05
CA CYS J 19 55.05 -38.83 -13.69
C CYS J 19 54.96 -40.31 -13.35
N MET J 20 54.52 -40.59 -12.12
CA MET J 20 54.23 -41.96 -11.73
C MET J 20 52.98 -42.44 -12.46
N PRO J 21 53.00 -43.66 -13.01
CA PRO J 21 51.84 -44.16 -13.76
C PRO J 21 50.65 -44.45 -12.84
N LYS J 22 49.48 -44.01 -13.28
CA LYS J 22 48.28 -44.08 -12.44
C LYS J 22 47.57 -45.42 -12.58
N ILE J 23 48.28 -46.47 -12.22
CA ILE J 23 47.69 -47.80 -12.14
C ILE J 23 47.86 -48.29 -10.72
N HIS J 24 46.98 -49.19 -10.31
CA HIS J 24 47.03 -49.73 -8.96
C HIS J 24 46.92 -51.25 -8.92
N TYR J 25 47.07 -51.92 -10.06
CA TYR J 25 47.13 -53.38 -10.09
C TYR J 25 48.32 -53.81 -10.90
N SER J 26 49.07 -54.77 -10.36
CA SER J 26 50.19 -55.50 -10.96
C SER J 26 51.40 -54.68 -11.38
N PRO J 27 51.90 -53.76 -10.56
CA PRO J 27 53.35 -53.75 -10.33
C PRO J 27 53.62 -54.47 -9.03
N LEU J 28 52.53 -54.84 -8.35
CA LEU J 28 52.57 -55.46 -7.05
C LEU J 28 52.61 -56.98 -7.19
N LYS J 29 52.67 -57.67 -6.05
CA LYS J 29 52.80 -59.11 -6.03
C LYS J 29 51.52 -59.75 -5.50
N THR J 30 51.57 -61.06 -5.31
CA THR J 30 50.46 -61.83 -4.78
C THR J 30 50.84 -62.37 -3.41
N GLY J 31 49.99 -62.14 -2.42
CA GLY J 31 50.32 -62.51 -1.06
C GLY J 31 50.12 -64.00 -0.85
N LEU J 32 50.99 -64.57 -0.01
CA LEU J 32 50.92 -65.97 0.35
C LEU J 32 50.95 -66.08 1.86
N CYS J 33 50.16 -67.00 2.39
CA CYS J 33 50.18 -67.29 3.81
C CYS J 33 50.46 -68.76 4.04
N TYR J 34 51.42 -69.04 4.93
CA TYR J 34 51.89 -70.38 5.21
C TYR J 34 52.66 -70.37 6.52
N ASP J 35 52.48 -71.42 7.32
CA ASP J 35 53.37 -71.67 8.46
C ASP J 35 53.34 -73.15 8.77
N VAL J 36 54.48 -73.66 9.24
CA VAL J 36 54.60 -75.05 9.64
C VAL J 36 53.90 -75.35 10.96
N ARG J 37 53.50 -74.33 11.70
CA ARG J 37 52.84 -74.53 12.98
C ARG J 37 51.42 -75.08 12.85
N MET J 38 50.89 -75.12 11.64
CA MET J 38 49.65 -75.84 11.40
C MET J 38 49.87 -77.35 11.33
N ARG J 39 51.09 -77.79 11.13
CA ARG J 39 51.38 -79.21 11.04
C ARG J 39 51.54 -79.88 12.40
N TYR J 40 51.29 -79.15 13.48
CA TYR J 40 51.36 -79.72 14.82
C TYR J 40 50.22 -80.68 15.06
N HIS J 41 49.05 -80.35 14.52
CA HIS J 41 47.81 -81.04 14.85
C HIS J 41 47.66 -82.29 14.00
N ALA J 42 47.73 -83.45 14.64
CA ALA J 42 47.61 -84.74 13.96
C ALA J 42 46.57 -85.58 14.68
N LYS J 43 46.39 -86.80 14.19
CA LYS J 43 45.39 -87.71 14.71
C LYS J 43 46.02 -88.77 15.61
N ILE J 44 45.26 -89.21 16.60
CA ILE J 44 45.68 -90.28 17.49
C ILE J 44 45.25 -91.61 16.87
N PHE J 45 46.22 -92.40 16.44
CA PHE J 45 45.95 -93.74 15.91
C PHE J 45 45.43 -94.61 17.03
N THR J 46 44.14 -94.92 17.01
CA THR J 46 43.46 -95.53 18.14
C THR J 46 42.93 -96.92 17.86
N SER J 47 42.30 -97.12 16.70
CA SER J 47 41.62 -98.38 16.43
C SER J 47 42.61 -99.51 16.20
N TYR J 48 43.41 -99.39 15.15
CA TYR J 48 44.44 -100.35 14.85
C TYR J 48 45.48 -99.62 13.99
N PHE J 49 46.40 -100.37 13.41
CA PHE J 49 47.38 -99.83 12.48
C PHE J 49 46.63 -99.50 11.19
N GLU J 50 46.00 -98.33 11.18
CA GLU J 50 45.24 -97.83 10.05
C GLU J 50 46.07 -96.90 9.18
N TYR J 51 47.38 -97.14 9.11
CA TYR J 51 48.25 -96.27 8.35
C TYR J 51 48.07 -96.43 6.85
N ILE J 52 47.53 -97.57 6.40
CA ILE J 52 47.33 -97.78 4.98
C ILE J 52 46.17 -96.93 4.49
N ASP J 53 45.15 -96.79 5.33
CA ASP J 53 44.03 -95.88 5.09
C ASP J 53 44.06 -94.74 6.12
N PRO J 54 44.88 -93.72 5.91
CA PRO J 54 44.85 -92.55 6.79
C PRO J 54 43.60 -91.74 6.54
N HIS J 55 43.20 -90.98 7.55
CA HIS J 55 42.13 -90.03 7.31
C HIS J 55 42.70 -88.94 6.40
N PRO J 56 41.99 -88.55 5.36
CA PRO J 56 42.56 -87.63 4.38
C PRO J 56 42.70 -86.18 4.82
N GLU J 57 42.52 -85.88 6.10
CA GLU J 57 42.88 -84.58 6.68
C GLU J 57 44.19 -84.77 7.46
N ASP J 58 45.30 -84.52 6.79
CA ASP J 58 46.65 -84.71 7.31
C ASP J 58 47.48 -83.48 6.97
N PRO J 59 48.57 -83.23 7.71
CA PRO J 59 49.35 -82.01 7.45
C PRO J 59 50.11 -81.96 6.13
N ARG J 60 50.24 -83.06 5.40
CA ARG J 60 51.19 -83.04 4.30
C ARG J 60 50.63 -82.44 3.01
N ARG J 61 49.33 -82.13 2.95
CA ARG J 61 48.75 -81.54 1.75
C ARG J 61 49.29 -80.15 1.48
N ILE J 62 49.43 -79.36 2.54
CA ILE J 62 50.06 -78.04 2.44
C ILE J 62 51.48 -78.18 1.96
N TYR J 63 52.17 -79.24 2.38
CA TYR J 63 53.52 -79.47 1.90
C TYR J 63 53.54 -79.84 0.43
N ARG J 64 52.52 -80.56 -0.04
CA ARG J 64 52.42 -80.87 -1.47
C ARG J 64 52.21 -79.61 -2.29
N ILE J 65 51.34 -78.73 -1.80
CA ILE J 65 51.04 -77.48 -2.50
C ILE J 65 52.28 -76.59 -2.54
N TYR J 66 52.94 -76.45 -1.40
CA TYR J 66 54.15 -75.65 -1.31
C TYR J 66 55.27 -76.24 -2.15
N LYS J 67 55.28 -77.57 -2.27
CA LYS J 67 56.24 -78.24 -3.12
C LYS J 67 55.99 -77.91 -4.57
N ILE J 68 54.72 -77.89 -4.99
CA ILE J 68 54.41 -77.66 -6.40
C ILE J 68 54.74 -76.23 -6.77
N LEU J 69 54.37 -75.29 -5.89
CA LEU J 69 54.64 -73.87 -6.15
C LEU J 69 56.13 -73.59 -6.20
N ALA J 70 56.92 -74.26 -5.37
CA ALA J 70 58.36 -74.11 -5.53
C ALA J 70 58.84 -74.85 -6.77
N GLU J 71 58.17 -75.94 -7.14
CA GLU J 71 58.57 -76.74 -8.28
C GLU J 71 58.25 -76.12 -9.63
N ASN J 72 57.45 -75.08 -9.67
CA ASN J 72 57.19 -74.41 -10.94
C ASN J 72 57.73 -73.00 -10.98
N GLY J 73 58.86 -72.76 -10.32
CA GLY J 73 59.56 -71.51 -10.47
C GLY J 73 58.90 -70.31 -9.83
N LEU J 74 57.94 -70.52 -8.94
CA LEU J 74 57.29 -69.40 -8.30
C LEU J 74 58.02 -68.99 -7.03
N ILE J 75 58.33 -69.97 -6.19
CA ILE J 75 59.00 -69.73 -4.92
C ILE J 75 60.49 -69.98 -5.10
N ASN J 76 61.31 -69.06 -4.62
CA ASN J 76 62.75 -69.26 -4.61
C ASN J 76 63.26 -69.73 -3.25
N ASP J 77 62.43 -70.46 -2.51
CA ASP J 77 62.80 -71.04 -1.24
C ASP J 77 63.07 -72.53 -1.40
N PRO J 78 64.32 -72.97 -1.38
CA PRO J 78 64.61 -74.38 -1.63
C PRO J 78 64.25 -75.27 -0.46
N THR J 79 64.46 -74.76 0.76
CA THR J 79 64.39 -75.58 1.95
C THR J 79 62.96 -75.91 2.38
N LEU J 80 61.96 -75.27 1.77
CA LEU J 80 60.53 -75.50 2.04
C LEU J 80 60.18 -75.23 3.49
N SER J 81 60.83 -74.25 4.08
CA SER J 81 60.43 -73.67 5.34
C SER J 81 60.02 -72.22 5.11
N GLY J 82 59.22 -71.69 6.03
CA GLY J 82 58.74 -70.34 5.87
C GLY J 82 59.83 -69.30 6.02
N VAL J 83 60.23 -68.69 4.90
CA VAL J 83 61.18 -67.59 4.90
C VAL J 83 60.45 -66.33 4.42
N ASP J 84 61.16 -65.20 4.41
CA ASP J 84 60.55 -63.96 3.94
C ASP J 84 60.95 -63.64 2.51
N ASP J 85 62.18 -63.92 2.12
CA ASP J 85 62.63 -63.68 0.76
C ASP J 85 62.04 -64.78 -0.12
N LEU J 86 60.94 -64.48 -0.78
CA LEU J 86 60.39 -65.45 -1.70
C LEU J 86 60.87 -65.19 -3.13
N GLY J 87 61.04 -63.93 -3.49
CA GLY J 87 61.46 -63.59 -4.82
C GLY J 87 60.85 -62.33 -5.40
N ASP J 88 60.22 -62.44 -6.56
CA ASP J 88 59.72 -61.28 -7.28
C ASP J 88 58.25 -61.35 -7.64
N LEU J 89 57.64 -62.53 -7.65
CA LEU J 89 56.25 -62.64 -8.05
C LEU J 89 55.31 -62.63 -6.86
N MET J 90 55.79 -62.98 -5.68
CA MET J 90 54.94 -63.10 -4.51
C MET J 90 55.65 -62.48 -3.32
N LEU J 91 54.87 -62.29 -2.26
CA LEU J 91 55.38 -61.79 -1.00
C LEU J 91 54.84 -62.68 0.10
N LYS J 92 55.72 -63.23 0.92
CA LYS J 92 55.27 -64.04 2.05
C LYS J 92 54.65 -63.12 3.10
N ILE J 93 53.41 -63.38 3.44
CA ILE J 93 52.78 -62.66 4.53
C ILE J 93 53.07 -63.41 5.82
N PRO J 94 53.47 -62.73 6.87
CA PRO J 94 53.56 -63.39 8.18
C PRO J 94 52.20 -63.75 8.74
N VAL J 95 52.17 -64.41 9.88
CA VAL J 95 50.93 -64.88 10.47
C VAL J 95 51.06 -64.86 11.99
N ARG J 96 50.02 -64.37 12.66
CA ARG J 96 49.92 -64.53 14.09
C ARG J 96 48.59 -65.20 14.38
N ALA J 97 48.47 -65.80 15.56
CA ALA J 97 47.26 -66.55 15.86
C ALA J 97 46.13 -65.60 16.26
N ALA J 98 44.93 -66.14 16.32
CA ALA J 98 43.76 -65.36 16.65
C ALA J 98 43.68 -65.18 18.16
N THR J 99 43.41 -63.96 18.60
CA THR J 99 43.21 -63.73 20.02
C THR J 99 41.79 -64.14 20.40
N SER J 100 41.49 -64.01 21.70
CA SER J 100 40.16 -64.36 22.17
C SER J 100 39.14 -63.33 21.71
N GLU J 101 39.55 -62.06 21.65
CA GLU J 101 38.62 -60.96 21.42
C GLU J 101 38.01 -61.05 20.03
N GLU J 102 38.82 -61.35 19.04
CA GLU J 102 38.30 -61.49 17.68
C GLU J 102 37.57 -62.81 17.50
N ILE J 103 37.91 -63.83 18.27
CA ILE J 103 37.28 -65.13 18.10
C ILE J 103 35.98 -65.27 18.87
N LEU J 104 35.71 -64.39 19.83
CA LEU J 104 34.42 -64.39 20.50
C LEU J 104 33.39 -63.57 19.75
N GLU J 105 33.77 -62.96 18.63
CA GLU J 105 32.87 -62.11 17.87
C GLU J 105 31.74 -62.91 17.25
N VAL J 106 32.05 -64.11 16.74
CA VAL J 106 31.04 -64.97 16.16
C VAL J 106 30.83 -66.24 16.97
N HIS J 107 31.82 -66.68 17.74
CA HIS J 107 31.70 -67.88 18.54
C HIS J 107 31.39 -67.52 19.99
N THR J 108 30.78 -68.46 20.68
CA THR J 108 30.28 -68.22 22.02
C THR J 108 31.35 -68.47 23.08
N LYS J 109 31.01 -68.11 24.32
CA LYS J 109 31.92 -68.34 25.45
C LYS J 109 32.08 -69.82 25.72
N GLU J 110 30.97 -70.58 25.62
CA GLU J 110 30.97 -71.98 26.01
C GLU J 110 31.83 -72.82 25.09
N HIS J 111 31.79 -72.53 23.78
CA HIS J 111 32.65 -73.23 22.84
C HIS J 111 34.12 -72.91 23.07
N LEU J 112 34.43 -71.66 23.46
CA LEU J 112 35.81 -71.31 23.71
C LEU J 112 36.33 -71.96 25.00
N GLU J 113 35.48 -72.04 26.02
CA GLU J 113 35.86 -72.77 27.23
C GLU J 113 36.03 -74.24 26.96
N PHE J 114 35.20 -74.80 26.07
CA PHE J 114 35.32 -76.20 25.70
C PHE J 114 36.64 -76.49 25.00
N ILE J 115 36.99 -75.67 23.99
CA ILE J 115 38.23 -75.92 23.28
C ILE J 115 39.44 -75.56 24.13
N GLU J 116 39.27 -74.65 25.08
CA GLU J 116 40.37 -74.32 25.97
C GLU J 116 40.59 -75.42 27.00
N SER J 117 39.52 -76.09 27.42
CA SER J 117 39.66 -77.18 28.36
C SER J 117 40.18 -78.44 27.70
N THR J 118 39.87 -78.65 26.42
CA THR J 118 40.30 -79.89 25.75
C THR J 118 41.76 -79.89 25.33
N GLU J 119 42.54 -78.87 25.69
CA GLU J 119 43.96 -78.88 25.35
C GLU J 119 44.72 -79.91 26.17
N LYS J 120 44.55 -79.88 27.50
CA LYS J 120 45.36 -80.66 28.42
C LYS J 120 44.56 -81.79 29.07
N MET J 121 43.74 -82.47 28.28
CA MET J 121 42.95 -83.59 28.78
C MET J 121 43.81 -84.84 28.86
N SER J 122 43.17 -85.97 29.15
CA SER J 122 43.85 -87.26 29.18
C SER J 122 43.89 -87.84 27.78
N ARG J 123 44.30 -89.10 27.67
CA ARG J 123 44.15 -89.79 26.40
C ARG J 123 42.70 -90.22 26.20
N GLU J 124 42.13 -90.88 27.21
CA GLU J 124 40.80 -91.45 27.07
C GLU J 124 39.71 -90.39 27.03
N GLU J 125 39.92 -89.23 27.66
CA GLU J 125 38.94 -88.16 27.58
C GLU J 125 38.90 -87.56 26.18
N LEU J 126 40.06 -87.41 25.55
CA LEU J 126 40.11 -86.94 24.16
C LEU J 126 39.49 -87.95 23.22
N LEU J 127 39.68 -89.24 23.50
CA LEU J 127 39.04 -90.26 22.67
C LEU J 127 37.53 -90.26 22.86
N LYS J 128 37.06 -90.00 24.08
CA LYS J 128 35.62 -89.97 24.33
C LYS J 128 34.97 -88.74 23.70
N GLU J 129 35.64 -87.59 23.72
CA GLU J 129 35.07 -86.45 23.01
C GLU J 129 35.22 -86.57 21.50
N THR J 130 36.20 -87.34 21.03
CA THR J 130 36.30 -87.61 19.60
C THR J 130 35.13 -88.48 19.13
N GLU J 131 34.80 -89.53 19.89
CA GLU J 131 33.62 -90.30 19.51
C GLU J 131 32.31 -89.60 19.87
N LYS J 132 32.36 -88.54 20.68
CA LYS J 132 31.13 -87.84 21.03
C LYS J 132 30.64 -86.98 19.87
N GLY J 133 31.56 -86.29 19.18
CA GLY J 133 31.18 -85.36 18.13
C GLY J 133 31.05 -85.99 16.75
N ASP J 134 30.37 -85.26 15.87
CA ASP J 134 30.03 -85.76 14.54
C ASP J 134 31.23 -85.61 13.61
N SER J 135 32.00 -86.69 13.47
CA SER J 135 33.15 -86.80 12.57
C SER J 135 34.19 -85.71 12.86
N VAL J 136 34.71 -85.74 14.08
CA VAL J 136 35.77 -84.85 14.53
C VAL J 136 36.84 -85.69 15.21
N TYR J 137 37.95 -85.03 15.52
CA TYR J 137 38.97 -85.64 16.36
C TYR J 137 39.73 -84.53 17.06
N PHE J 138 39.96 -84.73 18.34
CA PHE J 138 40.65 -83.78 19.18
C PHE J 138 42.09 -84.24 19.37
N ASN J 139 42.89 -83.40 20.01
CA ASN J 139 44.26 -83.77 20.31
C ASN J 139 44.77 -82.97 21.50
N ASN J 140 45.85 -83.49 22.09
CA ASN J 140 46.64 -82.69 23.01
C ASN J 140 47.21 -81.49 22.28
N ASP J 141 47.71 -81.71 21.06
CA ASP J 141 48.26 -80.67 20.22
C ASP J 141 47.19 -80.19 19.25
N SER J 142 46.20 -79.48 19.79
CA SER J 142 45.09 -79.01 18.97
C SER J 142 44.70 -77.56 19.20
N TYR J 143 44.99 -76.98 20.36
CA TYR J 143 44.41 -75.69 20.69
C TYR J 143 45.13 -74.55 19.99
N ALA J 144 46.45 -74.50 20.09
CA ALA J 144 47.19 -73.40 19.50
C ALA J 144 47.22 -73.49 17.97
N SER J 145 47.10 -74.69 17.41
CA SER J 145 47.01 -74.83 15.96
C SER J 145 45.61 -74.57 15.43
N ALA J 146 44.63 -74.36 16.30
CA ALA J 146 43.30 -73.93 15.91
C ALA J 146 43.08 -72.44 16.09
N ARG J 147 44.12 -71.70 16.46
CA ARG J 147 44.05 -70.26 16.53
C ARG J 147 44.83 -69.57 15.42
N LEU J 148 45.66 -70.31 14.72
CA LEU J 148 46.36 -69.85 13.52
C LEU J 148 45.55 -69.73 12.23
N PRO J 149 44.54 -70.58 11.93
CA PRO J 149 43.74 -70.34 10.71
C PRO J 149 43.03 -69.00 10.62
N CYS J 150 42.34 -68.60 11.69
CA CYS J 150 41.65 -67.32 11.69
C CYS J 150 42.62 -66.16 11.58
N GLY J 151 43.78 -66.30 12.21
CA GLY J 151 44.80 -65.27 12.09
C GLY J 151 45.38 -65.18 10.69
N GLY J 152 45.59 -66.33 10.04
CA GLY J 152 46.12 -66.32 8.69
C GLY J 152 45.15 -65.70 7.69
N ALA J 153 43.87 -66.03 7.83
CA ALA J 153 42.85 -65.45 6.97
C ALA J 153 42.73 -63.95 7.22
N ILE J 154 42.79 -63.55 8.49
CA ILE J 154 42.64 -62.14 8.84
C ILE J 154 43.83 -61.33 8.32
N GLU J 155 45.03 -61.90 8.41
CA GLU J 155 46.20 -61.16 7.94
C GLU J 155 46.24 -61.07 6.42
N ALA J 156 45.82 -62.14 5.72
CA ALA J 156 45.75 -62.08 4.27
C ALA J 156 44.72 -61.05 3.81
N CYS J 157 43.56 -61.04 4.47
CA CYS J 157 42.50 -60.12 4.09
C CYS J 157 42.87 -58.68 4.41
N LYS J 158 43.56 -58.44 5.52
CA LYS J 158 43.96 -57.08 5.85
C LYS J 158 45.07 -56.61 4.94
N ALA J 159 45.95 -57.49 4.49
CA ALA J 159 46.96 -57.06 3.53
C ALA J 159 46.35 -56.75 2.18
N VAL J 160 45.26 -57.43 1.82
CA VAL J 160 44.57 -57.07 0.59
C VAL J 160 43.84 -55.76 0.74
N VAL J 161 43.04 -55.62 1.81
CA VAL J 161 42.12 -54.51 1.95
C VAL J 161 42.87 -53.21 2.17
N GLU J 162 43.93 -53.25 2.97
CA GLU J 162 44.77 -52.06 3.12
C GLU J 162 45.60 -51.77 1.89
N GLY J 163 45.57 -52.61 0.87
CA GLY J 163 46.26 -52.30 -0.36
C GLY J 163 47.74 -52.57 -0.30
N ARG J 164 48.20 -53.41 0.61
CA ARG J 164 49.58 -53.83 0.56
C ARG J 164 49.84 -54.86 -0.52
N VAL J 165 48.78 -55.47 -1.06
CA VAL J 165 48.93 -56.57 -1.99
C VAL J 165 47.65 -56.68 -2.78
N LYS J 166 47.75 -57.25 -3.99
CA LYS J 166 46.59 -57.34 -4.86
C LYS J 166 45.62 -58.42 -4.41
N ASN J 167 46.06 -59.67 -4.44
CA ASN J 167 45.24 -60.80 -4.07
C ASN J 167 46.04 -61.73 -3.19
N SER J 168 45.34 -62.55 -2.42
CA SER J 168 45.98 -63.36 -1.39
C SER J 168 45.56 -64.82 -1.50
N LEU J 169 46.54 -65.71 -1.42
CA LEU J 169 46.34 -67.14 -1.31
C LEU J 169 46.85 -67.58 0.05
N ALA J 170 45.96 -68.15 0.85
CA ALA J 170 46.28 -68.54 2.22
C ALA J 170 46.04 -70.03 2.36
N VAL J 171 47.03 -70.85 2.02
CA VAL J 171 46.89 -72.28 2.20
C VAL J 171 47.02 -72.61 3.69
N VAL J 172 45.93 -73.15 4.25
CA VAL J 172 45.72 -73.24 5.70
C VAL J 172 44.90 -74.49 5.99
N ARG J 173 45.37 -75.33 6.92
CA ARG J 173 44.53 -76.32 7.55
C ARG J 173 44.49 -76.00 9.03
N PRO J 174 43.50 -76.51 9.79
CA PRO J 174 42.28 -77.29 9.52
C PRO J 174 41.25 -76.49 8.77
N PRO J 175 40.30 -77.17 8.14
CA PRO J 175 39.17 -76.46 7.51
C PRO J 175 38.32 -75.74 8.54
N GLY J 176 37.62 -74.71 8.06
CA GLY J 176 36.81 -73.85 8.90
C GLY J 176 35.47 -73.50 8.28
N HIS J 177 34.84 -74.43 7.57
CA HIS J 177 33.63 -74.13 6.84
C HIS J 177 32.44 -75.02 7.21
N HIS J 178 32.56 -75.82 8.25
CA HIS J 178 31.43 -76.61 8.72
C HIS J 178 30.97 -76.29 10.13
N ALA J 179 31.77 -75.54 10.88
CA ALA J 179 31.54 -75.39 12.31
C ALA J 179 30.43 -74.39 12.62
N GLU J 180 29.45 -74.83 13.39
CA GLU J 180 28.44 -73.95 13.92
C GLU J 180 29.06 -73.00 14.94
N PRO J 181 28.40 -71.88 15.25
CA PRO J 181 28.97 -70.94 16.23
C PRO J 181 29.06 -71.48 17.65
N GLN J 182 28.22 -72.44 18.02
CA GLN J 182 28.21 -72.95 19.39
C GLN J 182 28.91 -74.29 19.54
N ALA J 183 29.16 -75.01 18.44
CA ALA J 183 29.72 -76.34 18.52
C ALA J 183 30.49 -76.63 17.25
N ALA J 184 31.55 -77.43 17.40
CA ALA J 184 32.37 -77.81 16.27
C ALA J 184 31.73 -78.99 15.55
N GLY J 185 32.32 -79.39 14.44
CA GLY J 185 31.76 -80.49 13.69
C GLY J 185 32.40 -80.69 12.34
N GLY J 186 32.55 -81.95 11.95
CA GLY J 186 33.03 -82.30 10.63
C GLY J 186 34.45 -81.90 10.33
N PHE J 187 35.35 -82.16 11.29
CA PHE J 187 36.77 -81.80 11.22
C PHE J 187 36.96 -80.30 11.02
N CYS J 188 36.06 -79.53 11.63
CA CYS J 188 36.13 -78.07 11.64
C CYS J 188 36.04 -77.63 13.09
N LEU J 189 36.95 -76.75 13.50
CA LEU J 189 37.04 -76.33 14.89
C LEU J 189 36.61 -74.89 15.09
N PHE J 190 37.05 -74.00 14.22
CA PHE J 190 36.64 -72.59 14.26
C PHE J 190 36.32 -72.14 12.85
N SER J 191 35.16 -71.48 12.71
CA SER J 191 34.66 -71.05 11.40
C SER J 191 35.50 -69.87 10.93
N ASN J 192 36.50 -70.15 10.10
CA ASN J 192 37.58 -69.20 9.83
C ASN J 192 37.09 -67.99 9.06
N VAL J 193 36.37 -68.23 7.97
CA VAL J 193 36.03 -67.16 7.05
C VAL J 193 35.02 -66.21 7.68
N ALA J 194 34.16 -66.73 8.57
CA ALA J 194 33.21 -65.87 9.25
C ALA J 194 33.92 -64.97 10.25
N VAL J 195 34.91 -65.52 10.95
CA VAL J 195 35.78 -64.75 11.84
C VAL J 195 36.44 -63.62 11.06
N ALA J 196 37.01 -63.95 9.91
CA ALA J 196 37.73 -62.95 9.12
C ALA J 196 36.79 -61.86 8.60
N ALA J 197 35.62 -62.27 8.11
CA ALA J 197 34.67 -61.31 7.55
C ALA J 197 34.14 -60.37 8.60
N LYS J 198 33.73 -60.90 9.75
CA LYS J 198 33.24 -60.04 10.83
C LYS J 198 34.34 -59.16 11.38
N ASN J 199 35.58 -59.65 11.39
CA ASN J 199 36.68 -58.84 11.89
C ASN J 199 36.99 -57.69 10.95
N ILE J 200 36.86 -57.92 9.64
CA ILE J 200 36.98 -56.81 8.70
C ILE J 200 35.84 -55.82 8.89
N LEU J 201 34.62 -56.35 9.03
CA LEU J 201 33.43 -55.51 9.07
C LEU J 201 33.42 -54.62 10.30
N LYS J 202 33.94 -55.10 11.42
CA LYS J 202 34.10 -54.19 12.55
C LYS J 202 35.31 -53.29 12.34
N ASN J 203 36.45 -53.88 11.99
CA ASN J 203 37.69 -53.13 11.99
C ASN J 203 37.86 -52.24 10.77
N TYR J 204 36.98 -52.32 9.78
CA TYR J 204 37.06 -51.44 8.62
C TYR J 204 35.68 -51.01 8.16
N PRO J 205 34.95 -50.24 8.98
CA PRO J 205 33.65 -49.77 8.51
C PRO J 205 33.75 -48.47 7.73
N GLU J 206 34.74 -48.35 6.86
CA GLU J 206 34.93 -47.15 6.07
C GLU J 206 35.28 -47.44 4.63
N SER J 207 35.69 -48.66 4.28
CA SER J 207 35.94 -49.03 2.92
C SER J 207 35.31 -50.36 2.55
N VAL J 208 34.76 -51.08 3.51
CA VAL J 208 34.10 -52.36 3.27
C VAL J 208 32.76 -52.32 3.96
N ARG J 209 31.69 -52.57 3.21
CA ARG J 209 30.39 -52.78 3.83
C ARG J 209 29.63 -53.95 3.26
N ARG J 210 30.04 -54.51 2.13
CA ARG J 210 29.35 -55.64 1.52
C ARG J 210 30.39 -56.67 1.09
N ILE J 211 30.18 -57.92 1.44
CA ILE J 211 31.15 -58.97 1.18
C ILE J 211 30.44 -60.17 0.58
N MET J 212 30.91 -60.62 -0.57
CA MET J 212 30.35 -61.79 -1.23
C MET J 212 31.27 -62.99 -1.01
N ILE J 213 30.71 -64.08 -0.47
CA ILE J 213 31.46 -65.27 -0.12
C ILE J 213 30.93 -66.45 -0.91
N LEU J 214 31.81 -67.09 -1.66
CA LEU J 214 31.46 -68.25 -2.47
C LEU J 214 32.07 -69.50 -1.87
N ASP J 215 31.38 -70.62 -2.05
CA ASP J 215 31.87 -71.94 -1.66
C ASP J 215 31.69 -72.93 -2.78
N TRP J 216 32.78 -73.33 -3.43
CA TRP J 216 32.67 -74.39 -4.40
C TRP J 216 33.07 -75.75 -3.84
N ASP J 217 33.13 -75.88 -2.52
CA ASP J 217 33.32 -77.21 -1.95
C ASP J 217 32.06 -78.03 -2.09
N ILE J 218 32.24 -79.33 -2.36
CA ILE J 218 31.11 -80.21 -2.62
C ILE J 218 30.27 -80.48 -1.38
N HIS J 219 30.77 -80.13 -0.21
CA HIS J 219 29.96 -80.15 1.00
C HIS J 219 29.40 -78.76 1.25
N HIS J 220 28.21 -78.72 1.82
CA HIS J 220 27.51 -77.48 2.05
C HIS J 220 28.09 -76.76 3.27
N GLY J 221 28.26 -75.46 3.14
CA GLY J 221 28.88 -74.66 4.18
C GLY J 221 27.89 -74.34 5.29
N ASN J 222 27.68 -75.31 6.17
CA ASN J 222 26.59 -75.27 7.14
C ASN J 222 26.73 -74.09 8.11
N GLY J 223 27.82 -74.08 8.87
CA GLY J 223 27.95 -73.09 9.94
C GLY J 223 28.13 -71.68 9.43
N THR J 224 28.84 -71.52 8.31
CA THR J 224 29.01 -70.18 7.77
C THR J 224 27.73 -69.64 7.17
N GLN J 225 26.80 -70.52 6.77
CA GLN J 225 25.48 -70.05 6.40
C GLN J 225 24.69 -69.68 7.64
N LYS J 226 24.78 -70.50 8.68
CA LYS J 226 23.99 -70.28 9.88
C LYS J 226 24.44 -69.04 10.63
N SER J 227 25.69 -68.65 10.47
CA SER J 227 26.17 -67.44 11.10
C SER J 227 25.64 -66.18 10.42
N PHE J 228 25.25 -66.26 9.15
CA PHE J 228 24.84 -65.09 8.40
C PHE J 228 23.42 -65.20 7.87
N TYR J 229 22.60 -66.06 8.46
CA TYR J 229 21.22 -66.19 8.00
C TYR J 229 20.35 -65.02 8.41
N GLN J 230 20.84 -64.13 9.26
CA GLN J 230 20.10 -62.94 9.65
C GLN J 230 20.85 -61.65 9.33
N ASP J 231 21.93 -61.73 8.56
CA ASP J 231 22.67 -60.53 8.18
C ASP J 231 22.37 -60.15 6.74
N ASP J 232 22.41 -58.86 6.49
CA ASP J 232 22.10 -58.31 5.18
C ASP J 232 23.31 -57.74 4.46
N GLN J 233 24.42 -57.54 5.15
CA GLN J 233 25.59 -56.97 4.52
C GLN J 233 26.57 -58.02 4.01
N VAL J 234 26.20 -59.28 4.07
CA VAL J 234 27.05 -60.35 3.60
C VAL J 234 26.23 -61.29 2.73
N LEU J 235 26.78 -61.60 1.56
CA LEU J 235 26.15 -62.52 0.63
C LEU J 235 26.88 -63.84 0.70
N TYR J 236 26.13 -64.93 0.71
CA TYR J 236 26.71 -66.27 0.70
C TYR J 236 26.13 -67.06 -0.45
N VAL J 237 26.98 -67.75 -1.17
CA VAL J 237 26.54 -68.63 -2.25
C VAL J 237 27.33 -69.93 -2.15
N SER J 238 26.64 -71.05 -2.35
CA SER J 238 27.29 -72.35 -2.27
C SER J 238 26.88 -73.23 -3.43
N LEU J 239 27.79 -74.12 -3.81
CA LEU J 239 27.53 -75.12 -4.83
C LEU J 239 27.85 -76.48 -4.23
N HIS J 240 26.84 -77.33 -4.09
CA HIS J 240 27.11 -78.64 -3.48
C HIS J 240 26.05 -79.64 -3.92
N ARG J 241 26.34 -80.90 -3.67
CA ARG J 241 25.32 -81.93 -3.76
C ARG J 241 24.51 -81.91 -2.48
N PHE J 242 23.21 -82.17 -2.59
CA PHE J 242 22.36 -82.09 -1.41
C PHE J 242 21.75 -83.43 -1.01
N GLU J 243 20.91 -84.02 -1.87
CA GLU J 243 20.45 -85.41 -1.82
C GLU J 243 19.71 -85.86 -0.55
N MET J 244 19.54 -84.96 0.43
CA MET J 244 18.75 -85.14 1.66
C MET J 244 19.18 -86.38 2.44
N GLY J 245 20.37 -86.30 3.01
CA GLY J 245 20.82 -87.26 4.00
C GLY J 245 21.83 -88.27 3.48
N LYS J 246 21.92 -88.45 2.16
CA LYS J 246 22.89 -89.40 1.62
C LYS J 246 24.30 -88.84 1.74
N TYR J 247 24.52 -87.63 1.26
CA TYR J 247 25.81 -87.00 1.35
C TYR J 247 25.91 -86.16 2.62
N TYR J 248 27.13 -85.86 3.02
CA TYR J 248 27.35 -85.10 4.23
C TYR J 248 26.94 -83.65 4.03
N PRO J 249 26.27 -83.03 5.03
CA PRO J 249 25.70 -83.70 6.20
C PRO J 249 24.31 -84.19 5.94
N GLY J 250 23.65 -83.60 4.94
CA GLY J 250 22.32 -83.99 4.58
C GLY J 250 21.28 -83.59 5.60
N THR J 251 21.07 -82.29 5.76
CA THR J 251 20.00 -81.75 6.58
C THR J 251 19.26 -80.69 5.77
N ILE J 252 18.27 -80.04 6.40
CA ILE J 252 17.39 -79.16 5.65
C ILE J 252 18.07 -77.84 5.27
N GLN J 253 19.14 -77.45 5.96
CA GLN J 253 19.80 -76.21 5.61
C GLN J 253 20.70 -76.33 4.39
N GLY J 254 20.89 -77.54 3.87
CA GLY J 254 21.53 -77.66 2.59
C GLY J 254 20.60 -77.50 1.41
N GLN J 255 19.30 -77.53 1.65
CA GLN J 255 18.35 -77.43 0.55
C GLN J 255 18.28 -76.00 0.02
N TYR J 256 17.95 -75.88 -1.27
CA TYR J 256 18.13 -74.62 -1.97
C TYR J 256 17.10 -73.57 -1.58
N ASP J 257 15.90 -74.00 -1.20
CA ASP J 257 14.79 -73.10 -0.92
C ASP J 257 15.00 -72.26 0.34
N GLN J 258 16.01 -72.55 1.13
CA GLN J 258 16.44 -71.63 2.16
C GLN J 258 17.13 -70.44 1.54
N THR J 259 16.56 -69.25 1.72
CA THR J 259 17.08 -68.04 1.11
C THR J 259 17.59 -67.01 2.12
N GLY J 260 17.27 -67.16 3.39
CA GLY J 260 17.56 -66.11 4.35
C GLY J 260 16.37 -65.88 5.25
N GLU J 261 16.53 -64.98 6.22
CA GLU J 261 15.47 -64.75 7.19
C GLU J 261 15.52 -63.29 7.61
N GLY J 262 14.34 -62.69 7.76
CA GLY J 262 14.25 -61.35 8.31
C GLY J 262 14.80 -60.31 7.37
N LYS J 263 15.55 -59.36 7.92
CA LYS J 263 16.14 -58.32 7.09
C LYS J 263 17.35 -58.81 6.31
N GLY J 264 17.84 -60.02 6.59
CA GLY J 264 18.91 -60.57 5.80
C GLY J 264 18.40 -61.50 4.71
N GLU J 265 17.13 -61.36 4.37
CA GLU J 265 16.52 -62.19 3.34
C GLU J 265 17.08 -61.84 1.97
N GLY J 266 17.17 -62.85 1.12
CA GLY J 266 17.67 -62.63 -0.22
C GLY J 266 19.15 -62.40 -0.29
N PHE J 267 19.91 -63.00 0.62
CA PHE J 267 21.37 -62.88 0.60
C PHE J 267 22.01 -64.24 0.78
N ASN J 268 21.38 -65.28 0.24
CA ASN J 268 21.84 -66.64 0.45
C ASN J 268 21.37 -67.50 -0.71
N CYS J 269 22.30 -68.06 -1.47
CA CYS J 269 21.97 -68.83 -2.65
C CYS J 269 22.63 -70.19 -2.59
N ASN J 270 21.87 -71.22 -2.98
CA ASN J 270 22.33 -72.60 -2.92
C ASN J 270 22.07 -73.27 -4.26
N ILE J 271 23.08 -73.98 -4.77
CA ILE J 271 22.97 -74.69 -6.03
C ILE J 271 23.22 -76.16 -5.73
N THR J 272 22.19 -76.98 -5.89
CA THR J 272 22.21 -78.36 -5.44
C THR J 272 22.29 -79.29 -6.63
N TRP J 273 23.46 -79.86 -6.86
CA TRP J 273 23.58 -80.89 -7.87
C TRP J 273 22.84 -82.13 -7.36
N PRO J 274 21.84 -82.60 -8.08
CA PRO J 274 21.00 -83.69 -7.54
C PRO J 274 21.67 -85.04 -7.62
N VAL J 275 22.53 -85.22 -8.60
CA VAL J 275 23.29 -86.45 -8.76
C VAL J 275 24.75 -86.08 -8.95
N GLY J 276 25.62 -86.83 -8.28
CA GLY J 276 27.04 -86.66 -8.50
C GLY J 276 27.45 -87.10 -9.89
N GLY J 277 28.55 -86.54 -10.37
CA GLY J 277 29.07 -86.91 -11.66
C GLY J 277 29.07 -85.77 -12.65
N VAL J 278 29.05 -84.54 -12.14
CA VAL J 278 29.09 -83.37 -13.01
C VAL J 278 30.51 -83.17 -13.55
N GLY J 279 30.60 -82.41 -14.63
CA GLY J 279 31.84 -82.07 -15.26
C GLY J 279 32.00 -80.56 -15.38
N ASP J 280 32.66 -80.15 -16.46
CA ASP J 280 33.05 -78.75 -16.59
C ASP J 280 31.87 -77.87 -16.93
N ALA J 281 31.06 -78.28 -17.91
CA ALA J 281 30.06 -77.40 -18.49
C ALA J 281 28.94 -77.10 -17.51
N GLU J 282 28.70 -78.00 -16.57
CA GLU J 282 27.77 -77.74 -15.48
C GLU J 282 28.24 -76.56 -14.64
N TYR J 283 29.52 -76.54 -14.31
CA TYR J 283 30.06 -75.43 -13.53
C TYR J 283 30.08 -74.14 -14.33
N MET J 284 30.40 -74.25 -15.62
CA MET J 284 30.46 -73.05 -16.47
C MET J 284 29.08 -72.44 -16.63
N TRP J 285 28.07 -73.28 -16.87
CA TRP J 285 26.71 -72.79 -17.02
C TRP J 285 26.19 -72.24 -15.70
N ALA J 286 26.55 -72.88 -14.59
CA ALA J 286 26.09 -72.38 -13.30
C ALA J 286 26.74 -71.05 -12.96
N PHE J 287 27.97 -70.84 -13.40
CA PHE J 287 28.60 -69.55 -13.18
C PHE J 287 28.00 -68.48 -14.07
N GLU J 288 27.75 -68.82 -15.33
CA GLU J 288 27.32 -67.81 -16.29
C GLU J 288 25.89 -67.38 -16.05
N GLN J 289 25.03 -68.30 -15.64
CA GLN J 289 23.63 -67.95 -15.55
C GLN J 289 23.21 -67.51 -14.15
N VAL J 290 24.03 -67.76 -13.13
CA VAL J 290 23.59 -67.49 -11.77
C VAL J 290 24.59 -66.59 -11.04
N VAL J 291 25.85 -66.99 -11.04
CA VAL J 291 26.83 -66.40 -10.14
C VAL J 291 27.17 -64.98 -10.57
N MET J 292 27.69 -64.83 -11.78
CA MET J 292 28.11 -63.53 -12.26
C MET J 292 27.03 -62.45 -12.33
N PRO J 293 25.78 -62.69 -12.77
CA PRO J 293 24.84 -61.56 -12.79
C PRO J 293 24.45 -61.11 -11.41
N MET J 294 24.25 -62.03 -10.48
CA MET J 294 23.96 -61.61 -9.11
C MET J 294 25.16 -60.95 -8.47
N GLY J 295 26.36 -61.36 -8.88
CA GLY J 295 27.55 -60.73 -8.36
C GLY J 295 27.69 -59.28 -8.83
N ARG J 296 27.48 -59.06 -10.13
CA ARG J 296 27.48 -57.70 -10.66
C ARG J 296 26.34 -56.89 -10.12
N GLU J 297 25.25 -57.55 -9.74
CA GLU J 297 24.16 -56.88 -9.07
C GLU J 297 24.57 -56.41 -7.68
N PHE J 298 25.27 -57.25 -6.93
CA PHE J 298 25.43 -56.95 -5.52
C PHE J 298 26.42 -55.84 -5.22
N LYS J 299 27.32 -55.55 -6.18
CA LYS J 299 28.43 -54.60 -6.05
C LYS J 299 29.25 -54.92 -4.82
N PRO J 300 30.04 -55.97 -4.84
CA PRO J 300 30.77 -56.38 -3.64
C PRO J 300 31.99 -55.50 -3.39
N ASP J 301 32.25 -55.25 -2.11
CA ASP J 301 33.49 -54.60 -1.73
C ASP J 301 34.64 -55.58 -1.61
N LEU J 302 34.32 -56.86 -1.41
CA LEU J 302 35.31 -57.86 -1.10
C LEU J 302 34.73 -59.23 -1.39
N VAL J 303 35.53 -60.08 -2.02
CA VAL J 303 35.09 -61.40 -2.44
C VAL J 303 35.94 -62.43 -1.72
N ILE J 304 35.27 -63.33 -1.01
CA ILE J 304 35.92 -64.40 -0.26
C ILE J 304 35.60 -65.73 -0.94
N ILE J 305 36.59 -66.31 -1.58
CA ILE J 305 36.47 -67.67 -2.06
C ILE J 305 36.83 -68.59 -0.93
N SER J 306 35.95 -69.53 -0.61
CA SER J 306 36.24 -70.60 0.32
C SER J 306 36.37 -71.86 -0.52
N SER J 307 37.58 -72.09 -1.01
CA SER J 307 37.80 -73.17 -1.94
C SER J 307 37.92 -74.50 -1.20
N GLY J 308 37.25 -75.51 -1.72
CA GLY J 308 37.50 -76.87 -1.33
C GLY J 308 37.58 -77.69 -2.59
N PHE J 309 38.73 -78.30 -2.84
CA PHE J 309 38.96 -78.99 -4.08
C PHE J 309 38.48 -80.43 -4.05
N ASP J 310 37.58 -80.76 -3.14
CA ASP J 310 37.13 -82.13 -3.00
C ASP J 310 36.24 -82.57 -4.15
N ALA J 311 35.71 -81.65 -4.94
CA ALA J 311 34.91 -82.01 -6.08
C ALA J 311 35.73 -82.12 -7.36
N ALA J 312 37.04 -82.25 -7.24
CA ALA J 312 37.88 -82.32 -8.43
C ALA J 312 37.81 -83.70 -9.07
N ASP J 313 38.47 -83.82 -10.23
CA ASP J 313 38.55 -85.09 -10.90
C ASP J 313 39.47 -86.05 -10.16
N GLY J 314 39.22 -87.33 -10.32
CA GLY J 314 40.07 -88.34 -9.71
C GLY J 314 39.89 -88.55 -8.23
N ASP J 315 38.85 -87.96 -7.63
CA ASP J 315 38.61 -88.16 -6.21
C ASP J 315 37.71 -89.37 -6.00
N THR J 316 37.37 -89.63 -4.74
CA THR J 316 36.55 -90.77 -4.37
C THR J 316 35.36 -90.31 -3.54
N ILE J 317 35.56 -89.24 -2.77
CA ILE J 317 34.50 -88.76 -1.89
C ILE J 317 33.43 -88.03 -2.69
N GLY J 318 33.83 -87.30 -3.72
CA GLY J 318 32.88 -86.47 -4.45
C GLY J 318 32.48 -87.03 -5.81
N GLN J 319 33.44 -87.66 -6.49
CA GLN J 319 33.25 -88.36 -7.76
C GLN J 319 32.77 -87.41 -8.86
N CYS J 320 33.62 -86.45 -9.20
CA CYS J 320 33.35 -85.59 -10.35
C CYS J 320 34.51 -85.62 -11.31
N HIS J 321 34.46 -84.77 -12.34
CA HIS J 321 35.48 -84.75 -13.37
C HIS J 321 35.91 -83.32 -13.66
N VAL J 322 36.18 -82.56 -12.61
CA VAL J 322 36.50 -81.15 -12.77
C VAL J 322 37.97 -81.01 -13.12
N THR J 323 38.25 -80.60 -14.35
CA THR J 323 39.61 -80.30 -14.75
C THR J 323 40.02 -78.96 -14.12
N PRO J 324 41.33 -78.73 -13.96
CA PRO J 324 41.76 -77.45 -13.39
C PRO J 324 41.49 -76.24 -14.27
N SER J 325 41.30 -76.43 -15.57
CA SER J 325 41.02 -75.29 -16.45
C SER J 325 39.67 -74.68 -16.15
N CYS J 326 38.71 -75.50 -15.72
CA CYS J 326 37.40 -74.97 -15.33
C CYS J 326 37.52 -74.12 -14.07
N TYR J 327 38.40 -74.54 -13.15
CA TYR J 327 38.72 -73.70 -12.01
C TYR J 327 39.36 -72.40 -12.43
N GLY J 328 40.25 -72.46 -13.42
CA GLY J 328 40.89 -71.25 -13.90
C GLY J 328 39.90 -70.27 -14.50
N HIS J 329 38.93 -70.78 -15.26
CA HIS J 329 37.94 -69.91 -15.87
C HIS J 329 37.01 -69.31 -14.83
N MET J 330 36.60 -70.11 -13.84
CA MET J 330 35.71 -69.57 -12.82
C MET J 330 36.42 -68.55 -11.95
N THR J 331 37.72 -68.73 -11.71
CA THR J 331 38.48 -67.72 -10.98
C THR J 331 38.72 -66.50 -11.83
N HIS J 332 38.80 -66.66 -13.15
CA HIS J 332 38.96 -65.50 -14.03
C HIS J 332 37.74 -64.61 -13.96
N MET J 333 36.56 -65.23 -14.03
CA MET J 333 35.32 -64.46 -13.92
C MET J 333 35.19 -63.83 -12.54
N LEU J 334 35.54 -64.59 -11.50
CA LEU J 334 35.42 -64.04 -10.15
C LEU J 334 36.43 -62.94 -9.89
N LYS J 335 37.58 -62.99 -10.57
CA LYS J 335 38.51 -61.87 -10.55
C LYS J 335 37.87 -60.67 -11.21
N SER J 336 37.17 -60.90 -12.31
CA SER J 336 36.50 -59.80 -13.01
C SER J 336 35.34 -59.21 -12.22
N LEU J 337 34.84 -59.91 -11.20
CA LEU J 337 33.63 -59.47 -10.51
C LEU J 337 33.73 -58.12 -9.81
N ALA J 338 34.50 -58.04 -8.74
CA ALA J 338 34.75 -56.74 -8.11
C ALA J 338 36.02 -56.17 -8.72
N ARG J 339 36.61 -55.16 -8.09
CA ARG J 339 37.78 -54.52 -8.69
C ARG J 339 39.05 -55.37 -8.57
N GLY J 340 39.02 -56.47 -7.84
CA GLY J 340 40.18 -57.31 -7.73
C GLY J 340 40.36 -57.84 -6.33
N ASN J 341 39.43 -57.51 -5.45
CA ASN J 341 39.55 -57.85 -4.03
C ASN J 341 39.26 -59.34 -3.84
N LEU J 342 40.32 -60.14 -3.80
CA LEU J 342 40.22 -61.59 -3.70
C LEU J 342 41.10 -62.11 -2.59
N CYS J 343 40.50 -62.80 -1.63
CA CYS J 343 41.23 -63.68 -0.74
C CYS J 343 40.82 -65.12 -1.07
N VAL J 344 41.80 -66.01 -1.11
CA VAL J 344 41.54 -67.39 -1.44
C VAL J 344 42.08 -68.26 -0.33
N VAL J 345 41.19 -68.98 0.34
CA VAL J 345 41.58 -69.89 1.41
C VAL J 345 41.24 -71.31 0.97
N LEU J 346 41.55 -72.29 1.81
CA LEU J 346 41.41 -73.69 1.45
C LEU J 346 40.57 -74.39 2.50
N GLU J 347 39.68 -75.27 2.05
CA GLU J 347 38.87 -76.08 2.97
C GLU J 347 39.02 -77.58 2.76
N GLY J 348 38.89 -78.06 1.53
CA GLY J 348 38.78 -79.50 1.27
C GLY J 348 40.06 -80.11 0.75
N GLY J 349 39.92 -81.02 -0.20
CA GLY J 349 41.06 -81.63 -0.86
C GLY J 349 41.53 -82.91 -0.22
N TYR J 350 41.37 -84.04 -0.91
CA TYR J 350 41.69 -85.34 -0.34
C TYR J 350 42.40 -86.23 -1.34
N ASN J 351 43.13 -85.65 -2.29
CA ASN J 351 43.93 -86.40 -3.24
C ASN J 351 45.03 -85.47 -3.76
N LEU J 352 46.28 -85.92 -3.66
CA LEU J 352 47.39 -84.98 -3.66
C LEU J 352 47.71 -84.40 -5.02
N ASP J 353 47.77 -85.25 -6.06
CA ASP J 353 48.17 -84.78 -7.38
C ASP J 353 47.12 -83.87 -7.98
N ALA J 354 45.85 -84.16 -7.72
CA ALA J 354 44.76 -83.37 -8.28
C ALA J 354 44.71 -82.00 -7.64
N ILE J 355 44.82 -81.93 -6.31
CA ILE J 355 44.81 -80.64 -5.63
C ILE J 355 46.08 -79.87 -5.97
N ALA J 356 47.16 -80.60 -6.29
CA ALA J 356 48.39 -79.95 -6.72
C ALA J 356 48.21 -79.24 -8.05
N ARG J 357 47.66 -79.94 -9.05
CA ARG J 357 47.46 -79.33 -10.36
C ARG J 357 46.42 -78.22 -10.31
N SER J 358 45.38 -78.40 -9.48
CA SER J 358 44.33 -77.40 -9.35
C SER J 358 44.86 -76.12 -8.73
N ALA J 359 45.60 -76.23 -7.62
CA ALA J 359 46.15 -75.05 -6.98
C ALA J 359 47.23 -74.42 -7.85
N LEU J 360 47.91 -75.22 -8.66
CA LEU J 360 48.85 -74.67 -9.64
C LEU J 360 48.13 -73.75 -10.61
N SER J 361 47.00 -74.21 -11.15
CA SER J 361 46.26 -73.41 -12.11
C SER J 361 45.66 -72.17 -11.46
N VAL J 362 45.21 -72.30 -10.21
CA VAL J 362 44.63 -71.16 -9.50
C VAL J 362 45.70 -70.12 -9.20
N ALA J 363 46.91 -70.56 -8.85
CA ALA J 363 48.00 -69.63 -8.64
C ALA J 363 48.40 -68.96 -9.96
N LYS J 364 48.33 -69.71 -11.06
CA LYS J 364 48.67 -69.15 -12.36
C LYS J 364 47.70 -68.06 -12.78
N VAL J 365 46.41 -68.26 -12.55
CA VAL J 365 45.48 -67.22 -12.95
C VAL J 365 45.50 -66.06 -11.96
N LEU J 366 45.75 -66.33 -10.68
CA LEU J 366 45.81 -65.25 -9.71
C LEU J 366 47.06 -64.42 -9.82
N ILE J 367 48.10 -64.94 -10.49
CA ILE J 367 49.27 -64.11 -10.69
C ILE J 367 49.21 -63.36 -12.03
N GLY J 368 48.47 -63.87 -13.01
CA GLY J 368 48.29 -63.07 -14.20
C GLY J 368 48.23 -63.78 -15.55
N GLU J 369 48.51 -65.07 -15.61
CA GLU J 369 48.36 -65.76 -16.88
C GLU J 369 46.88 -65.95 -17.20
N PRO J 370 46.53 -66.01 -18.49
CA PRO J 370 45.18 -66.40 -18.84
C PRO J 370 44.96 -67.87 -18.54
N PRO J 371 43.74 -68.26 -18.22
CA PRO J 371 43.47 -69.69 -18.02
C PRO J 371 43.56 -70.43 -19.34
N ASP J 372 44.04 -71.66 -19.25
CA ASP J 372 44.26 -72.45 -20.46
C ASP J 372 42.93 -72.98 -20.99
N GLU J 373 43.01 -73.62 -22.14
CA GLU J 373 41.83 -74.05 -22.86
C GLU J 373 41.20 -75.26 -22.18
N LEU J 374 40.03 -75.53 -22.57
CA LEU J 374 39.26 -76.60 -22.00
C LEU J 374 39.55 -77.92 -22.73
N PRO J 375 39.39 -79.06 -22.06
CA PRO J 375 39.63 -80.33 -22.74
C PRO J 375 38.59 -80.66 -23.80
N ASP J 376 37.32 -80.41 -23.52
CA ASP J 376 36.28 -80.69 -24.50
C ASP J 376 35.10 -79.73 -24.32
N PRO J 377 34.91 -78.81 -25.27
CA PRO J 377 33.79 -77.87 -25.14
C PRO J 377 32.44 -78.50 -25.41
N LEU J 378 32.37 -79.44 -26.35
CA LEU J 378 31.11 -80.08 -26.71
C LEU J 378 30.73 -81.06 -25.61
N SER J 379 30.08 -80.53 -24.59
CA SER J 379 29.91 -81.28 -23.35
C SER J 379 28.46 -81.55 -23.01
N ASP J 380 27.56 -80.57 -23.21
CA ASP J 380 26.10 -80.72 -23.14
C ASP J 380 25.61 -81.31 -21.83
N PRO J 381 25.51 -80.50 -20.77
CA PRO J 381 25.26 -81.03 -19.42
C PRO J 381 23.92 -81.71 -19.20
N LYS J 382 23.73 -82.23 -18.00
CA LYS J 382 22.59 -83.08 -17.67
C LYS J 382 21.34 -82.22 -17.45
N PRO J 383 20.19 -82.68 -17.93
CA PRO J 383 18.99 -81.82 -17.95
C PRO J 383 18.39 -81.53 -16.58
N GLU J 384 18.54 -82.44 -15.62
CA GLU J 384 17.99 -82.19 -14.29
C GLU J 384 18.71 -81.05 -13.60
N VAL J 385 19.99 -80.86 -13.92
CA VAL J 385 20.73 -79.68 -13.48
C VAL J 385 20.08 -78.42 -14.02
N ILE J 386 19.64 -78.49 -15.27
CA ILE J 386 19.06 -77.32 -15.91
C ILE J 386 17.73 -76.98 -15.29
N GLU J 387 16.91 -78.00 -14.99
CA GLU J 387 15.61 -77.69 -14.43
C GLU J 387 15.73 -77.19 -12.99
N MET J 388 16.69 -77.72 -12.23
CA MET J 388 16.85 -77.17 -10.88
C MET J 388 17.43 -75.77 -10.92
N ILE J 389 18.29 -75.48 -11.90
CA ILE J 389 18.80 -74.13 -12.07
C ILE J 389 17.67 -73.16 -12.36
N ASP J 390 16.72 -73.60 -13.20
CA ASP J 390 15.52 -72.81 -13.44
C ASP J 390 14.73 -72.60 -12.16
N LYS J 391 14.65 -73.64 -11.33
CA LYS J 391 13.96 -73.54 -10.04
C LYS J 391 14.64 -72.53 -9.13
N VAL J 392 15.98 -72.47 -9.18
CA VAL J 392 16.71 -71.44 -8.44
C VAL J 392 16.33 -70.06 -8.94
N ILE J 393 16.35 -69.89 -10.28
CA ILE J 393 16.18 -68.59 -10.90
C ILE J 393 14.79 -68.03 -10.60
N ARG J 394 13.81 -68.91 -10.39
CA ARG J 394 12.48 -68.48 -9.95
C ARG J 394 12.53 -67.72 -8.64
N LEU J 395 13.08 -68.34 -7.59
CA LEU J 395 13.05 -67.69 -6.30
C LEU J 395 14.06 -66.56 -6.20
N GLN J 396 15.14 -66.65 -6.98
CA GLN J 396 16.06 -65.53 -7.07
C GLN J 396 15.37 -64.33 -7.71
N SER J 397 14.50 -64.59 -8.68
CA SER J 397 13.73 -63.53 -9.30
C SER J 397 12.70 -62.99 -8.35
N LYS J 398 12.22 -63.84 -7.43
CA LYS J 398 11.37 -63.34 -6.36
C LYS J 398 12.14 -62.39 -5.45
N TYR J 399 13.42 -62.65 -5.24
CA TYR J 399 14.18 -61.76 -4.36
C TYR J 399 14.97 -60.69 -5.09
N TRP J 400 15.62 -61.02 -6.19
CA TRP J 400 16.42 -60.05 -6.90
C TRP J 400 15.60 -59.37 -7.99
N ASN J 401 16.29 -58.67 -8.88
CA ASN J 401 15.66 -58.01 -10.01
C ASN J 401 16.23 -58.45 -11.34
N CYS J 402 17.40 -59.09 -11.35
CA CYS J 402 18.14 -59.36 -12.57
C CYS J 402 17.70 -60.65 -13.24
N PHE J 403 16.52 -61.15 -12.93
CA PHE J 403 16.03 -62.38 -13.55
C PHE J 403 14.63 -62.18 -14.09
N ARG J 404 13.88 -61.25 -13.51
CA ARG J 404 12.72 -60.71 -14.17
C ARG J 404 13.14 -60.01 -15.46
N ARG J 405 12.24 -60.05 -16.45
CA ARG J 405 12.38 -59.41 -17.75
C ARG J 405 13.53 -59.94 -18.60
N ARG J 406 14.23 -60.98 -18.16
CA ARG J 406 15.19 -61.66 -19.02
C ARG J 406 15.09 -63.17 -18.94
N HIS J 407 14.20 -63.70 -18.12
CA HIS J 407 13.94 -65.12 -18.09
C HIS J 407 12.47 -65.40 -17.96
N ALA J 408 11.66 -64.48 -18.50
CA ALA J 408 10.21 -64.59 -18.61
C ALA J 408 9.56 -64.78 -17.24
N ASN J 409 9.76 -63.78 -16.39
CA ASN J 409 9.30 -63.89 -15.03
C ASN J 409 8.57 -62.67 -14.52
N SER J 410 8.54 -61.59 -15.28
CA SER J 410 7.92 -60.36 -14.80
C SER J 410 6.40 -60.39 -14.83
N GLY J 411 5.82 -61.45 -15.39
CA GLY J 411 4.37 -61.58 -15.43
C GLY J 411 3.76 -61.70 -14.06
N CYS J 412 4.00 -62.81 -13.38
CA CYS J 412 3.47 -62.97 -12.04
C CYS J 412 4.48 -62.46 -11.03
N ASN J 413 3.99 -62.16 -9.84
CA ASN J 413 4.83 -61.78 -8.72
C ASN J 413 4.83 -62.95 -7.74
N PHE J 414 5.99 -63.59 -7.60
CA PHE J 414 6.06 -64.79 -6.77
C PHE J 414 6.10 -64.50 -5.28
N ASN J 415 6.17 -63.23 -4.87
CA ASN J 415 6.28 -62.92 -3.46
C ASN J 415 5.00 -63.20 -2.68
N GLU J 416 3.94 -63.35 -3.34
CA GLU J 416 2.75 -63.90 -2.71
C GLU J 416 2.64 -65.37 -3.03
N PRO J 417 2.05 -66.17 -2.16
CA PRO J 417 1.92 -67.60 -2.44
C PRO J 417 0.87 -67.88 -3.50
N ILE J 418 1.11 -68.95 -4.26
CA ILE J 418 0.09 -69.51 -5.13
C ILE J 418 -1.01 -70.04 -4.22
N ASN J 419 -2.14 -69.34 -4.20
CA ASN J 419 -3.11 -69.53 -3.15
C ASN J 419 -4.48 -69.80 -3.75
N ASP J 420 -5.35 -70.36 -2.92
CA ASP J 420 -6.78 -70.38 -3.19
C ASP J 420 -7.54 -69.40 -2.33
N SER J 421 -6.86 -68.72 -1.41
CA SER J 421 -7.49 -67.72 -0.57
C SER J 421 -7.48 -66.36 -1.24
N ILE J 422 -8.24 -65.43 -0.67
CA ILE J 422 -8.33 -64.09 -1.21
C ILE J 422 -7.21 -63.18 -0.73
N ILE J 423 -6.29 -63.69 0.08
CA ILE J 423 -5.20 -62.87 0.58
C ILE J 423 -4.19 -62.60 -0.54
N SER J 424 -3.94 -63.59 -1.38
CA SER J 424 -2.97 -63.47 -2.46
C SER J 424 -3.71 -63.41 -3.79
N LYS J 425 -3.17 -62.62 -4.71
CA LYS J 425 -3.82 -62.40 -5.98
C LYS J 425 -3.62 -63.55 -6.97
N ASN J 426 -2.70 -64.46 -6.69
CA ASN J 426 -2.40 -65.51 -7.64
C ASN J 426 -3.24 -66.74 -7.37
N PHE J 427 -3.66 -67.42 -8.43
CA PHE J 427 -4.52 -68.58 -8.32
C PHE J 427 -4.08 -69.62 -9.33
N PRO J 428 -3.97 -70.89 -8.92
CA PRO J 428 -3.51 -71.93 -9.84
C PRO J 428 -4.58 -72.26 -10.86
N LEU J 429 -4.16 -72.94 -11.92
CA LEU J 429 -5.02 -73.12 -13.08
C LEU J 429 -5.67 -74.48 -13.16
N GLN J 430 -5.10 -75.49 -12.49
CA GLN J 430 -5.69 -76.83 -12.51
C GLN J 430 -7.06 -76.84 -11.84
N LYS J 431 -7.25 -75.99 -10.82
CA LYS J 431 -8.52 -75.88 -10.13
C LYS J 431 -9.62 -75.41 -11.07
N ALA J 432 -9.28 -74.46 -11.94
CA ALA J 432 -10.28 -73.91 -12.87
C ALA J 432 -10.68 -74.93 -13.92
N ILE J 433 -9.70 -75.66 -14.47
CA ILE J 433 -9.97 -76.65 -15.50
C ILE J 433 -10.83 -77.77 -14.94
N ARG J 434 -10.46 -78.31 -13.77
CA ARG J 434 -11.24 -79.39 -13.20
C ARG J 434 -12.60 -78.91 -12.71
N GLN J 435 -12.69 -77.64 -12.29
CA GLN J 435 -13.98 -77.08 -11.86
C GLN J 435 -14.95 -76.96 -13.03
N GLN J 436 -14.48 -76.41 -14.15
CA GLN J 436 -15.33 -76.25 -15.32
C GLN J 436 -15.71 -77.59 -15.92
N GLN J 437 -14.75 -78.52 -15.98
CA GLN J 437 -15.02 -79.83 -16.55
C GLN J 437 -15.95 -80.63 -15.65
N GLN J 438 -15.83 -80.47 -14.33
CA GLN J 438 -16.73 -81.10 -13.38
C GLN J 438 -18.14 -80.56 -13.53
N HIS J 439 -18.29 -79.24 -13.69
CA HIS J 439 -19.62 -78.66 -13.89
C HIS J 439 -20.24 -79.13 -15.20
N TYR J 440 -19.41 -79.25 -16.24
CA TYR J 440 -19.90 -79.72 -17.54
C TYR J 440 -20.40 -81.16 -17.46
N LEU J 441 -19.58 -82.05 -16.89
CA LEU J 441 -20.00 -83.43 -16.75
C LEU J 441 -21.03 -83.63 -15.66
N SER J 442 -21.25 -82.63 -14.81
CA SER J 442 -22.34 -82.69 -13.85
C SER J 442 -23.66 -82.34 -14.51
N ASP J 443 -23.68 -81.35 -15.39
CA ASP J 443 -24.94 -81.06 -16.07
C ASP J 443 -25.26 -82.07 -17.15
N GLU J 444 -24.24 -82.65 -17.79
CA GLU J 444 -24.52 -83.58 -18.88
C GLU J 444 -24.90 -84.96 -18.36
N PHE J 445 -24.00 -85.63 -17.66
CA PHE J 445 -24.21 -87.02 -17.33
C PHE J 445 -24.16 -87.29 -15.83
N ASN J 446 -24.09 -86.23 -15.01
CA ASN J 446 -24.20 -86.28 -13.55
C ASN J 446 -23.15 -87.18 -12.92
N PHE J 447 -21.91 -87.00 -13.37
CA PHE J 447 -20.85 -87.92 -12.97
C PHE J 447 -20.41 -87.66 -11.52
N VAL J 448 -20.39 -88.73 -10.72
CA VAL J 448 -19.86 -88.65 -9.37
C VAL J 448 -18.35 -88.53 -9.41
N THR J 449 -17.78 -88.02 -8.34
CA THR J 449 -16.35 -88.09 -8.15
C THR J 449 -16.03 -89.24 -7.21
N LEU J 450 -14.82 -89.78 -7.32
CA LEU J 450 -14.41 -90.83 -6.41
C LEU J 450 -13.56 -90.22 -5.32
N PRO J 451 -13.96 -90.27 -4.06
CA PRO J 451 -13.14 -89.70 -2.99
C PRO J 451 -11.97 -90.58 -2.65
N LEU J 452 -10.86 -89.92 -2.29
CA LEU J 452 -9.62 -90.59 -1.93
C LEU J 452 -9.39 -90.40 -0.45
N VAL J 453 -9.94 -91.30 0.37
CA VAL J 453 -9.71 -91.24 1.80
C VAL J 453 -8.27 -91.67 2.07
N SER J 454 -7.65 -91.05 3.09
CA SER J 454 -6.28 -91.29 3.54
C SER J 454 -5.25 -90.97 2.46
N MET J 455 -5.58 -90.07 1.54
CA MET J 455 -4.62 -89.57 0.56
C MET J 455 -4.83 -88.07 0.43
N ASP J 456 -3.78 -87.30 0.71
CA ASP J 456 -3.86 -85.83 0.68
C ASP J 456 -3.88 -85.38 -0.77
N LEU J 457 -5.07 -85.26 -1.32
CA LEU J 457 -5.28 -84.94 -2.72
C LEU J 457 -6.50 -84.03 -2.83
N PRO J 458 -6.66 -83.32 -3.94
CA PRO J 458 -7.90 -82.56 -4.16
C PRO J 458 -9.09 -83.48 -4.35
N ASP J 459 -10.28 -82.87 -4.28
CA ASP J 459 -11.52 -83.63 -4.18
C ASP J 459 -11.86 -84.34 -5.48
N ASN J 460 -12.11 -83.58 -6.54
CA ASN J 460 -12.55 -84.17 -7.80
C ASN J 460 -11.38 -84.55 -8.69
N THR J 461 -10.43 -85.30 -8.13
CA THR J 461 -9.26 -85.70 -8.90
C THR J 461 -9.58 -86.81 -9.89
N VAL J 462 -10.42 -87.76 -9.49
CA VAL J 462 -10.84 -88.84 -10.38
C VAL J 462 -12.37 -88.92 -10.38
N LEU J 463 -12.91 -89.32 -11.53
CA LEU J 463 -14.35 -89.21 -11.76
C LEU J 463 -14.90 -90.58 -12.17
N CYS J 464 -16.17 -90.81 -11.83
CA CYS J 464 -16.86 -92.04 -12.22
C CYS J 464 -18.32 -91.74 -12.54
N THR J 465 -18.95 -92.68 -13.21
CA THR J 465 -20.40 -92.64 -13.33
C THR J 465 -21.03 -93.21 -12.06
N PRO J 466 -22.26 -92.79 -11.71
CA PRO J 466 -22.94 -93.41 -10.58
C PRO J 466 -23.33 -94.85 -10.88
N ASN J 467 -23.46 -95.64 -9.82
CA ASN J 467 -23.62 -97.10 -9.87
C ASN J 467 -22.52 -97.76 -10.71
N ILE J 468 -21.28 -97.32 -10.48
CA ILE J 468 -20.13 -97.87 -11.19
C ILE J 468 -19.88 -99.31 -10.74
N SER J 469 -20.26 -99.65 -9.51
CA SER J 469 -20.18 -101.02 -9.05
C SER J 469 -21.15 -101.93 -9.79
N GLU J 470 -22.31 -101.40 -10.18
CA GLU J 470 -23.27 -102.18 -10.94
C GLU J 470 -23.09 -102.05 -12.45
N SER J 471 -22.18 -101.19 -12.89
CA SER J 471 -21.81 -101.16 -14.30
C SER J 471 -21.03 -102.42 -14.63
N ASN J 472 -21.60 -103.28 -15.48
CA ASN J 472 -20.99 -104.58 -15.75
C ASN J 472 -19.71 -104.47 -16.56
N THR J 473 -19.51 -103.37 -17.28
CA THR J 473 -18.38 -103.23 -18.19
C THR J 473 -17.78 -101.84 -17.97
N ILE J 474 -16.55 -101.82 -17.49
CA ILE J 474 -15.89 -100.58 -17.06
C ILE J 474 -14.71 -100.30 -17.97
N ILE J 475 -14.62 -99.07 -18.45
CA ILE J 475 -13.47 -98.55 -19.17
C ILE J 475 -12.79 -97.53 -18.27
N ILE J 476 -11.52 -97.77 -17.98
CA ILE J 476 -10.74 -96.91 -17.11
C ILE J 476 -9.78 -96.14 -17.99
N VAL J 477 -10.04 -94.86 -18.18
CA VAL J 477 -9.14 -93.95 -18.87
C VAL J 477 -8.29 -93.24 -17.83
N VAL J 478 -6.99 -93.21 -18.06
CA VAL J 478 -6.10 -92.30 -17.36
C VAL J 478 -5.47 -91.36 -18.39
N HIS J 479 -5.82 -90.09 -18.29
CA HIS J 479 -5.36 -89.09 -19.23
C HIS J 479 -4.50 -88.09 -18.49
N ASP J 480 -3.83 -87.26 -19.27
CA ASP J 480 -3.05 -86.16 -18.76
C ASP J 480 -3.74 -84.86 -19.14
N THR J 481 -3.40 -83.79 -18.44
CA THR J 481 -3.90 -82.47 -18.84
C THR J 481 -3.31 -82.07 -20.19
N SER J 482 -4.12 -81.35 -20.96
CA SER J 482 -3.81 -81.12 -22.37
C SER J 482 -2.68 -80.13 -22.55
N ASP J 483 -2.09 -80.17 -23.74
CA ASP J 483 -1.09 -79.21 -24.16
C ASP J 483 -1.76 -78.14 -25.02
N ILE J 484 -1.33 -76.90 -24.85
CA ILE J 484 -1.95 -75.78 -25.52
C ILE J 484 -1.06 -75.35 -26.68
N TRP J 485 -1.67 -74.68 -27.66
CA TRP J 485 -0.99 -74.22 -28.86
C TRP J 485 -1.24 -72.73 -28.99
N ALA J 486 -0.40 -71.94 -28.33
CA ALA J 486 -0.51 -70.49 -28.39
C ALA J 486 0.89 -69.92 -28.52
N LYS J 487 1.01 -68.61 -28.44
CA LYS J 487 2.29 -67.93 -28.41
C LYS J 487 2.54 -67.40 -27.01
N ARG J 488 3.78 -67.57 -26.54
CA ARG J 488 4.17 -67.06 -25.24
C ARG J 488 4.92 -65.75 -25.44
N ASN J 489 4.46 -64.71 -24.76
CA ASN J 489 5.13 -63.42 -24.81
C ASN J 489 6.47 -63.54 -24.10
N VAL J 490 7.56 -63.50 -24.87
CA VAL J 490 8.85 -64.00 -24.41
C VAL J 490 9.46 -63.12 -23.32
N ILE J 491 8.98 -61.90 -23.16
CA ILE J 491 9.51 -61.06 -22.09
C ILE J 491 8.66 -61.24 -20.85
N SER J 492 7.35 -61.02 -20.98
CA SER J 492 6.49 -61.08 -19.81
C SER J 492 6.27 -62.50 -19.34
N GLY J 493 6.46 -63.48 -20.21
CA GLY J 493 6.18 -64.86 -19.87
C GLY J 493 4.75 -65.28 -20.08
N THR J 494 3.86 -64.34 -20.39
CA THR J 494 2.45 -64.65 -20.51
C THR J 494 2.13 -65.15 -21.92
N ILE J 495 0.88 -65.59 -22.07
CA ILE J 495 0.34 -66.01 -23.34
C ILE J 495 -0.84 -65.11 -23.68
N ASP J 496 -1.23 -65.14 -24.94
CA ASP J 496 -2.36 -64.35 -25.41
C ASP J 496 -3.59 -65.24 -25.50
N LEU J 497 -4.69 -64.77 -24.91
CA LEU J 497 -5.93 -65.52 -24.91
C LEU J 497 -6.56 -65.62 -26.28
N SER J 498 -6.24 -64.70 -27.19
CA SER J 498 -6.88 -64.68 -28.49
C SER J 498 -6.36 -65.79 -29.39
N SER J 499 -5.06 -66.09 -29.31
CA SER J 499 -4.49 -67.16 -30.10
C SER J 499 -4.43 -68.46 -29.33
N SER J 500 -5.16 -68.57 -28.23
CA SER J 500 -5.09 -69.74 -27.36
C SER J 500 -5.88 -70.87 -28.00
N VAL J 501 -5.18 -71.85 -28.56
CA VAL J 501 -5.79 -73.03 -29.15
C VAL J 501 -5.64 -74.15 -28.13
N ILE J 502 -6.74 -74.50 -27.49
CA ILE J 502 -6.76 -75.53 -26.46
C ILE J 502 -7.85 -76.53 -26.82
N ILE J 503 -7.51 -77.81 -26.75
CA ILE J 503 -8.43 -78.88 -27.11
C ILE J 503 -8.44 -79.92 -26.00
N ASP J 504 -9.62 -80.35 -25.58
CA ASP J 504 -9.76 -81.41 -24.59
C ASP J 504 -9.88 -82.72 -25.36
N ASN J 505 -8.74 -83.37 -25.60
CA ASN J 505 -8.70 -84.59 -26.39
C ASN J 505 -9.25 -85.79 -25.64
N SER J 506 -9.22 -85.75 -24.31
CA SER J 506 -9.56 -86.93 -23.52
C SER J 506 -11.04 -87.21 -23.44
N LEU J 507 -11.88 -86.21 -23.71
CA LEU J 507 -13.31 -86.33 -23.45
C LEU J 507 -13.98 -87.27 -24.43
N ASP J 508 -13.45 -87.37 -25.66
CA ASP J 508 -14.13 -88.02 -26.77
C ASP J 508 -14.34 -89.51 -26.55
N PHE J 509 -13.39 -90.16 -25.86
CA PHE J 509 -13.56 -91.56 -25.51
C PHE J 509 -14.77 -91.77 -24.62
N ILE J 510 -15.02 -90.84 -23.70
CA ILE J 510 -16.23 -90.88 -22.90
C ILE J 510 -17.46 -90.75 -23.79
N LYS J 511 -17.35 -89.92 -24.83
CA LYS J 511 -18.42 -89.82 -25.81
C LYS J 511 -18.55 -91.10 -26.60
N TRP J 512 -17.46 -91.86 -26.75
CA TRP J 512 -17.63 -93.22 -27.21
C TRP J 512 -18.18 -94.10 -26.09
N GLY J 513 -17.66 -93.93 -24.88
CA GLY J 513 -17.99 -94.83 -23.78
C GLY J 513 -19.40 -94.67 -23.27
N LEU J 514 -19.99 -93.48 -23.45
CA LEU J 514 -21.39 -93.31 -23.12
C LEU J 514 -22.30 -93.96 -24.14
N ASP J 515 -21.81 -94.18 -25.37
CA ASP J 515 -22.65 -94.85 -26.36
C ASP J 515 -22.75 -96.33 -26.11
N ARG J 516 -21.73 -96.93 -25.50
CA ARG J 516 -21.77 -98.34 -25.19
C ARG J 516 -22.45 -98.65 -23.86
N LYS J 517 -22.90 -97.61 -23.14
CA LYS J 517 -23.44 -97.71 -21.77
C LYS J 517 -22.44 -98.37 -20.83
N TYR J 518 -21.16 -98.09 -21.05
CA TYR J 518 -20.10 -98.66 -20.25
C TYR J 518 -19.86 -97.80 -19.01
N GLY J 519 -19.38 -98.44 -17.95
CA GLY J 519 -18.93 -97.69 -16.79
C GLY J 519 -17.67 -96.92 -17.11
N ILE J 520 -17.57 -95.72 -16.58
CA ILE J 520 -16.49 -94.80 -16.90
C ILE J 520 -15.70 -94.51 -15.64
N ILE J 521 -14.38 -94.70 -15.70
CA ILE J 521 -13.50 -94.30 -14.61
C ILE J 521 -12.40 -93.42 -15.21
N ASP J 522 -12.45 -92.13 -14.89
CA ASP J 522 -11.52 -91.14 -15.43
C ASP J 522 -10.48 -90.78 -14.38
N VAL J 523 -9.22 -90.75 -14.78
CA VAL J 523 -8.11 -90.40 -13.91
C VAL J 523 -7.32 -89.27 -14.54
N ASN J 524 -7.09 -88.21 -13.77
CA ASN J 524 -6.15 -87.16 -14.12
C ASN J 524 -5.07 -87.10 -13.07
N ILE J 525 -3.83 -86.96 -13.51
CA ILE J 525 -2.69 -86.76 -12.62
C ILE J 525 -2.14 -85.37 -12.85
N PRO J 526 -1.84 -84.61 -11.80
CA PRO J 526 -1.24 -83.28 -12.00
C PRO J 526 0.26 -83.38 -12.13
N LEU J 527 0.80 -82.66 -13.12
CA LEU J 527 2.24 -82.66 -13.35
C LEU J 527 2.89 -81.69 -12.38
N THR J 528 3.10 -82.20 -11.16
CA THR J 528 3.92 -81.64 -10.07
C THR J 528 3.33 -80.40 -9.42
N LEU J 529 2.27 -79.82 -9.99
CA LEU J 529 1.43 -78.76 -9.42
C LEU J 529 2.14 -77.42 -9.20
N PHE J 530 3.47 -77.39 -9.38
CA PHE J 530 4.40 -76.27 -9.25
C PHE J 530 4.52 -75.70 -7.83
N GLU J 531 3.59 -76.04 -6.96
CA GLU J 531 3.56 -75.56 -5.58
C GLU J 531 4.40 -76.35 -4.58
N PRO J 532 4.29 -77.72 -4.46
CA PRO J 532 5.00 -78.37 -3.34
C PRO J 532 6.46 -78.67 -3.62
N ASP J 533 6.80 -78.88 -4.91
CA ASP J 533 8.16 -79.02 -5.48
C ASP J 533 8.83 -80.35 -5.09
N ASN J 534 8.26 -81.10 -4.16
CA ASN J 534 8.71 -82.44 -3.87
C ASN J 534 7.83 -83.47 -4.55
N TYR J 535 6.85 -83.00 -5.32
CA TYR J 535 5.86 -83.85 -5.92
C TYR J 535 6.44 -84.63 -7.08
N SER J 536 5.96 -85.86 -7.26
CA SER J 536 6.29 -86.66 -8.41
C SER J 536 5.01 -87.28 -8.93
N GLY J 537 4.71 -87.03 -10.22
CA GLY J 537 3.51 -87.57 -10.82
C GLY J 537 3.57 -89.07 -10.99
N MET J 538 4.79 -89.62 -11.13
CA MET J 538 4.97 -91.04 -11.35
C MET J 538 4.52 -91.85 -10.14
N ILE J 539 5.13 -91.60 -8.98
CA ILE J 539 4.87 -92.39 -7.79
C ILE J 539 3.45 -92.14 -7.28
N THR J 540 2.91 -90.93 -7.48
CA THR J 540 1.53 -90.68 -7.09
C THR J 540 0.56 -91.37 -8.05
N SER J 541 0.94 -91.53 -9.31
CA SER J 541 0.14 -92.33 -10.24
C SER J 541 0.14 -93.79 -9.81
N GLN J 542 1.30 -94.30 -9.38
CA GLN J 542 1.39 -95.64 -8.82
C GLN J 542 0.53 -95.77 -7.58
N GLU J 543 0.52 -94.73 -6.74
CA GLU J 543 -0.31 -94.68 -5.54
C GLU J 543 -1.78 -94.85 -5.87
N VAL J 544 -2.28 -94.03 -6.80
CA VAL J 544 -3.72 -94.06 -7.05
C VAL J 544 -4.11 -95.30 -7.83
N LEU J 545 -3.22 -95.85 -8.67
CA LEU J 545 -3.59 -97.04 -9.42
C LEU J 545 -3.59 -98.29 -8.55
N ILE J 546 -2.58 -98.43 -7.68
CA ILE J 546 -2.55 -99.51 -6.71
C ILE J 546 -3.71 -99.38 -5.73
N TYR J 547 -4.00 -98.15 -5.31
CA TYR J 547 -5.11 -97.86 -4.40
C TYR J 547 -6.44 -98.23 -5.03
N LEU J 548 -6.59 -98.00 -6.33
CA LEU J 548 -7.83 -98.34 -7.01
C LEU J 548 -7.98 -99.85 -7.17
N TRP J 549 -6.90 -100.53 -7.57
CA TRP J 549 -7.01 -101.97 -7.82
C TRP J 549 -7.22 -102.76 -6.53
N ASP J 550 -6.58 -102.33 -5.45
CA ASP J 550 -6.75 -103.04 -4.18
C ASP J 550 -7.97 -102.58 -3.40
N ASN J 551 -8.34 -101.30 -3.51
CA ASN J 551 -9.35 -100.72 -2.65
C ASN J 551 -10.76 -100.84 -3.20
N TYR J 552 -10.94 -100.76 -4.52
CA TYR J 552 -12.31 -100.67 -5.05
C TYR J 552 -12.60 -101.67 -6.17
N ILE J 553 -11.61 -101.99 -7.00
CA ILE J 553 -11.87 -102.93 -8.09
C ILE J 553 -12.06 -104.34 -7.55
N LYS J 554 -11.39 -104.67 -6.45
CA LYS J 554 -11.52 -105.99 -5.83
C LYS J 554 -12.79 -106.14 -5.00
N TYR J 555 -13.69 -105.15 -4.99
CA TYR J 555 -14.92 -105.23 -4.21
C TYR J 555 -16.16 -104.95 -5.04
N PHE J 556 -16.00 -104.66 -6.31
CA PHE J 556 -17.16 -104.45 -7.17
C PHE J 556 -17.84 -105.78 -7.43
N PRO J 557 -19.16 -105.88 -7.27
CA PRO J 557 -19.83 -107.15 -7.56
C PRO J 557 -19.93 -107.43 -9.04
N SER J 558 -20.11 -106.40 -9.88
CA SER J 558 -20.29 -106.59 -11.31
C SER J 558 -19.04 -106.24 -12.09
N VAL J 559 -17.85 -106.52 -11.56
CA VAL J 559 -16.64 -106.14 -12.26
C VAL J 559 -16.34 -107.19 -13.35
N ALA J 560 -16.22 -106.71 -14.59
CA ALA J 560 -16.03 -107.56 -15.75
C ALA J 560 -15.55 -106.70 -16.91
N LYS J 561 -14.62 -107.25 -17.70
CA LYS J 561 -14.17 -106.70 -18.99
C LYS J 561 -13.61 -105.27 -18.84
N ILE J 562 -12.49 -105.19 -18.15
CA ILE J 562 -11.85 -103.91 -17.92
C ILE J 562 -10.89 -103.63 -19.07
N ALA J 563 -11.04 -102.47 -19.68
CA ALA J 563 -10.04 -101.96 -20.61
C ALA J 563 -9.27 -100.82 -19.95
N PHE J 564 -8.11 -100.51 -20.52
CA PHE J 564 -7.27 -99.47 -19.96
C PHE J 564 -6.74 -98.58 -21.08
N ILE J 565 -6.88 -97.27 -20.89
CA ILE J 565 -6.40 -96.28 -21.84
C ILE J 565 -5.53 -95.29 -21.08
N GLY J 566 -4.27 -95.20 -21.47
CA GLY J 566 -3.34 -94.23 -20.91
C GLY J 566 -2.88 -93.28 -21.99
N ILE J 567 -2.85 -92.00 -21.66
CA ILE J 567 -2.49 -90.97 -22.61
C ILE J 567 -1.32 -90.18 -22.07
N GLY J 568 -0.25 -90.08 -22.87
CA GLY J 568 0.94 -89.33 -22.50
C GLY J 568 1.93 -90.17 -21.74
N ASP J 569 2.69 -89.53 -20.84
CA ASP J 569 3.62 -90.22 -19.97
C ASP J 569 2.95 -90.70 -18.68
N SER J 570 1.63 -90.55 -18.57
CA SER J 570 0.88 -91.10 -17.45
C SER J 570 0.86 -92.63 -17.48
N TYR J 571 1.00 -93.22 -18.67
CA TYR J 571 0.83 -94.65 -18.91
C TYR J 571 1.82 -95.51 -18.12
N SER J 572 2.96 -94.93 -17.72
CA SER J 572 3.92 -95.63 -16.87
C SER J 572 3.29 -96.10 -15.57
N GLY J 573 2.33 -95.33 -15.02
CA GLY J 573 1.59 -95.78 -13.86
C GLY J 573 0.82 -97.07 -14.13
N ILE J 574 0.23 -97.19 -15.32
CA ILE J 574 -0.38 -98.44 -15.76
C ILE J 574 0.65 -99.55 -15.77
N VAL J 575 1.87 -99.23 -16.21
CA VAL J 575 3.01 -100.14 -16.16
C VAL J 575 3.24 -100.62 -14.74
N HIS J 576 3.13 -99.70 -13.77
CA HIS J 576 3.30 -100.09 -12.38
C HIS J 576 2.13 -100.93 -11.88
N LEU J 577 0.95 -100.76 -12.45
CA LEU J 577 -0.13 -101.67 -12.13
C LEU J 577 -0.05 -102.97 -12.92
N LEU J 578 0.73 -102.99 -14.01
CA LEU J 578 0.78 -104.18 -14.84
C LEU J 578 2.01 -105.04 -14.61
N GLY J 579 3.08 -104.48 -14.03
CA GLY J 579 4.23 -105.28 -13.70
C GLY J 579 4.24 -105.83 -12.29
N HIS J 580 3.34 -105.32 -11.45
CA HIS J 580 3.36 -105.66 -10.03
C HIS J 580 2.13 -106.40 -9.55
N ARG J 581 1.12 -106.59 -10.40
CA ARG J 581 -0.11 -107.27 -9.99
C ARG J 581 -0.49 -108.26 -11.09
N ASP J 582 -1.64 -108.92 -10.89
CA ASP J 582 -2.22 -109.84 -11.87
C ASP J 582 -3.69 -109.46 -12.02
N THR J 583 -3.99 -108.61 -13.00
CA THR J 583 -5.33 -108.15 -13.26
C THR J 583 -5.93 -108.85 -14.49
N ARG J 584 -5.13 -109.67 -15.18
CA ARG J 584 -5.45 -110.23 -16.49
C ARG J 584 -6.68 -111.11 -16.52
N ALA J 585 -7.21 -111.53 -15.36
CA ALA J 585 -8.45 -112.30 -15.35
C ALA J 585 -9.64 -111.45 -15.77
N VAL J 586 -9.72 -110.22 -15.28
CA VAL J 586 -10.85 -109.34 -15.55
C VAL J 586 -10.55 -108.39 -16.70
N THR J 587 -9.37 -107.78 -16.71
CA THR J 587 -9.03 -106.86 -17.79
C THR J 587 -8.71 -107.63 -19.06
N LYS J 588 -8.81 -106.93 -20.19
CA LYS J 588 -8.61 -107.55 -21.50
C LYS J 588 -7.41 -106.99 -22.25
N THR J 589 -7.39 -105.68 -22.53
CA THR J 589 -6.34 -105.08 -23.35
C THR J 589 -5.97 -103.73 -22.76
N VAL J 590 -4.85 -103.18 -23.23
CA VAL J 590 -4.36 -101.88 -22.79
C VAL J 590 -3.95 -101.04 -23.99
N ILE J 591 -4.26 -99.75 -23.92
CA ILE J 591 -3.98 -98.79 -25.00
C ILE J 591 -3.14 -97.66 -24.42
N ASN J 592 -2.09 -97.30 -25.13
CA ASN J 592 -1.28 -96.14 -24.82
C ASN J 592 -1.19 -95.21 -26.02
N PHE J 593 -1.31 -93.91 -25.75
CA PHE J 593 -1.01 -92.88 -26.73
C PHE J 593 0.23 -92.16 -26.23
N LEU J 594 1.39 -92.73 -26.55
CA LEU J 594 2.63 -92.18 -26.04
C LEU J 594 3.05 -90.95 -26.85
N GLY J 595 3.09 -91.08 -28.16
CA GLY J 595 3.58 -90.00 -29.00
C GLY J 595 5.09 -89.94 -29.04
N ASP J 596 5.63 -88.79 -28.63
CA ASP J 596 7.06 -88.54 -28.68
C ASP J 596 7.76 -88.75 -27.34
N LYS J 597 7.07 -89.33 -26.35
CA LYS J 597 7.70 -89.63 -25.07
C LYS J 597 8.63 -90.83 -25.22
N GLN J 598 9.46 -91.05 -24.20
CA GLN J 598 10.34 -92.21 -24.22
C GLN J 598 9.54 -93.47 -23.89
N LEU J 599 10.11 -94.62 -24.28
CA LEU J 599 9.38 -95.87 -24.20
C LEU J 599 9.26 -96.35 -22.75
N LYS J 600 8.23 -97.15 -22.49
CA LYS J 600 7.98 -97.69 -21.16
C LYS J 600 8.33 -99.16 -21.12
N PRO J 601 9.37 -99.57 -20.38
CA PRO J 601 9.65 -101.00 -20.24
C PRO J 601 8.78 -101.64 -19.18
N LEU J 602 7.94 -102.60 -19.59
CA LEU J 602 7.20 -103.39 -18.63
C LEU J 602 8.03 -104.62 -18.26
N VAL J 603 8.43 -104.72 -17.01
CA VAL J 603 9.11 -105.89 -16.49
C VAL J 603 8.19 -106.53 -15.44
N PRO J 604 7.81 -107.79 -15.60
CA PRO J 604 6.91 -108.39 -14.62
C PRO J 604 7.65 -108.86 -13.38
N LEU J 605 6.93 -108.88 -12.26
CA LEU J 605 7.49 -109.24 -10.97
C LEU J 605 6.97 -110.55 -10.40
N VAL J 606 5.75 -110.94 -10.75
CA VAL J 606 5.12 -112.13 -10.17
C VAL J 606 5.16 -113.31 -11.13
N ASP J 607 5.02 -113.07 -12.42
CA ASP J 607 5.04 -114.14 -13.42
C ASP J 607 5.93 -113.71 -14.58
N GLU J 608 5.88 -114.44 -15.69
CA GLU J 608 6.58 -114.04 -16.90
C GLU J 608 5.69 -113.99 -18.13
N THR J 609 4.49 -114.58 -18.08
CA THR J 609 3.52 -114.40 -19.15
C THR J 609 2.79 -113.08 -19.07
N LEU J 610 3.01 -112.30 -18.00
CA LEU J 610 2.51 -110.93 -17.95
C LEU J 610 3.10 -110.11 -19.09
N SER J 611 4.41 -110.24 -19.32
CA SER J 611 5.07 -109.52 -20.41
C SER J 611 4.61 -110.02 -21.78
N GLU J 612 4.35 -111.33 -21.90
CA GLU J 612 3.89 -111.88 -23.17
C GLU J 612 2.46 -111.43 -23.47
N TRP J 613 1.58 -111.49 -22.46
CA TRP J 613 0.21 -111.02 -22.61
C TRP J 613 0.17 -109.52 -22.89
N TYR J 614 1.04 -108.77 -22.23
CA TYR J 614 1.14 -107.34 -22.47
C TYR J 614 1.69 -107.05 -23.85
N PHE J 615 2.57 -107.92 -24.36
CA PHE J 615 2.98 -107.81 -25.75
C PHE J 615 1.85 -108.14 -26.70
N LYS J 616 0.95 -109.02 -26.28
CA LYS J 616 -0.16 -109.42 -27.13
C LYS J 616 -1.34 -108.44 -27.06
N ASN J 617 -1.58 -107.83 -25.91
CA ASN J 617 -2.83 -107.12 -25.67
C ASN J 617 -2.61 -105.62 -25.47
N SER J 618 -1.73 -105.01 -26.25
CA SER J 618 -1.46 -103.59 -26.10
C SER J 618 -1.34 -102.92 -27.46
N LEU J 619 -1.90 -101.72 -27.54
CA LEU J 619 -1.72 -100.86 -28.72
C LEU J 619 -1.14 -99.54 -28.23
N ILE J 620 0.12 -99.29 -28.55
CA ILE J 620 0.86 -98.14 -28.05
C ILE J 620 1.26 -97.30 -29.26
N PHE J 621 0.52 -96.24 -29.52
CA PHE J 621 0.83 -95.37 -30.65
C PHE J 621 1.93 -94.39 -30.27
N SER J 622 2.84 -94.15 -31.21
CA SER J 622 4.00 -93.31 -30.92
C SER J 622 4.20 -92.23 -31.98
N ASN J 623 5.34 -91.54 -31.92
CA ASN J 623 5.66 -90.50 -32.88
C ASN J 623 6.26 -91.08 -34.15
N ASN J 624 5.88 -90.49 -35.29
CA ASN J 624 6.51 -90.87 -36.55
C ASN J 624 7.98 -90.46 -36.59
N SER J 625 8.31 -89.33 -35.97
CA SER J 625 9.69 -88.84 -35.95
C SER J 625 10.46 -89.30 -34.71
N HIS J 626 10.11 -90.47 -34.18
CA HIS J 626 10.79 -91.02 -33.02
C HIS J 626 11.84 -92.07 -33.40
N GLN J 627 11.49 -92.94 -34.36
CA GLN J 627 12.31 -93.94 -35.05
C GLN J 627 12.75 -95.09 -34.14
N CYS J 628 12.43 -95.05 -32.86
CA CYS J 628 12.82 -96.12 -31.93
C CYS J 628 11.61 -96.63 -31.15
N LYS J 639 10.99 -106.50 -27.55
CA LYS J 639 9.81 -107.34 -27.47
C LYS J 639 9.06 -107.09 -26.17
N LYS J 640 9.80 -106.70 -25.14
CA LYS J 640 9.25 -106.50 -23.80
C LYS J 640 8.58 -105.14 -23.64
N PHE J 641 8.47 -104.36 -24.70
CA PHE J 641 7.81 -103.06 -24.64
C PHE J 641 6.33 -103.12 -24.99
N GLY J 642 5.88 -104.19 -25.64
CA GLY J 642 4.47 -104.39 -25.90
C GLY J 642 3.89 -103.64 -27.09
N ARG J 643 4.43 -103.94 -28.28
CA ARG J 643 3.84 -103.60 -29.57
C ARG J 643 3.68 -102.09 -29.77
N VAL J 644 4.81 -101.39 -29.76
CA VAL J 644 4.81 -99.98 -30.08
C VAL J 644 4.61 -99.81 -31.58
N LEU J 645 3.74 -98.88 -31.96
CA LEU J 645 3.34 -98.68 -33.35
C LEU J 645 3.68 -97.25 -33.75
N ARG J 646 4.47 -97.11 -34.80
CA ARG J 646 4.82 -95.81 -35.35
C ARG J 646 3.65 -95.27 -36.16
N CYS J 647 3.17 -94.08 -35.79
CA CYS J 647 2.02 -93.48 -36.47
C CYS J 647 2.50 -92.79 -37.75
N ASP J 648 1.61 -92.07 -38.43
CA ASP J 648 1.93 -91.57 -39.76
C ASP J 648 2.12 -90.06 -39.85
N THR J 649 1.18 -89.27 -39.35
CA THR J 649 1.25 -87.82 -39.59
C THR J 649 2.18 -87.14 -38.60
N ASP J 650 1.90 -87.31 -37.30
CA ASP J 650 2.68 -86.69 -36.25
C ASP J 650 3.40 -87.74 -35.42
N LEU J 652 0.27 -84.04 -31.28
CA LEU J 652 -0.27 -84.99 -30.34
C LEU J 652 -1.71 -85.36 -30.67
N ASN J 653 -2.54 -84.34 -30.89
CA ASN J 653 -3.96 -84.58 -31.16
C ASN J 653 -4.17 -85.15 -32.56
N ASN J 654 -3.20 -84.96 -33.47
CA ASN J 654 -3.35 -85.50 -34.83
C ASN J 654 -3.31 -87.02 -34.83
N ILE J 655 -2.42 -87.61 -34.06
CA ILE J 655 -2.43 -89.07 -33.95
C ILE J 655 -3.63 -89.56 -33.16
N ILE J 656 -4.21 -88.71 -32.31
CA ILE J 656 -5.41 -89.08 -31.57
C ILE J 656 -6.60 -89.18 -32.51
N GLU J 657 -6.81 -88.16 -33.35
CA GLU J 657 -7.88 -88.26 -34.33
C GLU J 657 -7.53 -89.24 -35.44
N GLU J 658 -6.26 -89.57 -35.62
CA GLU J 658 -5.90 -90.53 -36.65
C GLU J 658 -6.12 -91.96 -36.20
N ARG J 659 -5.95 -92.26 -34.91
CA ARG J 659 -5.98 -93.64 -34.45
C ARG J 659 -7.03 -93.90 -33.37
N PHE J 660 -7.92 -92.92 -33.12
CA PHE J 660 -9.11 -93.14 -32.30
C PHE J 660 -9.94 -94.28 -32.85
N GLU J 661 -10.14 -94.29 -34.17
CA GLU J 661 -10.97 -95.30 -34.83
C GLU J 661 -10.35 -96.68 -34.71
N GLU J 662 -9.05 -96.78 -34.97
CA GLU J 662 -8.39 -98.07 -34.92
C GLU J 662 -8.31 -98.61 -33.49
N ALA J 663 -8.05 -97.73 -32.52
CA ALA J 663 -8.02 -98.14 -31.13
C ALA J 663 -9.39 -98.60 -30.64
N THR J 664 -10.45 -97.87 -31.00
CA THR J 664 -11.77 -98.25 -30.51
C THR J 664 -12.29 -99.47 -31.24
N ASP J 665 -11.85 -99.71 -32.49
CA ASP J 665 -12.26 -100.93 -33.19
C ASP J 665 -11.52 -102.14 -32.64
N PHE J 666 -10.25 -101.96 -32.25
CA PHE J 666 -9.54 -103.05 -31.59
C PHE J 666 -10.15 -103.35 -30.21
N ILE J 667 -10.60 -102.32 -29.49
CA ILE J 667 -11.22 -102.54 -28.18
C ILE J 667 -12.56 -103.24 -28.32
N LEU J 668 -13.34 -102.85 -29.34
CA LEU J 668 -14.62 -103.51 -29.58
C LEU J 668 -14.43 -104.94 -30.09
N ASP J 669 -13.34 -105.24 -30.78
CA ASP J 669 -13.10 -106.61 -31.22
C ASP J 669 -12.57 -107.49 -30.09
N SER J 670 -11.72 -106.93 -29.22
CA SER J 670 -11.25 -107.68 -28.06
C SER J 670 -12.37 -107.89 -27.05
N PHE J 671 -13.32 -106.96 -27.00
CA PHE J 671 -14.49 -107.14 -26.15
C PHE J 671 -15.56 -108.00 -26.82
N GLU J 672 -15.55 -108.03 -28.16
CA GLU J 672 -16.48 -108.77 -29.01
C GLU J 672 -17.94 -108.44 -28.73
N LYS K 1 26.68 -38.20 37.89
CA LYS K 1 27.32 -39.52 37.94
C LYS K 1 28.68 -39.46 37.27
N VAL K 2 29.73 -39.62 38.06
CA VAL K 2 31.10 -39.60 37.58
C VAL K 2 31.73 -40.95 37.88
N TYR K 3 32.15 -41.65 36.84
CA TYR K 3 32.82 -42.93 36.97
C TYR K 3 34.21 -42.81 36.36
N TYR K 4 35.04 -43.83 36.62
CA TYR K 4 36.43 -43.77 36.19
C TYR K 4 36.82 -45.10 35.57
N LEU K 5 37.84 -45.05 34.71
CA LEU K 5 38.27 -46.22 33.95
C LEU K 5 39.77 -46.40 34.11
N PRO K 6 40.24 -47.61 34.39
CA PRO K 6 41.69 -47.83 34.61
C PRO K 6 42.44 -47.87 33.29
N VAL K 7 43.38 -46.96 33.14
CA VAL K 7 44.20 -46.89 31.94
C VAL K 7 45.65 -47.09 32.35
N THR K 8 46.37 -47.90 31.60
CA THR K 8 47.82 -47.98 31.72
C THR K 8 48.45 -47.44 30.46
N LEU K 9 49.77 -47.33 30.50
CA LEU K 9 50.52 -46.92 29.33
C LEU K 9 50.91 -48.16 28.53
N THR K 10 51.75 -47.97 27.53
CA THR K 10 52.31 -49.09 26.80
C THR K 10 53.82 -49.03 26.88
N GLN K 11 54.44 -50.02 26.23
CA GLN K 11 55.89 -50.14 26.22
C GLN K 11 56.53 -48.96 25.51
N PHE K 12 55.91 -48.52 24.41
CA PHE K 12 56.39 -47.34 23.70
C PHE K 12 56.21 -46.08 24.54
N GLN K 13 55.07 -45.97 25.22
CA GLN K 13 54.81 -44.81 26.06
C GLN K 13 55.77 -44.76 27.24
N LYS K 14 56.06 -45.91 27.84
CA LYS K 14 56.98 -45.96 28.96
C LYS K 14 58.41 -45.64 28.52
N ASP K 15 58.81 -46.12 27.34
CA ASP K 15 60.14 -45.80 26.83
C ASP K 15 60.28 -44.32 26.50
N LEU K 16 59.23 -43.71 25.95
CA LEU K 16 59.30 -42.30 25.62
C LEU K 16 59.29 -41.43 26.88
N SER K 17 58.55 -41.86 27.91
CA SER K 17 58.59 -41.11 29.17
C SER K 17 59.95 -41.26 29.84
N GLU K 18 60.60 -42.42 29.68
CA GLU K 18 61.97 -42.55 30.15
C GLU K 18 62.93 -41.65 29.38
N ILE K 19 62.66 -41.43 28.09
CA ILE K 19 63.48 -40.50 27.32
C ILE K 19 63.29 -39.07 27.82
N LEU K 20 62.05 -38.67 28.13
CA LEU K 20 61.82 -37.35 28.70
C LEU K 20 62.40 -37.20 30.11
N ILE K 21 62.40 -38.28 30.88
CA ILE K 21 63.05 -38.24 32.19
C ILE K 21 64.55 -38.08 32.02
N SER K 22 65.13 -38.75 31.02
CA SER K 22 66.55 -38.56 30.71
C SER K 22 66.84 -37.15 30.23
N LEU K 23 65.86 -36.48 29.65
CA LEU K 23 66.08 -35.12 29.18
C LEU K 23 65.76 -34.08 30.25
N HIS K 24 65.03 -34.45 31.29
CA HIS K 24 64.63 -33.50 32.32
C HIS K 24 65.18 -33.81 33.70
N ALA K 25 66.00 -34.85 33.86
CA ALA K 25 66.30 -35.38 35.19
C ALA K 25 67.21 -34.46 35.99
N LYS K 26 68.21 -33.86 35.33
CA LYS K 26 69.13 -32.99 36.06
C LYS K 26 68.44 -31.72 36.53
N SER K 27 67.63 -31.12 35.66
CA SER K 27 66.90 -29.92 36.05
C SER K 27 65.83 -30.22 37.08
N PHE K 28 65.20 -31.40 37.01
CA PHE K 28 64.21 -31.74 38.03
C PHE K 28 64.85 -32.02 39.37
N LYS K 29 66.00 -32.71 39.37
CA LYS K 29 66.71 -32.94 40.63
C LYS K 29 67.30 -31.65 41.18
N ALA K 30 67.63 -30.70 40.30
CA ALA K 30 68.09 -29.39 40.77
C ALA K 30 66.94 -28.61 41.39
N SER K 31 65.76 -28.68 40.80
CA SER K 31 64.61 -28.00 41.37
C SER K 31 64.03 -28.73 42.58
N ILE K 32 64.40 -29.99 42.80
CA ILE K 32 63.97 -30.71 43.99
C ILE K 32 65.05 -30.53 45.07
N ILE K 33 66.28 -30.91 44.74
CA ILE K 33 67.38 -30.76 45.68
C ILE K 33 68.48 -29.91 45.07
N THR K 53 70.85 -17.11 16.28
CA THR K 53 69.45 -17.49 16.45
C THR K 53 68.82 -16.76 17.62
N HIS K 54 69.33 -17.04 18.83
CA HIS K 54 68.76 -16.51 20.06
C HIS K 54 69.85 -16.53 21.11
N PRO K 55 69.77 -15.65 22.11
CA PRO K 55 70.66 -15.77 23.28
C PRO K 55 70.45 -17.10 23.98
N TYR K 56 71.55 -17.83 24.14
CA TYR K 56 71.61 -19.19 24.70
C TYR K 56 70.96 -19.38 26.07
N PRO K 57 70.89 -18.37 26.96
CA PRO K 57 69.91 -18.47 28.06
C PRO K 57 68.49 -18.50 27.53
N THR K 58 67.80 -19.61 27.79
CA THR K 58 66.52 -19.88 27.17
C THR K 58 65.35 -19.67 28.11
N LEU K 59 65.36 -20.31 29.28
CA LEU K 59 64.12 -20.48 30.01
C LEU K 59 64.42 -20.66 31.49
N SER K 60 63.39 -20.42 32.30
CA SER K 60 63.46 -20.61 33.72
C SER K 60 63.25 -22.08 34.07
N GLN K 61 63.40 -22.38 35.36
CA GLN K 61 63.10 -23.73 35.82
C GLN K 61 61.60 -23.97 35.86
N ARG K 62 60.82 -22.91 36.06
CA ARG K 62 59.37 -23.00 35.94
C ARG K 62 58.96 -23.36 34.52
N GLN K 63 59.62 -22.76 33.53
CA GLN K 63 59.35 -23.13 32.14
C GLN K 63 59.86 -24.54 31.84
N LEU K 64 60.92 -24.97 32.52
CA LEU K 64 61.44 -26.32 32.33
C LEU K 64 60.45 -27.36 32.83
N THR K 65 59.86 -27.15 34.01
CA THR K 65 58.86 -28.11 34.46
C THR K 65 57.52 -27.95 33.76
N TYR K 66 57.23 -26.77 33.19
CA TYR K 66 56.07 -26.66 32.31
C TYR K 66 56.25 -27.50 31.06
N ILE K 67 57.45 -27.47 30.48
CA ILE K 67 57.79 -28.35 29.36
C ILE K 67 57.68 -29.81 29.79
N PHE K 68 58.11 -30.10 31.03
CA PHE K 68 58.10 -31.46 31.57
C PHE K 68 56.68 -32.02 31.66
N ASP K 69 55.79 -31.33 32.38
CA ASP K 69 54.47 -31.92 32.57
C ASP K 69 53.61 -31.81 31.32
N SER K 70 53.82 -30.79 30.48
CA SER K 70 53.06 -30.71 29.23
C SER K 70 53.44 -31.84 28.28
N ASN K 71 54.74 -32.11 28.13
CA ASN K 71 55.13 -33.18 27.24
C ASN K 71 54.85 -34.55 27.83
N ILE K 72 54.79 -34.67 29.16
CA ILE K 72 54.43 -35.97 29.71
C ILE K 72 52.92 -36.20 29.59
N ARG K 73 52.11 -35.14 29.58
CA ARG K 73 50.70 -35.32 29.27
C ARG K 73 50.49 -35.55 27.78
N ALA K 74 51.42 -35.07 26.95
CA ALA K 74 51.37 -35.41 25.53
C ALA K 74 51.70 -36.88 25.30
N ILE K 75 52.60 -37.43 26.11
CA ILE K 75 52.83 -38.87 26.07
C ILE K 75 51.61 -39.62 26.59
N ALA K 76 50.91 -39.04 27.57
CA ALA K 76 49.71 -39.67 28.13
C ALA K 76 48.60 -39.86 27.12
N ASN K 77 48.60 -39.11 26.02
CA ASN K 77 47.59 -39.22 24.98
C ASN K 77 48.30 -39.39 23.64
N HIS K 78 48.35 -40.64 23.13
CA HIS K 78 48.85 -40.97 21.80
C HIS K 78 50.25 -40.46 21.49
N PRO K 79 51.28 -41.22 21.84
CA PRO K 79 52.66 -40.72 21.86
C PRO K 79 53.25 -40.17 20.55
N SER K 80 52.50 -40.19 19.45
CA SER K 80 52.93 -39.42 18.30
C SER K 80 52.75 -37.93 18.50
N LEU K 81 52.09 -37.49 19.59
CA LEU K 81 51.84 -36.08 19.87
C LEU K 81 53.07 -35.33 20.35
N LEU K 82 54.23 -35.96 20.45
CA LEU K 82 55.42 -35.25 20.92
C LEU K 82 56.06 -34.40 19.84
N VAL K 83 55.54 -34.44 18.63
CA VAL K 83 56.09 -33.62 17.58
C VAL K 83 55.44 -32.25 17.70
N ASP K 84 56.25 -31.20 17.64
CA ASP K 84 55.73 -29.84 17.62
C ASP K 84 55.66 -29.38 16.17
N HIS K 85 54.88 -30.11 15.39
CA HIS K 85 54.68 -29.78 13.98
C HIS K 85 53.28 -30.21 13.62
N TYR K 86 52.55 -29.29 13.01
CA TYR K 86 51.15 -29.52 12.67
C TYR K 86 51.00 -30.65 11.67
N MET K 87 49.88 -31.34 11.76
CA MET K 87 49.56 -32.37 10.79
C MET K 87 49.14 -31.71 9.49
N PRO K 88 49.57 -32.23 8.33
CA PRO K 88 49.24 -31.56 7.07
C PRO K 88 47.81 -31.76 6.61
N ARG K 89 47.00 -32.50 7.38
CA ARG K 89 45.57 -32.80 7.16
C ARG K 89 45.31 -33.44 5.80
N GLN K 90 46.29 -34.22 5.33
CA GLN K 90 46.16 -35.03 4.13
C GLN K 90 46.33 -36.50 4.46
N LEU K 91 47.44 -36.86 5.10
CA LEU K 91 47.71 -38.23 5.50
C LEU K 91 46.91 -38.61 6.73
N LEU K 92 46.45 -37.63 7.50
CA LEU K 92 45.77 -37.89 8.77
C LEU K 92 44.43 -38.56 8.55
N ARG K 93 43.73 -38.21 7.46
CA ARG K 93 42.52 -38.93 7.07
C ARG K 93 42.81 -40.04 6.08
N MET K 94 44.03 -40.58 6.12
CA MET K 94 44.46 -41.58 5.17
C MET K 94 45.24 -42.67 5.87
N GLU K 95 44.78 -43.07 7.06
CA GLU K 95 45.52 -44.07 7.83
C GLU K 95 44.56 -45.07 8.44
N PRO K 96 44.95 -46.34 8.51
CA PRO K 96 44.08 -47.35 9.14
C PRO K 96 43.98 -47.14 10.64
N THR K 97 42.94 -47.74 11.21
CA THR K 97 42.66 -47.54 12.62
C THR K 97 43.64 -48.30 13.51
N GLU K 98 44.16 -49.44 13.04
CA GLU K 98 44.95 -50.32 13.88
C GLU K 98 46.31 -49.71 14.21
N SER K 99 46.98 -49.14 13.21
CA SER K 99 48.27 -48.54 13.45
C SER K 99 48.15 -47.25 14.25
N SER K 100 47.02 -46.56 14.13
CA SER K 100 46.83 -45.36 14.92
C SER K 100 46.55 -45.68 16.37
N ILE K 101 45.78 -46.75 16.64
CA ILE K 101 45.59 -47.15 18.03
C ILE K 101 46.74 -47.99 18.55
N ALA K 102 47.73 -48.30 17.72
CA ALA K 102 48.91 -49.03 18.18
C ALA K 102 49.81 -48.17 19.03
N GLY K 103 49.67 -46.84 18.94
CA GLY K 103 50.56 -45.96 19.70
C GLY K 103 50.32 -46.00 21.20
N SER K 104 49.05 -45.92 21.60
CA SER K 104 48.73 -45.86 23.02
C SER K 104 47.58 -46.79 23.34
N HIS K 105 47.56 -47.24 24.60
CA HIS K 105 46.47 -48.09 25.09
C HIS K 105 45.19 -47.30 25.27
N LYS K 106 45.30 -45.96 25.42
CA LYS K 106 44.13 -45.11 25.53
C LYS K 106 43.26 -45.19 24.28
N PHE K 107 43.90 -45.16 23.10
CA PHE K 107 43.16 -45.32 21.87
C PHE K 107 42.58 -46.72 21.74
N GLN K 108 43.27 -47.72 22.29
CA GLN K 108 42.74 -49.08 22.26
C GLN K 108 41.46 -49.20 23.06
N VAL K 109 41.47 -48.69 24.29
CA VAL K 109 40.28 -48.82 25.12
C VAL K 109 39.17 -47.88 24.63
N LEU K 110 39.53 -46.74 24.04
CA LEU K 110 38.51 -45.84 23.52
C LEU K 110 37.85 -46.41 22.27
N ASN K 111 38.64 -46.97 21.36
CA ASN K 111 38.11 -47.60 20.16
C ASN K 111 37.27 -48.82 20.51
N GLN K 112 37.73 -49.59 21.50
CA GLN K 112 36.95 -50.73 21.97
C GLN K 112 35.63 -50.27 22.58
N LEU K 113 35.65 -49.14 23.29
CA LEU K 113 34.45 -48.62 23.92
C LEU K 113 33.43 -48.17 22.89
N ILE K 114 33.89 -47.44 21.86
CA ILE K 114 32.91 -46.96 20.88
C ILE K 114 32.45 -48.09 19.97
N ASN K 115 33.28 -49.11 19.75
CA ASN K 115 32.83 -50.26 18.98
C ASN K 115 31.81 -51.07 19.77
N SER K 116 31.96 -51.13 21.09
CA SER K 116 30.95 -51.81 21.89
C SER K 116 29.67 -51.01 21.93
N ILE K 117 29.78 -49.68 22.02
CA ILE K 117 28.57 -48.87 22.10
C ILE K 117 27.88 -48.76 20.76
N CYS K 118 28.57 -49.07 19.65
CA CYS K 118 27.91 -49.05 18.36
C CYS K 118 27.17 -50.35 18.10
N PHE K 119 27.76 -51.48 18.46
CA PHE K 119 27.20 -52.79 18.12
C PHE K 119 26.35 -53.36 19.24
N ARG K 120 25.68 -52.52 20.00
CA ARG K 120 24.75 -52.95 21.01
C ARG K 120 23.46 -53.43 20.36
N ASP K 121 22.54 -53.91 21.18
CA ASP K 121 21.19 -54.22 20.72
C ASP K 121 20.31 -53.00 20.91
N ARG K 122 19.55 -52.66 19.88
CA ARG K 122 18.70 -51.48 19.92
C ARG K 122 17.26 -51.89 20.20
N PRO K 126 14.06 -51.89 20.16
CA PRO K 126 13.25 -50.87 19.49
C PRO K 126 14.08 -49.74 18.89
N ASN K 127 13.39 -48.70 18.42
CA ASN K 127 14.05 -47.53 17.82
C ASN K 127 14.65 -46.69 18.94
N GLU K 128 15.97 -46.82 19.12
CA GLU K 128 16.70 -46.08 20.16
C GLU K 128 17.69 -45.15 19.46
N VAL K 129 17.47 -43.85 19.63
CA VAL K 129 18.17 -42.82 18.87
C VAL K 129 19.00 -42.04 19.88
N ILE K 130 19.59 -42.78 20.83
CA ILE K 130 20.36 -42.18 21.91
C ILE K 130 21.57 -41.41 21.39
N LYS K 131 22.06 -40.51 22.23
CA LYS K 131 23.06 -39.54 21.82
C LYS K 131 24.36 -39.80 22.55
N CYS K 132 25.41 -39.11 22.12
CA CYS K 132 26.72 -39.22 22.75
C CYS K 132 27.46 -37.91 22.55
N ALA K 133 28.49 -37.71 23.37
CA ALA K 133 29.32 -36.51 23.27
C ALA K 133 30.70 -36.84 23.79
N ILE K 134 31.72 -36.23 23.18
CA ILE K 134 33.11 -36.47 23.54
C ILE K 134 33.80 -35.12 23.64
N ILE K 135 34.41 -34.85 24.79
CA ILE K 135 35.07 -33.58 25.05
C ILE K 135 36.57 -33.81 25.14
N ALA K 136 37.33 -33.01 24.42
CA ALA K 136 38.78 -33.01 24.51
C ALA K 136 39.24 -31.79 25.29
N HIS K 137 40.52 -31.80 25.66
CA HIS K 137 41.08 -30.66 26.38
C HIS K 137 41.56 -29.56 25.45
N SER K 138 42.13 -29.92 24.30
CA SER K 138 42.69 -28.97 23.37
C SER K 138 42.30 -29.38 21.96
N ILE K 139 42.96 -28.78 20.97
CA ILE K 139 42.50 -28.85 19.59
C ILE K 139 43.04 -30.09 18.89
N LYS K 140 44.37 -30.30 18.93
CA LYS K 140 44.99 -31.36 18.13
C LYS K 140 44.53 -32.74 18.57
N GLU K 141 44.22 -32.88 19.85
CA GLU K 141 43.61 -34.11 20.34
C GLU K 141 42.23 -34.32 19.73
N LEU K 142 41.48 -33.24 19.56
CA LEU K 142 40.19 -33.35 18.89
C LEU K 142 40.34 -33.65 17.41
N ASP K 143 41.42 -33.18 16.79
CA ASP K 143 41.67 -33.53 15.40
C ASP K 143 42.03 -35.01 15.26
N LEU K 144 42.80 -35.54 16.20
CA LEU K 144 43.09 -36.97 16.15
C LEU K 144 41.85 -37.80 16.46
N LEU K 145 40.96 -37.28 17.30
CA LEU K 145 39.68 -37.92 17.55
C LEU K 145 38.85 -37.96 16.28
N GLU K 146 38.79 -36.84 15.55
CA GLU K 146 38.00 -36.78 14.33
C GLU K 146 38.61 -37.65 13.24
N GLY K 147 39.94 -37.75 13.21
CA GLY K 147 40.57 -38.64 12.25
C GLY K 147 40.35 -40.10 12.57
N LEU K 148 40.17 -40.43 13.85
CA LEU K 148 39.92 -41.82 14.18
C LEU K 148 38.47 -42.19 13.92
N ILE K 149 37.54 -41.28 14.16
CA ILE K 149 36.12 -41.60 14.16
C ILE K 149 35.48 -41.30 12.81
N LEU K 150 36.30 -40.98 11.81
CA LEU K 150 35.83 -40.39 10.55
C LEU K 150 34.95 -41.36 9.76
N GLY K 151 35.47 -42.52 9.43
CA GLY K 151 34.70 -43.44 8.63
C GLY K 151 33.63 -44.19 9.38
N LYS K 152 33.61 -44.08 10.70
CA LYS K 152 32.74 -44.93 11.51
C LYS K 152 31.29 -44.48 11.42
N LYS K 153 30.39 -45.45 11.57
CA LYS K 153 28.96 -45.25 11.30
C LYS K 153 28.30 -44.46 12.42
N PHE K 154 28.49 -43.14 12.39
CA PHE K 154 27.88 -42.32 13.42
C PHE K 154 27.51 -40.96 12.84
N ARG K 155 26.30 -40.51 13.15
CA ARG K 155 25.86 -39.17 12.77
C ARG K 155 26.60 -38.16 13.63
N THR K 156 27.66 -37.58 13.07
CA THR K 156 28.57 -36.71 13.80
C THR K 156 28.30 -35.24 13.48
N LYS K 157 28.77 -34.38 14.38
CA LYS K 157 28.69 -32.94 14.18
C LYS K 157 29.78 -32.29 15.04
N ARG K 158 30.77 -31.69 14.40
CA ARG K 158 31.89 -31.09 15.12
C ARG K 158 31.53 -29.68 15.53
N LEU K 159 31.60 -29.41 16.84
CA LEU K 159 31.35 -28.08 17.38
C LEU K 159 32.63 -27.27 17.56
N SER K 160 33.67 -27.56 16.78
CA SER K 160 34.89 -26.79 16.79
C SER K 160 35.31 -26.51 15.36
N GLY K 161 36.15 -25.50 15.19
CA GLY K 161 36.51 -25.04 13.87
C GLY K 161 37.43 -26.00 13.14
N THR K 162 37.46 -25.80 11.81
CA THR K 162 38.33 -26.53 10.87
C THR K 162 38.07 -28.03 10.95
N SER K 163 36.85 -28.41 10.58
CA SER K 163 36.47 -29.81 10.64
C SER K 163 37.15 -30.60 9.53
N LEU K 164 36.98 -31.92 9.59
CA LEU K 164 37.66 -32.82 8.67
C LEU K 164 36.58 -33.53 7.85
N TYR K 165 36.41 -33.08 6.60
CA TYR K 165 35.47 -33.65 5.62
C TYR K 165 34.05 -33.65 6.16
N ASN K 166 33.52 -32.45 6.37
CA ASN K 166 32.27 -32.26 7.10
C ASN K 166 31.09 -32.77 6.29
N GLU K 167 30.37 -33.72 6.87
CA GLU K 167 29.12 -34.17 6.29
C GLU K 167 27.97 -33.39 6.91
N LYS K 168 26.88 -33.28 6.16
CA LYS K 168 25.82 -32.33 6.47
C LYS K 168 24.67 -32.97 7.21
N HIS K 169 24.95 -33.90 8.12
CA HIS K 169 23.93 -34.43 9.01
C HIS K 169 23.44 -33.32 9.92
N LYS K 170 22.23 -32.82 9.66
CA LYS K 170 21.70 -31.68 10.41
C LYS K 170 20.68 -32.19 11.42
N PHE K 171 20.83 -31.75 12.64
CA PHE K 171 20.08 -32.27 13.76
C PHE K 171 18.64 -31.78 13.74
N PRO K 172 17.68 -32.62 14.14
CA PRO K 172 16.30 -32.15 14.31
C PRO K 172 16.16 -31.17 15.48
N ASN K 173 15.89 -29.91 15.15
CA ASN K 173 15.66 -28.80 16.09
C ASN K 173 16.80 -28.58 17.08
N TYR K 202 3.01 -34.84 -12.73
CA TYR K 202 4.45 -34.65 -12.79
C TYR K 202 4.86 -33.70 -13.89
N THR K 203 3.95 -32.78 -14.24
CA THR K 203 4.13 -31.79 -15.30
C THR K 203 4.47 -32.45 -16.63
N GLY K 204 3.51 -33.24 -17.14
CA GLY K 204 3.68 -33.86 -18.43
C GLY K 204 3.33 -32.94 -19.58
N TYR K 205 2.31 -32.09 -19.38
CA TYR K 205 1.81 -31.19 -20.42
C TYR K 205 1.99 -29.75 -19.98
N SER K 206 1.41 -28.86 -20.78
CA SER K 206 1.31 -27.45 -20.41
C SER K 206 0.00 -27.20 -19.70
N LYS K 207 -0.02 -26.11 -18.92
CA LYS K 207 -1.18 -25.46 -18.30
C LYS K 207 -1.76 -26.27 -17.14
N ASP K 208 -1.34 -27.51 -16.95
CA ASP K 208 -1.92 -28.38 -15.95
C ASP K 208 -1.06 -28.36 -14.70
N ASP K 209 -1.53 -29.06 -13.66
CA ASP K 209 -0.80 -29.14 -12.40
C ASP K 209 -1.23 -30.40 -11.67
N TYR K 210 -0.35 -31.37 -11.60
CA TYR K 210 -0.68 -32.51 -10.77
C TYR K 210 0.37 -32.81 -9.72
N ASP K 211 1.66 -32.63 -10.07
CA ASP K 211 2.85 -32.54 -9.20
C ASP K 211 2.84 -33.49 -7.99
N TYR K 212 2.67 -34.78 -8.30
CA TYR K 212 2.71 -35.81 -7.27
C TYR K 212 4.12 -36.03 -6.72
N SER K 213 5.14 -35.44 -7.34
CA SER K 213 6.53 -35.65 -6.95
C SER K 213 6.84 -35.18 -5.54
N VAL K 214 6.09 -34.21 -5.01
CA VAL K 214 6.36 -33.73 -3.67
C VAL K 214 5.97 -34.78 -2.62
N LYS K 215 4.84 -35.47 -2.81
CA LYS K 215 4.49 -36.54 -1.91
C LYS K 215 5.16 -37.85 -2.28
N ARG K 216 5.73 -37.93 -3.47
CA ARG K 216 6.38 -39.17 -3.89
C ARG K 216 7.74 -39.33 -3.23
N ASN K 217 8.49 -38.24 -3.10
CA ASN K 217 9.90 -38.33 -2.74
C ASN K 217 10.14 -38.61 -1.27
N LEU K 218 9.11 -38.58 -0.43
CA LEU K 218 9.26 -39.03 0.95
C LEU K 218 9.19 -40.54 1.07
N LYS K 219 8.77 -41.24 0.02
CA LYS K 219 8.67 -42.69 0.02
C LYS K 219 9.88 -43.36 -0.62
N LYS K 220 10.77 -42.59 -1.24
CA LYS K 220 11.96 -43.16 -1.86
C LYS K 220 13.26 -42.62 -1.26
N ARG K 221 13.18 -41.72 -0.29
CA ARG K 221 14.36 -41.14 0.33
C ARG K 221 14.63 -41.86 1.65
N LYS K 222 15.65 -42.72 1.65
CA LYS K 222 15.97 -43.46 2.86
C LYS K 222 16.71 -42.57 3.85
N ILE K 223 16.62 -42.96 5.13
CA ILE K 223 16.98 -42.08 6.23
C ILE K 223 18.01 -42.76 7.13
N ASN K 224 18.78 -41.94 7.84
CA ASN K 224 19.81 -42.43 8.74
C ASN K 224 19.23 -42.75 10.10
N THR K 225 19.76 -43.80 10.71
CA THR K 225 19.40 -44.20 12.07
C THR K 225 20.66 -44.51 12.87
N ASP K 226 21.65 -43.61 12.76
CA ASP K 226 22.80 -43.71 13.62
C ASP K 226 22.52 -43.04 14.95
N ASP K 227 23.28 -43.43 15.96
CA ASP K 227 23.28 -42.67 17.19
C ASP K 227 24.07 -41.38 16.97
N TRP K 228 23.66 -40.33 17.67
CA TRP K 228 24.21 -39.01 17.39
C TRP K 228 25.39 -38.71 18.31
N LEU K 229 26.38 -38.00 17.76
CA LEU K 229 27.61 -37.74 18.47
C LEU K 229 28.08 -36.34 18.12
N PHE K 230 28.70 -35.68 19.09
CA PHE K 230 29.22 -34.33 18.91
C PHE K 230 30.65 -34.28 19.41
N LEU K 231 31.38 -33.25 18.97
CA LEU K 231 32.78 -33.10 19.29
C LEU K 231 33.06 -31.65 19.64
N ALA K 232 33.73 -31.42 20.76
CA ALA K 232 34.09 -30.07 21.18
C ALA K 232 35.26 -30.16 22.15
N THR K 233 35.76 -28.98 22.53
CA THR K 233 36.86 -28.88 23.48
C THR K 233 36.40 -28.13 24.72
N THR K 234 37.26 -28.17 25.74
CA THR K 234 36.99 -27.46 26.97
C THR K 234 37.21 -25.97 26.83
N LYS K 235 38.01 -25.53 25.85
CA LYS K 235 38.19 -24.12 25.59
C LYS K 235 36.88 -23.46 25.18
N HIS K 236 36.10 -24.15 24.34
CA HIS K 236 34.79 -23.62 23.96
C HIS K 236 33.84 -23.61 25.14
N LEU K 237 33.91 -24.63 26.00
CA LEU K 237 33.00 -24.68 27.14
C LEU K 237 33.38 -23.65 28.20
N LYS K 238 34.65 -23.27 28.27
CA LYS K 238 35.05 -22.25 29.22
C LYS K 238 34.93 -20.85 28.65
N HIS K 239 34.96 -20.70 27.32
CA HIS K 239 34.72 -19.39 26.73
C HIS K 239 33.25 -19.01 26.86
N ASP K 240 32.37 -19.84 26.31
CA ASP K 240 30.94 -19.59 26.34
C ASP K 240 30.23 -20.83 26.85
N GLN K 241 28.94 -20.67 27.09
CA GLN K 241 28.07 -21.74 27.57
C GLN K 241 26.93 -21.94 26.59
N TYR K 242 26.01 -22.84 26.98
CA TYR K 242 24.86 -23.30 26.18
C TYR K 242 25.28 -23.93 24.87
N LEU K 243 26.53 -24.40 24.78
CA LEU K 243 27.02 -24.99 23.55
C LEU K 243 26.48 -26.39 23.39
N LEU K 244 26.21 -27.07 24.49
CA LEU K 244 25.72 -28.43 24.48
C LEU K 244 24.31 -28.54 25.04
N ALA K 245 23.75 -27.46 25.58
CA ALA K 245 22.41 -27.50 26.14
C ALA K 245 21.33 -27.53 25.06
N ASN K 246 21.69 -27.22 23.82
CA ASN K 246 20.74 -27.35 22.73
C ASN K 246 20.45 -28.82 22.44
N TYR K 247 21.47 -29.66 22.44
CA TYR K 247 21.30 -31.08 22.14
C TYR K 247 20.99 -31.84 23.41
N ASP K 248 19.97 -32.69 23.36
CA ASP K 248 19.61 -33.56 24.48
C ASP K 248 20.56 -34.76 24.50
N ILE K 249 21.77 -34.52 24.99
CA ILE K 249 22.78 -35.56 25.06
C ILE K 249 22.45 -36.52 26.19
N ASP K 250 23.13 -37.67 26.21
CA ASP K 250 22.82 -38.72 27.17
C ASP K 250 24.00 -39.20 27.98
N MET K 251 25.23 -38.99 27.52
CA MET K 251 26.41 -39.36 28.29
C MET K 251 27.56 -38.48 27.82
N ILE K 252 28.52 -38.27 28.70
CA ILE K 252 29.75 -37.58 28.33
C ILE K 252 30.89 -38.58 28.56
N ILE K 253 31.21 -39.31 27.51
CA ILE K 253 32.44 -40.09 27.53
C ILE K 253 33.54 -39.11 27.13
N SER K 254 34.11 -38.44 28.10
CA SER K 254 35.04 -37.37 27.80
C SER K 254 36.47 -37.88 27.75
N PHE K 255 37.28 -37.23 26.93
CA PHE K 255 38.69 -37.56 26.86
C PHE K 255 39.47 -36.95 28.00
N ASP K 256 39.07 -35.78 28.46
CA ASP K 256 39.78 -35.02 29.48
C ASP K 256 39.36 -35.48 30.87
N PRO K 257 40.30 -35.62 31.81
CA PRO K 257 39.95 -36.09 33.16
C PRO K 257 39.73 -34.99 34.20
N MET K 258 39.79 -33.72 33.82
CA MET K 258 39.73 -32.60 34.77
C MET K 258 38.63 -31.63 34.35
N LEU K 259 37.42 -32.15 34.16
CA LEU K 259 36.33 -31.41 33.54
C LEU K 259 35.79 -30.27 34.37
N GLU K 260 35.94 -30.31 35.70
CA GLU K 260 35.26 -29.42 36.65
C GLU K 260 33.75 -29.46 36.41
N VAL K 261 33.19 -30.62 36.75
CA VAL K 261 31.87 -31.14 36.39
C VAL K 261 30.73 -30.12 36.52
N GLU K 262 30.83 -29.20 37.48
CA GLU K 262 29.79 -28.18 37.64
C GLU K 262 30.13 -26.91 36.84
N LEU K 263 30.35 -27.11 35.56
CA LEU K 263 30.39 -26.00 34.63
C LEU K 263 28.97 -25.51 34.36
N PRO K 264 28.79 -24.23 33.99
CA PRO K 264 27.42 -23.69 33.90
C PRO K 264 26.54 -24.34 32.84
N ALA K 265 27.03 -24.49 31.61
CA ALA K 265 26.29 -25.24 30.61
C ALA K 265 26.12 -26.70 31.00
N LEU K 266 27.12 -27.26 31.69
CA LEU K 266 26.98 -28.62 32.22
C LEU K 266 25.96 -28.70 33.33
N GLN K 267 25.85 -27.63 34.13
CA GLN K 267 24.86 -27.62 35.20
C GLN K 267 23.44 -27.53 34.64
N VAL K 268 23.24 -26.70 33.61
CA VAL K 268 21.91 -26.65 32.99
C VAL K 268 21.63 -27.94 32.22
N LEU K 269 22.67 -28.60 31.70
CA LEU K 269 22.50 -29.93 31.12
C LEU K 269 22.02 -30.93 32.15
N ARG K 270 22.61 -30.90 33.35
CA ARG K 270 22.15 -31.78 34.42
C ARG K 270 20.75 -31.41 34.89
N ASN K 271 20.39 -30.13 34.82
CA ASN K 271 19.10 -29.69 35.33
C ASN K 271 17.95 -29.95 34.36
N ASN K 272 18.20 -29.93 33.05
CA ASN K 272 17.07 -30.05 32.13
C ASN K 272 16.62 -31.50 31.94
N ALA K 273 17.57 -32.42 31.87
CA ALA K 273 17.26 -33.80 31.52
C ALA K 273 16.55 -34.51 32.68
N ASN K 274 15.84 -35.58 32.33
CA ASN K 274 15.03 -36.29 33.31
C ASN K 274 15.89 -37.14 34.25
N LYS K 275 16.85 -37.87 33.70
CA LYS K 275 17.73 -38.72 34.48
C LYS K 275 19.13 -38.12 34.51
N ASP K 276 19.95 -38.62 35.41
CA ASP K 276 21.31 -38.10 35.55
C ASP K 276 22.17 -38.57 34.38
N ILE K 277 23.02 -37.67 33.90
CA ILE K 277 23.85 -37.92 32.73
C ILE K 277 25.16 -38.52 33.21
N PRO K 278 25.50 -39.75 32.83
CA PRO K 278 26.77 -40.34 33.26
C PRO K 278 27.95 -39.68 32.58
N ILE K 279 28.96 -39.38 33.39
CA ILE K 279 30.20 -38.76 32.94
C ILE K 279 31.30 -39.76 33.16
N ILE K 280 32.00 -40.15 32.10
CA ILE K 280 33.04 -41.16 32.17
C ILE K 280 34.31 -40.57 31.60
N LYS K 281 35.34 -40.51 32.43
CA LYS K 281 36.65 -40.01 32.03
C LYS K 281 37.61 -41.17 31.84
N LEU K 282 38.58 -40.96 30.94
CA LEU K 282 39.74 -41.82 30.91
C LEU K 282 40.65 -41.47 32.07
N LEU K 283 41.31 -42.47 32.64
CA LEU K 283 42.12 -42.24 33.83
C LEU K 283 43.33 -43.15 33.82
N VAL K 284 44.49 -42.57 33.52
CA VAL K 284 45.76 -43.28 33.63
C VAL K 284 46.02 -43.65 35.09
N GLN K 285 46.74 -44.75 35.32
CA GLN K 285 46.95 -45.28 36.66
C GLN K 285 47.81 -44.36 37.51
N ASN K 286 49.05 -44.13 37.10
CA ASN K 286 49.99 -43.32 37.85
C ASN K 286 50.42 -42.15 36.98
N SER K 287 49.70 -41.06 37.08
CA SER K 287 49.89 -39.90 36.24
C SER K 287 50.13 -38.68 37.10
N PRO K 288 50.74 -37.62 36.55
CA PRO K 288 50.75 -36.33 37.25
C PRO K 288 49.35 -35.78 37.48
N ASP K 289 48.43 -36.02 36.56
CA ASP K 289 47.03 -35.66 36.79
C ASP K 289 46.39 -36.55 37.84
N HIS K 290 46.93 -37.75 38.05
CA HIS K 290 46.33 -38.67 39.02
C HIS K 290 46.52 -38.17 40.44
N TYR K 291 47.57 -37.37 40.68
CA TYR K 291 47.76 -36.77 42.00
C TYR K 291 46.65 -35.78 42.31
N LEU K 292 46.36 -34.87 41.38
CA LEU K 292 45.30 -33.91 41.60
C LEU K 292 43.94 -34.58 41.55
N LEU K 293 43.81 -35.66 40.80
CA LEU K 293 42.55 -36.40 40.80
C LEU K 293 42.35 -37.24 42.06
N ASP K 294 43.43 -37.63 42.73
CA ASP K 294 43.28 -38.28 44.02
C ASP K 294 43.07 -37.27 45.14
N SER K 295 43.62 -36.06 44.99
CA SER K 295 43.28 -35.00 45.91
C SER K 295 41.85 -34.51 45.69
N GLU K 296 41.33 -34.67 44.49
CA GLU K 296 39.94 -34.39 44.17
C GLU K 296 39.01 -35.55 44.50
N ILE K 297 39.53 -36.77 44.58
CA ILE K 297 38.70 -37.97 44.61
C ILE K 297 38.01 -38.18 45.95
N LYS K 298 38.37 -37.41 46.98
CA LYS K 298 37.60 -37.39 48.21
C LYS K 298 36.20 -36.86 47.94
N ASN K 299 35.21 -37.51 48.58
CA ASN K 299 33.78 -37.30 48.36
C ASN K 299 33.38 -37.46 46.90
N SER K 316 53.00 -20.13 41.67
CA SER K 316 52.44 -19.94 43.01
C SER K 316 52.10 -21.29 43.65
N GLN K 317 50.85 -21.42 44.11
CA GLN K 317 50.41 -22.68 44.72
C GLN K 317 50.32 -23.79 43.68
N GLU K 318 50.04 -23.41 42.43
CA GLU K 318 50.03 -24.38 41.34
C GLU K 318 51.42 -24.93 41.08
N TYR K 319 52.47 -24.16 41.39
CA TYR K 319 53.84 -24.67 41.28
C TYR K 319 54.10 -25.75 42.31
N GLU K 320 53.58 -25.57 43.52
CA GLU K 320 53.67 -26.59 44.55
C GLU K 320 52.91 -27.84 44.16
N GLU K 321 51.72 -27.67 43.57
CA GLU K 321 50.94 -28.80 43.10
C GLU K 321 51.64 -29.52 41.95
N ILE K 322 52.32 -28.77 41.09
CA ILE K 322 53.08 -29.36 39.98
C ILE K 322 54.24 -30.19 40.53
N LYS K 323 54.97 -29.65 41.50
CA LYS K 323 56.11 -30.37 42.05
C LYS K 323 55.68 -31.62 42.80
N SER K 324 54.58 -31.53 43.55
CA SER K 324 54.11 -32.69 44.30
C SER K 324 53.51 -33.76 43.39
N SER K 325 52.86 -33.34 42.31
CA SER K 325 52.33 -34.29 41.34
C SER K 325 53.46 -34.99 40.59
N LEU K 326 54.50 -34.24 40.21
CA LEU K 326 55.62 -34.86 39.52
C LEU K 326 56.42 -35.76 40.44
N LEU K 327 56.45 -35.46 41.74
CA LEU K 327 57.09 -36.38 42.67
C LEU K 327 56.24 -37.63 42.88
N TYR K 328 54.91 -37.48 42.87
CA TYR K 328 54.05 -38.66 42.91
C TYR K 328 54.19 -39.49 41.64
N PHE K 329 54.48 -38.83 40.52
CA PHE K 329 54.66 -39.55 39.25
C PHE K 329 55.99 -40.29 39.22
N LEU K 330 57.09 -39.60 39.54
CA LEU K 330 58.39 -40.23 39.45
C LEU K 330 58.69 -41.18 40.60
N GLN K 331 58.04 -41.01 41.74
CA GLN K 331 58.16 -42.00 42.80
C GLN K 331 57.39 -43.26 42.43
N ALA K 332 56.22 -43.10 41.82
CA ALA K 332 55.47 -44.22 41.28
C ALA K 332 55.75 -44.44 39.80
N ARG K 333 56.98 -44.13 39.36
CA ARG K 333 57.37 -44.38 37.97
C ARG K 333 57.35 -45.87 37.67
N ASN K 334 58.06 -46.65 38.47
CA ASN K 334 58.09 -48.10 38.28
C ASN K 334 57.13 -48.80 39.22
N ALA K 335 56.00 -48.17 39.51
CA ALA K 335 54.94 -48.75 40.31
C ALA K 335 54.35 -49.94 39.58
N PRO K 336 54.61 -51.18 40.00
CA PRO K 336 54.38 -52.35 39.15
C PRO K 336 52.98 -52.91 39.18
N VAL K 337 52.07 -52.35 39.97
CA VAL K 337 50.73 -52.92 40.07
C VAL K 337 49.87 -52.33 38.96
N ASN K 338 48.80 -53.06 38.62
CA ASN K 338 47.93 -52.68 37.53
C ASN K 338 46.51 -53.12 37.86
N ASN K 339 45.55 -52.46 37.25
CA ASN K 339 44.14 -52.79 37.40
C ASN K 339 43.62 -53.28 36.05
N CYS K 340 42.96 -54.43 36.06
CA CYS K 340 42.57 -55.08 34.81
C CYS K 340 41.17 -55.65 34.94
N GLU K 341 40.76 -56.41 33.91
CA GLU K 341 39.50 -57.14 33.82
C GLU K 341 38.30 -56.20 33.91
N ILE K 342 38.19 -55.36 32.88
CA ILE K 342 37.08 -54.44 32.74
C ILE K 342 36.21 -54.93 31.58
N ASP K 343 34.93 -55.15 31.85
CA ASP K 343 33.97 -55.37 30.78
C ASP K 343 33.37 -54.03 30.36
N TYR K 344 33.03 -53.95 29.08
CA TYR K 344 32.50 -52.71 28.51
C TYR K 344 30.99 -52.74 28.34
N ILE K 345 30.45 -53.90 27.96
CA ILE K 345 29.04 -54.00 27.61
C ILE K 345 28.17 -53.85 28.86
N LYS K 346 28.56 -54.48 29.95
CA LYS K 346 27.80 -54.33 31.19
C LYS K 346 27.97 -52.94 31.77
N LEU K 347 29.13 -52.31 31.53
CA LEU K 347 29.34 -50.95 32.01
C LEU K 347 28.48 -49.95 31.23
N VAL K 348 28.39 -50.11 29.92
CA VAL K 348 27.55 -49.19 29.16
C VAL K 348 26.08 -49.48 29.40
N LYS K 349 25.74 -50.74 29.69
CA LYS K 349 24.38 -51.07 30.10
C LYS K 349 24.05 -50.42 31.45
N CYS K 350 25.03 -50.37 32.34
CA CYS K 350 24.82 -49.72 33.64
C CYS K 350 24.61 -48.21 33.48
N CYS K 351 25.47 -47.55 32.71
CA CYS K 351 25.38 -46.10 32.69
C CYS K 351 24.28 -45.59 31.77
N LEU K 352 23.96 -46.32 30.70
CA LEU K 352 22.83 -45.91 29.87
C LEU K 352 21.50 -46.32 30.48
N GLU K 353 21.43 -47.52 31.07
CA GLU K 353 20.23 -47.98 31.74
C GLU K 353 20.13 -47.50 33.18
N GLY K 354 21.09 -46.70 33.65
CA GLY K 354 20.92 -45.96 34.88
C GLY K 354 21.00 -46.74 36.18
N LYS K 355 22.20 -47.22 36.52
CA LYS K 355 22.44 -47.87 37.80
C LYS K 355 23.79 -47.43 38.34
N ASP K 356 24.19 -48.01 39.46
CA ASP K 356 25.51 -47.79 40.03
C ASP K 356 26.49 -48.75 39.36
N CYS K 357 27.35 -48.21 38.50
CA CYS K 357 28.31 -49.03 37.78
C CYS K 357 29.39 -49.52 38.75
N ASN K 358 29.16 -50.70 39.31
CA ASN K 358 30.16 -51.38 40.12
C ASN K 358 31.19 -52.13 39.29
N ASN K 359 31.01 -52.16 37.97
CA ASN K 359 31.98 -52.81 37.10
C ASN K 359 33.32 -52.08 37.06
N ILE K 360 33.32 -50.78 37.37
CA ILE K 360 34.59 -50.06 37.49
C ILE K 360 35.33 -50.53 38.72
N LEU K 361 36.65 -50.36 38.71
CA LEU K 361 37.49 -50.79 39.80
C LEU K 361 37.73 -49.62 40.74
N PRO K 362 37.24 -49.65 41.96
CA PRO K 362 37.19 -48.44 42.78
C PRO K 362 38.44 -48.16 43.60
N VAL K 363 39.57 -48.77 43.25
CA VAL K 363 40.77 -48.63 44.07
C VAL K 363 41.36 -47.22 43.95
N LEU K 364 41.46 -46.68 42.73
CA LEU K 364 41.56 -45.24 42.45
C LEU K 364 42.80 -44.51 43.01
N ASP K 365 43.69 -45.21 43.71
CA ASP K 365 44.76 -44.54 44.44
C ASP K 365 45.86 -45.53 44.77
N LEU K 366 47.10 -45.05 44.70
CA LEU K 366 48.27 -45.83 45.05
C LEU K 366 49.01 -45.14 46.18
N ILE K 367 49.86 -45.91 46.84
CA ILE K 367 50.62 -45.44 48.00
C ILE K 367 51.96 -44.89 47.53
N THR K 368 52.44 -43.84 48.19
CA THR K 368 53.76 -43.28 47.92
C THR K 368 54.86 -44.23 48.38
N SER K 376 61.50 -38.99 53.23
CA SER K 376 61.24 -37.86 52.35
C SER K 376 61.91 -38.07 50.99
N SER K 377 62.61 -37.04 50.53
CA SER K 377 63.31 -37.11 49.26
C SER K 377 64.53 -38.03 49.40
N ASP K 378 64.53 -39.13 48.67
CA ASP K 378 65.63 -40.09 48.65
C ASP K 378 66.21 -40.16 47.24
N SER K 379 67.11 -41.10 47.02
CA SER K 379 67.76 -41.26 45.74
C SER K 379 67.56 -42.67 45.20
N GLY K 380 67.48 -42.76 43.87
CA GLY K 380 67.43 -44.04 43.19
C GLY K 380 66.45 -44.10 42.02
N PHE K 381 65.30 -43.45 42.12
CA PHE K 381 64.48 -43.26 40.92
C PHE K 381 64.73 -41.88 40.32
N TRP K 382 66.00 -41.58 40.11
CA TRP K 382 66.42 -40.31 39.55
C TRP K 382 67.40 -40.46 38.40
N GLN K 383 68.01 -41.61 38.24
CA GLN K 383 68.71 -41.99 37.03
C GLN K 383 67.74 -42.75 36.13
N PRO K 384 67.59 -42.36 34.87
CA PRO K 384 66.59 -43.01 34.01
C PRO K 384 67.06 -44.37 33.53
N GLN K 385 66.19 -45.36 33.63
CA GLN K 385 66.52 -46.72 33.30
C GLN K 385 65.47 -47.28 32.36
N LEU K 386 65.89 -47.80 31.22
CA LEU K 386 64.98 -48.18 30.15
C LEU K 386 64.32 -49.52 30.46
N THR K 387 63.64 -50.07 29.46
CA THR K 387 63.13 -51.41 29.55
C THR K 387 64.23 -52.41 29.20
N LYS K 388 63.93 -53.69 29.33
CA LYS K 388 64.90 -54.72 29.01
C LYS K 388 64.99 -54.91 27.50
N LEU K 389 66.21 -54.99 27.02
CA LEU K 389 66.46 -55.21 25.60
C LEU K 389 67.40 -56.39 25.44
N GLN K 390 67.08 -57.27 24.50
CA GLN K 390 67.88 -58.45 24.26
C GLN K 390 69.14 -58.07 23.49
N TYR K 391 70.28 -58.11 24.18
CA TYR K 391 71.63 -57.79 23.68
C TYR K 391 71.68 -56.49 22.86
N SER K 392 71.24 -55.41 23.49
CA SER K 392 71.45 -54.06 22.96
C SER K 392 72.28 -53.21 23.90
N SER K 393 71.83 -53.01 25.15
CA SER K 393 72.63 -52.54 26.29
C SER K 393 73.26 -51.16 26.05
N THR K 394 72.39 -50.15 25.97
CA THR K 394 72.85 -48.77 25.84
C THR K 394 72.23 -47.95 26.98
N GLU K 395 72.83 -46.78 27.24
CA GLU K 395 72.59 -46.01 28.45
C GLU K 395 71.77 -44.76 28.16
N LEU K 396 71.53 -43.97 29.22
CA LEU K 396 70.82 -42.70 29.14
C LEU K 396 71.67 -41.61 29.76
N PRO K 397 72.07 -40.58 29.00
CA PRO K 397 73.14 -39.68 29.45
C PRO K 397 72.71 -38.56 30.39
N LEU K 398 71.42 -38.50 30.76
CA LEU K 398 70.86 -37.72 31.88
C LEU K 398 70.84 -36.20 31.63
N TRP K 399 71.52 -35.73 30.59
CA TRP K 399 71.64 -34.32 30.19
C TRP K 399 71.96 -33.38 31.36
N ASP K 400 73.14 -33.57 31.92
CA ASP K 400 73.58 -32.75 33.05
C ASP K 400 74.09 -31.43 32.50
N GLY K 401 73.21 -30.43 32.43
CA GLY K 401 73.63 -29.12 31.99
C GLY K 401 72.51 -28.16 31.67
N PRO K 402 72.87 -27.03 31.04
CA PRO K 402 71.86 -26.04 30.65
C PRO K 402 71.17 -26.41 29.34
N LEU K 403 70.37 -25.51 28.78
CA LEU K 403 69.50 -25.88 27.68
C LEU K 403 69.27 -24.71 26.73
N ASP K 404 69.22 -25.03 25.44
CA ASP K 404 68.71 -24.16 24.41
C ASP K 404 67.69 -24.97 23.63
N ILE K 405 66.66 -24.27 23.11
CA ILE K 405 65.54 -24.95 22.44
C ILE K 405 66.00 -25.68 21.19
N LYS K 406 66.96 -25.09 20.47
CA LYS K 406 67.61 -25.79 19.36
C LYS K 406 68.33 -27.02 19.85
N THR K 407 69.12 -26.88 20.92
CA THR K 407 69.80 -28.02 21.51
C THR K 407 68.83 -28.98 22.16
N TYR K 408 67.71 -28.47 22.71
CA TYR K 408 66.66 -29.32 23.27
C TYR K 408 66.12 -30.26 22.21
N GLN K 409 65.67 -29.70 21.09
CA GLN K 409 65.06 -30.54 20.07
C GLN K 409 66.11 -31.35 19.31
N THR K 410 67.35 -30.86 19.24
CA THR K 410 68.39 -31.62 18.55
C THR K 410 68.85 -32.82 19.37
N GLU K 411 69.01 -32.63 20.68
CA GLU K 411 69.32 -33.74 21.57
C GLU K 411 68.18 -34.74 21.60
N LEU K 412 66.94 -34.25 21.64
CA LEU K 412 65.77 -35.13 21.62
C LEU K 412 65.70 -35.91 20.32
N MET K 413 65.98 -35.23 19.20
CA MET K 413 65.98 -35.83 17.87
C MET K 413 66.99 -36.96 17.78
N HIS K 414 68.27 -36.64 17.95
CA HIS K 414 69.27 -37.67 17.71
C HIS K 414 69.36 -38.69 18.84
N ARG K 415 68.83 -38.37 20.03
CA ARG K 415 68.65 -39.40 21.05
C ARG K 415 67.55 -40.38 20.65
N ALA K 416 66.46 -39.88 20.06
CA ALA K 416 65.47 -40.78 19.50
C ALA K 416 66.03 -41.55 18.31
N VAL K 417 66.97 -40.95 17.58
CA VAL K 417 67.61 -41.63 16.46
C VAL K 417 68.43 -42.81 16.95
N ILE K 418 69.25 -42.60 17.99
CA ILE K 418 70.06 -43.71 18.48
C ILE K 418 69.19 -44.73 19.22
N ARG K 419 68.08 -44.29 19.80
CA ARG K 419 67.12 -45.22 20.38
C ARG K 419 66.49 -46.10 19.31
N LEU K 420 66.16 -45.52 18.17
CA LEU K 420 65.63 -46.30 17.07
C LEU K 420 66.70 -47.18 16.45
N ARG K 421 67.97 -46.76 16.52
CA ARG K 421 69.06 -47.63 16.09
C ARG K 421 69.14 -48.86 16.99
N ASP K 422 68.97 -48.64 18.30
CA ASP K 422 68.94 -49.74 19.25
C ASP K 422 67.80 -50.71 18.94
N ILE K 423 66.60 -50.17 18.72
CA ILE K 423 65.46 -51.06 18.48
C ILE K 423 65.56 -51.69 17.09
N GLN K 424 66.26 -51.03 16.16
CA GLN K 424 66.43 -51.57 14.82
C GLN K 424 67.35 -52.78 14.83
N ASP K 425 68.50 -52.66 15.48
CA ASP K 425 69.37 -53.80 15.64
C ASP K 425 68.74 -54.86 16.53
N GLU K 426 67.90 -54.45 17.48
CA GLU K 426 67.21 -55.38 18.36
C GLU K 426 66.27 -56.29 17.58
N TYR K 427 65.47 -55.72 16.68
CA TYR K 427 64.62 -56.55 15.86
C TYR K 427 65.43 -57.30 14.80
N ALA K 428 66.46 -56.65 14.25
CA ALA K 428 67.22 -57.22 13.15
C ALA K 428 68.07 -58.40 13.59
N LYS K 429 68.41 -58.49 14.86
CA LYS K 429 69.16 -59.65 15.32
C LYS K 429 68.26 -60.83 15.63
N GLY K 430 67.03 -60.59 16.06
CA GLY K 430 66.17 -61.69 16.48
C GLY K 430 65.51 -62.40 15.32
N THR K 431 66.31 -62.97 14.42
CA THR K 431 65.78 -63.64 13.25
C THR K 431 66.14 -65.12 13.19
N VAL K 432 67.43 -65.43 13.18
CA VAL K 432 67.93 -66.79 12.91
C VAL K 432 67.58 -67.92 13.89
N PRO K 433 67.33 -67.73 15.21
CA PRO K 433 66.97 -68.92 16.00
C PRO K 433 65.61 -69.49 15.64
N LEU K 434 64.65 -68.62 15.30
CA LEU K 434 63.37 -69.10 14.78
C LEU K 434 63.57 -69.80 13.43
N TYR K 435 64.53 -69.33 12.64
CA TYR K 435 64.84 -69.92 11.35
C TYR K 435 65.36 -71.35 11.50
N GLU K 436 66.31 -71.55 12.41
CA GLU K 436 66.79 -72.90 12.72
C GLU K 436 65.71 -73.76 13.34
N LYS K 437 64.85 -73.15 14.16
CA LYS K 437 63.73 -73.86 14.76
C LYS K 437 62.77 -74.40 13.71
N ARG K 438 62.46 -73.57 12.73
CA ARG K 438 61.58 -74.00 11.64
C ARG K 438 62.24 -75.09 10.80
N LEU K 439 63.56 -74.97 10.58
CA LEU K 439 64.29 -76.00 9.83
C LEU K 439 64.21 -77.36 10.52
N ASN K 440 64.50 -77.39 11.81
CA ASN K 440 64.47 -78.64 12.55
C ASN K 440 63.05 -79.19 12.69
N GLU K 441 62.06 -78.31 12.82
CA GLU K 441 60.67 -78.74 12.89
C GLU K 441 60.22 -79.39 11.58
N THR K 442 60.63 -78.81 10.45
CA THR K 442 60.27 -79.38 9.16
C THR K 442 60.95 -80.73 8.94
N GLN K 443 62.23 -80.85 9.31
CA GLN K 443 62.90 -82.13 9.19
C GLN K 443 62.29 -83.18 10.11
N ARG K 444 61.85 -82.76 11.30
CA ARG K 444 61.12 -83.65 12.20
C ARG K 444 59.83 -84.14 11.58
N GLN K 445 59.08 -83.24 10.94
CA GLN K 445 57.79 -83.62 10.38
C GLN K 445 57.96 -84.53 9.16
N ASN K 446 59.00 -84.28 8.36
CA ASN K 446 59.28 -85.15 7.21
C ASN K 446 59.68 -86.55 7.67
N GLN K 447 60.50 -86.61 8.73
CA GLN K 447 60.83 -87.91 9.31
C GLN K 447 59.60 -88.60 9.85
N LEU K 448 58.68 -87.83 10.44
CA LEU K 448 57.46 -88.37 11.02
C LEU K 448 56.58 -89.05 9.98
N ASP K 449 56.21 -88.33 8.93
CA ASP K 449 55.30 -88.98 7.98
C ASP K 449 56.01 -89.99 7.09
N GLU K 450 57.34 -89.91 6.95
CA GLU K 450 58.04 -90.99 6.26
C GLU K 450 57.98 -92.28 7.08
N ILE K 451 58.13 -92.16 8.40
CA ILE K 451 57.95 -93.31 9.28
C ILE K 451 56.52 -93.85 9.18
N LYS K 452 55.53 -92.96 9.09
CA LYS K 452 54.14 -93.40 8.98
C LYS K 452 53.89 -94.16 7.67
N ASN K 453 54.53 -93.70 6.59
CA ASN K 453 54.44 -94.40 5.30
C ASN K 453 55.05 -95.78 5.37
N SER K 454 56.24 -95.90 5.99
CA SER K 454 56.87 -97.21 6.11
C SER K 454 56.06 -98.15 7.00
N VAL K 455 55.39 -97.61 8.02
CA VAL K 455 54.53 -98.42 8.88
C VAL K 455 53.35 -98.97 8.10
N GLY K 456 52.73 -98.14 7.25
CA GLY K 456 51.68 -98.63 6.36
C GLY K 456 52.18 -99.71 5.41
N LEU K 457 53.41 -99.56 4.92
CA LEU K 457 54.00 -100.55 4.02
C LEU K 457 54.17 -101.91 4.71
N THR K 458 54.76 -101.92 5.90
CA THR K 458 55.00 -103.20 6.55
C THR K 458 53.72 -103.83 7.08
N PHE K 459 52.72 -103.00 7.43
CA PHE K 459 51.44 -103.56 7.82
C PHE K 459 50.73 -104.22 6.64
N LYS K 460 50.87 -103.63 5.45
CA LYS K 460 50.32 -104.26 4.25
C LYS K 460 51.03 -105.56 3.92
N LYS K 461 52.35 -105.61 4.13
CA LYS K 461 53.08 -106.84 3.83
C LYS K 461 52.71 -107.97 4.81
N LYS K 462 52.48 -107.63 6.08
CA LYS K 462 51.99 -108.61 7.04
C LYS K 462 50.60 -109.10 6.65
N GLN K 463 49.73 -108.16 6.30
CA GLN K 463 48.36 -108.49 5.93
C GLN K 463 48.29 -109.29 4.63
N GLU K 464 49.35 -109.26 3.82
CA GLU K 464 49.40 -110.11 2.64
C GLU K 464 50.14 -111.42 2.85
N VAL K 465 50.95 -111.56 3.91
CA VAL K 465 51.59 -112.86 4.14
C VAL K 465 50.72 -113.78 5.00
N GLU K 466 49.68 -113.23 5.67
CA GLU K 466 48.75 -114.04 6.46
C GLU K 466 48.09 -115.17 5.66
N LYS K 467 47.74 -114.90 4.40
CA LYS K 467 47.01 -115.89 3.61
C LYS K 467 47.89 -117.07 3.22
N SER K 468 49.15 -116.80 2.87
CA SER K 468 50.07 -117.88 2.55
C SER K 468 50.41 -118.68 3.80
N ILE K 469 50.41 -118.03 4.97
CA ILE K 469 50.54 -118.76 6.24
C ILE K 469 49.42 -119.77 6.41
N ASN K 470 48.16 -119.33 6.20
CA ASN K 470 47.04 -120.24 6.41
C ASN K 470 46.98 -121.35 5.35
N ASP K 471 47.38 -121.04 4.11
CA ASP K 471 47.39 -122.08 3.08
C ASP K 471 48.50 -123.11 3.33
N SER K 472 49.66 -122.66 3.82
CA SER K 472 50.72 -123.59 4.18
C SER K 472 50.30 -124.47 5.35
N GLU K 473 49.52 -123.92 6.29
CA GLU K 473 48.98 -124.73 7.37
C GLU K 473 48.00 -125.78 6.85
N LYS K 474 47.18 -125.43 5.86
CA LYS K 474 46.26 -126.39 5.25
C LYS K 474 47.00 -127.55 4.57
N ARG K 475 48.07 -127.24 3.84
CA ARG K 475 48.80 -128.32 3.20
C ARG K 475 49.63 -129.12 4.19
N LEU K 476 50.05 -128.53 5.32
CA LEU K 476 50.64 -129.33 6.40
C LEU K 476 49.62 -130.29 7.00
N LYS K 477 48.36 -129.85 7.13
CA LYS K 477 47.28 -130.74 7.59
C LYS K 477 47.11 -131.94 6.66
N HIS K 478 47.03 -131.68 5.34
CA HIS K 478 46.88 -132.79 4.40
C HIS K 478 48.11 -133.69 4.38
N ALA K 479 49.30 -133.11 4.57
CA ALA K 479 50.53 -133.90 4.70
C ALA K 479 50.47 -134.81 5.92
N MET K 480 49.85 -134.34 7.01
CA MET K 480 49.70 -135.18 8.19
C MET K 480 48.71 -136.32 7.96
N THR K 481 47.63 -136.05 7.20
CA THR K 481 46.68 -137.10 6.86
C THR K 481 47.34 -138.22 6.05
N GLU K 482 48.07 -137.84 5.00
CA GLU K 482 48.75 -138.87 4.20
C GLU K 482 49.88 -139.52 4.98
N SER K 483 50.48 -138.81 5.94
CA SER K 483 51.49 -139.41 6.81
C SER K 483 50.89 -140.56 7.63
N THR K 484 49.73 -140.30 8.24
CA THR K 484 49.07 -141.33 9.05
C THR K 484 48.66 -142.54 8.21
N LYS K 485 48.08 -142.30 7.03
CA LYS K 485 47.65 -143.43 6.21
C LYS K 485 48.84 -144.19 5.61
N LEU K 486 49.91 -143.48 5.24
CA LEU K 486 51.10 -144.13 4.71
C LEU K 486 51.80 -144.96 5.78
N GLN K 487 51.81 -144.49 7.03
CA GLN K 487 52.40 -145.29 8.11
C GLN K 487 51.55 -146.52 8.41
N ASN K 488 50.22 -146.39 8.31
CA ASN K 488 49.37 -147.58 8.42
C ASN K 488 49.60 -148.57 7.27
N LYS K 489 49.93 -148.06 6.08
CA LYS K 489 50.30 -148.93 4.96
C LYS K 489 51.61 -149.66 5.25
N ILE K 490 52.56 -148.96 5.88
CA ILE K 490 53.81 -149.61 6.32
C ILE K 490 53.51 -150.73 7.31
N ASN K 491 52.56 -150.47 8.23
CA ASN K 491 52.15 -151.49 9.20
C ASN K 491 51.50 -152.69 8.51
N HIS K 492 50.66 -152.45 7.51
CA HIS K 492 50.00 -153.53 6.79
C HIS K 492 51.01 -154.37 6.00
N LEU K 493 51.97 -153.71 5.34
CA LEU K 493 52.94 -154.47 4.56
C LEU K 493 53.90 -155.23 5.47
N LEU K 494 54.25 -154.68 6.64
CA LEU K 494 55.11 -155.44 7.55
C LEU K 494 54.36 -156.58 8.20
N LYS K 495 53.05 -156.43 8.42
CA LYS K 495 52.25 -157.56 8.86
C LYS K 495 52.19 -158.65 7.79
N ASN K 496 52.09 -158.26 6.52
CA ASN K 496 52.15 -159.24 5.42
C ASN K 496 53.50 -159.93 5.38
N ARG K 497 54.57 -159.18 5.63
CA ARG K 497 55.91 -159.76 5.66
C ARG K 497 56.08 -160.71 6.84
N GLN K 498 55.45 -160.39 7.97
CA GLN K 498 55.47 -161.31 9.10
C GLN K 498 54.61 -162.55 8.82
N GLU K 499 53.59 -162.40 7.98
CA GLU K 499 52.83 -163.57 7.55
C GLU K 499 53.67 -164.48 6.64
N LEU K 500 54.42 -163.88 5.72
CA LEU K 500 55.16 -164.61 4.71
C LEU K 500 56.65 -164.74 5.02
N GLU K 501 57.07 -164.57 6.27
CA GLU K 501 58.50 -164.69 6.55
C GLU K 501 58.93 -166.14 6.80
N ASN K 502 58.22 -166.88 7.64
CA ASN K 502 58.73 -168.17 8.08
C ASN K 502 58.43 -169.22 7.02
N PHE K 503 59.41 -170.10 6.78
CA PHE K 503 59.42 -171.06 5.67
C PHE K 503 59.17 -170.35 4.34
N ASN K 504 60.11 -169.46 4.00
CA ASN K 504 59.92 -168.19 3.29
C ASN K 504 59.00 -168.24 2.08
N LYS K 505 59.43 -168.94 1.03
CA LYS K 505 58.73 -169.09 -0.26
C LYS K 505 58.18 -167.76 -0.79
N LEU K 506 59.11 -166.86 -1.09
CA LEU K 506 58.82 -165.44 -1.29
C LEU K 506 57.98 -165.23 -2.55
N PRO K 507 56.90 -164.45 -2.48
CA PRO K 507 56.11 -164.20 -3.70
C PRO K 507 56.71 -163.10 -4.56
N SER K 508 55.99 -162.72 -5.62
CA SER K 508 56.34 -161.57 -6.44
C SER K 508 55.64 -160.29 -5.96
N ASN K 509 55.35 -160.20 -4.67
CA ASN K 509 54.55 -159.13 -4.08
C ASN K 509 55.37 -158.15 -3.25
N THR K 510 56.44 -158.62 -2.60
CA THR K 510 57.11 -157.83 -1.58
C THR K 510 57.93 -156.68 -2.15
N ILE K 511 58.34 -156.76 -3.42
CA ILE K 511 59.09 -155.65 -4.01
C ILE K 511 58.18 -154.44 -4.25
N SER K 512 56.87 -154.65 -4.41
CA SER K 512 55.94 -153.52 -4.44
C SER K 512 55.80 -152.90 -3.07
N SER K 513 55.88 -153.73 -2.01
CA SER K 513 55.86 -153.20 -0.64
C SER K 513 57.13 -152.39 -0.37
N GLU K 514 58.26 -152.83 -0.91
CA GLU K 514 59.50 -152.06 -0.75
C GLU K 514 59.43 -150.75 -1.54
N ASN K 515 58.85 -150.78 -2.74
CA ASN K 515 58.63 -149.56 -3.52
C ASN K 515 57.67 -148.62 -2.79
N HIS K 516 56.69 -149.18 -2.09
CA HIS K 516 55.76 -148.37 -1.29
C HIS K 516 56.46 -147.75 -0.08
N LEU K 517 57.39 -148.49 0.53
CA LEU K 517 58.23 -147.91 1.57
C LEU K 517 59.09 -146.76 1.05
N GLU K 518 59.65 -146.92 -0.16
CA GLU K 518 60.44 -145.83 -0.76
C GLU K 518 59.57 -144.62 -1.09
N GLU K 519 58.34 -144.87 -1.55
CA GLU K 519 57.40 -143.78 -1.85
C GLU K 519 56.96 -143.05 -0.57
N GLY K 520 56.70 -143.80 0.50
CA GLY K 520 56.38 -143.17 1.76
C GLY K 520 57.55 -142.40 2.36
N SER K 521 58.77 -142.90 2.16
CA SER K 521 59.96 -142.17 2.58
C SER K 521 60.14 -140.88 1.79
N ALA K 522 59.89 -140.94 0.47
CA ALA K 522 59.96 -139.74 -0.37
C ALA K 522 58.91 -138.72 0.04
N LEU K 523 57.68 -139.17 0.31
CA LEU K 523 56.63 -138.26 0.78
C LEU K 523 56.93 -137.70 2.16
N ALA K 524 57.62 -138.48 3.01
CA ALA K 524 58.06 -137.97 4.30
C ALA K 524 59.08 -136.86 4.15
N ASP K 525 60.02 -137.03 3.20
CA ASP K 525 60.97 -135.96 2.93
C ASP K 525 60.28 -134.72 2.36
N LYS K 526 59.26 -134.91 1.49
CA LYS K 526 58.57 -133.75 0.92
C LYS K 526 57.77 -133.00 1.98
N LEU K 527 57.13 -133.72 2.90
CA LEU K 527 56.41 -133.03 3.97
C LEU K 527 57.37 -132.40 4.97
N LYS K 528 58.58 -132.95 5.10
CA LYS K 528 59.60 -132.30 5.92
C LYS K 528 60.03 -130.98 5.29
N GLU K 529 60.21 -130.98 3.96
CA GLU K 529 60.47 -129.74 3.24
C GLU K 529 59.33 -128.75 3.44
N TYR K 530 58.09 -129.23 3.45
CA TYR K 530 56.95 -128.34 3.59
C TYR K 530 56.86 -127.76 5.00
N ILE K 531 57.20 -128.55 6.03
CA ILE K 531 57.12 -128.00 7.39
C ILE K 531 58.26 -127.01 7.63
N ASP K 532 59.39 -127.20 6.94
CA ASP K 532 60.42 -126.16 6.97
C ASP K 532 59.95 -124.88 6.28
N LYS K 533 59.20 -125.00 5.17
CA LYS K 533 58.59 -123.84 4.54
C LYS K 533 57.63 -123.11 5.50
N ASN K 534 56.82 -123.89 6.23
CA ASN K 534 55.91 -123.31 7.23
C ASN K 534 56.67 -122.55 8.30
N ALA K 535 57.80 -123.12 8.74
CA ALA K 535 58.61 -122.47 9.77
C ALA K 535 59.19 -121.15 9.29
N THR K 536 59.75 -121.13 8.06
CA THR K 536 60.34 -119.88 7.56
C THR K 536 59.30 -118.80 7.34
N LEU K 537 58.15 -119.17 6.76
CA LEU K 537 57.08 -118.19 6.56
C LEU K 537 56.53 -117.65 7.88
N PHE K 538 56.40 -118.51 8.89
CA PHE K 538 55.90 -118.03 10.18
C PHE K 538 56.90 -117.13 10.89
N ASN K 539 58.21 -117.43 10.77
CA ASN K 539 59.21 -116.55 11.35
C ASN K 539 59.22 -115.18 10.68
N LYS K 540 59.06 -115.15 9.35
CA LYS K 540 58.96 -113.86 8.65
C LYS K 540 57.74 -113.08 9.10
N LEU K 541 56.59 -113.77 9.25
CA LEU K 541 55.37 -113.13 9.72
C LEU K 541 55.53 -112.54 11.12
N LYS K 542 56.14 -113.31 12.03
CA LYS K 542 56.28 -112.83 13.40
C LYS K 542 57.28 -111.69 13.51
N GLU K 543 58.35 -111.72 12.70
CA GLU K 543 59.31 -110.60 12.70
C GLU K 543 58.67 -109.33 12.17
N LEU K 544 57.87 -109.45 11.11
CA LEU K 544 57.17 -108.28 10.57
C LEU K 544 56.17 -107.73 11.57
N GLN K 545 55.48 -108.62 12.28
CA GLN K 545 54.53 -108.19 13.31
C GLN K 545 55.25 -107.48 14.45
N GLN K 546 56.44 -107.96 14.82
CA GLN K 546 57.16 -107.32 15.92
C GLN K 546 57.69 -105.95 15.52
N ALA K 547 58.13 -105.81 14.25
CA ALA K 547 58.55 -104.50 13.77
C ALA K 547 57.40 -103.51 13.73
N ASN K 548 56.23 -103.98 13.29
CA ASN K 548 55.02 -103.16 13.33
C ASN K 548 54.61 -102.81 14.75
N ALA K 549 54.93 -103.68 15.72
CA ALA K 549 54.64 -103.36 17.11
C ALA K 549 55.56 -102.25 17.65
N GLU K 550 56.86 -102.33 17.35
CA GLU K 550 57.79 -101.36 17.96
C GLU K 550 57.77 -99.99 17.29
N LYS K 551 57.42 -99.93 15.99
CA LYS K 551 57.46 -98.65 15.29
C LYS K 551 56.42 -97.68 15.82
N SER K 552 55.28 -98.19 16.31
CA SER K 552 54.27 -97.33 16.91
C SER K 552 54.77 -96.70 18.21
N LYS K 553 55.55 -97.46 18.98
CA LYS K 553 56.15 -96.93 20.20
C LYS K 553 57.16 -95.84 19.88
N LEU K 554 57.96 -96.05 18.83
CA LEU K 554 58.89 -95.01 18.39
C LEU K 554 58.15 -93.76 17.93
N ASN K 555 57.03 -93.94 17.24
CA ASN K 555 56.24 -92.80 16.76
C ASN K 555 55.62 -92.04 17.92
N ASP K 556 55.17 -92.75 18.96
CA ASP K 556 54.61 -92.08 20.13
C ASP K 556 55.66 -91.30 20.89
N GLU K 557 56.88 -91.85 20.97
CA GLU K 557 58.00 -91.13 21.58
C GLU K 557 58.30 -89.83 20.84
N LEU K 558 58.32 -89.91 19.50
CA LEU K 558 58.53 -88.71 18.68
C LEU K 558 57.40 -87.71 18.83
N ARG K 559 56.18 -88.20 19.04
CA ARG K 559 55.04 -87.31 19.25
C ARG K 559 55.15 -86.54 20.58
N SER K 560 55.59 -87.22 21.64
CA SER K 560 55.77 -86.54 22.92
C SER K 560 56.84 -85.48 22.84
N LYS K 561 57.99 -85.81 22.21
CA LYS K 561 59.05 -84.82 22.00
C LYS K 561 58.59 -83.68 21.11
N TYR K 562 57.73 -83.98 20.14
CA TYR K 562 57.14 -83.00 19.24
C TYR K 562 56.32 -81.97 20.01
N GLN K 563 55.48 -82.44 20.93
CA GLN K 563 54.63 -81.53 21.72
C GLN K 563 55.47 -80.66 22.66
N ILE K 564 56.50 -81.26 23.26
CA ILE K 564 57.37 -80.52 24.18
C ILE K 564 58.13 -79.42 23.45
N GLU K 565 58.59 -79.70 22.23
CA GLU K 565 59.23 -78.66 21.42
C GLU K 565 58.21 -77.60 20.96
N SER K 566 56.97 -78.03 20.73
CA SER K 566 55.92 -77.17 20.16
C SER K 566 55.59 -76.00 21.08
N SER K 567 55.50 -76.25 22.40
CA SER K 567 55.11 -75.17 23.31
C SER K 567 56.14 -74.03 23.32
N LYS K 568 57.43 -74.38 23.37
CA LYS K 568 58.48 -73.37 23.35
C LYS K 568 58.57 -72.67 21.99
N ALA K 569 58.29 -73.40 20.91
CA ALA K 569 58.26 -72.79 19.58
C ALA K 569 57.19 -71.70 19.51
N ALA K 570 56.01 -71.99 20.06
CA ALA K 570 54.93 -71.02 20.08
C ALA K 570 55.28 -69.79 20.91
N GLU K 571 55.95 -70.01 22.06
CA GLU K 571 56.32 -68.88 22.91
C GLU K 571 57.35 -67.97 22.23
N SER K 572 58.33 -68.57 21.54
CA SER K 572 59.32 -67.78 20.82
C SER K 572 58.68 -66.97 19.70
N ALA K 573 57.69 -67.57 19.02
CA ALA K 573 56.99 -66.85 17.96
C ALA K 573 56.21 -65.66 18.51
N GLN K 574 55.56 -65.84 19.66
CA GLN K 574 54.78 -64.76 20.27
C GLN K 574 55.67 -63.61 20.70
N THR K 575 56.85 -63.93 21.25
CA THR K 575 57.78 -62.89 21.67
C THR K 575 58.31 -62.11 20.47
N LEU K 576 58.56 -62.82 19.35
CA LEU K 576 58.96 -62.12 18.13
C LEU K 576 57.85 -61.20 17.63
N LYS K 577 56.59 -61.61 17.79
CA LYS K 577 55.47 -60.73 17.41
C LYS K 577 55.41 -59.46 18.25
N ILE K 578 55.64 -59.57 19.56
CA ILE K 578 55.58 -58.37 20.39
C ILE K 578 56.73 -57.44 20.07
N LEU K 579 57.90 -58.02 19.79
CA LEU K 579 59.04 -57.22 19.31
C LEU K 579 58.72 -56.51 18.01
N GLN K 580 58.10 -57.24 17.07
CA GLN K 580 57.67 -56.69 15.79
C GLN K 580 56.72 -55.52 15.96
N GLU K 581 55.75 -55.66 16.86
CA GLU K 581 54.77 -54.60 17.10
C GLU K 581 55.40 -53.35 17.65
N SER K 582 56.31 -53.50 18.63
CA SER K 582 56.94 -52.32 19.22
C SER K 582 57.84 -51.61 18.21
N MET K 583 58.62 -52.36 17.43
CA MET K 583 59.50 -51.69 16.48
C MET K 583 58.73 -51.07 15.33
N LYS K 584 57.60 -51.69 14.94
CA LYS K 584 56.76 -51.11 13.90
C LYS K 584 56.11 -49.83 14.37
N SER K 585 55.70 -49.78 15.64
CA SER K 585 55.08 -48.56 16.17
C SER K 585 56.08 -47.41 16.23
N LEU K 586 57.30 -47.68 16.70
CA LEU K 586 58.30 -46.61 16.74
C LEU K 586 58.75 -46.19 15.33
N GLU K 587 58.79 -47.14 14.38
CA GLU K 587 59.12 -46.80 13.01
C GLU K 587 58.07 -45.90 12.39
N ASN K 588 56.79 -46.24 12.57
CA ASN K 588 55.74 -45.42 12.00
C ASN K 588 55.59 -44.10 12.75
N GLU K 589 56.04 -44.03 13.99
CA GLU K 589 56.10 -42.74 14.67
C GLU K 589 57.14 -41.84 14.03
N VAL K 590 58.35 -42.36 13.81
CA VAL K 590 59.39 -41.48 13.29
C VAL K 590 59.18 -41.21 11.80
N ASN K 591 58.45 -42.06 11.08
CA ASN K 591 58.21 -41.80 9.67
C ASN K 591 57.08 -40.80 9.48
N GLY K 592 56.29 -40.56 10.52
CA GLY K 592 55.25 -39.58 10.48
C GLY K 592 55.81 -38.19 10.68
N PRO K 593 55.08 -37.37 11.41
CA PRO K 593 55.59 -36.03 11.71
C PRO K 593 56.75 -36.12 12.68
N LEU K 594 57.94 -35.85 12.17
CA LEU K 594 59.17 -36.02 12.93
C LEU K 594 59.59 -34.69 13.55
N THR K 595 60.58 -34.76 14.42
CA THR K 595 61.01 -33.59 15.16
C THR K 595 62.07 -32.83 14.36
N LYS K 596 62.71 -31.86 15.00
CA LYS K 596 63.52 -30.85 14.32
C LYS K 596 64.90 -31.43 13.98
N PHE K 597 64.95 -32.13 12.83
CA PHE K 597 66.02 -32.06 11.82
C PHE K 597 65.67 -33.11 10.76
N SER K 598 66.46 -33.17 9.69
CA SER K 598 66.29 -34.23 8.70
C SER K 598 67.50 -35.16 8.68
N THR K 599 67.96 -35.61 9.86
CA THR K 599 69.14 -36.48 9.92
C THR K 599 68.84 -37.85 9.35
N GLU K 600 67.91 -38.57 9.95
CA GLU K 600 67.55 -39.93 9.55
C GLU K 600 66.20 -40.01 8.89
N SER K 601 65.23 -39.20 9.35
CA SER K 601 63.87 -39.08 8.83
C SER K 601 63.13 -40.42 8.73
N GLN K 610 52.19 -42.99 -3.60
CA GLN K 610 53.27 -43.93 -3.82
C GLN K 610 52.83 -45.38 -3.71
N ASN K 611 53.36 -46.22 -4.59
CA ASN K 611 53.23 -47.67 -4.49
C ASN K 611 54.50 -48.20 -3.82
N ASP K 612 54.35 -48.93 -2.71
CA ASP K 612 53.08 -49.44 -2.19
C ASP K 612 52.34 -48.49 -1.29
N PHE K 613 51.06 -48.34 -1.59
CA PHE K 613 50.18 -47.53 -0.77
C PHE K 613 49.89 -48.24 0.54
N GLN K 614 50.72 -48.01 1.55
CA GLN K 614 50.41 -48.49 2.89
C GLN K 614 49.26 -47.70 3.48
N SER K 615 49.10 -46.45 3.05
CA SER K 615 48.18 -45.53 3.67
C SER K 615 46.73 -45.67 3.20
N LEU K 616 46.22 -46.91 3.20
CA LEU K 616 44.80 -47.26 2.95
C LEU K 616 44.26 -46.63 1.66
N LYS K 617 44.80 -47.07 0.55
CA LYS K 617 44.46 -46.42 -0.71
C LYS K 617 44.01 -47.40 -1.78
N ALA K 618 43.49 -48.57 -1.37
CA ALA K 618 42.83 -49.44 -2.33
C ALA K 618 41.47 -48.81 -2.59
N ARG K 619 41.42 -47.96 -3.61
CA ARG K 619 40.26 -47.09 -3.82
C ARG K 619 39.12 -47.90 -4.41
N ASN K 620 38.20 -48.31 -3.54
CA ASN K 620 36.94 -48.91 -3.96
C ASN K 620 35.97 -48.65 -2.83
N LYS K 621 35.03 -47.73 -3.06
CA LYS K 621 34.22 -47.10 -2.01
C LYS K 621 35.09 -46.56 -0.89
N PHE K 622 36.15 -45.86 -1.27
CA PHE K 622 36.99 -45.19 -0.28
C PHE K 622 36.43 -43.80 -0.02
N LEU K 623 36.47 -42.95 -1.04
CA LEU K 623 35.85 -41.64 -0.94
C LEU K 623 34.33 -41.76 -1.04
N LYS K 624 33.86 -42.77 -1.75
CA LYS K 624 32.44 -42.91 -1.97
C LYS K 624 31.70 -43.42 -0.74
N ASN K 625 32.41 -44.04 0.21
CA ASN K 625 31.73 -44.46 1.42
C ASN K 625 31.45 -43.29 2.34
N TYR K 626 32.22 -42.21 2.23
CA TYR K 626 31.78 -40.95 2.78
C TYR K 626 30.56 -40.46 2.00
N ILE K 627 29.73 -39.66 2.67
CA ILE K 627 28.39 -39.35 2.15
C ILE K 627 28.45 -38.40 0.96
N THR K 628 29.55 -37.66 0.82
CA THR K 628 29.84 -36.61 -0.21
C THR K 628 28.63 -35.77 -0.60
N LEU K 629 27.91 -35.30 0.41
CA LEU K 629 26.82 -34.37 0.20
C LEU K 629 26.63 -33.48 1.41
N SER L 1 49.56 10.31 -36.14
CA SER L 1 50.48 9.44 -36.87
C SER L 1 50.05 9.26 -38.32
N GLY L 2 48.88 9.80 -38.65
CA GLY L 2 48.37 9.71 -40.01
C GLY L 2 47.47 8.51 -40.23
N ASP L 3 47.98 7.32 -39.98
CA ASP L 3 47.19 6.09 -40.00
C ASP L 3 46.77 5.75 -38.57
N TYR L 4 45.48 5.48 -38.39
CA TYR L 4 44.94 5.25 -37.07
C TYR L 4 44.20 3.92 -37.05
N TRP L 5 44.26 3.25 -35.90
CA TRP L 5 43.71 1.91 -35.73
C TRP L 5 42.85 1.88 -34.48
N LEU L 6 42.06 0.81 -34.37
CA LEU L 6 41.24 0.64 -33.20
C LEU L 6 41.05 -0.85 -33.00
N PRO L 7 41.38 -1.38 -31.83
CA PRO L 7 41.10 -2.79 -31.54
C PRO L 7 39.60 -3.02 -31.37
N THR L 8 39.19 -4.26 -31.58
CA THR L 8 37.82 -4.65 -31.28
C THR L 8 37.81 -6.12 -30.91
N THR L 9 36.69 -6.55 -30.33
CA THR L 9 36.52 -7.89 -29.82
C THR L 9 35.65 -8.74 -30.74
N MET L 10 35.65 -10.04 -30.46
CA MET L 10 34.80 -10.99 -31.16
C MET L 10 33.96 -11.75 -30.14
N SER L 11 32.87 -12.33 -30.61
CA SER L 11 32.06 -13.15 -29.74
C SER L 11 32.73 -14.50 -29.53
N LEU L 12 32.24 -15.24 -28.54
CA LEU L 12 32.75 -16.57 -28.27
C LEU L 12 32.39 -17.54 -29.40
N TYR L 13 31.27 -17.25 -30.08
CA TYR L 13 30.88 -18.07 -31.22
C TYR L 13 31.86 -17.90 -32.37
N GLN L 14 32.44 -16.71 -32.49
CA GLN L 14 33.49 -16.49 -33.48
C GLN L 14 34.71 -17.33 -33.17
N LYS L 15 35.06 -17.45 -31.88
CA LYS L 15 36.18 -18.29 -31.48
C LYS L 15 35.89 -19.74 -31.78
N GLU L 16 34.66 -20.18 -31.52
CA GLU L 16 34.26 -21.56 -31.79
C GLU L 16 34.35 -21.87 -33.28
N LEU L 17 33.85 -20.96 -34.11
CA LEU L 17 33.85 -21.19 -35.55
C LEU L 17 35.27 -21.17 -36.11
N THR L 18 36.11 -20.24 -35.65
CA THR L 18 37.48 -20.17 -36.14
C THR L 18 38.28 -21.38 -35.72
N ASP L 19 38.05 -21.88 -34.50
CA ASP L 19 38.76 -23.07 -34.08
C ASP L 19 38.27 -24.29 -34.84
N GLN L 20 36.99 -24.34 -35.20
CA GLN L 20 36.52 -25.44 -36.04
C GLN L 20 37.13 -25.38 -37.44
N ILE L 21 37.27 -24.16 -37.98
CA ILE L 21 37.84 -23.98 -39.31
C ILE L 21 39.30 -24.41 -39.31
N VAL L 22 40.06 -23.98 -38.31
CA VAL L 22 41.45 -24.39 -38.25
C VAL L 22 41.59 -25.85 -37.87
N SER L 23 40.57 -26.44 -37.24
CA SER L 23 40.60 -27.87 -36.98
C SER L 23 40.43 -28.67 -38.26
N LEU L 24 39.59 -28.17 -39.18
CA LEU L 24 39.40 -28.89 -40.43
C LEU L 24 40.65 -28.85 -41.31
N HIS L 25 41.50 -27.85 -41.14
CA HIS L 25 42.69 -27.68 -41.97
C HIS L 25 43.94 -28.21 -41.29
N TYR L 26 43.81 -29.30 -40.53
CA TYR L 26 44.94 -29.78 -39.73
C TYR L 26 46.04 -30.37 -40.61
N SER L 27 45.69 -31.33 -41.46
CA SER L 27 46.68 -31.97 -42.31
C SER L 27 47.27 -31.03 -43.34
N ASP L 28 46.56 -29.95 -43.68
CA ASP L 28 47.06 -28.97 -44.63
C ASP L 28 48.28 -28.25 -44.07
N ILE L 29 48.13 -27.65 -42.89
CA ILE L 29 49.23 -26.97 -42.23
C ILE L 29 50.31 -27.94 -41.81
N LEU L 30 49.91 -29.18 -41.50
CA LEU L 30 50.87 -30.23 -41.18
C LEU L 30 51.76 -30.55 -42.38
N ARG L 31 51.16 -30.73 -43.55
CA ARG L 31 51.92 -30.96 -44.76
C ARG L 31 52.72 -29.72 -45.16
N TYR L 32 52.23 -28.54 -44.79
CA TYR L 32 52.94 -27.31 -45.11
C TYR L 32 54.25 -27.20 -44.35
N PHE L 33 54.20 -27.36 -43.04
CA PHE L 33 55.31 -26.87 -42.25
C PHE L 33 56.45 -27.87 -42.06
N GLU L 34 56.26 -29.14 -42.40
CA GLU L 34 57.36 -30.08 -42.15
C GLU L 34 57.54 -31.10 -43.26
N THR L 35 56.87 -30.97 -44.39
CA THR L 35 57.18 -31.78 -45.54
C THR L 35 57.65 -30.88 -46.67
N SER L 36 58.32 -31.47 -47.64
CA SER L 36 58.81 -30.72 -48.79
C SER L 36 58.29 -31.27 -50.12
N HIS L 37 58.35 -32.58 -50.31
CA HIS L 37 58.10 -33.19 -51.60
C HIS L 37 56.60 -33.34 -51.80
N TYR L 38 55.97 -32.39 -52.50
CA TYR L 38 54.56 -32.51 -52.80
C TYR L 38 54.23 -31.68 -54.04
N LYS L 39 53.10 -32.01 -54.64
CA LYS L 39 52.46 -31.14 -55.62
C LYS L 39 52.00 -29.90 -54.86
N GLU L 40 52.73 -28.80 -55.02
CA GLU L 40 52.50 -27.61 -54.21
C GLU L 40 51.28 -26.81 -54.65
N ASP L 41 50.58 -27.25 -55.70
CA ASP L 41 49.43 -26.50 -56.19
C ASP L 41 48.25 -26.56 -55.22
N VAL L 42 48.06 -27.70 -54.56
CA VAL L 42 46.92 -27.84 -53.67
C VAL L 42 47.24 -27.43 -52.24
N ILE L 43 48.52 -27.40 -51.87
CA ILE L 43 48.89 -27.06 -50.51
C ILE L 43 48.72 -25.57 -50.24
N LEU L 44 48.66 -24.75 -51.28
CA LEU L 44 48.52 -23.32 -51.10
C LEU L 44 47.09 -22.83 -51.22
N GLU L 45 46.29 -23.48 -52.06
CA GLU L 45 44.88 -23.11 -52.19
C GLU L 45 44.13 -23.38 -50.91
N SER L 46 44.55 -24.39 -50.16
CA SER L 46 43.99 -24.63 -48.84
C SER L 46 44.30 -23.47 -47.89
N MET L 47 45.53 -22.95 -47.97
CA MET L 47 45.90 -21.81 -47.13
C MET L 47 45.12 -20.57 -47.52
N LYS L 48 44.93 -20.36 -48.83
CA LYS L 48 44.18 -19.20 -49.29
C LYS L 48 42.72 -19.30 -48.88
N THR L 49 42.15 -20.51 -48.96
CA THR L 49 40.78 -20.71 -48.53
C THR L 49 40.64 -20.50 -47.03
N MET L 50 41.65 -20.93 -46.27
CA MET L 50 41.63 -20.77 -44.83
C MET L 50 41.68 -19.30 -44.44
N CYS L 51 42.61 -18.56 -45.04
CA CYS L 51 42.74 -17.14 -44.73
C CYS L 51 41.53 -16.36 -45.21
N LEU L 52 40.94 -16.79 -46.33
CA LEU L 52 39.74 -16.17 -46.85
C LEU L 52 38.57 -16.35 -45.89
N ASN L 53 38.34 -17.59 -45.45
CA ASN L 53 37.20 -17.86 -44.58
C ASN L 53 37.39 -17.25 -43.20
N GLY L 54 38.63 -17.23 -42.70
CA GLY L 54 38.88 -16.58 -41.44
C GLY L 54 38.67 -15.08 -41.51
N SER L 55 39.14 -14.45 -42.60
CA SER L 55 38.89 -13.03 -42.82
C SER L 55 37.41 -12.75 -42.99
N LEU L 56 36.67 -13.70 -43.56
CA LEU L 56 35.23 -13.54 -43.67
C LEU L 56 34.57 -13.57 -42.31
N VAL L 57 34.86 -14.61 -41.52
CA VAL L 57 34.13 -14.82 -40.28
C VAL L 57 34.59 -13.84 -39.20
N ALA L 58 35.78 -13.23 -39.36
CA ALA L 58 36.27 -12.30 -38.35
C ALA L 58 35.46 -11.02 -38.31
N THR L 59 34.80 -10.67 -39.40
CA THR L 59 33.89 -9.53 -39.38
C THR L 59 32.55 -9.93 -38.76
N HIS L 60 31.96 -11.00 -39.26
CA HIS L 60 30.66 -11.47 -38.80
C HIS L 60 30.52 -12.92 -39.19
N PRO L 61 29.73 -13.71 -38.44
CA PRO L 61 29.46 -15.08 -38.86
C PRO L 61 28.62 -15.19 -40.11
N TYR L 62 27.88 -14.15 -40.48
CA TYR L 62 26.91 -14.31 -41.56
C TYR L 62 27.54 -14.16 -42.94
N LEU L 63 28.84 -13.93 -43.02
CA LEU L 63 29.54 -14.07 -44.28
C LEU L 63 29.94 -15.51 -44.57
N LEU L 64 29.64 -16.44 -43.68
CA LEU L 64 30.01 -17.82 -43.94
C LEU L 64 28.81 -18.73 -43.72
N ILE L 65 27.93 -18.36 -42.81
CA ILE L 65 26.84 -19.23 -42.38
C ILE L 65 25.57 -18.80 -43.06
N ASP L 66 25.09 -19.61 -44.01
CA ASP L 66 24.01 -19.17 -44.89
C ASP L 66 22.66 -19.27 -44.21
N HIS L 67 22.38 -20.38 -43.54
CA HIS L 67 21.07 -20.56 -42.93
C HIS L 67 20.85 -19.69 -41.71
N TYR L 68 21.90 -19.11 -41.14
CA TYR L 68 21.73 -18.15 -40.07
C TYR L 68 21.49 -16.73 -40.56
N MET L 69 21.44 -16.53 -41.88
CA MET L 69 21.05 -15.23 -42.40
C MET L 69 19.57 -15.01 -42.14
N PRO L 70 19.17 -13.81 -41.71
CA PRO L 70 17.74 -13.54 -41.53
C PRO L 70 17.03 -13.43 -42.86
N LYS L 71 15.71 -13.44 -42.79
CA LYS L 71 14.89 -13.43 -44.00
C LYS L 71 14.90 -12.06 -44.65
N SER L 72 14.42 -11.05 -43.93
CA SER L 72 14.36 -9.68 -44.44
C SER L 72 15.18 -8.76 -43.56
N LEU L 73 15.97 -7.89 -44.19
CA LEU L 73 16.77 -6.92 -43.46
C LEU L 73 16.03 -5.62 -43.23
N ILE L 74 14.72 -5.60 -43.44
CA ILE L 74 13.91 -4.40 -43.28
C ILE L 74 13.23 -4.37 -41.91
N THR L 75 13.19 -5.50 -41.21
CA THR L 75 12.45 -5.59 -39.95
C THR L 75 13.14 -4.80 -38.84
N ARG L 76 12.55 -4.84 -37.65
CA ARG L 76 12.91 -3.88 -36.61
C ARG L 76 14.12 -4.30 -35.80
N ASP L 77 14.15 -5.53 -35.32
CA ASP L 77 15.12 -5.93 -34.31
C ASP L 77 16.41 -6.48 -34.90
N VAL L 78 16.67 -6.25 -36.19
CA VAL L 78 17.91 -6.71 -36.81
C VAL L 78 19.21 -6.10 -36.29
N PRO L 79 19.35 -4.77 -35.97
CA PRO L 79 20.70 -4.29 -35.65
C PRO L 79 21.19 -4.71 -34.27
N ALA L 80 20.28 -4.90 -33.32
CA ALA L 80 20.66 -5.45 -32.03
C ALA L 80 21.16 -6.88 -32.17
N HIS L 81 20.53 -7.65 -33.06
CA HIS L 81 20.98 -9.01 -33.34
C HIS L 81 22.34 -9.00 -34.02
N LEU L 82 22.56 -8.04 -34.92
CA LEU L 82 23.84 -7.96 -35.63
C LEU L 82 24.97 -7.53 -34.70
N ALA L 83 24.68 -6.59 -33.79
CA ALA L 83 25.67 -6.21 -32.79
C ALA L 83 25.89 -7.32 -31.77
N GLU L 84 24.89 -8.16 -31.56
CA GLU L 84 25.07 -9.32 -30.68
C GLU L 84 26.01 -10.34 -31.30
N ASN L 85 25.83 -10.65 -32.58
CA ASN L 85 26.61 -11.73 -33.18
C ASN L 85 28.06 -11.36 -33.43
N SER L 86 28.39 -10.07 -33.41
CA SER L 86 29.79 -9.65 -33.51
C SER L 86 29.98 -8.35 -32.75
N GLY L 87 30.98 -8.35 -31.87
CA GLY L 87 31.27 -7.16 -31.09
C GLY L 87 31.84 -6.03 -31.91
N LYS L 88 32.42 -6.34 -33.07
CA LYS L 88 32.87 -5.31 -33.99
C LYS L 88 31.71 -4.45 -34.45
N PHE L 89 30.56 -5.09 -34.69
CA PHE L 89 29.36 -4.37 -35.08
C PHE L 89 28.87 -3.48 -33.96
N SER L 90 28.93 -3.95 -32.71
CA SER L 90 28.51 -3.14 -31.59
C SER L 90 29.42 -1.93 -31.39
N VAL L 91 30.73 -2.14 -31.56
CA VAL L 91 31.70 -1.06 -31.42
C VAL L 91 31.49 -0.01 -32.50
N LEU L 92 31.31 -0.44 -33.75
CA LEU L 92 31.11 0.51 -34.82
C LEU L 92 29.76 1.21 -34.72
N ARG L 93 28.75 0.49 -34.22
CA ARG L 93 27.43 1.09 -34.03
C ARG L 93 27.47 2.17 -32.96
N ASP L 94 28.14 1.91 -31.84
CA ASP L 94 28.24 2.93 -30.80
C ASP L 94 29.17 4.07 -31.21
N LEU L 95 30.17 3.80 -32.05
CA LEU L 95 30.99 4.89 -32.57
C LEU L 95 30.19 5.81 -33.48
N ILE L 96 29.27 5.23 -34.26
CA ILE L 96 28.36 6.07 -35.04
C ILE L 96 27.40 6.80 -34.11
N ASN L 97 26.94 6.12 -33.05
CA ASN L 97 26.05 6.70 -32.06
C ASN L 97 26.71 7.80 -31.23
N LEU L 98 28.02 7.93 -31.30
CA LEU L 98 28.71 9.05 -30.68
C LEU L 98 29.15 10.11 -31.70
N VAL L 99 29.38 9.74 -32.95
CA VAL L 99 29.84 10.72 -33.94
C VAL L 99 28.68 11.49 -34.55
N GLN L 100 27.52 10.85 -34.73
CA GLN L 100 26.39 11.33 -35.52
C GLN L 100 25.80 12.67 -35.06
N GLU L 101 26.15 13.13 -33.84
CA GLU L 101 25.63 14.41 -33.35
C GLU L 101 26.21 15.58 -34.12
N TYR L 102 27.40 15.43 -34.68
CA TYR L 102 27.92 16.41 -35.62
C TYR L 102 27.13 16.36 -36.92
N GLU L 103 27.18 17.45 -37.67
CA GLU L 103 26.46 17.55 -38.94
C GLU L 103 27.38 17.24 -40.11
N THR L 104 28.29 16.31 -39.93
CA THR L 104 29.33 16.01 -40.89
C THR L 104 28.95 14.80 -41.74
N GLU L 105 29.92 14.31 -42.49
CA GLU L 105 29.81 13.08 -43.25
C GLU L 105 31.06 12.25 -43.02
N THR L 106 30.94 10.95 -43.26
CA THR L 106 32.09 10.06 -43.20
C THR L 106 31.88 8.89 -44.14
N ALA L 107 32.98 8.44 -44.74
CA ALA L 107 32.94 7.41 -45.76
C ALA L 107 33.34 6.06 -45.18
N ILE L 108 32.64 5.02 -45.60
CA ILE L 108 32.90 3.64 -45.19
C ILE L 108 33.05 2.81 -46.45
N VAL L 109 34.12 2.03 -46.54
CA VAL L 109 34.32 1.14 -47.67
C VAL L 109 34.66 -0.26 -47.15
N CYS L 110 34.10 -1.28 -47.78
CA CYS L 110 34.36 -2.67 -47.47
C CYS L 110 34.11 -3.49 -48.73
N ARG L 111 34.14 -4.81 -48.58
CA ARG L 111 33.94 -5.69 -49.74
C ARG L 111 32.46 -5.69 -50.13
N PRO L 112 32.16 -5.82 -51.43
CA PRO L 112 30.76 -5.72 -51.87
C PRO L 112 29.95 -6.96 -51.57
N GLY L 113 28.74 -7.01 -52.12
CA GLY L 113 27.89 -8.18 -51.94
C GLY L 113 27.12 -8.11 -50.65
N ARG L 114 27.05 -9.24 -49.94
CA ARG L 114 26.27 -9.34 -48.71
C ARG L 114 26.82 -8.44 -47.60
N THR L 115 28.11 -8.14 -47.67
CA THR L 115 28.79 -7.41 -46.59
C THR L 115 28.24 -5.99 -46.47
N MET L 116 28.12 -5.28 -47.58
CA MET L 116 27.54 -3.95 -47.55
C MET L 116 26.06 -3.98 -47.20
N ASP L 117 25.37 -5.07 -47.55
CA ASP L 117 23.96 -5.19 -47.20
C ASP L 117 23.77 -5.31 -45.70
N LEU L 118 24.57 -6.18 -45.07
CA LEU L 118 24.49 -6.33 -43.62
C LEU L 118 24.99 -5.09 -42.91
N LEU L 119 25.96 -4.38 -43.51
CA LEU L 119 26.41 -3.12 -42.95
C LEU L 119 25.29 -2.09 -42.96
N GLU L 120 24.53 -2.03 -44.06
CA GLU L 120 23.39 -1.14 -44.15
C GLU L 120 22.33 -1.49 -43.14
N ALA L 121 22.05 -2.79 -42.98
CA ALA L 121 21.08 -3.26 -42.01
C ALA L 121 21.52 -2.97 -40.59
N LEU L 122 22.83 -2.97 -40.32
CA LEU L 122 23.32 -2.61 -39.01
C LEU L 122 23.17 -1.11 -38.76
N LEU L 123 23.55 -0.29 -39.74
CA LEU L 123 23.51 1.16 -39.55
C LEU L 123 22.11 1.74 -39.73
N LEU L 124 21.10 0.91 -40.00
CA LEU L 124 19.70 1.34 -40.05
C LEU L 124 19.28 2.18 -38.84
N GLY L 125 19.67 1.77 -37.64
CA GLY L 125 19.26 2.48 -36.45
C GLY L 125 20.24 3.53 -35.96
N ASN L 126 20.49 4.58 -36.75
CA ASN L 126 21.42 5.61 -36.32
C ASN L 126 21.02 7.04 -36.69
N LYS L 127 19.86 7.25 -37.30
CA LYS L 127 19.37 8.56 -37.76
C LYS L 127 20.38 9.25 -38.68
N VAL L 128 20.85 8.52 -39.68
CA VAL L 128 21.91 8.96 -40.57
C VAL L 128 21.47 8.67 -42.00
N HIS L 129 21.57 9.68 -42.87
CA HIS L 129 21.28 9.49 -44.28
C HIS L 129 22.24 8.48 -44.89
N ILE L 130 21.71 7.65 -45.78
CA ILE L 130 22.44 6.51 -46.32
C ILE L 130 22.59 6.72 -47.81
N LYS L 131 23.76 6.37 -48.36
CA LYS L 131 23.90 6.46 -49.81
C LYS L 131 24.83 5.36 -50.29
N ARG L 132 24.27 4.34 -50.93
CA ARG L 132 25.06 3.29 -51.53
C ARG L 132 25.48 3.66 -52.95
N TYR L 133 26.67 3.20 -53.33
CA TYR L 133 27.28 3.57 -54.60
C TYR L 133 27.52 2.37 -55.50
N ASP L 134 27.19 1.17 -55.06
CA ASP L 134 27.12 0.03 -55.97
C ASP L 134 26.02 0.23 -57.00
N GLY L 135 24.90 0.84 -56.58
CA GLY L 135 23.82 1.15 -57.49
C GLY L 135 22.46 0.85 -56.88
N HIS L 136 22.40 -0.21 -56.10
CA HIS L 136 21.16 -0.58 -55.43
C HIS L 136 21.03 0.17 -54.12
N SER L 137 19.78 0.36 -53.68
CA SER L 137 19.50 0.86 -52.35
C SER L 137 18.32 0.07 -51.80
N ILE L 138 18.43 -0.35 -50.55
CA ILE L 138 17.34 -1.06 -49.89
C ILE L 138 16.44 -0.06 -49.18
N LYS L 139 15.25 -0.52 -48.80
CA LYS L 139 14.30 0.33 -48.08
C LYS L 139 14.82 0.70 -46.70
N SER L 140 14.60 1.94 -46.27
CA SER L 140 13.86 2.99 -47.00
C SER L 140 14.79 3.78 -47.90
N LYS L 141 14.20 4.55 -48.83
CA LYS L 141 15.03 5.14 -49.87
C LYS L 141 15.67 6.44 -49.41
N GLN L 142 14.86 7.47 -49.15
CA GLN L 142 15.43 8.79 -48.91
C GLN L 142 14.44 9.65 -48.15
N LYS L 143 14.99 10.71 -47.52
CA LYS L 143 14.25 11.82 -46.91
C LYS L 143 13.32 11.30 -45.80
N ALA L 144 13.96 10.79 -44.76
CA ALA L 144 13.26 10.32 -43.57
C ALA L 144 13.07 11.45 -42.57
N ASN L 145 14.17 12.04 -42.12
CA ASN L 145 14.14 13.06 -41.08
C ASN L 145 15.29 14.01 -41.35
N ASP L 146 15.70 14.75 -40.31
CA ASP L 146 16.84 15.67 -40.42
C ASP L 146 18.12 14.92 -40.77
N PHE L 147 18.47 13.91 -39.97
CA PHE L 147 19.53 12.92 -40.26
C PHE L 147 20.88 13.60 -40.43
N SER L 148 21.35 14.15 -39.31
CA SER L 148 22.54 14.98 -39.14
C SER L 148 23.78 14.53 -39.91
N CYS L 149 24.06 13.23 -39.91
CA CYS L 149 25.17 12.70 -40.67
C CYS L 149 24.66 12.06 -41.95
N THR L 150 25.49 12.08 -42.99
CA THR L 150 25.24 11.39 -44.25
C THR L 150 26.42 10.47 -44.50
N VAL L 151 26.18 9.16 -44.51
CA VAL L 151 27.23 8.18 -44.66
C VAL L 151 27.06 7.47 -46.00
N HIS L 152 28.14 7.45 -46.77
CA HIS L 152 28.13 6.96 -48.14
C HIS L 152 28.98 5.71 -48.20
N LEU L 153 28.42 4.65 -48.76
CA LEU L 153 29.01 3.32 -48.72
C LEU L 153 29.62 3.01 -50.08
N PHE L 154 30.80 2.39 -50.06
CA PHE L 154 31.54 2.15 -51.28
C PHE L 154 32.09 0.75 -51.26
N SER L 155 32.40 0.24 -52.44
CA SER L 155 33.13 -1.00 -52.60
C SER L 155 34.56 -0.69 -53.01
N SER L 156 35.50 -1.44 -52.46
CA SER L 156 36.90 -1.29 -52.85
C SER L 156 37.21 -1.91 -54.19
N GLU L 157 36.27 -2.64 -54.79
CA GLU L 157 36.44 -3.28 -56.08
C GLU L 157 35.54 -2.66 -57.13
N GLY L 158 35.42 -1.34 -57.10
CA GLY L 158 34.64 -0.63 -58.09
C GLY L 158 33.73 0.41 -57.49
N ILE L 159 33.87 1.67 -57.92
CA ILE L 159 33.04 2.76 -57.44
C ILE L 159 32.26 3.41 -58.58
N ASN L 160 32.94 3.70 -59.70
CA ASN L 160 32.36 4.23 -60.94
C ASN L 160 31.65 5.56 -60.70
N PHE L 161 32.48 6.59 -60.46
CA PHE L 161 32.01 7.98 -60.39
C PHE L 161 31.22 8.38 -61.62
N THR L 162 31.60 7.85 -62.79
CA THR L 162 30.86 8.09 -64.03
C THR L 162 29.42 7.64 -63.93
N LYS L 163 29.17 6.56 -63.21
CA LYS L 163 27.79 6.16 -62.96
C LYS L 163 27.16 7.03 -61.88
N TYR L 164 27.78 7.12 -60.71
CA TYR L 164 27.22 7.82 -59.56
C TYR L 164 28.24 8.82 -59.03
N PRO L 165 28.12 10.08 -59.40
CA PRO L 165 29.07 11.08 -58.90
C PRO L 165 28.81 11.45 -57.45
N ILE L 166 29.76 12.20 -56.90
CA ILE L 166 29.69 12.64 -55.50
C ILE L 166 28.65 13.75 -55.36
N LYS L 167 27.97 13.78 -54.22
CA LYS L 167 26.99 14.82 -53.94
C LYS L 167 27.24 15.48 -52.58
N SER L 168 28.46 15.42 -52.06
CA SER L 168 28.72 15.89 -50.70
C SER L 168 29.09 17.37 -50.63
N LYS L 169 29.98 17.83 -51.52
CA LYS L 169 30.54 19.17 -51.58
C LYS L 169 31.31 19.58 -50.32
N ALA L 170 31.82 18.61 -49.55
CA ALA L 170 32.74 18.83 -48.44
C ALA L 170 33.40 17.50 -48.15
N ARG L 171 34.52 17.53 -47.42
CA ARG L 171 35.23 16.28 -47.25
C ARG L 171 34.62 15.55 -46.06
N PHE L 172 34.85 14.25 -46.03
CA PHE L 172 34.40 13.45 -44.91
C PHE L 172 35.32 13.72 -43.72
N ASP L 173 34.81 13.40 -42.53
CA ASP L 173 35.63 13.59 -41.34
C ASP L 173 36.61 12.44 -41.15
N MET L 174 36.16 11.21 -41.31
CA MET L 174 37.04 10.07 -41.11
C MET L 174 36.71 8.98 -42.12
N LEU L 175 37.68 8.11 -42.33
CA LEU L 175 37.55 6.97 -43.23
C LEU L 175 37.54 5.72 -42.37
N ILE L 176 36.36 5.17 -42.16
CA ILE L 176 36.20 3.94 -41.39
C ILE L 176 36.65 2.78 -42.26
N CYS L 177 37.65 2.04 -41.79
CA CYS L 177 38.21 0.91 -42.53
C CYS L 177 37.75 -0.35 -41.83
N LEU L 178 36.79 -1.04 -42.45
CA LEU L 178 36.21 -2.26 -41.91
C LEU L 178 36.91 -3.49 -42.47
N ASP L 179 36.90 -3.63 -43.79
CA ASP L 179 37.48 -4.79 -44.43
C ASP L 179 38.97 -4.60 -44.65
N THR L 180 39.66 -5.71 -44.92
CA THR L 180 41.11 -5.70 -45.07
C THR L 180 41.57 -5.78 -46.51
N THR L 181 40.66 -5.96 -47.46
CA THR L 181 41.05 -6.07 -48.86
C THR L 181 41.21 -4.73 -49.55
N VAL L 182 40.96 -3.62 -48.84
CA VAL L 182 41.08 -2.30 -49.46
C VAL L 182 42.55 -1.96 -49.69
N ASP L 183 42.77 -0.97 -50.56
CA ASP L 183 44.12 -0.54 -50.91
C ASP L 183 44.12 0.96 -51.05
N THR L 184 44.95 1.64 -50.25
CA THR L 184 44.96 3.09 -50.20
C THR L 184 45.64 3.72 -51.41
N SER L 185 46.42 2.95 -52.18
CA SER L 185 47.10 3.50 -53.35
C SER L 185 46.18 3.67 -54.55
N GLN L 186 44.93 3.21 -54.47
CA GLN L 186 44.02 3.37 -55.59
C GLN L 186 43.59 4.82 -55.73
N LYS L 187 43.13 5.17 -56.92
CA LYS L 187 42.83 6.56 -57.22
C LYS L 187 41.54 7.02 -56.55
N ASP L 188 40.56 6.12 -56.43
CA ASP L 188 39.25 6.51 -55.91
C ASP L 188 39.32 6.79 -54.41
N ILE L 189 40.03 5.94 -53.67
CA ILE L 189 40.21 6.19 -52.24
C ILE L 189 41.10 7.40 -52.02
N GLN L 190 42.02 7.67 -52.96
CA GLN L 190 42.82 8.88 -52.90
C GLN L 190 41.97 10.12 -53.07
N TYR L 191 40.98 10.05 -53.97
CA TYR L 191 40.04 11.16 -54.11
C TYR L 191 39.14 11.28 -52.89
N LEU L 192 38.79 10.16 -52.27
CA LEU L 192 37.99 10.21 -51.05
C LEU L 192 38.78 10.80 -49.90
N LEU L 193 40.11 10.71 -49.96
CA LEU L 193 40.95 11.50 -49.06
C LEU L 193 41.03 12.95 -49.52
N GLN L 194 41.18 13.17 -50.83
CA GLN L 194 41.44 14.49 -51.38
C GLN L 194 40.12 15.10 -51.87
N TYR L 195 39.40 15.73 -50.95
CA TYR L 195 38.17 16.40 -51.33
C TYR L 195 38.21 17.89 -51.05
N LYS L 196 38.46 18.32 -49.83
CA LYS L 196 38.64 19.74 -49.55
C LYS L 196 40.10 19.98 -49.20
N ARG L 197 40.86 20.44 -50.19
CA ARG L 197 42.28 20.69 -50.00
C ARG L 197 42.36 22.08 -49.43
N GLU L 198 42.38 22.15 -48.09
CA GLU L 198 42.36 23.43 -47.38
C GLU L 198 43.65 24.19 -47.58
N ARG L 199 44.78 23.47 -47.57
CA ARG L 199 46.09 24.09 -47.74
C ARG L 199 46.94 23.14 -48.57
N LYS L 200 47.22 23.53 -49.82
CA LYS L 200 48.17 22.91 -50.77
C LYS L 200 47.93 21.41 -50.99
N GLY L 201 46.77 20.87 -50.63
CA GLY L 201 46.59 19.44 -50.62
C GLY L 201 47.42 18.81 -49.52
N LEU L 202 47.02 19.01 -48.25
CA LEU L 202 47.87 18.85 -47.09
C LEU L 202 48.54 17.48 -46.93
N GLU L 203 47.75 16.46 -46.62
CA GLU L 203 48.31 15.17 -46.25
C GLU L 203 47.47 14.01 -46.75
N ARG L 204 46.81 14.18 -47.90
CA ARG L 204 45.60 13.44 -48.28
C ARG L 204 44.60 13.50 -47.13
N TYR L 205 44.15 14.75 -46.92
CA TYR L 205 43.87 15.33 -45.61
C TYR L 205 42.89 14.55 -44.74
N ALA L 206 42.04 13.72 -45.33
CA ALA L 206 41.08 12.96 -44.55
C ALA L 206 41.80 11.87 -43.76
N PRO L 207 41.59 11.77 -42.46
CA PRO L 207 42.24 10.71 -41.67
C PRO L 207 41.49 9.39 -41.71
N ILE L 208 42.25 8.30 -41.58
CA ILE L 208 41.75 6.94 -41.74
C ILE L 208 41.82 6.23 -40.40
N VAL L 209 40.71 5.64 -39.98
CA VAL L 209 40.66 4.80 -38.79
C VAL L 209 40.49 3.35 -39.25
N ARG L 210 41.10 2.43 -38.50
CA ARG L 210 41.09 1.01 -38.82
C ARG L 210 40.42 0.23 -37.72
N LEU L 211 39.52 -0.69 -38.08
CA LEU L 211 38.90 -1.59 -37.12
C LEU L 211 39.49 -2.98 -37.31
N VAL L 212 40.15 -3.48 -36.27
CA VAL L 212 40.86 -4.75 -36.32
C VAL L 212 40.49 -5.57 -35.08
N ALA L 213 40.11 -6.83 -35.30
CA ALA L 213 39.95 -7.75 -34.20
C ALA L 213 41.30 -8.09 -33.61
N ILE L 214 41.40 -8.01 -32.28
CA ILE L 214 42.68 -8.24 -31.61
C ILE L 214 43.05 -9.72 -31.72
N ASN L 215 44.30 -9.96 -32.15
CA ASN L 215 44.90 -11.28 -32.30
C ASN L 215 44.11 -12.19 -33.23
N SER L 216 43.50 -11.60 -34.26
CA SER L 216 42.88 -12.34 -35.33
C SER L 216 43.78 -12.28 -36.55
N ILE L 217 43.27 -12.76 -37.69
CA ILE L 217 44.03 -12.66 -38.92
C ILE L 217 44.04 -11.23 -39.45
N ASP L 218 43.15 -10.37 -38.94
CA ASP L 218 43.19 -8.95 -39.27
C ASP L 218 44.47 -8.31 -38.76
N HIS L 219 44.79 -8.54 -37.49
CA HIS L 219 46.04 -8.05 -36.92
C HIS L 219 47.24 -8.72 -37.56
N CYS L 220 47.09 -9.99 -37.95
CA CYS L 220 48.16 -10.71 -38.62
C CYS L 220 48.51 -10.06 -39.96
N ARG L 221 47.50 -9.83 -40.79
CA ARG L 221 47.72 -9.19 -42.08
C ARG L 221 48.22 -7.76 -41.92
N LEU L 222 47.66 -7.03 -40.96
CA LEU L 222 48.04 -5.64 -40.75
C LEU L 222 49.48 -5.51 -40.31
N PHE L 223 49.93 -6.36 -39.40
CA PHE L 223 51.30 -6.23 -38.93
C PHE L 223 52.29 -6.83 -39.92
N PHE L 224 51.89 -7.84 -40.68
CA PHE L 224 52.85 -8.50 -41.54
C PHE L 224 52.84 -7.99 -42.97
N GLY L 225 51.96 -7.06 -43.31
CA GLY L 225 52.01 -6.44 -44.63
C GLY L 225 53.21 -5.55 -44.85
N LYS L 226 53.93 -5.18 -43.78
CA LYS L 226 55.10 -4.33 -43.87
C LYS L 226 56.39 -5.09 -43.63
N LYS L 227 56.35 -6.22 -42.93
CA LYS L 227 57.55 -7.02 -42.71
C LYS L 227 57.99 -7.70 -44.00
N PHE L 228 57.04 -8.27 -44.72
CA PHE L 228 57.26 -8.78 -46.07
C PHE L 228 56.26 -8.07 -46.99
N ASP L 229 56.16 -8.54 -48.23
CA ASP L 229 55.43 -7.80 -49.23
C ASP L 229 54.64 -8.73 -50.15
N LYS L 230 53.32 -8.75 -49.93
CA LYS L 230 52.30 -8.82 -50.98
C LYS L 230 52.45 -10.07 -51.86
N ASN L 231 52.09 -11.20 -51.25
CA ASN L 231 51.96 -12.50 -51.91
C ASN L 231 53.31 -13.03 -52.36
N SER L 232 54.32 -12.83 -51.53
CA SER L 232 55.56 -13.57 -51.62
C SER L 232 55.42 -14.88 -50.82
N ARG L 233 56.48 -15.69 -50.82
CA ARG L 233 56.43 -16.94 -50.09
C ARG L 233 56.52 -16.71 -48.59
N GLU L 234 57.37 -15.77 -48.18
CA GLU L 234 57.65 -15.56 -46.76
C GLU L 234 56.48 -14.91 -46.04
N TYR L 235 55.78 -13.97 -46.71
CA TYR L 235 54.58 -13.38 -46.14
C TYR L 235 53.48 -14.41 -45.99
N LEU L 236 53.36 -15.30 -46.98
CA LEU L 236 52.38 -16.38 -46.92
C LEU L 236 52.68 -17.33 -45.76
N GLU L 237 53.95 -17.70 -45.59
CA GLU L 237 54.36 -18.54 -44.48
C GLU L 237 54.11 -17.88 -43.14
N ASN L 238 54.39 -16.58 -43.04
CA ASN L 238 54.21 -15.88 -41.77
C ASN L 238 52.74 -15.74 -41.41
N VAL L 239 51.88 -15.50 -42.42
CA VAL L 239 50.45 -15.39 -42.16
C VAL L 239 49.87 -16.74 -41.75
N THR L 240 50.24 -17.80 -42.48
CA THR L 240 49.73 -19.13 -42.16
C THR L 240 50.26 -19.63 -40.82
N ALA L 241 51.45 -19.20 -40.42
CA ALA L 241 51.96 -19.55 -39.11
C ALA L 241 51.23 -18.79 -38.02
N ALA L 242 51.12 -17.47 -38.16
CA ALA L 242 50.54 -16.66 -37.11
C ALA L 242 49.03 -16.77 -37.03
N MET L 243 48.39 -17.43 -37.99
CA MET L 243 46.95 -17.61 -37.88
C MET L 243 46.59 -18.59 -36.78
N VAL L 244 47.43 -19.59 -36.54
CA VAL L 244 47.03 -20.72 -35.71
C VAL L 244 47.49 -20.61 -34.25
N ILE L 245 48.50 -19.78 -33.96
CA ILE L 245 49.02 -19.74 -32.61
C ILE L 245 48.28 -18.73 -31.75
N LEU L 246 47.79 -17.66 -32.36
CA LEU L 246 46.92 -16.72 -31.67
C LEU L 246 45.47 -17.19 -31.61
N ARG L 247 45.21 -18.44 -31.96
CA ARG L 247 43.87 -19.02 -31.88
C ARG L 247 43.40 -19.13 -30.43
N ASP L 248 44.32 -19.21 -29.48
CA ASP L 248 43.94 -19.41 -28.08
C ASP L 248 43.33 -18.15 -27.48
N ARG L 249 43.99 -17.01 -27.64
CA ARG L 249 43.67 -15.81 -26.90
C ARG L 249 43.24 -14.67 -27.82
N LEU L 250 42.48 -15.00 -28.86
CA LEU L 250 41.97 -13.96 -29.72
C LEU L 250 40.79 -13.26 -29.05
N GLY L 251 40.49 -12.05 -29.52
CA GLY L 251 39.30 -11.35 -29.10
C GLY L 251 39.36 -10.66 -27.75
N THR L 252 40.10 -11.24 -26.79
CA THR L 252 40.17 -10.66 -25.46
C THR L 252 41.05 -9.42 -25.45
N LEU L 253 40.91 -8.62 -24.41
CA LEU L 253 41.49 -7.30 -24.36
C LEU L 253 42.79 -7.29 -23.59
N PRO L 254 43.62 -6.28 -23.79
CA PRO L 254 44.64 -5.95 -22.79
C PRO L 254 43.97 -5.49 -21.51
N PRO L 255 44.64 -5.59 -20.36
CA PRO L 255 43.94 -5.37 -19.08
C PRO L 255 43.53 -3.93 -18.83
N ASP L 256 44.20 -2.97 -19.44
CA ASP L 256 43.87 -1.55 -19.28
C ASP L 256 42.86 -1.07 -20.30
N LEU L 257 42.46 -1.92 -21.24
CA LEU L 257 41.59 -1.52 -22.33
C LEU L 257 40.11 -1.71 -22.02
N ARG L 258 39.77 -2.39 -20.93
CA ARG L 258 38.39 -2.68 -20.58
C ARG L 258 37.58 -1.43 -20.19
N PRO L 259 38.08 -0.47 -19.40
CA PRO L 259 37.33 0.78 -19.26
C PRO L 259 37.30 1.62 -20.51
N ILE L 260 38.24 1.41 -21.44
CA ILE L 260 38.28 2.21 -22.67
C ILE L 260 37.10 1.85 -23.56
N TYR L 261 36.59 0.62 -23.46
CA TYR L 261 35.41 0.24 -24.22
C TYR L 261 34.13 0.26 -23.38
N SER L 262 34.20 -0.05 -22.09
CA SER L 262 32.99 -0.12 -21.29
C SER L 262 32.46 1.25 -20.86
N GLN L 263 33.21 2.33 -21.12
CA GLN L 263 32.73 3.67 -20.84
C GLN L 263 31.96 4.26 -22.01
N LYS L 264 31.43 3.42 -22.90
CA LYS L 264 30.66 3.80 -24.09
C LYS L 264 31.47 4.71 -25.01
N LEU L 265 32.78 4.45 -25.09
CA LEU L 265 33.72 5.06 -26.03
C LEU L 265 33.82 6.58 -25.89
N HIS L 266 33.51 7.11 -24.70
CA HIS L 266 33.54 8.55 -24.48
C HIS L 266 34.95 9.10 -24.36
N TYR L 267 35.95 8.23 -24.31
CA TYR L 267 37.33 8.68 -24.23
C TYR L 267 37.80 9.32 -25.53
N LEU L 268 37.24 8.91 -26.66
CA LEU L 268 37.78 9.27 -27.96
C LEU L 268 37.24 10.57 -28.53
N VAL L 269 36.27 11.21 -27.87
CA VAL L 269 35.60 12.38 -28.44
C VAL L 269 36.54 13.57 -28.56
N GLU L 270 37.60 13.59 -27.74
CA GLU L 270 38.70 14.54 -27.89
C GLU L 270 39.27 14.50 -29.30
N TRP L 271 39.60 13.30 -29.78
CA TRP L 271 40.04 13.17 -31.16
C TRP L 271 38.90 13.42 -32.13
N LEU L 272 37.67 13.14 -31.70
CA LEU L 272 36.52 13.52 -32.52
C LEU L 272 36.19 14.99 -32.40
N GLU L 273 36.77 15.68 -31.43
CA GLU L 273 36.62 17.13 -31.39
C GLU L 273 37.42 17.79 -32.51
N ASN L 274 38.70 17.45 -32.60
CA ASN L 274 39.55 17.96 -33.66
C ASN L 274 40.54 16.88 -34.07
N PRO L 275 40.79 16.72 -35.38
CA PRO L 275 41.73 15.68 -35.81
C PRO L 275 43.17 16.04 -35.55
N THR L 276 43.50 17.32 -35.35
CA THR L 276 44.88 17.72 -35.19
C THR L 276 45.46 17.35 -33.83
N VAL L 277 44.64 16.91 -32.89
CA VAL L 277 45.13 16.44 -31.59
C VAL L 277 45.78 15.08 -31.85
N PRO L 278 46.72 14.63 -31.03
CA PRO L 278 47.37 13.33 -31.30
C PRO L 278 46.41 12.17 -31.11
N TRP L 279 46.77 11.05 -31.72
CA TRP L 279 45.95 9.86 -31.66
C TRP L 279 45.96 9.28 -30.26
N PRO L 280 44.82 9.29 -29.55
CA PRO L 280 44.84 9.01 -28.10
C PRO L 280 44.99 7.55 -27.74
N LEU L 281 45.16 6.66 -28.72
CA LEU L 281 45.26 5.23 -28.53
C LEU L 281 46.64 4.75 -28.94
N PRO L 282 47.16 3.68 -28.30
CA PRO L 282 48.54 3.26 -28.58
C PRO L 282 48.72 2.61 -29.93
N ASP L 283 49.96 2.28 -30.28
CA ASP L 283 50.28 1.68 -31.56
C ASP L 283 49.82 0.21 -31.59
N ILE L 284 49.72 -0.33 -32.81
CA ILE L 284 49.38 -1.73 -33.01
C ILE L 284 50.46 -2.64 -32.42
N TYR L 285 50.07 -3.84 -32.11
CA TYR L 285 50.97 -4.64 -31.32
C TYR L 285 51.91 -5.46 -32.21
N PRO L 286 53.13 -5.69 -31.74
CA PRO L 286 54.05 -6.54 -32.49
C PRO L 286 53.66 -8.01 -32.39
N LEU L 287 53.92 -8.73 -33.47
CA LEU L 287 53.60 -10.15 -33.57
C LEU L 287 54.86 -10.89 -34.00
N LYS L 288 55.45 -11.64 -33.09
CA LYS L 288 56.71 -12.30 -33.39
C LYS L 288 56.49 -13.49 -34.33
N GLN L 289 57.58 -13.93 -34.95
CA GLN L 289 57.53 -15.05 -35.88
C GLN L 289 57.82 -16.36 -35.16
N TYR L 290 57.57 -17.46 -35.84
CA TYR L 290 57.70 -18.79 -35.27
C TYR L 290 58.30 -19.74 -36.28
N THR L 291 58.81 -20.86 -35.79
CA THR L 291 59.26 -21.95 -36.65
C THR L 291 58.14 -22.97 -36.79
N SER L 292 58.44 -24.10 -37.42
CA SER L 292 57.44 -25.14 -37.63
C SER L 292 57.07 -25.84 -36.33
N MET L 293 58.03 -25.95 -35.41
CA MET L 293 57.79 -26.70 -34.17
C MET L 293 56.83 -25.95 -33.25
N ASP L 294 56.85 -24.62 -33.31
CA ASP L 294 55.88 -23.85 -32.55
C ASP L 294 54.48 -24.05 -33.10
N VAL L 295 54.36 -24.17 -34.42
CA VAL L 295 53.06 -24.48 -35.03
C VAL L 295 52.58 -25.86 -34.62
N GLU L 296 53.48 -26.83 -34.56
CA GLU L 296 53.10 -28.17 -34.14
C GLU L 296 52.68 -28.20 -32.68
N ARG L 297 53.43 -27.51 -31.82
CA ARG L 297 53.12 -27.48 -30.39
C ARG L 297 51.79 -26.78 -30.13
N SER L 298 51.50 -25.72 -30.90
CA SER L 298 50.19 -25.10 -30.77
C SER L 298 49.10 -25.97 -31.38
N LEU L 299 49.44 -26.83 -32.33
CA LEU L 299 48.46 -27.69 -32.95
C LEU L 299 48.22 -28.98 -32.18
N LEU L 300 49.13 -29.37 -31.30
CA LEU L 300 48.96 -30.59 -30.54
C LEU L 300 47.95 -30.47 -29.41
N THR L 301 47.55 -29.27 -29.03
CA THR L 301 46.64 -29.08 -27.91
C THR L 301 45.26 -28.66 -28.41
N GLU L 302 44.33 -28.53 -27.47
CA GLU L 302 42.97 -28.08 -27.72
C GLU L 302 42.76 -26.75 -27.01
N VAL L 303 41.52 -26.26 -27.03
CA VAL L 303 41.24 -24.93 -26.50
C VAL L 303 39.83 -24.94 -25.92
N HIS L 304 39.59 -24.07 -24.94
CA HIS L 304 38.27 -23.85 -24.39
C HIS L 304 38.14 -22.40 -24.00
N PHE L 305 36.92 -21.88 -24.13
CA PHE L 305 36.65 -20.48 -23.77
C PHE L 305 35.58 -20.37 -22.69
N LYS L 306 34.39 -20.92 -22.93
CA LYS L 306 33.22 -20.86 -22.04
C LYS L 306 32.87 -19.45 -21.53
N ASN L 307 -44.06 -43.21 -9.35
CA ASN L 307 -43.76 -43.55 -7.96
C ASN L 307 -42.38 -44.20 -7.82
N SER L 308 -41.41 -43.39 -7.39
CA SER L 308 -40.03 -43.88 -7.26
C SER L 308 -39.88 -44.86 -6.10
N SER L 309 -40.76 -44.76 -5.09
CA SER L 309 -40.68 -45.65 -3.94
C SER L 309 -41.06 -47.07 -4.33
N ASN L 310 -42.04 -47.21 -5.24
CA ASN L 310 -42.39 -48.50 -5.81
C ASN L 310 -41.20 -49.15 -6.51
N VAL L 311 -40.48 -48.36 -7.31
CA VAL L 311 -39.38 -48.92 -8.07
C VAL L 311 -38.19 -49.24 -7.17
N ASN L 312 -37.95 -48.43 -6.14
CA ASN L 312 -36.87 -48.71 -5.21
C ASN L 312 -37.12 -49.98 -4.41
N TYR L 313 -38.34 -50.12 -3.87
CA TYR L 313 -38.68 -51.33 -3.11
C TYR L 313 -38.78 -52.55 -4.03
N HIS L 314 -39.17 -52.35 -5.29
CA HIS L 314 -39.27 -53.47 -6.22
C HIS L 314 -37.89 -53.98 -6.60
N LEU L 315 -36.94 -53.06 -6.80
CA LEU L 315 -35.56 -53.48 -7.05
C LEU L 315 -34.95 -54.13 -5.81
N SER L 316 -35.33 -53.65 -4.63
CA SER L 316 -34.86 -54.28 -3.40
C SER L 316 -35.42 -55.69 -3.23
N SER L 317 -36.68 -55.89 -3.61
CA SER L 317 -37.24 -57.24 -3.54
C SER L 317 -36.66 -58.15 -4.60
N GLY L 318 -36.27 -57.60 -5.75
CA GLY L 318 -35.53 -58.39 -6.73
C GLY L 318 -34.17 -58.82 -6.21
N ILE L 319 -33.50 -57.91 -5.49
CA ILE L 319 -32.25 -58.24 -4.81
C ILE L 319 -32.49 -59.31 -3.74
N ILE L 320 -33.63 -59.24 -3.06
CA ILE L 320 -33.97 -60.19 -2.00
C ILE L 320 -34.21 -61.58 -2.58
N THR L 321 -34.98 -61.67 -3.66
CA THR L 321 -35.24 -62.99 -4.23
C THR L 321 -34.03 -63.55 -4.96
N HIS L 322 -33.12 -62.70 -5.46
CA HIS L 322 -31.89 -63.25 -6.00
C HIS L 322 -30.94 -63.66 -4.88
N LYS L 323 -31.01 -63.01 -3.72
CA LYS L 323 -30.35 -63.52 -2.52
C LYS L 323 -30.90 -64.89 -2.14
N LEU L 324 -32.21 -65.05 -2.28
CA LEU L 324 -32.86 -66.32 -1.98
C LEU L 324 -32.38 -67.40 -2.94
N ILE L 325 -32.25 -67.07 -4.23
CA ILE L 325 -31.79 -68.06 -5.19
C ILE L 325 -30.29 -68.32 -5.00
N GLN L 326 -29.54 -67.36 -4.46
CA GLN L 326 -28.13 -67.59 -4.20
C GLN L 326 -27.94 -68.54 -3.02
N SER L 327 -28.69 -68.31 -1.93
CA SER L 327 -28.63 -69.22 -0.79
C SER L 327 -29.20 -70.58 -1.12
N MET L 328 -30.19 -70.62 -2.00
CA MET L 328 -30.77 -71.90 -2.38
C MET L 328 -29.87 -72.67 -3.33
N GLY L 329 -29.13 -71.98 -4.19
CA GLY L 329 -28.11 -72.65 -4.97
C GLY L 329 -26.95 -73.12 -4.11
N GLU L 330 -26.65 -72.38 -3.04
CA GLU L 330 -25.62 -72.80 -2.10
C GLU L 330 -26.00 -74.08 -1.38
N VAL L 331 -27.22 -74.14 -0.84
CA VAL L 331 -27.65 -75.35 -0.15
C VAL L 331 -27.95 -76.46 -1.16
N TYR L 332 -28.24 -76.09 -2.41
CA TYR L 332 -28.37 -77.07 -3.49
C TYR L 332 -27.04 -77.78 -3.75
N MET L 333 -25.98 -77.00 -3.92
CA MET L 333 -24.66 -77.59 -4.09
C MET L 333 -24.21 -78.32 -2.85
N ASP L 334 -24.65 -77.84 -1.67
CA ASP L 334 -24.31 -78.48 -0.40
C ASP L 334 -24.94 -79.87 -0.30
N ILE L 335 -26.22 -80.00 -0.64
CA ILE L 335 -26.86 -81.30 -0.61
C ILE L 335 -26.38 -82.15 -1.79
N CYS L 336 -25.90 -81.53 -2.86
CA CYS L 336 -25.24 -82.29 -3.93
C CYS L 336 -23.95 -82.95 -3.44
N VAL L 337 -23.08 -82.20 -2.74
CA VAL L 337 -21.81 -82.82 -2.31
C VAL L 337 -22.11 -83.79 -1.16
N GLN L 338 -23.16 -83.53 -0.39
CA GLN L 338 -23.64 -84.50 0.59
C GLN L 338 -24.05 -85.81 -0.08
N LYS L 339 -24.73 -85.72 -1.23
CA LYS L 339 -25.07 -86.94 -1.96
C LYS L 339 -23.83 -87.62 -2.55
N GLN L 340 -22.88 -86.83 -3.08
CA GLN L 340 -21.70 -87.41 -3.71
C GLN L 340 -20.80 -88.12 -2.70
N GLU L 341 -20.72 -87.59 -1.48
CA GLU L 341 -19.91 -88.20 -0.45
C GLU L 341 -20.69 -89.18 0.43
N LEU L 342 -22.01 -89.26 0.28
CA LEU L 342 -22.78 -90.21 1.07
C LEU L 342 -23.47 -91.29 0.26
N ASP L 343 -23.23 -91.39 -1.05
CA ASP L 343 -23.75 -92.53 -1.80
C ASP L 343 -22.72 -93.62 -2.05
N ASP L 344 -21.45 -93.36 -1.76
CA ASP L 344 -20.39 -94.30 -2.09
C ASP L 344 -19.38 -94.52 -0.97
N TYR L 345 -19.52 -93.85 0.17
CA TYR L 345 -18.46 -93.86 1.16
C TYR L 345 -18.44 -95.15 1.98
N SER L 346 -19.51 -95.43 2.72
CA SER L 346 -19.43 -96.44 3.75
C SER L 346 -19.56 -97.86 3.23
N CYS L 347 -19.67 -98.05 1.91
CA CYS L 347 -19.83 -99.39 1.37
C CYS L 347 -18.49 -100.08 1.16
N LEU L 348 -17.58 -99.45 0.42
CA LEU L 348 -16.34 -100.09 0.00
C LEU L 348 -15.12 -99.37 0.57
N ASP L 349 -15.20 -98.91 1.82
CA ASP L 349 -14.09 -98.16 2.39
C ASP L 349 -13.90 -98.49 3.85
N ASP L 350 -12.63 -98.44 4.28
CA ASP L 350 -12.14 -98.30 5.65
C ASP L 350 -12.32 -99.55 6.52
N LEU L 351 -13.00 -100.57 6.00
CA LEU L 351 -13.15 -101.83 6.74
C LEU L 351 -12.94 -103.06 5.87
N GLN L 352 -13.20 -102.97 4.57
CA GLN L 352 -13.16 -104.11 3.67
C GLN L 352 -11.75 -104.45 3.22
N ASN L 353 -10.83 -103.48 3.30
CA ASN L 353 -9.48 -103.66 2.75
C ASN L 353 -8.71 -104.70 3.53
N ASP L 354 -8.52 -104.47 4.83
CA ASP L 354 -7.84 -105.44 5.69
C ASP L 354 -8.60 -106.75 5.78
N HIS L 355 -9.94 -106.68 5.68
CA HIS L 355 -10.84 -107.83 5.66
C HIS L 355 -10.47 -108.79 4.55
N LEU L 356 -10.61 -108.36 3.29
CA LEU L 356 -10.37 -109.28 2.19
C LEU L 356 -8.90 -109.56 1.98
N LYS L 357 -8.01 -108.60 2.29
CA LYS L 357 -6.57 -108.83 2.15
C LYS L 357 -6.09 -109.92 3.11
N PHE L 358 -6.42 -109.78 4.40
CA PHE L 358 -6.02 -110.76 5.39
C PHE L 358 -6.68 -112.10 5.15
N PHE L 359 -7.96 -112.10 4.76
CA PHE L 359 -8.66 -113.38 4.63
C PHE L 359 -8.22 -114.13 3.38
N SER L 360 -7.97 -113.42 2.27
CA SER L 360 -7.47 -114.07 1.07
C SER L 360 -6.06 -114.59 1.26
N ASN L 361 -5.16 -113.76 1.83
CA ASN L 361 -3.78 -114.19 2.01
C ASN L 361 -3.67 -115.30 3.05
N GLU L 362 -4.51 -115.28 4.09
CA GLU L 362 -4.50 -116.37 5.05
C GLU L 362 -5.11 -117.63 4.48
N ASP L 363 -6.05 -117.52 3.53
CA ASP L 363 -6.54 -118.72 2.86
C ASP L 363 -5.47 -119.33 1.96
N GLU L 364 -4.67 -118.49 1.30
CA GLU L 364 -3.51 -118.99 0.57
C GLU L 364 -2.50 -119.64 1.51
N LYS L 365 -2.35 -119.09 2.72
CA LYS L 365 -1.50 -119.70 3.75
C LYS L 365 -2.02 -121.08 4.14
N ILE L 366 -3.35 -121.21 4.35
CA ILE L 366 -3.98 -122.49 4.69
C ILE L 366 -3.72 -123.53 3.62
N ILE L 367 -3.92 -123.17 2.35
CA ILE L 367 -3.82 -124.18 1.32
C ILE L 367 -2.35 -124.54 1.06
N LYS L 368 -1.41 -123.60 1.22
CA LYS L 368 -0.01 -123.96 1.04
C LYS L 368 0.52 -124.81 2.20
N GLU L 369 0.03 -124.58 3.43
CA GLU L 369 0.49 -125.42 4.53
C GLU L 369 -0.11 -126.81 4.45
N TYR L 370 -1.35 -126.92 3.96
CA TYR L 370 -1.93 -128.25 3.72
C TYR L 370 -1.15 -129.01 2.66
N GLU L 371 -0.79 -128.33 1.56
CA GLU L 371 -0.03 -128.96 0.48
C GLU L 371 1.32 -129.47 0.99
N THR L 372 2.05 -128.61 1.73
CA THR L 372 3.36 -129.05 2.20
C THR L 372 3.24 -130.13 3.29
N VAL L 373 2.18 -130.12 4.10
CA VAL L 373 2.10 -131.11 5.18
C VAL L 373 1.80 -132.49 4.61
N LEU L 374 0.95 -132.60 3.58
CA LEU L 374 0.76 -133.92 2.99
C LEU L 374 1.96 -134.36 2.16
N ARG L 375 2.67 -133.40 1.54
CA ARG L 375 3.86 -133.78 0.76
C ARG L 375 4.98 -134.31 1.65
N THR L 376 5.28 -133.61 2.75
CA THR L 376 6.31 -134.15 3.64
C THR L 376 5.81 -135.37 4.41
N ASN L 377 4.49 -135.54 4.56
CA ASN L 377 3.95 -136.74 5.19
C ASN L 377 4.28 -137.95 4.33
N ASN L 378 3.94 -137.89 3.04
CA ASN L 378 4.16 -139.05 2.19
C ASN L 378 5.63 -139.27 1.89
N GLU L 379 6.43 -138.20 1.80
CA GLU L 379 7.87 -138.39 1.63
C GLU L 379 8.54 -138.96 2.87
N ASN L 380 8.10 -138.55 4.06
CA ASN L 380 8.71 -139.07 5.27
C ASN L 380 8.32 -140.52 5.53
N LEU L 381 7.07 -140.90 5.22
CA LEU L 381 6.70 -142.30 5.39
C LEU L 381 7.38 -143.20 4.35
N ASN L 382 7.53 -142.74 3.10
CA ASN L 382 8.27 -143.54 2.11
C ASN L 382 9.75 -143.63 2.45
N ARG L 383 10.35 -142.55 2.96
CA ARG L 383 11.75 -142.59 3.35
C ARG L 383 11.99 -143.52 4.53
N SER L 384 11.09 -143.49 5.53
CA SER L 384 11.26 -144.38 6.68
C SER L 384 11.05 -145.83 6.29
N HIS L 385 10.10 -146.10 5.37
CA HIS L 385 9.86 -147.49 4.97
C HIS L 385 11.02 -148.06 4.15
N GLU L 386 11.46 -147.34 3.11
CA GLU L 386 12.58 -147.84 2.33
C GLU L 386 13.90 -147.82 3.11
N LEU L 387 14.00 -146.98 4.13
CA LEU L 387 15.17 -147.03 4.99
C LEU L 387 15.13 -148.24 5.91
N GLU L 388 13.92 -148.67 6.33
CA GLU L 388 13.81 -149.92 7.07
C GLU L 388 14.14 -151.11 6.18
N VAL L 389 13.79 -151.03 4.89
CA VAL L 389 14.19 -152.06 3.94
C VAL L 389 15.72 -152.12 3.81
N GLU L 390 16.36 -150.96 3.66
CA GLU L 390 17.82 -150.94 3.58
C GLU L 390 18.48 -151.36 4.89
N ASN L 391 17.80 -151.10 6.02
CA ASN L 391 18.34 -151.50 7.32
C ASN L 391 18.25 -153.01 7.53
N ASN L 392 17.17 -153.65 7.06
CA ASN L 392 17.12 -155.10 7.22
C ASN L 392 18.02 -155.81 6.21
N LEU L 393 18.24 -155.19 5.05
CA LEU L 393 19.32 -155.67 4.16
C LEU L 393 20.69 -155.51 4.83
N LYS L 394 20.86 -154.43 5.60
CA LYS L 394 22.09 -154.24 6.37
C LYS L 394 22.25 -155.33 7.43
N PHE L 395 21.15 -155.70 8.09
CA PHE L 395 21.20 -156.78 9.08
C PHE L 395 21.53 -158.13 8.44
N SER L 396 20.98 -158.37 7.24
CA SER L 396 21.35 -159.57 6.48
C SER L 396 22.83 -159.53 6.09
N GLN L 397 23.35 -158.35 5.79
CA GLN L 397 24.78 -158.21 5.47
C GLN L 397 25.65 -158.50 6.68
N ILE L 398 25.24 -158.04 7.87
CA ILE L 398 25.96 -158.35 9.11
C ILE L 398 25.96 -159.84 9.37
N GLU L 399 24.80 -160.50 9.17
CA GLU L 399 24.74 -161.95 9.36
C GLU L 399 25.60 -162.69 8.34
N THR L 400 25.67 -162.18 7.11
CA THR L 400 26.50 -162.82 6.09
C THR L 400 27.98 -162.68 6.41
N LEU L 401 28.41 -161.50 6.88
CA LEU L 401 29.83 -161.33 7.20
C LEU L 401 30.21 -162.06 8.48
N GLU L 402 29.25 -162.24 9.40
CA GLU L 402 29.52 -163.08 10.57
C GLU L 402 29.63 -164.55 10.18
N LYS L 403 28.82 -164.99 9.21
CA LYS L 403 29.03 -166.30 8.60
C LYS L 403 30.40 -166.40 7.95
N ASP L 404 30.84 -165.32 7.29
CA ASP L 404 32.14 -165.31 6.63
C ASP L 404 33.27 -165.50 7.63
N ILE L 405 33.23 -164.76 8.75
CA ILE L 405 34.31 -164.94 9.72
C ILE L 405 34.19 -166.26 10.46
N GLU L 406 32.98 -166.84 10.56
CA GLU L 406 32.86 -168.17 11.15
C GLU L 406 33.52 -169.25 10.29
N THR L 407 33.14 -169.32 9.00
CA THR L 407 33.77 -170.33 8.15
C THR L 407 35.23 -170.04 7.85
N LEU L 408 35.66 -168.78 7.92
CA LEU L 408 37.09 -168.55 7.75
C LEU L 408 37.86 -168.76 9.04
N LYS L 409 37.21 -168.67 10.21
CA LYS L 409 37.81 -169.21 11.43
C LYS L 409 37.97 -170.72 11.32
N GLY L 410 37.02 -171.38 10.66
CA GLY L 410 37.18 -172.80 10.36
C GLY L 410 38.34 -173.08 9.41
N SER L 411 38.52 -172.21 8.41
CA SER L 411 39.63 -172.38 7.48
C SER L 411 40.98 -172.09 8.16
N LEU L 412 41.00 -171.14 9.10
CA LEU L 412 42.22 -170.91 9.88
C LEU L 412 42.48 -172.06 10.85
N MET L 413 41.43 -172.72 11.33
CA MET L 413 41.61 -173.96 12.11
C MET L 413 42.23 -175.04 11.24
N ALA L 414 41.80 -175.11 9.97
CA ALA L 414 42.40 -176.05 9.03
C ALA L 414 43.86 -175.68 8.72
N GLN L 415 44.18 -174.38 8.72
CA GLN L 415 45.57 -173.95 8.56
C GLN L 415 46.41 -174.31 9.77
N GLY L 416 45.84 -174.20 10.97
CA GLY L 416 46.53 -174.62 12.18
C GLY L 416 46.66 -176.11 12.32
N GLU L 417 45.80 -176.89 11.65
CA GLU L 417 45.88 -178.34 11.75
C GLU L 417 47.11 -178.88 11.03
N THR L 418 47.20 -178.68 9.72
CA THR L 418 48.37 -179.09 8.96
C THR L 418 49.50 -178.09 9.15
N LEU L 419 50.72 -178.60 9.34
CA LEU L 419 51.80 -177.76 9.81
C LEU L 419 52.99 -177.69 8.84
N SER L 420 53.43 -178.83 8.31
CA SER L 420 54.72 -178.87 7.64
C SER L 420 54.63 -179.70 6.37
N LYS L 421 55.70 -179.59 5.57
CA LYS L 421 55.99 -180.38 4.37
C LYS L 421 55.00 -180.15 3.23
N LEU L 422 54.19 -179.09 3.27
CA LEU L 422 53.33 -178.76 2.14
C LEU L 422 53.00 -177.28 2.21
N LYS L 423 52.76 -176.67 1.05
CA LYS L 423 52.33 -175.27 0.96
C LYS L 423 50.85 -175.19 1.32
N ASP L 424 50.58 -175.24 2.62
CA ASP L 424 49.21 -175.28 3.14
C ASP L 424 48.73 -173.92 3.63
N ALA L 425 49.45 -173.33 4.59
CA ALA L 425 48.87 -172.25 5.39
C ALA L 425 48.87 -170.90 4.68
N PHE L 426 49.88 -170.63 3.85
CA PHE L 426 50.13 -169.25 3.44
C PHE L 426 49.20 -168.80 2.32
N VAL L 427 48.98 -169.64 1.31
CA VAL L 427 48.05 -169.31 0.22
C VAL L 427 46.63 -169.19 0.75
N LYS L 428 46.30 -169.96 1.79
CA LYS L 428 45.02 -169.77 2.47
C LYS L 428 45.00 -168.47 3.25
N THR L 429 46.07 -168.16 3.98
CA THR L 429 46.10 -167.02 4.89
C THR L 429 46.03 -165.69 4.12
N ASP L 430 46.51 -165.70 2.86
CA ASP L 430 46.40 -164.53 1.98
C ASP L 430 44.95 -164.08 1.79
N ASN L 431 44.11 -164.97 1.26
CA ASN L 431 42.71 -164.58 1.10
C ASN L 431 41.94 -164.62 2.41
N VAL L 432 42.47 -165.28 3.45
CA VAL L 432 41.90 -165.13 4.79
C VAL L 432 41.98 -163.67 5.23
N GLN L 433 43.17 -163.07 5.14
CA GLN L 433 43.36 -161.69 5.51
C GLN L 433 42.59 -160.74 4.60
N ASP L 434 42.59 -161.03 3.29
CA ASP L 434 41.87 -160.19 2.33
C ASP L 434 40.36 -160.19 2.62
N GLU L 435 39.80 -161.38 2.86
CA GLU L 435 38.38 -161.51 3.15
C GLU L 435 38.01 -160.86 4.48
N ILE L 436 38.83 -161.03 5.53
CA ILE L 436 38.44 -160.47 6.82
C ILE L 436 38.63 -158.95 6.85
N GLU L 437 39.59 -158.41 6.10
CA GLU L 437 39.76 -156.96 6.11
C GLU L 437 38.71 -156.26 5.26
N LYS L 438 38.36 -156.84 4.09
CA LYS L 438 37.21 -156.34 3.34
C LYS L 438 35.92 -156.48 4.15
N GLU L 439 35.82 -157.55 4.93
CA GLU L 439 34.68 -157.80 5.80
C GLU L 439 34.52 -156.72 6.87
N GLU L 440 35.59 -156.43 7.64
CA GLU L 440 35.48 -155.40 8.66
C GLU L 440 35.33 -154.00 8.05
N ARG L 441 35.90 -153.76 6.87
CA ARG L 441 35.73 -152.48 6.19
C ARG L 441 34.27 -152.24 5.82
N VAL L 442 33.65 -153.20 5.12
CA VAL L 442 32.25 -153.02 4.72
C VAL L 442 31.32 -153.09 5.93
N SER L 443 31.72 -153.81 6.99
CA SER L 443 30.91 -153.89 8.20
C SER L 443 30.82 -152.54 8.92
N VAL L 444 31.97 -151.94 9.23
CA VAL L 444 31.95 -150.67 9.95
C VAL L 444 31.44 -149.54 9.06
N SER L 445 31.69 -149.63 7.73
CA SER L 445 31.16 -148.62 6.81
C SER L 445 29.64 -148.63 6.76
N ARG L 446 29.05 -149.82 6.57
CA ARG L 446 27.59 -149.91 6.57
C ARG L 446 26.99 -149.60 7.93
N ASP L 447 27.72 -149.92 9.01
CA ASP L 447 27.24 -149.59 10.36
C ASP L 447 27.11 -148.09 10.56
N THR L 448 28.19 -147.34 10.32
CA THR L 448 28.16 -145.89 10.52
C THR L 448 27.22 -145.21 9.54
N GLU L 449 27.15 -145.72 8.30
CA GLU L 449 26.25 -145.17 7.30
C GLU L 449 24.79 -145.33 7.72
N LYS L 450 24.43 -146.51 8.24
CA LYS L 450 23.06 -146.71 8.64
C LYS L 450 22.73 -145.99 9.96
N LYS L 451 23.73 -145.74 10.82
CA LYS L 451 23.49 -144.87 11.97
C LYS L 451 23.15 -143.45 11.51
N TYR L 452 23.88 -142.96 10.49
CA TYR L 452 23.56 -141.67 9.87
C TYR L 452 22.15 -141.66 9.28
N MET L 453 21.78 -142.76 8.62
CA MET L 453 20.45 -142.86 8.01
C MET L 453 19.35 -142.82 9.07
N GLU L 454 19.55 -143.56 10.17
CA GLU L 454 18.56 -143.57 11.25
C GLU L 454 18.47 -142.20 11.93
N GLN L 455 19.59 -141.49 12.04
CA GLN L 455 19.55 -140.15 12.63
C GLN L 455 18.82 -139.16 11.72
N GLU L 456 19.07 -139.22 10.41
CA GLU L 456 18.38 -138.28 9.52
C GLU L 456 16.91 -138.62 9.37
N ILE L 457 16.53 -139.90 9.49
CA ILE L 457 15.10 -140.20 9.47
C ILE L 457 14.43 -139.87 10.80
N LYS L 458 15.19 -139.83 11.90
CA LYS L 458 14.63 -139.29 13.14
C LYS L 458 14.42 -137.78 13.03
N ARG L 459 15.35 -137.09 12.34
CA ARG L 459 15.14 -135.68 12.02
C ARG L 459 13.90 -135.47 11.14
N ALA L 460 13.69 -136.38 10.19
CA ALA L 460 12.52 -136.30 9.31
C ALA L 460 11.21 -136.57 10.05
N VAL L 461 11.23 -137.49 11.01
CA VAL L 461 9.99 -137.76 11.75
C VAL L 461 9.70 -136.63 12.73
N ASP L 462 10.75 -135.96 13.24
CA ASP L 462 10.52 -134.75 14.01
C ASP L 462 9.97 -133.63 13.14
N ALA L 463 10.40 -133.59 11.87
CA ALA L 463 9.92 -132.56 10.94
C ALA L 463 8.44 -132.74 10.63
N ILE L 464 8.00 -133.98 10.36
CA ILE L 464 6.58 -134.18 10.08
C ILE L 464 5.74 -134.02 11.35
N ARG L 465 6.33 -134.33 12.52
CA ARG L 465 5.64 -134.09 13.79
C ARG L 465 5.37 -132.61 13.99
N GLU L 466 6.40 -131.77 13.91
CA GLU L 466 6.19 -130.34 14.13
C GLU L 466 5.42 -129.66 13.01
N ASN L 467 5.47 -130.19 11.79
CA ASN L 467 4.67 -129.60 10.73
C ASN L 467 3.19 -129.91 10.92
N GLU L 468 2.85 -131.11 11.41
CA GLU L 468 1.46 -131.36 11.76
C GLU L 468 1.02 -130.54 12.97
N GLU L 469 1.93 -130.29 13.92
CA GLU L 469 1.61 -129.37 15.03
C GLU L 469 1.32 -127.97 14.53
N GLU L 470 2.11 -127.47 13.57
CA GLU L 470 1.85 -126.16 12.99
C GLU L 470 0.54 -126.14 12.19
N THR L 471 0.20 -127.27 11.55
CA THR L 471 -1.08 -127.38 10.88
C THR L 471 -2.24 -127.27 11.86
N HIS L 472 -2.11 -127.88 13.03
CA HIS L 472 -3.18 -127.77 14.04
C HIS L 472 -3.29 -126.36 14.61
N LYS L 473 -2.14 -125.71 14.86
CA LYS L 473 -2.17 -124.33 15.36
C LYS L 473 -2.74 -123.39 14.32
N LEU L 474 -2.47 -123.62 13.04
CA LEU L 474 -3.05 -122.79 12.01
C LEU L 474 -4.50 -123.15 11.75
N ASN L 475 -4.94 -124.34 12.16
CA ASN L 475 -6.38 -124.62 12.17
C ASN L 475 -7.09 -123.81 13.25
N GLU L 476 -6.46 -123.66 14.41
CA GLU L 476 -6.99 -122.74 15.42
C GLU L 476 -7.00 -121.30 14.92
N LYS L 477 -5.94 -120.91 14.21
CA LYS L 477 -5.90 -119.62 13.53
C LYS L 477 -7.01 -119.50 12.49
N GLN L 478 -7.34 -120.60 11.82
CA GLN L 478 -8.40 -120.62 10.83
C GLN L 478 -9.77 -120.42 11.48
N ASN L 479 -9.96 -120.99 12.67
CA ASN L 479 -11.23 -120.76 13.39
C ASN L 479 -11.35 -119.32 13.86
N GLY L 480 -10.24 -118.73 14.30
CA GLY L 480 -10.23 -117.29 14.58
C GLY L 480 -10.52 -116.45 13.34
N LEU L 481 -10.01 -116.88 12.18
CA LEU L 481 -10.27 -116.19 10.92
C LEU L 481 -11.74 -116.26 10.55
N GLU L 482 -12.38 -117.41 10.76
CA GLU L 482 -13.81 -117.53 10.47
C GLU L 482 -14.64 -116.67 11.43
N SER L 483 -14.22 -116.59 12.70
CA SER L 483 -14.90 -115.71 13.66
C SER L 483 -14.84 -114.25 13.23
N GLU L 484 -13.64 -113.78 12.86
CA GLU L 484 -13.49 -112.41 12.40
C GLU L 484 -14.20 -112.20 11.06
N LEU L 485 -14.31 -113.26 10.26
CA LEU L 485 -15.07 -113.23 9.00
C LEU L 485 -16.54 -112.96 9.25
N LYS L 486 -17.14 -113.69 10.21
CA LYS L 486 -18.55 -113.50 10.52
C LYS L 486 -18.81 -112.11 11.12
N LEU L 487 -17.88 -111.64 11.97
CA LEU L 487 -18.04 -110.32 12.57
C LEU L 487 -17.96 -109.21 11.51
N LYS L 488 -16.99 -109.31 10.61
CA LYS L 488 -16.87 -108.30 9.55
C LYS L 488 -18.02 -108.38 8.56
N PHE L 489 -18.57 -109.59 8.34
CA PHE L 489 -19.76 -109.75 7.51
C PHE L 489 -20.95 -108.99 8.10
N GLU L 490 -21.20 -109.18 9.40
CA GLU L 490 -22.36 -108.50 10.00
C GLU L 490 -22.14 -107.00 10.10
N LYS L 491 -20.89 -106.56 10.30
CA LYS L 491 -20.62 -105.12 10.30
C LYS L 491 -20.83 -104.52 8.92
N SER L 492 -20.45 -105.24 7.86
CA SER L 492 -20.69 -104.75 6.51
C SER L 492 -22.18 -104.72 6.18
N GLU L 493 -22.94 -105.68 6.72
CA GLU L 493 -24.39 -105.68 6.53
C GLU L 493 -25.01 -104.46 7.21
N ILE L 494 -24.57 -104.14 8.43
CA ILE L 494 -25.14 -102.99 9.13
C ILE L 494 -24.69 -101.68 8.48
N SER L 495 -23.50 -101.69 7.84
CA SER L 495 -23.05 -100.51 7.11
C SER L 495 -23.89 -100.29 5.86
N THR L 496 -24.24 -101.36 5.15
CA THR L 496 -25.11 -101.23 3.99
C THR L 496 -26.52 -100.78 4.38
N LYS L 497 -27.00 -101.25 5.54
CA LYS L 497 -28.32 -100.81 6.02
C LYS L 497 -28.31 -99.33 6.40
N GLU L 498 -27.27 -98.88 7.10
CA GLU L 498 -27.19 -97.47 7.46
C GLU L 498 -26.98 -96.58 6.24
N LEU L 499 -26.26 -97.08 5.23
CA LEU L 499 -26.17 -96.36 3.97
C LEU L 499 -27.52 -96.25 3.28
N ASN L 500 -28.34 -97.30 3.39
CA ASN L 500 -29.69 -97.25 2.83
C ASN L 500 -30.56 -96.23 3.55
N GLU L 501 -30.42 -96.15 4.89
CA GLU L 501 -31.16 -95.15 5.67
C GLU L 501 -30.74 -93.74 5.29
N LYS L 502 -29.44 -93.50 5.17
CA LYS L 502 -29.00 -92.15 4.86
C LYS L 502 -29.27 -91.78 3.41
N ILE L 503 -29.35 -92.75 2.49
CA ILE L 503 -29.69 -92.35 1.12
C ILE L 503 -31.20 -92.14 1.01
N GLY L 504 -32.00 -92.78 1.87
CA GLY L 504 -33.40 -92.40 1.98
C GLY L 504 -33.59 -90.99 2.49
N PHE L 505 -32.83 -90.62 3.52
CA PHE L 505 -32.83 -89.23 3.99
C PHE L 505 -32.34 -88.27 2.91
N LEU L 506 -31.35 -88.72 2.12
CA LEU L 506 -30.81 -87.93 1.03
C LEU L 506 -31.84 -87.68 -0.06
N LYS L 507 -32.62 -88.70 -0.43
CA LYS L 507 -33.60 -88.49 -1.49
C LYS L 507 -34.78 -87.66 -1.00
N LYS L 508 -35.11 -87.76 0.29
CA LYS L 508 -36.08 -86.85 0.90
C LYS L 508 -35.62 -85.39 0.79
N GLU L 509 -34.36 -85.14 1.19
CA GLU L 509 -33.83 -83.77 1.14
C GLU L 509 -33.67 -83.28 -0.29
N LEU L 510 -33.36 -84.17 -1.24
CA LEU L 510 -33.22 -83.71 -2.61
C LEU L 510 -34.57 -83.39 -3.22
N LYS L 511 -35.63 -84.10 -2.83
CA LYS L 511 -36.95 -83.74 -3.34
C LYS L 511 -37.42 -82.41 -2.76
N LEU L 512 -37.09 -82.16 -1.48
CA LEU L 512 -37.37 -80.85 -0.87
C LEU L 512 -36.63 -79.74 -1.59
N GLU L 513 -35.35 -79.95 -1.88
CA GLU L 513 -34.58 -78.98 -2.63
C GLU L 513 -35.11 -78.82 -4.05
N ASN L 514 -35.62 -79.91 -4.64
CA ASN L 514 -36.16 -79.90 -6.00
C ASN L 514 -37.34 -78.96 -6.12
N ASP L 515 -38.38 -79.18 -5.30
CA ASP L 515 -39.54 -78.31 -5.50
C ASP L 515 -39.35 -76.92 -4.90
N LEU L 516 -38.42 -76.76 -3.93
CA LEU L 516 -38.07 -75.41 -3.51
C LEU L 516 -37.38 -74.63 -4.62
N ASN L 517 -36.50 -75.29 -5.38
CA ASN L 517 -35.85 -74.64 -6.51
C ASN L 517 -36.84 -74.35 -7.63
N GLU L 518 -37.84 -75.21 -7.83
CA GLU L 518 -38.89 -74.94 -8.81
C GLU L 518 -39.68 -73.69 -8.45
N GLU L 519 -40.08 -73.58 -7.16
CA GLU L 519 -40.77 -72.39 -6.67
C GLU L 519 -39.92 -71.14 -6.85
N LEU L 520 -38.62 -71.23 -6.56
CA LEU L 520 -37.81 -70.03 -6.62
C LEU L 520 -37.45 -69.63 -8.04
N VAL L 521 -37.37 -70.59 -8.96
CA VAL L 521 -37.18 -70.25 -10.37
C VAL L 521 -38.43 -69.55 -10.90
N GLY L 522 -39.61 -70.01 -10.48
CA GLY L 522 -40.83 -69.30 -10.83
C GLY L 522 -40.88 -67.90 -10.25
N GLN L 523 -40.41 -67.74 -9.01
CA GLN L 523 -40.38 -66.44 -8.36
C GLN L 523 -39.41 -65.49 -9.07
N LEU L 524 -38.26 -66.01 -9.51
CA LEU L 524 -37.30 -65.20 -10.24
C LEU L 524 -37.85 -64.75 -11.58
N SER L 525 -38.55 -65.64 -12.29
CA SER L 525 -39.17 -65.26 -13.55
C SER L 525 -40.23 -64.18 -13.35
N LYS L 526 -41.07 -64.33 -12.32
CA LYS L 526 -42.11 -63.35 -12.04
C LYS L 526 -41.51 -62.01 -11.63
N THR L 527 -40.51 -62.03 -10.75
CA THR L 527 -39.89 -60.80 -10.28
C THR L 527 -39.15 -60.08 -11.41
N MET L 528 -38.54 -60.84 -12.33
CA MET L 528 -37.80 -60.20 -13.40
C MET L 528 -38.73 -59.58 -14.44
N ASP L 529 -39.81 -60.27 -14.80
CA ASP L 529 -40.75 -59.67 -15.72
C ASP L 529 -41.49 -58.49 -15.10
N ASN L 530 -41.75 -58.56 -13.78
CA ASN L 530 -42.35 -57.43 -13.09
C ASN L 530 -41.38 -56.25 -13.01
N LEU L 531 -40.08 -56.53 -12.87
CA LEU L 531 -39.08 -55.47 -12.90
C LEU L 531 -39.00 -54.84 -14.29
N GLU L 532 -39.14 -55.66 -15.34
CA GLU L 532 -39.14 -55.13 -16.71
C GLU L 532 -40.32 -54.20 -16.94
N ASN L 533 -41.53 -54.65 -16.61
CA ASN L 533 -42.71 -53.83 -16.84
C ASN L 533 -43.01 -52.88 -15.70
N LEU L 534 -42.10 -52.77 -14.72
CA LEU L 534 -42.12 -51.69 -13.75
C LEU L 534 -41.00 -50.67 -14.00
N THR L 535 -39.99 -51.02 -14.76
CA THR L 535 -38.97 -50.07 -15.16
C THR L 535 -39.24 -49.40 -16.50
N ILE L 536 -39.93 -50.06 -17.43
CA ILE L 536 -40.33 -49.38 -18.66
C ILE L 536 -41.36 -48.26 -18.42
N PRO L 537 -42.24 -48.26 -17.39
CA PRO L 537 -42.95 -47.01 -17.09
C PRO L 537 -42.04 -45.92 -16.53
N ARG L 538 -40.87 -46.25 -15.98
CA ARG L 538 -39.97 -45.17 -15.58
C ARG L 538 -39.33 -44.51 -16.79
N VAL L 539 -39.19 -45.24 -17.89
CA VAL L 539 -38.88 -44.61 -19.17
C VAL L 539 -40.07 -43.79 -19.65
N ARG L 540 -41.28 -44.30 -19.42
CA ARG L 540 -42.50 -43.65 -19.92
C ARG L 540 -42.82 -42.33 -19.21
N THR L 541 -42.53 -42.23 -17.91
CA THR L 541 -43.11 -41.17 -17.09
C THR L 541 -42.51 -39.80 -17.41
N GLN L 542 -41.23 -39.62 -17.15
CA GLN L 542 -40.66 -38.28 -17.21
C GLN L 542 -39.58 -38.17 -18.29
N ARG M 1 54.38 73.19 -51.52
CA ARG M 1 55.70 72.59 -51.40
C ARG M 1 56.50 73.27 -50.30
N GLN M 2 56.06 74.47 -49.93
CA GLN M 2 56.79 75.29 -48.97
C GLN M 2 56.63 74.73 -47.56
N VAL M 3 57.76 74.45 -46.90
CA VAL M 3 57.71 74.00 -45.52
C VAL M 3 57.34 75.18 -44.62
N ILE M 4 56.61 74.88 -43.55
CA ILE M 4 56.26 75.87 -42.54
C ILE M 4 56.71 75.43 -41.15
N VAL M 5 56.59 74.14 -40.83
CA VAL M 5 57.11 73.59 -39.58
C VAL M 5 58.10 72.48 -39.94
N PRO M 6 59.27 72.43 -39.30
CA PRO M 6 60.21 71.35 -39.59
C PRO M 6 59.88 70.08 -38.81
N VAL M 7 60.57 69.01 -39.16
CA VAL M 7 60.48 67.75 -38.43
C VAL M 7 61.60 67.70 -37.41
N CYS M 8 61.34 67.03 -36.29
CA CYS M 8 62.23 66.98 -35.14
C CYS M 8 61.81 65.82 -34.26
N MET M 9 62.32 65.78 -33.06
CA MET M 9 62.00 64.73 -32.11
C MET M 9 60.83 65.14 -31.24
N PRO M 10 60.03 64.17 -30.77
CA PRO M 10 58.97 64.49 -29.80
C PRO M 10 59.58 64.93 -28.48
N LYS M 11 59.26 66.17 -28.08
CA LYS M 11 59.87 66.77 -26.89
C LYS M 11 59.14 66.36 -25.62
N ILE M 12 59.12 65.06 -25.38
CA ILE M 12 58.48 64.48 -24.21
C ILE M 12 59.55 63.84 -23.36
N HIS M 13 59.15 63.41 -22.16
CA HIS M 13 60.05 62.67 -21.30
C HIS M 13 59.42 61.38 -20.80
N TYR M 14 58.10 61.39 -20.62
CA TYR M 14 57.41 60.21 -20.11
C TYR M 14 56.91 59.37 -21.28
N SER M 15 57.11 58.05 -21.16
CA SER M 15 56.81 56.96 -22.10
C SER M 15 57.48 56.98 -23.47
N PRO M 16 58.77 57.31 -23.60
CA PRO M 16 59.61 56.49 -24.46
C PRO M 16 60.41 55.51 -23.61
N LEU M 17 60.32 55.70 -22.30
CA LEU M 17 61.09 54.91 -21.36
C LEU M 17 60.31 53.66 -20.98
N LYS M 18 60.85 52.90 -20.04
CA LYS M 18 60.24 51.68 -19.57
C LYS M 18 60.04 51.75 -18.06
N THR M 19 59.63 50.63 -17.49
CA THR M 19 59.44 50.52 -16.06
C THR M 19 60.65 49.80 -15.49
N GLY M 20 61.34 50.45 -14.56
CA GLY M 20 62.49 49.83 -13.92
C GLY M 20 62.04 48.70 -12.99
N LEU M 21 62.83 47.64 -12.96
CA LEU M 21 62.49 46.45 -12.21
C LEU M 21 63.70 45.97 -11.43
N CYS M 22 63.49 45.67 -10.15
CA CYS M 22 64.54 45.14 -9.28
C CYS M 22 64.12 43.76 -8.83
N TYR M 23 64.89 42.75 -9.22
CA TYR M 23 64.60 41.39 -8.82
C TYR M 23 65.88 40.57 -8.85
N ASP M 24 66.02 39.66 -7.89
CA ASP M 24 67.18 38.79 -7.82
C ASP M 24 66.80 37.51 -7.12
N VAL M 25 67.55 36.45 -7.41
CA VAL M 25 67.31 35.14 -6.81
C VAL M 25 68.13 35.03 -5.53
N ARG M 26 68.74 36.12 -5.11
CA ARG M 26 69.58 36.10 -3.93
C ARG M 26 68.82 36.49 -2.67
N MET M 27 67.54 36.78 -2.76
CA MET M 27 66.76 37.19 -1.60
C MET M 27 65.77 36.11 -1.20
N ARG M 28 66.19 34.85 -1.30
CA ARG M 28 65.31 33.73 -1.00
C ARG M 28 66.06 32.66 -0.21
N TYR M 29 67.00 33.07 0.63
CA TYR M 29 67.80 32.14 1.40
C TYR M 29 67.62 32.30 2.89
N HIS M 30 67.37 33.53 3.37
CA HIS M 30 67.12 33.79 4.77
C HIS M 30 65.81 33.15 5.18
N ALA M 31 65.88 32.19 6.09
CA ALA M 31 64.74 31.34 6.40
C ALA M 31 64.70 31.00 7.87
N LYS M 32 63.51 30.58 8.30
CA LYS M 32 63.27 30.17 9.67
C LYS M 32 63.94 28.83 9.96
N ILE M 33 64.13 28.56 11.24
CA ILE M 33 64.64 27.27 11.72
C ILE M 33 63.50 26.58 12.45
N PHE M 34 63.33 25.29 12.17
CA PHE M 34 62.12 24.58 12.59
C PHE M 34 62.08 24.40 14.10
N THR M 35 60.94 24.73 14.70
CA THR M 35 60.73 24.54 16.13
C THR M 35 59.61 23.55 16.42
N SER M 36 58.39 23.79 15.94
CA SER M 36 57.25 22.97 16.31
C SER M 36 56.40 22.71 15.07
N TYR M 37 55.54 21.71 15.17
CA TYR M 37 54.73 21.33 14.02
C TYR M 37 53.61 22.32 13.73
N PHE M 38 53.36 23.28 14.62
CA PHE M 38 52.35 24.30 14.37
C PHE M 38 52.67 25.12 13.12
N GLU M 39 53.95 25.32 12.83
CA GLU M 39 54.37 26.00 11.61
C GLU M 39 53.99 25.26 10.34
N TYR M 40 53.56 24.01 10.42
CA TYR M 40 53.02 23.35 9.25
C TYR M 40 51.58 23.77 8.97
N ILE M 41 50.82 24.16 9.99
CA ILE M 41 49.46 24.62 9.77
C ILE M 41 49.39 26.08 10.19
N ASP M 42 50.48 26.80 9.97
CA ASP M 42 50.50 28.21 10.26
C ASP M 42 50.73 29.00 8.98
N PRO M 43 50.26 30.26 8.91
CA PRO M 43 50.42 31.03 7.66
C PRO M 43 51.83 31.47 7.35
N HIS M 44 52.84 31.12 8.18
CA HIS M 44 54.27 31.39 7.96
C HIS M 44 54.52 32.88 7.74
N PRO M 45 54.56 33.67 8.81
CA PRO M 45 54.34 35.13 8.71
C PRO M 45 55.29 35.91 7.81
N GLU M 46 56.39 35.31 7.37
CA GLU M 46 57.11 35.84 6.21
C GLU M 46 57.75 34.65 5.51
N ASP M 47 57.24 34.29 4.35
CA ASP M 47 57.94 33.22 3.67
C ASP M 47 58.72 33.77 2.49
N PRO M 48 59.82 33.12 2.11
CA PRO M 48 60.53 33.50 0.89
C PRO M 48 59.87 33.01 -0.38
N ARG M 49 58.73 32.34 -0.31
CA ARG M 49 58.03 31.87 -1.49
C ARG M 49 57.07 32.91 -2.06
N ARG M 50 57.31 34.19 -1.79
CA ARG M 50 56.45 35.22 -2.33
C ARG M 50 56.98 35.75 -3.66
N ILE M 51 58.24 36.20 -3.68
CA ILE M 51 58.73 37.05 -4.75
C ILE M 51 58.86 36.30 -6.06
N TYR M 52 59.12 34.99 -5.99
CA TYR M 52 59.18 34.22 -7.23
C TYR M 52 57.80 34.02 -7.82
N ARG M 53 56.75 34.01 -7.00
CA ARG M 53 55.39 33.94 -7.55
C ARG M 53 55.05 35.21 -8.31
N ILE M 54 55.44 36.37 -7.77
CA ILE M 54 55.19 37.63 -8.44
C ILE M 54 55.99 37.71 -9.74
N TYR M 55 57.24 37.28 -9.70
CA TYR M 55 58.07 37.29 -10.91
C TYR M 55 57.52 36.34 -11.96
N LYS M 56 57.02 35.18 -11.52
CA LYS M 56 56.44 34.21 -12.44
C LYS M 56 55.17 34.74 -13.08
N ILE M 57 54.28 35.33 -12.28
CA ILE M 57 53.03 35.83 -12.85
C ILE M 57 53.28 37.08 -13.68
N LEU M 58 54.38 37.79 -13.46
CA LEU M 58 54.74 38.87 -14.36
C LEU M 58 55.27 38.35 -15.67
N ALA M 59 55.97 37.22 -15.63
CA ALA M 59 56.33 36.56 -16.88
C ALA M 59 55.12 35.99 -17.58
N GLU M 60 54.06 35.66 -16.84
CA GLU M 60 52.95 34.92 -17.41
C GLU M 60 52.08 35.76 -18.32
N ASN M 61 52.17 37.08 -18.27
CA ASN M 61 51.33 37.92 -19.09
C ASN M 61 52.14 38.77 -20.06
N GLY M 62 53.27 38.24 -20.51
CA GLY M 62 54.05 38.88 -21.55
C GLY M 62 54.71 40.17 -21.16
N LEU M 63 54.73 40.52 -19.89
CA LEU M 63 55.38 41.73 -19.44
C LEU M 63 56.85 41.53 -19.18
N ILE M 64 57.29 40.28 -19.17
CA ILE M 64 58.68 39.93 -18.89
C ILE M 64 59.11 38.88 -19.90
N ASN M 65 60.21 39.14 -20.60
CA ASN M 65 60.75 38.18 -21.56
C ASN M 65 61.78 37.29 -20.85
N ASP M 66 61.29 36.28 -20.15
CA ASP M 66 62.18 35.29 -19.57
C ASP M 66 61.45 33.95 -19.47
N PRO M 67 61.78 32.99 -20.34
CA PRO M 67 61.07 31.72 -20.33
C PRO M 67 61.52 30.76 -19.25
N THR M 68 62.56 31.11 -18.49
CA THR M 68 63.16 30.20 -17.54
C THR M 68 63.18 30.71 -16.12
N LEU M 69 62.69 31.93 -15.87
CA LEU M 69 62.54 32.52 -14.54
C LEU M 69 63.88 32.62 -13.80
N SER M 70 64.77 33.43 -14.37
CA SER M 70 66.06 33.70 -13.74
C SER M 70 66.44 35.15 -14.00
N GLY M 71 67.33 35.66 -13.17
CA GLY M 71 67.75 37.05 -13.29
C GLY M 71 68.56 37.26 -14.55
N VAL M 72 67.92 37.88 -15.54
CA VAL M 72 68.51 38.05 -16.86
C VAL M 72 68.54 39.53 -17.19
N ASP M 73 69.04 39.85 -18.39
CA ASP M 73 69.05 41.23 -18.87
C ASP M 73 67.99 41.50 -19.91
N ASP M 74 67.73 40.54 -20.78
CA ASP M 74 66.79 40.73 -21.89
C ASP M 74 65.35 40.72 -21.37
N LEU M 75 64.98 41.78 -20.67
CA LEU M 75 63.69 41.81 -20.00
C LEU M 75 62.55 42.04 -20.98
N GLY M 76 62.84 42.70 -22.09
CA GLY M 76 61.85 42.92 -23.11
C GLY M 76 61.79 44.36 -23.57
N ASP M 77 60.63 44.78 -24.03
CA ASP M 77 60.44 46.10 -24.60
C ASP M 77 59.71 47.04 -23.65
N LEU M 78 59.08 46.53 -22.60
CA LEU M 78 58.27 47.34 -21.73
C LEU M 78 58.88 47.58 -20.36
N MET M 79 59.88 46.79 -19.97
CA MET M 79 60.47 46.91 -18.65
C MET M 79 61.99 46.82 -18.78
N LEU M 80 62.68 47.48 -17.87
CA LEU M 80 64.13 47.52 -17.86
C LEU M 80 64.64 46.94 -16.55
N LYS M 81 65.59 46.01 -16.65
CA LYS M 81 66.17 45.39 -15.47
C LYS M 81 67.13 46.37 -14.80
N ILE M 82 66.93 46.60 -13.52
CA ILE M 82 67.82 47.41 -12.70
C ILE M 82 68.79 46.47 -12.02
N PRO M 83 70.10 46.70 -12.10
CA PRO M 83 71.04 45.86 -11.37
C PRO M 83 70.95 46.12 -9.88
N VAL M 84 71.13 45.07 -9.11
CA VAL M 84 70.97 45.11 -7.66
C VAL M 84 72.33 45.07 -7.00
N ARG M 85 72.52 45.91 -5.98
CA ARG M 85 73.72 45.90 -5.18
C ARG M 85 73.35 45.96 -3.71
N ALA M 86 74.11 45.27 -2.88
CA ALA M 86 73.93 45.38 -1.45
C ALA M 86 74.44 46.72 -0.96
N ALA M 87 73.78 47.24 0.07
CA ALA M 87 74.13 48.57 0.57
C ALA M 87 75.45 48.51 1.32
N THR M 88 76.11 49.66 1.40
CA THR M 88 77.24 49.71 2.31
C THR M 88 76.73 49.92 3.72
N SER M 89 77.65 49.78 4.68
CA SER M 89 77.29 49.96 6.07
C SER M 89 76.99 51.41 6.41
N GLU M 90 77.55 52.35 5.64
CA GLU M 90 77.40 53.77 5.94
C GLU M 90 75.97 54.22 5.73
N GLU M 91 75.33 53.70 4.69
CA GLU M 91 73.99 54.10 4.34
C GLU M 91 72.98 53.57 5.34
N ILE M 92 73.21 52.36 5.83
CA ILE M 92 72.38 51.82 6.91
C ILE M 92 72.64 52.61 8.18
N LEU M 93 73.89 53.00 8.39
CA LEU M 93 74.28 53.81 9.53
C LEU M 93 73.77 55.24 9.45
N GLU M 94 73.32 55.67 8.27
CA GLU M 94 72.72 57.00 8.16
C GLU M 94 71.41 57.09 8.92
N VAL M 95 70.74 55.96 9.16
CA VAL M 95 69.55 55.95 9.98
C VAL M 95 69.65 55.02 11.18
N HIS M 96 70.49 53.99 11.15
CA HIS M 96 70.53 53.02 12.22
C HIS M 96 71.73 53.26 13.14
N THR M 97 71.59 52.82 14.39
CA THR M 97 72.68 52.91 15.35
C THR M 97 73.78 51.93 15.00
N LYS M 98 74.98 52.21 15.51
CA LYS M 98 76.11 51.34 15.25
C LYS M 98 75.97 50.01 15.97
N GLU M 99 75.40 50.04 17.17
CA GLU M 99 75.27 48.84 17.98
C GLU M 99 74.28 47.85 17.39
N HIS M 100 73.28 48.35 16.66
CA HIS M 100 72.38 47.48 15.90
C HIS M 100 73.15 46.73 14.81
N LEU M 101 74.04 47.43 14.11
CA LEU M 101 74.89 46.80 13.11
C LEU M 101 75.85 45.81 13.73
N GLU M 102 76.38 46.14 14.91
CA GLU M 102 77.23 45.18 15.63
C GLU M 102 76.43 43.97 16.09
N PHE M 103 75.14 44.16 16.40
CA PHE M 103 74.31 43.04 16.80
C PHE M 103 74.07 42.11 15.62
N ILE M 104 73.83 42.67 14.44
CA ILE M 104 73.65 41.81 13.26
C ILE M 104 74.98 41.19 12.83
N GLU M 105 76.08 41.92 13.01
CA GLU M 105 77.40 41.38 12.77
C GLU M 105 77.77 40.28 13.77
N SER M 106 77.14 40.29 14.95
CA SER M 106 77.25 39.15 15.85
C SER M 106 76.41 37.99 15.34
N THR M 107 75.18 38.30 14.93
CA THR M 107 74.22 37.28 14.52
C THR M 107 74.64 36.55 13.25
N GLU M 108 75.50 37.15 12.44
CA GLU M 108 75.94 36.50 11.20
C GLU M 108 76.79 35.26 11.49
N LYS M 109 77.48 35.23 12.63
CA LYS M 109 78.49 34.22 12.93
C LYS M 109 78.21 33.53 14.26
N MET M 110 76.95 33.37 14.62
CA MET M 110 76.61 32.71 15.86
C MET M 110 76.63 31.19 15.67
N SER M 111 76.30 30.48 16.74
CA SER M 111 76.10 29.04 16.68
C SER M 111 74.63 28.76 16.47
N ARG M 112 74.24 27.49 16.59
CA ARG M 112 72.84 27.12 16.42
C ARG M 112 72.01 27.51 17.64
N GLU M 113 72.48 27.17 18.83
CA GLU M 113 71.71 27.44 20.03
C GLU M 113 71.68 28.91 20.38
N GLU M 114 72.76 29.63 20.08
CA GLU M 114 72.75 31.07 20.22
C GLU M 114 71.72 31.71 19.30
N LEU M 115 71.61 31.18 18.07
CA LEU M 115 70.60 31.66 17.15
C LEU M 115 69.19 31.35 17.66
N LEU M 116 68.99 30.19 18.28
CA LEU M 116 67.68 29.84 18.82
C LEU M 116 67.30 30.75 19.98
N LYS M 117 68.28 31.06 20.83
CA LYS M 117 68.04 31.99 21.94
C LYS M 117 67.74 33.38 21.42
N GLU M 118 68.39 33.79 20.33
CA GLU M 118 68.12 35.11 19.77
C GLU M 118 66.77 35.17 19.08
N THR M 119 66.33 34.08 18.46
CA THR M 119 65.01 34.05 17.84
C THR M 119 63.92 34.12 18.89
N GLU M 120 64.11 33.42 20.01
CA GLU M 120 63.11 33.54 21.06
C GLU M 120 63.19 34.90 21.75
N LYS M 121 64.38 35.50 21.76
CA LYS M 121 64.63 36.67 22.59
C LYS M 121 63.96 37.92 22.04
N GLY M 122 64.10 38.17 20.75
CA GLY M 122 63.65 39.41 20.16
C GLY M 122 62.13 39.51 20.07
N ASP M 123 61.68 40.61 19.50
CA ASP M 123 60.25 40.90 19.38
C ASP M 123 59.77 40.48 17.99
N SER M 124 59.25 39.25 17.92
CA SER M 124 58.54 38.70 16.77
C SER M 124 59.42 38.64 15.52
N VAL M 125 60.70 38.35 15.73
CA VAL M 125 61.64 38.25 14.62
C VAL M 125 62.24 36.85 14.65
N TYR M 126 63.15 36.59 13.71
CA TYR M 126 63.92 35.36 13.73
C TYR M 126 65.22 35.65 13.00
N PHE M 127 66.14 34.68 13.01
CA PHE M 127 67.46 34.88 12.46
C PHE M 127 67.93 33.62 11.76
N ASN M 128 69.08 33.73 11.11
CA ASN M 128 69.77 32.63 10.47
C ASN M 128 71.22 33.05 10.28
N ASN M 129 72.08 32.09 9.94
CA ASN M 129 73.45 32.45 9.59
C ASN M 129 73.52 33.20 8.28
N ASP M 130 72.61 32.92 7.35
CA ASP M 130 72.54 33.65 6.10
C ASP M 130 71.52 34.78 6.19
N SER M 131 71.74 35.65 7.18
CA SER M 131 70.86 36.79 7.41
C SER M 131 71.52 38.13 7.16
N TYR M 132 72.86 38.20 7.20
CA TYR M 132 73.52 39.49 7.10
C TYR M 132 73.44 40.05 5.68
N ALA M 133 74.03 39.34 4.72
CA ALA M 133 74.04 39.82 3.34
C ALA M 133 72.64 39.86 2.75
N SER M 134 71.77 38.94 3.17
CA SER M 134 70.38 38.98 2.73
C SER M 134 69.61 40.13 3.36
N ALA M 135 70.13 40.75 4.42
CA ALA M 135 69.60 42.03 4.87
C ALA M 135 70.32 43.21 4.23
N ARG M 136 71.51 42.97 3.68
CA ARG M 136 72.28 44.04 3.09
C ARG M 136 71.84 44.36 1.67
N LEU M 137 71.30 43.36 0.98
CA LEU M 137 70.76 43.42 -0.37
C LEU M 137 69.48 44.22 -0.63
N PRO M 138 68.42 44.22 0.27
CA PRO M 138 67.20 44.94 -0.10
C PRO M 138 67.30 46.43 -0.30
N CYS M 139 67.71 47.15 0.76
CA CYS M 139 67.56 48.60 0.78
C CYS M 139 68.49 49.27 -0.22
N GLY M 140 69.72 48.78 -0.32
CA GLY M 140 70.63 49.25 -1.37
C GLY M 140 70.08 49.00 -2.76
N GLY M 141 69.45 47.83 -2.95
CA GLY M 141 68.70 47.59 -4.18
C GLY M 141 67.58 48.58 -4.35
N ALA M 142 66.86 48.87 -3.26
CA ALA M 142 65.88 49.94 -3.27
C ALA M 142 66.53 51.28 -3.55
N ILE M 143 67.75 51.48 -3.03
CA ILE M 143 68.50 52.69 -3.30
C ILE M 143 68.85 52.77 -4.78
N GLU M 144 69.03 51.62 -5.43
CA GLU M 144 69.20 51.61 -6.88
C GLU M 144 67.95 52.09 -7.58
N ALA M 145 66.77 51.66 -7.08
CA ALA M 145 65.52 51.82 -7.81
C ALA M 145 65.13 53.27 -7.98
N CYS M 146 65.06 54.00 -6.87
CA CYS M 146 64.85 55.45 -6.91
C CYS M 146 65.97 56.17 -7.64
N LYS M 147 67.17 55.59 -7.67
CA LYS M 147 68.25 56.20 -8.42
C LYS M 147 67.98 56.12 -9.92
N ALA M 148 67.24 55.10 -10.36
CA ALA M 148 66.80 55.09 -11.74
C ALA M 148 65.61 56.01 -11.96
N VAL M 149 64.96 56.44 -10.89
CA VAL M 149 63.75 57.24 -10.99
C VAL M 149 64.07 58.72 -11.07
N VAL M 150 64.89 59.21 -10.13
CA VAL M 150 65.20 60.63 -10.09
C VAL M 150 66.07 61.03 -11.27
N GLU M 151 66.98 60.15 -11.65
CA GLU M 151 67.84 60.40 -12.81
C GLU M 151 67.14 60.13 -14.13
N GLY M 152 65.89 59.68 -14.10
CA GLY M 152 65.06 59.66 -15.29
C GLY M 152 65.41 58.61 -16.31
N ARG M 153 66.09 57.54 -15.91
CA ARG M 153 66.37 56.48 -16.86
C ARG M 153 65.15 55.64 -17.16
N VAL M 154 64.18 55.60 -16.25
CA VAL M 154 62.94 54.85 -16.45
C VAL M 154 61.77 55.76 -16.12
N LYS M 155 60.57 55.29 -16.46
CA LYS M 155 59.37 56.00 -16.06
C LYS M 155 59.13 55.87 -14.57
N ASN M 156 58.93 54.63 -14.12
CA ASN M 156 58.64 54.33 -12.73
C ASN M 156 59.35 53.03 -12.38
N SER M 157 59.47 52.76 -11.09
CA SER M 157 60.18 51.57 -10.67
C SER M 157 59.35 50.72 -9.73
N LEU M 158 59.45 49.41 -9.92
CA LEU M 158 58.87 48.43 -9.02
C LEU M 158 60.01 47.53 -8.56
N ALA M 159 60.20 47.43 -7.24
CA ALA M 159 61.27 46.64 -6.66
C ALA M 159 60.67 45.54 -5.81
N VAL M 160 60.36 44.40 -6.42
CA VAL M 160 59.80 43.28 -5.69
C VAL M 160 60.90 42.63 -4.85
N VAL M 161 60.91 43.00 -3.57
CA VAL M 161 62.09 42.85 -2.72
C VAL M 161 61.63 42.42 -1.33
N ARG M 162 62.24 41.37 -0.80
CA ARG M 162 62.03 40.90 0.56
C ARG M 162 63.37 40.84 1.27
N PRO M 163 63.40 40.85 2.61
CA PRO M 163 62.41 40.98 3.68
C PRO M 163 61.87 42.39 3.77
N PRO M 164 60.71 42.56 4.40
CA PRO M 164 60.16 43.92 4.58
C PRO M 164 61.03 44.76 5.51
N GLY M 165 60.81 46.06 5.44
CA GLY M 165 61.62 47.02 6.18
C GLY M 165 60.86 48.20 6.75
N HIS M 166 59.60 48.01 7.14
CA HIS M 166 58.82 49.12 7.68
C HIS M 166 58.46 48.95 9.15
N HIS M 167 59.01 47.94 9.83
CA HIS M 167 58.78 47.81 11.25
C HIS M 167 60.02 48.03 12.11
N ALA M 168 61.21 47.98 11.52
CA ALA M 168 62.44 48.09 12.30
C ALA M 168 62.66 49.53 12.75
N GLU M 169 63.10 49.69 13.98
CA GLU M 169 63.47 50.96 14.59
C GLU M 169 64.94 51.23 14.37
N PRO M 170 65.39 52.49 14.46
CA PRO M 170 66.84 52.76 14.43
C PRO M 170 67.57 52.13 15.60
N GLN M 171 66.91 52.00 16.74
CA GLN M 171 67.51 51.37 17.90
C GLN M 171 67.54 49.85 17.74
N ALA M 172 66.37 49.23 17.61
CA ALA M 172 66.28 47.78 17.60
C ALA M 172 65.40 47.31 16.46
N ALA M 173 65.37 46.01 16.26
CA ALA M 173 64.58 45.38 15.22
C ALA M 173 63.25 44.90 15.79
N GLY M 174 62.33 44.56 14.88
CA GLY M 174 61.03 44.10 15.30
C GLY M 174 60.13 43.71 14.14
N GLY M 175 59.26 42.73 14.37
CA GLY M 175 58.24 42.34 13.42
C GLY M 175 58.76 41.80 12.11
N PHE M 176 59.69 40.85 12.19
CA PHE M 176 60.36 40.23 11.04
C PHE M 176 61.06 41.25 10.15
N CYS M 177 61.49 42.37 10.72
CA CYS M 177 62.22 43.39 9.98
C CYS M 177 63.63 43.45 10.52
N LEU M 178 64.60 43.55 9.62
CA LEU M 178 66.01 43.60 9.99
C LEU M 178 66.57 45.01 9.94
N PHE M 179 66.44 45.65 8.79
CA PHE M 179 66.77 47.06 8.63
C PHE M 179 65.50 47.82 8.28
N SER M 180 65.67 49.10 8.05
CA SER M 180 64.66 49.83 7.30
C SER M 180 64.81 49.55 5.82
N ASN M 181 63.75 49.85 5.09
CA ASN M 181 63.84 49.79 3.64
C ASN M 181 63.57 51.15 3.02
N VAL M 182 62.45 51.78 3.35
CA VAL M 182 62.11 53.00 2.65
C VAL M 182 62.74 54.22 3.31
N ALA M 183 62.97 54.18 4.63
CA ALA M 183 63.50 55.34 5.32
C ALA M 183 64.95 55.57 4.96
N VAL M 184 65.70 54.48 4.86
CA VAL M 184 67.12 54.55 4.51
C VAL M 184 67.29 55.02 3.08
N ALA M 185 66.39 54.57 2.18
CA ALA M 185 66.47 54.99 0.79
C ALA M 185 66.09 56.46 0.64
N ALA M 186 65.08 56.90 1.39
CA ALA M 186 64.68 58.29 1.38
C ALA M 186 65.79 59.19 1.90
N LYS M 187 66.44 58.77 2.99
CA LYS M 187 67.59 59.49 3.51
C LYS M 187 68.72 59.53 2.51
N ASN M 188 68.90 58.45 1.76
CA ASN M 188 70.00 58.40 0.79
C ASN M 188 69.74 59.32 -0.38
N ILE M 189 68.49 59.41 -0.82
CA ILE M 189 68.23 60.33 -1.93
C ILE M 189 68.23 61.78 -1.46
N LEU M 190 67.77 62.04 -0.23
CA LEU M 190 67.82 63.40 0.29
C LEU M 190 69.25 63.86 0.48
N LYS M 191 70.11 62.99 0.98
CA LYS M 191 71.51 63.35 1.16
C LYS M 191 72.23 63.43 -0.18
N ASN M 192 71.89 62.53 -1.10
CA ASN M 192 72.63 62.46 -2.36
C ASN M 192 72.17 63.50 -3.36
N TYR M 193 70.89 63.87 -3.33
CA TYR M 193 70.34 64.86 -4.25
C TYR M 193 69.53 65.90 -3.49
N PRO M 194 70.18 66.87 -2.85
CA PRO M 194 69.42 68.03 -2.37
C PRO M 194 69.30 69.12 -3.43
N GLU M 195 69.05 68.73 -4.67
CA GLU M 195 68.87 69.65 -5.78
C GLU M 195 67.62 69.36 -6.59
N SER M 196 67.29 68.10 -6.81
CA SER M 196 66.13 67.71 -7.60
C SER M 196 64.99 67.21 -6.74
N VAL M 197 65.27 66.74 -5.53
CA VAL M 197 64.25 66.23 -4.63
C VAL M 197 64.27 67.07 -3.37
N ARG M 198 63.12 67.66 -3.05
CA ARG M 198 63.01 68.52 -1.88
C ARG M 198 61.91 68.10 -0.94
N ARG M 199 60.93 67.31 -1.39
CA ARG M 199 59.85 66.85 -0.55
C ARG M 199 59.47 65.45 -1.00
N ILE M 200 59.37 64.52 -0.06
CA ILE M 200 59.01 63.14 -0.36
C ILE M 200 57.79 62.77 0.46
N MET M 201 56.75 62.29 -0.22
CA MET M 201 55.58 61.76 0.44
C MET M 201 55.64 60.25 0.39
N ILE M 202 55.38 59.62 1.53
CA ILE M 202 55.43 58.17 1.66
C ILE M 202 54.08 57.69 2.14
N LEU M 203 53.57 56.64 1.48
CA LEU M 203 52.28 56.07 1.84
C LEU M 203 52.48 54.62 2.26
N ASP M 204 51.62 54.17 3.16
CA ASP M 204 51.64 52.79 3.64
C ASP M 204 50.23 52.23 3.61
N TRP M 205 50.03 51.16 2.86
CA TRP M 205 48.79 50.39 2.95
C TRP M 205 49.01 48.99 3.49
N ASP M 206 50.14 48.72 4.14
CA ASP M 206 50.22 47.51 4.93
C ASP M 206 49.25 47.66 6.10
N ILE M 207 48.53 46.58 6.38
CA ILE M 207 47.50 46.63 7.41
C ILE M 207 48.07 46.73 8.82
N HIS M 208 49.37 46.54 8.97
CA HIS M 208 50.06 46.83 10.22
C HIS M 208 50.68 48.21 10.13
N HIS M 209 50.73 48.89 11.28
CA HIS M 209 51.21 50.26 11.32
C HIS M 209 52.71 50.30 11.10
N GLY M 210 53.14 51.16 10.18
CA GLY M 210 54.55 51.30 9.90
C GLY M 210 55.24 52.16 10.93
N ASN M 211 55.49 51.58 12.10
CA ASN M 211 56.01 52.34 13.23
C ASN M 211 57.43 52.80 13.02
N GLY M 212 58.24 52.00 12.34
CA GLY M 212 59.67 52.26 12.29
C GLY M 212 60.02 53.49 11.46
N THR M 213 59.50 53.55 10.25
CA THR M 213 59.75 54.72 9.42
C THR M 213 59.01 55.95 9.93
N GLN M 214 57.92 55.74 10.66
CA GLN M 214 57.26 56.83 11.36
C GLN M 214 58.19 57.44 12.40
N LYS M 215 58.87 56.58 13.16
CA LYS M 215 59.83 57.06 14.13
C LYS M 215 61.04 57.69 13.46
N SER M 216 61.43 57.18 12.30
CA SER M 216 62.65 57.65 11.65
C SER M 216 62.51 59.06 11.09
N PHE M 217 61.29 59.53 10.85
CA PHE M 217 61.09 60.88 10.37
C PHE M 217 60.04 61.60 11.21
N TYR M 218 59.98 61.30 12.50
CA TYR M 218 58.92 61.87 13.32
C TYR M 218 59.13 63.35 13.61
N GLN M 219 60.32 63.88 13.37
CA GLN M 219 60.59 65.29 13.64
C GLN M 219 61.16 66.02 12.43
N ASP M 220 60.92 65.51 11.22
CA ASP M 220 61.40 66.13 10.00
C ASP M 220 60.23 66.65 9.18
N ASP M 221 60.55 67.53 8.23
CA ASP M 221 59.54 68.14 7.38
C ASP M 221 59.61 67.70 5.93
N GLN M 222 60.77 67.26 5.45
CA GLN M 222 60.89 66.88 4.05
C GLN M 222 60.25 65.54 3.73
N VAL M 223 59.78 64.81 4.75
CA VAL M 223 59.08 63.55 4.58
C VAL M 223 57.68 63.73 5.13
N LEU M 224 56.68 63.47 4.30
CA LEU M 224 55.30 63.44 4.73
C LEU M 224 54.86 61.99 4.78
N TYR M 225 54.54 61.51 5.98
CA TYR M 225 54.21 60.11 6.18
C TYR M 225 52.71 59.95 6.35
N VAL M 226 52.12 59.01 5.61
CA VAL M 226 50.71 58.68 5.76
C VAL M 226 50.59 57.17 5.77
N SER M 227 49.97 56.62 6.82
CA SER M 227 49.75 55.19 6.87
C SER M 227 48.28 54.87 7.09
N LEU M 228 47.92 53.64 6.74
CA LEU M 228 46.59 53.12 6.98
C LEU M 228 46.71 51.77 7.65
N HIS M 229 46.04 51.59 8.78
CA HIS M 229 46.12 50.32 9.51
C HIS M 229 44.95 50.23 10.47
N ARG M 230 44.69 49.03 10.95
CA ARG M 230 43.72 48.85 12.01
C ARG M 230 44.36 49.18 13.34
N PHE M 231 43.59 49.78 14.26
CA PHE M 231 44.22 50.17 15.51
C PHE M 231 44.04 49.16 16.63
N GLU M 232 42.80 49.01 17.14
CA GLU M 232 42.40 48.05 18.18
C GLU M 232 43.38 48.03 19.37
N MET M 233 43.36 49.14 20.11
CA MET M 233 44.47 49.72 20.89
C MET M 233 45.45 48.74 21.52
N GLY M 234 44.95 47.69 22.17
CA GLY M 234 45.85 46.75 22.79
C GLY M 234 46.08 45.46 22.02
N LYS M 235 45.05 45.00 21.33
CA LYS M 235 45.04 43.61 20.85
C LYS M 235 45.89 43.43 19.59
N TYR M 236 45.49 44.07 18.50
CA TYR M 236 46.08 43.79 17.20
C TYR M 236 47.49 44.34 17.12
N TYR M 237 48.33 43.68 16.33
CA TYR M 237 49.73 44.05 16.24
C TYR M 237 49.88 45.41 15.56
N PRO M 238 50.81 46.25 16.01
CA PRO M 238 51.56 46.12 17.26
C PRO M 238 50.80 46.68 18.45
N GLY M 239 49.79 47.51 18.18
CA GLY M 239 48.94 48.04 19.24
C GLY M 239 49.65 48.95 20.22
N THR M 240 50.39 49.90 19.71
CA THR M 240 51.08 50.87 20.55
C THR M 240 50.38 52.21 20.41
N ILE M 241 50.83 53.19 21.20
CA ILE M 241 50.23 54.51 21.15
C ILE M 241 50.69 55.31 19.95
N GLN M 242 51.77 54.88 19.29
CA GLN M 242 52.30 55.62 18.15
C GLN M 242 51.43 55.45 16.91
N GLY M 243 50.60 54.42 16.87
CA GLY M 243 49.66 54.25 15.78
C GLY M 243 48.34 54.95 15.96
N GLN M 244 48.17 55.71 17.03
CA GLN M 244 46.91 56.38 17.26
C GLN M 244 46.72 57.53 16.30
N TYR M 245 45.47 57.91 16.09
CA TYR M 245 45.12 58.87 15.05
C TYR M 245 45.46 60.31 15.43
N ASP M 246 45.83 60.58 16.67
CA ASP M 246 46.16 61.94 17.07
C ASP M 246 47.66 62.20 17.10
N GLN M 247 48.47 61.21 16.79
CA GLN M 247 49.92 61.41 16.72
C GLN M 247 50.22 62.22 15.47
N THR M 248 50.50 63.51 15.66
CA THR M 248 50.61 64.41 14.52
C THR M 248 52.02 64.95 14.36
N GLY M 249 53.01 64.09 14.46
CA GLY M 249 54.37 64.56 14.37
C GLY M 249 54.79 65.21 15.67
N GLU M 250 55.94 65.87 15.63
CA GLU M 250 56.49 66.51 16.81
C GLU M 250 57.53 67.54 16.39
N GLY M 251 57.55 68.66 17.10
CA GLY M 251 58.58 69.65 16.86
C GLY M 251 58.35 70.36 15.55
N LYS M 252 59.40 70.40 14.72
CA LYS M 252 59.22 70.91 13.37
C LYS M 252 58.64 69.86 12.43
N GLY M 253 58.44 68.64 12.91
CA GLY M 253 57.74 67.63 12.15
C GLY M 253 56.25 67.63 12.43
N GLU M 254 55.74 68.67 13.07
CA GLU M 254 54.32 68.78 13.30
C GLU M 254 53.61 69.12 11.99
N GLY M 255 52.49 68.45 11.76
CA GLY M 255 51.80 68.64 10.50
C GLY M 255 52.49 67.95 9.33
N PHE M 256 53.17 66.84 9.60
CA PHE M 256 53.75 66.05 8.52
C PHE M 256 53.56 64.56 8.76
N ASN M 257 52.64 64.19 9.64
CA ASN M 257 52.42 62.81 10.04
C ASN M 257 50.93 62.55 10.05
N CYS M 258 50.50 61.43 9.46
CA CYS M 258 49.08 61.13 9.41
C CYS M 258 48.85 59.64 9.54
N ASN M 259 48.10 59.27 10.56
CA ASN M 259 47.60 57.91 10.73
C ASN M 259 46.16 57.85 10.26
N ILE M 260 45.79 56.71 9.69
CA ILE M 260 44.40 56.37 9.46
C ILE M 260 44.18 55.01 10.11
N THR M 261 43.16 54.92 10.94
CA THR M 261 42.97 53.72 11.76
C THR M 261 41.57 53.17 11.52
N TRP M 262 41.50 51.93 11.15
CA TRP M 262 40.21 51.29 11.03
C TRP M 262 39.76 50.85 12.41
N PRO M 263 38.54 51.20 12.83
CA PRO M 263 38.06 50.74 14.13
C PRO M 263 37.80 49.26 14.17
N VAL M 264 37.17 48.71 13.15
CA VAL M 264 36.80 47.30 13.12
C VAL M 264 37.45 46.67 11.89
N GLY M 265 37.90 45.42 12.03
CA GLY M 265 38.30 44.67 10.87
C GLY M 265 37.12 44.37 9.96
N GLY M 266 37.41 44.27 8.66
CA GLY M 266 36.38 43.93 7.69
C GLY M 266 36.01 45.03 6.73
N VAL M 267 36.93 45.96 6.47
CA VAL M 267 36.64 47.03 5.53
C VAL M 267 36.77 46.49 4.12
N GLY M 268 36.26 47.25 3.15
CA GLY M 268 36.32 46.84 1.76
C GLY M 268 37.03 47.87 0.90
N ASP M 269 36.61 47.99 -0.36
CA ASP M 269 37.30 48.86 -1.30
C ASP M 269 36.87 50.31 -1.13
N ALA M 270 35.58 50.54 -0.96
CA ALA M 270 35.05 51.89 -1.01
C ALA M 270 35.44 52.70 0.20
N GLU M 271 35.79 52.04 1.30
CA GLU M 271 36.47 52.73 2.40
C GLU M 271 37.77 53.35 1.91
N TYR M 272 38.54 52.59 1.13
CA TYR M 272 39.81 53.11 0.66
C TYR M 272 39.61 54.21 -0.38
N MET M 273 38.61 54.02 -1.24
CA MET M 273 38.29 55.04 -2.24
C MET M 273 37.83 56.32 -1.57
N TRP M 274 36.99 56.19 -0.55
CA TRP M 274 36.47 57.34 0.18
C TRP M 274 37.57 58.04 0.93
N ALA M 275 38.48 57.27 1.54
CA ALA M 275 39.58 57.88 2.25
C ALA M 275 40.54 58.59 1.32
N PHE M 276 40.70 58.10 0.11
CA PHE M 276 41.65 58.77 -0.75
C PHE M 276 41.05 60.00 -1.41
N GLU M 277 39.83 59.87 -1.92
CA GLU M 277 39.21 61.01 -2.57
C GLU M 277 38.79 62.08 -1.57
N GLN M 278 38.59 61.73 -0.31
CA GLN M 278 38.35 62.77 0.67
C GLN M 278 39.65 63.46 1.05
N VAL M 279 40.67 62.69 1.43
CA VAL M 279 41.73 63.19 2.30
C VAL M 279 43.05 63.33 1.56
N VAL M 280 43.57 62.24 1.01
CA VAL M 280 44.99 62.23 0.67
C VAL M 280 45.31 63.01 -0.59
N MET M 281 44.35 63.24 -1.46
CA MET M 281 44.64 64.02 -2.65
C MET M 281 44.78 65.51 -2.36
N PRO M 282 43.89 66.16 -1.59
CA PRO M 282 44.16 67.56 -1.26
C PRO M 282 45.40 67.74 -0.40
N MET M 283 45.68 66.82 0.51
CA MET M 283 46.88 66.97 1.33
C MET M 283 48.13 66.74 0.49
N GLY M 284 48.09 65.80 -0.44
CA GLY M 284 49.24 65.56 -1.29
C GLY M 284 49.49 66.71 -2.24
N ARG M 285 48.43 67.32 -2.75
CA ARG M 285 48.62 68.48 -3.58
C ARG M 285 49.06 69.68 -2.77
N GLU M 286 48.63 69.77 -1.52
CA GLU M 286 49.03 70.89 -0.69
C GLU M 286 50.48 70.76 -0.26
N PHE M 287 50.96 69.52 -0.10
CA PHE M 287 52.34 69.31 0.30
C PHE M 287 53.30 69.66 -0.83
N LYS M 288 52.84 69.52 -2.08
CA LYS M 288 53.59 69.71 -3.32
C LYS M 288 54.90 68.92 -3.30
N PRO M 289 54.85 67.60 -3.34
CA PRO M 289 56.07 66.80 -3.21
C PRO M 289 56.87 66.80 -4.50
N ASP M 290 58.09 66.27 -4.40
CA ASP M 290 58.87 65.98 -5.59
C ASP M 290 58.94 64.49 -5.90
N LEU M 291 58.63 63.63 -4.93
CA LEU M 291 58.68 62.20 -5.15
C LEU M 291 57.76 61.53 -4.15
N VAL M 292 56.94 60.61 -4.64
CA VAL M 292 56.11 59.78 -3.79
C VAL M 292 56.70 58.37 -3.78
N ILE M 293 56.58 57.72 -2.64
CA ILE M 293 57.07 56.36 -2.43
C ILE M 293 55.95 55.57 -1.78
N ILE M 294 55.82 54.31 -2.17
CA ILE M 294 54.79 53.42 -1.65
C ILE M 294 55.49 52.29 -0.91
N SER M 295 55.10 52.08 0.34
CA SER M 295 55.41 50.85 1.05
C SER M 295 54.15 50.01 0.95
N SER M 296 54.12 49.09 -0.01
CA SER M 296 52.93 48.31 -0.27
C SER M 296 52.91 47.05 0.56
N GLY M 297 51.73 46.71 1.04
CA GLY M 297 51.50 45.41 1.64
C GLY M 297 50.12 44.92 1.28
N PHE M 298 50.03 43.76 0.65
CA PHE M 298 48.77 43.25 0.15
C PHE M 298 48.05 42.38 1.16
N ASP M 299 48.44 42.47 2.42
CA ASP M 299 47.82 41.67 3.47
C ASP M 299 46.36 42.03 3.69
N ALA M 300 45.94 43.21 3.28
CA ALA M 300 44.56 43.62 3.43
C ALA M 300 43.70 43.24 2.24
N ALA M 301 44.21 42.42 1.32
CA ALA M 301 43.40 42.04 0.19
C ALA M 301 42.36 41.00 0.58
N ASP M 302 41.46 40.72 -0.34
CA ASP M 302 40.47 39.69 -0.10
C ASP M 302 41.12 38.31 -0.15
N GLY M 303 40.51 37.37 0.55
CA GLY M 303 41.05 36.03 0.60
C GLY M 303 42.25 35.89 1.50
N ASP M 304 42.32 36.68 2.57
CA ASP M 304 43.45 36.63 3.48
C ASP M 304 42.94 36.44 4.89
N THR M 305 43.50 35.45 5.59
CA THR M 305 43.03 35.11 6.93
C THR M 305 43.88 35.74 8.02
N ILE M 306 44.47 36.90 7.76
CA ILE M 306 45.15 37.69 8.79
C ILE M 306 44.41 38.99 9.04
N GLY M 307 44.22 39.80 8.02
CA GLY M 307 43.56 41.07 8.19
C GLY M 307 42.07 40.98 7.99
N GLN M 308 41.65 40.07 7.12
CA GLN M 308 40.25 39.81 6.78
C GLN M 308 39.54 41.07 6.29
N CYS M 309 40.01 41.57 5.15
CA CYS M 309 39.35 42.65 4.45
C CYS M 309 39.03 42.19 3.03
N HIS M 310 38.50 43.10 2.22
CA HIS M 310 37.92 42.72 0.94
C HIS M 310 38.35 43.68 -0.16
N VAL M 311 39.66 43.90 -0.28
CA VAL M 311 40.19 44.79 -1.30
C VAL M 311 40.45 43.96 -2.56
N THR M 312 39.58 44.09 -3.54
CA THR M 312 39.81 43.53 -4.86
C THR M 312 40.98 44.26 -5.52
N PRO M 313 41.69 43.62 -6.44
CA PRO M 313 42.87 44.29 -7.03
C PRO M 313 42.53 45.48 -7.90
N SER M 314 41.29 45.61 -8.36
CA SER M 314 40.86 46.80 -9.06
C SER M 314 40.96 48.03 -8.17
N CYS M 315 40.69 47.86 -6.88
CA CYS M 315 40.86 48.95 -5.93
C CYS M 315 42.31 49.38 -5.85
N TYR M 316 43.23 48.42 -5.88
CA TYR M 316 44.65 48.73 -5.93
C TYR M 316 45.00 49.49 -7.20
N GLY M 317 44.34 49.14 -8.30
CA GLY M 317 44.58 49.86 -9.54
C GLY M 317 44.17 51.31 -9.46
N HIS M 318 42.98 51.58 -8.89
CA HIS M 318 42.52 52.95 -8.74
C HIS M 318 43.42 53.73 -7.80
N MET M 319 43.90 53.05 -6.76
CA MET M 319 44.90 53.60 -5.84
C MET M 319 46.11 54.11 -6.58
N THR M 320 46.79 53.20 -7.29
CA THR M 320 48.04 53.60 -7.90
C THR M 320 47.84 54.51 -9.09
N HIS M 321 46.65 54.52 -9.69
CA HIS M 321 46.38 55.49 -10.74
C HIS M 321 46.32 56.90 -10.18
N MET M 322 45.59 57.09 -9.08
CA MET M 322 45.54 58.41 -8.47
C MET M 322 46.90 58.81 -7.91
N LEU M 323 47.67 57.84 -7.42
CA LEU M 323 48.98 58.19 -6.90
C LEU M 323 49.95 58.52 -8.01
N LYS M 324 49.77 57.92 -9.20
CA LYS M 324 50.53 58.35 -10.36
C LYS M 324 50.15 59.76 -10.75
N SER M 325 48.86 60.07 -10.62
CA SER M 325 48.40 61.42 -10.90
C SER M 325 48.95 62.45 -9.92
N LEU M 326 49.32 62.02 -8.72
CA LEU M 326 49.74 62.96 -7.69
C LEU M 326 51.06 63.63 -8.04
N ALA M 327 52.12 62.85 -8.17
CA ALA M 327 53.40 63.46 -8.51
C ALA M 327 53.45 63.77 -10.00
N ARG M 328 54.57 64.32 -10.44
CA ARG M 328 54.74 64.60 -11.86
C ARG M 328 54.99 63.35 -12.68
N GLY M 329 55.24 62.22 -12.05
CA GLY M 329 55.42 60.99 -12.79
C GLY M 329 56.46 60.09 -12.18
N ASN M 330 57.31 60.65 -11.32
CA ASN M 330 58.32 59.87 -10.65
C ASN M 330 57.70 59.05 -9.53
N LEU M 331 58.06 57.76 -9.46
CA LEU M 331 57.38 56.85 -8.55
C LEU M 331 58.18 55.57 -8.38
N CYS M 332 58.19 55.05 -7.16
CA CYS M 332 58.82 53.76 -6.86
C CYS M 332 57.94 53.00 -5.88
N VAL M 333 57.78 51.70 -6.11
CA VAL M 333 56.93 50.85 -5.29
C VAL M 333 57.74 49.67 -4.79
N VAL M 334 57.80 49.51 -3.48
CA VAL M 334 58.36 48.33 -2.83
C VAL M 334 57.23 47.58 -2.12
N LEU M 335 57.56 46.39 -1.64
CA LEU M 335 56.58 45.47 -1.05
C LEU M 335 56.95 45.14 0.38
N GLU M 336 55.97 45.18 1.28
CA GLU M 336 56.18 44.83 2.68
C GLU M 336 55.42 43.58 3.11
N GLY M 337 54.09 43.57 2.97
CA GLY M 337 53.26 42.54 3.57
C GLY M 337 52.96 41.39 2.62
N GLY M 338 52.05 40.53 3.07
CA GLY M 338 51.58 39.44 2.23
C GLY M 338 51.54 38.08 2.91
N TYR M 339 50.40 37.42 2.84
CA TYR M 339 50.27 36.08 3.41
C TYR M 339 49.70 35.06 2.44
N ASN M 340 48.73 35.44 1.63
CA ASN M 340 48.13 34.52 0.67
C ASN M 340 48.66 34.83 -0.71
N LEU M 341 49.13 33.80 -1.40
CA LEU M 341 49.92 34.03 -2.60
C LEU M 341 49.08 34.44 -3.80
N ASP M 342 47.85 33.93 -3.91
CA ASP M 342 47.04 34.25 -5.09
C ASP M 342 46.60 35.70 -5.08
N ALA M 343 46.30 36.22 -3.89
CA ALA M 343 45.87 37.60 -3.77
C ALA M 343 47.01 38.55 -4.09
N ILE M 344 48.21 38.27 -3.58
CA ILE M 344 49.33 39.14 -3.88
C ILE M 344 49.77 38.98 -5.32
N ALA M 345 49.50 37.83 -5.94
CA ALA M 345 49.77 37.67 -7.35
C ALA M 345 48.86 38.55 -8.19
N ARG M 346 47.55 38.50 -7.91
CA ARG M 346 46.60 39.30 -8.67
C ARG M 346 46.80 40.80 -8.42
N SER M 347 47.14 41.15 -7.19
CA SER M 347 47.43 42.54 -6.85
C SER M 347 48.65 43.05 -7.58
N ALA M 348 49.72 42.25 -7.60
CA ALA M 348 50.92 42.64 -8.31
C ALA M 348 50.67 42.77 -9.80
N LEU M 349 49.80 41.90 -10.33
CA LEU M 349 49.42 41.98 -11.74
C LEU M 349 48.74 43.31 -12.05
N SER M 350 47.80 43.71 -11.21
CA SER M 350 47.06 44.93 -11.48
C SER M 350 47.95 46.17 -11.31
N VAL M 351 48.81 46.16 -10.30
CA VAL M 351 49.65 47.34 -10.10
C VAL M 351 50.70 47.43 -11.18
N ALA M 352 51.14 46.30 -11.72
CA ALA M 352 52.08 46.36 -12.84
C ALA M 352 51.41 46.85 -14.10
N LYS M 353 50.14 46.45 -14.30
CA LYS M 353 49.38 46.92 -15.44
C LYS M 353 49.21 48.42 -15.40
N VAL M 354 48.94 48.98 -14.22
CA VAL M 354 48.77 50.42 -14.17
C VAL M 354 50.12 51.11 -14.27
N LEU M 355 51.16 50.55 -13.65
CA LEU M 355 52.46 51.20 -13.67
C LEU M 355 53.11 51.17 -15.04
N ILE M 356 52.68 50.28 -15.92
CA ILE M 356 53.08 50.45 -17.31
C ILE M 356 52.33 51.61 -17.94
N GLY M 357 51.05 51.76 -17.62
CA GLY M 357 50.31 52.90 -18.14
C GLY M 357 48.86 52.62 -18.48
N GLU M 358 48.44 51.38 -18.28
CA GLU M 358 47.10 50.99 -18.64
C GLU M 358 46.09 51.56 -17.64
N PRO M 359 44.88 51.89 -18.11
CA PRO M 359 43.88 52.41 -17.20
C PRO M 359 43.38 51.31 -16.28
N PRO M 360 43.05 51.64 -15.03
CA PRO M 360 42.54 50.62 -14.12
C PRO M 360 41.15 50.19 -14.51
N ASP M 361 40.84 48.94 -14.24
CA ASP M 361 39.54 48.40 -14.59
C ASP M 361 38.49 48.91 -13.61
N GLU M 362 37.24 48.50 -13.85
CA GLU M 362 36.15 49.02 -13.04
C GLU M 362 36.10 48.28 -11.72
N LEU M 363 35.38 48.88 -10.78
CA LEU M 363 35.13 48.23 -9.50
C LEU M 363 34.19 47.05 -9.70
N PRO M 364 34.36 45.98 -8.93
CA PRO M 364 33.41 44.87 -9.00
C PRO M 364 32.05 45.24 -8.46
N ASP M 365 31.98 46.24 -7.59
CA ASP M 365 30.72 46.82 -7.16
C ASP M 365 30.97 48.25 -6.71
N PRO M 366 30.19 49.19 -7.18
CA PRO M 366 30.31 50.56 -6.68
C PRO M 366 29.29 50.90 -5.62
N LEU M 367 28.30 50.03 -5.42
CA LEU M 367 27.22 50.28 -4.46
C LEU M 367 27.54 49.50 -3.19
N SER M 368 28.26 50.13 -2.30
CA SER M 368 28.59 49.43 -1.07
C SER M 368 28.22 50.23 0.17
N ASP M 369 28.37 51.56 0.14
CA ASP M 369 28.03 52.50 1.20
C ASP M 369 28.72 52.12 2.50
N PRO M 370 30.00 52.46 2.65
CA PRO M 370 30.88 51.84 3.65
C PRO M 370 30.44 52.06 5.09
N LYS M 371 31.17 51.39 5.99
CA LYS M 371 30.73 51.25 7.37
C LYS M 371 30.90 52.56 8.14
N PRO M 372 29.93 52.91 9.00
CA PRO M 372 29.90 54.27 9.55
C PRO M 372 31.01 54.59 10.52
N GLU M 373 31.67 53.57 11.07
CA GLU M 373 32.83 53.79 11.91
C GLU M 373 33.95 54.47 11.14
N VAL M 374 34.07 54.15 9.86
CA VAL M 374 35.07 54.80 9.03
C VAL M 374 34.70 56.27 8.81
N ILE M 375 33.41 56.57 8.73
CA ILE M 375 32.96 57.94 8.53
C ILE M 375 33.26 58.78 9.76
N GLU M 376 32.94 58.25 10.93
CA GLU M 376 33.24 58.99 12.15
C GLU M 376 34.74 59.07 12.40
N MET M 377 35.47 58.03 11.97
CA MET M 377 36.92 58.06 12.02
C MET M 377 37.49 59.17 11.16
N ILE M 378 36.91 59.37 9.98
CA ILE M 378 37.50 60.35 9.09
C ILE M 378 37.09 61.75 9.51
N ASP M 379 35.95 61.90 10.19
CA ASP M 379 35.62 63.18 10.82
C ASP M 379 36.62 63.53 11.90
N LYS M 380 36.92 62.55 12.76
CA LYS M 380 37.86 62.79 13.84
C LYS M 380 39.28 63.02 13.32
N VAL M 381 39.58 62.48 12.13
CA VAL M 381 40.86 62.81 11.51
C VAL M 381 40.84 64.26 11.02
N ILE M 382 39.78 64.63 10.31
CA ILE M 382 39.76 65.91 9.63
C ILE M 382 39.66 67.08 10.59
N ARG M 383 39.24 66.84 11.83
CA ARG M 383 39.31 67.88 12.86
C ARG M 383 40.76 68.32 13.10
N LEU M 384 41.62 67.38 13.48
CA LEU M 384 43.01 67.72 13.77
C LEU M 384 43.76 68.13 12.52
N GLN M 385 43.37 67.56 11.38
CA GLN M 385 44.04 67.96 10.15
C GLN M 385 43.64 69.37 9.73
N SER M 386 42.41 69.77 10.04
CA SER M 386 42.01 71.15 9.80
C SER M 386 42.68 72.09 10.77
N LYS M 387 43.09 71.60 11.94
CA LYS M 387 43.98 72.41 12.77
C LYS M 387 45.30 72.64 12.05
N TYR M 388 45.94 71.56 11.59
CA TYR M 388 47.28 71.77 11.04
C TYR M 388 47.25 72.19 9.57
N TRP M 389 46.58 71.44 8.71
CA TRP M 389 46.56 71.84 7.32
C TRP M 389 45.55 72.96 7.11
N ASN M 390 45.50 73.46 5.88
CA ASN M 390 44.69 74.62 5.55
C ASN M 390 43.59 74.33 4.55
N CYS M 391 43.80 73.42 3.60
CA CYS M 391 42.82 73.16 2.56
C CYS M 391 41.56 72.50 3.12
N PHE M 392 41.66 71.82 4.25
CA PHE M 392 40.48 71.25 4.87
C PHE M 392 39.63 72.30 5.56
N ARG M 393 40.21 73.45 5.91
CA ARG M 393 39.45 74.51 6.53
C ARG M 393 38.48 75.10 5.53
N ARG M 394 37.28 75.44 6.01
CA ARG M 394 36.18 76.13 5.31
C ARG M 394 35.55 75.30 4.21
N ARG M 395 36.08 74.12 3.91
CA ARG M 395 35.39 73.20 3.02
C ARG M 395 34.56 72.23 3.82
N HIS M 396 35.11 71.73 4.92
CA HIS M 396 34.34 71.03 5.92
C HIS M 396 33.91 71.95 7.05
N ALA M 397 34.24 73.24 6.92
CA ALA M 397 33.77 74.32 7.81
C ALA M 397 34.19 74.11 9.25
N ASN M 398 35.42 73.66 9.46
CA ASN M 398 35.93 73.54 10.82
C ASN M 398 36.24 74.90 11.41
N SER M 399 36.60 75.88 10.57
CA SER M 399 36.76 77.29 10.92
C SER M 399 37.81 77.48 12.02
N GLY M 400 39.05 77.15 11.69
CA GLY M 400 40.14 77.33 12.62
C GLY M 400 40.23 76.23 13.65
N CYS M 401 40.53 76.60 14.90
CA CYS M 401 40.63 75.59 15.96
C CYS M 401 39.27 75.08 16.36
N ASN M 402 38.42 75.97 16.90
CA ASN M 402 36.98 75.74 17.15
C ASN M 402 36.72 74.56 18.07
N PHE M 403 37.64 74.24 18.96
CA PHE M 403 37.47 73.14 19.90
C PHE M 403 36.58 73.64 21.03
N ASN M 404 35.32 73.18 21.04
CA ASN M 404 34.23 73.87 21.73
C ASN M 404 34.09 73.38 23.16
N GLU M 405 34.47 74.23 24.12
CA GLU M 405 34.23 74.05 25.55
C GLU M 405 32.77 74.29 25.95
N PRO M 406 31.97 75.21 25.28
CA PRO M 406 30.52 75.20 25.51
C PRO M 406 29.79 73.95 25.02
N LEU M 407 28.45 74.06 25.00
CA LEU M 407 27.42 73.06 25.29
C LEU M 407 27.34 72.91 26.80
N ASN M 408 27.51 74.04 27.51
CA ASN M 408 27.24 74.11 28.94
C ASN M 408 25.75 73.96 29.20
N ASP M 409 25.43 73.36 30.34
CA ASP M 409 24.05 73.12 30.76
C ASP M 409 23.84 73.78 32.13
N SER M 410 23.49 75.07 32.12
CA SER M 410 23.17 75.77 33.35
C SER M 410 21.85 76.54 33.26
N ILE M 411 21.49 76.98 32.07
CA ILE M 411 20.24 77.70 31.84
C ILE M 411 19.16 76.73 31.34
N ILE M 412 19.32 75.43 31.64
CA ILE M 412 18.40 74.41 31.18
C ILE M 412 17.00 74.54 31.75
N SER M 413 16.81 75.31 32.82
CA SER M 413 15.47 75.62 33.28
C SER M 413 14.70 76.47 32.27
N LYS M 414 15.39 77.32 31.53
CA LYS M 414 14.77 78.12 30.48
C LYS M 414 15.03 77.43 29.15
N ASN M 415 14.01 76.82 28.59
CA ASN M 415 14.16 76.04 27.37
C ASN M 415 12.85 76.03 26.62
N PHE M 416 12.96 75.87 25.30
CA PHE M 416 11.77 75.66 24.50
C PHE M 416 11.24 74.25 24.74
N PRO M 417 9.94 74.07 24.83
CA PRO M 417 9.38 72.74 25.12
C PRO M 417 9.61 71.73 24.01
N LEU M 418 9.24 72.10 22.78
CA LEU M 418 9.64 71.48 21.52
C LEU M 418 9.01 70.11 21.27
N GLN M 419 8.40 69.52 22.27
CA GLN M 419 7.74 68.23 22.13
C GLN M 419 6.24 68.36 22.10
N LYS M 420 5.71 69.23 22.97
CA LYS M 420 4.33 69.65 22.87
C LYS M 420 4.07 70.36 21.56
N ALA M 421 5.08 71.04 21.01
CA ALA M 421 4.97 71.68 19.71
C ALA M 421 4.76 70.65 18.60
N ILE M 422 5.62 69.64 18.56
CA ILE M 422 5.54 68.64 17.50
C ILE M 422 4.28 67.81 17.62
N ARG M 423 3.97 67.38 18.84
CA ARG M 423 2.76 66.60 19.07
C ARG M 423 1.51 67.45 18.85
N GLN M 424 1.59 68.76 19.10
CA GLN M 424 0.43 69.62 18.92
C GLN M 424 0.15 69.85 17.45
N GLN M 425 1.19 70.10 16.66
CA GLN M 425 1.03 70.20 15.22
C GLN M 425 0.53 68.89 14.63
N GLN M 426 1.05 67.78 15.14
CA GLN M 426 0.64 66.47 14.65
C GLN M 426 -0.82 66.22 14.97
N GLN M 427 -1.25 66.58 16.18
CA GLN M 427 -2.65 66.48 16.58
C GLN M 427 -3.52 67.40 15.73
N HIS M 428 -2.98 68.58 15.39
CA HIS M 428 -3.69 69.55 14.56
C HIS M 428 -4.02 68.96 13.20
N TYR M 429 -2.99 68.54 12.45
CA TYR M 429 -3.30 68.04 11.12
C TYR M 429 -3.90 66.65 11.13
N LEU M 430 -3.79 65.91 12.23
CA LEU M 430 -4.48 64.62 12.26
C LEU M 430 -5.96 64.80 12.50
N SER M 431 -6.32 65.68 13.43
CA SER M 431 -7.72 65.97 13.68
C SER M 431 -8.34 66.80 12.57
N ASP M 432 -7.53 67.52 11.79
CA ASP M 432 -8.08 68.40 10.76
C ASP M 432 -8.75 67.61 9.63
N GLU M 433 -8.21 66.45 9.30
CA GLU M 433 -8.78 65.63 8.24
C GLU M 433 -9.26 64.28 8.71
N PHE M 434 -8.96 63.88 9.94
CA PHE M 434 -9.38 62.59 10.43
C PHE M 434 -10.33 62.69 11.61
N ASN M 435 -10.35 63.83 12.31
CA ASN M 435 -11.28 64.13 13.41
C ASN M 435 -11.14 63.11 14.54
N PHE M 436 -9.90 62.84 14.92
CA PHE M 436 -9.64 61.85 15.96
C PHE M 436 -10.06 62.41 17.32
N VAL M 437 -10.59 61.53 18.15
CA VAL M 437 -11.01 61.92 19.49
C VAL M 437 -9.80 61.90 20.41
N THR M 438 -9.61 62.99 21.14
CA THR M 438 -8.59 63.01 22.18
C THR M 438 -9.21 62.38 23.41
N LEU M 439 -9.02 61.08 23.55
CA LEU M 439 -9.58 60.36 24.68
C LEU M 439 -8.84 60.77 25.95
N PRO M 440 -9.54 61.07 27.03
CA PRO M 440 -8.85 61.51 28.25
C PRO M 440 -8.37 60.32 29.08
N LEU M 441 -7.63 60.65 30.12
CA LEU M 441 -7.08 59.65 31.02
C LEU M 441 -6.92 60.32 32.39
N VAL M 442 -7.67 59.86 33.37
CA VAL M 442 -7.59 60.46 34.68
C VAL M 442 -6.50 59.77 35.49
N SER M 443 -6.17 60.37 36.63
CA SER M 443 -5.27 59.86 37.67
C SER M 443 -3.83 59.72 37.22
N MET M 444 -3.44 60.35 36.12
CA MET M 444 -2.03 60.46 35.77
C MET M 444 -1.73 61.85 35.25
N ASP M 445 -0.48 62.28 35.45
CA ASP M 445 -0.04 63.63 35.15
C ASP M 445 0.60 63.62 33.75
N LEU M 446 -0.25 63.58 32.74
CA LEU M 446 0.16 63.51 31.34
C LEU M 446 -0.49 64.64 30.57
N PRO M 447 0.11 65.05 29.45
CA PRO M 447 -0.56 66.01 28.57
C PRO M 447 -1.82 65.42 27.94
N ASP M 448 -2.65 66.32 27.41
CA ASP M 448 -4.00 65.95 27.00
C ASP M 448 -3.97 65.07 25.76
N ASN M 449 -3.27 65.50 24.72
CA ASN M 449 -3.23 64.74 23.47
C ASN M 449 -2.20 63.63 23.50
N THR M 450 -2.23 62.81 24.54
CA THR M 450 -1.30 61.71 24.64
C THR M 450 -1.81 60.48 23.91
N VAL M 451 -3.11 60.25 23.97
CA VAL M 451 -3.77 59.20 23.20
C VAL M 451 -4.85 59.84 22.33
N LEU M 452 -4.88 59.45 21.06
CA LEU M 452 -5.86 59.93 20.10
C LEU M 452 -6.62 58.74 19.53
N CYS M 453 -7.92 58.91 19.39
CA CYS M 453 -8.84 57.80 19.25
C CYS M 453 -9.73 58.01 18.03
N THR M 454 -9.99 56.92 17.32
CA THR M 454 -10.86 56.96 16.16
C THR M 454 -12.30 57.21 16.59
N PRO M 455 -13.00 58.16 15.97
CA PRO M 455 -14.41 58.36 16.28
C PRO M 455 -15.24 57.12 15.95
N ASN M 456 -16.26 56.89 16.78
CA ASN M 456 -17.01 55.64 16.87
C ASN M 456 -16.06 54.44 17.02
N ILE M 457 -15.36 54.43 18.14
CA ILE M 457 -14.47 53.31 18.44
C ILE M 457 -15.20 52.15 19.11
N SER M 458 -16.38 52.39 19.68
CA SER M 458 -17.10 51.34 20.38
C SER M 458 -17.69 50.32 19.42
N GLU M 459 -18.09 50.75 18.23
CA GLU M 459 -18.65 49.85 17.24
C GLU M 459 -17.57 49.16 16.41
N SER M 460 -16.33 49.67 16.44
CA SER M 460 -15.29 49.15 15.57
C SER M 460 -14.84 47.78 16.02
N ASN M 461 -14.74 46.85 15.08
CA ASN M 461 -14.36 45.49 15.42
C ASN M 461 -12.85 45.31 15.50
N THR M 462 -12.14 45.54 14.40
CA THR M 462 -10.70 45.32 14.35
C THR M 462 -10.00 46.63 14.64
N ILE M 463 -9.37 46.70 15.81
CA ILE M 463 -8.68 47.90 16.26
C ILE M 463 -7.19 47.61 16.35
N ILE M 464 -6.40 48.50 15.77
CA ILE M 464 -4.95 48.42 15.77
C ILE M 464 -4.44 49.60 16.57
N ILE M 465 -3.36 49.36 17.31
CA ILE M 465 -2.76 50.37 18.18
C ILE M 465 -1.41 50.72 17.62
N VAL M 466 -1.13 52.01 17.49
CA VAL M 466 0.19 52.49 17.15
C VAL M 466 0.77 53.25 18.32
N VAL M 467 1.98 52.89 18.70
CA VAL M 467 2.70 53.52 19.81
C VAL M 467 3.95 54.16 19.23
N HIS M 468 4.19 55.41 19.61
CA HIS M 468 5.34 56.10 19.02
C HIS M 468 5.81 57.18 19.95
N ASP M 469 7.08 57.50 19.84
CA ASP M 469 7.64 58.68 20.46
C ASP M 469 7.43 59.87 19.53
N THR M 470 8.00 61.02 19.89
CA THR M 470 7.98 62.16 18.99
C THR M 470 8.88 61.86 17.80
N SER M 471 8.37 62.12 16.60
CA SER M 471 9.01 61.67 15.37
C SER M 471 10.28 62.46 15.10
N ASP M 472 11.08 61.97 14.16
CA ASP M 472 12.46 62.42 14.06
C ASP M 472 12.57 63.78 13.38
N ILE M 473 13.73 64.41 13.62
CA ILE M 473 14.04 65.76 13.16
C ILE M 473 15.29 65.68 12.31
N TRP M 474 15.18 66.07 11.04
CA TRP M 474 16.33 66.20 10.17
C TRP M 474 16.65 67.67 9.98
N ALA M 475 17.89 68.03 10.25
CA ALA M 475 18.32 69.41 10.15
C ALA M 475 19.41 69.58 9.10
N LYS M 476 19.77 70.83 8.86
CA LYS M 476 20.80 71.18 7.88
C LYS M 476 21.86 72.04 8.52
N ARG M 477 23.11 71.60 8.42
CA ARG M 477 24.24 72.43 8.80
C ARG M 477 24.47 73.47 7.73
N ASN M 478 24.71 74.73 8.12
CA ASN M 478 25.10 75.70 7.11
C ASN M 478 26.54 75.43 6.70
N VAL M 479 26.78 75.44 5.40
CA VAL M 479 27.99 74.83 4.90
C VAL M 479 29.18 75.77 4.99
N ILE M 480 28.94 77.07 5.19
CA ILE M 480 30.05 78.00 5.19
C ILE M 480 30.86 77.90 6.48
N SER M 481 30.19 77.80 7.62
CA SER M 481 30.88 77.75 8.90
C SER M 481 29.95 77.15 9.94
N GLY M 482 30.35 76.02 10.52
CA GLY M 482 29.85 75.70 11.84
C GLY M 482 28.46 75.14 11.97
N THR M 483 27.54 76.03 12.35
CA THR M 483 26.36 75.69 13.13
C THR M 483 25.27 74.99 12.32
N ILE M 484 24.11 74.88 12.95
CA ILE M 484 22.94 74.25 12.37
C ILE M 484 21.85 75.29 12.17
N ASP M 485 21.23 75.30 11.01
CA ASP M 485 20.02 76.08 10.81
C ASP M 485 18.84 75.28 11.34
N LEU M 486 18.10 75.87 12.26
CA LEU M 486 16.93 75.17 12.77
C LEU M 486 15.70 75.41 11.90
N SER M 487 15.64 76.55 11.21
CA SER M 487 14.45 76.88 10.44
C SER M 487 14.34 76.02 9.20
N SER M 488 15.47 75.51 8.69
CA SER M 488 15.48 74.68 7.50
C SER M 488 15.50 73.20 7.85
N SER M 489 14.79 72.82 8.91
CA SER M 489 14.72 71.45 9.35
C SER M 489 13.33 70.90 9.11
N VAL M 490 13.21 69.58 9.19
CA VAL M 490 12.00 68.89 8.77
C VAL M 490 11.64 67.79 9.76
N ILE M 491 10.36 67.73 10.07
CA ILE M 491 9.79 66.64 10.86
C ILE M 491 9.52 65.47 9.92
N ILE M 492 9.93 64.28 10.31
CA ILE M 492 9.72 63.10 9.51
C ILE M 492 8.69 62.25 10.24
N ASP M 493 7.44 62.35 9.83
CA ASP M 493 6.41 61.46 10.35
C ASP M 493 6.68 60.03 9.91
N ASN M 494 6.39 59.09 10.79
CA ASN M 494 6.72 57.70 10.56
C ASN M 494 5.53 56.78 10.63
N SER M 495 4.53 57.10 11.44
CA SER M 495 3.40 56.22 11.62
C SER M 495 2.32 56.41 10.58
N LEU M 496 2.30 57.58 9.92
CA LEU M 496 1.11 58.06 9.22
C LEU M 496 0.71 57.16 8.06
N ASP M 497 1.67 56.49 7.43
CA ASP M 497 1.37 55.54 6.37
C ASP M 497 0.60 54.34 6.92
N PHE M 498 1.03 53.83 8.08
CA PHE M 498 0.31 52.75 8.74
C PHE M 498 -1.08 53.21 9.14
N ILE M 499 -1.19 54.45 9.62
CA ILE M 499 -2.46 55.00 10.06
C ILE M 499 -3.41 55.13 8.88
N LYS M 500 -2.90 55.61 7.75
CA LYS M 500 -3.74 55.78 6.57
C LYS M 500 -4.15 54.44 5.99
N TRP M 501 -3.23 53.47 6.00
CA TRP M 501 -3.56 52.15 5.49
C TRP M 501 -4.57 51.46 6.39
N GLY M 502 -4.53 51.75 7.69
CA GLY M 502 -5.57 51.23 8.56
C GLY M 502 -6.90 51.95 8.37
N LEU M 503 -6.84 53.25 8.09
CA LEU M 503 -8.07 54.03 7.98
C LEU M 503 -8.83 53.71 6.71
N ASP M 504 -8.12 53.45 5.61
CA ASP M 504 -8.84 53.21 4.37
C ASP M 504 -9.42 51.81 4.28
N ARG M 505 -9.18 50.95 5.26
CA ARG M 505 -9.81 49.65 5.30
C ARG M 505 -10.81 49.54 6.44
N LYS M 506 -11.16 50.68 7.06
CA LYS M 506 -12.18 50.80 8.10
C LYS M 506 -11.85 49.93 9.32
N TYR M 507 -10.68 50.18 9.89
CA TYR M 507 -10.27 49.54 11.13
C TYR M 507 -10.28 50.57 12.24
N GLY M 508 -10.45 50.10 13.47
CA GLY M 508 -10.27 50.97 14.62
C GLY M 508 -8.81 51.34 14.73
N ILE M 509 -8.51 52.62 14.93
CA ILE M 509 -7.14 53.09 14.94
C ILE M 509 -6.95 53.92 16.20
N ILE M 510 -6.05 53.48 17.09
CA ILE M 510 -5.73 54.24 18.29
C ILE M 510 -4.25 54.54 18.31
N ASP M 511 -3.90 55.79 18.62
CA ASP M 511 -2.52 56.25 18.65
C ASP M 511 -2.16 56.67 20.06
N VAL M 512 -0.93 56.33 20.50
CA VAL M 512 -0.37 56.87 21.72
C VAL M 512 1.04 57.40 21.44
N ASN M 513 1.35 58.51 22.09
CA ASN M 513 2.66 59.12 22.02
C ASN M 513 3.31 59.11 23.40
N ILE M 514 4.61 58.86 23.41
CA ILE M 514 5.37 58.87 24.65
C ILE M 514 6.55 59.80 24.46
N PRO M 515 6.56 60.95 25.12
CA PRO M 515 7.71 61.85 25.02
C PRO M 515 8.93 61.26 25.68
N LEU M 516 10.08 61.79 25.30
CA LEU M 516 11.34 61.35 25.88
C LEU M 516 11.76 62.32 26.96
N THR M 517 12.34 61.79 28.03
CA THR M 517 12.80 62.61 29.13
C THR M 517 14.19 63.15 28.84
N LEU M 518 14.44 64.36 29.32
CA LEU M 518 15.63 65.10 28.94
C LEU M 518 16.84 64.61 29.72
N PHE M 519 18.00 64.70 29.06
CA PHE M 519 19.32 64.44 29.66
C PHE M 519 19.44 63.03 30.22
N GLU M 520 18.84 62.07 29.52
CA GLU M 520 18.88 60.68 29.93
C GLU M 520 19.48 59.87 28.78
N PRO M 521 20.45 59.00 29.06
CA PRO M 521 20.99 58.15 27.98
C PRO M 521 19.99 57.16 27.46
N ASP M 522 19.26 56.50 28.34
CA ASP M 522 18.10 55.71 27.94
C ASP M 522 16.85 56.35 28.54
N ASN M 523 15.72 56.14 27.88
CA ASN M 523 14.47 56.72 28.37
C ASN M 523 13.77 55.77 29.32
N TYR M 524 14.49 55.47 30.41
CA TYR M 524 14.05 54.48 31.39
C TYR M 524 12.76 54.90 32.08
N SER M 525 12.72 56.14 32.56
CA SER M 525 11.49 56.69 33.13
C SER M 525 10.39 56.80 32.09
N GLY M 526 10.77 57.01 30.83
CA GLY M 526 9.78 56.96 29.76
C GLY M 526 9.23 55.57 29.55
N MET M 527 10.09 54.55 29.72
CA MET M 527 9.62 53.17 29.67
C MET M 527 8.64 52.89 30.80
N ILE M 528 8.93 53.45 31.98
CA ILE M 528 8.01 53.33 33.11
C ILE M 528 6.68 54.00 32.79
N THR M 529 6.74 55.18 32.18
CA THR M 529 5.53 55.91 31.83
C THR M 529 4.70 55.15 30.80
N SER M 530 5.37 54.50 29.86
CA SER M 530 4.67 53.75 28.83
C SER M 530 4.02 52.50 29.41
N GLN M 531 4.72 51.82 30.32
CA GLN M 531 4.13 50.69 31.01
C GLN M 531 2.90 51.10 31.79
N GLU M 532 2.98 52.24 32.48
CA GLU M 532 1.85 52.75 33.25
C GLU M 532 0.65 53.03 32.36
N VAL M 533 0.87 53.79 31.28
CA VAL M 533 -0.25 54.22 30.47
C VAL M 533 -0.82 53.04 29.68
N LEU M 534 0.01 52.07 29.30
CA LEU M 534 -0.47 50.91 28.55
C LEU M 534 -1.35 50.03 29.42
N ILE M 535 -0.89 49.75 30.66
CA ILE M 535 -1.69 48.96 31.58
C ILE M 535 -2.99 49.68 31.90
N TYR M 536 -2.92 51.01 32.03
CA TYR M 536 -4.10 51.83 32.28
C TYR M 536 -5.11 51.73 31.15
N LEU M 537 -4.66 51.91 29.90
CA LEU M 537 -5.61 51.93 28.80
C LEU M 537 -6.15 50.54 28.50
N TRP M 538 -5.38 49.51 28.79
CA TRP M 538 -5.91 48.16 28.63
C TRP M 538 -6.96 47.87 29.67
N ASP M 539 -6.76 48.34 30.90
CA ASP M 539 -7.73 48.05 31.95
C ASP M 539 -9.00 48.88 31.80
N ASN M 540 -8.85 50.18 31.54
CA ASN M 540 -10.02 51.06 31.61
C ASN M 540 -10.91 50.96 30.40
N TYR M 541 -10.37 50.66 29.23
CA TYR M 541 -11.20 50.80 28.04
C TYR M 541 -11.36 49.52 27.25
N ILE M 542 -10.29 48.77 27.06
CA ILE M 542 -10.32 47.66 26.10
C ILE M 542 -11.05 46.46 26.66
N LYS M 543 -10.98 46.24 27.99
CA LYS M 543 -11.69 45.13 28.60
C LYS M 543 -13.20 45.30 28.53
N TYR M 544 -13.69 46.53 28.39
CA TYR M 544 -15.10 46.81 28.48
C TYR M 544 -15.78 46.94 27.13
N PHE M 545 -15.04 46.83 26.04
CA PHE M 545 -15.64 47.05 24.73
C PHE M 545 -16.45 45.83 24.30
N PRO M 546 -17.70 46.02 23.89
CA PRO M 546 -18.52 44.88 23.43
C PRO M 546 -18.04 44.28 22.12
N SER M 547 -17.93 45.09 21.09
CA SER M 547 -17.54 44.62 19.76
C SER M 547 -16.03 44.81 19.64
N VAL M 548 -15.28 43.75 19.90
CA VAL M 548 -13.83 43.81 19.77
C VAL M 548 -13.31 42.42 19.41
N ALA M 549 -12.43 42.36 18.42
CA ALA M 549 -11.76 41.14 18.01
C ALA M 549 -10.54 41.52 17.19
N LYS M 550 -9.54 40.63 17.18
CA LYS M 550 -8.39 40.68 16.28
C LYS M 550 -7.59 41.97 16.42
N ILE M 551 -7.03 42.16 17.58
CA ILE M 551 -6.28 43.37 17.89
C ILE M 551 -4.83 43.16 17.46
N ALA M 552 -4.20 44.23 16.98
CA ALA M 552 -2.80 44.18 16.63
C ALA M 552 -2.13 45.45 17.15
N PHE M 553 -0.81 45.37 17.31
CA PHE M 553 -0.03 46.46 17.88
C PHE M 553 1.11 46.82 16.94
N ILE M 554 1.43 48.10 16.87
CA ILE M 554 2.41 48.63 15.94
C ILE M 554 3.50 49.31 16.76
N GLY M 555 4.64 48.64 16.95
CA GLY M 555 5.71 49.22 17.74
C GLY M 555 6.69 49.98 16.88
N ILE M 556 7.09 51.16 17.37
CA ILE M 556 8.00 52.04 16.64
C ILE M 556 9.08 52.54 17.58
N GLY M 557 10.34 52.22 17.26
CA GLY M 557 11.49 52.83 17.90
C GLY M 557 11.76 52.33 19.30
N ASP M 558 11.63 53.21 20.29
CA ASP M 558 11.60 52.82 21.69
C ASP M 558 10.16 52.52 22.07
N SER M 559 9.88 52.40 23.36
CA SER M 559 8.54 52.27 23.93
C SER M 559 7.83 50.99 23.47
N TYR M 560 8.59 50.03 22.95
CA TYR M 560 8.07 48.69 22.76
C TYR M 560 7.93 47.97 24.08
N SER M 561 8.64 48.44 25.10
CA SER M 561 8.54 47.89 26.44
C SER M 561 7.13 48.02 27.01
N GLY M 562 6.37 49.03 26.57
CA GLY M 562 4.98 49.13 26.96
C GLY M 562 4.16 47.95 26.47
N ILE M 563 4.35 47.54 25.22
CA ILE M 563 3.62 46.39 24.71
C ILE M 563 4.15 45.10 25.31
N VAL M 564 5.47 45.03 25.57
CA VAL M 564 6.04 43.84 26.17
C VAL M 564 5.51 43.63 27.58
N HIS M 565 5.44 44.70 28.36
CA HIS M 565 4.89 44.64 29.71
C HIS M 565 3.39 44.40 29.69
N LEU M 566 2.69 44.88 28.66
CA LEU M 566 1.27 44.57 28.54
C LEU M 566 1.06 43.10 28.22
N LEU M 567 1.96 42.52 27.41
CA LEU M 567 1.85 41.10 27.12
C LEU M 567 2.20 40.26 28.34
N GLY M 568 3.17 40.71 29.12
CA GLY M 568 3.60 39.95 30.27
C GLY M 568 2.66 40.00 31.45
N HIS M 569 2.39 41.19 31.97
CA HIS M 569 1.70 41.30 33.24
C HIS M 569 0.20 41.09 33.13
N ARG M 570 -0.34 40.91 31.93
CA ARG M 570 -1.71 40.47 31.78
C ARG M 570 -1.75 39.24 30.89
N ASP M 571 -2.95 38.83 30.51
CA ASP M 571 -3.13 37.87 29.44
C ASP M 571 -4.23 38.37 28.55
N THR M 572 -3.94 38.52 27.26
CA THR M 572 -4.92 39.04 26.33
C THR M 572 -4.86 38.33 24.98
N ARG M 573 -4.23 37.16 24.93
CA ARG M 573 -3.98 36.43 23.68
C ARG M 573 -5.25 35.89 23.04
N ALA M 574 -6.38 35.91 23.73
CA ALA M 574 -7.62 35.44 23.13
C ALA M 574 -8.17 36.43 22.13
N VAL M 575 -7.88 37.73 22.30
CA VAL M 575 -8.47 38.75 21.46
C VAL M 575 -7.44 39.44 20.55
N THR M 576 -6.20 39.59 21.00
CA THR M 576 -5.17 40.14 20.12
C THR M 576 -4.41 39.01 19.45
N LYS M 577 -3.81 39.33 18.33
CA LYS M 577 -3.27 38.24 17.51
C LYS M 577 -1.82 38.41 17.11
N THR M 578 -1.38 39.63 16.77
CA THR M 578 -0.05 39.78 16.19
C THR M 578 0.52 41.15 16.49
N VAL M 579 1.71 41.16 17.07
CA VAL M 579 2.44 42.38 17.32
C VAL M 579 3.51 42.52 16.25
N ILE M 580 3.93 43.77 16.01
CA ILE M 580 5.01 44.08 15.09
C ILE M 580 5.83 45.20 15.72
N ASN M 581 7.14 45.18 15.48
CA ASN M 581 7.95 46.30 15.97
C ASN M 581 9.13 46.53 15.05
N PHE M 582 9.36 47.80 14.75
CA PHE M 582 10.60 48.25 14.13
C PHE M 582 11.38 48.93 15.24
N LEU M 583 12.37 48.22 15.79
CA LEU M 583 13.15 48.77 16.89
C LEU M 583 14.08 49.87 16.41
N GLY M 584 14.86 49.59 15.39
CA GLY M 584 15.90 50.51 15.00
C GLY M 584 17.21 50.15 15.68
N ASP M 585 17.53 50.85 16.76
CA ASP M 585 18.86 50.74 17.32
C ASP M 585 18.92 50.71 18.85
N LYS M 586 17.77 50.71 19.53
CA LYS M 586 17.79 50.74 20.98
C LYS M 586 18.08 49.34 21.53
N GLN M 587 18.10 49.23 22.86
CA GLN M 587 18.26 47.93 23.49
C GLN M 587 16.99 47.10 23.34
N LEU M 588 17.18 45.78 23.27
CA LEU M 588 16.08 44.89 22.99
C LEU M 588 15.16 44.76 24.20
N LYS M 589 14.01 44.13 23.98
CA LYS M 589 12.96 44.03 24.99
C LYS M 589 12.72 42.57 25.34
N PRO M 590 13.32 42.06 26.41
CA PRO M 590 12.97 40.71 26.86
C PRO M 590 11.58 40.69 27.46
N LEU M 591 10.85 39.59 27.22
CA LEU M 591 9.50 39.44 27.73
C LEU M 591 9.52 38.55 28.97
N VAL M 592 8.94 39.04 30.06
CA VAL M 592 8.76 38.25 31.27
C VAL M 592 7.35 37.66 31.26
N PRO M 593 7.20 36.35 31.27
CA PRO M 593 5.86 35.76 31.38
C PRO M 593 5.45 35.55 32.83
N LEU M 594 4.28 36.05 33.20
CA LEU M 594 3.78 35.90 34.56
C LEU M 594 2.51 35.09 34.65
N VAL M 595 1.57 35.32 33.74
CA VAL M 595 0.29 34.61 33.80
C VAL M 595 0.47 33.16 33.36
N ASP M 596 1.39 32.90 32.43
CA ASP M 596 1.52 31.57 31.88
C ASP M 596 2.97 31.34 31.49
N GLU M 597 3.23 30.19 30.86
CA GLU M 597 4.52 29.92 30.23
C GLU M 597 4.42 29.53 28.78
N THR M 598 3.26 29.07 28.30
CA THR M 598 3.03 28.93 26.87
C THR M 598 2.80 30.28 26.20
N LEU M 599 2.57 31.32 27.00
CA LEU M 599 2.51 32.69 26.49
C LEU M 599 3.83 33.11 25.85
N SER M 600 4.96 32.60 26.36
CA SER M 600 6.24 32.86 25.72
C SER M 600 6.31 32.28 24.31
N GLU M 601 5.82 31.05 24.15
CA GLU M 601 5.83 30.45 22.83
C GLU M 601 4.85 31.15 21.90
N TRP M 602 3.69 31.57 22.43
CA TRP M 602 2.73 32.31 21.64
C TRP M 602 3.26 33.68 21.23
N TYR M 603 4.06 34.31 22.09
CA TYR M 603 4.72 35.54 21.73
C TYR M 603 5.79 35.31 20.67
N PHE M 604 6.48 34.17 20.74
CA PHE M 604 7.44 33.87 19.69
C PHE M 604 6.74 33.59 18.36
N LYS M 605 5.50 33.11 18.41
CA LYS M 605 4.85 32.67 17.20
C LYS M 605 4.47 33.84 16.29
N ASN M 606 3.57 34.70 16.76
CA ASN M 606 3.02 35.75 15.90
C ASN M 606 3.64 37.10 16.24
N SER M 607 4.90 37.27 15.84
CA SER M 607 5.62 38.49 16.16
C SER M 607 6.84 38.62 15.28
N LEU M 608 7.17 39.87 14.94
CA LEU M 608 8.37 40.16 14.19
C LEU M 608 8.95 41.48 14.67
N ILE M 609 10.27 41.46 14.87
CA ILE M 609 11.05 42.61 15.32
C ILE M 609 12.01 42.93 14.19
N PHE M 610 12.25 44.21 13.94
CA PHE M 610 13.13 44.62 12.86
C PHE M 610 14.21 45.56 13.38
N SER M 611 15.47 45.19 13.18
CA SER M 611 16.56 45.98 13.75
C SER M 611 17.48 46.49 12.65
N ASN M 612 18.53 47.19 13.08
CA ASN M 612 19.51 47.76 12.17
C ASN M 612 20.40 46.67 11.59
N ASN M 613 21.10 47.02 10.52
CA ASN M 613 22.16 46.17 10.02
C ASN M 613 23.43 46.30 10.83
N SER M 614 23.63 47.43 11.49
CA SER M 614 24.82 47.71 12.27
C SER M 614 24.51 47.75 13.76
N HIS M 615 23.64 46.84 14.20
CA HIS M 615 23.32 46.74 15.60
C HIS M 615 24.48 46.13 16.37
N GLN M 616 24.40 46.23 17.70
CA GLN M 616 25.45 45.72 18.58
C GLN M 616 25.57 44.21 18.54
N CYS M 617 24.51 43.50 18.17
CA CYS M 617 24.57 42.06 18.02
C CYS M 617 25.14 41.72 16.64
N TRP M 618 24.99 40.45 16.24
CA TRP M 618 25.48 39.90 14.96
C TRP M 618 26.98 40.04 14.81
N LYS M 619 27.70 39.86 15.92
CA LYS M 619 29.16 39.95 15.91
C LYS M 619 29.79 38.70 16.51
N LYS M 625 20.80 33.13 16.56
CA LYS M 625 21.81 33.49 17.55
C LYS M 625 21.35 34.35 18.76
N PRO M 626 20.35 35.22 18.63
CA PRO M 626 19.72 35.76 19.84
C PRO M 626 18.89 34.71 20.56
N ARG M 627 18.67 34.95 21.85
CA ARG M 627 17.84 34.06 22.63
C ARG M 627 16.37 34.27 22.32
N LYS M 628 15.60 33.18 22.42
CA LYS M 628 14.18 33.18 22.08
C LYS M 628 13.30 34.00 23.02
N LYS M 629 13.84 34.51 24.14
CA LYS M 629 12.99 35.34 25.00
C LYS M 629 12.73 36.72 24.43
N PHE M 630 13.37 37.06 23.31
CA PHE M 630 13.09 38.29 22.61
C PHE M 630 12.10 38.13 21.46
N GLY M 631 11.96 36.93 20.91
CA GLY M 631 10.87 36.69 19.97
C GLY M 631 11.04 37.12 18.53
N ARG M 632 11.93 36.44 17.80
CA ARG M 632 12.03 36.49 16.33
C ARG M 632 12.38 37.89 15.83
N VAL M 633 13.59 38.30 16.18
CA VAL M 633 14.16 39.52 15.63
C VAL M 633 14.65 39.25 14.20
N LEU M 634 14.78 40.31 13.41
CA LEU M 634 15.23 40.20 12.04
C LEU M 634 16.20 41.32 11.71
N ARG M 635 17.35 40.94 11.17
CA ARG M 635 18.40 41.86 10.80
C ARG M 635 18.11 42.37 9.40
N CYS M 636 17.66 43.61 9.30
CA CYS M 636 17.52 44.22 7.99
C CYS M 636 18.89 44.66 7.49
N ASP M 637 18.93 45.18 6.28
CA ASP M 637 20.19 45.44 5.59
C ASP M 637 20.49 46.92 5.44
N THR M 638 19.66 47.80 5.98
CA THR M 638 19.91 49.24 5.90
C THR M 638 19.96 49.82 7.31
N ASP M 639 20.09 51.14 7.37
CA ASP M 639 20.16 51.85 8.64
C ASP M 639 19.04 52.87 8.72
N GLY M 640 18.78 53.34 9.93
CA GLY M 640 17.74 54.32 10.15
C GLY M 640 16.35 53.72 10.15
N LEU M 641 15.46 54.25 10.99
CA LEU M 641 14.13 53.69 11.10
C LEU M 641 13.30 53.98 9.85
N ASN M 642 13.54 55.14 9.23
CA ASN M 642 12.76 55.54 8.08
C ASN M 642 12.98 54.60 6.90
N ASN M 643 14.23 54.21 6.69
CA ASN M 643 14.56 53.35 5.55
C ASN M 643 14.00 51.95 5.73
N ILE M 644 14.06 51.41 6.93
CA ILE M 644 13.54 50.06 7.12
C ILE M 644 12.01 50.07 7.13
N ILE M 645 11.40 51.18 7.57
CA ILE M 645 9.94 51.29 7.48
C ILE M 645 9.51 51.32 6.02
N GLU M 646 10.10 52.22 5.24
CA GLU M 646 9.74 52.32 3.83
C GLU M 646 10.27 51.15 3.01
N GLU M 647 11.12 50.31 3.57
CA GLU M 647 11.59 49.11 2.90
C GLU M 647 10.65 47.93 3.15
N ARG M 648 10.39 47.61 4.41
CA ARG M 648 9.63 46.41 4.74
C ARG M 648 8.20 46.73 5.13
N PHE M 649 7.69 47.89 4.74
CA PHE M 649 6.30 48.24 5.01
C PHE M 649 5.34 47.27 4.35
N GLU M 650 5.66 46.84 3.14
CA GLU M 650 4.80 45.90 2.44
C GLU M 650 4.79 44.53 3.12
N GLU M 651 5.96 44.08 3.57
CA GLU M 651 6.05 42.78 4.23
C GLU M 651 5.31 42.79 5.56
N ALA M 652 5.46 43.89 6.32
CA ALA M 652 4.75 43.99 7.59
C ALA M 652 3.24 44.09 7.38
N THR M 653 2.80 44.86 6.38
CA THR M 653 1.36 45.03 6.19
C THR M 653 0.75 43.77 5.58
N ASP M 654 1.56 42.98 4.87
CA ASP M 654 1.11 41.69 4.40
C ASP M 654 1.00 40.70 5.55
N PHE M 655 1.91 40.79 6.52
CA PHE M 655 1.83 39.94 7.70
C PHE M 655 0.59 40.26 8.53
N ILE M 656 0.25 41.55 8.63
CA ILE M 656 -0.95 41.94 9.34
C ILE M 656 -2.19 41.42 8.62
N LEU M 657 -2.21 41.52 7.29
CA LEU M 657 -3.32 40.95 6.55
C LEU M 657 -3.33 39.43 6.57
N ASP M 658 -2.19 38.81 6.80
CA ASP M 658 -2.11 37.36 6.98
C ASP M 658 -2.66 36.94 8.34
N SER M 659 -2.57 37.85 9.32
CA SER M 659 -3.01 37.53 10.67
C SER M 659 -4.51 37.33 10.75
N PHE M 660 -5.27 38.12 10.01
CA PHE M 660 -6.72 38.08 10.07
C PHE M 660 -7.26 37.00 9.15
N GLU M 661 -8.56 37.03 8.91
CA GLU M 661 -9.22 36.09 8.01
C GLU M 661 -8.76 36.27 6.57
N GLU N 1 81.78 38.15 -4.51
CA GLU N 1 81.54 39.01 -3.36
C GLU N 1 80.68 38.33 -2.32
N ASN N 2 79.51 37.88 -2.75
CA ASN N 2 78.52 37.33 -1.82
C ASN N 2 78.91 35.94 -1.35
N SER N 3 78.51 35.63 -0.13
CA SER N 3 78.61 34.28 0.40
C SER N 3 77.43 33.41 -0.01
N LEU N 4 76.34 34.01 -0.50
CA LEU N 4 75.22 33.26 -1.03
C LEU N 4 75.65 32.49 -2.27
N SER N 5 75.98 33.23 -3.35
CA SER N 5 76.80 32.81 -4.49
C SER N 5 76.48 31.45 -5.08
N THR N 6 75.32 31.30 -5.72
CA THR N 6 74.86 30.01 -6.22
C THR N 6 75.80 29.45 -7.28
N THR N 7 75.99 28.14 -7.23
CA THR N 7 77.01 27.48 -8.04
C THR N 7 76.44 26.19 -8.62
N SER N 8 76.00 26.26 -9.87
CA SER N 8 75.50 25.08 -10.57
C SER N 8 75.63 25.34 -12.06
N LYS N 9 76.54 24.63 -12.72
CA LYS N 9 76.71 24.76 -14.16
C LYS N 9 75.86 23.70 -14.83
N SER N 10 74.62 24.08 -15.15
CA SER N 10 73.68 23.23 -15.86
C SER N 10 72.64 24.13 -16.48
N LYS N 11 72.14 23.72 -17.65
CA LYS N 11 71.11 24.49 -18.33
C LYS N 11 69.79 24.33 -17.58
N ARG N 12 69.22 25.45 -17.14
CA ARG N 12 67.93 25.42 -16.47
C ARG N 12 66.84 25.02 -17.44
N GLN N 13 65.95 24.14 -16.99
CA GLN N 13 64.87 23.68 -17.85
C GLN N 13 63.83 24.78 -18.01
N VAL N 14 63.22 24.82 -19.19
CA VAL N 14 62.31 25.92 -19.53
C VAL N 14 61.01 25.77 -18.78
N ILE N 15 60.48 26.88 -18.29
CA ILE N 15 59.28 26.87 -17.47
C ILE N 15 58.07 27.34 -18.27
N VAL N 16 58.13 28.58 -18.77
CA VAL N 16 57.01 29.14 -19.51
C VAL N 16 57.43 29.39 -20.95
N PRO N 17 56.49 29.44 -21.90
CA PRO N 17 56.79 29.92 -23.24
C PRO N 17 56.49 31.40 -23.39
N VAL N 18 57.10 32.00 -24.40
CA VAL N 18 56.90 33.41 -24.71
C VAL N 18 55.70 33.55 -25.64
N CYS N 19 54.73 34.35 -25.23
CA CYS N 19 53.47 34.55 -25.95
C CYS N 19 53.27 36.04 -26.19
N MET N 20 52.18 36.38 -26.85
CA MET N 20 51.80 37.78 -26.99
C MET N 20 51.36 38.33 -25.64
N PRO N 21 51.81 39.53 -25.27
CA PRO N 21 51.44 40.08 -23.95
C PRO N 21 49.97 40.47 -23.90
N LYS N 22 49.32 40.10 -22.80
CA LYS N 22 47.88 40.27 -22.67
C LYS N 22 47.52 41.66 -22.14
N ILE N 23 47.90 42.66 -22.90
CA ILE N 23 47.50 44.03 -22.62
C ILE N 23 46.74 44.54 -23.83
N HIS N 24 45.86 45.52 -23.59
CA HIS N 24 45.08 46.09 -24.68
C HIS N 24 45.08 47.61 -24.67
N TYR N 25 45.97 48.23 -23.91
CA TYR N 25 46.13 49.69 -23.97
C TYR N 25 47.60 50.01 -24.13
N SER N 26 47.89 50.93 -25.05
CA SER N 26 49.17 51.57 -25.32
C SER N 26 50.31 50.66 -25.76
N PRO N 27 50.11 49.72 -26.69
CA PRO N 27 51.06 49.62 -27.80
C PRO N 27 50.48 50.35 -28.99
N LEU N 28 49.24 50.81 -28.81
CA LEU N 28 48.47 51.45 -29.85
C LEU N 28 48.69 52.97 -29.80
N LYS N 29 48.05 53.68 -30.73
CA LYS N 29 48.25 55.11 -30.87
C LYS N 29 46.98 55.85 -30.47
N THR N 30 46.98 57.16 -30.68
CA THR N 30 45.85 58.01 -30.39
C THR N 30 45.30 58.57 -31.69
N GLY N 31 43.99 58.41 -31.90
CA GLY N 31 43.40 58.81 -33.15
C GLY N 31 43.21 60.30 -33.24
N LEU N 32 43.38 60.83 -34.45
CA LEU N 32 43.20 62.24 -34.72
C LEU N 32 42.25 62.39 -35.90
N CYS N 33 41.37 63.38 -35.82
CA CYS N 33 40.49 63.70 -36.92
C CYS N 33 40.66 65.16 -37.32
N TYR N 34 40.85 65.38 -38.62
CA TYR N 34 41.11 66.70 -39.18
C TYR N 34 40.86 66.66 -40.67
N ASP N 35 40.28 67.74 -41.20
CA ASP N 35 40.23 67.96 -42.63
C ASP N 35 40.11 69.45 -42.90
N VAL N 36 40.71 69.88 -44.01
CA VAL N 36 40.64 71.28 -44.42
C VAL N 36 39.29 71.66 -44.99
N ARG N 37 38.43 70.69 -45.28
CA ARG N 37 37.12 70.97 -45.84
C ARG N 37 36.17 71.62 -44.84
N MET N 38 36.53 71.67 -43.57
CA MET N 38 35.80 72.46 -42.61
C MET N 38 36.11 73.94 -42.73
N ARG N 39 37.21 74.30 -43.38
CA ARG N 39 37.58 75.70 -43.53
C ARG N 39 36.88 76.38 -44.68
N TYR N 40 35.94 75.70 -45.34
CA TYR N 40 35.17 76.30 -46.43
C TYR N 40 34.21 77.35 -45.89
N HIS N 41 33.64 77.08 -44.72
CA HIS N 41 32.53 77.86 -44.18
C HIS N 41 33.05 79.09 -43.47
N ALA N 42 32.78 80.26 -44.04
CA ALA N 42 33.22 81.53 -43.47
C ALA N 42 32.02 82.47 -43.38
N LYS N 43 32.28 83.69 -42.92
CA LYS N 43 31.25 84.68 -42.69
C LYS N 43 31.23 85.72 -43.81
N ILE N 44 30.04 86.23 -44.09
CA ILE N 44 29.86 87.29 -45.08
C ILE N 44 30.03 88.62 -44.36
N PHE N 45 31.10 89.35 -44.67
CA PHE N 45 31.32 90.68 -44.12
C PHE N 45 30.26 91.62 -44.67
N THR N 46 29.32 92.01 -43.82
CA THR N 46 28.12 92.69 -44.28
C THR N 46 27.99 94.11 -43.76
N SER N 47 28.26 94.33 -42.47
CA SER N 47 28.00 95.62 -41.85
C SER N 47 28.99 96.66 -42.34
N TYR N 48 30.27 96.47 -42.05
CA TYR N 48 31.32 97.35 -42.52
C TYR N 48 32.61 96.52 -42.51
N PHE N 49 33.74 97.21 -42.67
CA PHE N 49 35.05 96.57 -42.58
C PHE N 49 35.28 96.26 -41.10
N GLU N 50 34.71 95.14 -40.66
CA GLU N 50 34.84 94.66 -39.29
C GLU N 50 35.97 93.66 -39.13
N TYR N 51 37.03 93.80 -39.93
CA TYR N 51 38.12 92.84 -39.89
C TYR N 51 38.95 92.99 -38.62
N ILE N 52 38.91 94.14 -37.97
CA ILE N 52 39.69 94.33 -36.75
C ILE N 52 39.06 93.55 -35.61
N ASP N 53 37.73 93.50 -35.59
CA ASP N 53 36.97 92.67 -34.67
C ASP N 53 36.25 91.56 -35.44
N PRO N 54 36.94 90.48 -35.79
CA PRO N 54 36.26 89.35 -36.42
C PRO N 54 35.43 88.61 -35.40
N HIS N 55 34.41 87.91 -35.89
CA HIS N 55 33.69 87.03 -35.00
C HIS N 55 34.62 85.88 -34.65
N PRO N 56 34.73 85.51 -33.39
CA PRO N 56 35.73 84.53 -32.98
C PRO N 56 35.45 83.08 -33.37
N GLU N 57 34.45 82.83 -34.23
CA GLU N 57 34.29 81.53 -34.87
C GLU N 57 34.78 81.64 -36.31
N ASP N 58 36.04 81.32 -36.51
CA ASP N 58 36.76 81.41 -37.76
C ASP N 58 37.53 80.12 -38.01
N PRO N 59 37.86 79.81 -39.27
CA PRO N 59 38.54 78.52 -39.54
C PRO N 59 39.97 78.39 -39.01
N ARG N 60 40.62 79.46 -38.59
CA ARG N 60 42.05 79.34 -38.34
C ARG N 60 42.41 78.75 -36.98
N ARG N 61 41.43 78.52 -36.10
CA ARG N 61 41.72 77.96 -34.78
C ARG N 61 42.22 76.53 -34.89
N ILE N 62 41.58 75.75 -35.77
CA ILE N 62 42.05 74.39 -36.06
C ILE N 62 43.46 74.42 -36.60
N TYR N 63 43.77 75.45 -37.40
CA TYR N 63 45.12 75.58 -37.92
C TYR N 63 46.11 75.91 -36.82
N ARG N 64 45.69 76.68 -35.81
CA ARG N 64 46.56 76.96 -34.67
C ARG N 64 46.83 75.69 -33.88
N ILE N 65 45.79 74.88 -33.67
CA ILE N 65 45.93 73.65 -32.91
C ILE N 65 46.83 72.66 -33.64
N TYR N 66 46.59 72.51 -34.94
CA TYR N 66 47.41 71.62 -35.76
C TYR N 66 48.83 72.11 -35.87
N LYS N 67 49.01 73.44 -35.80
CA LYS N 67 50.34 74.03 -35.78
C LYS N 67 51.06 73.68 -34.51
N ILE N 68 50.36 73.74 -33.38
CA ILE N 68 51.01 73.49 -32.09
C ILE N 68 51.40 72.02 -31.98
N LEU N 69 50.50 71.13 -32.40
CA LEU N 69 50.77 69.71 -32.33
C LEU N 69 51.91 69.31 -33.25
N ALA N 70 52.02 69.94 -34.41
CA ALA N 70 53.21 69.70 -35.20
C ALA N 70 54.43 70.37 -34.59
N GLU N 71 54.24 71.48 -33.89
CA GLU N 71 55.33 72.24 -33.30
C GLU N 71 55.91 71.60 -32.06
N ASN N 72 55.26 70.60 -31.48
CA ASN N 72 55.82 69.94 -30.32
C ASN N 72 56.18 68.48 -30.59
N GLY N 73 56.58 68.19 -31.83
CA GLY N 73 57.13 66.88 -32.13
C GLY N 73 56.13 65.75 -32.16
N LEU N 74 54.84 66.06 -32.23
CA LEU N 74 53.85 64.99 -32.28
C LEU N 74 53.58 64.58 -33.71
N ILE N 75 53.33 65.55 -34.58
CA ILE N 75 53.00 65.30 -35.97
C ILE N 75 54.27 65.44 -36.80
N ASN N 76 54.52 64.47 -37.68
CA ASN N 76 55.63 64.58 -38.62
C ASN N 76 55.17 65.04 -39.99
N ASP N 77 54.12 65.86 -40.04
CA ASP N 77 53.62 66.43 -41.28
C ASP N 77 54.03 67.88 -41.38
N PRO N 78 55.00 68.24 -42.21
CA PRO N 78 55.46 69.63 -42.25
C PRO N 78 54.50 70.56 -42.94
N THR N 79 53.85 70.09 -44.01
CA THR N 79 53.07 70.95 -44.88
C THR N 79 51.74 71.37 -44.29
N LEU N 80 51.33 70.78 -43.16
CA LEU N 80 50.09 71.11 -42.44
C LEU N 80 48.86 70.91 -43.31
N SER N 81 48.91 69.90 -44.17
CA SER N 81 47.74 69.38 -44.86
C SER N 81 47.49 67.96 -44.39
N GLY N 82 46.25 67.50 -44.56
CA GLY N 82 45.90 66.19 -44.09
C GLY N 82 46.56 65.08 -44.87
N VAL N 83 47.54 64.42 -44.26
CA VAL N 83 48.19 63.25 -44.84
C VAL N 83 47.86 62.04 -43.98
N ASP N 84 48.31 60.87 -44.40
CA ASP N 84 48.06 59.67 -43.61
C ASP N 84 49.26 59.28 -42.76
N ASP N 85 50.47 59.46 -43.27
CA ASP N 85 51.68 59.15 -42.53
C ASP N 85 51.89 60.26 -41.51
N LEU N 86 51.47 60.04 -40.28
CA LEU N 86 51.71 61.01 -39.23
C LEU N 86 52.96 60.68 -38.44
N GLY N 87 53.24 59.41 -38.23
CA GLY N 87 54.41 59.00 -37.48
C GLY N 87 54.22 57.78 -36.61
N ASP N 88 54.48 57.90 -35.32
CA ASP N 88 54.48 56.76 -34.41
C ASP N 88 53.60 56.93 -33.20
N LEU N 89 53.22 58.14 -32.83
CA LEU N 89 52.42 58.33 -31.63
C LEU N 89 50.93 58.42 -31.93
N MET N 90 50.57 58.77 -33.16
CA MET N 90 49.18 58.97 -33.52
C MET N 90 48.90 58.34 -34.86
N LEU N 91 47.62 58.23 -35.17
CA LEU N 91 47.16 57.72 -36.45
C LEU N 91 46.10 58.68 -36.96
N LYS N 92 46.29 59.19 -38.17
CA LYS N 92 45.28 60.05 -38.77
C LYS N 92 44.08 59.21 -39.15
N ILE N 93 42.91 59.57 -38.62
CA ILE N 93 41.68 58.91 -39.02
C ILE N 93 41.13 59.68 -40.21
N PRO N 94 40.71 59.00 -41.26
CA PRO N 94 39.98 59.68 -42.33
C PRO N 94 38.61 60.15 -41.90
N VAL N 95 37.90 60.85 -42.78
CA VAL N 95 36.60 61.42 -42.43
C VAL N 95 35.73 61.43 -43.68
N ARG N 96 34.47 61.03 -43.51
CA ARG N 96 33.48 61.23 -44.55
C ARG N 96 32.32 62.00 -43.93
N ALA N 97 31.52 62.63 -44.77
CA ALA N 97 30.46 63.47 -44.24
C ALA N 97 29.28 62.61 -43.80
N ALA N 98 28.35 63.25 -43.09
CA ALA N 98 27.20 62.55 -42.56
C ALA N 98 26.15 62.41 -43.66
N THR N 99 25.58 61.23 -43.80
CA THR N 99 24.49 61.04 -44.74
C THR N 99 23.20 61.57 -44.14
N SER N 100 22.13 61.48 -44.93
CA SER N 100 20.83 61.95 -44.44
C SER N 100 20.28 60.98 -43.41
N GLU N 101 20.54 59.68 -43.59
CA GLU N 101 19.91 58.64 -42.80
C GLU N 101 20.34 58.73 -41.34
N GLU N 102 21.62 58.96 -41.10
CA GLU N 102 22.10 59.10 -39.74
C GLU N 102 21.77 60.46 -39.16
N ILE N 103 21.59 61.48 -40.01
CA ILE N 103 21.31 62.82 -39.49
C ILE N 103 19.82 63.06 -39.25
N LEU N 104 18.95 62.23 -39.80
CA LEU N 104 17.54 62.33 -39.48
C LEU N 104 17.18 61.57 -38.22
N GLU N 105 18.16 60.91 -37.60
CA GLU N 105 17.89 60.10 -36.41
C GLU N 105 17.48 60.96 -35.23
N VAL N 106 18.13 62.10 -35.07
CA VAL N 106 17.79 63.03 -34.00
C VAL N 106 17.20 64.33 -34.53
N HIS N 107 17.51 64.73 -35.75
CA HIS N 107 16.97 65.95 -36.31
C HIS N 107 15.78 65.65 -37.21
N THR N 108 14.93 66.65 -37.37
CA THR N 108 13.67 66.49 -38.06
C THR N 108 13.82 66.68 -39.56
N LYS N 109 12.74 66.37 -40.30
CA LYS N 109 12.72 66.57 -41.74
C LYS N 109 12.77 68.03 -42.09
N GLU N 110 12.06 68.86 -41.33
CA GLU N 110 11.89 70.28 -41.66
C GLU N 110 13.21 71.03 -41.54
N HIS N 111 13.99 70.71 -40.51
CA HIS N 111 15.30 71.33 -40.35
C HIS N 111 16.24 70.91 -41.46
N LEU N 112 16.15 69.67 -41.92
CA LEU N 112 17.01 69.22 -43.00
C LEU N 112 16.63 69.86 -44.33
N GLU N 113 15.33 70.02 -44.57
CA GLU N 113 14.89 70.75 -45.76
C GLU N 113 15.30 72.21 -45.69
N PHE N 114 15.27 72.80 -44.50
CA PHE N 114 15.70 74.19 -44.32
C PHE N 114 17.18 74.36 -44.65
N ILE N 115 18.03 73.49 -44.08
CA ILE N 115 19.46 73.64 -44.34
C ILE N 115 19.81 73.21 -45.76
N GLU N 116 19.00 72.34 -46.36
CA GLU N 116 19.25 71.96 -47.73
C GLU N 116 18.82 73.06 -48.70
N SER N 117 17.79 73.82 -48.35
CA SER N 117 17.36 74.92 -49.18
C SER N 117 18.27 76.13 -49.05
N THR N 118 18.88 76.33 -47.88
CA THR N 118 19.71 77.51 -47.67
C THR N 118 21.11 77.40 -48.28
N GLU N 119 21.40 76.34 -49.03
CA GLU N 119 22.70 76.23 -49.69
C GLU N 119 22.82 77.24 -50.83
N LYS N 120 21.83 77.26 -51.73
CA LYS N 120 21.91 77.99 -52.98
C LYS N 120 20.97 79.20 -53.00
N MET N 121 20.90 79.91 -51.87
CA MET N 121 20.05 81.09 -51.79
C MET N 121 20.75 82.29 -52.42
N SER N 122 20.14 83.46 -52.27
CA SER N 122 20.72 84.70 -52.76
C SER N 122 21.70 85.25 -51.73
N ARG N 123 22.16 86.47 -51.94
CA ARG N 123 22.92 87.14 -50.90
C ARG N 123 21.98 87.67 -49.82
N GLU N 124 20.93 88.38 -50.24
CA GLU N 124 20.05 89.04 -49.29
C GLU N 124 19.18 88.06 -48.53
N GLU N 125 18.85 86.90 -49.13
CA GLU N 125 18.08 85.89 -48.41
C GLU N 125 18.90 85.27 -47.29
N LEU N 126 20.20 85.02 -47.55
CA LEU N 126 21.09 84.51 -46.51
C LEU N 126 21.29 85.55 -45.42
N LEU N 127 21.35 86.83 -45.79
CA LEU N 127 21.46 87.87 -44.76
C LEU N 127 20.19 87.97 -43.94
N LYS N 128 19.03 87.78 -44.56
CA LYS N 128 17.77 87.85 -43.83
C LYS N 128 17.59 86.67 -42.89
N GLU N 129 18.01 85.47 -43.31
CA GLU N 129 17.95 84.35 -42.38
C GLU N 129 19.04 84.42 -41.32
N THR N 130 20.15 85.11 -41.61
CA THR N 130 21.17 85.34 -40.58
C THR N 130 20.63 86.26 -39.49
N GLU N 131 19.98 87.36 -39.89
CA GLU N 131 19.36 88.20 -38.86
C GLU N 131 18.09 87.61 -38.27
N LYS N 132 17.53 86.57 -38.89
CA LYS N 132 16.33 85.97 -38.35
C LYS N 132 16.63 85.10 -37.13
N GLY N 133 17.73 84.34 -37.17
CA GLY N 133 18.05 83.40 -36.11
C GLY N 133 18.88 84.01 -34.99
N ASP N 134 18.88 83.31 -33.86
CA ASP N 134 19.51 83.80 -32.63
C ASP N 134 21.01 83.53 -32.69
N SER N 135 21.77 84.56 -33.10
CA SER N 135 23.24 84.56 -33.16
C SER N 135 23.76 83.42 -34.02
N VAL N 136 23.37 83.44 -35.29
CA VAL N 136 23.83 82.50 -36.29
C VAL N 136 24.26 83.26 -37.53
N TYR N 137 24.86 82.54 -38.46
CA TYR N 137 25.15 83.09 -39.78
C TYR N 137 25.19 81.95 -40.77
N PHE N 138 24.56 82.17 -41.91
CA PHE N 138 24.49 81.19 -42.97
C PHE N 138 25.49 81.56 -44.05
N ASN N 139 25.63 80.68 -45.03
CA ASN N 139 26.51 80.96 -46.15
C ASN N 139 26.08 80.17 -47.37
N ASN N 140 26.56 80.63 -48.53
CA ASN N 140 26.51 79.80 -49.73
C ASN N 140 27.34 78.54 -49.49
N ASP N 141 28.51 78.70 -48.89
CA ASP N 141 29.40 77.59 -48.58
C ASP N 141 29.18 77.16 -47.13
N SER N 142 28.03 76.54 -46.89
CA SER N 142 27.67 76.13 -45.55
C SER N 142 27.11 74.72 -45.42
N TYR N 143 26.57 74.15 -46.49
CA TYR N 143 25.83 72.91 -46.34
C TYR N 143 26.73 71.70 -46.23
N ALA N 144 27.68 71.57 -47.16
CA ALA N 144 28.54 70.40 -47.15
C ALA N 144 29.55 70.45 -46.01
N SER N 145 29.90 71.64 -45.53
CA SER N 145 30.78 71.74 -44.37
C SER N 145 30.04 71.56 -43.05
N ALA N 146 28.71 71.45 -43.09
CA ALA N 146 27.92 71.11 -41.91
C ALA N 146 27.54 69.64 -41.88
N ARG N 147 28.03 68.84 -42.81
CA ARG N 147 27.83 67.40 -42.79
C ARG N 147 29.09 66.65 -42.42
N LEU N 148 30.23 67.31 -42.44
CA LEU N 148 31.51 66.77 -41.96
C LEU N 148 31.70 66.67 -40.44
N PRO N 149 31.18 67.58 -39.58
CA PRO N 149 31.35 67.36 -38.13
C PRO N 149 30.77 66.08 -37.58
N CYS N 150 29.53 65.75 -37.94
CA CYS N 150 28.91 64.52 -37.46
C CYS N 150 29.65 63.29 -37.97
N GLY N 151 30.14 63.37 -39.21
CA GLY N 151 30.92 62.27 -39.74
C GLY N 151 32.26 62.10 -39.04
N GLY N 152 32.91 63.22 -38.70
CA GLY N 152 34.19 63.14 -38.01
C GLY N 152 34.05 62.56 -36.62
N ALA N 153 33.00 62.99 -35.90
CA ALA N 153 32.74 62.45 -34.58
C ALA N 153 32.38 60.97 -34.65
N ILE N 154 31.58 60.60 -35.65
CA ILE N 154 31.15 59.21 -35.78
C ILE N 154 32.33 58.31 -36.13
N GLU N 155 33.23 58.80 -36.99
CA GLU N 155 34.37 57.96 -37.36
C GLU N 155 35.37 57.83 -36.22
N ALA N 156 35.58 58.91 -35.45
CA ALA N 156 36.45 58.82 -34.28
C ALA N 156 35.89 57.86 -33.24
N CYS N 157 34.59 57.94 -33.01
CA CYS N 157 33.96 57.09 -32.01
C CYS N 157 33.93 55.64 -32.45
N LYS N 158 33.71 55.39 -33.75
CA LYS N 158 33.72 54.01 -34.22
C LYS N 158 35.12 53.43 -34.22
N ALA N 159 36.14 54.24 -34.47
CA ALA N 159 37.50 53.71 -34.38
C ALA N 159 37.87 53.41 -32.93
N VAL N 160 37.33 54.15 -31.98
CA VAL N 160 37.58 53.82 -30.58
C VAL N 160 36.83 52.56 -30.20
N VAL N 161 35.52 52.51 -30.49
CA VAL N 161 34.66 51.46 -29.98
C VAL N 161 34.99 50.12 -30.61
N GLU N 162 35.29 50.11 -31.90
CA GLU N 162 35.75 48.87 -32.52
C GLU N 162 37.15 48.48 -32.11
N GLY N 163 37.84 49.31 -31.34
CA GLY N 163 39.13 48.92 -30.84
C GLY N 163 40.25 49.08 -31.83
N ARG N 164 40.07 49.92 -32.84
CA ARG N 164 41.19 50.23 -33.71
C ARG N 164 42.15 51.22 -33.07
N VAL N 165 41.74 51.88 -31.99
CA VAL N 165 42.52 52.95 -31.41
C VAL N 165 42.07 53.14 -29.97
N LYS N 166 42.96 53.66 -29.13
CA LYS N 166 42.63 53.80 -27.72
C LYS N 166 41.67 54.97 -27.48
N ASN N 167 42.13 56.17 -27.77
CA ASN N 167 41.34 57.37 -27.55
C ASN N 167 41.45 58.27 -28.77
N SER N 168 40.47 59.15 -28.92
CA SER N 168 40.36 59.94 -30.14
C SER N 168 40.21 61.42 -29.84
N LEU N 169 40.97 62.24 -30.54
CA LEU N 169 40.83 63.69 -30.53
C LEU N 169 40.38 64.13 -31.91
N ALA N 170 39.23 64.77 -31.98
CA ALA N 170 38.62 65.19 -33.23
C ALA N 170 38.45 66.69 -33.21
N VAL N 171 39.48 67.42 -33.61
CA VAL N 171 39.36 68.88 -33.70
C VAL N 171 38.52 69.23 -34.93
N VAL N 172 37.37 69.86 -34.68
CA VAL N 172 36.28 70.00 -35.65
C VAL N 172 35.55 71.31 -35.38
N ARG N 173 35.38 72.14 -36.40
CA ARG N 173 34.40 73.21 -36.37
C ARG N 173 33.39 72.93 -37.48
N PRO N 174 32.18 73.52 -37.43
CA PRO N 174 31.48 74.36 -36.46
C PRO N 174 31.12 73.62 -35.20
N PRO N 175 30.85 74.34 -34.11
CA PRO N 175 30.35 73.69 -32.90
C PRO N 175 28.98 73.06 -33.11
N GLY N 176 28.69 72.07 -32.27
CA GLY N 176 27.47 71.30 -32.37
C GLY N 176 26.82 71.03 -31.03
N HIS N 177 26.88 71.98 -30.11
CA HIS N 177 26.40 71.75 -28.74
C HIS N 177 25.32 72.72 -28.30
N HIS N 178 24.78 73.55 -29.19
CA HIS N 178 23.69 74.43 -28.84
C HIS N 178 22.41 74.16 -29.62
N ALA N 179 22.47 73.38 -30.68
CA ALA N 179 21.38 73.29 -31.64
C ALA N 179 20.27 72.39 -31.13
N GLU N 180 19.05 72.91 -31.10
CA GLU N 180 17.87 72.11 -30.83
C GLU N 180 17.62 71.15 -31.99
N PRO N 181 16.84 70.08 -31.78
CA PRO N 181 16.58 69.13 -32.87
C PRO N 181 15.78 69.70 -34.03
N GLN N 182 14.97 70.73 -33.80
CA GLN N 182 14.11 71.27 -34.85
C GLN N 182 14.64 72.57 -35.45
N ALA N 183 15.59 73.23 -34.79
CA ALA N 183 16.06 74.52 -35.24
C ALA N 183 17.49 74.72 -34.78
N ALA N 184 18.25 75.46 -35.58
CA ALA N 184 19.63 75.75 -35.26
C ALA N 184 19.69 76.95 -34.33
N GLY N 185 20.88 77.28 -33.86
CA GLY N 185 21.01 78.40 -32.96
C GLY N 185 22.38 78.52 -32.35
N GLY N 186 22.84 79.76 -32.18
CA GLY N 186 24.08 80.05 -31.47
C GLY N 186 25.32 79.53 -32.17
N PHE N 187 25.41 79.77 -33.48
CA PHE N 187 26.51 79.30 -34.32
C PHE N 187 26.68 77.78 -34.26
N CYS N 188 25.55 77.09 -34.13
CA CYS N 188 25.49 75.64 -34.15
C CYS N 188 24.46 75.24 -35.18
N LEU N 189 24.83 74.31 -36.06
CA LEU N 189 23.97 73.91 -37.16
C LEU N 189 23.42 72.51 -37.02
N PHE N 190 24.25 71.57 -36.60
CA PHE N 190 23.82 70.20 -36.33
C PHE N 190 24.44 69.73 -35.03
N SER N 191 23.61 69.15 -34.17
CA SER N 191 24.04 68.73 -32.84
C SER N 191 24.89 67.48 -32.99
N ASN N 192 26.22 67.67 -33.00
CA ASN N 192 27.13 66.64 -33.47
C ASN N 192 27.18 65.44 -32.53
N VAL N 193 27.36 65.70 -31.24
CA VAL N 193 27.61 64.64 -30.29
C VAL N 193 26.37 63.78 -30.10
N ALA N 194 25.18 64.37 -30.23
CA ALA N 194 23.95 63.60 -30.13
C ALA N 194 23.78 62.68 -31.33
N VAL N 195 24.13 63.18 -32.51
CA VAL N 195 24.16 62.36 -33.72
C VAL N 195 25.08 61.17 -33.54
N ALA N 196 26.29 61.44 -33.04
CA ALA N 196 27.28 60.38 -32.86
C ALA N 196 26.82 59.34 -31.83
N ALA N 197 26.27 59.81 -30.71
CA ALA N 197 25.85 58.91 -29.65
C ALA N 197 24.69 58.03 -30.09
N LYS N 198 23.68 58.63 -30.72
CA LYS N 198 22.56 57.82 -31.19
C LYS N 198 22.97 56.88 -32.31
N ASN N 199 23.95 57.29 -33.13
CA ASN N 199 24.41 56.42 -34.20
C ASN N 199 25.17 55.23 -33.65
N ILE N 200 25.93 55.43 -32.58
CA ILE N 200 26.55 54.29 -31.90
C ILE N 200 25.49 53.39 -31.29
N LEU N 201 24.51 54.01 -30.63
CA LEU N 201 23.52 53.25 -29.87
C LEU N 201 22.66 52.39 -30.77
N LYS N 202 22.36 52.87 -31.98
CA LYS N 202 21.69 51.98 -32.92
C LYS N 202 22.69 50.99 -33.53
N ASN N 203 23.82 51.49 -34.01
CA ASN N 203 24.72 50.66 -34.78
C ASN N 203 25.57 49.72 -33.94
N TYR N 204 25.54 49.84 -32.62
CA TYR N 204 26.29 48.93 -31.76
C TYR N 204 25.50 48.58 -30.50
N PRO N 205 24.37 47.88 -30.64
CA PRO N 205 23.65 47.50 -29.42
C PRO N 205 24.14 46.18 -28.87
N GLU N 206 25.44 45.97 -28.83
CA GLU N 206 26.01 44.73 -28.32
C GLU N 206 27.23 44.96 -27.45
N SER N 207 27.84 46.14 -27.48
CA SER N 207 28.94 46.46 -26.61
C SER N 207 28.79 47.82 -25.96
N VAL N 208 27.80 48.60 -26.36
CA VAL N 208 27.54 49.92 -25.78
C VAL N 208 26.07 49.99 -25.44
N ARG N 209 25.75 50.29 -24.19
CA ARG N 209 24.38 50.60 -23.83
C ARG N 209 24.25 51.82 -22.93
N ARG N 210 25.33 52.31 -22.35
CA ARG N 210 25.27 53.47 -21.47
C ARG N 210 26.41 54.41 -21.83
N ILE N 211 26.12 55.69 -22.00
CA ILE N 211 27.10 56.66 -22.45
C ILE N 211 27.02 57.90 -21.57
N MET N 212 28.15 58.29 -21.00
CA MET N 212 28.23 59.47 -20.16
C MET N 212 28.86 60.61 -20.95
N ILE N 213 28.18 61.74 -21.03
CA ILE N 213 28.61 62.89 -21.82
C ILE N 213 28.79 64.08 -20.90
N LEU N 214 29.99 64.65 -20.91
CA LEU N 214 30.32 65.80 -20.09
C LEU N 214 30.49 67.02 -20.98
N ASP N 215 30.16 68.18 -20.42
CA ASP N 215 30.37 69.47 -21.08
C ASP N 215 31.03 70.45 -20.13
N TRP N 216 32.30 70.75 -20.34
CA TRP N 216 32.92 71.80 -19.55
C TRP N 216 32.95 73.13 -20.27
N ASP N 217 32.16 73.30 -21.33
CA ASP N 217 32.04 74.62 -21.92
C ASP N 217 31.22 75.52 -21.01
N ILE N 218 31.62 76.80 -20.96
CA ILE N 218 30.99 77.75 -20.06
C ILE N 218 29.57 78.11 -20.47
N HIS N 219 29.17 77.77 -21.68
CA HIS N 219 27.78 77.86 -22.09
C HIS N 219 27.10 76.52 -21.89
N HIS N 220 25.82 76.59 -21.54
CA HIS N 220 25.05 75.39 -21.24
C HIS N 220 24.66 74.68 -22.52
N GLY N 221 24.79 73.36 -22.51
CA GLY N 221 24.53 72.55 -23.69
C GLY N 221 23.05 72.33 -23.88
N ASN N 222 22.38 73.33 -24.44
CA ASN N 222 20.92 73.39 -24.50
C ASN N 222 20.34 72.22 -25.28
N GLY N 223 20.69 72.14 -26.57
CA GLY N 223 20.02 71.18 -27.44
C GLY N 223 20.38 69.74 -27.14
N THR N 224 21.63 69.51 -26.74
CA THR N 224 22.02 68.15 -26.40
C THR N 224 21.37 67.68 -25.11
N GLN N 225 21.00 68.61 -24.23
CA GLN N 225 20.19 68.22 -23.08
C GLN N 225 18.76 67.95 -23.51
N LYS N 226 18.22 68.79 -24.39
CA LYS N 226 16.82 68.66 -24.79
C LYS N 226 16.60 67.41 -25.62
N SER N 227 17.63 66.92 -26.30
CA SER N 227 17.50 65.70 -27.06
C SER N 227 17.45 64.46 -26.17
N PHE N 228 17.98 64.55 -24.94
CA PHE N 228 18.07 63.39 -24.07
C PHE N 228 17.33 63.58 -22.75
N TYR N 229 16.38 64.51 -22.70
CA TYR N 229 15.64 64.73 -21.47
C TYR N 229 14.63 63.63 -21.18
N GLN N 230 14.39 62.73 -22.13
CA GLN N 230 13.50 61.60 -21.93
C GLN N 230 14.19 60.26 -22.13
N ASP N 231 15.51 60.25 -22.24
CA ASP N 231 16.24 59.00 -22.40
C ASP N 231 16.90 58.60 -21.09
N ASP N 232 17.01 57.29 -20.89
CA ASP N 232 17.58 56.73 -19.67
C ASP N 232 18.91 56.06 -19.89
N GLN N 233 19.31 55.81 -21.12
CA GLN N 233 20.57 55.14 -21.38
C GLN N 233 21.70 56.10 -21.64
N VAL N 234 21.48 57.39 -21.48
CA VAL N 234 22.51 58.39 -21.70
C VAL N 234 22.51 59.36 -20.53
N LEU N 235 23.70 59.59 -19.99
CA LEU N 235 23.89 60.53 -18.90
C LEU N 235 24.49 61.80 -19.46
N TYR N 236 23.99 62.94 -19.01
CA TYR N 236 24.53 64.23 -19.42
C TYR N 236 24.87 65.04 -18.19
N VAL N 237 26.04 65.65 -18.19
CA VAL N 237 26.46 66.53 -17.11
C VAL N 237 27.09 67.77 -17.72
N SER N 238 26.77 68.93 -17.15
CA SER N 238 27.31 70.18 -17.67
C SER N 238 27.80 71.06 -16.54
N LEU N 239 28.80 71.88 -16.86
CA LEU N 239 29.33 72.86 -15.93
C LEU N 239 29.28 74.21 -16.63
N HIS N 240 28.48 75.14 -16.11
CA HIS N 240 28.38 76.43 -16.78
C HIS N 240 27.93 77.50 -15.80
N ARG N 241 28.08 78.74 -16.20
CA ARG N 241 27.43 79.84 -15.50
C ARG N 241 25.99 79.91 -15.96
N PHE N 242 25.09 80.25 -15.05
CA PHE N 242 23.67 80.26 -15.40
C PHE N 242 23.04 81.65 -15.35
N GLU N 243 23.00 82.27 -14.17
CA GLU N 243 22.71 83.70 -13.94
C GLU N 243 21.36 84.23 -14.45
N MET N 244 20.54 83.37 -15.07
CA MET N 244 19.16 83.64 -15.50
C MET N 244 19.07 84.87 -16.42
N GLY N 245 19.61 84.71 -17.62
CA GLY N 245 19.39 85.68 -18.67
C GLY N 245 20.55 86.58 -18.96
N LYS N 246 21.48 86.73 -18.01
CA LYS N 246 22.63 87.59 -18.25
C LYS N 246 23.60 86.95 -19.23
N TYR N 247 23.99 85.71 -18.97
CA TYR N 247 24.87 84.99 -19.86
C TYR N 247 24.07 84.19 -20.87
N TYR N 248 24.72 83.81 -21.94
CA TYR N 248 24.06 83.06 -23.01
C TYR N 248 23.77 81.63 -22.55
N PRO N 249 22.57 81.10 -22.87
CA PRO N 249 21.43 81.83 -23.42
C PRO N 249 20.57 82.41 -22.33
N GLY N 250 20.68 81.84 -21.13
CA GLY N 250 19.92 82.32 -20.01
C GLY N 250 18.44 82.01 -20.11
N THR N 251 18.09 80.74 -20.07
CA THR N 251 16.71 80.29 -19.99
C THR N 251 16.59 79.27 -18.87
N ILE N 252 15.39 78.70 -18.69
CA ILE N 252 15.14 77.86 -17.53
C ILE N 252 15.81 76.50 -17.64
N GLN N 253 16.15 76.05 -18.85
CA GLN N 253 16.79 74.75 -18.98
C GLN N 253 18.27 74.79 -18.63
N GLY N 254 18.83 75.96 -18.38
CA GLY N 254 20.16 76.00 -17.82
C GLY N 254 20.19 75.88 -16.31
N GLN N 255 19.05 76.00 -15.65
CA GLN N 255 19.03 75.94 -14.19
C GLN N 255 19.22 74.51 -13.72
N TYR N 256 19.78 74.38 -12.51
CA TYR N 256 20.29 73.08 -12.05
C TYR N 256 19.18 72.13 -11.67
N ASP N 257 18.05 72.65 -11.19
CA ASP N 257 16.96 71.83 -10.68
C ASP N 257 16.25 71.02 -11.75
N GLN N 258 16.54 71.25 -13.01
CA GLN N 258 16.12 70.33 -14.06
C GLN N 258 16.98 69.08 -13.99
N THR N 259 16.34 67.94 -13.74
CA THR N 259 17.04 66.68 -13.58
C THR N 259 16.72 65.66 -14.64
N GLY N 260 15.67 65.85 -15.42
CA GLY N 260 15.19 64.81 -16.31
C GLY N 260 13.69 64.68 -16.24
N GLU N 261 13.12 63.80 -17.06
CA GLU N 261 11.67 63.67 -17.10
C GLU N 261 11.34 62.23 -17.41
N GLY N 262 10.31 61.71 -16.75
CA GLY N 262 9.79 60.40 -17.09
C GLY N 262 10.74 59.29 -16.70
N LYS N 263 10.90 58.31 -17.58
CA LYS N 263 11.80 57.21 -17.30
C LYS N 263 13.26 57.60 -17.50
N GLY N 264 13.54 58.77 -18.05
CA GLY N 264 14.91 59.24 -18.15
C GLY N 264 15.28 60.16 -17.01
N GLU N 265 14.52 60.10 -15.93
CA GLU N 265 14.78 60.94 -14.77
C GLU N 265 16.06 60.52 -14.08
N GLY N 266 16.75 61.50 -13.49
CA GLY N 266 17.98 61.21 -12.80
C GLY N 266 19.14 60.88 -13.69
N PHE N 267 19.17 61.44 -14.89
CA PHE N 267 20.29 61.22 -15.80
C PHE N 267 20.75 62.54 -16.40
N ASN N 268 20.69 63.61 -15.61
CA ASN N 268 21.01 64.94 -16.10
C ASN N 268 21.45 65.80 -14.93
N CYS N 269 22.69 66.28 -14.97
CA CYS N 269 23.25 67.04 -13.86
C CYS N 269 23.81 68.35 -14.37
N ASN N 270 23.55 69.42 -13.61
CA ASN N 270 23.96 70.77 -13.98
C ASN N 270 24.67 71.42 -12.81
N ILE N 271 25.82 72.04 -13.09
CA ILE N 271 26.59 72.73 -12.07
C ILE N 271 26.70 74.18 -12.49
N THR N 272 26.07 75.07 -11.74
CA THR N 272 25.89 76.45 -12.13
C THR N 272 26.78 77.34 -11.29
N TRP N 273 27.86 77.82 -11.89
CA TRP N 273 28.68 78.82 -11.22
C TRP N 273 27.88 80.12 -11.16
N PRO N 274 27.59 80.64 -9.98
CA PRO N 274 26.68 81.79 -9.88
C PRO N 274 27.34 83.09 -10.28
N VAL N 275 28.64 83.19 -10.09
CA VAL N 275 29.42 84.36 -10.49
C VAL N 275 30.62 83.88 -11.28
N GLY N 276 30.91 84.58 -12.37
CA GLY N 276 32.12 84.31 -13.11
C GLY N 276 33.35 84.69 -12.31
N GLY N 277 34.46 84.04 -12.65
CA GLY N 277 35.72 84.34 -12.00
C GLY N 277 36.28 83.18 -11.21
N VAL N 278 35.85 81.97 -11.56
CA VAL N 278 36.35 80.77 -10.89
C VAL N 278 37.77 80.46 -11.38
N GLY N 279 38.48 79.67 -10.60
CA GLY N 279 39.81 79.22 -10.90
C GLY N 279 39.90 77.71 -10.87
N ASP N 280 41.08 77.22 -10.46
CA ASP N 280 41.36 75.80 -10.57
C ASP N 280 40.61 74.99 -9.54
N ALA N 281 40.66 75.43 -8.28
CA ALA N 281 40.20 74.61 -7.17
C ALA N 281 38.70 74.42 -7.19
N GLU N 282 37.97 75.36 -7.80
CA GLU N 282 36.54 75.19 -8.01
C GLU N 282 36.28 74.00 -8.92
N TYR N 283 37.04 73.90 -10.00
CA TYR N 283 36.88 72.78 -10.92
C TYR N 283 37.32 71.47 -10.28
N MET N 284 38.40 71.52 -9.50
CA MET N 284 38.90 70.30 -8.87
C MET N 284 37.92 69.79 -7.83
N TRP N 285 37.36 70.69 -7.02
CA TRP N 285 36.38 70.29 -6.02
C TRP N 285 35.10 69.81 -6.68
N ALA N 286 34.70 70.45 -7.78
CA ALA N 286 33.49 70.02 -8.46
C ALA N 286 33.67 68.66 -9.10
N PHE N 287 34.88 68.35 -9.55
CA PHE N 287 35.13 67.03 -10.09
C PHE N 287 35.17 65.98 -8.99
N GLU N 288 35.81 66.30 -7.88
CA GLU N 288 36.03 65.30 -6.84
C GLU N 288 34.76 64.98 -6.10
N GLN N 289 33.91 65.96 -5.89
CA GLN N 289 32.76 65.71 -5.04
C GLN N 289 31.50 65.34 -5.83
N VAL N 290 31.49 65.56 -7.15
CA VAL N 290 30.26 65.35 -7.90
C VAL N 290 30.49 64.40 -9.07
N VAL N 291 31.48 64.72 -9.89
CA VAL N 291 31.60 64.09 -11.20
C VAL N 291 32.03 62.64 -11.05
N MET N 292 33.20 62.42 -10.46
CA MET N 292 33.74 61.08 -10.32
C MET N 292 32.89 60.07 -9.55
N PRO N 293 32.24 60.39 -8.42
CA PRO N 293 31.46 59.33 -7.77
C PRO N 293 30.23 58.94 -8.56
N MET N 294 29.55 59.90 -9.17
CA MET N 294 28.41 59.53 -10.02
C MET N 294 28.88 58.81 -11.27
N GLY N 295 30.09 59.12 -11.73
CA GLY N 295 30.62 58.41 -12.87
C GLY N 295 30.92 56.96 -12.57
N ARG N 296 31.58 56.71 -11.43
CA ARG N 296 31.83 55.35 -11.00
C ARG N 296 30.54 54.63 -10.66
N GLU N 297 29.53 55.38 -10.26
CA GLU N 297 28.21 54.80 -10.06
C GLU N 297 27.60 54.34 -11.37
N PHE N 298 27.71 55.15 -12.42
CA PHE N 298 26.89 54.87 -13.59
C PHE N 298 27.39 53.71 -14.43
N LYS N 299 28.67 53.32 -14.28
CA LYS N 299 29.37 52.31 -15.06
C LYS N 299 29.22 52.60 -16.54
N PRO N 300 29.91 53.60 -17.06
CA PRO N 300 29.72 53.98 -18.45
C PRO N 300 30.43 53.03 -19.40
N ASP N 301 29.79 52.79 -20.55
CA ASP N 301 30.45 52.07 -21.62
C ASP N 301 31.31 52.97 -22.47
N LEU N 302 31.03 54.27 -22.45
CA LEU N 302 31.66 55.21 -23.36
C LEU N 302 31.50 56.61 -22.80
N VAL N 303 32.57 57.38 -22.85
CA VAL N 303 32.60 58.72 -22.28
C VAL N 303 32.86 59.71 -23.40
N ILE N 304 31.95 60.67 -23.54
CA ILE N 304 32.03 61.71 -24.56
C ILE N 304 32.32 63.04 -23.86
N ILE N 305 33.53 63.54 -24.03
CA ILE N 305 33.85 64.89 -23.61
C ILE N 305 33.45 65.81 -24.74
N SER N 306 32.64 66.81 -24.44
CA SER N 306 32.34 67.88 -25.36
C SER N 306 33.07 69.10 -24.84
N SER N 307 34.32 69.24 -25.24
CA SER N 307 35.17 70.29 -24.70
C SER N 307 34.87 71.61 -25.38
N GLY N 308 34.76 72.66 -24.57
CA GLY N 308 34.79 74.01 -25.07
C GLY N 308 35.73 74.79 -24.18
N PHE N 309 36.81 75.31 -24.75
CA PHE N 309 37.83 75.95 -23.96
C PHE N 309 37.55 77.42 -23.71
N ASP N 310 36.29 77.84 -23.84
CA ASP N 310 35.96 79.24 -23.69
C ASP N 310 36.05 79.71 -22.25
N ALA N 311 36.09 78.81 -21.29
CA ALA N 311 36.24 79.19 -19.90
C ALA N 311 37.69 79.21 -19.46
N ALA N 312 38.63 79.25 -20.39
CA ALA N 312 40.04 79.23 -20.02
C ALA N 312 40.49 80.60 -19.52
N ASP N 313 41.74 80.64 -19.07
CA ASP N 313 42.34 81.89 -18.63
C ASP N 313 42.62 82.79 -19.82
N GLY N 314 42.62 84.10 -19.57
CA GLY N 314 42.95 85.05 -20.60
C GLY N 314 41.87 85.31 -21.63
N ASP N 315 40.65 84.81 -21.40
CA ASP N 315 39.57 85.06 -22.34
C ASP N 315 38.83 86.34 -21.95
N THR N 316 37.78 86.65 -22.70
CA THR N 316 37.00 87.86 -22.49
C THR N 316 35.52 87.51 -22.35
N ILE N 317 35.10 86.44 -23.04
CA ILE N 317 33.70 86.07 -23.01
C ILE N 317 33.35 85.38 -21.69
N GLY N 318 34.26 84.60 -21.15
CA GLY N 318 33.95 83.83 -19.95
C GLY N 318 34.56 84.37 -18.67
N GLN N 319 35.77 84.92 -18.79
CA GLN N 319 36.50 85.59 -17.71
C GLN N 319 36.77 84.65 -16.53
N CYS N 320 37.57 83.63 -16.79
CA CYS N 320 38.03 82.76 -15.72
C CYS N 320 39.55 82.68 -15.73
N HIS N 321 40.12 81.82 -14.90
CA HIS N 321 41.56 81.70 -14.76
C HIS N 321 41.97 80.23 -14.78
N VAL N 322 41.45 79.48 -15.73
CA VAL N 322 41.69 78.05 -15.78
C VAL N 322 43.03 77.81 -16.47
N THR N 323 44.01 77.34 -15.69
CA THR N 323 45.28 76.93 -16.25
C THR N 323 45.09 75.59 -16.96
N PRO N 324 45.97 75.27 -17.92
CA PRO N 324 45.85 73.98 -18.61
C PRO N 324 46.11 72.78 -17.72
N SER N 325 46.83 72.94 -16.61
CA SER N 325 47.10 71.81 -15.73
C SER N 325 45.84 71.29 -15.08
N CYS N 326 44.88 72.19 -14.80
CA CYS N 326 43.60 71.76 -14.25
C CYS N 326 42.82 70.94 -15.27
N TYR N 327 42.92 71.32 -16.55
CA TYR N 327 42.38 70.49 -17.61
C TYR N 327 43.05 69.13 -17.67
N GLY N 328 44.37 69.10 -17.48
CA GLY N 328 45.08 67.84 -17.49
C GLY N 328 44.65 66.92 -16.37
N HIS N 329 44.43 67.48 -15.18
CA HIS N 329 44.00 66.66 -14.05
C HIS N 329 42.59 66.16 -14.23
N MET N 330 41.70 67.01 -14.75
CA MET N 330 40.32 66.56 -14.94
C MET N 330 40.23 65.51 -16.04
N THR N 331 41.08 65.61 -17.07
CA THR N 331 41.12 64.57 -18.07
C THR N 331 41.76 63.31 -17.56
N HIS N 332 42.68 63.43 -16.61
CA HIS N 332 43.29 62.24 -16.00
C HIS N 332 42.25 61.45 -15.25
N MET N 333 41.44 62.14 -14.45
CA MET N 333 40.37 61.47 -13.72
C MET N 333 39.34 60.88 -14.68
N LEU N 334 38.99 61.63 -15.72
CA LEU N 334 38.00 61.13 -16.66
C LEU N 334 38.52 59.97 -17.48
N LYS N 335 39.84 59.92 -17.70
CA LYS N 335 40.45 58.74 -18.29
C LYS N 335 40.31 57.57 -17.34
N SER N 336 40.50 57.82 -16.05
CA SER N 336 40.36 56.76 -15.06
C SER N 336 38.93 56.27 -14.90
N LEU N 337 37.94 57.02 -15.38
CA LEU N 337 36.54 56.69 -15.12
C LEU N 337 36.08 55.36 -15.68
N ALA N 338 35.97 55.24 -16.99
CA ALA N 338 35.66 53.95 -17.60
C ALA N 338 36.98 53.28 -17.94
N ARG N 339 36.96 52.25 -18.78
CA ARG N 339 38.19 51.51 -19.05
C ARG N 339 39.14 52.26 -19.98
N GLY N 340 38.72 53.39 -20.55
CA GLY N 340 39.60 54.15 -21.40
C GLY N 340 38.87 54.70 -22.61
N ASN N 341 37.57 54.46 -22.67
CA ASN N 341 36.78 54.83 -23.84
C ASN N 341 36.54 56.33 -23.84
N LEU N 342 37.37 57.06 -24.57
CA LEU N 342 37.33 58.52 -24.62
C LEU N 342 37.33 59.01 -26.05
N CYS N 343 36.31 59.76 -26.41
CA CYS N 343 36.34 60.61 -27.59
C CYS N 343 36.34 62.05 -27.12
N VAL N 344 37.18 62.88 -27.73
CA VAL N 344 37.29 64.27 -27.34
C VAL N 344 37.05 65.13 -28.56
N VAL N 345 35.98 65.92 -28.53
CA VAL N 345 35.66 66.83 -29.62
C VAL N 345 35.78 68.26 -29.10
N LEU N 346 35.55 69.23 -29.97
CA LEU N 346 35.76 70.63 -29.64
C LEU N 346 34.50 71.42 -29.91
N GLU N 347 34.17 72.35 -29.02
CA GLU N 347 33.02 73.23 -29.23
C GLU N 347 33.37 74.71 -29.20
N GLY N 348 34.10 75.17 -28.18
CA GLY N 348 34.28 76.60 -27.95
C GLY N 348 35.63 77.11 -28.39
N GLY N 349 36.20 78.01 -27.60
CA GLY N 349 37.53 78.52 -27.84
C GLY N 349 37.58 79.77 -28.67
N TYR N 350 37.98 80.89 -28.06
CA TYR N 350 37.94 82.18 -28.74
C TYR N 350 39.20 83.00 -28.46
N ASN N 351 40.32 82.34 -28.18
CA ASN N 351 41.60 83.01 -27.99
C ASN N 351 42.70 82.00 -28.27
N LEU N 352 43.62 82.35 -29.17
CA LEU N 352 44.40 81.35 -29.87
C LEU N 352 45.48 80.71 -29.00
N ASP N 353 46.26 81.52 -28.28
CA ASP N 353 47.38 81.00 -27.51
C ASP N 353 46.90 80.14 -26.34
N ALA N 354 45.78 80.53 -25.74
CA ALA N 354 45.26 79.80 -24.59
C ALA N 354 44.71 78.45 -25.01
N ILE N 355 43.94 78.42 -26.10
CA ILE N 355 43.40 77.15 -26.58
C ILE N 355 44.53 76.29 -27.13
N ALA N 356 45.61 76.92 -27.59
CA ALA N 356 46.78 76.18 -28.04
C ALA N 356 47.45 75.45 -26.88
N ARG N 357 47.72 76.16 -25.78
CA ARG N 357 48.37 75.53 -24.64
C ARG N 357 47.47 74.50 -23.98
N SER N 358 46.16 74.77 -23.94
CA SER N 358 45.20 73.85 -23.34
C SER N 358 45.12 72.55 -24.13
N ALA N 359 44.98 72.64 -25.45
CA ALA N 359 44.90 71.45 -26.27
C ALA N 359 46.24 70.72 -26.29
N LEU N 360 47.34 71.44 -26.12
CA LEU N 360 48.64 70.80 -25.95
C LEU N 360 48.66 69.91 -24.73
N SER N 361 48.18 70.44 -23.60
CA SER N 361 48.17 69.67 -22.37
C SER N 361 47.21 68.49 -22.45
N VAL N 362 46.07 68.68 -23.12
CA VAL N 362 45.10 67.60 -23.26
C VAL N 362 45.64 66.50 -24.16
N ALA N 363 46.37 66.87 -25.20
CA ALA N 363 47.01 65.87 -26.04
C ALA N 363 48.11 65.14 -25.28
N LYS N 364 48.82 65.87 -24.41
CA LYS N 364 49.87 65.25 -23.62
C LYS N 364 49.32 64.21 -22.65
N VAL N 365 48.21 64.52 -22.00
CA VAL N 365 47.69 63.53 -21.07
C VAL N 365 46.99 62.39 -21.81
N LEU N 366 46.37 62.68 -22.96
CA LEU N 366 45.70 61.62 -23.71
C LEU N 366 46.69 60.71 -24.41
N ILE N 367 47.93 61.14 -24.58
CA ILE N 367 48.91 60.22 -25.16
C ILE N 367 49.67 59.45 -24.08
N GLY N 368 49.76 59.98 -22.86
CA GLY N 368 50.35 59.17 -21.81
C GLY N 368 51.20 59.84 -20.76
N GLU N 369 51.55 61.11 -20.93
CA GLU N 369 52.30 61.78 -19.88
C GLU N 369 51.40 62.06 -18.69
N PRO N 370 51.96 62.10 -17.48
CA PRO N 370 51.20 62.59 -16.34
C PRO N 370 50.93 64.07 -16.48
N PRO N 371 49.82 64.56 -15.94
CA PRO N 371 49.58 66.01 -15.96
C PRO N 371 50.55 66.71 -15.02
N ASP N 372 50.95 67.90 -15.43
CA ASP N 372 51.94 68.64 -14.66
C ASP N 372 51.31 69.25 -13.42
N GLU N 373 52.16 69.86 -12.61
CA GLU N 373 51.75 70.35 -11.31
C GLU N 373 50.92 71.62 -11.45
N LEU N 374 50.32 71.98 -10.41
CA LEU N 374 49.41 73.12 -10.38
C LEU N 374 50.19 74.39 -10.04
N PRO N 375 49.71 75.55 -10.48
CA PRO N 375 50.41 76.80 -10.13
C PRO N 375 50.28 77.17 -8.67
N ASP N 376 49.11 77.04 -8.09
CA ASP N 376 48.96 77.29 -6.65
C ASP N 376 47.91 76.39 -6.01
N PRO N 377 48.33 75.49 -5.13
CA PRO N 377 47.37 74.62 -4.45
C PRO N 377 46.56 75.34 -3.39
N LEU N 378 47.16 76.28 -2.67
CA LEU N 378 46.48 77.01 -1.60
C LEU N 378 45.55 78.04 -2.22
N SER N 379 44.38 77.58 -2.60
CA SER N 379 43.50 78.36 -3.45
C SER N 379 42.19 78.75 -2.79
N ASP N 380 41.56 77.83 -2.03
CA ASP N 380 40.42 78.08 -1.16
C ASP N 380 39.23 78.74 -1.86
N PRO N 381 38.43 77.97 -2.58
CA PRO N 381 37.40 78.54 -3.46
C PRO N 381 36.28 79.33 -2.78
N LYS N 382 35.40 79.89 -3.59
CA LYS N 382 34.38 80.80 -3.13
C LYS N 382 33.23 80.05 -2.48
N PRO N 383 32.69 80.59 -1.38
CA PRO N 383 31.73 79.80 -0.58
C PRO N 383 30.37 79.60 -1.23
N GLU N 384 29.93 80.51 -2.08
CA GLU N 384 28.64 80.34 -2.74
C GLU N 384 28.66 79.17 -3.71
N VAL N 385 29.83 78.89 -4.27
CA VAL N 385 30.03 77.67 -5.06
C VAL N 385 29.79 76.44 -4.19
N ILE N 386 30.27 76.50 -2.95
CA ILE N 386 30.16 75.37 -2.06
C ILE N 386 28.72 75.13 -1.66
N GLU N 387 27.97 76.21 -1.40
CA GLU N 387 26.59 76.01 -0.98
C GLU N 387 25.73 75.55 -2.15
N MET N 388 26.02 76.02 -3.37
CA MET N 388 25.22 75.50 -4.48
C MET N 388 25.59 74.06 -4.80
N ILE N 389 26.86 73.68 -4.58
CA ILE N 389 27.26 72.30 -4.75
C ILE N 389 26.52 71.41 -3.78
N ASP N 390 26.36 71.89 -2.54
CA ASP N 390 25.55 71.18 -1.56
C ASP N 390 24.11 71.06 -2.03
N LYS N 391 23.59 72.13 -2.64
CA LYS N 391 22.23 72.10 -3.17
C LYS N 391 22.09 71.08 -4.28
N VAL N 392 23.14 70.91 -5.11
CA VAL N 392 23.14 69.86 -6.11
C VAL N 392 23.09 68.50 -5.45
N ILE N 393 23.95 68.29 -4.44
CA ILE N 393 24.13 66.99 -3.81
C ILE N 393 22.84 66.54 -3.14
N ARG N 394 22.02 67.48 -2.69
CA ARG N 394 20.69 67.16 -2.16
C ARG N 394 19.83 66.43 -3.19
N LEU N 395 19.63 67.03 -4.35
CA LEU N 395 18.72 66.43 -5.31
C LEU N 395 19.35 65.23 -6.01
N GLN N 396 20.67 65.23 -6.11
CA GLN N 396 21.35 64.04 -6.60
C GLN N 396 21.16 62.88 -5.64
N SER N 397 21.15 63.18 -4.35
CA SER N 397 20.88 62.16 -3.34
C SER N 397 19.44 61.72 -3.40
N LYS N 398 18.54 62.61 -3.81
CA LYS N 398 17.17 62.20 -4.07
C LYS N 398 17.11 61.22 -5.23
N TYR N 399 17.96 61.40 -6.23
CA TYR N 399 17.92 60.49 -7.36
C TYR N 399 18.91 59.34 -7.29
N TRP N 400 20.14 59.60 -6.88
CA TRP N 400 21.14 58.55 -6.82
C TRP N 400 21.17 57.91 -5.44
N ASN N 401 22.22 57.14 -5.19
CA ASN N 401 22.42 56.50 -3.90
C ASN N 401 23.76 56.87 -3.26
N CYS N 402 24.68 57.41 -4.02
CA CYS N 402 26.05 57.60 -3.56
C CYS N 402 26.24 58.90 -2.81
N PHE N 403 25.17 59.50 -2.29
CA PHE N 403 25.28 60.74 -1.54
C PHE N 403 24.55 60.62 -0.22
N ARG N 404 23.54 59.76 -0.16
CA ARG N 404 23.04 59.29 1.11
C ARG N 404 24.14 58.53 1.84
N ARG N 405 24.10 58.61 3.18
CA ARG N 405 24.99 57.92 4.10
C ARG N 405 26.45 58.35 4.00
N ARG N 406 26.78 59.35 3.18
CA ARG N 406 28.11 59.94 3.20
C ARG N 406 28.09 61.45 3.17
N HIS N 407 26.92 62.06 3.10
CA HIS N 407 26.81 63.51 3.20
C HIS N 407 25.62 63.89 4.05
N ALA N 408 25.28 63.01 5.01
CA ALA N 408 24.25 63.23 6.02
C ALA N 408 22.89 63.49 5.38
N ASN N 409 22.43 62.51 4.63
CA ASN N 409 21.20 62.68 3.88
C ASN N 409 20.24 61.52 4.00
N SER N 410 20.63 60.42 4.62
CA SER N 410 19.76 59.26 4.68
C SER N 410 18.63 59.40 5.69
N GLY N 411 18.62 60.48 6.46
CA GLY N 411 17.56 60.70 7.42
C GLY N 411 16.21 60.91 6.76
N CYS N 412 16.04 62.01 6.06
CA CYS N 412 14.79 62.23 5.38
C CYS N 412 14.87 61.69 3.97
N ASN N 413 13.71 61.45 3.38
CA ASN N 413 13.60 61.05 1.98
C ASN N 413 13.05 62.24 1.21
N PHE N 414 13.89 62.81 0.34
CA PHE N 414 13.49 64.02 -0.37
C PHE N 414 12.54 63.76 -1.53
N ASN N 415 12.24 62.50 -1.85
CA ASN N 415 11.40 62.21 -3.00
C ASN N 415 9.95 62.60 -2.78
N GLU N 416 9.56 62.81 -1.61
CA GLU N 416 8.29 63.45 -1.33
C GLU N 416 8.52 64.93 -1.05
N PRO N 417 7.56 65.78 -1.35
CA PRO N 417 7.74 67.21 -1.09
C PRO N 417 7.64 67.54 0.38
N ILE N 418 8.39 68.57 0.78
CA ILE N 418 8.22 69.17 2.09
C ILE N 418 6.82 69.80 2.09
N ASN N 419 5.90 69.19 2.82
CA ASN N 419 4.49 69.46 2.64
C ASN N 419 3.86 69.81 3.98
N ASP N 420 2.70 70.45 3.88
CA ASP N 420 1.79 70.57 5.01
C ASP N 420 0.59 69.66 4.86
N SER N 421 0.48 68.96 3.74
CA SER N 421 -0.63 68.04 3.52
C SER N 421 -0.28 66.66 4.07
N ILE N 422 -1.29 65.80 4.14
CA ILE N 422 -1.10 64.45 4.65
C ILE N 422 -0.63 63.49 3.59
N ILE N 423 -0.40 63.95 2.36
CA ILE N 423 0.05 63.06 1.30
C ILE N 423 1.51 62.70 1.51
N SER N 424 2.32 63.65 1.97
CA SER N 424 3.74 63.42 2.18
C SER N 424 4.03 63.38 3.68
N LYS N 425 4.98 62.54 4.04
CA LYS N 425 5.28 62.33 5.45
C LYS N 425 6.15 63.44 6.04
N ASN N 426 6.72 64.30 5.21
CA ASN N 426 7.65 65.30 5.72
C ASN N 426 6.92 66.59 6.02
N PHE N 427 7.33 67.27 7.08
CA PHE N 427 6.69 68.48 7.52
C PHE N 427 7.75 69.48 7.98
N PRO N 428 7.66 70.73 7.57
CA PRO N 428 8.67 71.72 7.95
C PRO N 428 8.53 72.11 9.41
N LEU N 429 9.58 72.72 9.93
CA LEU N 429 9.68 72.93 11.37
C LEU N 429 9.34 74.34 11.81
N GLN N 430 9.42 75.32 10.92
CA GLN N 430 9.06 76.69 11.27
C GLN N 430 7.59 76.82 11.64
N LYS N 431 6.73 76.01 11.00
CA LYS N 431 5.31 76.00 11.30
C LYS N 431 5.05 75.58 12.74
N ALA N 432 5.80 74.58 13.22
CA ALA N 432 5.59 74.09 14.57
C ALA N 432 6.05 75.10 15.61
N ILE N 433 7.19 75.75 15.38
CA ILE N 433 7.71 76.73 16.32
C ILE N 433 6.77 77.93 16.42
N ARG N 434 6.34 78.46 15.27
CA ARG N 434 5.45 79.62 15.31
C ARG N 434 4.07 79.24 15.82
N GLN N 435 3.64 77.99 15.59
CA GLN N 435 2.35 77.53 16.10
C GLN N 435 2.35 77.45 17.63
N GLN N 436 3.39 76.84 18.19
CA GLN N 436 3.48 76.70 19.65
C GLN N 436 3.68 78.06 20.31
N GLN N 437 4.51 78.92 19.71
CA GLN N 437 4.76 80.23 20.29
C GLN N 437 3.53 81.12 20.18
N GLN N 438 2.77 80.97 19.10
CA GLN N 438 1.50 81.69 18.94
C GLN N 438 0.49 81.25 19.97
N HIS N 439 0.39 79.94 20.22
CA HIS N 439 -0.53 79.45 21.24
C HIS N 439 -0.13 79.92 22.63
N TYR N 440 1.17 79.97 22.90
CA TYR N 440 1.67 80.43 24.20
C TYR N 440 1.35 81.91 24.41
N LEU N 441 1.66 82.74 23.44
CA LEU N 441 1.35 84.16 23.57
C LEU N 441 -0.13 84.46 23.38
N SER N 442 -0.91 83.50 22.90
CA SER N 442 -2.36 83.65 22.86
C SER N 442 -2.97 83.38 24.23
N ASP N 443 -2.47 82.38 24.95
CA ASP N 443 -3.02 82.15 26.28
C ASP N 443 -2.49 83.16 27.29
N GLU N 444 -1.27 83.64 27.10
CA GLU N 444 -0.71 84.57 28.09
C GLU N 444 -1.25 85.98 27.92
N PHE N 445 -0.96 86.60 26.77
CA PHE N 445 -1.24 88.02 26.62
C PHE N 445 -2.15 88.31 25.44
N ASN N 446 -2.69 87.27 24.79
CA ASN N 446 -3.73 87.36 23.75
C ASN N 446 -3.26 88.21 22.57
N PHE N 447 -2.05 87.95 22.11
CA PHE N 447 -1.43 88.80 21.11
C PHE N 447 -2.04 88.56 19.73
N VAL N 448 -2.44 89.66 19.09
CA VAL N 448 -2.92 89.60 17.72
C VAL N 448 -1.74 89.34 16.78
N THR N 449 -2.05 88.81 15.61
CA THR N 449 -1.09 88.77 14.52
C THR N 449 -1.37 89.92 13.57
N LEU N 450 -0.33 90.36 12.85
CA LEU N 450 -0.54 91.40 11.87
C LEU N 450 -0.63 90.76 10.49
N PRO N 451 -1.74 90.88 9.80
CA PRO N 451 -1.84 90.28 8.46
C PRO N 451 -1.10 91.08 7.42
N LEU N 452 -0.54 90.36 6.45
CA LEU N 452 0.22 90.96 5.36
C LEU N 452 -0.57 90.79 4.08
N VAL N 453 -1.44 91.74 3.80
CA VAL N 453 -2.20 91.69 2.55
C VAL N 453 -1.25 92.05 1.40
N SER N 454 -1.48 91.40 0.25
CA SER N 454 -0.70 91.57 -0.99
C SER N 454 0.76 91.15 -0.82
N MET N 455 1.03 90.25 0.12
CA MET N 455 2.36 89.65 0.27
C MET N 455 2.17 88.17 0.53
N ASP N 456 2.74 87.33 -0.33
CA ASP N 456 2.60 85.88 -0.22
C ASP N 456 3.49 85.39 0.91
N LEU N 457 2.93 85.34 2.11
CA LEU N 457 3.65 85.01 3.32
C LEU N 457 2.72 84.17 4.21
N PRO N 458 3.27 83.44 5.18
CA PRO N 458 2.41 82.77 6.15
C PRO N 458 1.69 83.76 7.05
N ASP N 459 0.69 83.23 7.77
CA ASP N 459 -0.26 84.09 8.47
C ASP N 459 0.36 84.78 9.68
N ASN N 460 0.80 84.01 10.67
CA ASN N 460 1.32 84.61 11.90
C ASN N 460 2.81 84.89 11.81
N THR N 461 3.23 85.58 10.76
CA THR N 461 4.64 85.88 10.58
C THR N 461 5.11 86.98 11.52
N VAL N 462 4.28 88.00 11.73
CA VAL N 462 4.60 89.08 12.65
C VAL N 462 3.45 89.27 13.63
N LEU N 463 3.80 89.67 14.85
CA LEU N 463 2.86 89.67 15.96
C LEU N 463 2.80 91.05 16.60
N CYS N 464 1.63 91.38 17.16
CA CYS N 464 1.43 92.64 17.86
C CYS N 464 0.52 92.43 19.06
N THR N 465 0.50 93.42 19.94
CA THR N 465 -0.53 93.47 20.96
C THR N 465 -1.79 94.11 20.38
N PRO N 466 -2.97 93.77 20.91
CA PRO N 466 -4.19 94.47 20.47
C PRO N 466 -4.19 95.93 20.93
N ASN N 467 -4.90 96.76 20.17
CA ASN N 467 -4.89 98.23 20.28
C ASN N 467 -3.47 98.78 20.21
N ILE N 468 -2.71 98.26 19.25
CA ILE N 468 -1.34 98.71 19.03
C ILE N 468 -1.32 100.14 18.49
N SER N 469 -2.39 100.54 17.79
CA SER N 469 -2.52 101.91 17.34
C SER N 469 -2.72 102.86 18.51
N GLU N 470 -3.39 102.42 19.56
CA GLU N 470 -3.58 103.23 20.75
C GLU N 470 -2.49 103.06 21.78
N SER N 471 -1.56 102.12 21.56
CA SER N 471 -0.37 102.02 22.40
C SER N 471 0.52 103.23 22.11
N ASN N 472 0.70 104.10 23.11
CA ASN N 472 1.43 105.34 22.89
C ASN N 472 2.92 105.13 22.70
N THR N 473 3.45 104.00 23.15
CA THR N 473 4.88 103.75 23.12
C THR N 473 5.11 102.34 22.61
N ILE N 474 5.74 102.23 21.43
CA ILE N 474 5.87 100.98 20.72
C ILE N 474 7.34 100.59 20.65
N ILE N 475 7.63 99.34 21.01
CA ILE N 475 8.94 98.71 20.83
C ILE N 475 8.80 97.67 19.73
N ILE N 476 9.60 97.84 18.68
CA ILE N 476 9.57 96.95 17.53
C ILE N 476 10.83 96.09 17.60
N VAL N 477 10.65 94.83 17.95
CA VAL N 477 11.72 93.85 17.92
C VAL N 477 11.66 93.10 16.60
N VAL N 478 12.79 92.98 15.94
CA VAL N 478 12.96 92.02 14.86
C VAL N 478 14.02 91.01 15.26
N HIS N 479 13.61 89.78 15.44
CA HIS N 479 14.49 88.72 15.88
C HIS N 479 14.61 87.68 14.79
N ASP N 480 15.56 86.79 14.99
CA ASP N 480 15.75 85.65 14.11
C ASP N 480 15.38 84.39 14.90
N THR N 481 15.11 83.31 14.17
CA THR N 481 14.90 82.03 14.82
C THR N 481 16.18 81.55 15.49
N SER N 482 16.02 80.87 16.62
CA SER N 482 17.14 80.60 17.51
C SER N 482 18.06 79.52 16.93
N ASP N 483 19.28 79.48 17.47
CA ASP N 483 20.24 78.43 17.16
C ASP N 483 20.21 77.41 18.28
N ILE N 484 20.33 76.14 17.91
CA ILE N 484 20.20 75.06 18.85
C ILE N 484 21.60 74.53 19.18
N TRP N 485 21.73 73.88 20.33
CA TRP N 485 22.99 73.35 20.83
C TRP N 485 22.78 71.87 21.12
N ALA N 486 22.94 71.04 20.10
CA ALA N 486 22.79 69.61 20.25
C ALA N 486 23.90 68.94 19.46
N LYS N 487 23.83 67.62 19.36
CA LYS N 487 24.76 66.86 18.53
C LYS N 487 24.01 66.34 17.31
N ARG N 488 24.66 66.44 16.15
CA ARG N 488 24.08 65.93 14.91
C ARG N 488 24.69 64.57 14.62
N ASN N 489 23.83 63.58 14.42
CA ASN N 489 24.30 62.25 14.06
C ASN N 489 24.86 62.30 12.65
N VAL N 490 26.19 62.16 12.54
CA VAL N 490 26.90 62.59 11.34
C VAL N 490 26.60 61.70 10.14
N ILE N 491 26.07 60.51 10.35
CA ILE N 491 25.72 59.67 9.21
C ILE N 491 24.28 59.94 8.81
N SER N 492 23.36 59.79 9.76
CA SER N 492 21.95 59.94 9.43
C SER N 492 21.58 61.38 9.16
N GLY N 493 22.35 62.33 9.68
CA GLY N 493 22.01 63.73 9.56
C GLY N 493 21.09 64.25 10.64
N THR N 494 20.54 63.37 11.47
CA THR N 494 19.57 63.78 12.46
C THR N 494 20.25 64.25 13.73
N ILE N 495 19.44 64.78 14.64
CA ILE N 495 19.86 65.21 15.96
C ILE N 495 19.13 64.38 16.99
N ASP N 496 19.64 64.40 18.21
CA ASP N 496 19.03 63.68 19.32
C ASP N 496 18.20 64.65 20.15
N LEU N 497 16.95 64.27 20.42
CA LEU N 497 16.06 65.11 21.20
C LEU N 497 16.48 65.22 22.66
N SER N 498 17.24 64.25 23.16
CA SER N 498 17.59 64.25 24.58
C SER N 498 18.65 65.29 24.90
N SER N 499 19.61 65.50 24.00
CA SER N 499 20.63 66.51 24.21
C SER N 499 20.26 67.83 23.54
N SER N 500 19.01 68.01 23.17
CA SER N 500 18.58 69.20 22.43
C SER N 500 18.47 70.36 23.40
N VAL N 501 19.45 71.26 23.35
CA VAL N 501 19.43 72.48 24.16
C VAL N 501 18.96 73.61 23.26
N ILE N 502 17.74 74.05 23.47
CA ILE N 502 17.13 75.11 22.66
C ILE N 502 16.62 76.18 23.61
N ILE N 503 16.91 77.43 23.31
CA ILE N 503 16.51 78.56 24.15
C ILE N 503 15.86 79.62 23.28
N ASP N 504 14.72 80.14 23.72
CA ASP N 504 14.05 81.23 23.02
C ASP N 504 14.55 82.53 23.65
N ASN N 505 15.62 83.09 23.08
CA ASN N 505 16.25 84.28 23.62
C ASN N 505 15.42 85.54 23.38
N SER N 506 14.59 85.54 22.35
CA SER N 506 13.90 86.76 21.93
C SER N 506 12.74 87.14 22.82
N LEU N 507 12.21 86.19 23.59
CA LEU N 507 10.96 86.42 24.31
C LEU N 507 11.15 87.38 25.48
N ASP N 508 12.35 87.41 26.06
CA ASP N 508 12.58 88.08 27.33
C ASP N 508 12.38 89.58 27.26
N PHE N 509 12.71 90.18 26.11
CA PHE N 509 12.46 91.60 25.90
C PHE N 509 10.97 91.92 26.00
N ILE N 510 10.13 91.02 25.48
CA ILE N 510 8.69 91.17 25.64
C ILE N 510 8.32 91.10 27.12
N LYS N 511 9.01 90.23 27.88
CA LYS N 511 8.82 90.19 29.31
C LYS N 511 9.33 91.46 29.97
N TRP N 512 10.30 92.14 29.36
CA TRP N 512 10.56 93.50 29.78
C TRP N 512 9.48 94.43 29.27
N GLY N 513 9.09 94.26 28.00
CA GLY N 513 8.20 95.22 27.36
C GLY N 513 6.78 95.17 27.88
N LEU N 514 6.37 94.02 28.42
CA LEU N 514 5.07 93.94 29.08
C LEU N 514 5.08 94.63 30.43
N ASP N 515 6.26 94.79 31.04
CA ASP N 515 6.31 95.48 32.32
C ASP N 515 6.17 96.98 32.16
N ARG N 516 6.59 97.52 31.02
CA ARG N 516 6.46 98.94 30.77
C ARG N 516 5.12 99.32 30.18
N LYS N 517 4.23 98.34 29.96
CA LYS N 517 2.95 98.50 29.25
C LYS N 517 3.15 99.12 27.87
N TYR N 518 4.25 98.76 27.22
CA TYR N 518 4.58 99.26 25.91
C TYR N 518 3.91 98.42 24.84
N GLY N 519 3.64 99.05 23.70
CA GLY N 519 3.18 98.32 22.54
C GLY N 519 4.30 97.45 22.00
N ILE N 520 3.94 96.25 21.55
CA ILE N 520 4.92 95.25 21.13
C ILE N 520 4.69 94.95 19.66
N ILE N 521 5.74 95.03 18.86
CA ILE N 521 5.68 94.60 17.47
C ILE N 521 6.84 93.63 17.24
N ASP N 522 6.52 92.36 17.05
CA ASP N 522 7.49 91.30 16.89
C ASP N 522 7.58 90.89 15.43
N VAL N 523 8.81 90.77 14.93
CA VAL N 523 9.06 90.36 13.56
C VAL N 523 10.00 89.16 13.56
N ASN N 524 9.60 88.11 12.84
CA ASN N 524 10.46 86.98 12.54
C ASN N 524 10.61 86.87 11.04
N ILE N 525 11.84 86.64 10.58
CA ILE N 525 12.11 86.38 9.18
C ILE N 525 12.59 84.95 9.03
N PRO N 526 12.08 84.20 8.06
CA PRO N 526 12.58 82.83 7.86
C PRO N 526 13.81 82.81 6.99
N LEU N 527 14.81 82.04 7.41
CA LEU N 527 16.06 81.92 6.67
C LEU N 527 15.86 80.94 5.53
N THR N 528 15.27 81.47 4.44
CA THR N 528 15.15 80.88 3.10
C THR N 528 14.20 79.70 3.01
N LEU N 529 13.72 79.18 4.15
CA LEU N 529 12.64 78.20 4.27
C LEU N 529 12.94 76.82 3.68
N PHE N 530 14.07 76.69 2.97
CA PHE N 530 14.63 75.51 2.30
C PHE N 530 13.76 74.97 1.15
N GLU N 531 12.51 75.40 1.07
CA GLU N 531 11.57 74.95 0.05
C GLU N 531 11.62 75.71 -1.28
N PRO N 532 11.55 77.09 -1.33
CA PRO N 532 11.42 77.70 -2.66
C PRO N 532 12.74 77.89 -3.38
N ASP N 533 13.84 78.06 -2.64
CA ASP N 533 15.25 78.09 -3.07
C ASP N 533 15.61 79.38 -3.83
N ASN N 534 14.62 80.19 -4.20
CA ASN N 534 14.88 81.51 -4.74
C ASN N 534 14.71 82.57 -3.68
N TYR N 535 14.43 82.15 -2.46
CA TYR N 535 14.11 83.06 -1.38
C TYR N 535 15.37 83.76 -0.88
N SER N 536 15.19 85.01 -0.47
CA SER N 536 16.25 85.76 0.18
C SER N 536 15.66 86.46 1.40
N GLY N 537 16.23 86.19 2.57
CA GLY N 537 15.74 86.80 3.78
C GLY N 537 16.00 88.29 3.84
N MET N 538 17.06 88.75 3.15
CA MET N 538 17.44 90.14 3.15
C MET N 538 16.37 91.01 2.51
N ILE N 539 16.07 90.76 1.23
CA ILE N 539 15.16 91.59 0.47
C ILE N 539 13.74 91.45 1.00
N THR N 540 13.37 90.28 1.53
CA THR N 540 12.05 90.14 2.13
C THR N 540 11.97 90.87 3.47
N SER N 541 13.09 90.97 4.19
CA SER N 541 13.13 91.81 5.39
C SER N 541 12.96 93.27 5.03
N GLN N 542 13.60 93.70 3.94
CA GLN N 542 13.40 95.06 3.43
C GLN N 542 11.95 95.28 3.02
N GLU N 543 11.34 94.26 2.41
CA GLU N 543 9.93 94.29 2.02
C GLU N 543 9.04 94.56 3.22
N VAL N 544 9.18 93.75 4.27
CA VAL N 544 8.26 93.88 5.39
C VAL N 544 8.55 95.13 6.21
N LEU N 545 9.80 95.58 6.27
CA LEU N 545 10.08 96.78 7.05
C LEU N 545 9.61 98.04 6.34
N ILE N 546 9.84 98.14 5.03
CA ILE N 546 9.30 99.24 4.24
C ILE N 546 7.78 99.22 4.24
N TYR N 547 7.20 98.01 4.15
CA TYR N 547 5.75 97.84 4.17
C TYR N 547 5.18 98.28 5.51
N LEU N 548 5.89 98.02 6.60
CA LEU N 548 5.41 98.44 7.90
C LEU N 548 5.49 99.95 8.08
N TRP N 549 6.63 100.55 7.68
CA TRP N 549 6.81 101.98 7.90
C TRP N 549 5.87 102.80 7.02
N ASP N 550 5.63 102.36 5.79
CA ASP N 550 4.73 103.12 4.92
C ASP N 550 3.27 102.77 5.13
N ASN N 551 2.96 101.52 5.50
CA ASN N 551 1.59 101.04 5.53
C ASN N 551 0.90 101.25 6.86
N TYR N 552 1.62 101.15 7.97
CA TYR N 552 0.94 101.14 9.27
C TYR N 552 1.50 102.15 10.26
N ILE N 553 2.82 102.38 10.26
CA ILE N 553 3.38 103.32 11.23
C ILE N 553 2.98 104.75 10.90
N LYS N 554 2.82 105.06 9.62
CA LYS N 554 2.40 106.39 9.19
C LYS N 554 0.91 106.64 9.37
N TYR N 555 0.16 105.72 9.98
CA TYR N 555 -1.26 105.91 10.17
C TYR N 555 -1.72 105.66 11.61
N PHE N 556 -0.80 105.31 12.50
CA PHE N 556 -1.15 105.17 13.90
C PHE N 556 -1.43 106.54 14.49
N PRO N 557 -2.55 106.72 15.20
CA PRO N 557 -2.79 108.02 15.82
C PRO N 557 -1.89 108.28 17.03
N SER N 558 -1.55 107.25 17.79
CA SER N 558 -0.76 107.40 19.00
C SER N 558 0.68 106.95 18.80
N VAL N 559 1.27 107.18 17.63
CA VAL N 559 2.62 106.70 17.40
C VAL N 559 3.61 107.69 18.02
N ALA N 560 4.47 107.18 18.90
CA ALA N 560 5.43 107.98 19.64
C ALA N 560 6.48 107.06 20.24
N LYS N 561 7.73 107.51 20.24
CA LYS N 561 8.86 106.90 20.95
C LYS N 561 9.09 105.45 20.51
N ILE N 562 9.49 105.31 19.26
CA ILE N 562 9.75 103.99 18.70
C ILE N 562 11.20 103.60 18.97
N ALA N 563 11.40 102.44 19.57
CA ALA N 563 12.72 101.84 19.64
C ALA N 563 12.80 100.67 18.68
N PHE N 564 14.02 100.26 18.36
CA PHE N 564 14.24 99.18 17.42
C PHE N 564 15.29 98.24 17.95
N ILE N 565 14.98 96.94 17.93
CA ILE N 565 15.88 95.89 18.38
C ILE N 565 15.99 94.87 17.27
N GLY N 566 17.19 94.69 16.74
CA GLY N 566 17.47 93.68 15.75
C GLY N 566 18.45 92.66 16.29
N ILE N 567 18.18 91.39 16.05
CA ILE N 567 19.00 90.30 16.59
C ILE N 567 19.48 89.45 15.44
N GLY N 568 20.80 89.26 15.36
CA GLY N 568 21.42 88.44 14.35
C GLY N 568 21.75 89.22 13.09
N ASP N 569 21.71 88.56 11.94
CA ASP N 569 21.89 89.21 10.65
C ASP N 569 20.59 89.77 10.08
N SER N 570 19.50 89.71 10.86
CA SER N 570 18.25 90.34 10.46
C SER N 570 18.36 91.86 10.46
N TYR N 571 19.27 92.41 11.27
CA TYR N 571 19.40 93.84 11.52
C TYR N 571 19.72 94.65 10.27
N SER N 572 20.28 94.01 9.24
CA SER N 572 20.50 94.65 7.95
C SER N 572 19.22 95.21 7.35
N GLY N 573 18.09 94.51 7.57
CA GLY N 573 16.80 95.05 7.14
C GLY N 573 16.48 96.38 7.80
N ILE N 574 16.81 96.51 9.10
CA ILE N 574 16.71 97.79 9.80
C ILE N 574 17.59 98.83 9.12
N VAL N 575 18.77 98.40 8.67
CA VAL N 575 19.67 99.24 7.88
C VAL N 575 18.96 99.73 6.63
N HIS N 576 18.19 98.86 5.98
CA HIS N 576 17.46 99.27 4.80
C HIS N 576 16.30 100.20 5.15
N LEU N 577 15.76 100.09 6.36
CA LEU N 577 14.79 101.08 6.77
C LEU N 577 15.45 102.34 7.30
N LEU N 578 16.74 102.30 7.62
CA LEU N 578 17.41 103.45 8.21
C LEU N 578 18.26 104.23 7.21
N GLY N 579 18.66 103.61 6.10
CA GLY N 579 19.38 104.34 5.08
C GLY N 579 18.52 104.92 3.99
N HIS N 580 17.25 104.51 3.93
CA HIS N 580 16.38 104.87 2.82
C HIS N 580 15.19 105.72 3.23
N ARG N 581 14.97 105.94 4.53
CA ARG N 581 13.83 106.72 4.99
C ARG N 581 14.29 107.70 6.05
N ASP N 582 13.35 108.46 6.61
CA ASP N 582 13.61 109.38 7.72
C ASP N 582 12.55 109.10 8.79
N THR N 583 12.90 108.26 9.75
CA THR N 583 12.01 107.88 10.83
C THR N 583 12.38 108.58 12.13
N ARG N 584 13.50 109.32 12.13
CA ARG N 584 14.15 109.88 13.31
C ARG N 584 13.28 110.85 14.12
N ALA N 585 12.17 111.33 13.56
CA ALA N 585 11.27 112.19 14.32
C ALA N 585 10.58 111.41 15.44
N VAL N 586 10.11 110.20 15.15
CA VAL N 586 9.36 109.40 16.11
C VAL N 586 10.26 108.40 16.82
N THR N 587 11.13 107.71 16.08
CA THR N 587 12.01 106.74 16.71
C THR N 587 13.13 107.45 17.46
N LYS N 588 13.74 106.73 18.40
CA LYS N 588 14.77 107.30 19.26
C LYS N 588 16.12 106.63 19.07
N THR N 589 16.23 105.33 19.31
CA THR N 589 17.51 104.63 19.28
C THR N 589 17.32 103.27 18.62
N VAL N 590 18.44 102.64 18.28
CA VAL N 590 18.44 101.32 17.65
C VAL N 590 19.47 100.42 18.33
N ILE N 591 19.11 99.15 18.50
CA ILE N 591 19.93 98.16 19.17
C ILE N 591 20.13 96.98 18.22
N ASN N 592 21.37 96.52 18.10
CA ASN N 592 21.70 95.32 17.36
C ASN N 592 22.47 94.36 18.25
N PHE N 593 22.11 93.08 18.15
CA PHE N 593 22.90 92.00 18.74
C PHE N 593 23.47 91.22 17.57
N LEU N 594 24.61 91.69 17.06
CA LEU N 594 25.20 91.06 15.88
C LEU N 594 25.94 89.79 16.27
N GLY N 595 26.83 89.89 17.25
CA GLY N 595 27.66 88.75 17.60
C GLY N 595 28.83 88.58 16.65
N ASP N 596 28.90 87.42 16.01
CA ASP N 596 30.01 87.07 15.14
C ASP N 596 29.70 87.26 13.66
N LYS N 597 28.57 87.90 13.34
CA LYS N 597 28.25 88.20 11.95
C LYS N 597 29.13 89.33 11.42
N GLN N 598 29.13 89.52 10.11
CA GLN N 598 29.89 90.61 9.53
C GLN N 598 29.17 91.93 9.75
N LEU N 599 29.93 93.02 9.66
CA LEU N 599 29.40 94.33 10.03
C LEU N 599 28.42 94.85 8.98
N LYS N 600 27.52 95.73 9.43
CA LYS N 600 26.50 96.31 8.57
C LYS N 600 26.85 97.76 8.27
N PRO N 601 27.20 98.12 7.03
CA PRO N 601 27.42 99.53 6.70
C PRO N 601 26.11 100.26 6.45
N LEU N 602 25.81 101.26 7.26
CA LEU N 602 24.67 102.13 6.98
C LEU N 602 25.16 103.31 6.15
N VAL N 603 24.66 103.39 4.92
CA VAL N 603 24.93 104.54 4.05
C VAL N 603 23.61 105.26 3.84
N PRO N 604 23.50 106.54 4.16
CA PRO N 604 22.23 107.24 3.99
C PRO N 604 22.03 107.69 2.54
N LEU N 605 20.76 107.78 2.15
CA LEU N 605 20.38 108.14 0.79
C LEU N 605 19.71 109.49 0.67
N VAL N 606 19.03 109.96 1.70
CA VAL N 606 18.26 111.19 1.63
C VAL N 606 18.99 112.35 2.31
N ASP N 607 19.70 112.08 3.40
CA ASP N 607 20.43 113.12 4.12
C ASP N 607 21.83 112.61 4.44
N GLU N 608 22.55 113.32 5.31
CA GLU N 608 23.84 112.82 5.79
C GLU N 608 23.95 112.82 7.31
N THR N 609 23.04 113.48 8.03
CA THR N 609 22.98 113.35 9.48
C THR N 609 22.27 112.08 9.92
N LEU N 610 21.71 111.31 8.98
CA LEU N 610 21.21 109.98 9.30
C LEU N 610 22.32 109.09 9.81
N SER N 611 23.48 109.13 9.15
CA SER N 611 24.63 108.34 9.57
C SER N 611 25.19 108.84 10.89
N GLU N 612 25.17 110.15 11.12
CA GLU N 612 25.67 110.69 12.38
C GLU N 612 24.74 110.35 13.54
N TRP N 613 23.43 110.49 13.34
CA TRP N 613 22.45 110.11 14.34
C TRP N 613 22.49 108.62 14.63
N TYR N 614 22.68 107.82 13.57
CA TYR N 614 22.81 106.38 13.72
C TYR N 614 24.10 106.02 14.44
N PHE N 615 25.16 106.81 14.24
CA PHE N 615 26.35 106.63 15.04
C PHE N 615 26.12 107.03 16.48
N LYS N 616 25.23 107.98 16.71
CA LYS N 616 24.96 108.43 18.08
C LYS N 616 23.95 107.54 18.81
N ASN N 617 22.98 106.98 18.10
CA ASN N 617 21.83 106.36 18.74
C ASN N 617 21.75 104.86 18.47
N SER N 618 22.89 104.17 18.53
CA SER N 618 22.90 102.74 18.27
C SER N 618 23.82 102.02 19.24
N LEU N 619 23.37 100.86 19.71
CA LEU N 619 24.19 99.96 20.51
C LEU N 619 24.23 98.61 19.81
N ILE N 620 25.38 98.27 19.24
CA ILE N 620 25.55 97.09 18.41
C ILE N 620 26.57 96.20 19.09
N PHE N 621 26.11 95.18 19.81
CA PHE N 621 27.00 94.27 20.49
C PHE N 621 27.52 93.22 19.51
N SER N 622 28.82 92.89 19.65
CA SER N 622 29.45 91.97 18.71
C SER N 622 30.21 90.86 19.41
N ASN N 623 30.98 90.10 18.66
CA ASN N 623 31.77 89.00 19.22
C ASN N 623 33.09 89.52 19.78
N ASN N 624 33.51 88.93 20.90
CA ASN N 624 34.82 89.23 21.46
C ASN N 624 35.93 88.71 20.56
N SER N 625 35.71 87.57 19.90
CA SER N 625 36.71 87.00 19.01
C SER N 625 36.53 87.43 17.56
N HIS N 626 36.02 88.64 17.34
CA HIS N 626 35.82 89.17 16.00
C HIS N 626 36.93 90.13 15.60
N GLN N 627 37.35 90.99 16.53
CA GLN N 627 38.48 91.91 16.50
C GLN N 627 38.31 93.06 15.49
N CYS N 628 37.24 93.08 14.72
CA CYS N 628 37.03 94.13 13.73
C CYS N 628 35.64 94.75 13.90
N LYS N 639 33.53 104.74 11.30
CA LYS N 639 32.62 105.65 11.98
C LYS N 639 31.20 105.49 11.46
N LYS N 640 31.08 105.08 10.21
CA LYS N 640 29.79 104.95 9.54
C LYS N 640 29.07 103.65 9.88
N PHE N 641 29.62 102.84 10.79
CA PHE N 641 29.00 101.59 11.21
C PHE N 641 28.09 101.74 12.43
N GLY N 642 28.24 102.82 13.18
CA GLY N 642 27.34 103.12 14.28
C GLY N 642 27.62 102.39 15.58
N ARG N 643 28.81 102.62 16.14
CA ARG N 643 29.18 102.28 17.52
C ARG N 643 29.08 100.78 17.81
N VAL N 644 29.88 100.01 17.09
CA VAL N 644 29.99 98.59 17.38
C VAL N 644 30.79 98.40 18.65
N LEU N 645 30.32 97.52 19.53
CA LEU N 645 30.88 97.32 20.85
C LEU N 645 31.29 95.86 20.98
N ARG N 646 32.58 95.64 21.28
CA ARG N 646 33.10 94.30 21.51
C ARG N 646 32.69 93.82 22.89
N CYS N 647 32.00 92.68 22.95
CA CYS N 647 31.52 92.15 24.21
C CYS N 647 32.66 91.40 24.91
N ASP N 648 32.36 90.72 26.02
CA ASP N 648 33.43 90.16 26.85
C ASP N 648 33.54 88.64 26.82
N THR N 649 32.44 87.92 27.08
CA THR N 649 32.56 86.48 27.25
C THR N 649 32.58 85.75 25.91
N ASP N 650 31.55 85.98 25.10
CA ASP N 650 31.42 85.32 23.80
C ASP N 650 31.50 86.36 22.68
N LEU N 652 26.18 82.98 21.63
CA LEU N 652 25.22 83.99 21.22
C LEU N 652 24.37 84.45 22.39
N ASN N 653 23.79 83.49 23.11
CA ASN N 653 22.93 83.83 24.23
C ASN N 653 23.70 84.37 25.42
N ASN N 654 25.00 84.09 25.51
CA ASN N 654 25.81 84.59 26.62
C ASN N 654 25.95 86.10 26.56
N ILE N 655 26.19 86.67 25.37
CA ILE N 655 26.21 88.12 25.26
C ILE N 655 24.81 88.71 25.42
N ILE N 656 23.76 87.92 25.17
CA ILE N 656 22.40 88.40 25.36
C ILE N 656 22.10 88.56 26.85
N GLU N 657 22.40 87.53 27.65
CA GLU N 657 22.24 87.68 29.09
C GLU N 657 23.28 88.61 29.70
N GLU N 658 24.39 88.85 29.00
CA GLU N 658 25.40 89.75 29.52
C GLU N 658 25.03 91.21 29.29
N ARG N 659 24.35 91.52 28.18
CA ARG N 659 24.13 92.91 27.83
C ARG N 659 22.66 93.26 27.67
N PHE N 660 21.75 92.36 28.06
CA PHE N 660 20.34 92.69 28.19
C PHE N 660 20.14 93.87 29.12
N GLU N 661 20.83 93.85 30.27
CA GLU N 661 20.69 94.90 31.28
C GLU N 661 21.18 96.24 30.76
N GLU N 662 22.34 96.25 30.11
CA GLU N 662 22.91 97.49 29.61
C GLU N 662 22.09 98.06 28.47
N ALA N 663 21.61 97.18 27.57
CA ALA N 663 20.76 97.63 26.47
C ALA N 663 19.43 98.19 26.98
N THR N 664 18.80 97.52 27.95
CA THR N 664 17.52 98.01 28.41
C THR N 664 17.67 99.25 29.28
N ASP N 665 18.82 99.42 29.94
CA ASP N 665 19.06 100.65 30.71
C ASP N 665 19.34 101.82 29.78
N PHE N 666 20.04 101.56 28.68
CA PHE N 666 20.23 102.62 27.68
C PHE N 666 18.91 103.00 27.02
N ILE N 667 18.03 102.02 26.79
CA ILE N 667 16.74 102.31 26.17
C ILE N 667 15.85 103.10 27.13
N LEU N 668 15.87 102.74 28.41
CA LEU N 668 15.10 103.49 29.40
C LEU N 668 15.67 104.88 29.64
N ASP N 669 16.97 105.08 29.45
CA ASP N 669 17.53 106.43 29.61
C ASP N 669 17.28 107.29 28.37
N SER N 670 17.32 106.70 27.18
CA SER N 670 16.99 107.44 25.97
C SER N 670 15.51 107.75 25.91
N PHE N 671 14.67 106.90 26.52
CA PHE N 671 13.25 107.18 26.61
C PHE N 671 12.93 108.09 27.78
N GLU N 672 13.80 108.09 28.80
CA GLU N 672 13.68 108.88 30.04
C GLU N 672 12.36 108.65 30.77
N LYS O 1 -1.38 37.21 -47.13
CA LYS O 1 -0.83 38.46 -47.61
C LYS O 1 0.64 38.30 -47.97
N VAL O 2 0.93 38.41 -49.26
CA VAL O 2 2.29 38.28 -49.77
C VAL O 2 2.67 39.58 -50.45
N TYR O 3 3.71 40.23 -49.93
CA TYR O 3 4.23 41.46 -50.51
C TYR O 3 5.66 41.24 -50.93
N TYR O 4 6.20 42.19 -51.68
CA TYR O 4 7.54 42.04 -52.24
C TYR O 4 8.32 43.32 -52.07
N LEU O 5 9.64 43.18 -52.06
CA LEU O 5 10.54 44.29 -51.78
C LEU O 5 11.61 44.36 -52.87
N PRO O 6 11.86 45.55 -53.43
CA PRO O 6 12.83 45.68 -54.52
C PRO O 6 14.26 45.63 -53.99
N VAL O 7 15.02 44.65 -54.46
CA VAL O 7 16.41 44.50 -54.08
C VAL O 7 17.27 44.59 -55.33
N THR O 8 18.35 45.35 -55.24
CA THR O 8 19.39 45.32 -56.26
C THR O 8 20.65 44.71 -55.69
N LEU O 9 21.62 44.50 -56.57
CA LEU O 9 22.91 44.01 -56.15
C LEU O 9 23.81 45.21 -55.82
N THR O 10 25.07 44.94 -55.59
CA THR O 10 26.05 45.99 -55.41
C THR O 10 27.15 45.84 -56.45
N GLN O 11 28.11 46.75 -56.37
CA GLN O 11 29.23 46.77 -57.30
C GLN O 11 30.09 45.53 -57.14
N PHE O 12 30.29 45.11 -55.90
CA PHE O 12 31.03 43.89 -55.63
C PHE O 12 30.27 42.67 -56.12
N GLN O 13 28.95 42.64 -55.91
CA GLN O 13 28.13 41.53 -56.36
C GLN O 13 28.10 41.44 -57.88
N LYS O 14 28.02 42.60 -58.54
CA LYS O 14 28.00 42.60 -60.00
C LYS O 14 29.35 42.17 -60.57
N ASP O 15 30.45 42.58 -59.93
CA ASP O 15 31.77 42.17 -60.39
C ASP O 15 31.99 40.67 -60.20
N LEU O 16 31.50 40.13 -59.08
CA LEU O 16 31.66 38.70 -58.84
C LEU O 16 30.78 37.87 -59.77
N SER O 17 29.59 38.37 -60.10
CA SER O 17 28.76 37.66 -61.06
C SER O 17 29.36 37.73 -62.45
N GLU O 18 30.06 38.83 -62.78
CA GLU O 18 30.81 38.89 -64.03
C GLU O 18 31.96 37.90 -64.03
N ILE O 19 32.57 37.66 -62.87
CA ILE O 19 33.63 36.66 -62.77
C ILE O 19 33.07 35.26 -63.02
N LEU O 20 31.90 34.97 -62.44
CA LEU O 20 31.27 33.67 -62.70
C LEU O 20 30.79 33.52 -64.14
N ILE O 21 30.37 34.61 -64.76
CA ILE O 21 30.02 34.56 -66.18
C ILE O 21 31.26 34.29 -67.01
N SER O 22 32.39 34.89 -66.64
CA SER O 22 33.66 34.59 -67.31
C SER O 22 34.09 33.16 -67.09
N LEU O 23 33.67 32.54 -66.00
CA LEU O 23 34.05 31.16 -65.75
C LEU O 23 33.04 30.18 -66.33
N HIS O 24 31.84 30.62 -66.67
CA HIS O 24 30.81 29.73 -67.18
C HIS O 24 30.34 30.03 -68.59
N ALA O 25 30.95 31.02 -69.26
CA ALA O 25 30.36 31.56 -70.49
C ALA O 25 30.48 30.61 -71.66
N LYS O 26 31.61 29.91 -71.79
CA LYS O 26 31.79 29.01 -72.91
C LYS O 26 30.88 27.80 -72.80
N SER O 27 30.77 27.23 -71.59
CA SER O 27 29.89 26.09 -71.40
C SER O 27 28.43 26.49 -71.51
N PHE O 28 28.07 27.71 -71.08
CA PHE O 28 26.69 28.15 -71.22
C PHE O 28 26.33 28.42 -72.67
N LYS O 29 27.25 29.02 -73.43
CA LYS O 29 27.01 29.24 -74.85
C LYS O 29 27.00 27.93 -75.61
N ALA O 30 27.76 26.93 -75.15
CA ALA O 30 27.72 25.61 -75.76
C ALA O 30 26.39 24.92 -75.48
N SER O 31 25.87 25.06 -74.26
CA SER O 31 24.58 24.47 -73.95
C SER O 31 23.41 25.28 -74.52
N ILE O 32 23.64 26.52 -74.95
CA ILE O 32 22.60 27.29 -75.61
C ILE O 32 22.71 27.07 -77.12
N ILE O 33 23.89 27.35 -77.67
CA ILE O 33 24.11 27.14 -79.10
C ILE O 33 25.29 26.21 -79.31
N THR O 53 44.73 12.54 -58.49
CA THR O 53 43.57 13.02 -57.73
C THR O 53 42.29 12.36 -58.21
N HIS O 54 41.92 12.65 -59.45
CA HIS O 54 40.66 12.19 -60.02
C HIS O 54 40.81 12.16 -61.54
N PRO O 55 40.05 11.31 -62.22
CA PRO O 55 39.98 11.40 -63.69
C PRO O 55 39.46 12.76 -64.12
N TYR O 56 40.24 13.41 -64.97
CA TYR O 56 40.03 14.78 -65.47
C TYR O 56 38.66 15.04 -66.11
N PRO O 57 37.97 14.07 -66.72
CA PRO O 57 36.53 14.26 -66.94
C PRO O 57 35.79 14.38 -65.62
N THR O 58 35.17 15.54 -65.40
CA THR O 58 34.61 15.88 -64.10
C THR O 58 33.09 15.78 -64.07
N LEU O 59 32.40 16.45 -64.99
CA LEU O 59 31.00 16.73 -64.74
C LEU O 59 30.29 16.92 -66.07
N SER O 60 28.97 16.78 -66.02
CA SER O 60 28.10 16.99 -67.17
C SER O 60 27.83 18.48 -67.34
N GLN O 61 27.14 18.80 -68.43
CA GLN O 61 26.70 20.18 -68.63
C GLN O 61 25.56 20.53 -67.69
N ARG O 62 24.76 19.52 -67.32
CA ARG O 62 23.73 19.71 -66.29
C ARG O 62 24.36 20.07 -64.95
N GLN O 63 25.46 19.40 -64.60
CA GLN O 63 26.17 19.75 -63.38
C GLN O 63 26.85 21.11 -63.51
N LEU O 64 27.25 21.48 -64.73
CA LEU O 64 27.86 22.79 -64.95
C LEU O 64 26.85 23.91 -64.71
N THR O 65 25.64 23.77 -65.24
CA THR O 65 24.65 24.81 -64.97
C THR O 65 24.07 24.72 -63.56
N TYR O 66 24.13 23.55 -62.91
CA TYR O 66 23.81 23.49 -61.48
C TYR O 66 24.81 24.30 -60.66
N ILE O 67 26.10 24.17 -60.99
CA ILE O 67 27.13 24.99 -60.38
C ILE O 67 26.87 26.47 -60.68
N PHE O 68 26.43 26.76 -61.91
CA PHE O 68 26.17 28.13 -62.35
C PHE O 68 25.07 28.80 -61.51
N ASP O 69 23.88 28.18 -61.48
CA ASP O 69 22.79 28.87 -60.79
C ASP O 69 22.93 28.79 -59.27
N SER O 70 23.56 27.73 -58.74
CA SER O 70 23.77 27.68 -57.30
C SER O 70 24.76 28.74 -56.84
N ASN O 71 25.87 28.92 -57.57
CA ASN O 71 26.81 29.94 -57.16
C ASN O 71 26.30 31.35 -57.47
N ILE O 72 25.42 31.50 -58.46
CA ILE O 72 24.88 32.83 -58.68
C ILE O 72 23.82 33.16 -57.62
N ARG O 73 23.15 32.16 -57.05
CA ARG O 73 22.27 32.44 -55.92
C ARG O 73 23.09 32.65 -54.65
N ALA O 74 24.29 32.07 -54.60
CA ALA O 74 25.20 32.38 -53.50
C ALA O 74 25.69 33.82 -53.57
N ILE O 75 25.90 34.33 -54.79
CA ILE O 75 26.20 35.75 -54.94
C ILE O 75 25.00 36.59 -54.57
N ALA O 76 23.79 36.09 -54.85
CA ALA O 76 22.56 36.82 -54.53
C ALA O 76 22.38 37.06 -53.04
N ASN O 77 23.03 36.27 -52.18
CA ASN O 77 22.94 36.43 -50.73
C ASN O 77 24.35 36.51 -50.17
N HIS O 78 24.80 37.74 -49.85
CA HIS O 78 26.07 38.01 -49.16
C HIS O 78 27.30 37.39 -49.81
N PRO O 79 27.92 38.10 -50.76
CA PRO O 79 28.92 37.49 -51.65
C PRO O 79 30.17 36.88 -51.01
N SER O 80 30.29 36.91 -49.69
CA SER O 80 31.32 36.09 -49.07
C SER O 80 30.95 34.62 -49.07
N LEU O 81 29.72 34.26 -49.47
CA LEU O 81 29.25 32.88 -49.48
C LEU O 81 29.83 32.05 -50.62
N LEU O 82 30.69 32.60 -51.47
CA LEU O 82 31.24 31.83 -52.56
C LEU O 82 32.36 30.91 -52.13
N VAL O 83 32.75 30.95 -50.87
CA VAL O 83 33.79 30.07 -50.40
C VAL O 83 33.11 28.75 -50.04
N ASP O 84 33.70 27.65 -50.49
CA ASP O 84 33.23 26.32 -50.11
C ASP O 84 34.07 25.82 -48.94
N HIS O 85 34.03 26.58 -47.85
CA HIS O 85 34.77 26.24 -46.65
C HIS O 85 33.96 26.76 -45.48
N TYR O 86 33.73 25.88 -44.51
CA TYR O 86 32.89 26.20 -43.36
C TYR O 86 33.51 27.30 -42.53
N MET O 87 32.64 28.08 -41.90
CA MET O 87 33.09 29.10 -40.98
C MET O 87 33.56 28.43 -39.69
N PRO O 88 34.66 28.90 -39.10
CA PRO O 88 35.18 28.22 -37.91
C PRO O 88 34.41 28.51 -36.64
N ARG O 89 33.34 29.33 -36.72
CA ARG O 89 32.41 29.72 -35.64
C ARG O 89 33.14 30.34 -34.45
N GLN O 90 34.24 31.03 -34.73
CA GLN O 90 34.97 31.82 -33.76
C GLN O 90 34.99 33.29 -34.16
N LEU O 91 35.45 33.57 -35.37
CA LEU O 91 35.49 34.94 -35.88
C LEU O 91 34.11 35.41 -36.32
N LEU O 92 33.20 34.47 -36.59
CA LEU O 92 31.89 34.82 -37.12
C LEU O 92 31.05 35.58 -36.12
N ARG O 93 31.19 35.25 -34.83
CA ARG O 93 30.58 36.03 -33.76
C ARG O 93 31.51 37.10 -33.23
N MET O 94 32.45 37.55 -34.04
CA MET O 94 33.46 38.49 -33.62
C MET O 94 33.68 39.55 -34.70
N GLU O 95 32.59 40.01 -35.32
CA GLU O 95 32.73 40.96 -36.40
C GLU O 95 31.67 42.06 -36.29
N PRO O 96 32.01 43.30 -36.62
CA PRO O 96 31.02 44.38 -36.58
C PRO O 96 29.96 44.21 -37.64
N THR O 97 28.85 44.91 -37.43
CA THR O 97 27.71 44.76 -38.33
C THR O 97 27.94 45.48 -39.65
N GLU O 98 28.72 46.56 -39.65
CA GLU O 98 28.84 47.40 -40.83
C GLU O 98 29.62 46.70 -41.94
N SER O 99 30.74 46.07 -41.59
CA SER O 99 31.53 45.38 -42.59
C SER O 99 30.82 44.13 -43.10
N SER O 100 30.00 43.52 -42.26
CA SER O 100 29.26 42.34 -42.70
C SER O 100 28.13 42.74 -43.64
N ILE O 101 27.45 43.85 -43.38
CA ILE O 101 26.44 44.29 -44.34
C ILE O 101 27.03 45.07 -45.50
N ALA O 102 28.35 45.30 -45.50
CA ALA O 102 28.99 45.95 -46.63
C ALA O 102 29.08 45.04 -47.84
N GLY O 103 28.94 43.73 -47.66
CA GLY O 103 29.07 42.81 -48.77
C GLY O 103 27.92 42.91 -49.76
N SER O 104 26.69 42.93 -49.27
CA SER O 104 25.53 42.93 -50.14
C SER O 104 24.50 43.94 -49.67
N HIS O 105 23.72 44.43 -50.63
CA HIS O 105 22.63 45.35 -50.32
C HIS O 105 21.48 44.65 -49.62
N LYS O 106 21.38 43.34 -49.77
CA LYS O 106 20.34 42.57 -49.08
C LYS O 106 20.50 42.66 -47.57
N PHE O 107 21.74 42.57 -47.08
CA PHE O 107 21.98 42.75 -45.66
C PHE O 107 21.73 44.17 -45.22
N GLN O 108 21.97 45.15 -46.11
CA GLN O 108 21.69 46.54 -45.78
C GLN O 108 20.19 46.76 -45.57
N VAL O 109 19.37 46.28 -46.51
CA VAL O 109 17.94 46.51 -46.38
C VAL O 109 17.35 45.65 -45.28
N LEU O 110 17.93 44.46 -45.02
CA LEU O 110 17.42 43.62 -43.94
C LEU O 110 17.74 44.21 -42.58
N ASN O 111 18.98 44.69 -42.40
CA ASN O 111 19.38 45.32 -41.16
C ASN O 111 18.61 46.61 -40.92
N GLN O 112 18.38 47.38 -41.99
CA GLN O 112 17.56 48.58 -41.88
C GLN O 112 16.14 48.23 -41.49
N LEU O 113 15.61 47.12 -42.02
CA LEU O 113 14.26 46.70 -41.71
C LEU O 113 14.12 46.28 -40.25
N ILE O 114 15.06 45.51 -39.73
CA ILE O 114 14.92 45.07 -38.35
C ILE O 114 15.23 46.20 -37.39
N ASN O 115 16.09 47.15 -37.78
CA ASN O 115 16.31 48.31 -36.93
C ASN O 115 15.09 49.21 -36.90
N SER O 116 14.36 49.30 -38.01
CA SER O 116 13.12 50.07 -37.98
C SER O 116 12.05 49.35 -37.17
N ILE O 117 11.99 48.03 -37.28
CA ILE O 117 10.96 47.30 -36.54
C ILE O 117 11.30 47.21 -35.06
N CYS O 118 12.55 47.44 -34.67
CA CYS O 118 12.88 47.43 -33.26
C CYS O 118 12.56 48.78 -32.61
N PHE O 119 12.88 49.88 -33.29
CA PHE O 119 12.76 51.21 -32.71
C PHE O 119 11.43 51.87 -33.03
N ARG O 120 10.37 51.08 -33.17
CA ARG O 120 9.04 51.61 -33.36
C ARG O 120 8.50 52.16 -32.04
N ASP O 121 7.30 52.74 -32.09
CA ASP O 121 6.60 53.12 -30.87
C ASP O 121 5.72 51.96 -30.42
N ARG O 122 5.79 51.66 -29.13
CA ARG O 122 5.02 50.55 -28.59
C ARG O 122 3.78 51.06 -27.88
N PRO O 126 1.36 51.28 -25.79
CA PRO O 126 1.10 50.30 -24.74
C PRO O 126 2.04 49.10 -24.78
N ASN O 127 1.75 48.10 -23.95
CA ASN O 127 2.56 46.87 -23.89
C ASN O 127 2.23 46.03 -25.12
N GLU O 128 3.13 46.06 -26.11
CA GLU O 128 2.97 45.30 -27.34
C GLU O 128 4.10 44.28 -27.42
N VAL O 129 3.74 43.00 -27.38
CA VAL O 129 4.69 41.91 -27.22
C VAL O 129 4.62 41.11 -28.51
N ILE O 130 4.51 41.83 -29.64
CA ILE O 130 4.36 41.21 -30.95
C ILE O 130 5.56 40.34 -31.31
N LYS O 131 5.34 39.43 -32.24
CA LYS O 131 6.29 38.37 -32.55
C LYS O 131 6.83 38.57 -33.96
N CYS O 132 7.86 37.79 -34.28
CA CYS O 132 8.46 37.82 -35.60
C CYS O 132 9.06 36.46 -35.89
N ALA O 133 9.31 36.21 -37.17
CA ALA O 133 9.92 34.96 -37.61
C ALA O 133 10.66 35.20 -38.91
N ILE O 134 11.79 34.51 -39.07
CA ILE O 134 12.64 34.66 -40.24
C ILE O 134 13.00 33.27 -40.73
N ILE O 135 12.71 32.98 -42.00
CA ILE O 135 12.95 31.68 -42.59
C ILE O 135 14.05 31.82 -43.63
N ALA O 136 15.04 30.94 -43.55
CA ALA O 136 16.09 30.84 -44.56
C ALA O 136 15.85 29.61 -45.42
N HIS O 137 16.60 29.54 -46.52
CA HIS O 137 16.47 28.39 -47.41
C HIS O 137 17.36 27.22 -46.97
N SER O 138 18.55 27.52 -46.47
CA SER O 138 19.52 26.51 -46.09
C SER O 138 20.17 26.91 -44.78
N ILE O 139 21.26 26.23 -44.43
CA ILE O 139 21.80 26.31 -43.08
C ILE O 139 22.75 27.48 -42.92
N LYS O 140 23.76 27.60 -43.80
CA LYS O 140 24.82 28.59 -43.63
C LYS O 140 24.28 30.02 -43.70
N GLU O 141 23.23 30.22 -44.49
CA GLU O 141 22.54 31.49 -44.50
C GLU O 141 21.89 31.78 -43.15
N LEU O 142 21.35 30.76 -42.50
CA LEU O 142 20.79 30.94 -41.16
C LEU O 142 21.89 31.19 -40.14
N ASP O 143 23.08 30.62 -40.34
CA ASP O 143 24.20 30.93 -39.45
C ASP O 143 24.65 32.37 -39.61
N LEU O 144 24.68 32.87 -40.85
CA LEU O 144 25.03 34.28 -41.03
C LEU O 144 23.95 35.19 -40.48
N LEU O 145 22.69 34.76 -40.56
CA LEU O 145 21.59 35.49 -39.93
C LEU O 145 21.79 35.57 -38.42
N GLU O 146 22.13 34.44 -37.80
CA GLU O 146 22.31 34.40 -36.36
C GLU O 146 23.53 35.20 -35.94
N GLY O 147 24.58 35.20 -36.77
CA GLY O 147 25.73 36.02 -36.47
C GLY O 147 25.46 37.50 -36.61
N LEU O 148 24.53 37.87 -37.48
CA LEU O 148 24.22 39.29 -37.61
C LEU O 148 23.31 39.76 -36.48
N ILE O 149 22.38 38.90 -36.04
CA ILE O 149 21.32 39.33 -35.14
C ILE O 149 21.68 39.03 -33.69
N LEU O 150 22.93 38.63 -33.44
CA LEU O 150 23.34 38.05 -32.16
C LEU O 150 23.24 39.05 -31.01
N GLY O 151 23.94 40.16 -31.12
CA GLY O 151 23.92 41.12 -30.04
C GLY O 151 22.68 41.97 -29.96
N LYS O 152 21.80 41.90 -30.94
CA LYS O 152 20.68 42.82 -31.03
C LYS O 152 19.60 42.46 -30.01
N LYS O 153 18.89 43.49 -29.57
CA LYS O 153 17.96 43.39 -28.44
C LYS O 153 16.68 42.68 -28.84
N PHE O 154 16.75 41.35 -28.91
CA PHE O 154 15.57 40.59 -29.29
C PHE O 154 15.56 39.25 -28.58
N ARG O 155 14.41 38.89 -28.02
CA ARG O 155 14.23 37.57 -27.41
C ARG O 155 14.17 36.54 -28.52
N THR O 156 15.29 35.87 -28.75
CA THR O 156 15.45 34.97 -29.87
C THR O 156 15.35 33.52 -29.43
N LYS O 157 15.07 32.64 -30.40
CA LYS O 157 15.04 31.20 -30.16
C LYS O 157 15.27 30.51 -31.50
N ARG O 158 16.40 29.83 -31.63
CA ARG O 158 16.75 29.17 -32.89
C ARG O 158 16.11 27.80 -32.94
N LEU O 159 15.30 27.55 -33.98
CA LEU O 159 14.67 26.26 -34.20
C LEU O 159 15.48 25.37 -35.14
N SER O 160 16.79 25.56 -35.21
CA SER O 160 17.66 24.71 -35.98
C SER O 160 18.88 24.37 -35.14
N GLY O 161 19.56 23.30 -35.54
CA GLY O 161 20.65 22.77 -34.75
C GLY O 161 21.89 23.64 -34.81
N THR O 162 22.75 23.41 -33.81
CA THR O 162 24.07 24.05 -33.66
C THR O 162 23.93 25.57 -33.59
N SER O 163 23.26 26.03 -32.54
CA SER O 163 23.03 27.45 -32.38
C SER O 163 24.33 28.17 -31.97
N LEU O 164 24.25 29.49 -31.95
CA LEU O 164 25.42 30.32 -31.70
C LEU O 164 25.17 31.08 -30.40
N TYR O 165 25.81 30.62 -29.33
CA TYR O 165 25.77 31.23 -27.99
C TYR O 165 24.33 31.34 -27.49
N ASN O 166 23.71 30.18 -27.28
CA ASN O 166 22.28 30.10 -27.03
C ASN O 166 21.94 30.67 -25.66
N GLU O 167 21.08 31.69 -25.65
CA GLU O 167 20.53 32.21 -24.43
C GLU O 167 19.20 31.52 -24.14
N LYS O 168 18.85 31.46 -22.86
CA LYS O 168 17.77 30.60 -22.38
C LYS O 168 16.46 31.34 -22.23
N HIS O 169 16.16 32.27 -23.14
CA HIS O 169 14.84 32.89 -23.18
C HIS O 169 13.80 31.84 -23.52
N LYS O 170 13.02 31.42 -22.54
CA LYS O 170 12.06 30.35 -22.75
C LYS O 170 10.66 30.94 -22.87
N PHE O 171 9.95 30.52 -23.89
CA PHE O 171 8.69 31.14 -24.28
C PHE O 171 7.58 30.74 -23.32
N PRO O 172 6.65 31.65 -23.03
CA PRO O 172 5.45 31.28 -22.26
C PRO O 172 4.53 30.35 -23.04
N ASN O 173 4.45 29.10 -22.58
CA ASN O 173 3.59 28.04 -23.13
C ASN O 173 3.81 27.76 -24.61
N TYR O 202 12.91 34.20 6.91
CA TYR O 202 14.03 33.92 6.02
C TYR O 202 14.99 32.91 6.64
N THR O 203 14.47 32.05 7.50
CA THR O 203 15.20 31.02 8.24
C THR O 203 16.37 31.62 9.02
N GLY O 204 16.02 32.46 9.99
CA GLY O 204 17.02 33.04 10.87
C GLY O 204 17.43 32.10 11.99
N TYR O 205 16.48 31.34 12.52
CA TYR O 205 16.70 30.46 13.65
C TYR O 205 16.44 29.01 13.25
N SER O 206 16.46 28.14 14.24
CA SER O 206 16.05 26.76 14.07
C SER O 206 14.56 26.62 14.37
N LYS O 207 13.98 25.55 13.82
CA LYS O 207 12.65 25.00 14.11
C LYS O 207 11.51 25.87 13.56
N ASP O 208 11.81 27.09 13.12
CA ASP O 208 10.78 28.02 12.72
C ASP O 208 10.62 27.99 11.20
N ASP O 209 9.65 28.74 10.69
CA ASP O 209 9.39 28.78 9.25
C ASP O 209 8.69 30.10 8.94
N TYR O 210 9.39 31.01 8.30
CA TYR O 210 8.67 32.18 7.85
C TYR O 210 8.82 32.44 6.36
N ASP O 211 10.01 32.16 5.80
CA ASP O 211 10.36 32.01 4.38
C ASP O 211 9.65 32.99 3.43
N TYR O 212 9.80 34.28 3.74
CA TYR O 212 9.25 35.33 2.90
C TYR O 212 9.97 35.48 1.57
N SER O 213 11.11 34.78 1.39
CA SER O 213 11.93 34.91 0.20
C SER O 213 11.24 34.46 -1.07
N VAL O 214 10.25 33.56 -0.96
CA VAL O 214 9.55 33.10 -2.15
C VAL O 214 8.66 34.19 -2.72
N LYS O 215 7.97 34.95 -1.87
CA LYS O 215 7.19 36.08 -2.37
C LYS O 215 8.03 37.33 -2.54
N ARG O 216 9.24 37.34 -2.00
CA ARG O 216 10.09 38.51 -2.14
C ARG O 216 10.72 38.59 -3.51
N ASN O 217 11.14 37.46 -4.07
CA ASN O 217 11.98 37.46 -5.26
C ASN O 217 11.23 37.77 -6.55
N LEU O 218 9.90 37.82 -6.52
CA LEU O 218 9.17 38.30 -7.68
C LEU O 218 9.14 39.81 -7.77
N LYS O 219 9.55 40.51 -6.71
CA LYS O 219 9.57 41.96 -6.68
C LYS O 219 10.95 42.53 -6.99
N LYS O 220 11.98 41.69 -7.07
CA LYS O 220 13.32 42.16 -7.38
C LYS O 220 13.88 41.54 -8.66
N ARG O 221 13.14 40.67 -9.32
CA ARG O 221 13.60 40.03 -10.55
C ARG O 221 13.00 40.76 -11.74
N LYS O 222 13.84 41.54 -12.43
CA LYS O 222 13.36 42.30 -13.58
C LYS O 222 13.23 41.38 -14.79
N ILE O 223 12.36 41.80 -15.71
CA ILE O 223 11.87 40.94 -16.76
C ILE O 223 12.12 41.57 -18.13
N ASN O 224 12.19 40.71 -19.15
CA ASN O 224 12.44 41.15 -20.52
C ASN O 224 11.14 41.55 -21.20
N THR O 225 11.22 42.57 -22.03
CA THR O 225 10.10 43.02 -22.85
C THR O 225 10.57 43.26 -24.28
N ASP O 226 11.33 42.32 -24.81
CA ASP O 226 11.66 42.35 -26.22
C ASP O 226 10.55 41.73 -27.04
N ASP O 227 10.50 42.09 -28.31
CA ASP O 227 9.66 41.36 -29.22
C ASP O 227 10.31 40.02 -29.53
N TRP O 228 9.48 39.01 -29.77
CA TRP O 228 9.98 37.66 -29.89
C TRP O 228 10.27 37.30 -31.33
N LEU O 229 11.32 36.52 -31.53
CA LEU O 229 11.79 36.17 -32.86
C LEU O 229 12.28 34.74 -32.86
N PHE O 230 12.09 34.07 -33.98
CA PHE O 230 12.49 32.68 -34.15
C PHE O 230 13.26 32.54 -35.45
N LEU O 231 14.03 31.45 -35.55
CA LEU O 231 14.88 31.21 -36.70
C LEU O 231 14.77 29.76 -37.10
N ALA O 232 14.55 29.51 -38.39
CA ALA O 232 14.45 28.15 -38.92
C ALA O 232 14.73 28.18 -40.40
N THR O 233 14.79 26.99 -40.99
CA THR O 233 15.00 26.83 -42.42
C THR O 233 13.80 26.15 -43.06
N THR O 234 13.80 26.16 -44.39
CA THR O 234 12.75 25.49 -45.15
C THR O 234 12.91 23.98 -45.14
N LYS O 235 14.12 23.47 -44.89
CA LYS O 235 14.32 22.03 -44.77
C LYS O 235 13.55 21.46 -43.60
N HIS O 236 13.54 22.18 -42.47
CA HIS O 236 12.75 21.74 -41.33
C HIS O 236 11.27 21.83 -41.62
N LEU O 237 10.84 22.86 -42.35
CA LEU O 237 9.41 23.00 -42.64
C LEU O 237 8.95 21.98 -43.67
N LYS O 238 9.84 21.51 -44.52
CA LYS O 238 9.47 20.48 -45.48
C LYS O 238 9.65 19.09 -44.93
N HIS O 239 10.51 18.90 -43.94
CA HIS O 239 10.61 17.60 -43.29
C HIS O 239 9.39 17.32 -42.44
N ASP O 240 9.13 18.20 -41.47
CA ASP O 240 8.00 18.04 -40.57
C ASP O 240 7.22 19.35 -40.53
N GLN O 241 6.07 19.28 -39.88
CA GLN O 241 5.17 20.42 -39.72
C GLN O 241 4.94 20.68 -38.24
N TYR O 242 4.06 21.65 -37.96
CA TYR O 242 3.72 22.17 -36.63
C TYR O 242 4.94 22.74 -35.91
N LEU O 243 5.98 23.11 -36.65
CA LEU O 243 7.18 23.63 -36.04
C LEU O 243 6.97 25.07 -35.60
N LEU O 244 6.11 25.79 -36.30
CA LEU O 244 5.82 27.18 -36.00
C LEU O 244 4.40 27.41 -35.54
N ALA O 245 3.56 26.38 -35.56
CA ALA O 245 2.18 26.53 -35.13
C ALA O 245 2.05 26.61 -33.61
N ASN O 246 3.10 26.24 -32.87
CA ASN O 246 3.09 26.40 -31.44
C ASN O 246 3.16 27.88 -31.05
N TYR O 247 4.00 28.65 -31.74
CA TYR O 247 4.15 30.07 -31.44
C TYR O 247 3.15 30.89 -32.24
N ASP O 248 2.47 31.81 -31.57
CA ASP O 248 1.54 32.72 -32.21
C ASP O 248 2.33 33.85 -32.86
N ILE O 249 2.91 33.54 -34.01
CA ILE O 249 3.72 34.51 -34.75
C ILE O 249 2.81 35.52 -35.42
N ASP O 250 3.39 36.62 -35.90
CA ASP O 250 2.61 37.72 -36.47
C ASP O 250 3.02 38.13 -37.85
N MET O 251 4.24 37.82 -38.29
CA MET O 251 4.67 38.12 -39.64
C MET O 251 5.79 37.16 -40.00
N ILE O 252 5.94 36.91 -41.29
CA ILE O 252 7.07 36.13 -41.79
C ILE O 252 7.85 37.04 -42.71
N ILE O 253 8.82 37.73 -42.14
CA ILE O 253 9.81 38.42 -42.96
C ILE O 253 10.84 37.37 -43.33
N SER O 254 10.60 36.67 -44.44
CA SER O 254 11.43 35.53 -44.77
C SER O 254 12.58 35.94 -45.67
N PHE O 255 13.69 35.21 -45.54
CA PHE O 255 14.83 35.44 -46.40
C PHE O 255 14.65 34.81 -47.76
N ASP O 256 13.96 33.68 -47.83
CA ASP O 256 13.78 32.90 -49.05
C ASP O 256 12.61 33.44 -49.85
N PRO O 257 12.73 33.53 -51.18
CA PRO O 257 11.63 34.05 -52.00
C PRO O 257 10.72 33.00 -52.62
N MET O 258 10.92 31.71 -52.34
CA MET O 258 10.19 30.63 -52.99
C MET O 258 9.55 29.72 -51.95
N LEU O 259 8.79 30.32 -51.04
CA LEU O 259 8.31 29.64 -49.84
C LEU O 259 7.27 28.56 -50.10
N GLU O 260 6.54 28.63 -51.22
CA GLU O 260 5.34 27.82 -51.48
C GLU O 260 4.35 27.96 -50.33
N VAL O 261 3.79 29.17 -50.26
CA VAL O 261 3.04 29.75 -49.14
C VAL O 261 2.02 28.82 -48.49
N GLU O 262 1.41 27.92 -49.26
CA GLU O 262 0.45 26.98 -48.69
C GLU O 262 1.14 25.68 -48.27
N LEU O 263 2.14 25.82 -47.43
CA LEU O 263 2.70 24.69 -46.72
C LEU O 263 1.74 24.30 -45.58
N PRO O 264 1.76 23.02 -45.15
CA PRO O 264 0.74 22.57 -44.18
C PRO O 264 0.79 23.25 -42.83
N ALA O 265 1.97 23.35 -42.21
CA ALA O 265 2.11 24.11 -40.98
C ALA O 265 1.82 25.59 -41.22
N LEU O 266 2.18 26.10 -42.40
CA LEU O 266 1.83 27.48 -42.73
C LEU O 266 0.34 27.65 -42.94
N GLN O 267 -0.33 26.63 -43.46
CA GLN O 267 -1.77 26.70 -43.63
C GLN O 267 -2.50 26.70 -42.30
N VAL O 268 -2.06 25.86 -41.36
CA VAL O 268 -2.67 25.89 -40.03
C VAL O 268 -2.30 27.17 -39.29
N LEU O 269 -1.12 27.74 -39.57
CA LEU O 269 -0.79 29.06 -39.05
C LEU O 269 -1.75 30.12 -39.56
N ARG O 270 -2.08 30.08 -40.86
CA ARG O 270 -3.05 31.02 -41.41
C ARG O 270 -4.45 30.77 -40.86
N ASN O 271 -4.76 29.52 -40.53
CA ASN O 271 -6.10 29.18 -40.09
C ASN O 271 -6.34 29.49 -38.61
N ASN O 272 -5.31 29.42 -37.76
CA ASN O 272 -5.58 29.60 -36.34
C ASN O 272 -5.70 31.06 -35.94
N ALA O 273 -4.85 31.93 -36.52
CA ALA O 273 -4.78 33.31 -36.09
C ALA O 273 -6.01 34.10 -36.54
N ASN O 274 -6.25 35.21 -35.84
CA ASN O 274 -7.45 35.99 -36.09
C ASN O 274 -7.34 36.80 -37.38
N LYS O 275 -6.21 37.45 -37.59
CA LYS O 275 -5.97 38.25 -38.78
C LYS O 275 -4.97 37.55 -39.68
N ASP O 276 -4.89 38.03 -40.92
CA ASP O 276 -3.98 37.42 -41.89
C ASP O 276 -2.54 37.79 -41.56
N ILE O 277 -1.64 36.82 -41.71
CA ILE O 277 -0.24 36.98 -41.36
C ILE O 277 0.49 37.51 -42.59
N PRO O 278 1.08 38.70 -42.54
CA PRO O 278 1.81 39.21 -43.70
C PRO O 278 3.11 38.45 -43.93
N ILE O 279 3.34 38.10 -45.19
CA ILE O 279 4.53 37.38 -45.62
C ILE O 279 5.30 38.32 -46.53
N ILE O 280 6.54 38.62 -46.17
CA ILE O 280 7.36 39.56 -46.92
C ILE O 280 8.65 38.87 -47.30
N LYS O 281 8.90 38.77 -48.59
CA LYS O 281 10.11 38.16 -49.11
C LYS O 281 11.06 39.24 -49.62
N LEU O 282 12.35 38.95 -49.55
CA LEU O 282 13.32 39.72 -50.29
C LEU O 282 13.24 39.34 -51.76
N LEU O 283 13.44 40.31 -52.64
CA LEU O 283 13.28 40.05 -54.07
C LEU O 283 14.28 40.88 -54.86
N VAL O 284 15.31 40.21 -55.37
CA VAL O 284 16.26 40.84 -56.28
C VAL O 284 15.54 41.21 -57.58
N GLN O 285 16.03 42.28 -58.24
CA GLN O 285 15.36 42.83 -59.42
C GLN O 285 15.40 41.86 -60.60
N ASN O 286 16.60 41.54 -61.07
CA ASN O 286 16.77 40.68 -62.24
C ASN O 286 17.59 39.47 -61.81
N SER O 287 16.88 38.43 -61.39
CA SER O 287 17.50 37.23 -60.85
C SER O 287 17.04 36.01 -61.63
N PRO O 288 17.78 34.91 -61.57
CA PRO O 288 17.23 33.64 -62.09
C PRO O 288 15.99 33.20 -61.35
N ASP O 289 15.91 33.48 -60.05
CA ASP O 289 14.67 33.22 -59.33
C ASP O 289 13.56 34.18 -59.74
N HIS O 290 13.92 35.36 -60.28
CA HIS O 290 12.90 36.33 -60.65
C HIS O 290 12.10 35.86 -61.86
N TYR O 291 12.69 34.99 -62.69
CA TYR O 291 11.95 34.41 -63.81
C TYR O 291 10.83 33.51 -63.31
N LEU O 292 11.15 32.61 -62.38
CA LEU O 292 10.13 31.72 -61.84
C LEU O 292 9.17 32.48 -60.95
N LEU O 293 9.62 33.56 -60.31
CA LEU O 293 8.72 34.37 -59.53
C LEU O 293 7.82 35.26 -60.38
N ASP O 294 8.23 35.59 -61.60
CA ASP O 294 7.33 36.28 -62.51
C ASP O 294 6.39 35.32 -63.21
N SER O 295 6.82 34.07 -63.41
CA SER O 295 5.88 33.05 -63.87
C SER O 295 4.91 32.66 -62.78
N GLU O 296 5.30 32.83 -61.51
CA GLU O 296 4.42 32.64 -60.38
C GLU O 296 3.58 33.88 -60.05
N ILE O 297 4.02 35.06 -60.48
CA ILE O 297 3.44 36.31 -60.01
C ILE O 297 2.06 36.60 -60.59
N LYS O 298 1.63 35.83 -61.59
CA LYS O 298 0.24 35.90 -62.04
C LYS O 298 -0.68 35.46 -60.91
N ASN O 299 -1.80 36.19 -60.79
CA ASN O 299 -2.78 36.08 -59.69
C ASN O 299 -2.12 36.23 -58.31
N SER O 316 14.98 17.44 -66.50
CA SER O 316 13.69 17.33 -67.17
C SER O 316 13.11 18.72 -67.47
N GLN O 317 11.87 18.94 -67.02
CA GLN O 317 11.24 20.25 -67.23
C GLN O 317 11.91 21.33 -66.41
N GLU O 318 12.47 20.95 -65.26
CA GLU O 318 13.23 21.88 -64.45
C GLU O 318 14.50 22.32 -65.17
N TYR O 319 15.05 21.49 -66.05
CA TYR O 319 16.19 21.90 -66.86
C TYR O 319 15.81 22.99 -67.84
N GLU O 320 14.61 22.87 -68.43
CA GLU O 320 14.10 23.91 -69.31
C GLU O 320 13.86 25.21 -68.54
N GLU O 321 13.32 25.09 -67.33
CA GLU O 321 13.11 26.27 -66.50
C GLU O 321 14.42 26.91 -66.08
N ILE O 322 15.45 26.10 -65.83
CA ILE O 322 16.79 26.59 -65.50
C ILE O 322 17.38 27.36 -66.67
N LYS O 323 17.27 26.80 -67.87
CA LYS O 323 17.83 27.45 -69.06
C LYS O 323 17.10 28.74 -69.39
N SER O 324 15.78 28.75 -69.25
CA SER O 324 15.02 29.96 -69.55
C SER O 324 15.23 31.03 -68.49
N SER O 325 15.39 30.63 -67.23
CA SER O 325 15.68 31.60 -66.19
C SER O 325 17.07 32.20 -66.35
N LEU O 326 18.05 31.38 -66.71
CA LEU O 326 19.39 31.89 -66.92
C LEU O 326 19.47 32.77 -68.16
N LEU O 327 18.65 32.49 -69.17
CA LEU O 327 18.60 33.38 -70.31
C LEU O 327 17.91 34.70 -69.96
N TYR O 328 16.89 34.65 -69.09
CA TYR O 328 16.29 35.89 -68.59
C TYR O 328 17.27 36.67 -67.74
N PHE O 329 18.17 35.96 -67.05
CA PHE O 329 19.17 36.63 -66.22
C PHE O 329 20.25 37.28 -67.07
N LEU O 330 20.83 36.53 -67.99
CA LEU O 330 21.93 37.06 -68.79
C LEU O 330 21.48 38.01 -69.87
N GLN O 331 20.23 37.91 -70.33
CA GLN O 331 19.73 38.93 -71.24
C GLN O 331 19.46 40.23 -70.50
N ALA O 332 18.94 40.13 -69.28
CA ALA O 332 18.80 41.28 -68.41
C ALA O 332 19.99 41.44 -67.47
N ARG O 333 21.19 41.04 -67.91
CA ARG O 333 22.38 41.23 -67.10
C ARG O 333 22.68 42.71 -66.89
N ASN O 334 22.76 43.46 -67.98
CA ASN O 334 23.00 44.89 -67.89
C ASN O 334 21.71 45.69 -68.02
N ALA O 335 20.62 45.15 -67.49
CA ALA O 335 19.34 45.82 -67.44
C ALA O 335 19.44 47.03 -66.53
N PRO O 336 19.46 48.25 -67.06
CA PRO O 336 19.92 49.40 -66.28
C PRO O 336 18.86 50.07 -65.42
N VAL O 337 17.63 49.60 -65.43
CA VAL O 337 16.58 50.26 -64.64
C VAL O 337 16.60 49.70 -63.23
N ASN O 338 16.05 50.49 -62.31
CA ASN O 338 16.05 50.15 -60.89
C ASN O 338 14.80 50.70 -60.25
N ASN O 339 14.41 50.08 -59.14
CA ASN O 339 13.26 50.52 -58.36
C ASN O 339 13.76 51.01 -57.02
N CYS O 340 13.34 52.20 -56.61
CA CYS O 340 13.89 52.85 -55.43
C CYS O 340 12.77 53.52 -54.64
N GLU O 341 13.18 54.27 -53.62
CA GLU O 341 12.33 55.10 -52.75
C GLU O 341 11.29 54.24 -52.03
N ILE O 342 11.81 53.40 -51.14
CA ILE O 342 11.00 52.54 -50.29
C ILE O 342 11.11 53.07 -48.87
N ASP O 343 9.97 53.37 -48.25
CA ASP O 343 9.94 53.63 -46.83
C ASP O 343 9.67 52.34 -46.08
N TYR O 344 10.22 52.23 -44.88
CA TYR O 344 10.10 51.04 -44.07
C TYR O 344 9.07 51.17 -42.97
N ILE O 345 8.97 52.34 -42.36
CA ILE O 345 8.13 52.53 -41.19
C ILE O 345 6.66 52.47 -41.57
N LYS O 346 6.30 53.11 -42.69
CA LYS O 346 4.91 53.03 -43.14
C LYS O 346 4.57 51.65 -43.66
N LEU O 347 5.56 50.94 -44.19
CA LEU O 347 5.33 49.58 -44.66
C LEU O 347 5.08 48.63 -43.50
N VAL O 348 5.89 48.75 -42.43
CA VAL O 348 5.67 47.87 -41.29
C VAL O 348 4.40 48.28 -40.54
N LYS O 349 4.05 49.57 -40.57
CA LYS O 349 2.77 49.99 -40.02
C LYS O 349 1.61 49.41 -40.82
N CYS O 350 1.77 49.31 -42.14
CA CYS O 350 0.74 48.71 -42.97
C CYS O 350 0.58 47.22 -42.68
N CYS O 351 1.69 46.48 -42.63
CA CYS O 351 1.53 45.03 -42.53
C CYS O 351 1.24 44.57 -41.10
N LEU O 352 1.74 45.30 -40.09
CA LEU O 352 1.38 44.95 -38.72
C LEU O 352 0.00 45.47 -38.35
N GLU O 353 -0.34 46.68 -38.77
CA GLU O 353 -1.65 47.25 -38.53
C GLU O 353 -2.70 46.81 -39.55
N GLY O 354 -2.33 45.96 -40.52
CA GLY O 354 -3.31 45.26 -41.32
C GLY O 354 -4.02 46.07 -42.39
N LYS O 355 -3.29 46.47 -43.43
CA LYS O 355 -3.88 47.14 -44.58
C LYS O 355 -3.22 46.62 -45.85
N ASP O 356 -3.60 47.20 -46.99
CA ASP O 356 -2.98 46.90 -48.27
C ASP O 356 -1.73 47.77 -48.40
N CYS O 357 -0.57 47.14 -48.29
CA CYS O 357 0.68 47.89 -48.37
C CYS O 357 0.92 48.32 -49.81
N ASN O 358 0.47 49.53 -50.13
CA ASN O 358 0.75 50.15 -51.42
C ASN O 358 2.12 50.81 -51.45
N ASN O 359 2.85 50.81 -50.34
CA ASN O 359 4.19 51.38 -50.31
C ASN O 359 5.18 50.55 -51.13
N ILE O 360 4.90 49.26 -51.33
CA ILE O 360 5.72 48.47 -52.21
C ILE O 360 5.53 48.92 -53.65
N LEU O 361 6.54 48.65 -54.47
CA LEU O 361 6.51 49.06 -55.87
C LEU O 361 6.01 47.89 -56.70
N PRO O 362 4.83 47.99 -57.34
CA PRO O 362 4.19 46.80 -57.90
C PRO O 362 4.61 46.45 -59.32
N VAL O 363 5.74 46.98 -59.80
CA VAL O 363 6.11 46.77 -61.20
C VAL O 363 6.54 45.33 -61.45
N LEU O 364 7.36 44.75 -60.57
CA LEU O 364 7.52 43.30 -60.39
C LEU O 364 8.06 42.50 -61.57
N ASP O 365 8.33 43.16 -62.70
CA ASP O 365 8.63 42.43 -63.94
C ASP O 365 9.33 43.35 -64.92
N LEU O 366 10.28 42.79 -65.66
CA LEU O 366 11.01 43.48 -66.70
C LEU O 366 10.79 42.78 -68.03
N ILE O 367 11.07 43.50 -69.10
CA ILE O 367 10.87 43.02 -70.46
C ILE O 367 12.16 42.36 -70.95
N THR O 368 12.03 41.29 -71.72
CA THR O 368 13.17 40.64 -72.35
C THR O 368 13.77 41.51 -73.44
N SER O 376 15.35 35.96 -81.29
CA SER O 376 15.64 34.83 -80.42
C SER O 376 17.02 34.95 -79.82
N SER O 377 17.79 33.86 -79.90
CA SER O 377 19.15 33.86 -79.38
C SER O 377 20.06 34.69 -80.29
N ASP O 378 20.60 35.77 -79.76
CA ASP O 378 21.50 36.64 -80.48
C ASP O 378 22.86 36.64 -79.77
N SER O 379 23.76 37.51 -80.21
CA SER O 379 25.10 37.58 -79.66
C SER O 379 25.39 38.99 -79.15
N GLY O 380 26.19 39.06 -78.08
CA GLY O 380 26.67 40.32 -77.55
C GLY O 380 26.69 40.42 -76.04
N PHE O 381 25.71 39.86 -75.35
CA PHE O 381 25.82 39.69 -73.90
C PHE O 381 26.31 38.28 -73.57
N TRP O 382 27.40 37.89 -74.21
CA TRP O 382 27.99 36.57 -74.03
C TRP O 382 29.48 36.63 -73.78
N GLN O 383 30.12 37.73 -74.08
CA GLN O 383 31.47 38.03 -73.61
C GLN O 383 31.36 38.83 -72.32
N PRO O 384 32.04 38.42 -71.25
CA PRO O 384 31.87 39.11 -69.97
C PRO O 384 32.64 40.42 -69.94
N GLN O 385 31.97 41.48 -69.49
CA GLN O 385 32.54 42.82 -69.47
C GLN O 385 32.37 43.42 -68.09
N LEU O 386 33.47 43.87 -67.51
CA LEU O 386 33.49 44.28 -66.11
C LEU O 386 32.87 45.67 -65.95
N THR O 387 33.04 46.25 -64.77
CA THR O 387 32.69 47.63 -64.54
C THR O 387 33.82 48.54 -65.01
N LYS O 388 33.59 49.84 -64.94
CA LYS O 388 34.62 50.79 -65.35
C LYS O 388 35.67 50.93 -64.27
N LEU O 389 36.93 50.91 -64.67
CA LEU O 389 38.04 51.08 -63.76
C LEU O 389 38.94 52.18 -64.28
N GLN O 390 39.36 53.06 -63.37
CA GLN O 390 40.21 54.19 -63.73
C GLN O 390 41.63 53.68 -63.94
N TYR O 391 42.06 53.67 -65.20
CA TYR O 391 43.39 53.24 -65.69
C TYR O 391 43.87 51.93 -65.05
N SER O 392 43.04 50.89 -65.22
CA SER O 392 43.46 49.53 -64.92
C SER O 392 43.43 48.64 -66.15
N SER O 393 42.27 48.50 -66.82
CA SER O 393 42.11 48.00 -68.19
C SER O 393 42.65 46.59 -68.37
N THR O 394 41.97 45.63 -67.74
CA THR O 394 42.29 44.23 -67.89
C THR O 394 41.04 43.47 -68.34
N GLU O 395 41.24 42.27 -68.90
CA GLU O 395 40.23 41.55 -69.65
C GLU O 395 39.70 40.35 -68.87
N LEU O 396 38.80 39.61 -69.50
CA LEU O 396 38.22 38.39 -68.94
C LEU O 396 38.39 37.26 -69.95
N PRO O 397 39.10 36.19 -69.60
CA PRO O 397 39.57 35.22 -70.61
C PRO O 397 38.56 34.16 -71.02
N LEU O 398 37.33 34.20 -70.47
CA LEU O 398 36.14 33.49 -70.95
C LEU O 398 36.17 31.97 -70.71
N TRP O 399 37.33 31.42 -70.33
CA TRP O 399 37.58 30.01 -70.07
C TRP O 399 37.00 29.08 -71.15
N ASP O 400 37.56 29.20 -72.34
CA ASP O 400 37.11 28.38 -73.47
C ASP O 400 37.75 27.01 -73.35
N GLY O 401 37.06 26.07 -72.70
CA GLY O 401 37.58 24.74 -72.60
C GLY O 401 36.86 23.84 -71.61
N PRO O 402 37.46 22.67 -71.33
CA PRO O 402 36.87 21.74 -70.36
C PRO O 402 37.22 22.13 -68.92
N LEU O 403 36.90 21.26 -67.96
CA LEU O 403 36.97 21.67 -66.57
C LEU O 403 37.31 20.50 -65.66
N ASP O 404 38.14 20.79 -64.65
CA ASP O 404 38.35 19.93 -63.51
C ASP O 404 38.13 20.78 -62.27
N ILE O 405 37.64 20.15 -61.19
CA ILE O 405 37.26 20.88 -59.99
C ILE O 405 38.47 21.55 -59.34
N LYS O 406 39.62 20.87 -59.39
CA LYS O 406 40.88 21.50 -58.98
C LYS O 406 41.20 22.69 -59.85
N THR O 407 41.10 22.52 -61.18
CA THR O 407 41.32 23.63 -62.09
C THR O 407 40.23 24.68 -61.98
N TYR O 408 38.99 24.25 -61.67
CA TYR O 408 37.89 25.18 -61.44
C TYR O 408 38.22 26.14 -60.31
N GLN O 409 38.56 25.59 -59.15
CA GLN O 409 38.81 26.43 -58.00
C GLN O 409 40.15 27.14 -58.11
N THR O 410 41.12 26.58 -58.85
CA THR O 410 42.40 27.24 -59.02
C THR O 410 42.31 28.42 -59.96
N GLU O 411 41.57 28.26 -61.07
CA GLU O 411 41.31 29.36 -61.97
C GLU O 411 40.50 30.44 -61.28
N LEU O 412 39.48 30.04 -60.51
CA LEU O 412 38.67 31.00 -59.76
C LEU O 412 39.51 31.75 -58.73
N MET O 413 40.40 31.02 -58.05
CA MET O 413 41.29 31.59 -57.05
C MET O 413 42.21 32.63 -57.65
N HIS O 414 43.05 32.23 -58.61
CA HIS O 414 44.04 33.19 -59.09
C HIS O 414 43.44 34.23 -60.04
N ARG O 415 42.24 33.98 -60.58
CA ARG O 415 41.52 35.04 -61.28
C ARG O 415 41.02 36.09 -60.30
N ALA O 416 40.53 35.65 -59.13
CA ALA O 416 40.20 36.59 -58.08
C ALA O 416 41.45 37.30 -57.56
N VAL O 417 42.59 36.62 -57.58
CA VAL O 417 43.85 37.23 -57.16
C VAL O 417 44.24 38.35 -58.10
N ILE O 418 44.18 38.12 -59.41
CA ILE O 418 44.56 39.17 -60.34
C ILE O 418 43.50 40.27 -60.38
N ARG O 419 42.23 39.93 -60.09
CA ARG O 419 41.20 40.94 -59.93
C ARG O 419 41.47 41.83 -58.74
N LEU O 420 41.91 41.24 -57.63
CA LEU O 420 42.27 42.04 -56.48
C LEU O 420 43.55 42.83 -56.72
N ARG O 421 44.44 42.32 -57.57
CA ARG O 421 45.61 43.10 -57.96
C ARG O 421 45.18 44.33 -58.74
N ASP O 422 44.19 44.17 -59.62
CA ASP O 422 43.63 45.30 -60.35
C ASP O 422 43.02 46.33 -59.42
N ILE O 423 42.21 45.87 -58.46
CA ILE O 423 41.56 46.82 -57.56
C ILE O 423 42.58 47.42 -56.58
N GLN O 424 43.67 46.69 -56.30
CA GLN O 424 44.70 47.17 -55.40
C GLN O 424 45.47 48.32 -56.02
N ASP O 425 45.92 48.13 -57.27
CA ASP O 425 46.57 49.22 -57.99
C ASP O 425 45.59 50.35 -58.28
N GLU O 426 44.31 50.01 -58.45
CA GLU O 426 43.28 51.01 -58.70
C GLU O 426 43.13 51.97 -57.53
N TYR O 427 43.05 51.43 -56.32
CA TYR O 427 43.00 52.31 -55.16
C TYR O 427 44.35 52.96 -54.90
N ALA O 428 45.44 52.23 -55.11
CA ALA O 428 46.76 52.71 -54.78
C ALA O 428 47.21 53.85 -55.69
N LYS O 429 46.66 53.94 -56.89
CA LYS O 429 47.02 55.04 -57.75
C LYS O 429 46.22 56.31 -57.43
N GLY O 430 44.98 56.16 -56.97
CA GLY O 430 44.14 57.32 -56.76
C GLY O 430 44.41 58.05 -55.47
N THR O 431 45.64 58.54 -55.31
CA THR O 431 46.05 59.21 -54.08
C THR O 431 46.46 60.66 -54.31
N VAL O 432 47.48 60.90 -55.14
CA VAL O 432 48.13 62.20 -55.29
C VAL O 432 47.31 63.39 -55.84
N PRO O 433 46.27 63.24 -56.68
CA PRO O 433 45.56 64.47 -57.08
C PRO O 433 44.80 65.12 -55.95
N LEU O 434 44.22 64.33 -55.06
CA LEU O 434 43.62 64.87 -53.84
C LEU O 434 44.68 65.52 -52.95
N TYR O 435 45.89 64.96 -52.97
CA TYR O 435 47.00 65.49 -52.19
C TYR O 435 47.39 66.88 -52.67
N GLU O 436 47.55 67.04 -53.99
CA GLU O 436 47.81 68.36 -54.56
C GLU O 436 46.65 69.32 -54.36
N LYS O 437 45.42 68.79 -54.43
CA LYS O 437 44.23 69.60 -54.19
C LYS O 437 44.21 70.17 -52.78
N ARG O 438 44.55 69.34 -51.80
CA ARG O 438 44.61 69.79 -50.41
C ARG O 438 45.73 70.81 -50.22
N LEU O 439 46.86 70.61 -50.91
CA LEU O 439 47.98 71.55 -50.82
C LEU O 439 47.57 72.94 -51.33
N ASN O 440 46.96 72.98 -52.52
CA ASN O 440 46.54 74.25 -53.09
C ASN O 440 45.42 74.90 -52.30
N GLU O 441 44.52 74.09 -51.73
CA GLU O 441 43.44 74.63 -50.90
C GLU O 441 43.99 75.27 -49.64
N THR O 442 44.99 74.64 -49.01
CA THR O 442 45.59 75.20 -47.81
C THR O 442 46.34 76.49 -48.11
N GLN O 443 47.07 76.52 -49.22
CA GLN O 443 47.76 77.76 -49.60
C GLN O 443 46.78 78.87 -49.93
N ARG O 444 45.65 78.51 -50.54
CA ARG O 444 44.57 79.46 -50.79
C ARG O 444 44.03 80.04 -49.49
N GLN O 445 43.79 79.18 -48.50
CA GLN O 445 43.21 79.64 -47.26
C GLN O 445 44.18 80.50 -46.46
N ASN O 446 45.46 80.15 -46.50
CA ASN O 446 46.48 80.97 -45.84
C ASN O 446 46.59 82.34 -46.48
N GLN O 447 46.54 82.39 -47.81
CA GLN O 447 46.51 83.66 -48.51
C GLN O 447 45.26 84.46 -48.13
N LEU O 448 44.13 83.76 -47.97
CA LEU O 448 42.86 84.40 -47.65
C LEU O 448 42.92 85.12 -46.31
N ASP O 449 43.27 84.40 -45.24
CA ASP O 449 43.22 85.09 -43.96
C ASP O 449 44.40 86.02 -43.76
N GLU O 450 45.50 85.84 -44.50
CA GLU O 450 46.56 86.85 -44.46
C GLU O 450 46.08 88.17 -45.07
N ILE O 451 45.32 88.07 -46.17
CA ILE O 451 44.69 89.24 -46.76
C ILE O 451 43.72 89.89 -45.78
N LYS O 452 42.96 89.07 -45.05
CA LYS O 452 42.00 89.60 -44.08
C LYS O 452 42.70 90.33 -42.94
N ASN O 453 43.86 89.81 -42.51
CA ASN O 453 44.66 90.48 -41.48
C ASN O 453 45.19 91.82 -41.96
N SER O 454 45.69 91.87 -43.21
CA SER O 454 46.19 93.14 -43.74
C SER O 454 45.07 94.16 -43.93
N VAL O 455 43.87 93.68 -44.26
CA VAL O 455 42.70 94.56 -44.39
C VAL O 455 42.35 95.18 -43.03
N GLY O 456 42.37 94.37 -41.97
CA GLY O 456 42.18 94.92 -40.63
C GLY O 456 43.24 95.93 -40.25
N LEU O 457 44.49 95.69 -40.67
CA LEU O 457 45.58 96.61 -40.38
C LEU O 457 45.37 97.97 -41.04
N THR O 458 45.06 97.97 -42.34
CA THR O 458 44.91 99.25 -43.04
C THR O 458 43.63 99.98 -42.62
N PHE O 459 42.58 99.24 -42.23
CA PHE O 459 41.38 99.90 -41.72
C PHE O 459 41.66 100.56 -40.38
N LYS O 460 42.49 99.93 -39.54
CA LYS O 460 42.89 100.57 -38.29
C LYS O 460 43.74 101.81 -38.52
N LYS O 461 44.60 101.77 -39.53
CA LYS O 461 45.44 102.94 -39.81
C LYS O 461 44.61 104.11 -40.34
N LYS O 462 43.60 103.82 -41.16
CA LYS O 462 42.67 104.87 -41.60
C LYS O 462 41.89 105.44 -40.43
N GLN O 463 41.39 104.56 -39.56
CA GLN O 463 40.61 104.97 -38.41
C GLN O 463 41.45 105.74 -37.40
N GLU O 464 42.76 105.62 -37.45
CA GLU O 464 43.63 106.43 -36.60
C GLU O 464 44.16 107.69 -37.28
N VAL O 465 44.10 107.80 -38.61
CA VAL O 465 44.53 109.06 -39.23
C VAL O 465 43.37 110.06 -39.35
N GLU O 466 42.12 109.60 -39.19
CA GLU O 466 40.94 110.49 -39.21
C GLU O 466 41.05 111.65 -38.20
N LYS O 467 41.57 111.37 -37.01
CA LYS O 467 41.59 112.38 -35.94
C LYS O 467 42.60 113.49 -36.25
N SER O 468 43.76 113.12 -36.79
CA SER O 468 44.74 114.13 -37.17
C SER O 468 44.26 114.94 -38.36
N ILE O 469 43.45 114.32 -39.23
CA ILE O 469 42.80 115.07 -40.31
C ILE O 469 41.90 116.16 -39.74
N ASN O 470 41.05 115.80 -38.77
CA ASN O 470 40.11 116.79 -38.22
C ASN O 470 40.83 117.88 -37.40
N ASP O 471 41.90 117.51 -36.70
CA ASP O 471 42.66 118.52 -35.95
C ASP O 471 43.40 119.48 -36.88
N SER O 472 43.95 118.95 -37.99
CA SER O 472 44.59 119.81 -38.97
C SER O 472 43.58 120.76 -39.63
N GLU O 473 42.34 120.28 -39.82
CA GLU O 473 41.28 121.16 -40.32
C GLU O 473 40.95 122.26 -39.33
N LYS O 474 40.94 121.94 -38.03
CA LYS O 474 40.69 122.95 -37.00
C LYS O 474 41.77 124.04 -36.98
N ARG O 475 43.04 123.63 -37.11
CA ARG O 475 44.09 124.64 -37.11
C ARG O 475 44.14 125.41 -38.43
N LEU O 476 43.68 124.82 -39.54
CA LEU O 476 43.50 125.60 -40.76
C LEU O 476 42.40 126.65 -40.60
N LYS O 477 41.32 126.30 -39.87
CA LYS O 477 40.28 127.27 -39.55
C LYS O 477 40.83 128.46 -38.76
N HIS O 478 41.60 128.17 -37.70
CA HIS O 478 42.16 129.27 -36.91
C HIS O 478 43.18 130.08 -37.70
N ALA O 479 43.91 129.42 -38.60
CA ALA O 479 44.81 130.13 -39.51
C ALA O 479 44.05 131.07 -40.42
N MET O 480 42.85 130.67 -40.86
CA MET O 480 42.03 131.55 -41.68
C MET O 480 41.50 132.75 -40.90
N THR O 481 41.15 132.54 -39.62
CA THR O 481 40.72 133.65 -38.76
C THR O 481 41.83 134.69 -38.60
N GLU O 482 43.04 134.24 -38.26
CA GLU O 482 44.13 135.20 -38.11
C GLU O 482 44.55 135.79 -39.45
N SER O 483 44.34 135.06 -40.56
CA SER O 483 44.58 135.62 -41.89
C SER O 483 43.69 136.82 -42.16
N THR O 484 42.38 136.67 -41.86
CA THR O 484 41.43 137.75 -42.08
C THR O 484 41.75 138.97 -41.21
N LYS O 485 42.05 138.74 -39.93
CA LYS O 485 42.33 139.87 -39.06
C LYS O 485 43.66 140.53 -39.39
N LEU O 486 44.67 139.74 -39.77
CA LEU O 486 45.96 140.29 -40.15
C LEU O 486 45.87 141.10 -41.44
N GLN O 487 45.04 140.66 -42.39
CA GLN O 487 44.85 141.45 -43.60
C GLN O 487 44.09 142.74 -43.32
N ASN O 488 43.13 142.71 -42.38
CA ASN O 488 42.50 143.95 -41.96
C ASN O 488 43.49 144.89 -41.26
N LYS O 489 44.47 144.32 -40.55
CA LYS O 489 45.52 145.14 -39.95
C LYS O 489 46.40 145.78 -41.03
N ILE O 490 46.67 145.04 -42.11
CA ILE O 490 47.38 145.62 -43.25
C ILE O 490 46.58 146.77 -43.84
N ASN O 491 45.26 146.60 -43.94
CA ASN O 491 44.39 147.67 -44.44
C ASN O 491 44.43 148.90 -43.54
N HIS O 492 44.40 148.69 -42.22
CA HIS O 492 44.45 149.80 -41.27
C HIS O 492 45.78 150.53 -41.33
N LEU O 493 46.89 149.80 -41.43
CA LEU O 493 48.19 150.46 -41.48
C LEU O 493 48.39 151.18 -42.81
N LEU O 494 47.85 150.64 -43.91
CA LEU O 494 47.99 151.35 -45.18
C LEU O 494 47.07 152.57 -45.23
N LYS O 495 45.93 152.51 -44.55
CA LYS O 495 45.10 153.71 -44.40
C LYS O 495 45.82 154.77 -43.57
N ASN O 496 46.55 154.36 -42.52
CA ASN O 496 47.36 155.30 -41.75
C ASN O 496 48.48 155.90 -42.60
N ARG O 497 49.07 155.08 -43.47
CA ARG O 497 50.11 155.57 -44.36
C ARG O 497 49.55 156.54 -45.40
N GLN O 498 48.32 156.29 -45.86
CA GLN O 498 47.66 157.24 -46.75
C GLN O 498 47.28 158.52 -46.02
N GLU O 499 47.04 158.42 -44.71
CA GLU O 499 46.81 159.63 -43.91
C GLU O 499 48.09 160.45 -43.79
N LEU O 500 49.22 159.78 -43.55
CA LEU O 500 50.50 160.43 -43.27
C LEU O 500 51.43 160.47 -44.48
N GLU O 501 50.93 160.30 -45.70
CA GLU O 501 51.86 160.33 -46.83
C GLU O 501 52.12 161.75 -47.35
N ASN O 502 51.09 162.55 -47.54
CA ASN O 502 51.29 163.82 -48.23
C ASN O 502 51.81 164.86 -47.26
N PHE O 503 52.78 165.66 -47.73
CA PHE O 503 53.57 166.59 -46.93
C PHE O 503 54.18 165.87 -45.72
N ASN O 504 55.06 164.91 -46.05
CA ASN O 504 55.29 163.64 -45.35
C ASN O 504 55.36 163.72 -43.83
N LYS O 505 56.42 164.35 -43.32
CA LYS O 505 56.71 164.52 -41.89
C LYS O 505 56.55 163.22 -41.08
N LEU O 506 57.40 162.25 -41.44
CA LEU O 506 57.19 160.85 -41.06
C LEU O 506 57.35 160.67 -39.55
N PRO O 507 56.44 159.98 -38.89
CA PRO O 507 56.60 159.75 -37.45
C PRO O 507 57.53 158.58 -37.15
N SER O 508 57.64 158.23 -35.86
CA SER O 508 58.34 157.03 -35.43
C SER O 508 57.42 155.82 -35.32
N ASN O 509 56.36 155.79 -36.12
CA ASN O 509 55.31 154.78 -36.02
C ASN O 509 55.32 153.77 -37.16
N THR O 510 55.75 154.18 -38.36
CA THR O 510 55.54 153.38 -39.55
C THR O 510 56.46 152.16 -39.61
N ILE O 511 57.59 152.17 -38.90
CA ILE O 511 58.46 150.99 -38.90
C ILE O 511 57.86 149.84 -38.10
N SER O 512 56.97 150.15 -37.15
CA SER O 512 56.21 149.09 -36.50
C SER O 512 55.17 148.52 -37.45
N SER O 513 54.60 149.35 -38.32
CA SER O 513 53.68 148.86 -39.35
C SER O 513 54.40 147.98 -40.34
N GLU O 514 55.65 148.33 -40.68
CA GLU O 514 56.43 147.48 -41.57
C GLU O 514 56.80 146.16 -40.90
N ASN O 515 57.13 146.19 -39.60
CA ASN O 515 57.38 144.97 -38.84
C ASN O 515 56.12 144.12 -38.75
N HIS O 516 54.95 144.76 -38.67
CA HIS O 516 53.68 144.03 -38.66
C HIS O 516 53.38 143.41 -40.02
N LEU O 517 53.75 144.09 -41.11
CA LEU O 517 53.69 143.48 -42.43
C LEU O 517 54.60 142.26 -42.55
N GLU O 518 55.81 142.35 -41.99
CA GLU O 518 56.72 141.20 -42.02
C GLU O 518 56.19 140.04 -41.17
N GLU O 519 55.57 140.36 -40.03
CA GLU O 519 54.96 139.34 -39.18
C GLU O 519 53.76 138.67 -39.85
N GLY O 520 52.92 139.46 -40.52
CA GLY O 520 51.82 138.89 -41.27
C GLY O 520 52.28 138.05 -42.45
N SER O 521 53.37 138.47 -43.10
CA SER O 521 53.96 137.66 -44.17
C SER O 521 54.50 136.34 -43.64
N ALA O 522 55.17 136.39 -42.47
CA ALA O 522 55.67 135.17 -41.85
C ALA O 522 54.54 134.23 -41.46
N LEU O 523 53.47 134.77 -40.88
CA LEU O 523 52.31 133.95 -40.55
C LEU O 523 51.61 133.40 -41.79
N ALA O 524 51.64 134.16 -42.90
CA ALA O 524 51.10 133.66 -44.15
C ALA O 524 51.91 132.47 -44.67
N ASP O 525 53.24 132.55 -44.54
CA ASP O 525 54.07 131.41 -44.93
C ASP O 525 53.83 130.21 -44.01
N LYS O 526 53.62 130.45 -42.70
CA LYS O 526 53.38 129.33 -41.79
C LYS O 526 52.03 128.66 -42.07
N LEU O 527 51.00 129.45 -42.37
CA LEU O 527 49.72 128.84 -42.72
C LEU O 527 49.77 128.16 -44.08
N LYS O 528 50.63 128.64 -44.98
CA LYS O 528 50.84 127.93 -46.24
C LYS O 528 51.49 126.57 -46.00
N GLU O 529 52.47 126.52 -45.10
CA GLU O 529 53.05 125.25 -44.68
C GLU O 529 51.99 124.34 -44.08
N TYR O 530 51.08 124.92 -43.30
CA TYR O 530 50.05 124.11 -42.66
C TYR O 530 49.03 123.57 -43.67
N ILE O 531 48.68 124.37 -44.69
CA ILE O 531 47.70 123.86 -45.66
C ILE O 531 48.36 122.80 -46.55
N ASP O 532 49.68 122.88 -46.76
CA ASP O 532 50.37 121.78 -47.41
C ASP O 532 50.35 120.52 -46.55
N LYS O 533 50.50 120.67 -45.22
CA LYS O 533 50.37 119.53 -44.32
C LYS O 533 48.98 118.90 -44.42
N ASN O 534 47.94 119.74 -44.48
CA ASN O 534 46.56 119.26 -44.64
C ASN O 534 46.41 118.47 -45.93
N ALA O 535 47.01 118.96 -47.02
CA ALA O 535 46.92 118.30 -48.30
C ALA O 535 47.59 116.93 -48.27
N THR O 536 48.79 116.83 -47.70
CA THR O 536 49.49 115.54 -47.66
C THR O 536 48.76 114.52 -46.79
N LEU O 537 48.27 114.96 -45.61
CA LEU O 537 47.53 114.05 -44.75
C LEU O 537 46.22 113.58 -45.40
N PHE O 538 45.53 114.47 -46.12
CA PHE O 538 44.28 114.07 -46.76
C PHE O 538 44.53 113.12 -47.92
N ASN O 539 45.62 113.32 -48.67
CA ASN O 539 45.96 112.39 -49.74
C ASN O 539 46.30 111.01 -49.20
N LYS O 540 47.03 110.95 -48.08
CA LYS O 540 47.32 109.66 -47.45
C LYS O 540 46.03 108.97 -46.99
N LEU O 541 45.12 109.75 -46.39
CA LEU O 541 43.83 109.21 -45.94
C LEU O 541 43.01 108.65 -47.10
N LYS O 542 42.95 109.39 -48.21
CA LYS O 542 42.14 108.94 -49.34
C LYS O 542 42.76 107.73 -50.04
N GLU O 543 44.10 107.67 -50.10
CA GLU O 543 44.74 106.50 -50.70
C GLU O 543 44.51 105.26 -49.85
N LEU O 544 44.59 105.40 -48.52
CA LEU O 544 44.33 104.27 -47.63
C LEU O 544 42.88 103.81 -47.73
N GLN O 545 41.95 104.77 -47.85
CA GLN O 545 40.54 104.43 -48.02
C GLN O 545 40.29 103.70 -49.35
N GLN O 546 41.00 104.10 -50.40
CA GLN O 546 40.81 103.45 -51.69
C GLN O 546 41.38 102.03 -51.69
N ALA O 547 42.50 101.83 -51.00
CA ALA O 547 43.06 100.49 -50.87
C ALA O 547 42.13 99.58 -50.08
N ASN O 548 41.55 100.12 -48.99
CA ASN O 548 40.56 99.38 -48.22
C ASN O 548 39.30 99.10 -49.05
N ALA O 549 38.99 99.95 -50.01
CA ALA O 549 37.85 99.70 -50.88
C ALA O 549 38.12 98.55 -51.85
N GLU O 550 39.32 98.52 -52.46
CA GLU O 550 39.57 97.51 -53.50
C GLU O 550 39.89 96.13 -52.94
N LYS O 551 40.45 96.07 -51.72
CA LYS O 551 40.84 94.77 -51.18
C LYS O 551 39.63 93.87 -50.89
N SER O 552 38.49 94.48 -50.55
CA SER O 552 37.27 93.71 -50.33
C SER O 552 36.77 93.08 -51.63
N LYS O 553 36.92 93.81 -52.74
CA LYS O 553 36.56 93.27 -54.04
C LYS O 553 37.45 92.10 -54.42
N LEU O 554 38.75 92.22 -54.14
CA LEU O 554 39.67 91.11 -54.38
C LEU O 554 39.32 89.89 -53.53
N ASN O 555 38.93 90.14 -52.27
CA ASN O 555 38.56 89.05 -51.38
C ASN O 555 37.27 88.36 -51.84
N ASP O 556 36.32 89.13 -52.37
CA ASP O 556 35.08 88.54 -52.88
C ASP O 556 35.34 87.71 -54.12
N GLU O 557 36.26 88.17 -54.98
CA GLU O 557 36.66 87.38 -56.15
C GLU O 557 37.30 86.05 -55.74
N LEU O 558 38.18 86.10 -54.73
CA LEU O 558 38.78 84.87 -54.22
C LEU O 558 37.76 83.96 -53.58
N ARG O 559 36.71 84.52 -52.96
CA ARG O 559 35.64 83.72 -52.37
C ARG O 559 34.83 82.99 -53.43
N SER O 560 34.54 83.66 -54.54
CA SER O 560 33.80 83.01 -55.62
C SER O 560 34.60 81.86 -56.22
N LYS O 561 35.89 82.10 -56.48
CA LYS O 561 36.76 81.04 -56.99
C LYS O 561 36.90 79.89 -55.98
N TYR O 562 36.89 80.24 -54.69
CA TYR O 562 36.96 79.27 -53.61
C TYR O 562 35.78 78.32 -53.63
N GLN O 563 34.56 78.88 -53.81
CA GLN O 563 33.36 78.05 -53.84
C GLN O 563 33.33 77.14 -55.07
N ILE O 564 33.76 77.69 -56.22
CA ILE O 564 33.78 76.92 -57.46
C ILE O 564 34.75 75.75 -57.36
N GLU O 565 35.91 75.97 -56.73
CA GLU O 565 36.84 74.86 -56.49
C GLU O 565 36.29 73.87 -55.47
N SER O 566 35.53 74.38 -54.50
CA SER O 566 35.03 73.57 -53.38
C SER O 566 34.11 72.45 -53.83
N SER O 567 33.22 72.74 -54.79
CA SER O 567 32.25 71.72 -55.22
C SER O 567 32.95 70.50 -55.86
N LYS O 568 33.92 70.76 -56.73
CA LYS O 568 34.67 69.68 -57.37
C LYS O 568 35.56 68.94 -56.37
N ALA O 569 36.10 69.67 -55.37
CA ALA O 569 36.88 69.03 -54.31
C ALA O 569 36.04 68.01 -53.55
N ALA O 570 34.80 68.40 -53.22
CA ALA O 570 33.89 67.50 -52.51
C ALA O 570 33.55 66.28 -53.36
N GLU O 571 33.34 66.48 -54.66
CA GLU O 571 33.00 65.34 -55.52
C GLU O 571 34.15 64.35 -55.63
N SER O 572 35.38 64.87 -55.76
CA SER O 572 36.55 63.99 -55.82
C SER O 572 36.71 63.20 -54.54
N ALA O 573 36.45 63.84 -53.40
CA ALA O 573 36.55 63.14 -52.12
C ALA O 573 35.51 62.03 -52.00
N GLN O 574 34.28 62.30 -52.46
CA GLN O 574 33.23 61.28 -52.41
C GLN O 574 33.55 60.08 -53.29
N THR O 575 34.12 60.33 -54.48
CA THR O 575 34.49 59.24 -55.36
C THR O 575 35.61 58.40 -54.76
N LEU O 576 36.56 59.05 -54.09
CA LEU O 576 37.61 58.30 -53.39
C LEU O 576 37.02 57.45 -52.27
N LYS O 577 35.98 57.94 -51.60
CA LYS O 577 35.31 57.14 -50.57
C LYS O 577 34.64 55.91 -51.13
N ILE O 578 33.98 56.03 -52.28
CA ILE O 578 33.30 54.86 -52.85
C ILE O 578 34.33 53.83 -53.33
N LEU O 579 35.45 54.32 -53.88
CA LEU O 579 36.57 53.44 -54.23
C LEU O 579 37.11 52.72 -53.00
N GLN O 580 37.29 53.47 -51.91
CA GLN O 580 37.75 52.92 -50.64
C GLN O 580 36.84 51.82 -50.13
N GLU O 581 35.52 52.05 -50.20
CA GLU O 581 34.56 51.07 -49.71
C GLU O 581 34.59 49.79 -50.52
N SER O 582 34.66 49.90 -51.85
CA SER O 582 34.68 48.70 -52.68
C SER O 582 35.96 47.89 -52.46
N MET O 583 37.11 48.57 -52.40
CA MET O 583 38.35 47.83 -52.21
C MET O 583 38.45 47.23 -50.82
N LYS O 584 37.90 47.91 -49.81
CA LYS O 584 37.89 47.36 -48.46
C LYS O 584 37.00 46.14 -48.37
N SER O 585 35.87 46.15 -49.08
CA SER O 585 34.97 45.01 -49.05
C SER O 585 35.61 43.79 -49.72
N LEU O 586 36.26 43.98 -50.88
CA LEU O 586 36.92 42.84 -51.51
C LEU O 586 38.14 42.36 -50.71
N GLU O 587 38.84 43.28 -50.04
CA GLU O 587 39.96 42.89 -49.19
C GLU O 587 39.49 42.05 -48.01
N ASN O 588 38.43 42.48 -47.34
CA ASN O 588 37.93 41.72 -46.21
C ASN O 588 37.24 40.43 -46.65
N GLU O 589 36.79 40.36 -47.90
CA GLU O 589 36.30 39.09 -48.42
C GLU O 589 37.45 38.11 -48.57
N VAL O 590 38.55 38.53 -49.20
CA VAL O 590 39.62 37.58 -49.44
C VAL O 590 40.39 37.27 -48.16
N ASN O 591 40.35 38.16 -47.17
CA ASN O 591 41.06 37.88 -45.93
C ASN O 591 40.25 36.95 -45.03
N GLY O 592 38.96 36.80 -45.30
CA GLY O 592 38.13 35.90 -44.58
C GLY O 592 38.33 34.47 -45.06
N PRO O 593 37.25 33.71 -45.13
CA PRO O 593 37.35 32.35 -45.65
C PRO O 593 37.62 32.39 -47.15
N LEU O 594 38.83 32.01 -47.51
CA LEU O 594 39.29 32.12 -48.89
C LEU O 594 39.13 30.79 -49.60
N THR O 595 39.32 30.81 -50.91
CA THR O 595 39.10 29.63 -51.72
C THR O 595 40.37 28.78 -51.76
N LYS O 596 40.37 27.78 -52.65
CA LYS O 596 41.36 26.70 -52.62
C LYS O 596 42.67 27.17 -53.26
N PHE O 597 43.50 27.84 -52.43
CA PHE O 597 44.96 27.68 -52.35
C PHE O 597 45.44 28.71 -51.34
N SER O 598 46.73 28.69 -51.02
CA SER O 598 47.32 29.74 -50.19
C SER O 598 48.32 30.58 -50.98
N THR O 599 47.94 31.03 -52.19
CA THR O 599 48.87 31.80 -53.01
C THR O 599 49.10 33.19 -52.42
N GLU O 600 48.05 33.98 -52.30
CA GLU O 600 48.13 35.35 -51.80
C GLU O 600 47.52 35.52 -50.41
N SER O 601 46.44 34.78 -50.13
CA SER O 601 45.73 34.75 -48.86
C SER O 601 45.32 36.13 -48.34
N GLN O 610 45.09 39.13 -31.93
CA GLN O 610 46.13 39.99 -32.48
C GLN O 610 45.82 41.48 -32.31
N ASN O 611 46.85 42.25 -32.00
CA ASN O 611 46.79 43.72 -32.04
C ASN O 611 47.36 44.17 -33.38
N ASP O 612 46.59 44.94 -34.15
CA ASP O 612 45.32 45.55 -33.75
C ASP O 612 44.11 44.67 -33.93
N PHE O 613 43.31 44.61 -32.87
CA PHE O 613 42.06 43.88 -32.92
C PHE O 613 41.05 44.65 -33.74
N GLN O 614 41.01 44.38 -35.06
CA GLN O 614 39.94 44.91 -35.89
C GLN O 614 38.63 44.22 -35.59
N SER O 615 38.70 42.98 -35.12
CA SER O 615 37.54 42.13 -34.97
C SER O 615 36.75 42.37 -33.69
N LEU O 616 36.44 43.63 -33.38
CA LEU O 616 35.54 44.08 -32.29
C LEU O 616 35.92 43.46 -30.95
N LYS O 617 37.08 43.83 -30.45
CA LYS O 617 37.58 43.17 -29.25
C LYS O 617 37.99 44.17 -28.17
N ALA O 618 37.42 45.36 -28.17
CA ALA O 618 37.59 46.27 -27.04
C ALA O 618 36.68 45.72 -25.95
N ARG O 619 37.24 44.85 -25.11
CA ARG O 619 36.43 44.06 -24.19
C ARG O 619 35.99 44.92 -23.02
N ASN O 620 34.77 45.42 -23.10
CA ASN O 620 34.11 46.10 -21.99
C ASN O 620 32.63 45.94 -22.22
N LYS O 621 32.00 45.08 -21.43
CA LYS O 621 30.66 44.53 -21.68
C LYS O 621 30.57 43.96 -23.09
N PHE O 622 31.57 43.19 -23.47
CA PHE O 622 31.52 42.48 -24.75
C PHE O 622 30.83 41.13 -24.55
N LEU O 623 31.46 40.26 -23.77
CA LEU O 623 30.83 39.01 -23.42
C LEU O 623 29.75 39.22 -22.36
N LYS O 624 29.92 40.25 -21.54
CA LYS O 624 28.98 40.48 -20.46
C LYS O 624 27.67 41.07 -20.95
N ASN O 625 27.64 41.66 -22.14
CA ASN O 625 26.37 42.15 -22.64
C ASN O 625 25.48 41.03 -23.14
N TYR O 626 26.07 39.90 -23.51
CA TYR O 626 25.29 38.68 -23.62
C TYR O 626 24.83 38.26 -22.23
N ILE O 627 23.71 37.54 -22.18
CA ILE O 627 23.00 37.31 -20.92
C ILE O 627 23.75 36.33 -20.02
N THR O 628 24.62 35.51 -20.60
CA THR O 628 25.43 34.43 -19.98
C THR O 628 24.70 33.67 -18.88
N LEU O 629 23.47 33.27 -19.18
CA LEU O 629 22.71 32.40 -18.29
C LEU O 629 21.72 31.57 -19.07
N SER P 1 60.16 -14.69 -4.08
CA SER P 1 61.39 -13.91 -4.15
C SER P 1 62.02 -13.74 -2.77
N GLY P 2 61.32 -14.20 -1.74
CA GLY P 2 61.82 -14.10 -0.39
C GLY P 2 61.37 -12.85 0.34
N ASP P 3 61.67 -11.69 -0.23
CA ASP P 3 61.17 -10.41 0.26
C ASP P 3 59.96 -10.01 -0.55
N TYR P 4 58.89 -9.63 0.14
CA TYR P 4 57.63 -9.34 -0.53
C TYR P 4 57.16 -7.95 -0.10
N TRP P 5 56.49 -7.27 -1.02
CA TRP P 5 56.06 -5.89 -0.85
C TRP P 5 54.60 -5.76 -1.22
N LEU P 6 54.00 -4.64 -0.82
CA LEU P 6 52.64 -4.38 -1.19
C LEU P 6 52.47 -2.87 -1.26
N PRO P 7 52.00 -2.34 -2.38
CA PRO P 7 51.70 -0.91 -2.46
C PRO P 7 50.48 -0.57 -1.63
N THR P 8 50.39 0.70 -1.23
CA THR P 8 49.19 1.19 -0.58
C THR P 8 49.03 2.67 -0.90
N THR P 9 47.85 3.19 -0.61
CA THR P 9 47.48 4.56 -0.94
C THR P 9 47.48 5.44 0.29
N MET P 10 47.40 6.74 0.05
CA MET P 10 47.28 7.74 1.09
C MET P 10 46.04 8.58 0.85
N SER P 11 45.55 9.22 1.90
CA SER P 11 44.44 10.14 1.75
C SER P 11 44.90 11.43 1.11
N LEU P 12 43.93 12.22 0.65
CA LEU P 12 44.25 13.53 0.07
C LEU P 12 44.77 14.48 1.14
N TYR P 13 44.36 14.27 2.39
CA TYR P 13 44.86 15.08 3.48
C TYR P 13 46.33 14.82 3.72
N GLN P 14 46.77 13.57 3.49
CA GLN P 14 48.19 13.26 3.55
C GLN P 14 48.97 14.02 2.49
N LYS P 15 48.40 14.13 1.29
CA LYS P 15 49.05 14.91 0.23
C LYS P 15 49.13 16.38 0.60
N GLU P 16 48.06 16.90 1.19
CA GLU P 16 48.04 18.30 1.62
C GLU P 16 49.08 18.57 2.68
N LEU P 17 49.19 17.68 3.66
CA LEU P 17 50.14 17.87 4.74
C LEU P 17 51.58 17.74 4.26
N THR P 18 51.84 16.76 3.38
CA THR P 18 53.20 16.57 2.87
C THR P 18 53.61 17.74 1.99
N ASP P 19 52.68 18.27 1.21
CA ASP P 19 53.02 19.42 0.39
C ASP P 19 53.24 20.67 1.24
N GLN P 20 52.51 20.80 2.34
CA GLN P 20 52.78 21.90 3.25
C GLN P 20 54.15 21.76 3.92
N ILE P 21 54.52 20.53 4.27
CA ILE P 21 55.80 20.27 4.92
C ILE P 21 56.94 20.60 3.96
N VAL P 22 56.83 20.14 2.72
CA VAL P 22 57.88 20.44 1.76
C VAL P 22 57.83 21.90 1.34
N SER P 23 56.69 22.57 1.50
CA SER P 23 56.64 24.00 1.24
C SER P 23 57.41 24.78 2.30
N LEU P 24 57.34 24.34 3.55
CA LEU P 24 58.06 25.03 4.61
C LEU P 24 59.57 24.88 4.46
N HIS P 25 60.04 23.82 3.81
CA HIS P 25 61.46 23.55 3.67
C HIS P 25 61.99 24.00 2.33
N TYR P 26 61.49 25.11 1.80
CA TYR P 26 61.85 25.53 0.45
C TYR P 26 63.29 26.00 0.38
N SER P 27 63.66 26.97 1.22
CA SER P 27 65.00 27.52 1.20
C SER P 27 66.05 26.51 1.64
N ASP P 28 65.66 25.48 2.39
CA ASP P 28 66.59 24.45 2.81
C ASP P 28 67.09 23.66 1.61
N ILE P 29 66.17 23.10 0.83
CA ILE P 29 66.52 22.34 -0.36
C ILE P 29 67.14 23.25 -1.41
N LEU P 30 66.72 24.52 -1.42
CA LEU P 30 67.32 25.51 -2.32
C LEU P 30 68.79 25.73 -2.01
N ARG P 31 69.11 25.93 -0.73
CA ARG P 31 70.49 26.08 -0.31
C ARG P 31 71.27 24.78 -0.49
N TYR P 32 70.58 23.64 -0.42
CA TYR P 32 71.23 22.34 -0.59
C TYR P 32 71.72 22.17 -2.02
N PHE P 33 70.83 22.35 -2.99
CA PHE P 33 71.12 21.81 -4.31
C PHE P 33 71.93 22.72 -5.21
N GLU P 34 72.10 23.99 -4.88
CA GLU P 34 72.84 24.85 -5.80
C GLU P 34 73.77 25.84 -5.11
N THR P 35 73.99 25.72 -3.82
CA THR P 35 75.03 26.49 -3.16
C THR P 35 76.05 25.52 -2.59
N SER P 36 77.24 26.04 -2.30
CA SER P 36 78.30 25.23 -1.73
C SER P 36 78.81 25.78 -0.40
N HIS P 37 79.07 27.08 -0.33
CA HIS P 37 79.77 27.67 0.80
C HIS P 37 78.77 27.94 1.91
N TYR P 38 78.69 27.02 2.88
CA TYR P 38 77.83 27.23 4.02
C TYR P 38 78.32 26.40 5.20
N LYS P 39 77.89 26.81 6.39
CA LYS P 39 77.98 25.96 7.58
C LYS P 39 77.05 24.77 7.33
N GLU P 40 77.63 23.62 7.01
CA GLU P 40 76.85 22.47 6.59
C GLU P 40 76.15 21.75 7.74
N ASP P 41 76.33 22.21 8.97
CA ASP P 41 75.72 21.53 10.11
C ASP P 41 74.21 21.70 10.14
N VAL P 42 73.71 22.87 9.73
CA VAL P 42 72.28 23.13 9.79
C VAL P 42 71.57 22.73 8.52
N ILE P 43 72.29 22.60 7.41
CA ILE P 43 71.66 22.27 6.14
C ILE P 43 71.25 20.81 6.09
N LEU P 44 71.82 19.96 6.95
CA LEU P 44 71.49 18.55 6.93
C LEU P 44 70.46 18.17 7.97
N GLU P 45 70.45 18.85 9.12
CA GLU P 45 69.45 18.58 10.13
C GLU P 45 68.06 18.94 9.65
N SER P 46 67.96 19.94 8.77
CA SER P 46 66.69 20.24 8.13
C SER P 46 66.24 19.10 7.24
N MET P 47 67.17 18.48 6.52
CA MET P 47 66.83 17.33 5.68
C MET P 47 66.41 16.14 6.52
N LYS P 48 67.09 15.92 7.64
CA LYS P 48 66.74 14.81 8.51
C LYS P 48 65.39 15.02 9.15
N THR P 49 65.09 16.27 9.55
CA THR P 49 63.78 16.58 10.10
C THR P 49 62.69 16.42 9.06
N MET P 50 63.00 16.79 7.82
CA MET P 50 62.03 16.66 6.74
C MET P 50 61.72 15.20 6.45
N CYS P 51 62.76 14.38 6.33
CA CYS P 51 62.55 12.96 6.05
C CYS P 51 61.88 12.27 7.23
N LEU P 52 62.21 12.71 8.45
CA LEU P 52 61.58 12.17 9.64
C LEU P 52 60.10 12.45 9.67
N ASN P 53 59.72 13.72 9.45
CA ASN P 53 58.31 14.09 9.53
C ASN P 53 57.52 13.51 8.36
N GLY P 54 58.13 13.40 7.19
CA GLY P 54 57.46 12.76 6.08
C GLY P 54 57.23 11.28 6.31
N SER P 55 58.25 10.60 6.86
CA SER P 55 58.11 9.20 7.23
C SER P 55 57.08 9.03 8.33
N LEU P 56 56.95 10.00 9.21
CA LEU P 56 55.92 9.96 10.24
C LEU P 56 54.54 10.07 9.63
N VAL P 57 54.32 11.10 8.82
CA VAL P 57 52.98 11.38 8.35
C VAL P 57 52.55 10.40 7.26
N ALA P 58 53.50 9.71 6.62
CA ALA P 58 53.17 8.77 5.56
C ALA P 58 52.43 7.55 6.09
N THR P 59 52.62 7.21 7.37
CA THR P 59 51.82 6.15 7.97
C THR P 59 50.44 6.66 8.37
N HIS P 60 50.40 7.77 9.10
CA HIS P 60 49.15 8.34 9.58
C HIS P 60 49.40 9.79 9.92
N PRO P 61 48.37 10.64 9.85
CA PRO P 61 48.55 12.03 10.30
C PRO P 61 48.73 12.17 11.79
N TYR P 62 48.34 11.18 12.58
CA TYR P 62 48.32 11.38 14.02
C TYR P 62 49.67 11.16 14.67
N LEU P 63 50.70 10.83 13.89
CA LEU P 63 52.05 10.89 14.39
C LEU P 63 52.65 12.28 14.31
N LEU P 64 51.91 13.25 13.79
CA LEU P 64 52.45 14.59 13.71
C LEU P 64 51.47 15.60 14.30
N ILE P 65 50.19 15.32 14.20
CA ILE P 65 49.15 16.28 14.54
C ILE P 65 48.60 15.92 15.91
N ASP P 66 48.91 16.74 16.92
CA ASP P 66 48.64 16.37 18.29
C ASP P 66 47.18 16.58 18.66
N HIS P 67 46.61 17.73 18.30
CA HIS P 67 45.24 18.01 18.68
C HIS P 67 44.22 17.19 17.92
N TYR P 68 44.60 16.54 16.83
CA TYR P 68 43.71 15.63 16.15
C TYR P 68 43.75 14.23 16.73
N MET P 69 44.54 13.99 17.76
CA MET P 69 44.50 12.71 18.45
C MET P 69 43.19 12.60 19.23
N PRO P 70 42.53 11.45 19.19
CA PRO P 70 41.31 11.28 19.99
C PRO P 70 41.63 11.20 21.48
N LYS P 71 40.58 11.31 22.28
CA LYS P 71 40.76 11.33 23.73
C LYS P 71 41.09 9.95 24.26
N SER P 72 40.18 8.99 24.04
CA SER P 72 40.37 7.63 24.52
C SER P 72 40.36 6.66 23.35
N LEU P 73 41.30 5.72 23.34
CA LEU P 73 41.37 4.72 22.29
C LEU P 73 40.56 3.47 22.64
N ILE P 74 39.71 3.55 23.65
CA ILE P 74 38.91 2.42 24.09
C ILE P 74 37.50 2.47 23.49
N THR P 75 37.08 3.61 22.96
CA THR P 75 35.72 3.79 22.48
C THR P 75 35.47 2.99 21.21
N ARG P 76 34.24 3.09 20.69
CA ARG P 76 33.77 2.12 19.71
C ARG P 76 34.19 2.47 18.28
N ASP P 77 33.98 3.71 17.86
CA ASP P 77 34.10 4.06 16.45
C ASP P 77 35.50 4.51 16.04
N VAL P 78 36.51 4.21 16.85
CA VAL P 78 37.88 4.58 16.51
C VAL P 78 38.49 3.88 15.28
N PRO P 79 38.29 2.56 15.00
CA PRO P 79 39.06 1.99 13.88
C PRO P 79 38.57 2.40 12.51
N ALA P 80 37.27 2.68 12.37
CA ALA P 80 36.76 3.23 11.12
C ALA P 80 37.34 4.62 10.86
N HIS P 81 37.48 5.41 11.93
CA HIS P 81 38.11 6.72 11.81
C HIS P 81 39.58 6.60 11.44
N LEU P 82 40.27 5.61 12.00
CA LEU P 82 41.69 5.42 11.71
C LEU P 82 41.90 4.93 10.29
N ALA P 83 41.03 4.04 9.81
CA ALA P 83 41.10 3.61 8.43
C ALA P 83 40.68 4.72 7.48
N GLU P 84 39.84 5.65 7.94
CA GLU P 84 39.49 6.80 7.12
C GLU P 84 40.67 7.73 6.94
N ASN P 85 41.39 8.03 8.03
CA ASN P 85 42.45 9.03 7.95
C ASN P 85 43.69 8.54 7.20
N SER P 86 43.83 7.24 7.01
CA SER P 86 44.92 6.71 6.19
C SER P 86 44.48 5.42 5.52
N GLY P 87 44.66 5.36 4.20
CA GLY P 87 44.29 4.17 3.46
C GLY P 87 45.17 2.98 3.75
N LYS P 88 46.38 3.23 4.24
CA LYS P 88 47.26 2.15 4.67
C LYS P 88 46.62 1.37 5.82
N PHE P 89 45.95 2.08 6.72
CA PHE P 89 45.24 1.45 7.82
C PHE P 89 44.08 0.61 7.32
N SER P 90 43.36 1.11 6.32
CA SER P 90 42.24 0.36 5.75
C SER P 90 42.72 -0.90 5.04
N VAL P 91 43.84 -0.80 4.32
CA VAL P 91 44.40 -1.94 3.61
C VAL P 91 44.86 -3.00 4.61
N LEU P 92 45.57 -2.58 5.65
CA LEU P 92 46.06 -3.54 6.63
C LEU P 92 44.92 -4.14 7.45
N ARG P 93 43.87 -3.34 7.71
CA ARG P 93 42.72 -3.84 8.44
C ARG P 93 41.96 -4.89 7.64
N ASP P 94 41.77 -4.65 6.34
CA ASP P 94 41.10 -5.66 5.52
C ASP P 94 41.98 -6.87 5.25
N LEU P 95 43.31 -6.69 5.24
CA LEU P 95 44.19 -7.84 5.13
C LEU P 95 44.10 -8.72 6.37
N ILE P 96 43.97 -8.11 7.55
CA ILE P 96 43.73 -8.89 8.75
C ILE P 96 42.34 -9.52 8.69
N ASN P 97 41.36 -8.79 8.17
CA ASN P 97 39.99 -9.28 8.01
C ASN P 97 39.87 -10.40 6.99
N LEU P 98 40.90 -10.62 6.19
CA LEU P 98 40.94 -11.79 5.31
C LEU P 98 41.85 -12.90 5.82
N VAL P 99 42.87 -12.57 6.62
CA VAL P 99 43.79 -13.60 7.08
C VAL P 99 43.25 -14.31 8.34
N GLN P 100 42.53 -13.58 9.21
CA GLN P 100 42.17 -14.01 10.56
C GLN P 100 41.33 -15.28 10.62
N GLU P 101 40.76 -15.74 9.49
CA GLU P 101 39.97 -16.96 9.49
C GLU P 101 40.82 -18.20 9.74
N TYR P 102 42.10 -18.13 9.38
CA TYR P 102 43.03 -19.18 9.79
C TYR P 102 43.28 -19.10 11.29
N GLU P 103 43.73 -20.21 11.85
CA GLU P 103 44.01 -20.29 13.28
C GLU P 103 45.49 -20.08 13.58
N THR P 104 46.12 -19.21 12.81
CA THR P 104 47.56 -19.00 12.85
C THR P 104 47.90 -17.80 13.71
N GLU P 105 49.17 -17.40 13.63
CA GLU P 105 49.66 -16.18 14.24
C GLU P 105 50.51 -15.44 13.23
N THR P 106 50.68 -14.13 13.45
CA THR P 106 51.57 -13.34 12.63
C THR P 106 52.11 -12.17 13.44
N ALA P 107 53.35 -11.81 13.17
CA ALA P 107 54.06 -10.81 13.95
C ALA P 107 54.10 -9.48 13.21
N ILE P 108 53.90 -8.40 13.95
CA ILE P 108 53.93 -7.04 13.42
C ILE P 108 54.92 -6.24 14.26
N VAL P 109 55.85 -5.55 13.61
CA VAL P 109 56.80 -4.71 14.31
C VAL P 109 56.81 -3.33 13.65
N CYS P 110 56.88 -2.28 14.47
CA CYS P 110 56.97 -0.91 14.01
C CYS P 110 57.65 -0.10 15.10
N ARG P 111 57.68 1.22 14.94
CA ARG P 111 58.34 2.08 15.92
C ARG P 111 57.48 2.18 17.18
N PRO P 112 58.11 2.31 18.36
CA PRO P 112 57.32 2.29 19.60
C PRO P 112 56.61 3.60 19.88
N GLY P 113 56.05 3.73 21.07
CA GLY P 113 55.38 4.95 21.46
C GLY P 113 53.95 4.98 20.98
N ARG P 114 53.51 6.12 20.45
CA ARG P 114 52.13 6.30 20.02
C ARG P 114 51.76 5.40 18.85
N THR P 115 52.76 4.99 18.06
CA THR P 115 52.53 4.24 16.84
C THR P 115 51.92 2.87 17.14
N MET P 116 52.50 2.15 18.09
CA MET P 116 51.95 0.86 18.47
C MET P 116 50.62 1.01 19.17
N ASP P 117 50.39 2.14 19.85
CA ASP P 117 49.11 2.37 20.50
C ASP P 117 48.00 2.54 19.48
N LEU P 118 48.25 3.36 18.46
CA LEU P 118 47.26 3.55 17.41
C LEU P 118 47.10 2.30 16.57
N LEU P 119 48.16 1.51 16.42
CA LEU P 119 48.04 0.23 15.74
C LEU P 119 47.13 -0.72 16.51
N GLU P 120 47.27 -0.74 17.84
CA GLU P 120 46.41 -1.55 18.69
C GLU P 120 44.97 -1.09 18.60
N ALA P 121 44.76 0.23 18.61
CA ALA P 121 43.42 0.78 18.50
C ALA P 121 42.79 0.49 17.14
N LEU P 122 43.62 0.41 16.09
CA LEU P 122 43.11 0.03 14.78
C LEU P 122 42.73 -1.43 14.73
N LEU P 123 43.60 -2.30 15.26
CA LEU P 123 43.34 -3.74 15.19
C LEU P 123 42.36 -4.22 16.24
N LEU P 124 41.83 -3.32 17.08
CA LEU P 124 40.77 -3.66 18.04
C LEU P 124 39.61 -4.44 17.43
N GLY P 125 39.16 -4.02 16.25
CA GLY P 125 38.01 -4.68 15.64
C GLY P 125 38.36 -5.78 14.66
N ASN P 126 38.99 -6.87 15.13
CA ASN P 126 39.34 -7.95 14.22
C ASN P 126 39.18 -9.36 14.79
N LYS P 127 38.69 -9.49 16.03
CA LYS P 127 38.53 -10.78 16.74
C LYS P 127 39.82 -11.56 16.79
N VAL P 128 40.89 -10.88 17.22
CA VAL P 128 42.24 -11.42 17.23
C VAL P 128 42.85 -11.14 18.60
N HIS P 129 43.43 -12.17 19.21
CA HIS P 129 44.13 -12.00 20.48
C HIS P 129 45.33 -11.07 20.28
N ILE P 130 45.58 -10.23 21.26
CA ILE P 130 46.56 -9.16 21.17
C ILE P 130 47.63 -9.41 22.21
N LYS P 131 48.89 -9.17 21.86
CA LYS P 131 49.94 -9.29 22.87
C LYS P 131 51.03 -8.28 22.59
N ARG P 132 51.09 -7.24 23.42
CA ARG P 132 52.17 -6.26 23.33
C ARG P 132 53.38 -6.69 24.15
N TYR P 133 54.55 -6.34 23.65
CA TYR P 133 55.81 -6.78 24.23
C TYR P 133 56.67 -5.62 24.72
N ASP P 134 56.21 -4.39 24.55
CA ASP P 134 56.83 -3.28 25.26
C ASP P 134 56.65 -3.42 26.76
N GLY P 135 55.50 -3.93 27.19
CA GLY P 135 55.25 -4.18 28.60
C GLY P 135 53.85 -3.77 29.01
N HIS P 136 53.36 -2.69 28.41
CA HIS P 136 52.02 -2.20 28.71
C HIS P 136 51.01 -2.92 27.82
N SER P 137 49.78 -3.01 28.31
CA SER P 137 48.65 -3.44 27.50
C SER P 137 47.47 -2.56 27.82
N ILE P 138 46.76 -2.13 26.79
CA ILE P 138 45.57 -1.31 26.98
C ILE P 138 44.34 -2.23 27.05
N LYS P 139 43.22 -1.68 27.52
CA LYS P 139 41.99 -2.44 27.62
C LYS P 139 41.46 -2.81 26.24
N SER P 140 40.92 -4.03 26.09
CA SER P 140 40.76 -5.03 27.17
C SER P 140 42.00 -5.91 27.28
N LYS P 141 42.11 -6.65 28.38
CA LYS P 141 43.36 -7.33 28.66
C LYS P 141 43.46 -8.67 27.93
N GLN P 142 42.60 -9.63 28.28
CA GLN P 142 42.78 -10.98 27.77
C GLN P 142 41.47 -11.75 27.86
N LYS P 143 41.40 -12.82 27.06
CA LYS P 143 40.37 -13.86 27.10
C LYS P 143 38.98 -13.25 26.85
N ALA P 144 38.83 -12.76 25.63
CA ALA P 144 37.55 -12.22 25.17
C ALA P 144 36.68 -13.32 24.57
N ASN P 145 37.18 -13.97 23.53
CA ASN P 145 36.40 -14.96 22.79
C ASN P 145 37.39 -16.00 22.27
N ASP P 146 36.96 -16.74 21.24
CA ASP P 146 37.83 -17.74 20.61
C ASP P 146 39.08 -17.10 20.03
N PHE P 147 38.90 -16.09 19.16
CA PHE P 147 39.95 -15.20 18.66
C PHE P 147 41.05 -15.98 17.93
N SER P 148 40.63 -16.53 16.79
CA SER P 148 41.36 -17.44 15.91
C SER P 148 42.83 -17.10 15.68
N CYS P 149 43.13 -15.83 15.46
CA CYS P 149 44.51 -15.40 15.30
C CYS P 149 44.99 -14.76 16.59
N THR P 150 46.30 -14.86 16.82
CA THR P 150 46.98 -14.19 17.93
C THR P 150 48.10 -13.36 17.33
N VAL P 151 48.01 -12.04 17.44
CA VAL P 151 48.98 -11.13 16.85
C VAL P 151 49.76 -10.45 17.96
N HIS P 152 51.09 -10.52 17.84
CA HIS P 152 52.01 -10.07 18.87
C HIS P 152 52.79 -8.89 18.32
N LEU P 153 52.79 -7.79 19.08
CA LEU P 153 53.32 -6.52 18.64
C LEU P 153 54.68 -6.29 19.25
N PHE P 154 55.60 -5.75 18.46
CA PHE P 154 56.97 -5.60 18.89
C PHE P 154 57.48 -4.24 18.46
N SER P 155 58.51 -3.78 19.16
CA SER P 155 59.26 -2.60 18.76
C SER P 155 60.58 -3.02 18.16
N SER P 156 60.99 -2.33 17.10
CA SER P 156 62.29 -2.60 16.49
C SER P 156 63.44 -2.03 17.29
N GLU P 157 63.16 -1.25 18.33
CA GLU P 157 64.19 -0.65 19.17
C GLU P 157 64.14 -1.24 20.59
N GLY P 158 63.94 -2.54 20.68
CA GLY P 158 63.94 -3.22 21.96
C GLY P 158 62.78 -4.17 22.12
N ILE P 159 63.08 -5.45 22.40
CA ILE P 159 62.07 -6.47 22.61
C ILE P 159 62.18 -7.09 24.00
N ASN P 160 63.40 -7.45 24.41
CA ASN P 160 63.73 -7.96 25.74
C ASN P 160 62.95 -9.24 26.07
N PHE P 161 63.34 -10.31 25.36
CA PHE P 161 62.84 -11.65 25.67
C PHE P 161 63.02 -12.03 27.14
N THR P 162 64.10 -11.56 27.76
CA THR P 162 64.35 -11.77 29.18
C THR P 162 63.22 -11.22 30.04
N LYS P 163 62.62 -10.11 29.61
CA LYS P 163 61.45 -9.59 30.30
C LYS P 163 60.21 -10.39 29.93
N TYR P 164 59.91 -10.50 28.64
CA TYR P 164 58.69 -11.12 28.15
C TYR P 164 59.05 -12.19 27.12
N PRO P 165 59.11 -13.45 27.51
CA PRO P 165 59.44 -14.50 26.55
C PRO P 165 58.27 -14.81 25.62
N ILE P 166 58.57 -15.63 24.60
CA ILE P 166 57.57 -16.02 23.62
C ILE P 166 56.62 -17.05 24.22
N LYS P 167 55.36 -16.99 23.80
CA LYS P 167 54.37 -17.96 24.23
C LYS P 167 53.62 -18.60 23.07
N SER P 168 54.21 -18.63 21.88
CA SER P 168 53.49 -19.07 20.70
C SER P 168 53.61 -20.57 20.43
N LYS P 169 54.84 -21.11 20.56
CA LYS P 169 55.20 -22.51 20.28
C LYS P 169 54.94 -22.94 18.83
N ALA P 170 54.89 -21.99 17.89
CA ALA P 170 54.84 -22.25 16.46
C ALA P 170 55.26 -20.96 15.76
N ARG P 171 55.62 -21.07 14.49
CA ARG P 171 56.13 -19.85 13.86
C ARG P 171 54.96 -19.07 13.33
N PHE P 172 55.19 -17.78 13.11
CA PHE P 172 54.19 -16.92 12.53
C PHE P 172 54.09 -17.23 11.04
N ASP P 173 52.95 -16.85 10.46
CA ASP P 173 52.78 -17.06 9.02
C ASP P 173 53.49 -15.99 8.21
N MET P 174 53.33 -14.73 8.59
CA MET P 174 53.95 -13.66 7.83
C MET P 174 54.43 -12.58 8.78
N LEU P 175 55.36 -11.78 8.28
CA LEU P 175 55.94 -10.66 9.02
C LEU P 175 55.46 -9.39 8.33
N ILE P 176 54.46 -8.75 8.93
CA ILE P 176 53.94 -7.49 8.41
C ILE P 176 54.92 -6.39 8.74
N CYS P 177 55.43 -5.71 7.71
CA CYS P 177 56.40 -4.65 7.87
C CYS P 177 55.70 -3.33 7.60
N LEU P 178 55.42 -2.60 8.67
CA LEU P 178 54.72 -1.33 8.60
C LEU P 178 55.70 -0.17 8.53
N ASP P 179 56.56 -0.05 9.53
CA ASP P 179 57.50 1.05 9.62
C ASP P 179 58.76 0.74 8.82
N THR P 180 59.53 1.79 8.54
CA THR P 180 60.72 1.67 7.71
C THR P 180 62.01 1.69 8.50
N THR P 181 61.96 1.91 9.82
CA THR P 181 63.18 1.96 10.62
C THR P 181 63.65 0.58 11.08
N VAL P 182 62.92 -0.48 10.73
CA VAL P 182 63.32 -1.82 11.17
C VAL P 182 64.55 -2.27 10.40
N ASP P 183 65.22 -3.29 10.94
CA ASP P 183 66.43 -3.83 10.34
C ASP P 183 66.42 -5.34 10.49
N THR P 184 66.48 -6.05 9.36
CA THR P 184 66.35 -7.50 9.36
C THR P 184 67.61 -8.20 9.86
N SER P 185 68.75 -7.51 9.91
CA SER P 185 69.98 -8.13 10.37
C SER P 185 70.06 -8.27 11.89
N GLN P 186 69.10 -7.72 12.62
CA GLN P 186 69.11 -7.83 14.07
C GLN P 186 68.78 -9.26 14.50
N LYS P 187 69.19 -9.59 15.73
CA LYS P 187 69.06 -10.96 16.19
C LYS P 187 67.62 -11.31 16.53
N ASP P 188 66.85 -10.34 17.05
CA ASP P 188 65.50 -10.63 17.52
C ASP P 188 64.56 -10.87 16.35
N ILE P 189 64.67 -10.06 15.29
CA ILE P 189 63.86 -10.29 14.10
C ILE P 189 64.31 -11.56 13.39
N GLN P 190 65.59 -11.90 13.50
CA GLN P 190 66.07 -13.16 12.97
C GLN P 190 65.45 -14.35 13.71
N TYR P 191 65.29 -14.23 15.03
CA TYR P 191 64.60 -15.27 15.78
C TYR P 191 63.12 -15.30 15.43
N LEU P 192 62.52 -14.13 15.16
CA LEU P 192 61.13 -14.10 14.76
C LEU P 192 60.93 -14.73 13.39
N LEU P 193 61.99 -14.73 12.56
CA LEU P 193 61.97 -15.55 11.37
C LEU P 193 62.23 -17.02 11.71
N GLN P 194 63.18 -17.28 12.61
CA GLN P 194 63.65 -18.63 12.90
C GLN P 194 62.93 -19.16 14.14
N TYR P 195 61.73 -19.70 13.93
CA TYR P 195 61.01 -20.29 15.03
C TYR P 195 60.74 -21.78 14.84
N LYS P 196 60.11 -22.19 13.77
CA LYS P 196 59.97 -23.62 13.48
C LYS P 196 60.82 -23.96 12.28
N ARG P 197 62.01 -24.49 12.55
CA ARG P 197 62.95 -24.84 11.49
C ARG P 197 62.53 -26.22 11.03
N GLU P 198 61.67 -26.26 10.02
CA GLU P 198 61.10 -27.51 9.53
C GLU P 198 62.16 -28.37 8.86
N ARG P 199 63.06 -27.75 8.10
CA ARG P 199 64.11 -28.46 7.39
C ARG P 199 65.36 -27.59 7.45
N LYS P 200 66.35 -28.03 8.23
CA LYS P 200 67.74 -27.50 8.31
C LYS P 200 67.81 -25.99 8.58
N GLY P 201 66.72 -25.37 9.04
CA GLY P 201 66.69 -23.93 9.11
C GLY P 201 66.64 -23.33 7.73
N LEU P 202 65.50 -23.47 7.02
CA LEU P 202 65.40 -23.35 5.57
C LEU P 202 65.90 -22.03 4.99
N GLU P 203 65.18 -20.95 5.24
CA GLU P 203 65.45 -19.69 4.55
C GLU P 203 65.22 -18.49 5.45
N ARG P 204 65.45 -18.64 6.76
CA ARG P 204 64.85 -17.81 7.80
C ARG P 204 63.34 -17.77 7.58
N TYR P 205 62.78 -18.98 7.75
CA TYR P 205 61.67 -19.52 6.96
C TYR P 205 60.42 -18.64 6.91
N ALA P 206 60.21 -17.77 7.89
CA ALA P 206 59.03 -16.91 7.90
C ALA P 206 59.15 -15.86 6.80
N PRO P 207 58.14 -15.72 5.93
CA PRO P 207 58.19 -14.69 4.89
C PRO P 207 57.76 -13.32 5.38
N ILE P 208 58.32 -12.29 4.74
CA ILE P 208 58.14 -10.90 5.15
C ILE P 208 57.38 -10.16 4.06
N VAL P 209 56.30 -9.48 4.45
CA VAL P 209 55.56 -8.61 3.55
C VAL P 209 55.82 -7.17 3.97
N ARG P 210 55.87 -6.28 2.98
CA ARG P 210 56.17 -4.87 3.19
C ARG P 210 54.99 -4.01 2.77
N LEU P 211 54.62 -3.04 3.59
CA LEU P 211 53.59 -2.07 3.24
C LEU P 211 54.26 -0.74 2.96
N VAL P 212 54.11 -0.26 1.73
CA VAL P 212 54.77 0.95 1.26
C VAL P 212 53.75 1.82 0.55
N ALA P 213 53.70 3.10 0.91
CA ALA P 213 52.91 4.05 0.16
C ALA P 213 53.58 4.31 -1.18
N ILE P 214 52.79 4.25 -2.25
CA ILE P 214 53.33 4.41 -3.60
C ILE P 214 53.79 5.85 -3.81
N ASN P 215 55.03 5.99 -4.29
CA ASN P 215 55.67 7.27 -4.62
C ASN P 215 55.75 8.20 -3.41
N SER P 216 55.91 7.63 -2.23
CA SER P 216 56.19 8.39 -1.03
C SER P 216 57.66 8.23 -0.68
N ILE P 217 58.05 8.72 0.50
CA ILE P 217 59.43 8.54 0.94
C ILE P 217 59.67 7.10 1.37
N ASP P 218 58.61 6.33 1.59
CA ASP P 218 58.75 4.90 1.87
C ASP P 218 59.35 4.18 0.67
N HIS P 219 58.77 4.41 -0.52
CA HIS P 219 59.31 3.84 -1.75
C HIS P 219 60.68 4.41 -2.06
N CYS P 220 60.91 5.68 -1.71
CA CYS P 220 62.21 6.30 -1.92
C CYS P 220 63.30 5.60 -1.12
N ARG P 221 63.07 5.42 0.19
CA ARG P 221 64.03 4.75 1.04
C ARG P 221 64.19 3.28 0.64
N LEU P 222 63.09 2.61 0.29
CA LEU P 222 63.14 1.20 -0.07
C LEU P 222 63.94 0.97 -1.34
N PHE P 223 63.75 1.82 -2.35
CA PHE P 223 64.47 1.59 -3.58
C PHE P 223 65.90 2.10 -3.51
N PHE P 224 66.17 3.11 -2.70
CA PHE P 224 67.50 3.69 -2.69
C PHE P 224 68.39 3.15 -1.59
N GLY P 225 67.87 2.28 -0.72
CA GLY P 225 68.73 1.63 0.26
C GLY P 225 69.72 0.64 -0.32
N LYS P 226 69.54 0.25 -1.58
CA LYS P 226 70.43 -0.68 -2.26
C LYS P 226 71.29 -0.03 -3.30
N LYS P 227 70.88 1.13 -3.84
CA LYS P 227 71.70 1.84 -4.80
C LYS P 227 72.92 2.46 -4.14
N PHE P 228 72.73 3.07 -2.99
CA PHE P 228 73.79 3.53 -2.12
C PHE P 228 73.60 2.88 -0.76
N ASP P 229 74.36 3.33 0.23
CA ASP P 229 74.41 2.61 1.50
C ASP P 229 74.46 3.58 2.68
N LYS P 230 73.32 3.70 3.37
CA LYS P 230 73.25 3.83 4.82
C LYS P 230 74.03 5.03 5.36
N ASN P 231 73.43 6.20 5.09
CA ASN P 231 73.86 7.49 5.64
C ASN P 231 75.20 7.92 5.09
N SER P 232 75.42 7.66 3.81
CA SER P 232 76.47 8.31 3.04
C SER P 232 75.93 9.64 2.50
N ARG P 233 76.79 10.37 1.79
CA ARG P 233 76.37 11.65 1.22
C ARG P 233 75.44 11.43 0.03
N GLU P 234 75.75 10.44 -0.81
CA GLU P 234 75.02 10.25 -2.06
C GLU P 234 73.62 9.70 -1.82
N TYR P 235 73.47 8.80 -0.83
CA TYR P 235 72.15 8.31 -0.47
C TYR P 235 71.29 9.43 0.10
N LEU P 236 71.90 10.30 0.91
CA LEU P 236 71.21 11.45 1.46
C LEU P 236 70.75 12.40 0.36
N GLU P 237 71.62 12.68 -0.60
CA GLU P 237 71.26 13.52 -1.74
C GLU P 237 70.16 12.91 -2.57
N ASN P 238 70.20 11.59 -2.79
CA ASN P 238 69.20 10.95 -3.62
C ASN P 238 67.85 10.91 -2.92
N VAL P 239 67.83 10.72 -1.61
CA VAL P 239 66.58 10.71 -0.87
C VAL P 239 65.96 12.11 -0.83
N THR P 240 66.79 13.13 -0.55
CA THR P 240 66.30 14.50 -0.50
C THR P 240 65.87 14.99 -1.88
N ALA P 241 66.48 14.48 -2.95
CA ALA P 241 66.03 14.83 -4.29
C ALA P 241 64.72 14.14 -4.62
N ALA P 242 64.63 12.83 -4.39
CA ALA P 242 63.45 12.09 -4.79
C ALA P 242 62.26 12.32 -3.88
N MET P 243 62.45 13.00 -2.74
CA MET P 243 61.31 13.29 -1.90
C MET P 243 60.39 14.32 -2.52
N VAL P 244 60.94 15.25 -3.30
CA VAL P 244 60.18 16.43 -3.70
C VAL P 244 59.57 16.32 -5.09
N ILE P 245 60.07 15.43 -5.94
CA ILE P 245 59.59 15.39 -7.31
C ILE P 245 58.40 14.45 -7.45
N LEU P 246 58.35 13.40 -6.64
CA LEU P 246 57.18 12.54 -6.56
C LEU P 246 56.07 13.13 -5.69
N ARG P 247 56.19 14.39 -5.29
CA ARG P 247 55.17 15.06 -4.50
C ARG P 247 53.88 15.25 -5.28
N ASP P 248 53.95 15.27 -6.61
CA ASP P 248 52.78 15.53 -7.43
C ASP P 248 51.83 14.34 -7.45
N ARG P 249 52.36 13.15 -7.74
CA ARG P 249 51.55 11.99 -8.05
C ARG P 249 51.74 10.87 -7.03
N LEU P 250 51.88 11.23 -5.77
CA LEU P 250 51.97 10.20 -4.74
C LEU P 250 50.59 9.62 -4.46
N GLY P 251 50.59 8.42 -3.89
CA GLY P 251 49.37 7.81 -3.40
C GLY P 251 48.48 7.16 -4.44
N THR P 252 48.45 7.70 -5.66
CA THR P 252 47.60 7.15 -6.71
C THR P 252 48.17 5.85 -7.25
N LEU P 253 47.33 5.09 -7.93
CA LEU P 253 47.65 3.73 -8.30
C LEU P 253 48.13 3.65 -9.73
N PRO P 254 48.82 2.56 -10.09
CA PRO P 254 48.91 2.19 -11.49
C PRO P 254 47.53 1.80 -12.01
N PRO P 255 47.30 1.89 -13.33
CA PRO P 255 45.92 1.75 -13.85
C PRO P 255 45.35 0.35 -13.72
N ASP P 256 46.18 -0.68 -13.66
CA ASP P 256 45.73 -2.05 -13.53
C ASP P 256 45.59 -2.49 -12.08
N LEU P 257 45.96 -1.64 -11.12
CA LEU P 257 45.98 -1.99 -9.72
C LEU P 257 44.67 -1.69 -9.01
N ARG P 258 43.77 -0.96 -9.64
CA ARG P 258 42.51 -0.56 -9.01
C ARG P 258 41.57 -1.74 -8.74
N PRO P 259 41.36 -2.71 -9.65
CA PRO P 259 40.60 -3.90 -9.22
C PRO P 259 41.34 -4.77 -8.23
N ILE P 260 42.67 -4.65 -8.14
CA ILE P 260 43.43 -5.48 -7.21
C ILE P 260 43.15 -5.05 -5.77
N TYR P 261 42.79 -3.79 -5.56
CA TYR P 261 42.41 -3.34 -4.23
C TYR P 261 40.91 -3.25 -4.03
N SER P 262 40.14 -2.91 -5.06
CA SER P 262 38.70 -2.74 -4.88
C SER P 262 37.94 -4.05 -4.82
N GLN P 263 38.59 -5.18 -5.08
CA GLN P 263 37.95 -6.48 -4.94
C GLN P 263 38.09 -7.05 -3.54
N LYS P 264 38.32 -6.18 -2.54
CA LYS P 264 38.50 -6.53 -1.13
C LYS P 264 39.64 -7.52 -0.92
N LEU P 265 40.69 -7.37 -1.73
CA LEU P 265 41.98 -8.07 -1.61
C LEU P 265 41.85 -9.59 -1.73
N HIS P 266 40.81 -10.07 -2.41
CA HIS P 266 40.58 -11.50 -2.55
C HIS P 266 41.54 -12.14 -3.55
N TYR P 267 42.33 -11.35 -4.26
CA TYR P 267 43.28 -11.90 -5.21
C TYR P 267 44.44 -12.60 -4.51
N LEU P 268 44.78 -12.17 -3.30
CA LEU P 268 46.02 -12.60 -2.66
C LEU P 268 45.88 -13.88 -1.84
N VAL P 269 44.67 -14.43 -1.68
CA VAL P 269 44.45 -15.56 -0.79
C VAL P 269 45.16 -16.82 -1.26
N GLU P 270 45.42 -16.90 -2.57
CA GLU P 270 46.28 -17.92 -3.14
C GLU P 270 47.63 -17.96 -2.45
N TRP P 271 48.29 -16.80 -2.34
CA TRP P 271 49.52 -16.73 -1.58
C TRP P 271 49.27 -16.92 -0.10
N LEU P 272 48.08 -16.55 0.38
CA LEU P 272 47.73 -16.85 1.75
C LEU P 272 47.29 -18.29 1.92
N GLU P 273 47.05 -19.01 0.83
CA GLU P 273 46.80 -20.44 0.94
C GLU P 273 48.09 -21.17 1.29
N ASN P 274 49.15 -20.95 0.51
CA ASN P 274 50.43 -21.53 0.78
C ASN P 274 51.53 -20.54 0.41
N PRO P 275 52.57 -20.43 1.24
CA PRO P 275 53.65 -19.48 0.93
C PRO P 275 54.55 -19.93 -0.20
N THR P 276 54.56 -21.23 -0.53
CA THR P 276 55.48 -21.72 -1.54
C THR P 276 55.07 -21.36 -2.95
N VAL P 277 53.86 -20.84 -3.14
CA VAL P 277 53.42 -20.38 -4.46
C VAL P 277 54.17 -19.08 -4.72
N PRO P 278 54.38 -18.68 -5.98
CA PRO P 278 55.13 -17.44 -6.24
C PRO P 278 54.37 -16.20 -5.80
N TRP P 279 55.12 -15.13 -5.61
CA TRP P 279 54.55 -13.88 -5.14
C TRP P 279 53.68 -13.26 -6.23
N PRO P 280 52.37 -13.18 -6.04
CA PRO P 280 51.45 -12.88 -7.15
C PRO P 280 51.43 -11.41 -7.56
N LEU P 281 52.26 -10.57 -6.96
CA LEU P 281 52.31 -9.15 -7.21
C LEU P 281 53.66 -8.77 -7.82
N PRO P 282 53.71 -7.72 -8.66
CA PRO P 282 54.97 -7.42 -9.37
C PRO P 282 56.03 -6.81 -8.47
N ASP P 283 57.21 -6.59 -9.03
CA ASP P 283 58.33 -6.03 -8.28
C ASP P 283 58.10 -4.55 -8.01
N ILE P 284 58.87 -4.03 -7.03
CA ILE P 284 58.84 -2.61 -6.69
C ILE P 284 59.34 -1.76 -7.87
N TYR P 285 58.92 -0.53 -7.89
CA TYR P 285 59.15 0.22 -9.11
C TYR P 285 60.49 0.94 -9.06
N PRO P 286 61.13 1.09 -10.22
CA PRO P 286 62.38 1.86 -10.27
C PRO P 286 62.12 3.35 -10.14
N LEU P 287 63.07 4.02 -9.51
CA LEU P 287 62.99 5.47 -9.27
C LEU P 287 64.28 6.10 -9.78
N LYS P 288 64.19 6.83 -10.89
CA LYS P 288 65.38 7.39 -11.50
C LYS P 288 65.91 8.56 -10.68
N GLN P 289 67.17 8.91 -10.92
CA GLN P 289 67.81 10.00 -10.22
C GLN P 289 67.66 11.30 -11.01
N TYR P 290 68.00 12.41 -10.34
CA TYR P 290 67.81 13.74 -10.91
C TYR P 290 69.00 14.61 -10.56
N THR P 291 69.15 15.71 -11.30
CA THR P 291 70.12 16.73 -10.97
C THR P 291 69.43 17.84 -10.17
N SER P 292 70.15 18.92 -9.92
CA SER P 292 69.61 20.03 -9.14
C SER P 292 68.52 20.78 -9.90
N MET P 293 68.65 20.86 -11.23
CA MET P 293 67.73 21.64 -12.03
C MET P 293 66.36 20.99 -12.09
N ASP P 294 66.31 19.67 -12.02
CA ASP P 294 65.03 18.97 -11.95
C ASP P 294 64.33 19.27 -10.63
N VAL P 295 65.12 19.37 -9.54
CA VAL P 295 64.56 19.75 -8.24
C VAL P 295 64.02 21.17 -8.28
N GLU P 296 64.74 22.07 -8.95
CA GLU P 296 64.27 23.45 -9.05
C GLU P 296 63.00 23.55 -9.90
N ARG P 297 62.96 22.82 -11.02
CA ARG P 297 61.79 22.85 -11.89
C ARG P 297 60.57 22.25 -11.21
N SER P 298 60.77 21.21 -10.40
CA SER P 298 59.65 20.69 -9.63
C SER P 298 59.29 21.61 -8.48
N LEU P 299 60.23 22.43 -8.02
CA LEU P 299 59.95 23.35 -6.93
C LEU P 299 59.36 24.67 -7.39
N LEU P 300 59.50 25.01 -8.66
CA LEU P 300 58.96 26.26 -9.16
C LEU P 300 57.45 26.24 -9.36
N THR P 301 56.82 25.07 -9.36
CA THR P 301 55.40 24.98 -9.61
C THR P 301 54.65 24.66 -8.32
N GLU P 302 53.32 24.61 -8.42
CA GLU P 302 52.43 24.25 -7.34
C GLU P 302 51.71 22.96 -7.69
N VAL P 303 50.75 22.56 -6.86
CA VAL P 303 50.10 21.28 -7.04
C VAL P 303 48.66 21.40 -6.55
N HIS P 304 47.79 20.58 -7.13
CA HIS P 304 46.40 20.47 -6.67
C HIS P 304 45.95 19.03 -6.84
N PHE P 305 45.08 18.60 -5.94
CA PHE P 305 44.53 17.25 -5.99
C PHE P 305 43.02 17.23 -6.12
N LYS P 306 42.31 17.87 -5.17
CA LYS P 306 40.84 17.91 -5.08
C LYS P 306 40.16 16.55 -5.20
N ASN P 307 -24.24 46.17 34.89
CA ASN P 307 -24.89 46.52 33.64
C ASN P 307 -23.89 47.07 32.61
N SER P 308 -23.49 46.21 31.67
CA SER P 308 -22.52 46.59 30.66
C SER P 308 -23.09 47.58 29.66
N SER P 309 -24.41 47.57 29.46
CA SER P 309 -25.03 48.48 28.52
C SER P 309 -24.97 49.93 29.01
N ASN P 310 -25.10 50.10 30.34
CA ASN P 310 -24.91 51.41 30.96
C ASN P 310 -23.51 51.94 30.70
N VAL P 311 -22.50 51.09 30.86
CA VAL P 311 -21.12 51.54 30.70
C VAL P 311 -20.79 51.80 29.23
N ASN P 312 -21.34 51.00 28.33
CA ASN P 312 -21.11 51.22 26.90
C ASN P 312 -21.73 52.53 26.43
N TYR P 313 -22.99 52.77 26.80
CA TYR P 313 -23.64 54.02 26.42
C TYR P 313 -23.05 55.21 27.14
N HIS P 314 -22.53 55.01 28.35
CA HIS P 314 -21.93 56.12 29.09
C HIS P 314 -20.60 56.52 28.47
N LEU P 315 -19.81 55.53 28.03
CA LEU P 315 -18.58 55.84 27.32
C LEU P 315 -18.88 56.46 25.95
N SER P 316 -19.97 56.05 25.31
CA SER P 316 -20.37 56.67 24.05
C SER P 316 -20.81 58.12 24.25
N SER P 317 -21.49 58.40 25.35
CA SER P 317 -21.87 59.78 25.63
C SER P 317 -20.67 60.63 26.02
N GLY P 318 -19.66 60.02 26.66
CA GLY P 318 -18.42 60.73 26.90
C GLY P 318 -17.71 61.07 25.61
N ILE P 319 -17.73 60.13 24.65
CA ILE P 319 -17.20 60.40 23.30
C ILE P 319 -18.00 61.50 22.62
N ILE P 320 -19.31 61.52 22.85
CA ILE P 320 -20.19 62.52 22.23
C ILE P 320 -19.90 63.92 22.79
N THR P 321 -19.76 64.03 24.11
CA THR P 321 -19.50 65.36 24.67
C THR P 321 -18.07 65.81 24.42
N HIS P 322 -17.12 64.88 24.24
CA HIS P 322 -15.80 65.34 23.83
C HIS P 322 -15.77 65.71 22.35
N LYS P 323 -16.63 65.08 21.53
CA LYS P 323 -16.87 65.56 20.18
C LYS P 323 -17.44 66.98 20.20
N LEU P 324 -18.34 67.23 21.15
CA LEU P 324 -18.92 68.56 21.31
C LEU P 324 -17.86 69.57 21.70
N ILE P 325 -16.95 69.21 22.61
CA ILE P 325 -15.90 70.14 23.00
C ILE P 325 -14.88 70.30 21.88
N GLN P 326 -14.73 69.29 21.02
CA GLN P 326 -13.82 69.43 19.89
C GLN P 326 -14.38 70.39 18.84
N SER P 327 -15.66 70.23 18.51
CA SER P 327 -16.30 71.16 17.57
C SER P 327 -16.41 72.56 18.15
N MET P 328 -16.59 72.66 19.47
CA MET P 328 -16.69 73.95 20.09
C MET P 328 -15.34 74.64 20.20
N GLY P 329 -14.26 73.87 20.40
CA GLY P 329 -12.94 74.44 20.30
C GLY P 329 -12.59 74.86 18.89
N GLU P 330 -13.11 74.11 17.90
CA GLU P 330 -12.92 74.48 16.50
C GLU P 330 -13.58 75.81 16.17
N VAL P 331 -14.85 75.97 16.54
CA VAL P 331 -15.53 77.23 16.26
C VAL P 331 -15.03 78.32 17.20
N TYR P 332 -14.46 77.96 18.35
CA TYR P 332 -13.79 78.92 19.22
C TYR P 332 -12.57 79.51 18.54
N MET P 333 -11.70 78.65 17.99
CA MET P 333 -10.55 79.14 17.25
C MET P 333 -10.97 79.86 15.99
N ASP P 334 -12.10 79.46 15.39
CA ASP P 334 -12.64 80.10 14.20
C ASP P 334 -13.06 81.54 14.48
N ILE P 335 -13.81 81.74 15.57
CA ILE P 335 -14.22 83.08 15.93
C ILE P 335 -13.04 83.87 16.48
N CYS P 336 -12.01 83.19 17.00
CA CYS P 336 -10.77 83.88 17.35
C CYS P 336 -10.07 84.45 16.13
N VAL P 337 -9.92 83.65 15.05
CA VAL P 337 -9.19 84.19 13.89
C VAL P 337 -10.08 85.20 13.17
N GLN P 338 -11.41 85.04 13.28
CA GLN P 338 -12.34 86.06 12.82
C GLN P 338 -12.12 87.38 13.56
N LYS P 339 -11.90 87.33 14.88
CA LYS P 339 -11.58 88.54 15.62
C LYS P 339 -10.22 89.12 15.22
N GLN P 340 -9.21 88.24 15.05
CA GLN P 340 -7.86 88.73 14.74
C GLN P 340 -7.80 89.39 13.37
N GLU P 341 -8.57 88.88 12.40
CA GLU P 341 -8.58 89.47 11.07
C GLU P 341 -9.67 90.52 10.89
N LEU P 342 -10.57 90.69 11.86
CA LEU P 342 -11.60 91.71 11.73
C LEU P 342 -11.52 92.82 12.77
N ASP P 343 -10.47 92.87 13.60
CA ASP P 343 -10.29 94.02 14.47
C ASP P 343 -9.28 95.04 13.95
N ASP P 344 -8.53 94.69 12.91
CA ASP P 344 -7.45 95.54 12.44
C ASP P 344 -7.40 95.70 10.93
N TYR P 345 -8.29 95.08 10.18
CA TYR P 345 -8.13 95.04 8.73
C TYR P 345 -8.56 96.33 8.06
N SER P 346 -9.83 96.70 8.19
CA SER P 346 -10.36 97.74 7.32
C SER P 346 -10.03 99.15 7.76
N CYS P 347 -9.24 99.32 8.83
CA CYS P 347 -8.91 100.66 9.31
C CYS P 347 -7.71 101.24 8.57
N LEU P 348 -6.59 100.52 8.56
CA LEU P 348 -5.33 101.06 8.05
C LEU P 348 -4.83 100.27 6.85
N ASP P 349 -5.73 99.84 5.97
CA ASP P 349 -5.33 99.03 4.84
C ASP P 349 -6.11 99.38 3.58
N ASP P 350 -5.42 99.24 2.45
CA ASP P 350 -5.95 99.11 1.09
C ASP P 350 -6.57 100.38 0.51
N LEU P 351 -6.68 101.43 1.31
CA LEU P 351 -7.18 102.72 0.81
C LEU P 351 -6.37 103.90 1.31
N GLN P 352 -5.73 103.81 2.46
CA GLN P 352 -5.03 104.93 3.08
C GLN P 352 -3.65 105.15 2.49
N ASN P 353 -3.07 104.12 1.86
CA ASN P 353 -1.69 104.17 1.40
C ASN P 353 -1.52 105.18 0.27
N ASP P 354 -2.26 104.97 -0.83
CA ASP P 354 -2.23 105.90 -1.96
C ASP P 354 -2.77 107.27 -1.57
N HIS P 355 -3.71 107.30 -0.62
CA HIS P 355 -4.31 108.50 -0.06
C HIS P 355 -3.23 109.41 0.53
N LEU P 356 -2.55 108.96 1.58
CA LEU P 356 -1.60 109.84 2.24
C LEU P 356 -0.32 110.00 1.43
N LYS P 357 0.08 108.98 0.64
CA LYS P 357 1.27 109.11 -0.19
C LYS P 357 1.09 110.18 -1.27
N PHE P 358 -0.01 110.10 -2.03
CA PHE P 358 -0.27 111.07 -3.08
C PHE P 358 -0.53 112.45 -2.50
N PHE P 359 -1.24 112.53 -1.37
CA PHE P 359 -1.59 113.86 -0.86
C PHE P 359 -0.39 114.55 -0.22
N SER P 360 0.46 113.80 0.48
CA SER P 360 1.67 114.38 1.06
C SER P 360 2.66 114.80 -0.03
N ASN P 361 2.89 113.91 -1.02
CA ASN P 361 3.86 114.25 -2.07
C ASN P 361 3.34 115.37 -2.96
N GLU P 362 2.03 115.43 -3.21
CA GLU P 362 1.49 116.54 -3.97
C GLU P 362 1.49 117.84 -3.17
N ASP P 363 1.39 117.77 -1.84
CA ASP P 363 1.54 118.98 -1.05
C ASP P 363 2.98 119.50 -1.07
N GLU P 364 3.95 118.58 -1.08
CA GLU P 364 5.34 118.98 -1.29
C GLU P 364 5.55 119.57 -2.68
N LYS P 365 4.83 119.05 -3.68
CA LYS P 365 4.84 119.62 -5.02
C LYS P 365 4.29 121.04 -5.04
N ILE P 366 3.17 121.27 -4.33
CA ILE P 366 2.55 122.60 -4.22
C ILE P 366 3.52 123.59 -3.61
N ILE P 367 4.16 123.21 -2.50
CA ILE P 367 5.00 124.19 -1.82
C ILE P 367 6.29 124.45 -2.59
N LYS P 368 6.83 123.43 -3.29
CA LYS P 368 8.04 123.69 -4.07
C LYS P 368 7.73 124.53 -5.32
N GLU P 369 6.55 124.35 -5.94
CA GLU P 369 6.25 125.18 -7.09
C GLU P 369 5.93 126.61 -6.68
N TYR P 370 5.32 126.81 -5.51
CA TYR P 370 5.14 128.16 -4.99
C TYR P 370 6.48 128.84 -4.71
N GLU P 371 7.42 128.10 -4.09
CA GLU P 371 8.74 128.66 -3.79
C GLU P 371 9.46 129.07 -5.07
N THR P 372 9.47 128.20 -6.08
CA THR P 372 10.19 128.55 -7.31
C THR P 372 9.47 129.65 -8.09
N VAL P 373 8.13 129.75 -8.01
CA VAL P 373 7.45 130.76 -8.81
C VAL P 373 7.69 132.15 -8.22
N LEU P 374 7.72 132.29 -6.89
CA LEU P 374 8.05 133.61 -6.36
C LEU P 374 9.54 133.93 -6.52
N ARG P 375 10.42 132.92 -6.49
CA ARG P 375 11.84 133.19 -6.67
C ARG P 375 12.14 133.65 -8.09
N THR P 376 11.61 132.97 -9.11
CA THR P 376 11.84 133.45 -10.47
C THR P 376 11.05 134.70 -10.76
N ASN P 377 9.97 134.98 -10.02
CA ASN P 377 9.24 136.23 -10.19
C ASN P 377 10.13 137.40 -9.78
N ASN P 378 10.71 137.33 -8.58
CA ASN P 378 11.50 138.45 -8.11
C ASN P 378 12.83 138.56 -8.86
N GLU P 379 13.41 137.44 -9.27
CA GLU P 379 14.63 137.50 -10.08
C GLU P 379 14.37 138.05 -11.47
N ASN P 380 13.23 137.71 -12.08
CA ASN P 380 12.93 138.21 -13.42
C ASN P 380 12.58 139.69 -13.41
N LEU P 381 11.87 140.15 -12.36
CA LEU P 381 11.58 141.58 -12.29
C LEU P 381 12.83 142.41 -11.99
N ASN P 382 13.72 141.91 -11.10
CA ASN P 382 14.98 142.63 -10.86
C ASN P 382 15.89 142.62 -12.08
N ARG P 383 15.93 141.50 -12.82
CA ARG P 383 16.74 141.45 -14.04
C ARG P 383 16.22 142.39 -15.11
N SER P 384 14.89 142.45 -15.30
CA SER P 384 14.33 143.35 -16.30
C SER P 384 14.52 144.81 -15.91
N HIS P 385 14.42 145.13 -14.61
CA HIS P 385 14.60 146.51 -14.18
C HIS P 385 16.06 146.97 -14.33
N GLU P 386 17.01 146.20 -13.81
CA GLU P 386 18.41 146.59 -13.96
C GLU P 386 18.90 146.51 -15.40
N LEU P 387 18.25 145.67 -16.23
CA LEU P 387 18.58 145.66 -17.64
C LEU P 387 18.03 146.89 -18.35
N GLU P 388 16.88 147.42 -17.90
CA GLU P 388 16.40 148.69 -18.42
C GLU P 388 17.32 149.84 -18.00
N VAL P 389 17.88 149.75 -16.79
CA VAL P 389 18.88 150.73 -16.36
C VAL P 389 20.12 150.68 -17.26
N GLU P 390 20.61 149.47 -17.52
CA GLU P 390 21.78 149.33 -18.40
C GLU P 390 21.44 149.73 -19.84
N ASN P 391 20.18 149.56 -20.26
CA ASN P 391 19.78 149.95 -21.60
C ASN P 391 19.67 151.46 -21.75
N ASN P 392 19.21 152.17 -20.71
CA ASN P 392 19.17 153.62 -20.85
C ASN P 392 20.55 154.23 -20.69
N LEU P 393 21.44 153.58 -19.92
CA LEU P 393 22.86 153.96 -19.98
C LEU P 393 23.45 153.71 -21.36
N LYS P 394 23.00 152.64 -22.03
CA LYS P 394 23.42 152.38 -23.40
C LYS P 394 22.92 153.47 -24.36
N PHE P 395 21.70 153.95 -24.14
CA PHE P 395 21.16 155.04 -24.95
C PHE P 395 21.92 156.34 -24.73
N SER P 396 22.30 156.61 -23.47
CA SER P 396 23.17 157.74 -23.17
C SER P 396 24.53 157.59 -23.84
N GLN P 397 25.05 156.36 -23.91
CA GLN P 397 26.32 156.12 -24.59
C GLN P 397 26.22 156.38 -26.09
N ILE P 398 25.10 155.96 -26.71
CA ILE P 398 24.85 156.25 -28.12
C ILE P 398 24.78 157.76 -28.37
N GLU P 399 24.10 158.49 -27.48
CA GLU P 399 24.02 159.94 -27.62
C GLU P 399 25.38 160.59 -27.43
N THR P 400 26.21 160.06 -26.54
CA THR P 400 27.55 160.61 -26.32
C THR P 400 28.45 160.37 -27.52
N LEU P 401 28.39 159.17 -28.12
CA LEU P 401 29.23 158.90 -29.28
C LEU P 401 28.73 159.63 -30.52
N GLU P 402 27.44 159.91 -30.61
CA GLU P 402 26.94 160.75 -31.69
C GLU P 402 27.38 162.19 -31.51
N LYS P 403 27.43 162.67 -30.27
CA LYS P 403 28.07 163.94 -29.97
C LYS P 403 29.54 163.93 -30.38
N ASP P 404 30.22 162.81 -30.13
CA ASP P 404 31.63 162.69 -30.48
C ASP P 404 31.85 162.81 -31.97
N ILE P 405 31.05 162.10 -32.77
CA ILE P 405 31.24 162.22 -34.22
C ILE P 405 30.76 163.56 -34.74
N GLU P 406 29.83 164.24 -34.04
CA GLU P 406 29.44 165.59 -34.45
C GLU P 406 30.56 166.60 -34.26
N THR P 407 31.13 166.67 -33.05
CA THR P 407 32.23 167.61 -32.84
C THR P 407 33.51 167.20 -33.55
N LEU P 408 33.70 165.92 -33.85
CA LEU P 408 34.88 165.58 -34.64
C LEU P 408 34.64 165.76 -36.13
N LYS P 409 33.39 165.74 -36.59
CA LYS P 409 33.07 166.27 -37.92
C LYS P 409 33.37 167.76 -37.98
N GLY P 410 33.13 168.49 -36.88
CA GLY P 410 33.55 169.88 -36.82
C GLY P 410 35.06 170.04 -36.85
N SER P 411 35.78 169.15 -36.17
CA SER P 411 37.24 169.20 -36.21
C SER P 411 37.80 168.83 -37.59
N LEU P 412 37.14 167.91 -38.29
CA LEU P 412 37.54 167.61 -39.67
C LEU P 412 37.18 168.75 -40.61
N MET P 413 36.12 169.51 -40.31
CA MET P 413 35.84 170.74 -41.05
C MET P 413 36.95 171.76 -40.82
N ALA P 414 37.46 171.82 -39.59
CA ALA P 414 38.60 172.69 -39.29
C ALA P 414 39.87 172.21 -40.00
N GLN P 415 40.02 170.90 -40.16
CA GLN P 415 41.13 170.35 -40.93
C GLN P 415 41.01 170.69 -42.41
N GLY P 416 39.79 170.64 -42.94
CA GLY P 416 39.56 171.03 -44.33
C GLY P 416 39.68 172.53 -44.57
N GLU P 417 39.52 173.34 -43.53
CA GLU P 417 39.61 174.79 -43.69
C GLU P 417 41.05 175.22 -43.96
N THR P 418 41.95 174.99 -43.02
CA THR P 418 43.36 175.29 -43.21
C THR P 418 44.02 174.21 -44.07
N LEU P 419 44.85 174.63 -45.01
CA LEU P 419 45.32 173.72 -46.06
C LEU P 419 46.83 173.55 -46.08
N SER P 420 47.59 174.64 -46.00
CA SER P 420 49.01 174.57 -46.32
C SER P 420 49.82 175.37 -45.33
N LYS P 421 51.15 175.17 -45.43
CA LYS P 421 52.21 175.90 -44.73
C LYS P 421 52.18 175.72 -43.21
N LEU P 422 51.47 174.72 -42.68
CA LEU P 422 51.53 174.43 -41.26
C LEU P 422 51.13 172.98 -41.06
N LYS P 423 51.66 172.36 -40.00
CA LYS P 423 51.29 171.00 -39.61
C LYS P 423 49.93 171.03 -38.90
N ASP P 424 48.88 171.13 -39.72
CA ASP P 424 47.52 171.29 -39.24
C ASP P 424 46.74 169.98 -39.25
N ALA P 425 46.61 169.36 -40.42
CA ALA P 425 45.58 168.35 -40.62
C ALA P 425 45.95 166.99 -40.05
N PHE P 426 47.23 166.62 -40.06
CA PHE P 426 47.58 165.21 -39.87
C PHE P 426 47.59 164.80 -38.40
N VAL P 427 48.13 165.64 -37.52
CA VAL P 427 48.12 165.36 -36.08
C VAL P 427 46.69 165.35 -35.55
N LYS P 428 45.81 166.17 -36.15
CA LYS P 428 44.40 166.09 -35.82
C LYS P 428 43.77 164.80 -36.37
N THR P 429 44.09 164.44 -37.61
CA THR P 429 43.44 163.32 -38.28
C THR P 429 43.79 161.99 -37.62
N ASP P 430 44.97 161.92 -36.97
CA ASP P 430 45.38 160.74 -36.20
C ASP P 430 44.37 160.41 -35.10
N ASN P 431 44.15 161.34 -34.18
CA ASN P 431 43.17 161.05 -33.13
C ASN P 431 41.74 161.18 -33.62
N VAL P 432 41.51 161.82 -34.78
CA VAL P 432 40.19 161.74 -35.42
C VAL P 432 39.86 160.29 -35.77
N GLN P 433 40.79 159.61 -36.45
CA GLN P 433 40.59 158.21 -36.82
C GLN P 433 40.53 157.32 -35.59
N ASP P 434 41.41 157.57 -34.60
CA ASP P 434 41.41 156.76 -33.38
C ASP P 434 40.10 156.88 -32.63
N GLU P 435 39.59 158.11 -32.49
CA GLU P 435 38.34 158.35 -31.78
C GLU P 435 37.15 157.75 -32.53
N ILE P 436 37.11 157.90 -33.86
CA ILE P 436 35.94 157.40 -34.57
C ILE P 436 35.95 155.88 -34.67
N GLU P 437 37.12 155.24 -34.71
CA GLU P 437 37.14 153.78 -34.78
C GLU P 437 36.85 153.15 -33.43
N LYS P 438 37.38 153.72 -32.34
CA LYS P 438 36.98 153.29 -31.01
C LYS P 438 35.48 153.54 -30.78
N GLU P 439 34.98 154.64 -31.34
CA GLU P 439 33.56 154.99 -31.27
C GLU P 439 32.67 153.95 -31.95
N GLU P 440 32.96 153.60 -33.21
CA GLU P 440 32.14 152.60 -33.89
C GLU P 440 32.31 151.21 -33.29
N ARG P 441 33.51 150.90 -32.76
CA ARG P 441 33.72 149.62 -32.08
C ARG P 441 32.85 149.48 -30.85
N VAL P 442 32.90 150.47 -29.94
CA VAL P 442 32.08 150.37 -28.73
C VAL P 442 30.60 150.54 -29.04
N SER P 443 30.26 151.25 -30.13
CA SER P 443 28.87 151.42 -30.53
C SER P 443 28.24 150.10 -30.96
N VAL P 444 28.86 149.42 -31.93
CA VAL P 444 28.29 148.18 -32.42
C VAL P 444 28.41 147.07 -31.39
N SER P 445 29.45 147.11 -30.55
CA SER P 445 29.59 146.12 -29.48
C SER P 445 28.48 146.24 -28.45
N ARG P 446 28.23 147.46 -27.95
CA ARG P 446 27.14 147.67 -27.00
C ARG P 446 25.78 147.43 -27.64
N ASP P 447 25.64 147.71 -28.94
CA ASP P 447 24.39 147.46 -29.65
C ASP P 447 24.05 145.97 -29.66
N THR P 448 24.97 145.15 -30.17
CA THR P 448 24.72 143.71 -30.25
C THR P 448 24.60 143.07 -28.87
N GLU P 449 25.39 143.56 -27.91
CA GLU P 449 25.31 143.05 -26.54
C GLU P 449 23.95 143.33 -25.92
N LYS P 450 23.43 144.54 -26.12
CA LYS P 450 22.13 144.85 -25.54
C LYS P 450 20.98 144.20 -26.30
N LYS P 451 21.16 143.89 -27.59
CA LYS P 451 20.16 143.06 -28.28
C LYS P 451 20.12 141.66 -27.67
N TYR P 452 21.29 141.10 -27.36
CA TYR P 452 21.37 139.82 -26.64
C TYR P 452 20.69 139.91 -25.28
N MET P 453 20.90 141.01 -24.56
CA MET P 453 20.31 141.19 -23.24
C MET P 453 18.79 141.27 -23.33
N GLU P 454 18.27 142.00 -24.31
CA GLU P 454 16.82 142.11 -24.49
C GLU P 454 16.21 140.78 -24.90
N GLN P 455 16.93 139.98 -25.70
CA GLN P 455 16.42 138.66 -26.08
C GLN P 455 16.39 137.71 -24.89
N GLU P 456 17.44 137.71 -24.06
CA GLU P 456 17.43 136.82 -22.91
C GLU P 456 16.44 137.26 -21.84
N ILE P 457 16.16 138.56 -21.74
CA ILE P 457 15.13 138.97 -20.79
C ILE P 457 13.73 138.72 -21.35
N LYS P 458 13.58 138.64 -22.69
CA LYS P 458 12.31 138.18 -23.24
C LYS P 458 12.12 136.69 -22.97
N ARG P 459 13.22 135.92 -23.03
CA ARG P 459 13.17 134.51 -22.61
C ARG P 459 12.78 134.38 -21.14
N ALA P 460 13.31 135.29 -20.30
CA ALA P 460 13.01 135.26 -18.87
C ALA P 460 11.55 135.64 -18.60
N VAL P 461 10.99 136.59 -19.37
CA VAL P 461 9.61 136.97 -19.12
C VAL P 461 8.66 135.88 -19.65
N ASP P 462 9.07 135.16 -20.69
CA ASP P 462 8.32 133.98 -21.10
C ASP P 462 8.40 132.88 -20.04
N ALA P 463 9.54 132.77 -19.36
CA ALA P 463 9.71 131.77 -18.31
C ALA P 463 8.80 132.05 -17.12
N ILE P 464 8.74 133.31 -16.66
CA ILE P 464 7.86 133.62 -15.53
C ILE P 464 6.39 133.54 -15.95
N ARG P 465 6.08 133.83 -17.23
CA ARG P 465 4.73 133.66 -17.73
C ARG P 465 4.27 132.21 -17.66
N GLU P 466 5.07 131.30 -18.24
CA GLU P 466 4.65 129.90 -18.24
C GLU P 466 4.76 129.26 -16.87
N ASN P 467 5.63 129.75 -15.99
CA ASN P 467 5.66 129.20 -14.64
C ASN P 467 4.44 129.62 -13.83
N GLU P 468 3.96 130.85 -14.02
CA GLU P 468 2.69 131.21 -13.39
C GLU P 468 1.52 130.45 -14.00
N GLU P 469 1.57 130.16 -15.30
CA GLU P 469 0.54 129.30 -15.91
C GLU P 469 0.53 127.90 -15.30
N GLU P 470 1.73 127.33 -15.07
CA GLU P 470 1.82 126.03 -14.42
C GLU P 470 1.36 126.08 -12.97
N THR P 471 1.59 127.22 -12.29
CA THR P 471 1.07 127.41 -10.94
C THR P 471 -0.46 127.41 -10.93
N HIS P 472 -1.10 128.03 -11.93
CA HIS P 472 -2.56 128.03 -12.00
C HIS P 472 -3.10 126.64 -12.32
N LYS P 473 -2.44 125.91 -13.23
CA LYS P 473 -2.89 124.56 -13.55
C LYS P 473 -2.71 123.62 -12.35
N LEU P 474 -1.65 123.81 -11.57
CA LEU P 474 -1.49 123.00 -10.38
C LEU P 474 -2.40 123.46 -9.25
N ASN P 475 -2.91 124.69 -9.31
CA ASN P 475 -3.98 125.08 -8.40
C ASN P 475 -5.28 124.34 -8.73
N GLU P 476 -5.57 124.17 -10.03
CA GLU P 476 -6.70 123.32 -10.42
C GLU P 476 -6.47 121.88 -9.98
N LYS P 477 -5.23 121.39 -10.12
CA LYS P 477 -4.85 120.08 -9.59
C LYS P 477 -5.02 120.02 -8.08
N GLN P 478 -4.76 121.13 -7.39
CA GLN P 478 -4.92 121.20 -5.94
C GLN P 478 -6.39 121.12 -5.54
N ASN P 479 -7.27 121.73 -6.33
CA ASN P 479 -8.71 121.61 -6.06
C ASN P 479 -9.21 120.19 -6.29
N GLY P 480 -8.70 119.52 -7.33
CA GLY P 480 -8.98 118.10 -7.49
C GLY P 480 -8.45 117.26 -6.36
N LEU P 481 -7.29 117.63 -5.81
CA LEU P 481 -6.71 116.93 -4.66
C LEU P 481 -7.57 117.10 -3.42
N GLU P 482 -8.12 118.29 -3.20
CA GLU P 482 -9.00 118.52 -2.06
C GLU P 482 -10.31 117.74 -2.23
N SER P 483 -10.81 117.65 -3.46
CA SER P 483 -12.02 116.85 -3.72
C SER P 483 -11.79 115.38 -3.39
N GLU P 484 -10.68 114.82 -3.88
CA GLU P 484 -10.38 113.43 -3.58
C GLU P 484 -10.04 113.24 -2.10
N LEU P 485 -9.54 114.29 -1.44
CA LEU P 485 -9.29 114.28 0.00
C LEU P 485 -10.59 114.12 0.77
N LYS P 486 -11.60 114.92 0.42
CA LYS P 486 -12.89 114.84 1.11
C LYS P 486 -13.58 113.49 0.86
N LEU P 487 -13.46 112.98 -0.37
CA LEU P 487 -14.07 111.68 -0.68
C LEU P 487 -13.40 110.55 0.09
N LYS P 488 -12.07 110.55 0.15
CA LYS P 488 -11.37 109.51 0.90
C LYS P 488 -11.59 109.66 2.41
N PHE P 489 -11.77 110.89 2.89
CA PHE P 489 -12.13 111.12 4.29
C PHE P 489 -13.46 110.46 4.64
N GLU P 490 -14.48 110.70 3.82
CA GLU P 490 -15.79 110.13 4.12
C GLU P 490 -15.79 108.61 3.95
N LYS P 491 -15.01 108.09 3.01
CA LYS P 491 -14.91 106.63 2.88
C LYS P 491 -14.21 106.01 4.07
N SER P 492 -13.18 106.68 4.61
CA SER P 492 -12.52 106.18 5.81
C SER P 492 -13.43 106.26 7.03
N GLU P 493 -14.29 107.28 7.08
CA GLU P 493 -15.27 107.37 8.16
C GLU P 493 -16.27 106.23 8.10
N ILE P 494 -16.75 105.90 6.89
CA ILE P 494 -17.72 104.82 6.76
C ILE P 494 -17.04 103.47 7.00
N SER P 495 -15.74 103.37 6.72
CA SER P 495 -15.00 102.15 7.01
C SER P 495 -14.84 101.95 8.51
N THR P 496 -14.56 103.03 9.25
CA THR P 496 -14.47 102.94 10.71
C THR P 496 -15.82 102.59 11.32
N LYS P 497 -16.91 103.12 10.75
CA LYS P 497 -18.25 102.81 11.26
C LYS P 497 -18.60 101.34 11.01
N GLU P 498 -18.30 100.83 9.82
CA GLU P 498 -18.58 99.42 9.53
C GLU P 498 -17.68 98.49 10.35
N LEU P 499 -16.45 98.91 10.64
CA LEU P 499 -15.60 98.16 11.55
C LEU P 499 -16.18 98.13 12.95
N ASN P 500 -16.80 99.25 13.38
CA ASN P 500 -17.47 99.28 14.68
C ASN P 500 -18.67 98.34 14.72
N GLU P 501 -19.43 98.28 13.63
CA GLU P 501 -20.57 97.37 13.54
C GLU P 501 -20.12 95.91 13.59
N LYS P 502 -19.07 95.57 12.86
CA LYS P 502 -18.63 94.20 12.84
C LYS P 502 -17.91 93.81 14.13
N ILE P 503 -17.31 94.75 14.85
CA ILE P 503 -16.70 94.35 16.12
C ILE P 503 -17.79 94.25 17.19
N GLY P 504 -18.91 94.97 17.04
CA GLY P 504 -20.07 94.71 17.88
C GLY P 504 -20.63 93.31 17.66
N PHE P 505 -20.77 92.91 16.39
CA PHE P 505 -21.16 91.54 16.08
C PHE P 505 -20.16 90.53 16.61
N LEU P 506 -18.87 90.88 16.56
CA LEU P 506 -17.80 90.02 17.05
C LEU P 506 -17.89 89.83 18.55
N LYS P 507 -18.17 90.89 19.32
CA LYS P 507 -18.23 90.73 20.76
C LYS P 507 -19.50 90.00 21.19
N LYS P 508 -20.58 90.16 20.41
CA LYS P 508 -21.78 89.33 20.61
C LYS P 508 -21.45 87.84 20.43
N GLU P 509 -20.79 87.50 19.32
CA GLU P 509 -20.46 86.11 19.05
C GLU P 509 -19.44 85.57 20.05
N LEU P 510 -18.52 86.41 20.54
CA LEU P 510 -17.55 85.91 21.50
C LEU P 510 -18.20 85.68 22.86
N LYS P 511 -19.21 86.47 23.23
CA LYS P 511 -19.90 86.20 24.49
C LYS P 511 -20.73 84.92 24.39
N LEU P 512 -21.33 84.67 23.21
CA LEU P 512 -22.03 83.41 22.97
C LEU P 512 -21.09 82.22 23.07
N GLU P 513 -19.91 82.33 22.45
CA GLU P 513 -18.91 81.30 22.55
C GLU P 513 -18.39 81.14 23.98
N ASN P 514 -18.33 82.25 24.73
CA ASN P 514 -17.84 82.24 26.10
C ASN P 514 -18.73 81.39 27.00
N ASP P 515 -20.02 81.71 27.05
CA ASP P 515 -20.83 80.92 27.97
C ASP P 515 -21.18 79.54 27.43
N LEU P 516 -21.13 79.33 26.11
CA LEU P 516 -21.23 77.97 25.59
C LEU P 516 -20.03 77.11 26.02
N ASN P 517 -18.83 77.69 26.00
CA ASN P 517 -17.65 76.96 26.46
C ASN P 517 -17.68 76.72 27.96
N GLU P 518 -18.26 77.65 28.72
CA GLU P 518 -18.43 77.44 30.16
C GLU P 518 -19.35 76.25 30.43
N GLU P 519 -20.49 76.20 29.73
CA GLU P 519 -21.42 75.08 29.84
C GLU P 519 -20.75 73.76 29.45
N LEU P 520 -19.96 73.77 28.40
CA LEU P 520 -19.39 72.51 27.94
C LEU P 520 -18.22 72.05 28.81
N VAL P 521 -17.48 72.98 29.42
CA VAL P 521 -16.46 72.60 30.38
C VAL P 521 -17.10 71.97 31.61
N GLY P 522 -18.24 72.53 32.05
CA GLY P 522 -18.98 71.91 33.14
C GLY P 522 -19.50 70.53 32.76
N GLN P 523 -19.96 70.37 31.52
CA GLN P 523 -20.45 69.08 31.05
C GLN P 523 -19.33 68.05 30.97
N LEU P 524 -18.13 68.48 30.55
CA LEU P 524 -16.99 67.57 30.50
C LEU P 524 -16.57 67.14 31.89
N SER P 525 -16.58 68.06 32.86
CA SER P 525 -16.24 67.69 34.24
C SER P 525 -17.25 66.69 34.80
N LYS P 526 -18.55 66.95 34.57
CA LYS P 526 -19.59 66.04 35.05
C LYS P 526 -19.50 64.67 34.39
N THR P 527 -19.31 64.64 33.07
CA THR P 527 -19.23 63.37 32.36
C THR P 527 -17.99 62.58 32.75
N MET P 528 -16.88 63.27 33.03
CA MET P 528 -15.66 62.54 33.38
C MET P 528 -15.73 61.98 34.79
N ASP P 529 -16.27 62.74 35.75
CA ASP P 529 -16.43 62.19 37.09
C ASP P 529 -17.47 61.08 37.12
N ASN P 530 -18.52 61.19 36.29
CA ASN P 530 -19.50 60.13 36.18
C ASN P 530 -18.90 58.89 35.53
N LEU P 531 -17.99 59.07 34.57
CA LEU P 531 -17.29 57.94 33.98
C LEU P 531 -16.38 57.28 35.00
N GLU P 532 -15.74 58.08 35.86
CA GLU P 532 -14.89 57.53 36.92
C GLU P 532 -15.69 56.67 37.89
N ASN P 533 -16.80 57.21 38.40
CA ASN P 533 -17.59 56.47 39.38
C ASN P 533 -18.64 55.58 38.73
N LEU P 534 -18.58 55.43 37.41
CA LEU P 534 -19.30 54.39 36.71
C LEU P 534 -18.38 53.28 36.21
N THR P 535 -17.07 53.53 36.12
CA THR P 535 -16.12 52.49 35.78
C THR P 535 -15.50 51.81 36.99
N ILE P 536 -15.38 52.51 38.13
CA ILE P 536 -14.92 51.82 39.34
C ILE P 536 -15.94 50.79 39.87
N PRO P 537 -17.28 50.89 39.66
CA PRO P 537 -18.10 49.69 39.92
C PRO P 537 -17.85 48.55 38.95
N ARG P 538 -17.30 48.80 37.76
CA ARG P 538 -16.96 47.68 36.89
C ARG P 538 -15.73 46.94 37.42
N VAL P 539 -14.86 47.63 38.13
CA VAL P 539 -13.84 46.95 38.93
C VAL P 539 -14.49 46.21 40.09
N ARG P 540 -15.51 46.81 40.69
CA ARG P 540 -16.14 46.24 41.88
C ARG P 540 -16.95 44.98 41.59
N THR P 541 -17.58 44.87 40.42
CA THR P 541 -18.63 43.88 40.21
C THR P 541 -18.07 42.46 40.10
N GLN P 542 -17.27 42.19 39.08
CA GLN P 542 -16.90 40.81 38.79
C GLN P 542 -15.40 40.60 38.91
ZN ZN Q . -59.04 -20.38 -28.05
ZN ZN R . -58.98 19.02 -62.15
ZN ZN S . -25.55 23.72 58.92
ZN ZN T . -6.31 -16.43 85.99
ZN ZN U . 32.25 -46.91 -38.04
ZN ZN V . 34.42 -80.72 1.53
ZN ZN W . 52.33 43.56 7.16
ZN ZN X . 30.88 78.13 -25.37
#